data_1UF2
#
_entry.id   1UF2
#
_cell.length_a   770.000
_cell.length_b   795.000
_cell.length_c   814.000
_cell.angle_alpha   90.00
_cell.angle_beta   90.00
_cell.angle_gamma   90.00
#
_symmetry.space_group_name_H-M   'I 2 2 2'
#
loop_
_entity.id
_entity.type
_entity.pdbx_description
1 polymer 'Core protein P3'
2 polymer 'Outer capsid protein P8'
3 polymer 'Structural protein P7'
#
loop_
_entity_poly.entity_id
_entity_poly.type
_entity_poly.pdbx_seq_one_letter_code
_entity_poly.pdbx_strand_id
1 'polypeptide(L)'
;MDSTGRAYDGASEFKSVLVTEGTSHYTPVEVYNILDELKTIKITSTIAEQSVVSRTPIPLSKIGLQDVKKLFDINVIKCG
SSLRIVDEPQVTFIVSYAKDIYDKFMCIEHDSAYEPSLTMHRVRVIYSMLNDYCAKMISEVPYESSFVGELPVKSVTLNK
LGDRNMDALAEHLLFEHDVVNAQRENRIFYQRKSAPAVPVIFGDDLEPAVRERANLYHRYSVPYHQIELALHALANDLLS
IQYCHPTVVYNYLSSRAPNFLRLDDQVSLKLTSAGIGTLMPRPVVQLLDYDLVYMSPLALNNLASRLLRKISLHLVMQMV
TAVQQDLGEVVSVSSNVTNPASACLVRMNVQGVQTLAVFIAQSMLNPNISYGMISGLTLDCFSNFIYGACLMLFQALIPP
SALTARQRLDINNRFAYFLIKCHATQATTARLVANQVIYPVDAIDQWQSNGRDVLVAIYNNLLPGELVLTNLIQTYFRGN
TAQQAAEILIPADQTSYGANETRALSAPYLFGAPINMLAPDARLSTYKRDLALPDRSPILITTVEGQNSISIENLRHKTG
LIRAMYLNGFVTQPPAWIRNANSNTALLSRFLDATPNLLGIYEAILANTYANAVNVYCDSVYRADIPIEWKLHQSVDPQD
LLFGVFGIVPQYQILNEAVPDFFAGGEDILILQLIRAVYDTLSNKLGRNPADIFHLEEVFKVIEEIVSVLVQQKIDVRKY
FTESMRSGSFSKPRWDNFLRRPVAQRLPNLYSVIMTQADHVYNYMTQLTHIIPITDCFYIVKNSGFVDRGSTGPVIASSS
VYENVLKVVHTIADFDAANALRLQRRRVDNTSYTDSLSDMFNGLRSISSSEFVRSVNGRSVFTEGRIDAIKVNMRAKFDL
QFITEEGGYSKPPNVKKLMFSDFLSFLDSHKSDYRPPLLTVPITIGLNNLGETNSNTLRMRSEAIDEYFSSYVGAQILVP
INVVDTRVYTEFSELRNFFTGDVVIRDDPFDVWDGVKATYIPIGVHGVRLDPNGDQPPL
;
A,B
2 'polypeptide(L)'
;MSRQMWLDTSALLEAISEYVVRCNGDTFSGLTTGDFNALSNMFTQLSVSSAGYVSDPRVPLQTMSNMFVSFITSTDRCGY
MLRKTWFNSDTKPTVSDDFITTYIRPRLQVPMSDTVRQLNNLSLQPSAKPKLYERQNAIMKGLDIPYSEPIEPCKLFRSV
AGQTGNIPMMGILATPPAAQQQPFFVAERRRILFGIRSNAAIPAGAYQFVVPAWASVLSVTGAYVYFTNSFFGTIIAGVT
ATATAADAATTFTVPTDANNLPVQTDSRLSFSLGGGNINLELGVAKTGFCVAIEGEFTILANRSQAYYTLNSITQTPTSI
DDFDVSDFLTTFLSQLRACGQYEIFSDAMDQLTNSLITNYMDPPAIPAGLAFTSPWFRFSERARTILALQNVDLNIRKLI
VRHLWVITSLIAVFGRYYRPN
;
P,C,D,Q,E,F,R,G,H,S,I,J,T
3 'polypeptide(L)'
;MSAIVGLCLLSEKVVLSRSLTDEVSKLYKLNRGNVKEPRKYATERMSTQSKPVALQVPVSTIILDYKNEDFIKQNPTYSA
MDIIGSPSNTAPQTAFQSIMPSLSALFNTPFIQGAFRHRIISSMGPEISYLVMVIGPPSGFMDTPNVSSAQSSVHTVSNA
DVDLNDIIAINSTMAKSTKLVSASTLQAMLVNDVYDRCMDLDGILLSQALPFFRNYVNVQSKGSLPPAVAACLNTPIKEL
FSMGSGKREPLALEFRKDNEGQCIGIVLPKGHEGDTLSSRYPAVFINESEPFSDKERSELSELKRTDSDAYEKLYSETIS
KHVSDGSYGNRVIISHKMSRLSNGGVKIIGRFKISDFNTVKKNLSSRSGEIDSAKEQWEALSGNGLVTDSNISMLHDKIL
DTITSNKPGVVLRDGNKKSENIVVCFKNGFPNKKHSLLQLTKNGISVVSLDELTDAGILVESTGPDRVRRSPKVLANKLS
SFKGRKVTLDVDNMSTEALIQKLSTL
;
K
#
# COMPACT_ATOMS: atom_id res chain seq x y z
N GLN A 50 20.39 37.99 -36.63
CA GLN A 50 20.98 39.37 -36.56
C GLN A 50 20.43 40.14 -35.33
N SER A 51 20.56 39.51 -34.16
CA SER A 51 20.10 40.00 -32.85
C SER A 51 20.82 41.25 -32.27
N VAL A 52 20.09 42.37 -32.15
CA VAL A 52 20.62 43.64 -31.64
C VAL A 52 19.98 44.01 -30.30
N VAL A 53 20.56 43.55 -29.21
CA VAL A 53 20.01 43.83 -27.88
C VAL A 53 20.10 45.28 -27.49
N SER A 54 19.03 45.81 -26.90
CA SER A 54 19.02 47.20 -26.47
C SER A 54 19.54 47.36 -25.07
N ARG A 55 20.15 48.52 -24.84
CA ARG A 55 20.73 48.82 -23.54
C ARG A 55 19.77 49.50 -22.57
N THR A 56 18.62 49.95 -23.09
CA THR A 56 17.59 50.59 -22.28
C THR A 56 16.23 50.04 -22.76
N PRO A 57 15.88 48.86 -22.27
CA PRO A 57 14.65 48.14 -22.58
C PRO A 57 13.36 48.82 -22.17
N ILE A 58 13.42 49.58 -21.09
CA ILE A 58 12.20 50.22 -20.62
C ILE A 58 12.42 51.69 -20.43
N PRO A 59 12.40 52.45 -21.52
CA PRO A 59 12.59 53.90 -21.54
C PRO A 59 11.54 54.65 -20.74
N LEU A 60 11.98 55.66 -20.00
CA LEU A 60 11.07 56.43 -19.20
C LEU A 60 10.30 57.41 -20.05
N SER A 61 9.04 57.60 -19.70
CA SER A 61 8.16 58.52 -20.41
C SER A 61 7.64 59.49 -19.35
N LYS A 62 7.25 60.71 -19.72
CA LYS A 62 6.76 61.65 -18.70
C LYS A 62 5.23 61.66 -18.62
N ILE A 63 4.71 61.85 -17.41
CA ILE A 63 3.26 61.85 -17.21
C ILE A 63 2.80 62.95 -16.25
N GLY A 64 1.52 63.30 -16.32
CA GLY A 64 0.97 64.32 -15.46
C GLY A 64 0.20 63.72 -14.29
N LEU A 65 0.21 64.39 -13.15
CA LEU A 65 -0.49 63.86 -11.99
C LEU A 65 -1.92 63.46 -12.30
N GLN A 66 -2.58 64.20 -13.17
CA GLN A 66 -3.97 63.89 -13.52
C GLN A 66 -4.15 62.53 -14.20
N ASP A 67 -3.17 62.12 -14.99
CA ASP A 67 -3.24 60.86 -15.71
C ASP A 67 -3.06 59.60 -14.85
N VAL A 68 -2.79 59.76 -13.56
CA VAL A 68 -2.62 58.61 -12.69
C VAL A 68 -3.98 57.97 -12.56
N LYS A 69 -4.05 56.65 -12.70
CA LYS A 69 -5.34 55.96 -12.61
C LYS A 69 -5.81 55.82 -11.16
N LYS A 70 -6.99 56.37 -10.85
CA LYS A 70 -7.53 56.32 -9.49
C LYS A 70 -8.30 55.06 -9.13
N LEU A 71 -8.07 54.59 -7.92
CA LEU A 71 -8.70 53.37 -7.43
C LEU A 71 -9.87 53.62 -6.53
N PHE A 72 -10.15 54.87 -6.21
CA PHE A 72 -11.28 55.14 -5.33
C PHE A 72 -12.22 56.20 -5.88
N ASP A 73 -13.48 56.12 -5.45
CA ASP A 73 -14.49 57.07 -5.85
C ASP A 73 -15.00 57.77 -4.61
N ILE A 74 -15.30 59.05 -4.74
CA ILE A 74 -15.80 59.78 -3.61
C ILE A 74 -17.21 60.23 -3.91
N ASN A 75 -18.12 59.92 -2.99
CA ASN A 75 -19.53 60.33 -3.10
C ASN A 75 -19.83 61.20 -1.91
N VAL A 76 -20.49 62.33 -2.15
CA VAL A 76 -20.80 63.21 -1.04
C VAL A 76 -22.31 63.36 -0.91
N ILE A 77 -22.81 63.16 0.30
CA ILE A 77 -24.24 63.27 0.57
C ILE A 77 -24.50 63.93 1.91
N LYS A 78 -25.58 64.70 1.97
CA LYS A 78 -25.96 65.37 3.20
C LYS A 78 -27.01 64.49 3.89
N CYS A 79 -26.59 63.75 4.90
CA CYS A 79 -27.49 62.86 5.62
C CYS A 79 -28.47 63.56 6.55
N GLY A 80 -29.75 63.43 6.26
CA GLY A 80 -30.73 64.06 7.13
C GLY A 80 -31.71 63.03 7.65
N SER A 81 -32.76 63.50 8.31
CA SER A 81 -33.80 62.63 8.85
C SER A 81 -35.12 63.06 8.24
N SER A 82 -36.04 62.11 8.13
CA SER A 82 -37.39 62.31 7.58
C SER A 82 -38.33 62.39 8.76
N LEU A 83 -37.82 61.99 9.93
CA LEU A 83 -38.57 61.94 11.18
C LEU A 83 -38.43 63.18 12.07
N ARG A 84 -37.24 63.78 12.09
CA ARG A 84 -36.99 64.95 12.93
C ARG A 84 -36.64 66.19 12.11
N ILE A 85 -36.59 67.34 12.76
CA ILE A 85 -36.25 68.58 12.07
C ILE A 85 -34.83 68.93 12.48
N VAL A 86 -33.85 68.57 11.66
CA VAL A 86 -32.45 68.84 11.95
C VAL A 86 -31.95 70.10 11.25
N ASP A 87 -31.45 71.04 12.06
CA ASP A 87 -30.94 72.32 11.56
C ASP A 87 -29.70 72.10 10.72
N GLU A 88 -28.93 71.09 11.10
CA GLU A 88 -27.70 70.80 10.43
C GLU A 88 -27.58 69.34 10.05
N PRO A 89 -27.77 69.02 8.77
CA PRO A 89 -27.66 67.65 8.30
C PRO A 89 -26.18 67.26 8.37
N GLN A 90 -25.90 65.97 8.34
CA GLN A 90 -24.53 65.48 8.42
C GLN A 90 -23.89 65.35 7.04
N VAL A 91 -22.95 66.23 6.74
CA VAL A 91 -22.30 66.14 5.44
C VAL A 91 -21.43 64.90 5.50
N THR A 92 -21.72 63.93 4.65
CA THR A 92 -20.97 62.69 4.66
C THR A 92 -20.23 62.36 3.37
N PHE A 93 -19.09 61.70 3.54
CA PHE A 93 -18.28 61.28 2.41
C PHE A 93 -18.15 59.77 2.36
N ILE A 94 -18.57 59.21 1.23
CA ILE A 94 -18.51 57.77 1.03
C ILE A 94 -17.38 57.42 0.05
N VAL A 95 -16.37 56.71 0.55
CA VAL A 95 -15.26 56.31 -0.31
C VAL A 95 -15.47 54.84 -0.66
N SER A 96 -15.59 54.56 -1.95
CA SER A 96 -15.81 53.21 -2.48
C SER A 96 -14.75 52.88 -3.51
N TYR A 97 -14.57 51.62 -3.85
CA TYR A 97 -13.58 51.27 -4.87
C TYR A 97 -14.07 51.63 -6.26
N ALA A 98 -13.14 51.80 -7.19
CA ALA A 98 -13.50 52.13 -8.55
C ALA A 98 -14.05 50.89 -9.24
N LYS A 99 -14.35 51.00 -10.52
CA LYS A 99 -14.91 49.86 -11.23
C LYS A 99 -14.06 49.15 -12.28
N ASP A 100 -13.10 49.85 -12.85
CA ASP A 100 -12.25 49.27 -13.89
C ASP A 100 -10.87 48.84 -13.40
N ILE A 101 -10.70 48.64 -12.10
CA ILE A 101 -9.40 48.28 -11.58
C ILE A 101 -8.54 47.31 -12.41
N TYR A 102 -7.60 47.85 -13.18
CA TYR A 102 -6.68 47.04 -14.01
C TYR A 102 -7.34 45.77 -14.54
N ASP A 103 -8.14 45.88 -15.59
CA ASP A 103 -8.78 44.67 -16.05
C ASP A 103 -7.89 43.70 -16.79
N LYS A 104 -7.05 44.19 -17.68
CA LYS A 104 -6.18 43.28 -18.42
C LYS A 104 -5.48 42.24 -17.55
N PHE A 105 -5.35 42.51 -16.26
CA PHE A 105 -4.69 41.60 -15.32
C PHE A 105 -5.64 40.83 -14.42
N MET A 106 -6.78 41.42 -14.12
CA MET A 106 -7.75 40.76 -13.26
C MET A 106 -8.57 39.70 -13.99
N CYS A 107 -9.27 40.08 -15.06
CA CYS A 107 -10.10 39.15 -15.83
C CYS A 107 -11.07 38.49 -14.87
N ILE A 108 -11.96 39.29 -14.29
CA ILE A 108 -12.92 38.75 -13.34
C ILE A 108 -13.70 37.62 -13.99
N GLU A 109 -13.93 37.73 -15.29
CA GLU A 109 -14.68 36.70 -16.01
C GLU A 109 -14.15 35.28 -15.82
N HIS A 110 -12.84 35.13 -15.61
CA HIS A 110 -12.23 33.81 -15.46
C HIS A 110 -11.68 33.56 -14.05
N ASP A 111 -11.80 32.31 -13.59
CA ASP A 111 -11.34 31.94 -12.26
C ASP A 111 -9.96 31.30 -12.32
N SER A 112 -8.96 32.00 -11.79
CA SER A 112 -7.59 31.49 -11.81
C SER A 112 -7.42 30.10 -11.22
N ALA A 113 -8.47 29.58 -10.59
CA ALA A 113 -8.40 28.27 -9.98
C ALA A 113 -8.81 27.14 -10.89
N TYR A 114 -9.33 27.45 -12.07
CA TYR A 114 -9.73 26.42 -13.01
C TYR A 114 -8.99 26.64 -14.30
N GLU A 115 -8.24 27.74 -14.33
CA GLU A 115 -7.48 28.10 -15.51
C GLU A 115 -6.06 28.45 -15.10
N PRO A 116 -5.21 27.44 -14.86
CA PRO A 116 -3.85 27.79 -14.47
C PRO A 116 -3.26 28.68 -15.54
N SER A 117 -3.75 28.53 -16.77
CA SER A 117 -3.26 29.33 -17.89
C SER A 117 -3.25 30.82 -17.57
N LEU A 118 -4.28 31.29 -16.88
CA LEU A 118 -4.40 32.70 -16.52
C LEU A 118 -3.16 33.24 -15.84
N THR A 119 -2.76 32.62 -14.74
CA THR A 119 -1.59 33.10 -14.02
C THR A 119 -0.43 33.25 -14.99
N MET A 120 -0.31 32.33 -15.93
CA MET A 120 0.77 32.42 -16.90
C MET A 120 0.59 33.71 -17.65
N HIS A 121 -0.62 33.95 -18.12
CA HIS A 121 -0.94 35.15 -18.87
C HIS A 121 -0.63 36.39 -18.06
N ARG A 122 -0.90 36.33 -16.77
CA ARG A 122 -0.65 37.47 -15.92
C ARG A 122 0.82 37.82 -15.88
N VAL A 123 1.66 36.81 -15.70
CA VAL A 123 3.09 37.05 -15.67
C VAL A 123 3.45 37.84 -16.91
N ARG A 124 2.83 37.47 -18.02
CA ARG A 124 3.05 38.11 -19.31
C ARG A 124 2.65 39.57 -19.17
N VAL A 125 1.42 39.80 -18.72
CA VAL A 125 0.95 41.17 -18.57
C VAL A 125 1.88 42.00 -17.69
N ILE A 126 2.17 41.50 -16.49
CA ILE A 126 3.07 42.20 -15.60
C ILE A 126 4.18 42.94 -16.33
N TYR A 127 4.93 42.23 -17.17
CA TYR A 127 6.02 42.84 -17.90
C TYR A 127 5.56 43.98 -18.79
N SER A 128 4.44 43.82 -19.47
CA SER A 128 3.96 44.90 -20.31
C SER A 128 3.49 46.07 -19.44
N MET A 129 3.22 45.82 -18.17
CA MET A 129 2.78 46.89 -17.29
C MET A 129 3.96 47.73 -16.86
N LEU A 130 5.16 47.17 -16.91
CA LEU A 130 6.34 47.92 -16.55
C LEU A 130 6.37 49.12 -17.47
N ASN A 131 6.04 48.88 -18.73
CA ASN A 131 6.01 49.90 -19.78
C ASN A 131 4.83 50.86 -19.76
N ASP A 132 3.65 50.34 -19.48
CA ASP A 132 2.43 51.14 -19.46
C ASP A 132 2.23 52.00 -18.22
N TYR A 133 2.81 51.56 -17.11
CA TYR A 133 2.69 52.28 -15.85
C TYR A 133 4.00 52.63 -15.17
N CYS A 134 4.80 51.62 -14.85
CA CYS A 134 6.08 51.85 -14.18
C CYS A 134 7.07 52.79 -14.85
N ALA A 135 7.05 52.84 -16.17
CA ALA A 135 7.98 53.67 -16.92
C ALA A 135 7.46 55.08 -17.11
N LYS A 136 6.22 55.33 -16.70
CA LYS A 136 5.68 56.67 -16.84
C LYS A 136 5.83 57.34 -15.49
N MET A 137 6.77 58.28 -15.48
CA MET A 137 7.20 59.07 -14.34
C MET A 137 6.43 60.37 -14.17
N ILE A 138 5.86 60.56 -12.98
CA ILE A 138 5.12 61.76 -12.67
C ILE A 138 6.16 62.84 -12.60
N SER A 139 5.95 63.87 -13.40
CA SER A 139 6.90 64.93 -13.47
C SER A 139 6.27 66.30 -13.30
N GLU A 140 4.96 66.39 -13.36
CA GLU A 140 4.37 67.70 -13.23
C GLU A 140 3.21 67.79 -12.26
N VAL A 141 3.48 68.30 -11.06
CA VAL A 141 2.43 68.53 -10.08
C VAL A 141 2.36 70.04 -10.17
N PRO A 142 1.17 70.58 -10.42
CA PRO A 142 0.96 72.02 -10.55
C PRO A 142 0.85 72.72 -9.20
N TYR A 143 1.46 73.88 -9.10
CA TYR A 143 1.45 74.64 -7.86
C TYR A 143 1.41 76.11 -8.15
N GLU A 144 1.00 76.87 -7.15
CA GLU A 144 0.94 78.32 -7.25
C GLU A 144 1.48 78.92 -5.96
N SER A 145 1.83 80.20 -6.02
CA SER A 145 2.35 80.91 -4.87
C SER A 145 1.19 81.47 -4.10
N SER A 146 1.10 81.11 -2.83
CA SER A 146 0.03 81.63 -2.01
C SER A 146 0.56 81.68 -0.60
N PHE A 147 -0.18 82.30 0.32
CA PHE A 147 0.27 82.42 1.69
C PHE A 147 -0.70 81.69 2.61
N VAL A 148 -0.20 81.37 3.79
CA VAL A 148 -0.96 80.71 4.86
C VAL A 148 -0.59 81.57 6.04
N GLY A 149 -1.37 82.62 6.24
CA GLY A 149 -1.07 83.54 7.31
C GLY A 149 -0.08 84.51 6.75
N GLU A 150 0.97 84.80 7.51
CA GLU A 150 2.00 85.73 7.04
C GLU A 150 3.02 84.95 6.22
N LEU A 151 3.10 83.65 6.50
CA LEU A 151 4.01 82.72 5.86
C LEU A 151 3.62 82.33 4.43
N PRO A 152 4.51 82.60 3.45
CA PRO A 152 4.25 82.29 2.05
C PRO A 152 4.57 80.84 1.76
N VAL A 153 3.74 80.20 0.96
CA VAL A 153 3.96 78.81 0.60
C VAL A 153 3.62 78.52 -0.84
N LYS A 154 4.13 77.42 -1.33
CA LYS A 154 3.84 77.04 -2.69
C LYS A 154 2.88 75.88 -2.45
N SER A 155 1.61 76.04 -2.84
CA SER A 155 0.63 74.99 -2.61
C SER A 155 0.18 74.31 -3.89
N VAL A 156 -0.18 73.03 -3.77
CA VAL A 156 -0.65 72.29 -4.94
C VAL A 156 -1.94 72.93 -5.34
N THR A 157 -2.09 73.11 -6.65
CA THR A 157 -3.30 73.71 -7.20
C THR A 157 -4.37 72.63 -7.36
N LEU A 158 -5.12 72.37 -6.29
CA LEU A 158 -6.16 71.36 -6.31
C LEU A 158 -7.14 71.60 -7.44
N ASN A 159 -7.34 72.88 -7.72
CA ASN A 159 -8.23 73.33 -8.76
C ASN A 159 -8.09 72.59 -10.11
N LYS A 160 -6.90 72.12 -10.43
CA LYS A 160 -6.69 71.43 -11.69
C LYS A 160 -6.62 69.91 -11.58
N LEU A 161 -7.17 69.33 -10.51
CA LEU A 161 -7.08 67.88 -10.35
C LEU A 161 -8.42 67.18 -10.53
N GLY A 162 -9.28 67.80 -11.33
CA GLY A 162 -10.59 67.23 -11.57
C GLY A 162 -11.37 67.00 -10.29
N ASP A 163 -11.84 65.75 -10.15
CA ASP A 163 -12.61 65.25 -9.01
C ASP A 163 -11.75 64.84 -7.81
N ARG A 164 -10.54 65.37 -7.74
CA ARG A 164 -9.68 65.15 -6.57
C ARG A 164 -9.33 66.55 -6.08
N ASN A 165 -10.17 67.46 -6.52
CA ASN A 165 -10.10 68.87 -6.19
C ASN A 165 -10.63 69.05 -4.78
N MET A 166 -9.82 68.64 -3.81
CA MET A 166 -10.22 68.76 -2.42
C MET A 166 -10.84 70.10 -2.08
N ASP A 167 -10.42 71.17 -2.75
CA ASP A 167 -10.99 72.48 -2.46
C ASP A 167 -12.47 72.50 -2.78
N ALA A 168 -12.83 72.00 -3.95
CA ALA A 168 -14.23 71.98 -4.35
C ALA A 168 -15.02 71.00 -3.51
N LEU A 169 -14.41 69.86 -3.24
CA LEU A 169 -15.07 68.85 -2.44
C LEU A 169 -15.49 69.44 -1.10
N ALA A 170 -14.74 70.43 -0.63
CA ALA A 170 -15.05 71.04 0.64
C ALA A 170 -16.16 72.06 0.55
N GLU A 171 -16.39 72.63 -0.62
CA GLU A 171 -17.45 73.62 -0.74
C GLU A 171 -18.78 72.97 -0.45
N HIS A 172 -18.76 71.67 -0.18
CA HIS A 172 -19.99 70.93 0.12
C HIS A 172 -20.44 71.10 1.55
N LEU A 173 -19.50 71.43 2.42
CA LEU A 173 -19.80 71.63 3.83
C LEU A 173 -20.95 72.62 3.94
N LEU A 174 -21.49 72.76 5.14
CA LEU A 174 -22.65 73.63 5.35
C LEU A 174 -22.46 75.13 5.34
N PHE A 175 -21.68 75.62 6.30
CA PHE A 175 -21.44 77.04 6.45
C PHE A 175 -20.17 77.56 5.78
N GLU A 176 -20.26 78.76 5.20
CA GLU A 176 -19.12 79.32 4.51
C GLU A 176 -17.85 79.23 5.34
N HIS A 177 -17.92 79.48 6.64
CA HIS A 177 -16.68 79.40 7.41
C HIS A 177 -16.06 78.02 7.47
N ASP A 178 -16.87 76.98 7.59
CA ASP A 178 -16.31 75.64 7.64
C ASP A 178 -15.57 75.38 6.34
N VAL A 179 -16.10 75.91 5.25
CA VAL A 179 -15.46 75.73 3.97
C VAL A 179 -14.14 76.42 4.00
N VAL A 180 -14.15 77.72 4.17
CA VAL A 180 -12.90 78.46 4.21
C VAL A 180 -11.85 77.74 5.03
N ASN A 181 -12.20 77.36 6.25
CA ASN A 181 -11.23 76.67 7.09
C ASN A 181 -10.67 75.45 6.41
N ALA A 182 -11.55 74.61 5.88
CA ALA A 182 -11.08 73.41 5.23
C ALA A 182 -10.20 73.78 4.05
N GLN A 183 -10.69 74.70 3.23
CA GLN A 183 -9.95 75.13 2.06
C GLN A 183 -8.57 75.66 2.41
N ARG A 184 -8.44 76.33 3.55
CA ARG A 184 -7.15 76.85 3.94
C ARG A 184 -6.32 75.70 4.48
N GLU A 185 -6.96 74.77 5.15
CA GLU A 185 -6.22 73.62 5.67
C GLU A 185 -5.67 72.87 4.47
N ASN A 186 -6.35 72.98 3.35
CA ASN A 186 -5.91 72.30 2.14
C ASN A 186 -4.61 72.94 1.67
N ARG A 187 -4.50 74.25 1.78
CA ARG A 187 -3.29 74.90 1.32
C ARG A 187 -2.13 74.60 2.26
N ILE A 188 -2.43 74.00 3.40
CA ILE A 188 -1.36 73.69 4.33
C ILE A 188 -0.85 72.29 4.12
N PHE A 189 -1.76 71.33 3.95
CA PHE A 189 -1.34 69.94 3.79
C PHE A 189 -1.00 69.55 2.36
N TYR A 190 -1.67 70.12 1.39
CA TYR A 190 -1.37 69.79 0.01
C TYR A 190 -0.46 70.85 -0.56
N GLN A 191 0.80 70.86 -0.14
CA GLN A 191 1.74 71.85 -0.65
C GLN A 191 3.08 71.26 -1.06
N ARG A 192 3.81 72.05 -1.82
CA ARG A 192 5.12 71.69 -2.32
C ARG A 192 6.16 72.10 -1.30
N LYS A 193 6.92 71.12 -0.82
CA LYS A 193 7.95 71.38 0.17
C LYS A 193 9.30 70.88 -0.29
N SER A 194 10.35 71.28 0.44
CA SER A 194 11.71 70.87 0.11
C SER A 194 11.85 69.36 0.24
N ALA A 195 12.64 68.76 -0.63
CA ALA A 195 12.85 67.32 -0.60
C ALA A 195 13.84 66.92 0.48
N PRO A 196 13.48 65.92 1.31
CA PRO A 196 14.28 65.40 2.42
C PRO A 196 15.50 64.63 1.95
N ALA A 197 15.41 64.06 0.75
CA ALA A 197 16.53 63.29 0.21
C ALA A 197 16.25 62.87 -1.24
N VAL A 198 17.32 62.67 -2.00
CA VAL A 198 17.16 62.29 -3.40
C VAL A 198 16.39 60.99 -3.55
N PRO A 199 15.37 61.01 -4.39
CA PRO A 199 14.47 59.90 -4.70
C PRO A 199 15.08 58.84 -5.60
N VAL A 200 16.00 59.26 -6.47
CA VAL A 200 16.64 58.33 -7.39
C VAL A 200 17.98 57.91 -6.80
N ILE A 201 18.19 56.61 -6.63
CA ILE A 201 19.45 56.20 -6.06
C ILE A 201 20.45 55.67 -7.06
N PHE A 202 21.31 56.54 -7.57
CA PHE A 202 22.34 56.10 -8.51
C PHE A 202 23.49 55.60 -7.63
N GLY A 203 23.96 54.38 -7.90
CA GLY A 203 25.02 53.85 -7.08
C GLY A 203 26.41 54.33 -7.46
N ASP A 204 26.50 55.03 -8.58
CA ASP A 204 27.78 55.50 -9.07
C ASP A 204 28.52 56.45 -8.16
N ASP A 205 29.82 56.51 -8.36
CA ASP A 205 30.71 57.37 -7.60
C ASP A 205 31.02 58.57 -8.48
N LEU A 206 30.44 59.72 -8.16
CA LEU A 206 30.66 60.90 -8.99
C LEU A 206 31.33 62.09 -8.33
N GLU A 207 31.72 63.05 -9.17
CA GLU A 207 32.35 64.28 -8.73
C GLU A 207 31.26 65.05 -8.03
N PRO A 208 31.55 65.62 -6.86
CA PRO A 208 30.54 66.38 -6.12
C PRO A 208 29.76 67.32 -7.02
N ALA A 209 30.49 68.02 -7.87
CA ALA A 209 29.91 69.00 -8.77
C ALA A 209 28.70 68.59 -9.57
N VAL A 210 28.68 67.33 -9.98
CA VAL A 210 27.62 66.78 -10.82
C VAL A 210 26.70 65.77 -10.09
N ARG A 211 27.10 65.34 -8.90
CA ARG A 211 26.35 64.39 -8.07
C ARG A 211 24.93 64.91 -7.76
N GLU A 212 23.91 64.08 -8.01
CA GLU A 212 22.53 64.49 -7.73
C GLU A 212 22.41 64.84 -6.28
N ARG A 213 21.73 65.94 -5.97
CA ARG A 213 21.58 66.32 -4.57
C ARG A 213 20.16 66.67 -4.20
N ALA A 214 19.89 66.69 -2.92
CA ALA A 214 18.56 66.98 -2.42
C ALA A 214 17.85 68.19 -3.02
N ASN A 215 18.43 69.36 -2.84
CA ASN A 215 17.84 70.60 -3.32
C ASN A 215 17.57 70.72 -4.81
N LEU A 216 17.69 69.63 -5.56
CA LEU A 216 17.39 69.73 -6.96
C LEU A 216 15.98 69.23 -7.16
N TYR A 217 15.46 68.62 -6.09
CA TYR A 217 14.12 68.05 -6.04
C TYR A 217 13.24 68.74 -5.00
N HIS A 218 11.93 68.56 -5.14
CA HIS A 218 10.92 69.10 -4.21
C HIS A 218 9.88 67.97 -4.02
N ARG A 219 9.29 67.83 -2.82
CA ARG A 219 8.30 66.77 -2.62
C ARG A 219 6.90 67.34 -2.48
N TYR A 220 5.98 66.90 -3.34
CA TYR A 220 4.62 67.39 -3.31
C TYR A 220 3.67 66.42 -2.59
N SER A 221 2.71 66.97 -1.86
CA SER A 221 1.73 66.14 -1.16
C SER A 221 0.48 66.29 -1.98
N VAL A 222 0.04 65.22 -2.64
CA VAL A 222 -1.14 65.33 -3.46
C VAL A 222 -2.30 64.49 -2.96
N PRO A 223 -3.53 64.83 -3.34
CA PRO A 223 -4.74 64.13 -2.93
C PRO A 223 -4.92 62.78 -3.60
N TYR A 224 -3.94 61.93 -3.44
CA TYR A 224 -3.98 60.58 -4.00
C TYR A 224 -3.48 59.64 -2.93
N HIS A 225 -4.07 58.45 -2.85
CA HIS A 225 -3.61 57.51 -1.83
C HIS A 225 -2.30 56.90 -2.31
N GLN A 226 -1.41 56.56 -1.39
CA GLN A 226 -0.16 55.98 -1.83
C GLN A 226 -0.39 54.85 -2.82
N ILE A 227 -1.31 53.95 -2.48
CA ILE A 227 -1.66 52.82 -3.34
C ILE A 227 -1.78 53.24 -4.78
N GLU A 228 -2.38 54.41 -5.01
CA GLU A 228 -2.59 54.91 -6.35
C GLU A 228 -1.32 55.35 -7.05
N LEU A 229 -0.41 55.97 -6.31
CA LEU A 229 0.85 56.45 -6.87
C LEU A 229 1.92 55.37 -6.96
N ALA A 230 1.78 54.33 -6.16
CA ALA A 230 2.71 53.20 -6.08
C ALA A 230 3.51 52.81 -7.33
N LEU A 231 2.81 52.33 -8.35
CA LEU A 231 3.49 51.89 -9.57
C LEU A 231 4.44 52.92 -10.15
N HIS A 232 3.95 54.15 -10.33
CA HIS A 232 4.76 55.22 -10.89
C HIS A 232 6.04 55.51 -10.11
N ALA A 233 6.09 55.06 -8.86
CA ALA A 233 7.26 55.28 -8.04
C ALA A 233 8.41 54.41 -8.52
N LEU A 234 8.07 53.32 -9.20
CA LEU A 234 9.10 52.42 -9.68
C LEU A 234 9.95 53.04 -10.76
N ALA A 235 9.41 54.04 -11.45
CA ALA A 235 10.17 54.68 -12.50
C ALA A 235 11.56 55.04 -11.98
N ASN A 236 11.63 55.54 -10.75
CA ASN A 236 12.92 55.92 -10.19
C ASN A 236 13.87 54.74 -10.18
N ASP A 237 13.36 53.56 -9.87
CA ASP A 237 14.20 52.37 -9.87
C ASP A 237 14.65 52.04 -11.30
N LEU A 238 13.73 52.17 -12.25
CA LEU A 238 14.05 51.90 -13.64
C LEU A 238 15.01 52.93 -14.18
N LEU A 239 14.76 54.20 -13.86
CA LEU A 239 15.62 55.29 -14.31
C LEU A 239 17.04 55.07 -13.84
N SER A 240 17.17 54.41 -12.70
CA SER A 240 18.46 54.14 -12.12
C SER A 240 19.31 53.11 -12.88
N ILE A 241 18.95 51.83 -12.85
CA ILE A 241 19.79 50.85 -13.54
C ILE A 241 19.94 51.00 -15.05
N GLN A 242 19.16 51.89 -15.65
CA GLN A 242 19.22 52.07 -17.09
C GLN A 242 20.13 53.20 -17.59
N TYR A 243 20.06 54.34 -16.92
CA TYR A 243 20.89 55.50 -17.27
C TYR A 243 21.88 55.82 -16.15
N CYS A 244 22.95 56.53 -16.48
CA CYS A 244 23.96 56.92 -15.50
C CYS A 244 24.62 58.19 -16.00
N HIS A 245 25.59 58.70 -15.27
CA HIS A 245 26.20 59.92 -15.75
C HIS A 245 27.29 59.66 -16.79
N PRO A 246 27.23 60.38 -17.93
CA PRO A 246 28.20 60.27 -19.04
C PRO A 246 29.58 59.91 -18.53
N THR A 247 29.93 60.54 -17.42
CA THR A 247 31.21 60.31 -16.77
C THR A 247 31.49 58.82 -16.65
N VAL A 248 30.58 58.11 -15.98
CA VAL A 248 30.73 56.67 -15.80
C VAL A 248 31.04 55.99 -17.09
N VAL A 249 30.23 56.24 -18.11
CA VAL A 249 30.45 55.63 -19.40
C VAL A 249 31.87 55.91 -19.85
N TYR A 250 32.33 57.14 -19.67
CA TYR A 250 33.67 57.47 -20.07
C TYR A 250 34.65 56.58 -19.33
N ASN A 251 34.60 56.64 -18.01
CA ASN A 251 35.49 55.81 -17.19
C ASN A 251 35.51 54.38 -17.67
N TYR A 252 34.33 53.80 -17.80
CA TYR A 252 34.21 52.43 -18.27
C TYR A 252 35.04 52.24 -19.54
N LEU A 253 34.63 52.88 -20.63
CA LEU A 253 35.33 52.77 -21.90
C LEU A 253 36.81 53.05 -21.84
N SER A 254 37.17 54.21 -21.32
CA SER A 254 38.57 54.61 -21.27
C SER A 254 39.50 53.73 -20.46
N SER A 255 39.03 53.17 -19.37
CA SER A 255 39.89 52.35 -18.55
C SER A 255 40.05 50.95 -19.09
N ARG A 256 38.96 50.42 -19.61
CA ARG A 256 38.96 49.07 -20.13
C ARG A 256 39.51 49.00 -21.53
N ALA A 257 40.16 50.06 -21.95
CA ALA A 257 40.73 50.12 -23.27
C ALA A 257 42.12 49.53 -23.28
N PRO A 258 42.51 48.83 -24.36
CA PRO A 258 43.85 48.28 -24.36
C PRO A 258 44.82 49.42 -24.67
N ASN A 259 46.10 49.10 -24.76
CA ASN A 259 47.10 50.12 -25.00
C ASN A 259 47.04 50.89 -26.32
N PHE A 260 46.55 50.26 -27.38
CA PHE A 260 46.53 50.93 -28.68
C PHE A 260 45.22 51.52 -29.16
N LEU A 261 44.26 51.65 -28.26
CA LEU A 261 42.98 52.24 -28.62
C LEU A 261 42.67 53.38 -27.67
N ARG A 262 41.88 54.34 -28.14
CA ARG A 262 41.51 55.47 -27.31
C ARG A 262 40.19 56.01 -27.82
N LEU A 263 39.49 56.78 -27.00
CA LEU A 263 38.24 57.35 -27.46
C LEU A 263 38.55 58.56 -28.32
N ASP A 264 37.63 58.94 -29.20
CA ASP A 264 37.87 60.10 -30.05
C ASP A 264 38.13 61.32 -29.17
N ASP A 265 38.87 62.30 -29.68
CA ASP A 265 39.14 63.51 -28.92
C ASP A 265 37.83 64.19 -28.48
N GLN A 266 36.99 64.62 -29.41
CA GLN A 266 35.75 65.30 -29.03
C GLN A 266 34.82 64.50 -28.13
N VAL A 267 34.74 63.20 -28.34
CA VAL A 267 33.88 62.39 -27.49
C VAL A 267 34.36 62.47 -26.06
N SER A 268 35.65 62.21 -25.88
CA SER A 268 36.24 62.24 -24.55
C SER A 268 35.90 63.56 -23.90
N LEU A 269 36.05 64.62 -24.66
CA LEU A 269 35.77 65.92 -24.10
C LEU A 269 34.30 66.03 -23.71
N LYS A 270 33.39 65.69 -24.62
CA LYS A 270 31.97 65.79 -24.32
C LYS A 270 31.54 64.93 -23.15
N LEU A 271 31.99 63.69 -23.13
CA LEU A 271 31.65 62.79 -22.05
C LEU A 271 32.18 63.29 -20.71
N THR A 272 33.30 63.99 -20.75
CA THR A 272 33.94 64.50 -19.55
C THR A 272 33.26 65.77 -19.00
N SER A 273 33.07 66.75 -19.87
CA SER A 273 32.45 68.02 -19.51
C SER A 273 30.94 67.92 -19.30
N ALA A 274 30.46 66.69 -19.22
CA ALA A 274 29.05 66.44 -19.01
C ALA A 274 28.65 67.09 -17.71
N GLY A 275 27.74 68.05 -17.83
CA GLY A 275 27.26 68.78 -16.67
C GLY A 275 26.30 68.03 -15.81
N ILE A 276 25.84 68.70 -14.75
CA ILE A 276 24.94 68.09 -13.82
C ILE A 276 23.61 67.81 -14.47
N GLY A 277 22.99 66.72 -14.04
CA GLY A 277 21.70 66.37 -14.60
C GLY A 277 21.69 65.66 -15.94
N THR A 278 22.82 65.15 -16.40
CA THR A 278 22.86 64.43 -17.66
C THR A 278 22.92 62.94 -17.43
N LEU A 279 22.25 62.20 -18.31
CA LEU A 279 22.24 60.77 -18.20
C LEU A 279 22.50 60.16 -19.55
N MET A 280 23.22 59.06 -19.53
CA MET A 280 23.55 58.35 -20.73
C MET A 280 23.22 56.93 -20.36
N PRO A 281 22.94 56.07 -21.33
CA PRO A 281 22.64 54.70 -20.93
C PRO A 281 23.86 53.97 -20.35
N ARG A 282 23.64 53.38 -19.18
CA ARG A 282 24.66 52.64 -18.43
C ARG A 282 25.01 51.28 -19.00
N PRO A 283 26.30 50.97 -19.09
CA PRO A 283 26.82 49.71 -19.61
C PRO A 283 26.43 48.50 -18.76
N VAL A 284 26.00 47.42 -19.42
CA VAL A 284 25.64 46.19 -18.73
C VAL A 284 26.77 45.17 -18.80
N VAL A 285 27.37 44.90 -17.65
CA VAL A 285 28.49 44.01 -17.58
C VAL A 285 28.33 42.86 -16.63
N GLN A 286 28.54 41.65 -17.15
CA GLN A 286 28.47 40.44 -16.35
C GLN A 286 29.08 39.25 -17.05
N LEU A 287 29.78 38.45 -16.27
CA LEU A 287 30.37 37.26 -16.82
C LEU A 287 29.16 36.42 -17.22
N LEU A 288 29.06 36.08 -18.49
CA LEU A 288 27.96 35.25 -18.97
C LEU A 288 28.36 33.77 -18.94
N ASP A 289 27.41 32.88 -19.17
CA ASP A 289 27.71 31.45 -19.18
C ASP A 289 28.11 31.12 -20.62
N TYR A 290 29.25 31.64 -21.06
CA TYR A 290 29.67 31.45 -22.43
C TYR A 290 29.78 30.01 -22.90
N ASP A 291 29.79 29.04 -22.00
CA ASP A 291 29.88 27.67 -22.48
C ASP A 291 28.65 27.20 -23.21
N LEU A 292 27.54 27.94 -23.11
CA LEU A 292 26.34 27.51 -23.79
C LEU A 292 26.48 27.44 -25.30
N VAL A 293 27.37 28.25 -25.87
CA VAL A 293 27.54 28.27 -27.30
C VAL A 293 27.61 26.89 -27.91
N TYR A 294 28.30 25.97 -27.23
CA TYR A 294 28.45 24.62 -27.74
C TYR A 294 27.21 23.74 -27.60
N MET A 295 26.15 24.30 -27.04
CA MET A 295 24.93 23.54 -26.84
C MET A 295 23.90 23.79 -27.92
N SER A 296 24.02 24.94 -28.56
CA SER A 296 23.09 25.33 -29.60
C SER A 296 23.75 25.54 -30.94
N PRO A 297 23.29 24.81 -31.96
CA PRO A 297 23.86 24.92 -33.31
C PRO A 297 23.93 26.37 -33.71
N LEU A 298 22.77 27.01 -33.75
CA LEU A 298 22.71 28.40 -34.12
C LEU A 298 23.79 29.24 -33.42
N ALA A 299 23.87 29.10 -32.11
CA ALA A 299 24.83 29.86 -31.32
C ALA A 299 26.26 29.61 -31.69
N LEU A 300 26.56 28.37 -32.05
CA LEU A 300 27.91 27.99 -32.42
C LEU A 300 28.22 28.43 -33.83
N ASN A 301 27.21 28.39 -34.67
CA ASN A 301 27.42 28.79 -36.04
C ASN A 301 27.78 30.26 -36.07
N ASN A 302 27.21 31.03 -35.16
CA ASN A 302 27.51 32.44 -35.14
C ASN A 302 28.89 32.66 -34.57
N LEU A 303 29.29 31.81 -33.64
CA LEU A 303 30.60 31.95 -33.05
C LEU A 303 31.59 31.73 -34.17
N ALA A 304 31.43 30.64 -34.88
CA ALA A 304 32.33 30.34 -35.98
C ALA A 304 32.28 31.46 -37.04
N SER A 305 31.09 31.82 -37.47
CA SER A 305 30.96 32.85 -38.48
C SER A 305 31.80 34.08 -38.14
N ARG A 306 31.69 34.56 -36.91
CA ARG A 306 32.44 35.72 -36.49
C ARG A 306 33.95 35.47 -36.30
N LEU A 307 34.29 34.28 -35.80
CA LEU A 307 35.69 33.90 -35.59
C LEU A 307 36.43 34.02 -36.91
N LEU A 308 35.77 33.67 -37.99
CA LEU A 308 36.38 33.73 -39.30
C LEU A 308 36.43 35.12 -39.90
N ARG A 309 35.36 35.88 -39.77
CA ARG A 309 35.33 37.21 -40.32
C ARG A 309 36.49 38.06 -39.83
N LYS A 310 36.88 37.87 -38.57
CA LYS A 310 37.94 38.66 -37.96
C LYS A 310 39.37 38.37 -38.43
N ILE A 311 39.62 37.15 -38.88
CA ILE A 311 40.97 36.79 -39.29
C ILE A 311 41.58 37.69 -40.33
N SER A 312 42.76 38.21 -40.01
CA SER A 312 43.48 39.08 -40.92
C SER A 312 45.00 38.93 -40.75
N LEU A 313 45.66 38.38 -41.77
CA LEU A 313 47.10 38.21 -41.68
C LEU A 313 47.77 39.14 -42.65
N HIS A 314 48.95 39.64 -42.28
CA HIS A 314 49.67 40.54 -43.16
C HIS A 314 51.05 39.96 -43.42
N LEU A 315 51.24 39.36 -44.60
CA LEU A 315 52.52 38.76 -44.94
C LEU A 315 53.20 39.46 -46.09
N VAL A 316 54.53 39.40 -46.12
CA VAL A 316 55.31 39.99 -47.22
C VAL A 316 56.16 38.90 -47.81
N MET A 317 56.11 38.74 -49.13
CA MET A 317 56.90 37.69 -49.77
C MET A 317 57.63 38.20 -50.98
N GLN A 318 58.71 37.53 -51.34
CA GLN A 318 59.47 37.93 -52.51
C GLN A 318 58.68 37.65 -53.76
N MET A 319 59.24 38.05 -54.90
CA MET A 319 58.58 37.85 -56.18
C MET A 319 58.60 36.37 -56.51
N VAL A 320 57.46 35.82 -56.92
CA VAL A 320 57.39 34.42 -57.26
C VAL A 320 58.59 34.11 -58.17
N THR A 321 58.85 35.02 -59.09
CA THR A 321 59.95 34.91 -60.05
C THR A 321 61.31 34.71 -59.40
N ALA A 322 61.81 35.78 -58.80
CA ALA A 322 63.11 35.78 -58.16
C ALA A 322 63.41 34.55 -57.33
N VAL A 323 62.43 33.97 -56.69
CA VAL A 323 62.72 32.80 -55.89
C VAL A 323 63.07 31.66 -56.82
N GLN A 324 62.33 31.55 -57.91
CA GLN A 324 62.57 30.50 -58.90
C GLN A 324 63.99 30.70 -59.41
N GLN A 325 64.24 31.90 -59.95
CA GLN A 325 65.54 32.24 -60.48
C GLN A 325 66.66 31.89 -59.49
N ASP A 326 66.40 32.04 -58.20
CA ASP A 326 67.43 31.74 -57.20
C ASP A 326 67.65 30.26 -56.93
N LEU A 327 66.60 29.51 -56.68
CA LEU A 327 66.79 28.08 -56.45
C LEU A 327 67.27 27.51 -57.78
N GLY A 328 66.72 28.07 -58.85
CA GLY A 328 67.07 27.63 -60.18
C GLY A 328 68.57 27.56 -60.36
N GLU A 329 69.28 28.44 -59.66
CA GLU A 329 70.73 28.48 -59.71
C GLU A 329 71.28 27.46 -58.72
N VAL A 330 70.70 27.40 -57.53
CA VAL A 330 71.18 26.49 -56.51
C VAL A 330 71.17 25.03 -56.90
N VAL A 331 70.20 24.64 -57.73
CA VAL A 331 70.09 23.26 -58.15
C VAL A 331 70.62 22.98 -59.54
N SER A 332 70.75 24.00 -60.37
CA SER A 332 71.26 23.82 -61.72
C SER A 332 70.21 23.13 -62.60
N VAL A 333 69.16 23.88 -62.87
CA VAL A 333 68.02 23.43 -63.68
C VAL A 333 68.35 23.39 -65.17
N SER A 334 68.37 22.19 -65.75
CA SER A 334 68.64 22.04 -67.18
C SER A 334 67.28 22.20 -67.86
N SER A 335 67.11 23.26 -68.65
CA SER A 335 65.82 23.49 -69.29
C SER A 335 65.40 22.38 -70.23
N ASN A 336 66.05 21.22 -70.13
CA ASN A 336 65.70 20.09 -70.97
C ASN A 336 65.38 18.88 -70.13
N VAL A 337 66.05 18.79 -68.99
CA VAL A 337 65.86 17.68 -68.07
C VAL A 337 64.72 17.87 -67.07
N THR A 338 63.93 16.82 -66.91
CA THR A 338 62.81 16.83 -65.97
C THR A 338 63.33 16.07 -64.78
N ASN A 339 63.33 16.69 -63.61
CA ASN A 339 63.77 16.00 -62.40
C ASN A 339 62.99 16.58 -61.23
N PRO A 340 62.84 15.82 -60.13
CA PRO A 340 62.09 16.31 -58.97
C PRO A 340 62.35 17.78 -58.63
N ALA A 341 63.57 18.09 -58.24
CA ALA A 341 63.94 19.46 -57.88
C ALA A 341 63.37 20.46 -58.86
N SER A 342 63.65 20.28 -60.14
CA SER A 342 63.17 21.18 -61.17
C SER A 342 61.65 21.32 -61.21
N ALA A 343 60.95 20.20 -61.21
CA ALA A 343 59.49 20.18 -61.29
C ALA A 343 58.76 20.99 -60.23
N CYS A 344 59.08 20.74 -58.97
CA CYS A 344 58.41 21.45 -57.89
C CYS A 344 58.49 22.97 -58.00
N LEU A 345 59.57 23.49 -58.56
CA LEU A 345 59.72 24.94 -58.68
C LEU A 345 58.62 25.59 -59.49
N VAL A 346 57.68 24.81 -59.99
CA VAL A 346 56.61 25.38 -60.78
C VAL A 346 55.27 25.35 -60.09
N ARG A 347 55.06 24.35 -59.23
CA ARG A 347 53.82 24.25 -58.47
C ARG A 347 53.95 25.24 -57.31
N MET A 348 54.77 26.25 -57.52
CA MET A 348 55.04 27.26 -56.50
C MET A 348 54.19 28.49 -56.77
N ASN A 349 53.12 28.65 -55.99
CA ASN A 349 52.23 29.78 -56.15
C ASN A 349 52.05 30.53 -54.85
N VAL A 350 51.58 31.78 -54.95
CA VAL A 350 51.39 32.62 -53.78
C VAL A 350 50.06 32.31 -53.10
N GLN A 351 49.01 32.17 -53.91
CA GLN A 351 47.68 31.90 -53.38
C GLN A 351 47.74 30.76 -52.36
N GLY A 352 48.54 29.75 -52.63
CA GLY A 352 48.64 28.63 -51.71
C GLY A 352 49.03 29.07 -50.32
N VAL A 353 50.06 29.90 -50.23
CA VAL A 353 50.53 30.39 -48.95
C VAL A 353 49.42 31.15 -48.26
N GLN A 354 48.67 31.95 -49.01
CA GLN A 354 47.58 32.68 -48.39
C GLN A 354 46.69 31.68 -47.66
N THR A 355 46.03 30.83 -48.43
CA THR A 355 45.13 29.81 -47.90
C THR A 355 45.74 29.07 -46.71
N LEU A 356 46.96 28.59 -46.88
CA LEU A 356 47.62 27.85 -45.83
C LEU A 356 47.72 28.62 -44.52
N ALA A 357 48.19 29.85 -44.60
CA ALA A 357 48.36 30.69 -43.43
C ALA A 357 47.03 30.92 -42.75
N VAL A 358 46.06 31.46 -43.48
CA VAL A 358 44.75 31.72 -42.90
C VAL A 358 44.24 30.49 -42.14
N PHE A 359 44.46 29.31 -42.69
CA PHE A 359 44.05 28.07 -42.05
C PHE A 359 44.78 27.98 -40.73
N ILE A 360 46.10 27.96 -40.81
CA ILE A 360 46.92 27.86 -39.61
C ILE A 360 46.39 28.80 -38.53
N ALA A 361 45.94 29.96 -38.98
CA ALA A 361 45.41 31.00 -38.12
C ALA A 361 44.13 30.60 -37.38
N GLN A 362 43.07 30.29 -38.13
CA GLN A 362 41.81 29.90 -37.50
C GLN A 362 41.96 28.65 -36.69
N SER A 363 42.61 27.66 -37.30
CA SER A 363 42.83 26.40 -36.63
C SER A 363 43.41 26.60 -35.23
N MET A 364 43.84 27.83 -34.96
CA MET A 364 44.48 28.19 -33.71
C MET A 364 43.63 29.01 -32.74
N LEU A 365 42.53 29.55 -33.26
CA LEU A 365 41.61 30.36 -32.49
C LEU A 365 40.56 29.56 -31.68
N ASN A 366 40.04 28.48 -32.26
CA ASN A 366 39.04 27.61 -31.61
C ASN A 366 39.02 26.28 -32.38
N PRO A 367 39.54 25.21 -31.76
CA PRO A 367 39.64 23.86 -32.30
C PRO A 367 38.29 23.23 -32.67
N ASN A 368 37.20 23.74 -32.12
CA ASN A 368 35.91 23.14 -32.43
C ASN A 368 35.04 23.69 -33.56
N ILE A 369 35.56 24.60 -34.38
CA ILE A 369 34.77 25.19 -35.47
C ILE A 369 34.99 24.46 -36.78
N SER A 370 36.24 24.08 -37.02
CA SER A 370 36.60 23.45 -38.29
C SER A 370 37.78 22.48 -38.35
N TYR A 371 37.76 21.65 -39.40
CA TYR A 371 38.80 20.66 -39.67
C TYR A 371 39.34 20.77 -41.10
N GLY A 372 40.56 20.31 -41.31
CA GLY A 372 41.13 20.37 -42.65
C GLY A 372 41.27 18.98 -43.26
N MET A 373 41.15 18.93 -44.58
CA MET A 373 41.27 17.69 -45.31
C MET A 373 42.57 17.75 -46.12
N ILE A 374 43.58 17.00 -45.69
CA ILE A 374 44.86 16.99 -46.38
C ILE A 374 44.79 16.28 -47.70
N SER A 375 45.41 16.87 -48.70
CA SER A 375 45.40 16.31 -50.04
C SER A 375 46.65 15.52 -50.43
N GLY A 376 46.47 14.47 -51.21
CA GLY A 376 47.59 13.67 -51.66
C GLY A 376 48.30 12.81 -50.64
N LEU A 377 47.56 12.06 -49.85
CA LEU A 377 48.17 11.19 -48.85
C LEU A 377 48.42 9.80 -49.39
N THR A 378 49.01 9.74 -50.57
CA THR A 378 49.33 8.48 -51.23
C THR A 378 49.93 7.50 -50.24
N LEU A 379 49.84 6.21 -50.55
CA LEU A 379 50.40 5.23 -49.65
C LEU A 379 51.86 5.52 -49.31
N ASP A 380 52.67 5.85 -50.31
CA ASP A 380 54.08 6.10 -50.02
C ASP A 380 54.46 7.52 -50.35
N CYS A 381 53.60 8.46 -49.99
CA CYS A 381 53.86 9.86 -50.24
C CYS A 381 55.19 10.26 -49.60
N PHE A 382 55.50 9.71 -48.43
CA PHE A 382 56.73 10.08 -47.76
C PHE A 382 58.03 9.81 -48.51
N SER A 383 57.94 9.10 -49.62
CA SER A 383 59.13 8.81 -50.42
C SER A 383 59.35 9.95 -51.40
N ASN A 384 58.57 11.00 -51.26
CA ASN A 384 58.71 12.18 -52.11
C ASN A 384 59.16 13.25 -51.13
N PHE A 385 60.46 13.27 -50.85
CA PHE A 385 61.04 14.20 -49.89
C PHE A 385 60.38 15.58 -49.84
N ILE A 386 60.15 16.21 -50.98
CA ILE A 386 59.50 17.54 -50.93
C ILE A 386 58.19 17.48 -50.17
N TYR A 387 57.22 16.76 -50.72
CA TYR A 387 55.92 16.62 -50.08
C TYR A 387 56.19 16.22 -48.63
N GLY A 388 56.98 15.18 -48.45
CA GLY A 388 57.32 14.73 -47.11
C GLY A 388 57.72 15.85 -46.19
N ALA A 389 58.79 16.57 -46.54
CA ALA A 389 59.29 17.66 -45.72
C ALA A 389 58.19 18.67 -45.42
N CYS A 390 57.39 19.01 -46.42
CA CYS A 390 56.32 19.95 -46.17
C CYS A 390 55.31 19.44 -45.16
N LEU A 391 54.82 18.22 -45.36
CA LEU A 391 53.85 17.66 -44.44
C LEU A 391 54.41 17.65 -43.02
N MET A 392 55.68 17.28 -42.87
CA MET A 392 56.31 17.26 -41.57
C MET A 392 56.39 18.64 -40.94
N LEU A 393 56.71 19.65 -41.75
CA LEU A 393 56.77 21.03 -41.27
C LEU A 393 55.35 21.42 -40.87
N PHE A 394 54.43 21.36 -41.82
CA PHE A 394 53.03 21.70 -41.59
C PHE A 394 52.53 21.22 -40.23
N GLN A 395 53.01 20.07 -39.77
CA GLN A 395 52.60 19.53 -38.49
C GLN A 395 53.01 20.42 -37.31
N ALA A 396 53.78 21.46 -37.56
CA ALA A 396 54.20 22.30 -36.46
C ALA A 396 53.43 23.61 -36.42
N LEU A 397 52.62 23.85 -37.44
CA LEU A 397 51.84 25.07 -37.47
C LEU A 397 50.41 24.78 -37.04
N ILE A 398 50.07 23.50 -36.88
CA ILE A 398 48.71 23.16 -36.49
C ILE A 398 48.59 22.20 -35.33
N PRO A 399 47.59 22.45 -34.45
CA PRO A 399 47.35 21.58 -33.30
C PRO A 399 46.67 20.36 -33.89
N PRO A 400 46.66 19.24 -33.15
CA PRO A 400 46.01 18.04 -33.68
C PRO A 400 44.59 18.32 -34.15
N SER A 401 43.86 19.09 -33.34
CA SER A 401 42.50 19.46 -33.61
C SER A 401 42.20 19.89 -35.05
N ALA A 402 43.21 20.33 -35.79
CA ALA A 402 42.97 20.79 -37.15
C ALA A 402 42.83 19.71 -38.24
N LEU A 403 43.22 18.49 -37.91
CA LEU A 403 43.15 17.38 -38.87
C LEU A 403 42.22 16.27 -38.41
N THR A 404 41.60 15.61 -39.39
CA THR A 404 40.69 14.52 -39.11
C THR A 404 41.38 13.44 -38.33
N ALA A 405 40.73 12.95 -37.28
CA ALA A 405 41.37 11.90 -36.52
C ALA A 405 41.62 10.70 -37.44
N ARG A 406 41.00 10.70 -38.62
CA ARG A 406 41.20 9.61 -39.56
C ARG A 406 42.56 9.79 -40.17
N GLN A 407 42.69 10.87 -40.94
CA GLN A 407 43.92 11.20 -41.61
C GLN A 407 45.15 11.22 -40.71
N ARG A 408 44.99 11.80 -39.51
CA ARG A 408 46.12 11.89 -38.59
C ARG A 408 46.73 10.53 -38.42
N LEU A 409 45.86 9.53 -38.44
CA LEU A 409 46.23 8.13 -38.33
C LEU A 409 46.91 7.66 -39.62
N ASP A 410 46.31 7.97 -40.77
CA ASP A 410 46.92 7.56 -42.04
C ASP A 410 48.36 8.07 -42.07
N ILE A 411 48.54 9.37 -41.82
CA ILE A 411 49.84 10.00 -41.81
C ILE A 411 50.84 9.14 -41.05
N ASN A 412 50.50 8.77 -39.83
CA ASN A 412 51.38 7.91 -39.03
C ASN A 412 51.71 6.64 -39.81
N ASN A 413 50.72 6.08 -40.47
CA ASN A 413 50.93 4.87 -41.24
C ASN A 413 51.81 5.12 -42.46
N ARG A 414 51.49 6.15 -43.23
CA ARG A 414 52.28 6.45 -44.41
C ARG A 414 53.76 6.62 -44.02
N PHE A 415 53.98 7.07 -42.79
CA PHE A 415 55.32 7.29 -42.26
C PHE A 415 55.96 5.95 -41.92
N ALA A 416 55.20 5.09 -41.24
CA ALA A 416 55.70 3.78 -40.88
C ALA A 416 56.07 3.01 -42.14
N TYR A 417 55.24 3.15 -43.18
CA TYR A 417 55.51 2.48 -44.45
C TYR A 417 56.87 2.96 -44.88
N PHE A 418 57.01 4.28 -44.99
CA PHE A 418 58.26 4.89 -45.40
C PHE A 418 59.46 4.41 -44.59
N LEU A 419 59.31 4.28 -43.27
CA LEU A 419 60.42 3.81 -42.47
C LEU A 419 60.77 2.39 -42.87
N ILE A 420 59.80 1.49 -42.80
CA ILE A 420 60.03 0.11 -43.16
C ILE A 420 60.57 -0.05 -44.58
N LYS A 421 60.04 0.75 -45.50
CA LYS A 421 60.48 0.66 -46.87
C LYS A 421 61.88 1.19 -47.12
N CYS A 422 62.21 2.34 -46.54
CA CYS A 422 63.52 2.93 -46.77
C CYS A 422 64.58 2.88 -45.68
N HIS A 423 64.19 2.85 -44.41
CA HIS A 423 65.21 2.84 -43.36
C HIS A 423 65.33 1.58 -42.53
N ALA A 424 64.66 0.51 -42.92
CA ALA A 424 64.75 -0.71 -42.14
C ALA A 424 65.63 -1.78 -42.78
N THR A 425 66.40 -2.47 -41.92
CA THR A 425 67.31 -3.54 -42.34
C THR A 425 66.54 -4.69 -42.94
N GLN A 426 67.19 -5.43 -43.83
CA GLN A 426 66.56 -6.58 -44.44
C GLN A 426 66.20 -7.53 -43.29
N ALA A 427 67.00 -7.47 -42.23
CA ALA A 427 66.81 -8.32 -41.06
C ALA A 427 65.72 -7.83 -40.13
N THR A 428 65.58 -6.52 -40.03
CA THR A 428 64.57 -5.92 -39.15
C THR A 428 63.19 -6.15 -39.76
N THR A 429 63.06 -5.89 -41.05
CA THR A 429 61.81 -6.08 -41.77
C THR A 429 61.33 -7.50 -41.51
N ALA A 430 62.15 -8.45 -41.94
CA ALA A 430 61.83 -9.87 -41.79
C ALA A 430 61.33 -10.26 -40.41
N ARG A 431 61.97 -9.74 -39.36
CA ARG A 431 61.52 -10.09 -38.02
C ARG A 431 60.10 -9.62 -37.78
N LEU A 432 59.83 -8.38 -38.15
CA LEU A 432 58.50 -7.83 -37.96
C LEU A 432 57.48 -8.68 -38.69
N VAL A 433 57.71 -8.92 -39.97
CA VAL A 433 56.80 -9.74 -40.76
C VAL A 433 56.52 -11.09 -40.08
N ALA A 434 57.57 -11.73 -39.60
CA ALA A 434 57.43 -13.03 -38.94
C ALA A 434 56.57 -12.96 -37.69
N ASN A 435 56.70 -11.89 -36.94
CA ASN A 435 55.93 -11.72 -35.71
C ASN A 435 54.57 -11.08 -35.95
N GLN A 436 54.21 -10.94 -37.22
CA GLN A 436 52.94 -10.34 -37.63
C GLN A 436 52.69 -8.95 -37.06
N VAL A 437 53.73 -8.13 -37.03
CA VAL A 437 53.62 -6.77 -36.56
C VAL A 437 53.31 -5.97 -37.81
N ILE A 438 54.11 -6.19 -38.83
CA ILE A 438 53.93 -5.49 -40.08
C ILE A 438 53.72 -6.43 -41.27
N TYR A 439 53.07 -5.96 -42.32
CA TYR A 439 52.88 -6.78 -43.50
C TYR A 439 53.96 -6.43 -44.50
N PRO A 440 54.38 -7.40 -45.32
CA PRO A 440 55.41 -7.20 -46.34
C PRO A 440 55.08 -5.95 -47.14
N VAL A 441 56.09 -5.30 -47.69
CA VAL A 441 55.87 -4.06 -48.43
C VAL A 441 55.12 -4.21 -49.76
N ASP A 442 55.21 -5.38 -50.41
CA ASP A 442 54.53 -5.61 -51.70
C ASP A 442 53.02 -5.84 -51.53
N ALA A 443 52.61 -5.98 -50.28
CA ALA A 443 51.21 -6.20 -49.91
C ALA A 443 50.49 -4.87 -49.92
N ILE A 444 50.72 -4.15 -51.01
CA ILE A 444 50.16 -2.85 -51.22
C ILE A 444 48.77 -2.71 -50.62
N ASP A 445 48.00 -3.79 -50.67
CA ASP A 445 46.63 -3.83 -50.16
C ASP A 445 46.49 -4.01 -48.67
N GLN A 446 47.44 -4.68 -48.04
CA GLN A 446 47.38 -4.90 -46.60
C GLN A 446 47.79 -3.66 -45.80
N TRP A 447 48.25 -2.61 -46.48
CA TRP A 447 48.68 -1.43 -45.77
C TRP A 447 47.61 -0.36 -45.79
N GLN A 448 46.68 -0.46 -46.73
CA GLN A 448 45.60 0.53 -46.78
C GLN A 448 45.04 0.54 -45.37
N SER A 449 44.68 1.73 -44.86
CA SER A 449 44.20 1.88 -43.49
C SER A 449 42.94 1.21 -42.99
N ASN A 450 43.02 0.83 -41.71
CA ASN A 450 41.95 0.18 -40.97
C ASN A 450 42.45 0.35 -39.54
N GLY A 451 41.57 0.83 -38.66
CA GLY A 451 41.90 1.04 -37.26
C GLY A 451 43.33 1.09 -36.75
N ARG A 452 44.10 0.00 -36.88
CA ARG A 452 45.46 -0.03 -36.33
C ARG A 452 46.47 1.04 -36.75
N ASP A 453 47.21 1.49 -35.73
CA ASP A 453 48.23 2.52 -35.90
C ASP A 453 49.55 1.79 -36.05
N VAL A 454 49.86 1.35 -37.26
CA VAL A 454 51.08 0.58 -37.49
C VAL A 454 52.35 1.14 -36.87
N LEU A 455 52.59 2.44 -37.04
CA LEU A 455 53.77 3.08 -36.51
C LEU A 455 53.93 2.72 -35.03
N VAL A 456 52.87 2.92 -34.25
CA VAL A 456 52.90 2.58 -32.83
C VAL A 456 53.33 1.14 -32.62
N ALA A 457 52.92 0.26 -33.52
CA ALA A 457 53.26 -1.14 -33.39
C ALA A 457 54.73 -1.38 -33.74
N ILE A 458 55.23 -0.73 -34.79
CA ILE A 458 56.63 -0.89 -35.16
C ILE A 458 57.41 -0.50 -33.92
N TYR A 459 57.18 0.73 -33.49
CA TYR A 459 57.84 1.31 -32.32
C TYR A 459 57.76 0.39 -31.11
N ASN A 460 56.60 -0.20 -30.87
CA ASN A 460 56.43 -1.08 -29.73
C ASN A 460 57.23 -2.36 -29.83
N ASN A 461 57.60 -2.75 -31.05
CA ASN A 461 58.35 -3.99 -31.25
C ASN A 461 59.78 -3.83 -31.73
N LEU A 462 60.37 -2.65 -31.55
CA LEU A 462 61.76 -2.45 -31.99
C LEU A 462 62.70 -3.07 -30.97
N LEU A 463 63.94 -3.31 -31.41
CA LEU A 463 64.97 -3.89 -30.58
C LEU A 463 66.02 -2.85 -30.25
N PRO A 464 66.66 -2.97 -29.08
CA PRO A 464 67.69 -2.04 -28.63
C PRO A 464 68.69 -1.63 -29.70
N GLY A 465 69.21 -2.60 -30.43
CA GLY A 465 70.22 -2.30 -31.45
C GLY A 465 69.80 -1.56 -32.70
N GLU A 466 68.50 -1.46 -32.95
CA GLU A 466 68.01 -0.80 -34.15
C GLU A 466 67.96 0.72 -34.02
N LEU A 467 69.01 1.29 -33.44
CA LEU A 467 69.12 2.73 -33.22
C LEU A 467 68.52 3.63 -34.30
N VAL A 468 68.88 3.39 -35.56
CA VAL A 468 68.39 4.22 -36.66
C VAL A 468 66.91 4.55 -36.58
N LEU A 469 66.08 3.50 -36.50
CA LEU A 469 64.63 3.65 -36.42
C LEU A 469 64.18 4.23 -35.11
N THR A 470 64.61 3.64 -34.00
CA THR A 470 64.23 4.13 -32.69
C THR A 470 64.36 5.66 -32.62
N ASN A 471 65.31 6.23 -33.35
CA ASN A 471 65.49 7.67 -33.35
C ASN A 471 64.32 8.28 -34.13
N LEU A 472 64.29 8.03 -35.43
CA LEU A 472 63.23 8.53 -36.29
C LEU A 472 61.88 8.53 -35.61
N ILE A 473 61.44 7.35 -35.18
CA ILE A 473 60.14 7.23 -34.54
C ILE A 473 60.01 8.05 -33.26
N GLN A 474 60.90 7.83 -32.29
CA GLN A 474 60.83 8.56 -31.04
C GLN A 474 60.84 10.07 -31.26
N THR A 475 61.68 10.53 -32.17
CA THR A 475 61.73 11.96 -32.44
C THR A 475 60.38 12.39 -33.01
N TYR A 476 59.84 11.63 -33.95
CA TYR A 476 58.55 11.95 -34.55
C TYR A 476 57.51 12.10 -33.46
N PHE A 477 57.54 11.16 -32.52
CA PHE A 477 56.62 11.13 -31.39
C PHE A 477 57.05 11.98 -30.21
N ARG A 478 57.83 13.00 -30.51
CA ARG A 478 58.30 13.95 -29.51
C ARG A 478 58.74 13.40 -28.15
N GLY A 479 59.50 12.32 -28.15
CA GLY A 479 59.99 11.76 -26.90
C GLY A 479 59.11 10.78 -26.15
N ASN A 480 57.83 10.67 -26.51
CA ASN A 480 57.00 9.73 -25.77
C ASN A 480 57.48 8.32 -26.07
N THR A 481 57.33 7.44 -25.09
CA THR A 481 57.73 6.05 -25.22
C THR A 481 56.67 5.36 -26.05
N ALA A 482 57.01 4.18 -26.55
CA ALA A 482 56.05 3.45 -27.35
C ALA A 482 54.76 3.22 -26.57
N GLN A 483 54.87 2.87 -25.29
CA GLN A 483 53.66 2.62 -24.51
C GLN A 483 52.91 3.91 -24.19
N GLN A 484 53.56 5.05 -24.31
CA GLN A 484 52.91 6.33 -24.05
C GLN A 484 52.13 6.69 -25.30
N ALA A 485 52.81 6.59 -26.44
CA ALA A 485 52.20 6.93 -27.70
C ALA A 485 50.94 6.15 -27.91
N ALA A 486 50.85 4.98 -27.28
CA ALA A 486 49.69 4.14 -27.44
C ALA A 486 48.57 4.40 -26.44
N GLU A 487 48.73 5.42 -25.62
CA GLU A 487 47.73 5.77 -24.61
C GLU A 487 46.45 6.33 -25.25
N ILE A 488 45.29 5.96 -24.70
CA ILE A 488 44.04 6.46 -25.22
C ILE A 488 43.63 7.69 -24.43
N LEU A 489 43.58 8.82 -25.13
CA LEU A 489 43.20 10.08 -24.52
C LEU A 489 41.69 10.19 -24.48
N ILE A 490 41.06 9.83 -25.58
CA ILE A 490 39.61 9.85 -25.65
C ILE A 490 39.10 8.56 -26.28
N PRO A 491 38.25 7.82 -25.58
CA PRO A 491 37.71 6.58 -26.14
C PRO A 491 36.82 6.92 -27.30
N ALA A 492 36.91 6.14 -28.38
CA ALA A 492 36.09 6.40 -29.53
C ALA A 492 34.61 6.63 -29.18
N ASP A 493 34.04 5.75 -28.35
CA ASP A 493 32.63 5.89 -27.98
C ASP A 493 32.29 7.27 -27.39
N GLN A 494 33.27 8.15 -27.28
CA GLN A 494 33.01 9.48 -26.76
C GLN A 494 33.32 10.59 -27.73
N THR A 495 33.32 10.26 -29.02
CA THR A 495 33.59 11.23 -30.06
C THR A 495 32.54 11.02 -31.14
N SER A 496 32.11 12.11 -31.76
CA SER A 496 31.09 12.01 -32.80
C SER A 496 31.60 11.27 -34.02
N TYR A 497 32.91 11.01 -34.07
CA TYR A 497 33.50 10.33 -35.21
C TYR A 497 34.02 8.91 -35.02
N GLY A 498 33.52 8.26 -33.97
CA GLY A 498 33.87 6.88 -33.66
C GLY A 498 35.27 6.34 -33.87
N ALA A 499 36.27 7.01 -33.31
CA ALA A 499 37.66 6.60 -33.42
C ALA A 499 38.47 7.05 -32.23
N ASN A 500 39.21 6.13 -31.62
CA ASN A 500 40.04 6.46 -30.47
C ASN A 500 40.99 7.62 -30.73
N GLU A 501 41.26 8.38 -29.68
CA GLU A 501 42.19 9.50 -29.74
C GLU A 501 43.42 9.10 -28.94
N THR A 502 44.42 8.57 -29.64
CA THR A 502 45.66 8.13 -29.02
C THR A 502 46.59 9.31 -28.89
N ARG A 503 47.62 9.14 -28.06
CA ARG A 503 48.60 10.19 -27.85
C ARG A 503 49.42 10.28 -29.12
N ALA A 504 49.62 9.14 -29.75
CA ALA A 504 50.38 9.08 -30.99
C ALA A 504 49.68 9.88 -32.05
N LEU A 505 48.39 10.14 -31.87
CA LEU A 505 47.65 10.92 -32.84
C LEU A 505 47.68 12.39 -32.53
N SER A 506 48.43 12.76 -31.51
CA SER A 506 48.53 14.16 -31.12
C SER A 506 49.99 14.58 -31.08
N ALA A 507 50.84 13.73 -30.50
CA ALA A 507 52.26 14.00 -30.35
C ALA A 507 53.04 14.64 -31.51
N PRO A 508 52.77 14.21 -32.75
CA PRO A 508 53.52 14.85 -33.83
C PRO A 508 53.13 16.29 -34.15
N TYR A 509 51.94 16.70 -33.70
CA TYR A 509 51.43 18.05 -33.98
C TYR A 509 51.67 19.12 -32.89
N LEU A 510 52.21 20.27 -33.33
CA LEU A 510 52.50 21.41 -32.46
C LEU A 510 53.52 21.13 -31.39
N PHE A 511 53.20 21.47 -30.15
CA PHE A 511 54.12 21.21 -29.06
C PHE A 511 54.07 19.74 -28.69
N GLY A 512 53.16 19.00 -29.34
CA GLY A 512 53.05 17.57 -29.08
C GLY A 512 52.26 17.22 -27.85
N ALA A 513 51.30 18.08 -27.52
CA ALA A 513 50.49 17.83 -26.36
C ALA A 513 49.24 17.15 -26.84
N PRO A 514 48.58 16.39 -25.96
CA PRO A 514 47.33 15.68 -26.29
C PRO A 514 46.21 16.63 -26.67
N ILE A 515 45.39 16.27 -27.65
CA ILE A 515 44.31 17.16 -28.07
C ILE A 515 43.47 17.72 -26.93
N ASN A 516 43.18 16.92 -25.91
CA ASN A 516 42.35 17.45 -24.83
C ASN A 516 43.04 18.47 -23.91
N MET A 517 44.35 18.36 -23.75
CA MET A 517 45.06 19.30 -22.89
C MET A 517 46.02 20.21 -23.65
N LEU A 518 45.56 20.84 -24.73
CA LEU A 518 46.42 21.74 -25.49
C LEU A 518 46.84 22.92 -24.61
N ALA A 519 48.11 23.31 -24.72
CA ALA A 519 48.62 24.42 -23.93
C ALA A 519 48.03 25.72 -24.46
N PRO A 520 47.34 26.49 -23.58
CA PRO A 520 46.67 27.76 -23.84
C PRO A 520 47.59 28.95 -23.84
N ASP A 521 47.19 30.00 -24.57
CA ASP A 521 47.97 31.24 -24.64
C ASP A 521 47.30 32.22 -23.66
N ALA A 522 47.63 32.06 -22.39
CA ALA A 522 47.04 32.89 -21.35
C ALA A 522 47.65 34.26 -21.16
N ARG A 523 48.49 34.69 -22.09
CA ARG A 523 49.13 35.99 -21.97
C ARG A 523 48.19 37.12 -21.56
N LEU A 524 47.04 37.22 -22.19
CA LEU A 524 46.15 38.31 -21.81
C LEU A 524 45.10 37.92 -20.80
N SER A 525 45.29 36.76 -20.17
CA SER A 525 44.35 36.24 -19.19
C SER A 525 43.80 37.24 -18.16
N THR A 526 44.66 37.75 -17.29
CA THR A 526 44.26 38.71 -16.27
C THR A 526 43.38 39.85 -16.81
N TYR A 527 43.74 40.40 -17.96
CA TYR A 527 42.97 41.48 -18.57
C TYR A 527 41.57 41.05 -18.94
N LYS A 528 41.43 39.86 -19.51
CA LYS A 528 40.10 39.39 -19.88
C LYS A 528 39.26 39.25 -18.62
N ARG A 529 39.78 38.49 -17.66
CA ARG A 529 39.07 38.26 -16.40
C ARG A 529 38.50 39.55 -15.81
N ASP A 530 39.24 40.64 -15.88
CA ASP A 530 38.76 41.91 -15.32
C ASP A 530 37.58 42.47 -16.10
N LEU A 531 37.72 42.46 -17.43
CA LEU A 531 36.67 42.97 -18.30
C LEU A 531 35.43 42.11 -18.21
N ALA A 532 35.60 40.89 -17.70
CA ALA A 532 34.51 39.94 -17.55
C ALA A 532 34.23 39.17 -18.82
N LEU A 533 35.26 39.01 -19.65
CA LEU A 533 35.14 38.22 -20.87
C LEU A 533 35.29 36.78 -20.39
N PRO A 534 34.95 35.81 -21.24
CA PRO A 534 35.06 34.39 -20.89
C PRO A 534 36.44 33.95 -20.45
N ASP A 535 36.50 33.10 -19.44
CA ASP A 535 37.79 32.65 -18.95
C ASP A 535 38.35 31.51 -19.79
N ARG A 536 38.72 31.79 -21.03
CA ARG A 536 39.30 30.79 -21.93
C ARG A 536 40.18 31.48 -22.96
N SER A 537 41.20 30.78 -23.45
CA SER A 537 42.11 31.42 -24.39
C SER A 537 42.27 30.72 -25.73
N PRO A 538 43.09 31.31 -26.63
CA PRO A 538 43.37 30.76 -27.95
C PRO A 538 44.47 29.74 -27.76
N ILE A 539 44.64 28.84 -28.72
CA ILE A 539 45.68 27.83 -28.61
C ILE A 539 47.08 28.46 -28.72
N LEU A 540 48.01 27.99 -27.89
CA LEU A 540 49.37 28.53 -27.95
C LEU A 540 50.09 27.91 -29.13
N ILE A 541 50.29 28.73 -30.15
CA ILE A 541 50.93 28.32 -31.38
C ILE A 541 52.45 28.25 -31.33
N THR A 542 53.02 29.04 -30.42
CA THR A 542 54.48 29.10 -30.22
C THR A 542 54.80 30.02 -29.06
N THR A 543 55.90 29.76 -28.36
CA THR A 543 56.29 30.60 -27.22
C THR A 543 56.94 31.90 -27.64
N VAL A 544 56.79 32.90 -26.79
CA VAL A 544 57.35 34.23 -27.01
C VAL A 544 58.28 34.52 -25.84
N GLU A 545 59.58 34.40 -26.08
CA GLU A 545 60.57 34.63 -25.05
C GLU A 545 61.05 36.07 -24.98
N GLY A 546 62.11 36.27 -24.20
CA GLY A 546 62.74 37.56 -24.02
C GLY A 546 62.05 38.80 -24.56
N GLN A 547 62.85 39.70 -25.11
CA GLN A 547 62.31 40.94 -25.64
C GLN A 547 61.85 40.80 -27.07
N ASN A 548 60.54 40.67 -27.24
CA ASN A 548 59.93 40.55 -28.55
C ASN A 548 60.55 39.56 -29.51
N SER A 549 61.04 38.44 -28.98
CA SER A 549 61.64 37.42 -29.81
C SER A 549 60.71 36.23 -29.89
N ILE A 550 60.26 35.92 -31.08
CA ILE A 550 59.35 34.80 -31.26
C ILE A 550 60.17 33.53 -31.41
N SER A 551 59.78 32.46 -30.73
CA SER A 551 60.52 31.20 -30.79
C SER A 551 60.11 30.33 -31.97
N ILE A 552 61.09 29.70 -32.61
CA ILE A 552 60.81 28.81 -33.73
C ILE A 552 61.00 27.38 -33.26
N GLU A 553 61.13 27.26 -31.94
CA GLU A 553 61.32 26.00 -31.23
C GLU A 553 60.75 24.78 -31.93
N ASN A 554 59.49 24.85 -32.35
CA ASN A 554 58.84 23.73 -33.03
C ASN A 554 59.46 23.49 -34.40
N LEU A 555 59.43 24.50 -35.27
CA LEU A 555 60.00 24.31 -36.59
C LEU A 555 61.37 23.66 -36.50
N ARG A 556 62.16 24.07 -35.53
CA ARG A 556 63.50 23.52 -35.38
C ARG A 556 63.40 21.99 -35.29
N HIS A 557 62.58 21.54 -34.34
CA HIS A 557 62.35 20.12 -34.10
C HIS A 557 62.05 19.33 -35.36
N LYS A 558 61.05 19.78 -36.10
CA LYS A 558 60.67 19.10 -37.34
C LYS A 558 61.76 19.23 -38.39
N THR A 559 62.58 20.28 -38.30
CA THR A 559 63.66 20.42 -39.27
C THR A 559 64.64 19.29 -39.02
N GLY A 560 65.06 19.15 -37.77
CA GLY A 560 65.99 18.09 -37.42
C GLY A 560 65.51 16.70 -37.82
N LEU A 561 64.20 16.52 -37.85
CA LEU A 561 63.62 15.23 -38.22
C LEU A 561 63.62 15.08 -39.73
N ILE A 562 63.41 16.17 -40.45
CA ILE A 562 63.42 16.11 -41.89
C ILE A 562 64.84 15.73 -42.31
N ARG A 563 65.83 16.28 -41.61
CA ARG A 563 67.23 16.01 -41.92
C ARG A 563 67.52 14.54 -41.71
N ALA A 564 67.07 14.01 -40.57
CA ALA A 564 67.31 12.61 -40.24
C ALA A 564 66.59 11.59 -41.11
N MET A 565 65.69 12.03 -41.99
CA MET A 565 64.99 11.05 -42.81
C MET A 565 65.22 11.17 -44.30
N TYR A 566 66.16 12.01 -44.70
CA TYR A 566 66.46 12.18 -46.12
C TYR A 566 67.92 12.48 -46.37
N LEU A 567 68.46 13.43 -45.61
CA LEU A 567 69.84 13.83 -45.79
C LEU A 567 70.82 13.04 -44.95
N ASN A 568 70.36 11.92 -44.40
CA ASN A 568 71.26 11.13 -43.61
C ASN A 568 71.62 9.87 -44.38
N GLY A 569 70.68 9.29 -45.10
CA GLY A 569 71.04 8.10 -45.85
C GLY A 569 70.06 6.98 -45.71
N PHE A 570 69.79 6.32 -46.82
CA PHE A 570 68.83 5.24 -46.82
C PHE A 570 69.44 3.86 -46.75
N VAL A 571 68.58 2.87 -46.56
CA VAL A 571 68.97 1.48 -46.53
C VAL A 571 68.73 1.08 -47.96
N THR A 572 67.52 1.41 -48.42
CA THR A 572 67.10 1.13 -49.78
C THR A 572 66.47 2.44 -50.24
N GLN A 573 67.31 3.30 -50.78
CA GLN A 573 66.92 4.62 -51.25
C GLN A 573 65.74 4.64 -52.21
N PRO A 574 64.92 5.68 -52.13
CA PRO A 574 63.75 5.83 -53.00
C PRO A 574 64.23 5.90 -54.42
N PRO A 575 63.46 5.36 -55.36
CA PRO A 575 63.80 5.36 -56.78
C PRO A 575 64.07 6.74 -57.34
N ALA A 576 63.33 7.73 -56.84
CA ALA A 576 63.49 9.10 -57.31
C ALA A 576 64.94 9.55 -57.12
N TRP A 577 65.55 9.07 -56.05
CA TRP A 577 66.92 9.40 -55.67
C TRP A 577 68.07 8.62 -56.34
N ILE A 578 67.77 7.66 -57.20
CA ILE A 578 68.86 6.93 -57.81
C ILE A 578 69.64 7.86 -58.71
N ARG A 579 68.94 8.49 -59.65
CA ARG A 579 69.59 9.40 -60.57
C ARG A 579 69.62 10.89 -60.19
N ASN A 580 68.86 11.31 -59.18
CA ASN A 580 68.83 12.73 -58.79
C ASN A 580 69.37 13.08 -57.39
N ALA A 581 69.97 12.11 -56.74
CA ALA A 581 70.55 12.28 -55.41
C ALA A 581 71.19 13.65 -55.16
N ASN A 582 72.02 14.14 -56.09
CA ASN A 582 72.63 15.45 -55.89
C ASN A 582 71.57 16.56 -55.87
N SER A 583 71.05 16.92 -57.04
CA SER A 583 70.03 17.96 -57.12
C SER A 583 69.05 17.91 -55.95
N ASN A 584 68.75 16.71 -55.46
CA ASN A 584 67.84 16.60 -54.33
C ASN A 584 68.47 17.13 -53.08
N THR A 585 69.62 16.57 -52.70
CA THR A 585 70.31 17.02 -51.51
C THR A 585 70.41 18.53 -51.50
N ALA A 586 70.70 19.13 -52.66
CA ALA A 586 70.80 20.57 -52.75
C ALA A 586 69.50 21.21 -52.31
N LEU A 587 68.49 21.13 -53.18
CA LEU A 587 67.18 21.70 -52.91
C LEU A 587 66.71 21.51 -51.47
N LEU A 588 66.86 20.30 -50.93
CA LEU A 588 66.43 20.03 -49.57
C LEU A 588 67.32 20.78 -48.59
N SER A 589 68.60 20.89 -48.92
CA SER A 589 69.53 21.61 -48.06
C SER A 589 69.10 23.05 -47.97
N ARG A 590 68.85 23.69 -49.11
CA ARG A 590 68.43 25.08 -49.08
C ARG A 590 67.09 25.18 -48.35
N PHE A 591 66.23 24.18 -48.53
CA PHE A 591 64.93 24.16 -47.88
C PHE A 591 65.07 24.29 -46.36
N LEU A 592 65.78 23.36 -45.74
CA LEU A 592 65.97 23.41 -44.29
C LEU A 592 66.65 24.69 -43.82
N ASP A 593 67.53 25.22 -44.65
CA ASP A 593 68.23 26.44 -44.29
C ASP A 593 67.30 27.63 -44.27
N ALA A 594 66.16 27.49 -44.93
CA ALA A 594 65.21 28.60 -45.02
C ALA A 594 63.96 28.47 -44.18
N THR A 595 63.75 27.33 -43.55
CA THR A 595 62.54 27.19 -42.76
C THR A 595 62.34 28.32 -41.75
N PRO A 596 63.44 28.89 -41.23
CA PRO A 596 63.18 29.98 -40.26
C PRO A 596 62.41 31.14 -40.87
N ASN A 597 62.41 31.25 -42.19
CA ASN A 597 61.67 32.30 -42.83
C ASN A 597 60.20 32.18 -42.41
N LEU A 598 59.77 30.96 -42.08
CA LEU A 598 58.38 30.72 -41.69
C LEU A 598 58.01 31.55 -40.49
N LEU A 599 59.03 32.09 -39.84
CA LEU A 599 58.84 32.94 -38.70
C LEU A 599 57.78 33.99 -39.03
N GLY A 600 57.77 34.42 -40.29
CA GLY A 600 56.83 35.42 -40.76
C GLY A 600 55.40 35.13 -40.39
N ILE A 601 54.98 33.89 -40.56
CA ILE A 601 53.62 33.51 -40.22
C ILE A 601 53.43 33.75 -38.74
N TYR A 602 54.32 33.21 -37.93
CA TYR A 602 54.23 33.39 -36.49
C TYR A 602 54.00 34.85 -36.13
N GLU A 603 54.64 35.76 -36.84
CA GLU A 603 54.51 37.19 -36.56
C GLU A 603 53.13 37.68 -36.87
N ALA A 604 52.76 37.59 -38.13
CA ALA A 604 51.46 38.03 -38.58
C ALA A 604 50.37 37.51 -37.66
N ILE A 605 50.59 36.36 -37.03
CA ILE A 605 49.59 35.85 -36.12
C ILE A 605 49.75 36.54 -34.79
N LEU A 606 50.93 36.44 -34.18
CA LEU A 606 51.18 37.07 -32.89
C LEU A 606 50.96 38.58 -32.89
N ALA A 607 51.02 39.20 -34.06
CA ALA A 607 50.84 40.64 -34.14
C ALA A 607 49.49 41.02 -33.58
N ASN A 608 48.50 40.20 -33.87
CA ASN A 608 47.15 40.46 -33.40
C ASN A 608 46.86 39.69 -32.12
N THR A 609 47.76 39.80 -31.14
CA THR A 609 47.54 39.08 -29.91
C THR A 609 46.24 39.52 -29.26
N TYR A 610 46.09 40.82 -29.05
CA TYR A 610 44.89 41.29 -28.40
C TYR A 610 43.63 40.87 -29.11
N ALA A 611 43.63 41.03 -30.42
CA ALA A 611 42.46 40.68 -31.21
C ALA A 611 42.14 39.20 -31.16
N ASN A 612 43.18 38.38 -31.06
CA ASN A 612 42.99 36.94 -31.02
C ASN A 612 42.45 36.45 -29.70
N ALA A 613 42.67 37.19 -28.63
CA ALA A 613 42.23 36.74 -27.30
C ALA A 613 41.08 37.51 -26.65
N VAL A 614 41.13 38.82 -26.70
CA VAL A 614 40.08 39.60 -26.09
C VAL A 614 38.84 39.53 -26.98
N ASN A 615 38.08 38.44 -26.85
CA ASN A 615 36.86 38.21 -27.63
C ASN A 615 36.14 37.00 -27.09
N VAL A 616 34.94 36.78 -27.58
CA VAL A 616 34.16 35.63 -27.15
C VAL A 616 34.39 34.33 -27.91
N TYR A 617 34.72 34.43 -29.19
CA TYR A 617 34.88 33.22 -29.99
C TYR A 617 36.05 32.31 -29.77
N CYS A 618 37.14 32.81 -29.21
CA CYS A 618 38.27 31.91 -29.03
C CYS A 618 38.07 30.91 -27.91
N ASP A 619 38.70 29.75 -28.04
CA ASP A 619 38.65 28.67 -27.04
C ASP A 619 39.86 27.78 -27.32
N SER A 620 40.24 26.94 -26.36
CA SER A 620 41.40 26.07 -26.55
C SER A 620 41.19 24.63 -26.08
N VAL A 621 39.97 24.27 -25.71
CA VAL A 621 39.73 22.90 -25.27
C VAL A 621 38.92 22.15 -26.31
N TYR A 622 39.44 21.01 -26.73
CA TYR A 622 38.78 20.21 -27.75
C TYR A 622 37.63 19.35 -27.24
N ARG A 623 36.40 19.81 -27.48
CA ARG A 623 35.24 19.04 -27.08
C ARG A 623 35.03 18.06 -28.23
N ALA A 624 35.47 16.82 -28.01
CA ALA A 624 35.37 15.79 -29.03
C ALA A 624 33.95 15.38 -29.38
N ASP A 625 33.02 15.53 -28.42
CA ASP A 625 31.63 15.17 -28.63
C ASP A 625 30.87 16.07 -29.61
N ILE A 626 31.48 17.18 -30.01
CA ILE A 626 30.81 18.07 -30.95
C ILE A 626 30.56 17.36 -32.25
N PRO A 627 29.30 17.35 -32.71
CA PRO A 627 28.89 16.69 -33.96
C PRO A 627 29.77 17.11 -35.12
N ILE A 628 30.37 16.13 -35.77
CA ILE A 628 31.26 16.42 -36.86
C ILE A 628 30.59 17.17 -38.03
N GLU A 629 29.27 17.06 -38.17
CA GLU A 629 28.57 17.74 -39.26
C GLU A 629 28.41 19.23 -38.99
N TRP A 630 28.72 19.67 -37.78
CA TRP A 630 28.60 21.08 -37.43
C TRP A 630 29.85 21.84 -37.84
N LYS A 631 30.93 21.11 -38.00
CA LYS A 631 32.21 21.70 -38.36
C LYS A 631 32.33 22.03 -39.85
N LEU A 632 33.11 23.07 -40.16
CA LEU A 632 33.34 23.48 -41.54
C LEU A 632 34.64 22.85 -41.97
N HIS A 633 34.85 22.74 -43.27
CA HIS A 633 36.09 22.13 -43.72
C HIS A 633 36.53 22.53 -45.11
N GLN A 634 37.84 22.59 -45.30
CA GLN A 634 38.45 22.97 -46.58
C GLN A 634 39.65 22.08 -46.87
N SER A 635 40.10 22.09 -48.13
CA SER A 635 41.24 21.28 -48.50
C SER A 635 42.54 22.01 -48.24
N VAL A 636 43.57 21.24 -47.95
CA VAL A 636 44.89 21.77 -47.66
C VAL A 636 45.94 20.93 -48.39
N ASP A 637 46.86 21.59 -49.09
CA ASP A 637 47.93 20.90 -49.83
C ASP A 637 49.26 21.28 -49.17
N PRO A 638 49.87 20.38 -48.41
CA PRO A 638 51.13 20.66 -47.73
C PRO A 638 52.21 21.26 -48.63
N GLN A 639 52.13 20.96 -49.92
CA GLN A 639 53.11 21.48 -50.86
C GLN A 639 53.00 22.99 -50.97
N ASP A 640 51.78 23.54 -50.86
CA ASP A 640 51.63 24.98 -50.95
C ASP A 640 52.56 25.65 -49.94
N LEU A 641 52.80 24.97 -48.81
CA LEU A 641 53.67 25.51 -47.77
C LEU A 641 55.10 25.73 -48.25
N LEU A 642 55.44 25.16 -49.41
CA LEU A 642 56.79 25.29 -49.96
C LEU A 642 57.20 26.74 -50.23
N PHE A 643 56.52 27.38 -51.17
CA PHE A 643 56.86 28.76 -51.48
C PHE A 643 56.91 29.61 -50.24
N GLY A 644 56.16 29.20 -49.25
CA GLY A 644 56.13 29.95 -48.00
C GLY A 644 57.46 29.89 -47.29
N VAL A 645 58.15 28.75 -47.40
CA VAL A 645 59.43 28.59 -46.75
C VAL A 645 60.52 29.41 -47.44
N PHE A 646 60.41 29.54 -48.76
CA PHE A 646 61.41 30.30 -49.50
C PHE A 646 61.00 31.75 -49.62
N GLY A 647 59.71 31.98 -49.91
CA GLY A 647 59.21 33.33 -50.11
C GLY A 647 58.97 34.31 -48.96
N ILE A 648 58.24 33.86 -47.95
CA ILE A 648 57.94 34.72 -46.82
C ILE A 648 59.18 35.41 -46.27
N VAL A 649 59.06 36.72 -46.08
CA VAL A 649 60.13 37.54 -45.56
C VAL A 649 59.72 38.07 -44.21
N PRO A 650 60.39 37.63 -43.16
CA PRO A 650 59.98 38.17 -41.86
C PRO A 650 60.35 39.64 -41.78
N GLN A 651 59.46 40.44 -41.19
CA GLN A 651 59.75 41.86 -40.94
C GLN A 651 60.14 41.51 -39.53
N TYR A 652 61.19 42.07 -38.94
CA TYR A 652 61.46 41.54 -37.61
C TYR A 652 60.94 42.31 -36.40
N GLN A 653 59.99 43.20 -36.66
CA GLN A 653 59.36 43.95 -35.59
C GLN A 653 57.92 44.26 -36.00
N ILE A 654 57.01 44.07 -35.05
CA ILE A 654 55.59 44.28 -35.25
C ILE A 654 55.21 45.72 -35.03
N LEU A 655 54.40 46.22 -35.95
CA LEU A 655 54.03 47.60 -35.90
C LEU A 655 52.57 47.97 -35.79
N ASN A 656 51.67 47.06 -36.14
CA ASN A 656 50.25 47.32 -36.02
C ASN A 656 49.48 46.15 -35.41
N GLU A 657 48.69 46.47 -34.38
CA GLU A 657 47.87 45.47 -33.72
C GLU A 657 46.47 45.73 -34.23
N ALA A 658 45.71 44.66 -34.41
CA ALA A 658 44.34 44.75 -34.90
C ALA A 658 43.35 44.93 -33.78
N VAL A 659 42.27 45.63 -34.11
CA VAL A 659 41.22 45.93 -33.15
C VAL A 659 40.44 44.73 -32.66
N PRO A 660 40.56 44.39 -31.37
CA PRO A 660 39.82 43.23 -30.88
C PRO A 660 38.32 43.42 -30.98
N ASP A 661 37.60 42.30 -31.07
CA ASP A 661 36.15 42.36 -31.15
C ASP A 661 35.51 42.53 -29.77
N PHE A 662 36.26 42.28 -28.71
CA PHE A 662 35.71 42.39 -27.37
C PHE A 662 34.45 41.55 -27.19
N PHE A 663 33.41 42.15 -26.60
CA PHE A 663 32.13 41.49 -26.32
C PHE A 663 31.25 41.13 -27.51
N ALA A 664 31.66 41.51 -28.71
CA ALA A 664 30.87 41.19 -29.90
C ALA A 664 30.45 39.73 -29.93
N GLY A 665 29.22 39.50 -30.36
CA GLY A 665 28.67 38.15 -30.48
C GLY A 665 28.22 37.43 -29.23
N GLY A 666 28.29 38.11 -28.09
CA GLY A 666 27.91 37.49 -26.82
C GLY A 666 26.43 37.55 -26.53
N GLU A 667 25.76 38.37 -27.33
CA GLU A 667 24.34 38.59 -27.23
C GLU A 667 23.60 37.27 -27.25
N ASP A 668 24.08 36.32 -28.05
CA ASP A 668 23.37 35.05 -28.12
C ASP A 668 23.32 34.39 -26.76
N ILE A 669 24.37 34.51 -25.98
CA ILE A 669 24.34 33.88 -24.68
C ILE A 669 23.34 34.62 -23.79
N LEU A 670 23.44 35.95 -23.77
CA LEU A 670 22.52 36.73 -22.96
C LEU A 670 21.09 36.30 -23.29
N ILE A 671 20.80 36.21 -24.58
CA ILE A 671 19.47 35.78 -25.01
C ILE A 671 19.15 34.44 -24.40
N LEU A 672 20.05 33.46 -24.55
CA LEU A 672 19.82 32.13 -23.99
C LEU A 672 19.54 32.17 -22.50
N GLN A 673 20.44 32.79 -21.75
CA GLN A 673 20.28 32.88 -20.30
C GLN A 673 18.96 33.54 -19.93
N LEU A 674 18.57 34.54 -20.71
CA LEU A 674 17.34 35.25 -20.47
C LEU A 674 16.15 34.31 -20.66
N ILE A 675 16.24 33.45 -21.67
CA ILE A 675 15.19 32.49 -21.94
C ILE A 675 15.01 31.59 -20.73
N ARG A 676 16.10 31.05 -20.24
CA ARG A 676 16.06 30.18 -19.07
C ARG A 676 15.52 30.93 -17.87
N ALA A 677 15.92 32.20 -17.74
CA ALA A 677 15.47 33.00 -16.62
C ALA A 677 13.96 33.12 -16.64
N VAL A 678 13.45 33.62 -17.75
CA VAL A 678 12.03 33.79 -17.93
C VAL A 678 11.29 32.49 -17.69
N TYR A 679 11.81 31.40 -18.24
CA TYR A 679 11.17 30.10 -18.05
C TYR A 679 11.01 29.83 -16.58
N ASP A 680 12.12 29.80 -15.86
CA ASP A 680 12.10 29.54 -14.44
C ASP A 680 11.11 30.41 -13.66
N THR A 681 10.96 31.68 -14.05
CA THR A 681 10.03 32.58 -13.36
C THR A 681 8.62 32.12 -13.65
N LEU A 682 8.37 31.92 -14.94
CA LEU A 682 7.08 31.49 -15.38
C LEU A 682 6.66 30.23 -14.66
N SER A 683 7.61 29.32 -14.48
CA SER A 683 7.32 28.05 -13.81
C SER A 683 7.25 28.18 -12.30
N ASN A 684 7.82 29.25 -11.77
CA ASN A 684 7.78 29.42 -10.34
C ASN A 684 6.37 29.91 -10.01
N LYS A 685 5.97 31.03 -10.59
CA LYS A 685 4.63 31.55 -10.33
C LYS A 685 3.57 30.52 -10.66
N LEU A 686 3.93 29.50 -11.43
CA LEU A 686 2.95 28.50 -11.83
C LEU A 686 2.89 27.31 -10.88
N GLY A 687 4.02 26.97 -10.28
CA GLY A 687 4.07 25.87 -9.34
C GLY A 687 4.72 24.59 -9.85
N ARG A 688 4.78 24.47 -11.17
CA ARG A 688 5.34 23.29 -11.81
C ARG A 688 5.90 23.65 -13.17
N ASN A 689 6.31 22.65 -13.93
CA ASN A 689 6.86 23.01 -15.21
C ASN A 689 5.72 23.25 -16.20
N PRO A 690 5.63 24.46 -16.77
CA PRO A 690 4.57 24.75 -17.73
C PRO A 690 4.29 23.62 -18.71
N ALA A 691 5.33 22.93 -19.15
CA ALA A 691 5.16 21.85 -20.10
C ALA A 691 4.36 20.67 -19.54
N ASP A 692 4.34 20.51 -18.22
CA ASP A 692 3.57 19.44 -17.56
C ASP A 692 2.08 19.66 -17.81
N ILE A 693 1.69 20.91 -18.02
CA ILE A 693 0.31 21.30 -18.22
C ILE A 693 -0.06 21.79 -19.62
N PHE A 694 0.81 22.55 -20.29
CA PHE A 694 0.47 23.04 -21.62
C PHE A 694 1.40 22.60 -22.74
N HIS A 695 0.96 22.79 -23.98
CA HIS A 695 1.76 22.43 -25.13
C HIS A 695 2.99 23.33 -25.17
N LEU A 696 4.16 22.73 -25.35
CA LEU A 696 5.37 23.53 -25.36
C LEU A 696 5.22 24.81 -26.19
N GLU A 697 4.65 24.70 -27.38
CA GLU A 697 4.45 25.87 -28.24
C GLU A 697 3.80 27.00 -27.47
N GLU A 698 2.69 26.71 -26.82
CA GLU A 698 1.96 27.71 -26.07
C GLU A 698 2.82 28.38 -25.01
N VAL A 699 3.71 27.60 -24.40
CA VAL A 699 4.60 28.15 -23.37
C VAL A 699 5.62 29.06 -24.01
N PHE A 700 6.29 28.55 -25.03
CA PHE A 700 7.31 29.33 -25.72
C PHE A 700 6.74 30.70 -26.12
N LYS A 701 5.54 30.70 -26.70
CA LYS A 701 4.91 31.94 -27.14
C LYS A 701 4.95 32.98 -26.01
N VAL A 702 4.80 32.54 -24.76
CA VAL A 702 4.83 33.46 -23.63
C VAL A 702 6.24 33.93 -23.37
N ILE A 703 7.16 32.96 -23.31
CA ILE A 703 8.54 33.26 -23.08
C ILE A 703 9.02 34.25 -24.14
N GLU A 704 8.70 33.97 -25.39
CA GLU A 704 9.12 34.86 -26.47
C GLU A 704 8.70 36.27 -26.15
N GLU A 705 7.38 36.48 -26.13
CA GLU A 705 6.81 37.78 -25.81
C GLU A 705 7.58 38.50 -24.70
N ILE A 706 7.84 37.80 -23.59
CA ILE A 706 8.55 38.38 -22.46
C ILE A 706 9.99 38.72 -22.83
N VAL A 707 10.82 37.71 -23.00
CA VAL A 707 12.22 37.92 -23.35
C VAL A 707 12.35 39.08 -24.33
N SER A 708 11.55 39.04 -25.38
CA SER A 708 11.63 40.10 -26.37
C SER A 708 11.44 41.51 -25.77
N VAL A 709 10.64 41.62 -24.74
CA VAL A 709 10.46 42.93 -24.12
C VAL A 709 11.69 43.33 -23.35
N LEU A 710 12.44 42.35 -22.85
CA LEU A 710 13.64 42.62 -22.10
C LEU A 710 14.81 43.04 -22.97
N VAL A 711 14.73 42.71 -24.26
CA VAL A 711 15.83 43.06 -25.16
C VAL A 711 15.40 43.81 -26.40
N GLN A 712 14.14 44.25 -26.44
CA GLN A 712 13.63 44.97 -27.59
C GLN A 712 13.94 44.33 -28.93
N GLN A 713 13.39 43.14 -29.13
CA GLN A 713 13.58 42.44 -30.38
C GLN A 713 12.87 41.11 -30.48
N LYS A 714 12.12 40.92 -31.57
CA LYS A 714 11.40 39.67 -31.77
C LYS A 714 12.42 38.56 -31.68
N ILE A 715 12.31 37.77 -30.63
CA ILE A 715 13.22 36.66 -30.44
C ILE A 715 12.44 35.38 -30.70
N ASP A 716 13.12 34.33 -31.14
CA ASP A 716 12.44 33.07 -31.39
C ASP A 716 13.18 31.92 -30.71
N VAL A 717 12.73 31.52 -29.53
CA VAL A 717 13.34 30.44 -28.79
C VAL A 717 13.64 29.25 -29.68
N ARG A 718 12.65 28.84 -30.44
CA ARG A 718 12.78 27.72 -31.35
C ARG A 718 14.15 27.58 -32.04
N LYS A 719 14.46 28.50 -32.96
CA LYS A 719 15.71 28.47 -33.71
C LYS A 719 17.00 28.17 -32.94
N TYR A 720 17.08 28.52 -31.66
CA TYR A 720 18.32 28.23 -30.93
C TYR A 720 18.56 26.74 -30.74
N PHE A 721 17.50 25.94 -30.70
CA PHE A 721 17.65 24.50 -30.51
C PHE A 721 17.25 23.61 -31.69
N THR A 722 17.99 23.71 -32.77
CA THR A 722 17.73 22.91 -33.96
C THR A 722 18.42 21.55 -33.88
N GLU A 723 18.14 20.66 -34.84
CA GLU A 723 18.74 19.33 -34.80
C GLU A 723 20.22 19.40 -35.15
N SER A 724 20.51 20.17 -36.20
CA SER A 724 21.87 20.36 -36.67
C SER A 724 21.94 21.75 -37.23
N MET A 725 23.01 22.04 -37.95
CA MET A 725 23.17 23.35 -38.55
C MET A 725 22.41 23.33 -39.87
N ARG A 726 22.20 22.14 -40.42
CA ARG A 726 21.48 22.04 -41.68
C ARG A 726 19.97 21.91 -41.54
N SER A 727 19.50 21.26 -40.47
CA SER A 727 18.07 21.09 -40.27
C SER A 727 17.52 22.04 -39.23
N GLY A 728 16.43 22.73 -39.58
CA GLY A 728 15.84 23.66 -38.64
C GLY A 728 14.76 23.10 -37.74
N SER A 729 14.57 21.78 -37.76
CA SER A 729 13.56 21.16 -36.92
C SER A 729 13.92 21.35 -35.48
N PHE A 730 12.91 21.57 -34.65
CA PHE A 730 13.11 21.76 -33.23
C PHE A 730 13.52 20.44 -32.61
N SER A 731 14.49 20.48 -31.70
CA SER A 731 14.96 19.27 -31.06
C SER A 731 14.56 19.24 -29.60
N LYS A 732 13.35 18.81 -29.34
CA LYS A 732 12.87 18.76 -27.97
C LYS A 732 13.96 18.28 -27.04
N PRO A 733 14.72 17.25 -27.45
CA PRO A 733 15.79 16.76 -26.57
C PRO A 733 16.82 17.82 -26.26
N ARG A 734 17.29 18.52 -27.28
CA ARG A 734 18.30 19.56 -27.08
C ARG A 734 17.74 20.59 -26.11
N TRP A 735 16.45 20.89 -26.25
CA TRP A 735 15.79 21.85 -25.37
C TRP A 735 15.77 21.31 -23.95
N ASP A 736 15.40 20.05 -23.79
CA ASP A 736 15.35 19.44 -22.47
C ASP A 736 16.70 19.51 -21.78
N ASN A 737 17.78 19.29 -22.51
CA ASN A 737 19.08 19.34 -21.89
C ASN A 737 19.44 20.75 -21.49
N PHE A 738 18.89 21.71 -22.23
CA PHE A 738 19.13 23.10 -21.94
C PHE A 738 18.52 23.45 -20.58
N LEU A 739 17.32 22.92 -20.32
CA LEU A 739 16.62 23.16 -19.07
C LEU A 739 17.21 22.33 -17.95
N ARG A 740 17.72 21.17 -18.31
CA ARG A 740 18.28 20.26 -17.32
C ARG A 740 19.57 20.78 -16.72
N ARG A 741 20.27 21.64 -17.46
CA ARG A 741 21.54 22.22 -17.02
C ARG A 741 21.30 23.22 -15.90
N PRO A 742 22.16 23.25 -14.88
CA PRO A 742 22.02 24.17 -13.76
C PRO A 742 22.48 25.57 -14.15
N VAL A 743 22.00 26.57 -13.42
CA VAL A 743 22.37 27.93 -13.73
C VAL A 743 23.69 28.32 -13.08
N ALA A 744 24.70 28.56 -13.90
CA ALA A 744 26.02 28.90 -13.39
C ALA A 744 26.20 30.34 -12.94
N GLN A 745 26.05 31.28 -13.88
CA GLN A 745 26.23 32.69 -13.55
C GLN A 745 24.93 33.46 -13.40
N ARG A 746 24.98 34.50 -12.57
CA ARG A 746 23.81 35.37 -12.35
C ARG A 746 23.61 36.20 -13.61
N LEU A 747 22.41 36.72 -13.79
CA LEU A 747 22.15 37.54 -14.95
C LEU A 747 22.81 38.88 -14.75
N PRO A 748 22.93 39.68 -15.83
CA PRO A 748 23.54 41.00 -15.70
C PRO A 748 22.61 41.75 -14.76
N ASN A 749 23.13 42.74 -14.06
CA ASN A 749 22.31 43.45 -13.12
C ASN A 749 21.02 44.05 -13.68
N LEU A 750 21.11 44.75 -14.81
CA LEU A 750 19.94 45.37 -15.44
C LEU A 750 18.74 44.44 -15.47
N TYR A 751 18.94 43.28 -16.09
CA TYR A 751 17.90 42.27 -16.24
C TYR A 751 17.35 41.78 -14.89
N SER A 752 18.24 41.63 -13.92
CA SER A 752 17.84 41.16 -12.59
C SER A 752 16.91 42.18 -11.93
N VAL A 753 17.25 43.45 -12.05
CA VAL A 753 16.44 44.49 -11.46
C VAL A 753 15.08 44.54 -12.12
N ILE A 754 15.08 44.59 -13.44
CA ILE A 754 13.84 44.64 -14.19
C ILE A 754 12.93 43.52 -13.78
N MET A 755 13.45 42.30 -13.76
CA MET A 755 12.64 41.15 -13.38
C MET A 755 12.16 41.27 -11.94
N THR A 756 12.95 41.86 -11.07
CA THR A 756 12.52 42.00 -9.69
C THR A 756 11.44 43.07 -9.65
N GLN A 757 11.61 44.14 -10.42
CA GLN A 757 10.60 45.19 -10.45
C GLN A 757 9.30 44.58 -10.97
N ALA A 758 9.42 43.52 -11.76
CA ALA A 758 8.24 42.85 -12.32
C ALA A 758 7.51 42.12 -11.20
N ASP A 759 8.26 41.31 -10.49
CA ASP A 759 7.72 40.55 -9.37
C ASP A 759 6.97 41.45 -8.41
N HIS A 760 7.51 42.63 -8.12
CA HIS A 760 6.84 43.54 -7.19
C HIS A 760 5.50 43.92 -7.77
N VAL A 761 5.48 44.24 -9.05
CA VAL A 761 4.23 44.61 -9.66
C VAL A 761 3.26 43.45 -9.54
N TYR A 762 3.72 42.24 -9.85
CA TYR A 762 2.84 41.07 -9.74
C TYR A 762 2.22 40.99 -8.35
N ASN A 763 3.05 41.07 -7.32
CA ASN A 763 2.57 41.01 -5.95
C ASN A 763 1.63 42.16 -5.63
N TYR A 764 1.89 43.32 -6.22
CA TYR A 764 1.06 44.50 -6.00
C TYR A 764 -0.33 44.25 -6.54
N MET A 765 -0.39 43.74 -7.76
CA MET A 765 -1.67 43.45 -8.41
C MET A 765 -2.33 42.34 -7.62
N THR A 766 -1.58 41.28 -7.37
CA THR A 766 -2.09 40.16 -6.61
C THR A 766 -2.86 40.66 -5.41
N GLN A 767 -2.35 41.71 -4.79
CA GLN A 767 -3.00 42.25 -3.63
C GLN A 767 -4.28 42.97 -4.00
N LEU A 768 -4.27 43.72 -5.10
CA LEU A 768 -5.46 44.45 -5.53
C LEU A 768 -6.57 43.49 -5.89
N THR A 769 -6.34 42.21 -5.66
CA THR A 769 -7.36 41.22 -5.95
C THR A 769 -8.46 41.33 -4.93
N HIS A 770 -8.08 41.52 -3.67
CA HIS A 770 -9.03 41.59 -2.60
C HIS A 770 -9.99 42.78 -2.64
N ILE A 771 -9.89 43.65 -3.65
CA ILE A 771 -10.81 44.76 -3.71
C ILE A 771 -11.79 44.70 -4.88
N ILE A 772 -11.58 43.77 -5.81
CA ILE A 772 -12.51 43.66 -6.93
C ILE A 772 -13.78 43.03 -6.37
N PRO A 773 -14.91 43.25 -7.03
CA PRO A 773 -16.20 42.73 -6.60
C PRO A 773 -16.44 41.22 -6.71
N ILE A 774 -16.02 40.44 -5.72
CA ILE A 774 -16.25 39.00 -5.81
C ILE A 774 -16.48 38.24 -4.50
N THR A 775 -17.62 37.54 -4.40
CA THR A 775 -17.92 36.78 -3.19
C THR A 775 -17.79 35.31 -3.53
N ASP A 776 -17.58 34.53 -2.49
CA ASP A 776 -17.42 33.10 -2.60
C ASP A 776 -18.78 32.40 -2.53
N CYS A 777 -19.86 33.17 -2.44
CA CYS A 777 -21.22 32.62 -2.38
C CYS A 777 -22.33 33.66 -2.53
N PHE A 778 -23.47 33.23 -3.06
CA PHE A 778 -24.63 34.12 -3.21
C PHE A 778 -25.86 33.37 -2.69
N TYR A 779 -26.90 34.09 -2.27
CA TYR A 779 -28.11 33.44 -1.72
C TYR A 779 -29.34 33.52 -2.63
N ILE A 780 -30.20 32.52 -2.55
CA ILE A 780 -31.42 32.48 -3.34
C ILE A 780 -32.51 32.65 -2.32
N VAL A 781 -33.46 33.54 -2.57
CA VAL A 781 -34.51 33.72 -1.61
C VAL A 781 -35.81 34.23 -2.20
N LYS A 782 -36.91 33.79 -1.59
CA LYS A 782 -38.25 34.15 -2.01
C LYS A 782 -38.48 35.62 -2.26
N ASN A 783 -38.11 36.43 -1.29
CA ASN A 783 -38.27 37.87 -1.43
C ASN A 783 -37.40 38.55 -0.40
N SER A 784 -36.94 39.75 -0.73
CA SER A 784 -36.07 40.50 0.15
C SER A 784 -35.91 41.95 -0.24
N GLY A 785 -35.32 42.68 0.70
CA GLY A 785 -35.05 44.09 0.56
C GLY A 785 -34.71 44.66 1.93
N PHE A 786 -34.37 45.94 1.95
CA PHE A 786 -34.04 46.59 3.19
C PHE A 786 -34.39 48.05 3.18
N VAL A 787 -35.34 48.43 4.01
CA VAL A 787 -35.72 49.82 4.13
C VAL A 787 -35.57 50.18 5.57
N ASP A 788 -34.88 51.28 5.84
CA ASP A 788 -34.62 51.76 7.17
C ASP A 788 -35.02 53.21 7.18
N ARG A 789 -36.32 53.46 7.05
CA ARG A 789 -36.85 54.82 7.00
C ARG A 789 -36.66 55.56 8.31
N GLY A 790 -36.51 56.88 8.20
CA GLY A 790 -36.33 57.70 9.37
C GLY A 790 -34.92 57.66 9.93
N SER A 791 -34.10 56.74 9.44
CA SER A 791 -32.75 56.68 9.93
C SER A 791 -32.00 57.95 9.53
N THR A 792 -30.90 58.22 10.23
CA THR A 792 -30.08 59.40 9.95
C THR A 792 -28.75 58.92 9.40
N GLY A 793 -28.62 57.60 9.36
CA GLY A 793 -27.43 56.94 8.85
C GLY A 793 -27.29 57.24 7.38
N PRO A 794 -26.24 56.73 6.74
CA PRO A 794 -26.08 57.02 5.31
C PRO A 794 -26.83 56.04 4.44
N VAL A 795 -27.09 54.85 4.97
CA VAL A 795 -27.80 53.82 4.23
C VAL A 795 -29.23 53.77 4.72
N ILE A 796 -30.17 53.94 3.80
CA ILE A 796 -31.57 53.91 4.17
C ILE A 796 -32.40 52.96 3.34
N ALA A 797 -31.79 52.32 2.36
CA ALA A 797 -32.52 51.38 1.53
C ALA A 797 -31.53 50.53 0.77
N SER A 798 -31.96 49.35 0.32
CA SER A 798 -31.07 48.50 -0.43
C SER A 798 -31.83 47.39 -1.08
N SER A 799 -31.32 46.92 -2.21
CA SER A 799 -31.95 45.83 -2.94
C SER A 799 -31.76 44.53 -2.19
N SER A 800 -30.73 44.50 -1.34
CA SER A 800 -30.37 43.33 -0.56
C SER A 800 -30.62 43.52 0.93
N VAL A 801 -30.14 42.57 1.74
CA VAL A 801 -30.29 42.62 3.19
C VAL A 801 -28.94 42.39 3.86
N TYR A 802 -28.95 42.27 5.19
CA TYR A 802 -27.70 42.01 5.89
C TYR A 802 -27.63 40.54 6.24
N GLU A 803 -26.43 39.99 6.23
CA GLU A 803 -26.19 38.57 6.50
C GLU A 803 -26.92 37.92 7.65
N ASN A 804 -26.96 38.56 8.79
CA ASN A 804 -27.61 37.99 9.98
C ASN A 804 -29.13 37.82 9.88
N VAL A 805 -29.72 38.33 8.82
CA VAL A 805 -31.16 38.23 8.63
C VAL A 805 -31.52 37.01 7.81
N LEU A 806 -30.51 36.31 7.32
CA LEU A 806 -30.75 35.13 6.51
C LEU A 806 -30.72 33.85 7.33
N LYS A 807 -31.66 32.93 7.04
CA LYS A 807 -31.72 31.62 7.71
C LYS A 807 -31.46 30.63 6.59
N VAL A 808 -30.32 29.96 6.65
CA VAL A 808 -29.98 29.02 5.60
C VAL A 808 -30.61 27.67 5.84
N VAL A 809 -31.52 27.27 4.96
CA VAL A 809 -32.19 25.98 5.13
C VAL A 809 -31.79 24.92 4.11
N HIS A 810 -31.05 25.34 3.09
CA HIS A 810 -30.54 24.44 2.04
C HIS A 810 -29.22 25.04 1.59
N THR A 811 -28.24 24.18 1.28
CA THR A 811 -26.94 24.66 0.82
C THR A 811 -26.52 23.90 -0.42
N ILE A 812 -26.37 24.62 -1.52
CA ILE A 812 -25.95 24.01 -2.77
C ILE A 812 -24.45 24.18 -2.84
N ALA A 813 -23.75 23.05 -2.73
CA ALA A 813 -22.29 23.02 -2.69
C ALA A 813 -21.47 23.68 -3.78
N ASP A 814 -21.76 23.40 -5.04
CA ASP A 814 -21.00 23.98 -6.14
C ASP A 814 -21.82 24.05 -7.41
N PHE A 815 -21.30 24.74 -8.42
CA PHE A 815 -22.02 24.87 -9.69
C PHE A 815 -22.58 23.55 -10.17
N ASP A 816 -21.74 22.52 -10.17
CA ASP A 816 -22.16 21.20 -10.61
C ASP A 816 -23.48 20.80 -9.98
N ALA A 817 -23.48 20.72 -8.65
CA ALA A 817 -24.64 20.32 -7.88
C ALA A 817 -25.88 21.15 -8.16
N ALA A 818 -25.70 22.46 -8.32
CA ALA A 818 -26.82 23.34 -8.59
C ALA A 818 -27.38 22.96 -9.93
N ASN A 819 -26.49 22.70 -10.87
CA ASN A 819 -26.86 22.31 -12.22
C ASN A 819 -27.56 20.95 -12.22
N ALA A 820 -27.06 20.04 -11.39
CA ALA A 820 -27.62 18.70 -11.30
C ALA A 820 -29.06 18.71 -10.83
N LEU A 821 -29.34 19.54 -9.83
CA LEU A 821 -30.67 19.66 -9.27
C LEU A 821 -31.62 20.23 -10.31
N ARG A 822 -31.14 21.19 -11.08
CA ARG A 822 -31.95 21.81 -12.11
C ARG A 822 -32.43 20.79 -13.11
N LEU A 823 -31.67 19.70 -13.26
CA LEU A 823 -32.00 18.68 -14.25
C LEU A 823 -32.77 17.45 -13.78
N GLN A 824 -33.09 17.37 -12.48
CA GLN A 824 -33.85 16.22 -11.99
C GLN A 824 -35.35 16.53 -12.04
N ARG A 825 -35.96 16.34 -13.21
CA ARG A 825 -37.38 16.63 -13.38
C ARG A 825 -38.27 15.48 -12.95
N ARG A 826 -39.40 15.78 -12.33
CA ARG A 826 -40.32 14.74 -11.93
C ARG A 826 -41.77 15.16 -12.17
N ARG A 827 -42.65 14.18 -12.33
CA ARG A 827 -44.06 14.44 -12.55
C ARG A 827 -44.76 14.76 -11.26
N VAL A 828 -45.42 15.91 -11.22
CA VAL A 828 -46.12 16.34 -10.02
C VAL A 828 -47.54 15.83 -10.02
N ASP A 829 -48.31 16.27 -11.01
CA ASP A 829 -49.67 15.81 -11.11
C ASP A 829 -50.04 15.41 -12.54
N ASN A 830 -51.29 15.58 -12.91
CA ASN A 830 -51.77 15.22 -14.25
C ASN A 830 -51.08 15.98 -15.37
N THR A 831 -50.90 17.29 -15.23
CA THR A 831 -50.30 18.04 -16.32
C THR A 831 -49.07 18.87 -16.01
N SER A 832 -48.50 18.67 -14.83
CA SER A 832 -47.35 19.47 -14.44
C SER A 832 -46.15 18.74 -13.88
N TYR A 833 -44.97 19.33 -14.09
CA TYR A 833 -43.72 18.78 -13.60
C TYR A 833 -42.94 19.86 -12.88
N THR A 834 -41.95 19.47 -12.08
CA THR A 834 -41.13 20.44 -11.36
C THR A 834 -39.72 19.90 -11.41
N ASP A 835 -38.77 20.56 -10.75
CA ASP A 835 -37.39 20.08 -10.77
C ASP A 835 -36.71 20.31 -9.44
N SER A 836 -36.03 19.30 -8.94
CA SER A 836 -35.35 19.38 -7.65
C SER A 836 -34.83 20.75 -7.19
N LEU A 837 -34.34 21.59 -8.10
CA LEU A 837 -33.87 22.91 -7.68
C LEU A 837 -35.07 23.77 -7.39
N SER A 838 -35.97 23.90 -8.38
CA SER A 838 -37.19 24.69 -8.20
C SER A 838 -37.93 24.17 -6.95
N ASP A 839 -38.12 22.85 -6.90
CA ASP A 839 -38.82 22.15 -5.81
C ASP A 839 -38.28 22.62 -4.44
N MET A 840 -36.97 22.88 -4.38
CA MET A 840 -36.30 23.32 -3.16
C MET A 840 -36.56 24.79 -2.85
N PHE A 841 -36.68 25.58 -3.91
CA PHE A 841 -36.93 27.01 -3.83
C PHE A 841 -38.31 27.26 -3.25
N ASN A 842 -39.26 26.38 -3.58
CA ASN A 842 -40.62 26.54 -3.08
C ASN A 842 -40.66 26.30 -1.59
N GLY A 843 -39.76 25.46 -1.10
CA GLY A 843 -39.73 25.14 0.32
C GLY A 843 -39.43 26.33 1.22
N LEU A 844 -39.17 27.47 0.60
CA LEU A 844 -38.83 28.68 1.33
C LEU A 844 -40.05 29.52 1.66
N ARG A 845 -40.03 30.12 2.84
CA ARG A 845 -41.15 30.97 3.27
C ARG A 845 -41.03 32.32 2.56
N SER A 846 -42.16 32.80 2.05
CA SER A 846 -42.22 34.06 1.33
C SER A 846 -42.72 35.16 2.27
N ILE A 847 -41.95 36.22 2.38
CA ILE A 847 -42.32 37.31 3.25
C ILE A 847 -42.82 38.45 2.44
N SER A 848 -44.12 38.72 2.60
CA SER A 848 -44.80 39.79 1.90
C SER A 848 -43.99 41.06 1.67
N SER A 849 -43.99 41.55 0.42
CA SER A 849 -43.29 42.77 0.05
C SER A 849 -43.56 43.79 1.13
N SER A 850 -44.84 43.98 1.43
CA SER A 850 -45.26 44.93 2.44
C SER A 850 -44.47 44.82 3.74
N GLU A 851 -44.42 43.63 4.32
CA GLU A 851 -43.71 43.44 5.58
C GLU A 851 -42.30 43.99 5.61
N PHE A 852 -41.69 44.21 4.45
CA PHE A 852 -40.32 44.74 4.41
C PHE A 852 -40.27 46.23 4.65
N VAL A 853 -41.25 46.94 4.11
CA VAL A 853 -41.32 48.38 4.24
C VAL A 853 -42.12 48.80 5.47
N ARG A 854 -42.50 47.83 6.28
CA ARG A 854 -43.27 48.10 7.49
C ARG A 854 -42.67 49.25 8.26
N SER A 855 -43.52 50.06 8.88
CA SER A 855 -43.07 51.21 9.66
C SER A 855 -44.01 51.48 10.85
N VAL A 856 -43.46 52.07 11.90
CA VAL A 856 -44.24 52.40 13.09
C VAL A 856 -43.93 53.81 13.55
N ASN A 857 -44.87 54.72 13.32
CA ASN A 857 -44.67 56.10 13.69
C ASN A 857 -43.47 56.72 13.00
N GLY A 858 -43.21 56.30 11.76
CA GLY A 858 -42.10 56.90 11.00
C GLY A 858 -40.80 56.11 10.92
N ARG A 859 -40.58 55.23 11.89
CA ARG A 859 -39.38 54.40 11.90
C ARG A 859 -39.67 53.06 11.27
N SER A 860 -38.81 52.60 10.37
CA SER A 860 -39.02 51.30 9.76
C SER A 860 -38.77 50.25 10.83
N VAL A 861 -39.59 49.20 10.83
CA VAL A 861 -39.41 48.12 11.78
C VAL A 861 -39.58 46.82 11.04
N PHE A 862 -38.99 45.75 11.55
CA PHE A 862 -39.12 44.47 10.88
C PHE A 862 -39.60 43.44 11.87
N THR A 863 -40.92 43.34 12.01
CA THR A 863 -41.51 42.39 12.91
C THR A 863 -41.30 40.96 12.44
N GLU A 864 -41.23 40.76 11.13
CA GLU A 864 -41.05 39.40 10.60
C GLU A 864 -39.78 38.77 11.09
N GLY A 865 -39.69 37.45 10.93
CA GLY A 865 -38.52 36.75 11.42
C GLY A 865 -37.26 37.01 10.62
N ARG A 866 -36.75 35.95 10.04
CA ARG A 866 -35.56 36.04 9.22
C ARG A 866 -35.97 35.42 7.89
N ILE A 867 -35.26 35.78 6.84
CA ILE A 867 -35.61 35.28 5.53
C ILE A 867 -35.08 33.90 5.20
N ASP A 868 -35.98 32.97 4.95
CA ASP A 868 -35.62 31.60 4.61
C ASP A 868 -34.85 31.70 3.31
N ALA A 869 -33.67 31.09 3.23
CA ALA A 869 -32.91 31.17 1.98
C ALA A 869 -32.02 29.97 1.66
N ILE A 870 -31.64 29.88 0.38
CA ILE A 870 -30.77 28.82 -0.11
C ILE A 870 -29.39 29.42 -0.31
N LYS A 871 -28.38 28.79 0.26
CA LYS A 871 -27.01 29.27 0.13
C LYS A 871 -26.28 28.53 -0.99
N VAL A 872 -25.90 29.27 -2.02
CA VAL A 872 -25.22 28.68 -3.16
C VAL A 872 -23.76 29.08 -3.13
N ASN A 873 -22.88 28.11 -2.88
CA ASN A 873 -21.46 28.39 -2.84
C ASN A 873 -20.79 28.41 -4.19
N MET A 874 -21.12 29.43 -4.99
CA MET A 874 -20.54 29.60 -6.31
C MET A 874 -19.77 30.93 -6.32
N ARG A 875 -18.76 31.06 -7.17
CA ARG A 875 -18.02 32.30 -7.25
C ARG A 875 -18.93 33.23 -7.99
N ALA A 876 -19.00 34.49 -7.56
CA ALA A 876 -19.87 35.45 -8.23
C ALA A 876 -19.39 36.87 -8.08
N LYS A 877 -19.71 37.68 -9.07
CA LYS A 877 -19.34 39.08 -9.11
C LYS A 877 -20.54 39.92 -8.76
N PHE A 878 -20.38 40.93 -7.92
CA PHE A 878 -21.52 41.75 -7.59
C PHE A 878 -21.34 43.17 -8.17
N ASP A 879 -22.34 43.58 -8.93
CA ASP A 879 -22.34 44.88 -9.59
C ASP A 879 -22.95 45.91 -8.62
N LEU A 880 -22.10 46.73 -8.02
CA LEU A 880 -22.60 47.72 -7.06
C LEU A 880 -23.19 48.97 -7.70
N GLN A 881 -24.24 49.50 -7.10
CA GLN A 881 -24.85 50.71 -7.61
C GLN A 881 -25.39 51.59 -6.51
N PHE A 882 -25.11 52.88 -6.60
CA PHE A 882 -25.57 53.79 -5.58
C PHE A 882 -26.71 54.64 -6.10
N ILE A 883 -27.65 54.91 -5.21
CA ILE A 883 -28.79 55.77 -5.53
C ILE A 883 -28.96 56.75 -4.39
N THR A 884 -29.18 58.01 -4.75
CA THR A 884 -29.36 59.03 -3.75
C THR A 884 -30.82 59.36 -3.54
N GLU A 885 -31.28 59.25 -2.30
CA GLU A 885 -32.66 59.56 -1.98
C GLU A 885 -32.74 61.01 -1.54
N GLU A 886 -33.27 61.84 -2.44
CA GLU A 886 -33.40 63.28 -2.21
C GLU A 886 -34.41 63.60 -1.13
N GLY A 887 -35.48 62.82 -1.06
CA GLY A 887 -36.49 63.07 -0.05
C GLY A 887 -37.84 63.36 -0.67
N GLY A 888 -37.81 63.66 -1.96
CA GLY A 888 -39.03 63.93 -2.70
C GLY A 888 -39.51 62.59 -3.20
N TYR A 889 -40.59 62.10 -2.62
CA TYR A 889 -41.09 60.79 -2.99
C TYR A 889 -42.04 60.78 -4.20
N SER A 890 -41.66 61.48 -5.27
CA SER A 890 -42.50 61.53 -6.45
C SER A 890 -42.27 60.39 -7.43
N LYS A 891 -41.10 60.35 -8.07
CA LYS A 891 -40.81 59.28 -9.04
C LYS A 891 -39.97 58.17 -8.39
N PRO A 892 -40.55 56.98 -8.21
CA PRO A 892 -39.88 55.83 -7.62
C PRO A 892 -38.64 55.47 -8.42
N PRO A 893 -37.55 55.11 -7.74
CA PRO A 893 -36.33 54.75 -8.45
C PRO A 893 -36.49 53.41 -9.13
N ASN A 894 -35.70 53.18 -10.17
CA ASN A 894 -35.78 51.91 -10.85
C ASN A 894 -34.61 51.05 -10.38
N VAL A 895 -34.88 50.18 -9.42
CA VAL A 895 -33.83 49.33 -8.87
C VAL A 895 -33.72 48.01 -9.61
N LYS A 896 -32.49 47.65 -9.99
CA LYS A 896 -32.29 46.38 -10.70
C LYS A 896 -32.36 45.19 -9.75
N LYS A 897 -33.35 44.33 -9.98
CA LYS A 897 -33.54 43.14 -9.14
C LYS A 897 -33.38 41.85 -9.96
N LEU A 898 -32.74 40.85 -9.37
CA LEU A 898 -32.50 39.58 -10.06
C LEU A 898 -33.38 38.45 -9.52
N MET A 899 -34.24 37.91 -10.37
CA MET A 899 -35.17 36.84 -9.97
C MET A 899 -34.69 35.40 -10.11
N PHE A 900 -35.33 34.50 -9.37
CA PHE A 900 -34.99 33.08 -9.39
C PHE A 900 -35.07 32.60 -10.80
N SER A 901 -36.08 33.09 -11.50
CA SER A 901 -36.28 32.71 -12.88
C SER A 901 -35.00 33.01 -13.65
N ASP A 902 -34.40 34.17 -13.40
CA ASP A 902 -33.18 34.52 -14.12
C ASP A 902 -32.04 33.56 -13.84
N PHE A 903 -31.96 33.06 -12.60
CA PHE A 903 -30.89 32.13 -12.23
C PHE A 903 -31.03 30.83 -12.95
N LEU A 904 -32.26 30.40 -13.18
CA LEU A 904 -32.50 29.15 -13.89
C LEU A 904 -32.09 29.36 -15.34
N SER A 905 -32.52 30.50 -15.89
CA SER A 905 -32.22 30.84 -17.26
C SER A 905 -30.70 30.82 -17.46
N PHE A 906 -29.98 31.08 -16.38
CA PHE A 906 -28.52 31.09 -16.37
C PHE A 906 -28.02 29.65 -16.45
N LEU A 907 -28.44 28.86 -15.47
CA LEU A 907 -28.05 27.46 -15.41
C LEU A 907 -28.37 26.70 -16.68
N ASP A 908 -29.32 27.16 -17.47
CA ASP A 908 -29.64 26.43 -18.68
C ASP A 908 -28.81 26.85 -19.87
N SER A 909 -28.23 28.04 -19.79
CA SER A 909 -27.41 28.52 -20.88
C SER A 909 -26.00 28.03 -20.68
N HIS A 910 -25.76 27.41 -19.54
CA HIS A 910 -24.43 26.91 -19.22
C HIS A 910 -24.39 25.44 -18.82
N LYS A 911 -25.53 24.76 -18.89
CA LYS A 911 -25.61 23.35 -18.50
C LYS A 911 -24.42 22.50 -18.91
N SER A 912 -23.88 22.74 -20.10
CA SER A 912 -22.75 21.94 -20.57
C SER A 912 -21.34 22.45 -20.28
N ASP A 913 -21.19 23.72 -19.91
CA ASP A 913 -19.86 24.30 -19.60
C ASP A 913 -18.96 23.30 -18.87
N TYR A 914 -17.66 23.34 -19.15
CA TYR A 914 -16.77 22.40 -18.48
C TYR A 914 -15.98 23.01 -17.35
N ARG A 915 -16.39 24.21 -16.96
CA ARG A 915 -15.79 24.97 -15.87
C ARG A 915 -16.82 26.04 -15.52
N PRO A 916 -17.17 26.15 -14.23
CA PRO A 916 -18.15 27.08 -13.69
C PRO A 916 -18.13 28.44 -14.31
N PRO A 917 -19.32 28.98 -14.65
CA PRO A 917 -19.51 30.30 -15.25
C PRO A 917 -19.66 31.33 -14.10
N LEU A 918 -19.55 32.62 -14.42
CA LEU A 918 -19.66 33.67 -13.40
C LEU A 918 -20.98 34.41 -13.43
N LEU A 919 -21.67 34.40 -12.28
CA LEU A 919 -22.95 35.06 -12.16
C LEU A 919 -22.76 36.48 -11.70
N THR A 920 -23.26 37.43 -12.47
CA THR A 920 -23.11 38.81 -12.07
C THR A 920 -24.37 39.19 -11.28
N VAL A 921 -24.25 39.31 -9.96
CA VAL A 921 -25.39 39.64 -9.13
C VAL A 921 -25.43 41.15 -8.83
N PRO A 922 -26.53 41.84 -9.16
CA PRO A 922 -26.67 43.29 -8.93
C PRO A 922 -27.08 43.54 -7.49
N ILE A 923 -26.68 44.69 -6.96
CA ILE A 923 -27.00 45.07 -5.59
C ILE A 923 -26.99 46.58 -5.51
N THR A 924 -28.14 47.16 -5.22
CA THR A 924 -28.28 48.59 -5.13
C THR A 924 -28.32 49.06 -3.67
N ILE A 925 -27.70 50.20 -3.39
CA ILE A 925 -27.68 50.78 -2.04
C ILE A 925 -28.25 52.21 -2.10
N GLY A 926 -29.24 52.50 -1.25
CA GLY A 926 -29.84 53.83 -1.23
C GLY A 926 -29.18 54.73 -0.21
N LEU A 927 -28.54 55.79 -0.71
CA LEU A 927 -27.86 56.72 0.15
C LEU A 927 -28.78 57.82 0.64
N ASN A 928 -28.73 58.05 1.94
CA ASN A 928 -29.52 59.06 2.62
C ASN A 928 -29.07 60.47 2.25
N ASN A 929 -29.84 61.17 1.43
CA ASN A 929 -29.47 62.52 1.07
C ASN A 929 -30.66 63.46 1.32
N LEU A 930 -31.30 63.30 2.47
CA LEU A 930 -32.43 64.16 2.84
C LEU A 930 -31.73 65.30 3.54
N GLY A 931 -31.59 66.41 2.85
CA GLY A 931 -30.92 67.55 3.46
C GLY A 931 -31.36 68.69 2.59
N GLU A 932 -31.60 68.30 1.33
CA GLU A 932 -32.04 69.15 0.23
C GLU A 932 -33.58 69.27 0.29
N THR A 933 -34.17 68.50 1.20
CA THR A 933 -35.62 68.49 1.43
C THR A 933 -35.82 69.01 2.87
N ASN A 934 -36.42 70.19 3.03
CA ASN A 934 -36.68 70.76 4.36
C ASN A 934 -37.87 71.74 4.48
N SER A 935 -38.93 71.21 5.11
CA SER A 935 -40.21 71.89 5.39
C SER A 935 -40.96 71.00 6.40
N ASN A 936 -41.92 71.56 7.13
CA ASN A 936 -42.68 70.77 8.11
C ASN A 936 -44.13 70.54 7.71
N THR A 937 -44.46 70.94 6.48
CA THR A 937 -45.81 70.83 5.96
C THR A 937 -46.26 69.42 5.57
N LEU A 938 -47.48 69.06 5.98
CA LEU A 938 -48.05 67.76 5.68
C LEU A 938 -48.43 67.66 4.21
N ARG A 939 -47.67 66.87 3.45
CA ARG A 939 -47.94 66.71 2.02
C ARG A 939 -48.63 65.41 1.65
N MET A 940 -48.16 64.29 2.18
CA MET A 940 -48.76 63.00 1.85
C MET A 940 -48.93 62.07 3.03
N ARG A 941 -49.49 60.90 2.76
CA ARG A 941 -49.76 59.90 3.78
C ARG A 941 -48.55 58.99 4.01
N SER A 942 -48.31 58.62 5.26
CA SER A 942 -47.18 57.76 5.58
C SER A 942 -47.16 56.53 4.67
N GLU A 943 -48.32 55.90 4.51
CA GLU A 943 -48.43 54.71 3.68
C GLU A 943 -47.80 54.91 2.30
N ALA A 944 -47.85 56.14 1.82
CA ALA A 944 -47.31 56.42 0.50
C ALA A 944 -45.82 56.32 0.49
N ILE A 945 -45.19 56.79 1.56
CA ILE A 945 -43.75 56.74 1.65
C ILE A 945 -43.28 55.31 1.64
N ASP A 946 -43.89 54.49 2.47
CA ASP A 946 -43.48 53.10 2.50
C ASP A 946 -43.64 52.52 1.12
N GLU A 947 -44.80 52.71 0.52
CA GLU A 947 -45.04 52.18 -0.80
C GLU A 947 -43.91 52.61 -1.74
N TYR A 948 -43.42 53.83 -1.55
CA TYR A 948 -42.34 54.32 -2.39
C TYR A 948 -41.17 53.37 -2.22
N PHE A 949 -40.64 53.30 -1.01
CA PHE A 949 -39.52 52.43 -0.73
C PHE A 949 -39.66 50.99 -1.12
N SER A 950 -40.88 50.51 -1.34
CA SER A 950 -41.03 49.12 -1.72
C SER A 950 -40.27 48.85 -3.03
N SER A 951 -39.95 49.91 -3.76
CA SER A 951 -39.24 49.75 -5.02
C SER A 951 -37.94 49.00 -4.83
N TYR A 952 -37.43 49.01 -3.61
CA TYR A 952 -36.20 48.32 -3.33
C TYR A 952 -36.39 46.82 -3.10
N VAL A 953 -37.59 46.41 -2.69
CA VAL A 953 -37.80 44.99 -2.45
C VAL A 953 -38.28 44.21 -3.65
N GLY A 954 -38.00 42.91 -3.62
CA GLY A 954 -38.42 42.03 -4.69
C GLY A 954 -37.35 41.04 -5.11
N ALA A 955 -36.09 41.41 -4.89
CA ALA A 955 -34.95 40.58 -5.26
C ALA A 955 -35.02 39.13 -4.78
N GLN A 956 -34.67 38.20 -5.66
CA GLN A 956 -34.68 36.76 -5.32
C GLN A 956 -33.28 36.12 -5.25
N ILE A 957 -32.32 36.73 -5.95
CA ILE A 957 -30.92 36.27 -5.95
C ILE A 957 -30.14 37.46 -5.44
N LEU A 958 -29.34 37.27 -4.39
CA LEU A 958 -28.58 38.40 -3.83
C LEU A 958 -27.27 38.07 -3.15
N VAL A 959 -26.59 39.14 -2.76
CA VAL A 959 -25.35 39.07 -2.00
C VAL A 959 -25.60 40.07 -0.89
N PRO A 960 -25.21 39.74 0.33
CA PRO A 960 -25.34 40.51 1.57
C PRO A 960 -24.73 41.88 1.45
N ILE A 961 -25.27 42.84 2.19
CA ILE A 961 -24.76 44.19 2.13
C ILE A 961 -23.36 44.24 2.73
N ASN A 962 -23.05 43.23 3.54
CA ASN A 962 -21.75 43.16 4.19
C ASN A 962 -20.65 43.07 3.15
N VAL A 963 -20.99 42.51 1.99
CA VAL A 963 -20.03 42.36 0.91
C VAL A 963 -19.45 43.69 0.45
N VAL A 964 -20.30 44.70 0.41
CA VAL A 964 -19.89 46.02 -0.02
C VAL A 964 -19.01 46.67 1.02
N ASP A 965 -17.75 46.90 0.63
CA ASP A 965 -16.75 47.51 1.51
C ASP A 965 -16.60 49.00 1.21
N THR A 966 -17.06 49.85 2.13
CA THR A 966 -16.97 51.30 1.97
C THR A 966 -16.30 51.91 3.17
N ARG A 967 -15.74 53.10 2.98
CA ARG A 967 -15.10 53.86 4.05
C ARG A 967 -16.01 55.08 4.13
N VAL A 968 -16.47 55.41 5.33
CA VAL A 968 -17.36 56.55 5.45
C VAL A 968 -16.86 57.62 6.42
N TYR A 969 -16.52 58.77 5.83
CA TYR A 969 -16.01 59.90 6.59
C TYR A 969 -17.06 60.96 6.83
N THR A 970 -17.09 61.45 8.06
CA THR A 970 -18.04 62.48 8.45
C THR A 970 -17.32 63.82 8.69
N GLU A 971 -16.02 63.77 8.97
CA GLU A 971 -15.25 65.00 9.16
C GLU A 971 -14.29 65.15 7.98
N PHE A 972 -14.50 66.19 7.17
CA PHE A 972 -13.68 66.43 5.98
C PHE A 972 -12.23 66.17 6.25
N SER A 973 -11.81 66.62 7.43
CA SER A 973 -10.44 66.45 7.85
C SER A 973 -9.91 65.07 7.48
N GLU A 974 -10.47 63.99 8.04
CA GLU A 974 -9.98 62.64 7.76
C GLU A 974 -10.13 62.22 6.32
N LEU A 975 -11.15 62.70 5.61
CA LEU A 975 -11.28 62.31 4.20
C LEU A 975 -9.99 62.72 3.52
N ARG A 976 -9.44 63.86 3.95
CA ARG A 976 -8.20 64.36 3.38
C ARG A 976 -7.04 63.49 3.81
N ASN A 977 -6.94 63.25 5.11
CA ASN A 977 -5.86 62.45 5.64
C ASN A 977 -5.77 61.08 4.98
N PHE A 978 -6.86 60.60 4.40
CA PHE A 978 -6.83 59.30 3.73
C PHE A 978 -6.19 59.56 2.40
N PHE A 979 -6.71 60.56 1.72
CA PHE A 979 -6.21 60.95 0.41
C PHE A 979 -5.02 61.90 0.40
N THR A 980 -3.86 61.43 0.83
CA THR A 980 -2.65 62.25 0.78
C THR A 980 -1.47 61.32 0.54
N GLY A 981 -0.58 61.73 -0.38
CA GLY A 981 0.58 60.92 -0.70
C GLY A 981 1.76 61.73 -1.21
N ASP A 982 2.93 61.08 -1.29
CA ASP A 982 4.14 61.76 -1.75
C ASP A 982 4.60 61.43 -3.14
N VAL A 983 5.24 62.41 -3.74
CA VAL A 983 5.82 62.29 -5.05
C VAL A 983 6.96 63.26 -4.95
N VAL A 984 8.18 62.77 -5.07
CA VAL A 984 9.34 63.64 -5.02
C VAL A 984 9.70 63.79 -6.48
N ILE A 985 9.90 65.03 -6.93
CA ILE A 985 10.21 65.28 -8.32
C ILE A 985 11.29 66.30 -8.59
N ARG A 986 12.25 65.94 -9.43
CA ARG A 986 13.33 66.84 -9.78
C ARG A 986 12.73 68.08 -10.45
N ASP A 987 13.21 69.25 -10.08
CA ASP A 987 12.68 70.49 -10.63
C ASP A 987 12.92 70.61 -12.11
N ASP A 988 14.12 70.25 -12.55
CA ASP A 988 14.41 70.30 -13.97
C ASP A 988 14.57 68.88 -14.43
N PRO A 989 13.96 68.54 -15.57
CA PRO A 989 14.01 67.20 -16.15
C PRO A 989 15.43 66.78 -16.50
N PHE A 990 15.74 65.51 -16.29
CA PHE A 990 17.06 65.03 -16.62
C PHE A 990 17.23 65.20 -18.11
N ASP A 991 18.46 65.50 -18.53
CA ASP A 991 18.76 65.67 -19.94
C ASP A 991 19.36 64.33 -20.34
N VAL A 992 18.60 63.55 -21.08
CA VAL A 992 19.05 62.24 -21.48
C VAL A 992 19.66 62.19 -22.86
N TRP A 993 20.95 61.89 -22.90
CA TRP A 993 21.68 61.81 -24.15
C TRP A 993 21.50 60.46 -24.81
N ASP A 994 20.94 60.46 -26.02
CA ASP A 994 20.74 59.20 -26.68
C ASP A 994 21.79 58.83 -27.71
N GLY A 995 21.86 59.61 -28.79
CA GLY A 995 22.81 59.32 -29.85
C GLY A 995 24.29 59.60 -29.64
N VAL A 996 24.80 59.27 -28.46
CA VAL A 996 26.23 59.49 -28.18
C VAL A 996 26.99 58.42 -28.91
N LYS A 997 28.03 58.80 -29.65
CA LYS A 997 28.80 57.80 -30.38
C LYS A 997 30.20 57.71 -29.81
N ALA A 998 30.44 56.69 -28.99
CA ALA A 998 31.74 56.49 -28.39
C ALA A 998 32.39 55.21 -28.89
N THR A 999 33.30 55.36 -29.84
CA THR A 999 33.97 54.20 -30.39
C THR A 999 35.45 54.32 -30.29
N TYR A 1000 36.10 53.18 -30.14
CA TYR A 1000 37.54 53.13 -30.05
C TYR A 1000 38.17 53.49 -31.38
N ILE A 1001 39.35 54.10 -31.30
CA ILE A 1001 40.11 54.46 -32.47
C ILE A 1001 41.51 54.01 -32.19
N PRO A 1002 42.16 53.40 -33.20
CA PRO A 1002 43.52 52.93 -32.98
C PRO A 1002 44.50 54.08 -33.16
N ILE A 1003 45.60 54.09 -32.42
CA ILE A 1003 46.57 55.15 -32.62
C ILE A 1003 47.44 54.66 -33.77
N GLY A 1004 48.32 55.52 -34.28
CA GLY A 1004 49.14 55.14 -35.41
C GLY A 1004 49.96 53.87 -35.30
N VAL A 1005 51.05 53.83 -36.06
CA VAL A 1005 51.94 52.69 -36.01
C VAL A 1005 52.62 52.89 -34.69
N HIS A 1006 53.12 51.82 -34.09
CA HIS A 1006 53.75 51.97 -32.80
C HIS A 1006 54.54 50.74 -32.42
N GLY A 1007 55.41 50.90 -31.43
CA GLY A 1007 56.20 49.76 -30.99
C GLY A 1007 55.31 48.82 -30.24
N VAL A 1008 55.22 47.59 -30.71
CA VAL A 1008 54.38 46.63 -30.04
C VAL A 1008 55.20 45.68 -29.24
N ARG A 1009 54.86 45.48 -27.98
CA ARG A 1009 55.60 44.53 -27.18
C ARG A 1009 54.70 43.32 -27.01
N LEU A 1010 55.24 42.15 -27.32
CA LEU A 1010 54.47 40.93 -27.18
C LEU A 1010 54.75 40.45 -25.77
N ASP A 1011 53.75 40.50 -24.90
CA ASP A 1011 53.97 40.05 -23.53
C ASP A 1011 54.55 38.63 -23.58
N PRO A 1012 55.60 38.36 -22.78
CA PRO A 1012 56.22 37.04 -22.76
C PRO A 1012 55.37 36.01 -22.00
N ASN A 1013 55.50 34.74 -22.39
CA ASN A 1013 54.74 33.67 -21.74
C ASN A 1013 55.28 33.36 -20.35
N GLY A 1014 54.38 32.91 -19.47
CA GLY A 1014 54.80 32.58 -18.11
C GLY A 1014 55.90 31.52 -18.11
N ASP A 1015 57.10 31.94 -17.75
CA ASP A 1015 58.27 31.05 -17.73
C ASP A 1015 58.66 30.42 -16.37
N GLN A 1016 59.86 29.83 -16.32
CA GLN A 1016 60.38 29.17 -15.12
C GLN A 1016 61.89 29.41 -14.92
N MET B 1 31.30 45.48 -26.83
CA MET B 1 31.70 46.56 -25.89
C MET B 1 31.26 46.38 -24.42
N ASP B 2 30.22 45.58 -24.25
CA ASP B 2 29.68 45.22 -22.93
C ASP B 2 28.75 43.99 -23.14
N SER B 3 28.43 43.26 -22.09
CA SER B 3 27.61 42.06 -22.23
C SER B 3 26.38 42.14 -23.13
N THR B 4 26.09 43.33 -23.65
CA THR B 4 24.93 43.50 -24.50
C THR B 4 25.20 43.22 -25.97
N GLY B 5 26.46 43.08 -26.33
CA GLY B 5 26.76 42.84 -27.72
C GLY B 5 27.23 44.13 -28.36
N ARG B 6 26.29 44.92 -28.85
CA ARG B 6 26.63 46.19 -29.50
C ARG B 6 27.52 47.14 -28.69
N ALA B 7 28.14 48.09 -29.36
CA ALA B 7 28.99 49.08 -28.70
C ALA B 7 28.14 50.32 -28.53
N TYR B 8 28.78 51.46 -28.23
CA TYR B 8 28.00 52.68 -28.09
C TYR B 8 27.86 53.35 -29.45
N ASP B 9 27.12 52.68 -30.35
CA ASP B 9 26.90 53.18 -31.71
C ASP B 9 25.78 54.22 -31.73
N GLY B 10 24.97 54.17 -32.78
CA GLY B 10 23.88 55.13 -32.90
C GLY B 10 22.90 55.10 -31.73
N ALA B 11 21.64 55.43 -32.01
CA ALA B 11 20.62 55.46 -30.96
C ALA B 11 19.70 54.26 -31.02
N SER B 12 19.17 53.87 -29.87
CA SER B 12 18.28 52.73 -29.86
C SER B 12 16.89 53.06 -30.38
N GLU B 13 16.56 52.46 -31.52
CA GLU B 13 15.27 52.60 -32.17
C GLU B 13 14.32 51.65 -31.43
N PHE B 14 13.45 52.20 -30.58
CA PHE B 14 12.49 51.43 -29.79
C PHE B 14 11.14 51.11 -30.52
N LYS B 15 10.89 49.80 -30.72
CA LYS B 15 9.69 49.23 -31.39
C LYS B 15 8.62 48.94 -30.35
N SER B 16 7.46 49.61 -30.47
CA SER B 16 6.38 49.45 -29.51
C SER B 16 5.50 48.25 -29.82
N VAL B 17 5.67 47.75 -31.05
CA VAL B 17 4.93 46.58 -31.53
C VAL B 17 5.14 45.38 -30.60
N LEU B 18 6.33 45.27 -29.99
CA LEU B 18 6.63 44.14 -29.13
C LEU B 18 5.84 43.98 -27.81
N VAL B 19 5.17 45.02 -27.31
CA VAL B 19 4.39 44.94 -26.06
C VAL B 19 2.89 44.89 -26.38
N THR B 20 2.44 45.85 -27.16
CA THR B 20 1.06 45.86 -27.54
C THR B 20 0.58 44.49 -28.04
N GLU B 21 1.42 43.44 -28.05
CA GLU B 21 0.87 42.17 -28.54
C GLU B 21 0.67 40.98 -27.56
N GLY B 22 -0.56 40.47 -27.49
CA GLY B 22 -0.81 39.37 -26.57
C GLY B 22 -1.39 39.89 -25.27
N THR B 23 -1.20 41.19 -25.06
CA THR B 23 -1.70 41.92 -23.89
C THR B 23 -3.22 42.07 -24.03
N SER B 24 -3.63 42.66 -25.14
CA SER B 24 -5.03 42.91 -25.46
C SER B 24 -6.06 41.87 -24.97
N HIS B 25 -6.43 40.95 -25.85
CA HIS B 25 -7.41 39.93 -25.56
C HIS B 25 -6.77 38.75 -24.82
N TYR B 26 -7.41 38.27 -23.77
CA TYR B 26 -6.90 37.11 -23.03
C TYR B 26 -7.62 35.86 -23.48
N THR B 27 -6.91 34.99 -24.18
CA THR B 27 -7.51 33.74 -24.64
C THR B 27 -6.92 32.65 -23.78
N PRO B 28 -7.76 31.93 -23.04
CA PRO B 28 -7.29 30.86 -22.17
C PRO B 28 -6.72 29.69 -22.94
N VAL B 29 -5.69 29.06 -22.37
CA VAL B 29 -5.05 27.91 -22.97
C VAL B 29 -5.39 26.68 -22.16
N GLU B 30 -5.95 25.68 -22.83
CA GLU B 30 -6.37 24.46 -22.14
C GLU B 30 -5.28 23.52 -21.66
N VAL B 31 -5.57 22.82 -20.58
CA VAL B 31 -4.64 21.88 -19.98
C VAL B 31 -4.64 20.59 -20.76
N TYR B 32 -3.66 19.72 -20.52
CA TYR B 32 -3.60 18.46 -21.26
C TYR B 32 -4.82 17.62 -21.01
N ASN B 33 -4.97 17.14 -19.79
CA ASN B 33 -6.12 16.29 -19.50
C ASN B 33 -7.42 16.92 -19.97
N ILE B 34 -7.71 18.14 -19.52
CA ILE B 34 -8.97 18.73 -19.95
C ILE B 34 -9.14 18.62 -21.45
N LEU B 35 -8.10 18.98 -22.19
CA LEU B 35 -8.19 18.92 -23.64
C LEU B 35 -8.55 17.53 -24.11
N ASP B 36 -7.75 16.59 -23.66
CA ASP B 36 -7.92 15.19 -24.01
C ASP B 36 -9.29 14.67 -23.56
N GLU B 37 -9.63 14.88 -22.30
CA GLU B 37 -10.92 14.44 -21.78
C GLU B 37 -12.03 14.89 -22.71
N LEU B 38 -12.00 16.15 -23.11
CA LEU B 38 -13.01 16.67 -24.01
C LEU B 38 -13.12 15.88 -25.30
N LYS B 39 -12.02 15.30 -25.77
CA LYS B 39 -12.05 14.52 -27.00
C LYS B 39 -12.65 13.16 -26.72
N THR B 40 -12.20 12.52 -25.65
CA THR B 40 -12.75 11.22 -25.28
C THR B 40 -14.26 11.32 -25.25
N ILE B 41 -14.76 12.49 -24.84
CA ILE B 41 -16.20 12.71 -24.77
C ILE B 41 -16.82 12.56 -26.17
N LYS B 42 -16.32 13.30 -27.15
CA LYS B 42 -16.87 13.19 -28.48
C LYS B 42 -16.85 11.75 -29.00
N ILE B 43 -15.75 11.04 -28.77
CA ILE B 43 -15.64 9.66 -29.21
C ILE B 43 -16.75 8.81 -28.61
N THR B 44 -16.74 8.69 -27.28
CA THR B 44 -17.75 7.91 -26.59
C THR B 44 -19.12 8.44 -26.89
N SER B 45 -19.29 9.74 -26.86
CA SER B 45 -20.59 10.31 -27.14
C SER B 45 -21.17 9.68 -28.39
N THR B 46 -20.36 9.64 -29.43
CA THR B 46 -20.83 9.10 -30.68
C THR B 46 -21.01 7.59 -30.66
N ILE B 47 -20.05 6.86 -30.14
CA ILE B 47 -20.21 5.42 -30.09
C ILE B 47 -21.54 5.11 -29.41
N ALA B 48 -21.85 5.84 -28.33
CA ALA B 48 -23.08 5.62 -27.59
C ALA B 48 -24.32 5.94 -28.39
N GLU B 49 -24.26 7.07 -29.08
CA GLU B 49 -25.38 7.52 -29.87
C GLU B 49 -25.74 6.59 -31.01
N GLN B 50 -24.74 6.00 -31.65
CA GLN B 50 -24.99 5.12 -32.77
C GLN B 50 -25.25 3.69 -32.37
N SER B 51 -25.00 3.36 -31.11
CA SER B 51 -25.20 1.99 -30.64
C SER B 51 -26.67 1.56 -30.63
N VAL B 52 -27.56 2.53 -30.44
CA VAL B 52 -28.99 2.30 -30.36
C VAL B 52 -29.77 2.53 -31.64
N VAL B 53 -30.64 1.57 -31.93
CA VAL B 53 -31.51 1.62 -33.10
C VAL B 53 -32.96 1.46 -32.64
N SER B 54 -33.83 2.36 -33.05
CA SER B 54 -35.24 2.25 -32.69
C SER B 54 -36.00 2.32 -34.00
N ARG B 55 -36.41 1.13 -34.44
CA ARG B 55 -37.14 0.96 -35.68
C ARG B 55 -38.31 0.02 -35.40
N THR B 56 -39.36 0.08 -36.23
CA THR B 56 -40.50 -0.80 -36.02
C THR B 56 -40.52 -1.96 -36.99
N PRO B 57 -40.41 -3.18 -36.47
CA PRO B 57 -40.40 -4.44 -37.22
C PRO B 57 -41.58 -4.63 -38.15
N ILE B 58 -42.76 -4.72 -37.55
CA ILE B 58 -43.95 -4.94 -38.31
C ILE B 58 -44.97 -3.90 -37.96
N PRO B 59 -45.05 -2.84 -38.75
CA PRO B 59 -46.06 -1.83 -38.41
C PRO B 59 -47.39 -2.52 -38.58
N LEU B 60 -48.27 -2.39 -37.59
CA LEU B 60 -49.56 -3.04 -37.69
C LEU B 60 -50.63 -2.08 -38.16
N SER B 61 -51.58 -2.59 -38.94
CA SER B 61 -52.67 -1.79 -39.48
C SER B 61 -54.02 -2.14 -38.86
N LYS B 62 -54.91 -1.15 -38.82
CA LYS B 62 -56.24 -1.33 -38.24
C LYS B 62 -57.21 -2.02 -39.21
N ILE B 63 -58.33 -2.51 -38.69
CA ILE B 63 -59.30 -3.22 -39.51
C ILE B 63 -60.61 -3.31 -38.73
N GLY B 64 -61.73 -3.35 -39.45
CA GLY B 64 -63.01 -3.43 -38.78
C GLY B 64 -63.53 -4.87 -38.65
N LEU B 65 -64.40 -5.12 -37.70
CA LEU B 65 -64.92 -6.48 -37.52
C LEU B 65 -65.43 -7.07 -38.81
N GLN B 66 -66.22 -6.32 -39.58
CA GLN B 66 -66.75 -6.83 -40.83
C GLN B 66 -65.69 -7.41 -41.75
N ASP B 67 -64.52 -6.80 -41.76
CA ASP B 67 -63.43 -7.25 -42.61
C ASP B 67 -62.75 -8.53 -42.15
N VAL B 68 -63.24 -9.18 -41.11
CA VAL B 68 -62.60 -10.41 -40.68
C VAL B 68 -62.93 -11.52 -41.65
N LYS B 69 -61.91 -12.31 -41.98
CA LYS B 69 -62.09 -13.42 -42.90
C LYS B 69 -62.91 -14.50 -42.25
N LYS B 70 -64.10 -14.71 -42.82
CA LYS B 70 -65.03 -15.70 -42.33
C LYS B 70 -64.62 -17.10 -42.77
N LEU B 71 -64.74 -18.06 -41.85
CA LEU B 71 -64.37 -19.43 -42.15
C LEU B 71 -65.58 -20.35 -42.23
N PHE B 72 -66.76 -19.84 -41.91
CA PHE B 72 -67.94 -20.68 -41.99
C PHE B 72 -69.08 -20.09 -42.80
N ASP B 73 -69.84 -20.98 -43.43
CA ASP B 73 -71.01 -20.63 -44.24
C ASP B 73 -72.22 -21.23 -43.53
N ILE B 74 -73.35 -20.53 -43.61
CA ILE B 74 -74.59 -20.95 -42.99
C ILE B 74 -75.71 -21.01 -44.03
N ASN B 75 -76.31 -22.19 -44.18
CA ASN B 75 -77.42 -22.38 -45.12
C ASN B 75 -78.63 -22.77 -44.33
N VAL B 76 -79.78 -22.36 -44.81
CA VAL B 76 -81.01 -22.66 -44.11
C VAL B 76 -81.91 -23.46 -45.03
N ILE B 77 -82.51 -24.50 -44.48
CA ILE B 77 -83.40 -25.34 -45.23
C ILE B 77 -84.57 -25.74 -44.37
N LYS B 78 -85.71 -25.97 -45.01
CA LYS B 78 -86.90 -26.39 -44.31
C LYS B 78 -87.15 -27.84 -44.74
N CYS B 79 -86.78 -28.78 -43.87
CA CYS B 79 -86.91 -30.20 -44.18
C CYS B 79 -88.30 -30.78 -44.06
N GLY B 80 -88.81 -31.27 -45.18
CA GLY B 80 -90.14 -31.86 -45.21
C GLY B 80 -90.11 -33.32 -45.61
N SER B 81 -91.11 -33.77 -46.35
CA SER B 81 -91.12 -35.15 -46.76
C SER B 81 -91.98 -35.39 -47.98
N SER B 82 -91.52 -36.31 -48.83
CA SER B 82 -92.20 -36.66 -50.06
C SER B 82 -92.84 -38.00 -49.80
N LEU B 83 -93.34 -38.16 -48.59
CA LEU B 83 -93.96 -39.41 -48.18
C LEU B 83 -95.26 -39.06 -47.49
N ARG B 84 -95.17 -38.65 -46.23
CA ARG B 84 -96.34 -38.26 -45.48
C ARG B 84 -96.46 -36.75 -45.69
N ILE B 85 -97.55 -36.15 -45.25
CA ILE B 85 -97.73 -34.71 -45.42
C ILE B 85 -97.47 -34.07 -44.06
N VAL B 86 -96.50 -33.16 -44.02
CA VAL B 86 -96.17 -32.52 -42.77
C VAL B 86 -96.25 -31.01 -42.84
N ASP B 87 -96.70 -30.41 -41.73
CA ASP B 87 -96.89 -28.96 -41.55
C ASP B 87 -95.87 -28.28 -40.62
N GLU B 88 -95.05 -29.09 -39.96
CA GLU B 88 -94.01 -28.63 -39.04
C GLU B 88 -92.66 -28.94 -39.67
N PRO B 89 -92.38 -28.35 -40.84
CA PRO B 89 -91.10 -28.63 -41.46
C PRO B 89 -89.98 -28.25 -40.50
N GLN B 90 -88.90 -29.00 -40.53
CA GLN B 90 -87.78 -28.75 -39.63
C GLN B 90 -86.87 -27.66 -40.12
N VAL B 91 -87.06 -26.44 -39.64
CA VAL B 91 -86.17 -25.38 -40.07
C VAL B 91 -84.82 -25.81 -39.55
N THR B 92 -83.91 -26.08 -40.46
CA THR B 92 -82.59 -26.55 -40.11
C THR B 92 -81.49 -25.61 -40.56
N PHE B 93 -80.41 -25.56 -39.79
CA PHE B 93 -79.28 -24.72 -40.15
C PHE B 93 -78.04 -25.56 -40.42
N ILE B 94 -77.53 -25.51 -41.64
CA ILE B 94 -76.34 -26.29 -41.97
C ILE B 94 -75.13 -25.37 -42.00
N VAL B 95 -74.17 -25.66 -41.13
CA VAL B 95 -72.95 -24.88 -41.05
C VAL B 95 -71.86 -25.69 -41.70
N SER B 96 -71.20 -25.11 -42.69
CA SER B 96 -70.13 -25.80 -43.39
C SER B 96 -68.93 -24.87 -43.48
N TYR B 97 -67.75 -25.44 -43.70
CA TYR B 97 -66.57 -24.59 -43.80
C TYR B 97 -66.75 -23.81 -45.09
N ALA B 98 -66.02 -22.70 -45.22
CA ALA B 98 -66.15 -21.87 -46.40
C ALA B 98 -65.38 -22.40 -47.59
N LYS B 99 -65.40 -21.62 -48.66
CA LYS B 99 -64.72 -21.99 -49.89
C LYS B 99 -63.28 -21.50 -49.89
N ASP B 100 -63.14 -20.19 -50.06
CA ASP B 100 -61.86 -19.53 -50.08
C ASP B 100 -61.29 -19.45 -48.66
N ILE B 101 -60.47 -20.42 -48.29
CA ILE B 101 -59.85 -20.46 -46.97
C ILE B 101 -58.35 -20.29 -47.13
N TYR B 102 -57.90 -19.03 -47.10
CA TYR B 102 -56.48 -18.70 -47.27
C TYR B 102 -55.91 -19.56 -48.39
N ASP B 103 -56.45 -19.39 -49.58
CA ASP B 103 -56.00 -20.17 -50.73
C ASP B 103 -54.54 -19.92 -51.12
N LYS B 104 -54.11 -18.67 -51.04
CA LYS B 104 -52.73 -18.36 -51.39
C LYS B 104 -51.77 -19.20 -50.53
N PHE B 105 -52.14 -19.42 -49.28
CA PHE B 105 -51.32 -20.18 -48.32
C PHE B 105 -51.45 -21.71 -48.33
N MET B 106 -52.66 -22.18 -48.59
CA MET B 106 -52.96 -23.61 -48.60
C MET B 106 -52.65 -24.34 -49.91
N CYS B 107 -53.28 -23.95 -51.01
CA CYS B 107 -53.04 -24.61 -52.29
C CYS B 107 -51.88 -24.02 -53.09
N ILE B 108 -51.20 -24.88 -53.86
CA ILE B 108 -50.11 -24.45 -54.70
C ILE B 108 -50.45 -24.88 -56.14
N GLU B 109 -49.84 -24.20 -57.11
CA GLU B 109 -50.08 -24.43 -58.54
C GLU B 109 -49.39 -25.66 -59.13
N HIS B 110 -48.05 -25.69 -59.06
CA HIS B 110 -47.24 -26.77 -59.61
C HIS B 110 -47.05 -28.08 -58.81
N ASP B 111 -46.16 -28.12 -57.82
CA ASP B 111 -45.97 -29.37 -57.09
C ASP B 111 -47.13 -29.73 -56.15
N SER B 112 -48.34 -29.45 -56.64
CA SER B 112 -49.63 -29.67 -55.99
C SER B 112 -49.82 -30.46 -54.68
N ALA B 113 -49.35 -31.71 -54.62
CA ALA B 113 -49.55 -32.51 -53.41
C ALA B 113 -48.33 -33.03 -52.71
N TYR B 114 -47.21 -32.33 -52.85
CA TYR B 114 -45.95 -32.72 -52.21
C TYR B 114 -45.74 -31.89 -50.96
N GLU B 115 -45.97 -32.52 -49.81
CA GLU B 115 -45.84 -31.81 -48.55
C GLU B 115 -44.66 -30.86 -48.50
N PRO B 116 -43.43 -31.37 -48.66
CA PRO B 116 -42.26 -30.49 -48.62
C PRO B 116 -42.46 -29.22 -49.41
N SER B 117 -42.85 -29.35 -50.67
CA SER B 117 -43.06 -28.15 -51.48
C SER B 117 -44.06 -27.18 -50.86
N LEU B 118 -45.10 -27.73 -50.22
CA LEU B 118 -46.11 -26.87 -49.59
C LEU B 118 -45.49 -26.17 -48.43
N THR B 119 -44.85 -26.93 -47.55
CA THR B 119 -44.20 -26.36 -46.39
C THR B 119 -43.34 -25.20 -46.88
N MET B 120 -42.38 -25.48 -47.74
CA MET B 120 -41.52 -24.44 -48.27
C MET B 120 -42.36 -23.24 -48.66
N HIS B 121 -43.33 -23.47 -49.52
CA HIS B 121 -44.23 -22.43 -50.01
C HIS B 121 -44.89 -21.62 -48.89
N ARG B 122 -45.55 -22.32 -47.99
CA ARG B 122 -46.23 -21.66 -46.87
C ARG B 122 -45.33 -20.73 -46.09
N VAL B 123 -44.12 -21.17 -45.78
CA VAL B 123 -43.22 -20.31 -45.06
C VAL B 123 -42.99 -19.05 -45.88
N ARG B 124 -42.67 -19.21 -47.15
CA ARG B 124 -42.43 -18.06 -48.03
C ARG B 124 -43.61 -17.09 -47.98
N VAL B 125 -44.79 -17.61 -48.28
CA VAL B 125 -45.98 -16.78 -48.29
C VAL B 125 -46.11 -15.95 -47.05
N ILE B 126 -45.95 -16.58 -45.89
CA ILE B 126 -46.06 -15.81 -44.68
C ILE B 126 -45.12 -14.62 -44.70
N TYR B 127 -43.85 -14.81 -45.02
CA TYR B 127 -42.95 -13.66 -45.04
C TYR B 127 -43.29 -12.62 -46.11
N SER B 128 -43.71 -13.07 -47.28
CA SER B 128 -44.02 -12.12 -48.35
C SER B 128 -45.23 -11.26 -47.98
N MET B 129 -46.29 -11.90 -47.49
CA MET B 129 -47.49 -11.18 -47.08
C MET B 129 -47.44 -10.98 -45.57
N LEU B 130 -46.23 -10.77 -45.08
CA LEU B 130 -45.92 -10.56 -43.68
C LEU B 130 -47.00 -9.72 -43.02
N ASN B 131 -47.31 -8.60 -43.64
CA ASN B 131 -48.33 -7.72 -43.11
C ASN B 131 -49.69 -8.39 -42.86
N ASP B 132 -50.41 -8.69 -43.93
CA ASP B 132 -51.73 -9.30 -43.82
C ASP B 132 -51.94 -10.46 -42.85
N TYR B 133 -50.93 -11.29 -42.63
CA TYR B 133 -51.11 -12.42 -41.73
C TYR B 133 -50.84 -12.18 -40.25
N CYS B 134 -49.89 -11.33 -39.91
CA CYS B 134 -49.60 -11.10 -38.51
C CYS B 134 -49.60 -9.66 -38.03
N ALA B 135 -50.42 -8.82 -38.65
CA ALA B 135 -50.46 -7.41 -38.26
C ALA B 135 -51.80 -6.74 -38.44
N LYS B 136 -52.81 -7.48 -38.89
CA LYS B 136 -54.13 -6.89 -39.06
C LYS B 136 -54.79 -7.03 -37.69
N MET B 137 -54.96 -5.90 -37.00
CA MET B 137 -55.52 -5.86 -35.67
C MET B 137 -56.95 -5.31 -35.68
N ILE B 138 -57.91 -6.05 -35.09
CA ILE B 138 -59.30 -5.61 -35.05
C ILE B 138 -59.40 -4.38 -34.19
N SER B 139 -60.11 -3.36 -34.68
CA SER B 139 -60.23 -2.12 -33.92
C SER B 139 -61.61 -1.49 -33.90
N GLU B 140 -62.62 -2.16 -34.43
CA GLU B 140 -63.93 -1.55 -34.40
C GLU B 140 -65.09 -2.51 -34.55
N VAL B 141 -65.85 -2.63 -33.48
CA VAL B 141 -67.03 -3.47 -33.50
C VAL B 141 -68.16 -2.47 -33.48
N PRO B 142 -69.15 -2.65 -34.35
CA PRO B 142 -70.30 -1.75 -34.44
C PRO B 142 -71.30 -1.95 -33.33
N TYR B 143 -71.65 -0.87 -32.64
CA TYR B 143 -72.62 -0.98 -31.57
C TYR B 143 -73.51 0.23 -31.55
N GLU B 144 -74.66 0.10 -30.91
CA GLU B 144 -75.61 1.19 -30.81
C GLU B 144 -76.33 1.06 -29.49
N SER B 145 -76.99 2.13 -29.07
CA SER B 145 -77.71 2.09 -27.81
C SER B 145 -79.09 1.51 -28.12
N SER B 146 -79.55 0.63 -27.26
CA SER B 146 -80.86 0.02 -27.43
C SER B 146 -81.40 -0.37 -26.06
N PHE B 147 -82.57 -1.00 -26.04
CA PHE B 147 -83.14 -1.47 -24.79
C PHE B 147 -83.45 -2.98 -24.85
N VAL B 148 -83.70 -3.49 -23.65
CA VAL B 148 -84.05 -4.87 -23.30
C VAL B 148 -84.90 -4.73 -22.03
N GLY B 149 -86.17 -4.41 -22.27
CA GLY B 149 -87.11 -4.16 -21.20
C GLY B 149 -86.91 -2.67 -21.05
N GLU B 150 -86.92 -2.18 -19.83
CA GLU B 150 -86.66 -0.76 -19.64
C GLU B 150 -85.20 -0.62 -19.29
N LEU B 151 -84.40 -1.63 -19.64
CA LEU B 151 -82.98 -1.57 -19.33
C LEU B 151 -82.15 -1.20 -20.53
N PRO B 152 -81.49 -0.03 -20.47
CA PRO B 152 -80.65 0.42 -21.58
C PRO B 152 -79.40 -0.41 -21.62
N VAL B 153 -78.86 -0.56 -22.82
CA VAL B 153 -77.68 -1.37 -23.00
C VAL B 153 -77.09 -1.03 -24.36
N LYS B 154 -75.84 -1.43 -24.57
CA LYS B 154 -75.19 -1.17 -25.83
C LYS B 154 -74.93 -2.51 -26.46
N SER B 155 -75.75 -2.77 -27.49
CA SER B 155 -75.76 -4.00 -28.27
C SER B 155 -74.96 -3.92 -29.56
N VAL B 156 -74.54 -5.05 -30.08
CA VAL B 156 -73.77 -5.08 -31.31
C VAL B 156 -74.76 -4.94 -32.41
N THR B 157 -74.51 -3.95 -33.26
CA THR B 157 -75.38 -3.66 -34.38
C THR B 157 -75.32 -4.80 -35.39
N LEU B 158 -76.16 -5.79 -35.20
CA LEU B 158 -76.10 -6.92 -36.10
C LEU B 158 -76.36 -6.68 -37.57
N ASN B 159 -77.27 -5.78 -37.91
CA ASN B 159 -77.56 -5.59 -39.32
C ASN B 159 -76.43 -5.04 -40.15
N LYS B 160 -75.28 -4.80 -39.54
CA LYS B 160 -74.15 -4.29 -40.31
C LYS B 160 -73.15 -5.39 -40.63
N LEU B 161 -73.44 -6.60 -40.15
CA LEU B 161 -72.55 -7.72 -40.36
C LEU B 161 -73.07 -8.67 -41.45
N GLY B 162 -73.99 -8.13 -42.26
CA GLY B 162 -74.60 -8.86 -43.36
C GLY B 162 -74.79 -10.35 -43.17
N ASP B 163 -73.84 -11.10 -43.69
CA ASP B 163 -73.88 -12.55 -43.63
C ASP B 163 -74.12 -13.11 -42.24
N ARG B 164 -73.53 -12.48 -41.24
CA ARG B 164 -73.63 -12.89 -39.85
C ARG B 164 -74.61 -12.09 -39.01
N ASN B 165 -75.63 -11.53 -39.66
CA ASN B 165 -76.67 -10.78 -38.98
C ASN B 165 -77.60 -11.83 -38.41
N MET B 166 -77.25 -12.31 -37.23
CA MET B 166 -78.03 -13.32 -36.55
C MET B 166 -79.51 -12.98 -36.44
N ASP B 167 -79.84 -11.70 -36.34
CA ASP B 167 -81.24 -11.30 -36.24
C ASP B 167 -82.02 -11.70 -37.47
N ALA B 168 -81.49 -11.35 -38.63
CA ALA B 168 -82.15 -11.69 -39.88
C ALA B 168 -82.17 -13.20 -40.05
N LEU B 169 -81.06 -13.83 -39.68
CA LEU B 169 -80.92 -15.27 -39.77
C LEU B 169 -82.02 -15.97 -39.03
N ALA B 170 -82.56 -15.32 -37.99
CA ALA B 170 -83.60 -15.90 -37.17
C ALA B 170 -85.01 -15.81 -37.71
N GLU B 171 -85.24 -14.86 -38.63
CA GLU B 171 -86.56 -14.72 -39.18
C GLU B 171 -86.94 -15.93 -40.01
N HIS B 172 -85.99 -16.85 -40.17
CA HIS B 172 -86.24 -18.07 -40.93
C HIS B 172 -87.02 -19.06 -40.08
N LEU B 173 -87.02 -18.84 -38.76
CA LEU B 173 -87.72 -19.71 -37.84
C LEU B 173 -89.18 -19.80 -38.20
N LEU B 174 -89.82 -20.88 -37.78
CA LEU B 174 -91.20 -21.12 -38.13
C LEU B 174 -92.31 -20.25 -37.57
N PHE B 175 -92.38 -20.13 -36.25
CA PHE B 175 -93.46 -19.35 -35.68
C PHE B 175 -93.14 -17.95 -35.20
N GLU B 176 -94.09 -17.07 -35.47
CA GLU B 176 -94.00 -15.69 -35.09
C GLU B 176 -93.09 -15.46 -33.90
N HIS B 177 -93.43 -16.00 -32.74
CA HIS B 177 -92.61 -15.75 -31.58
C HIS B 177 -91.27 -16.42 -31.49
N ASP B 178 -91.13 -17.65 -31.94
CA ASP B 178 -89.81 -18.25 -31.85
C ASP B 178 -88.79 -17.28 -32.41
N VAL B 179 -89.24 -16.40 -33.31
CA VAL B 179 -88.37 -15.41 -33.90
C VAL B 179 -88.09 -14.35 -32.87
N VAL B 180 -89.08 -13.53 -32.57
CA VAL B 180 -88.90 -12.48 -31.58
C VAL B 180 -88.11 -12.99 -30.38
N ASN B 181 -88.45 -14.17 -29.90
CA ASN B 181 -87.76 -14.78 -28.77
C ASN B 181 -86.29 -14.85 -29.10
N ALA B 182 -85.97 -15.44 -30.24
CA ALA B 182 -84.59 -15.58 -30.66
C ALA B 182 -83.89 -14.25 -30.84
N GLN B 183 -84.60 -13.32 -31.47
CA GLN B 183 -84.04 -12.00 -31.72
C GLN B 183 -83.72 -11.31 -30.40
N ARG B 184 -84.54 -11.56 -29.39
CA ARG B 184 -84.31 -10.97 -28.09
C ARG B 184 -83.10 -11.60 -27.44
N GLU B 185 -83.00 -12.92 -27.52
CA GLU B 185 -81.84 -13.59 -26.95
C GLU B 185 -80.61 -12.94 -27.57
N ASN B 186 -80.69 -12.60 -28.85
CA ASN B 186 -79.58 -11.98 -29.55
C ASN B 186 -79.09 -10.71 -28.87
N ARG B 187 -80.00 -9.77 -28.61
CA ARG B 187 -79.60 -8.52 -27.94
C ARG B 187 -78.97 -8.81 -26.62
N ILE B 188 -79.48 -9.82 -25.93
CA ILE B 188 -78.94 -10.15 -24.64
C ILE B 188 -77.51 -10.67 -24.70
N PHE B 189 -77.16 -11.40 -25.75
CA PHE B 189 -75.83 -11.96 -25.86
C PHE B 189 -74.75 -11.22 -26.63
N TYR B 190 -75.13 -10.63 -27.75
CA TYR B 190 -74.18 -9.86 -28.55
C TYR B 190 -74.20 -8.42 -28.08
N GLN B 191 -73.39 -8.11 -27.07
CA GLN B 191 -73.33 -6.76 -26.51
C GLN B 191 -71.92 -6.28 -26.29
N ARG B 192 -71.81 -4.98 -26.03
CA ARG B 192 -70.54 -4.35 -25.75
C ARG B 192 -70.53 -4.39 -24.24
N LYS B 193 -69.60 -5.15 -23.69
CA LYS B 193 -69.52 -5.29 -22.25
C LYS B 193 -68.30 -4.53 -21.77
N SER B 194 -68.29 -4.21 -20.48
CA SER B 194 -67.19 -3.52 -19.87
C SER B 194 -66.01 -4.50 -19.81
N ALA B 195 -64.80 -4.01 -20.01
CA ALA B 195 -63.65 -4.90 -19.99
C ALA B 195 -63.25 -5.36 -18.58
N PRO B 196 -62.84 -6.63 -18.45
CA PRO B 196 -62.44 -7.19 -17.16
C PRO B 196 -61.02 -6.83 -16.77
N ALA B 197 -60.11 -6.85 -17.73
CA ALA B 197 -58.71 -6.50 -17.46
C ALA B 197 -58.01 -6.22 -18.78
N VAL B 198 -56.92 -5.46 -18.73
CA VAL B 198 -56.17 -5.09 -19.93
C VAL B 198 -55.76 -6.25 -20.82
N PRO B 199 -56.18 -6.23 -22.08
CA PRO B 199 -55.91 -7.25 -23.10
C PRO B 199 -54.45 -7.40 -23.49
N VAL B 200 -53.72 -6.31 -23.56
CA VAL B 200 -52.32 -6.40 -23.94
C VAL B 200 -51.48 -6.05 -22.75
N ILE B 201 -50.60 -6.95 -22.36
CA ILE B 201 -49.79 -6.68 -21.19
C ILE B 201 -48.39 -6.21 -21.50
N PHE B 202 -48.04 -5.05 -20.96
CA PHE B 202 -46.72 -4.48 -21.16
C PHE B 202 -45.80 -4.87 -20.02
N GLY B 203 -44.60 -5.35 -20.35
CA GLY B 203 -43.64 -5.77 -19.34
C GLY B 203 -43.11 -4.66 -18.47
N ASP B 204 -42.38 -3.73 -19.07
CA ASP B 204 -41.80 -2.59 -18.37
C ASP B 204 -42.73 -2.03 -17.31
N ASP B 205 -42.16 -1.65 -16.17
CA ASP B 205 -42.94 -1.07 -15.08
C ASP B 205 -42.78 0.43 -15.23
N LEU B 206 -43.87 1.15 -15.02
CA LEU B 206 -43.82 2.60 -15.17
C LEU B 206 -44.74 3.26 -14.19
N GLU B 207 -44.58 4.57 -14.04
CA GLU B 207 -45.39 5.33 -13.12
C GLU B 207 -46.84 4.95 -13.30
N PRO B 208 -47.62 5.00 -12.23
CA PRO B 208 -49.03 4.64 -12.33
C PRO B 208 -49.77 5.61 -13.24
N ALA B 209 -49.34 6.84 -13.26
CA ALA B 209 -50.00 7.83 -14.07
C ALA B 209 -50.19 7.48 -15.55
N VAL B 210 -49.26 6.74 -16.14
CA VAL B 210 -49.42 6.38 -17.56
C VAL B 210 -49.82 4.94 -17.81
N ARG B 211 -49.81 4.14 -16.75
CA ARG B 211 -50.16 2.72 -16.86
C ARG B 211 -51.55 2.53 -17.48
N GLU B 212 -51.70 1.48 -18.28
CA GLU B 212 -52.97 1.19 -18.92
C GLU B 212 -53.95 0.62 -17.91
N ARG B 213 -55.22 1.02 -18.00
CA ARG B 213 -56.24 0.55 -17.06
C ARG B 213 -57.33 -0.15 -17.86
N ALA B 214 -58.16 -0.94 -17.19
CA ALA B 214 -59.24 -1.63 -17.89
C ALA B 214 -60.27 -0.66 -18.44
N ASN B 215 -60.42 0.47 -17.75
CA ASN B 215 -61.36 1.50 -18.14
C ASN B 215 -61.23 1.97 -19.55
N LEU B 216 -60.06 1.77 -20.13
CA LEU B 216 -59.83 2.24 -21.47
C LEU B 216 -60.27 1.24 -22.52
N TYR B 217 -60.62 0.03 -22.10
CA TYR B 217 -61.05 -0.98 -23.06
C TYR B 217 -62.46 -1.49 -22.85
N HIS B 218 -62.96 -2.18 -23.88
CA HIS B 218 -64.29 -2.78 -23.84
C HIS B 218 -64.31 -4.14 -24.54
N ARG B 219 -65.04 -5.08 -23.98
CA ARG B 219 -65.13 -6.41 -24.58
C ARG B 219 -66.39 -6.46 -25.41
N TYR B 220 -66.39 -7.19 -26.51
CA TYR B 220 -67.58 -7.29 -27.35
C TYR B 220 -67.88 -8.74 -27.66
N SER B 221 -69.10 -9.19 -27.41
CA SER B 221 -69.46 -10.56 -27.74
C SER B 221 -70.01 -10.47 -29.14
N VAL B 222 -69.27 -11.02 -30.09
CA VAL B 222 -69.59 -10.95 -31.50
C VAL B 222 -70.02 -12.24 -32.21
N PRO B 223 -70.87 -12.12 -33.26
CA PRO B 223 -71.35 -13.28 -34.01
C PRO B 223 -70.34 -13.89 -34.96
N TYR B 224 -69.15 -14.18 -34.46
CA TYR B 224 -68.07 -14.80 -35.24
C TYR B 224 -67.53 -15.92 -34.36
N HIS B 225 -67.09 -17.01 -34.96
CA HIS B 225 -66.55 -18.09 -34.13
C HIS B 225 -65.18 -17.72 -33.65
N GLN B 226 -64.81 -18.17 -32.47
CA GLN B 226 -63.52 -17.79 -31.93
C GLN B 226 -62.39 -18.03 -32.92
N ILE B 227 -62.33 -19.25 -33.43
CA ILE B 227 -61.27 -19.58 -34.38
C ILE B 227 -61.14 -18.56 -35.51
N GLU B 228 -62.27 -17.97 -35.90
CA GLU B 228 -62.28 -17.00 -36.98
C GLU B 228 -61.51 -15.75 -36.68
N LEU B 229 -61.70 -15.21 -35.49
CA LEU B 229 -61.02 -13.99 -35.14
C LEU B 229 -59.85 -14.17 -34.22
N ALA B 230 -59.29 -15.36 -34.23
CA ALA B 230 -58.13 -15.65 -33.39
C ALA B 230 -56.88 -15.02 -33.98
N LEU B 231 -56.62 -15.33 -35.24
CA LEU B 231 -55.47 -14.82 -35.94
C LEU B 231 -55.18 -13.36 -35.59
N HIS B 232 -56.24 -12.57 -35.43
CA HIS B 232 -56.10 -11.15 -35.14
C HIS B 232 -55.73 -10.85 -33.71
N ALA B 233 -55.41 -11.88 -32.95
CA ALA B 233 -55.02 -11.72 -31.57
C ALA B 233 -53.53 -11.83 -31.55
N LEU B 234 -53.01 -12.62 -32.48
CA LEU B 234 -51.57 -12.78 -32.55
C LEU B 234 -51.00 -11.43 -32.89
N ALA B 235 -51.75 -10.64 -33.63
CA ALA B 235 -51.31 -9.31 -33.99
C ALA B 235 -51.21 -8.50 -32.71
N ASN B 236 -52.29 -8.52 -31.95
CA ASN B 236 -52.38 -7.81 -30.68
C ASN B 236 -51.07 -7.92 -29.89
N ASP B 237 -50.47 -9.10 -29.89
CA ASP B 237 -49.23 -9.33 -29.17
C ASP B 237 -48.11 -8.40 -29.61
N LEU B 238 -47.91 -8.30 -30.92
CA LEU B 238 -46.88 -7.42 -31.46
C LEU B 238 -46.88 -6.08 -30.76
N LEU B 239 -48.07 -5.58 -30.51
CA LEU B 239 -48.23 -4.29 -29.87
C LEU B 239 -47.29 -4.08 -28.68
N SER B 240 -47.16 -5.08 -27.83
CA SER B 240 -46.29 -4.94 -26.66
C SER B 240 -44.87 -5.44 -26.87
N ILE B 241 -44.66 -6.24 -27.91
CA ILE B 241 -43.33 -6.76 -28.18
C ILE B 241 -42.50 -5.65 -28.78
N GLN B 242 -43.10 -4.95 -29.74
CA GLN B 242 -42.43 -3.87 -30.45
C GLN B 242 -42.41 -2.53 -29.76
N TYR B 243 -43.55 -2.06 -29.28
CA TYR B 243 -43.60 -0.76 -28.64
C TYR B 243 -43.62 -0.78 -27.12
N CYS B 244 -43.42 0.38 -26.51
CA CYS B 244 -43.43 0.55 -25.06
C CYS B 244 -43.69 2.04 -24.82
N HIS B 245 -43.92 2.45 -23.58
CA HIS B 245 -44.19 3.86 -23.36
C HIS B 245 -42.90 4.66 -23.37
N PRO B 246 -42.91 5.89 -23.93
CA PRO B 246 -41.72 6.76 -24.00
C PRO B 246 -40.92 6.81 -22.71
N THR B 247 -41.62 6.81 -21.58
CA THR B 247 -40.98 6.83 -20.28
C THR B 247 -39.89 5.78 -20.30
N VAL B 248 -40.23 4.58 -20.76
CA VAL B 248 -39.28 3.49 -20.83
C VAL B 248 -38.06 3.85 -21.62
N VAL B 249 -38.28 4.39 -22.81
CA VAL B 249 -37.18 4.79 -23.68
C VAL B 249 -36.24 5.72 -22.93
N TYR B 250 -36.78 6.69 -22.22
CA TYR B 250 -35.94 7.61 -21.47
C TYR B 250 -35.05 6.81 -20.52
N ASN B 251 -35.67 6.07 -19.60
CA ASN B 251 -34.91 5.29 -18.62
C ASN B 251 -33.81 4.47 -19.22
N TYR B 252 -34.06 3.95 -20.41
CA TYR B 252 -33.06 3.15 -21.10
C TYR B 252 -31.91 4.03 -21.56
N LEU B 253 -32.20 4.89 -22.53
CA LEU B 253 -31.20 5.79 -23.08
C LEU B 253 -30.44 6.56 -22.02
N SER B 254 -31.13 7.10 -21.05
CA SER B 254 -30.46 7.89 -20.01
C SER B 254 -29.53 7.09 -19.13
N SER B 255 -29.83 5.82 -18.89
CA SER B 255 -28.95 5.06 -18.03
C SER B 255 -27.72 4.63 -18.81
N ARG B 256 -27.81 4.64 -20.14
CA ARG B 256 -26.70 4.24 -20.99
C ARG B 256 -25.64 5.32 -21.08
N ALA B 257 -26.07 6.57 -20.94
CA ALA B 257 -25.16 7.70 -21.02
C ALA B 257 -23.86 7.38 -20.32
N PRO B 258 -22.75 7.40 -21.08
CA PRO B 258 -21.45 7.09 -20.47
C PRO B 258 -20.99 8.26 -19.62
N ASN B 259 -19.98 7.99 -18.79
CA ASN B 259 -19.42 9.00 -17.90
C ASN B 259 -19.20 10.35 -18.58
N PHE B 260 -19.60 11.42 -17.89
CA PHE B 260 -19.47 12.81 -18.37
C PHE B 260 -20.50 13.29 -19.37
N LEU B 261 -21.54 12.50 -19.59
CA LEU B 261 -22.61 12.85 -20.54
C LEU B 261 -24.02 12.65 -19.97
N ARG B 262 -25.00 13.29 -20.60
CA ARG B 262 -26.40 13.19 -20.21
C ARG B 262 -27.20 13.16 -21.49
N LEU B 263 -28.41 12.63 -21.45
CA LEU B 263 -29.21 12.59 -22.66
C LEU B 263 -29.71 14.01 -22.90
N ASP B 264 -29.56 14.50 -24.13
CA ASP B 264 -29.98 15.86 -24.46
C ASP B 264 -31.31 16.16 -23.79
N ASP B 265 -31.50 17.40 -23.36
CA ASP B 265 -32.73 17.80 -22.69
C ASP B 265 -34.00 17.65 -23.48
N GLN B 266 -34.13 18.44 -24.55
CA GLN B 266 -35.33 18.38 -25.36
C GLN B 266 -35.76 16.94 -25.57
N VAL B 267 -34.83 16.07 -25.94
CA VAL B 267 -35.17 14.67 -26.13
C VAL B 267 -35.72 14.10 -24.83
N SER B 268 -35.00 14.35 -23.74
CA SER B 268 -35.43 13.88 -22.44
C SER B 268 -36.84 14.33 -22.15
N LEU B 269 -37.08 15.62 -22.27
CA LEU B 269 -38.40 16.16 -21.98
C LEU B 269 -39.48 15.56 -22.86
N LYS B 270 -39.31 15.61 -24.17
CA LYS B 270 -40.36 15.06 -25.03
C LYS B 270 -40.66 13.63 -24.59
N LEU B 271 -39.62 12.87 -24.29
CA LEU B 271 -39.82 11.49 -23.87
C LEU B 271 -40.53 11.38 -22.54
N THR B 272 -40.11 12.18 -21.58
CA THR B 272 -40.66 12.12 -20.24
C THR B 272 -42.03 12.77 -20.09
N SER B 273 -42.39 13.62 -21.01
CA SER B 273 -43.67 14.29 -20.93
C SER B 273 -44.82 13.48 -21.54
N ALA B 274 -44.51 12.43 -22.28
CA ALA B 274 -45.55 11.61 -22.90
C ALA B 274 -46.60 11.17 -21.89
N GLY B 275 -47.86 11.24 -22.33
CA GLY B 275 -48.96 10.89 -21.47
C GLY B 275 -49.43 9.46 -21.56
N ILE B 276 -50.62 9.21 -21.02
CA ILE B 276 -51.18 7.87 -21.04
C ILE B 276 -51.49 7.46 -22.48
N GLY B 277 -51.40 6.16 -22.75
CA GLY B 277 -51.70 5.70 -24.09
C GLY B 277 -50.72 6.00 -25.22
N THR B 278 -49.64 6.74 -24.97
CA THR B 278 -48.72 6.97 -26.08
C THR B 278 -47.67 5.85 -26.10
N LEU B 279 -47.24 5.46 -27.30
CA LEU B 279 -46.28 4.39 -27.49
C LEU B 279 -45.23 4.71 -28.51
N MET B 280 -44.07 4.09 -28.38
CA MET B 280 -43.00 4.28 -29.34
C MET B 280 -42.13 3.03 -29.31
N PRO B 281 -41.43 2.77 -30.42
CA PRO B 281 -40.56 1.60 -30.52
C PRO B 281 -39.49 1.50 -29.46
N ARG B 282 -39.26 0.28 -29.00
CA ARG B 282 -38.26 -0.02 -28.00
C ARG B 282 -36.89 0.10 -28.60
N PRO B 283 -35.99 0.70 -27.85
CA PRO B 283 -34.64 0.86 -28.35
C PRO B 283 -33.97 -0.44 -28.01
N VAL B 284 -33.14 -0.88 -28.96
CA VAL B 284 -32.37 -2.11 -28.89
C VAL B 284 -30.97 -1.92 -29.47
N VAL B 285 -30.02 -2.65 -28.92
CA VAL B 285 -28.63 -2.61 -29.36
C VAL B 285 -28.42 -3.74 -30.32
N GLN B 286 -28.10 -3.34 -31.54
CA GLN B 286 -27.90 -4.26 -32.63
C GLN B 286 -26.48 -4.79 -32.76
N LEU B 287 -26.30 -6.08 -32.48
CA LEU B 287 -24.98 -6.69 -32.59
C LEU B 287 -25.04 -7.86 -33.53
N LEU B 288 -24.09 -7.94 -34.44
CA LEU B 288 -24.09 -9.03 -35.40
C LEU B 288 -23.13 -10.16 -35.03
N ASP B 289 -23.14 -11.24 -35.82
CA ASP B 289 -22.27 -12.39 -35.57
C ASP B 289 -21.01 -12.29 -36.39
N TYR B 290 -20.22 -11.29 -36.06
CA TYR B 290 -18.94 -10.99 -36.70
C TYR B 290 -18.27 -12.22 -37.30
N ASP B 291 -18.11 -13.27 -36.50
CA ASP B 291 -17.46 -14.48 -36.99
C ASP B 291 -17.83 -14.89 -38.42
N LEU B 292 -19.04 -14.58 -38.86
CA LEU B 292 -19.46 -14.95 -40.21
C LEU B 292 -18.65 -14.32 -41.30
N VAL B 293 -18.07 -13.17 -41.01
CA VAL B 293 -17.28 -12.48 -42.01
C VAL B 293 -16.30 -13.41 -42.66
N TYR B 294 -15.65 -14.25 -41.87
CA TYR B 294 -14.66 -15.15 -42.43
C TYR B 294 -15.18 -16.38 -43.14
N MET B 295 -16.45 -16.39 -43.48
CA MET B 295 -17.01 -17.54 -44.15
C MET B 295 -17.04 -17.30 -45.64
N SER B 296 -16.96 -16.03 -46.01
CA SER B 296 -17.01 -15.66 -47.42
C SER B 296 -15.94 -14.71 -47.86
N PRO B 297 -15.17 -15.09 -48.88
CA PRO B 297 -14.10 -14.26 -49.41
C PRO B 297 -14.59 -12.88 -49.76
N LEU B 298 -15.79 -12.79 -50.30
CA LEU B 298 -16.31 -11.49 -50.66
C LEU B 298 -16.49 -10.70 -49.39
N ALA B 299 -17.29 -11.22 -48.48
CA ALA B 299 -17.54 -10.55 -47.21
C ALA B 299 -16.30 -10.01 -46.53
N LEU B 300 -15.28 -10.86 -46.41
CA LEU B 300 -14.04 -10.50 -45.76
C LEU B 300 -13.39 -9.36 -46.49
N ASN B 301 -13.29 -9.49 -47.80
CA ASN B 301 -12.66 -8.45 -48.59
C ASN B 301 -13.39 -7.11 -48.39
N ASN B 302 -14.71 -7.15 -48.46
CA ASN B 302 -15.48 -5.92 -48.27
C ASN B 302 -15.18 -5.28 -46.93
N LEU B 303 -15.23 -6.06 -45.86
CA LEU B 303 -14.94 -5.53 -44.52
C LEU B 303 -13.53 -4.97 -44.42
N ALA B 304 -12.55 -5.69 -44.94
CA ALA B 304 -11.17 -5.22 -44.87
C ALA B 304 -11.06 -3.95 -45.67
N SER B 305 -11.55 -4.01 -46.89
CA SER B 305 -11.52 -2.86 -47.77
C SER B 305 -12.00 -1.63 -47.02
N ARG B 306 -13.04 -1.80 -46.22
CA ARG B 306 -13.61 -0.67 -45.48
C ARG B 306 -12.81 -0.26 -44.26
N LEU B 307 -12.42 -1.23 -43.45
CA LEU B 307 -11.67 -0.91 -42.25
C LEU B 307 -10.44 -0.07 -42.51
N LEU B 308 -9.77 -0.30 -43.64
CA LEU B 308 -8.54 0.41 -43.97
C LEU B 308 -8.72 1.82 -44.49
N ARG B 309 -9.85 2.09 -45.12
CA ARG B 309 -10.13 3.42 -45.66
C ARG B 309 -10.00 4.52 -44.64
N LYS B 310 -10.32 4.21 -43.40
CA LYS B 310 -10.30 5.21 -42.34
C LYS B 310 -8.95 5.63 -41.77
N ILE B 311 -7.92 4.81 -41.93
CA ILE B 311 -6.62 5.18 -41.39
C ILE B 311 -6.18 6.46 -42.04
N SER B 312 -5.76 7.40 -41.21
CA SER B 312 -5.31 8.68 -41.68
C SER B 312 -4.15 9.13 -40.82
N LEU B 313 -2.95 8.88 -41.33
CA LEU B 313 -1.73 9.22 -40.65
C LEU B 313 -1.17 10.46 -41.24
N HIS B 314 -0.53 11.24 -40.39
CA HIS B 314 0.11 12.45 -40.83
C HIS B 314 1.31 12.56 -39.91
N LEU B 315 2.48 12.45 -40.52
CA LEU B 315 3.74 12.49 -39.80
C LEU B 315 4.46 13.79 -40.10
N VAL B 316 5.40 14.14 -39.24
CA VAL B 316 6.20 15.34 -39.39
C VAL B 316 7.66 14.93 -39.53
N MET B 317 8.28 15.32 -40.63
CA MET B 317 9.68 14.95 -40.85
C MET B 317 10.60 16.08 -41.23
N GLN B 318 11.88 15.88 -40.96
CA GLN B 318 12.87 16.89 -41.29
C GLN B 318 13.01 16.91 -42.80
N MET B 319 13.80 17.87 -43.27
CA MET B 319 14.07 18.00 -44.69
C MET B 319 14.96 16.83 -45.07
N VAL B 320 14.58 16.08 -46.09
CA VAL B 320 15.41 14.94 -46.43
C VAL B 320 16.82 15.38 -46.70
N THR B 321 16.95 16.24 -47.70
CA THR B 321 18.25 16.74 -48.11
C THR B 321 19.15 17.14 -46.97
N ALA B 322 18.56 17.64 -45.89
CA ALA B 322 19.38 18.05 -44.77
C ALA B 322 20.00 16.84 -44.09
N VAL B 323 19.14 15.89 -43.73
CA VAL B 323 19.63 14.69 -43.09
C VAL B 323 20.62 13.97 -43.98
N GLN B 324 20.28 13.79 -45.25
CA GLN B 324 21.21 13.07 -46.10
C GLN B 324 22.53 13.79 -46.32
N GLN B 325 22.59 15.08 -46.00
CA GLN B 325 23.84 15.80 -46.16
C GLN B 325 24.64 15.69 -44.88
N ASP B 326 23.94 15.73 -43.75
CA ASP B 326 24.62 15.61 -42.46
C ASP B 326 25.20 14.21 -42.33
N LEU B 327 24.33 13.20 -42.37
CA LEU B 327 24.80 11.83 -42.25
C LEU B 327 25.84 11.62 -43.31
N GLY B 328 25.64 12.31 -44.44
CA GLY B 328 26.58 12.22 -45.53
C GLY B 328 28.01 12.46 -45.07
N GLU B 329 28.25 13.64 -44.50
CA GLU B 329 29.57 13.97 -44.00
C GLU B 329 30.04 12.95 -42.98
N VAL B 330 29.22 12.66 -41.98
CA VAL B 330 29.61 11.71 -40.94
C VAL B 330 30.28 10.51 -41.57
N VAL B 331 29.75 10.07 -42.69
CA VAL B 331 30.31 8.92 -43.38
C VAL B 331 31.65 9.24 -44.03
N SER B 332 31.63 10.25 -44.90
CA SER B 332 32.82 10.69 -45.65
C SER B 332 34.05 11.00 -44.81
N VAL B 333 33.83 11.73 -43.73
CA VAL B 333 34.92 12.12 -42.88
C VAL B 333 35.54 10.93 -42.15
N SER B 334 34.77 9.87 -41.94
CA SER B 334 35.24 8.70 -41.20
C SER B 334 35.51 7.42 -41.99
N SER B 335 35.10 7.37 -43.25
CA SER B 335 35.30 6.17 -44.08
C SER B 335 36.64 6.21 -44.80
N ASN B 336 37.28 5.04 -44.89
CA ASN B 336 38.56 4.92 -45.54
C ASN B 336 38.47 4.60 -47.03
N VAL B 337 37.31 4.13 -47.48
CA VAL B 337 37.09 3.80 -48.90
C VAL B 337 35.61 3.72 -49.24
N THR B 338 35.17 4.55 -50.18
CA THR B 338 33.76 4.59 -50.59
C THR B 338 32.90 3.58 -49.84
N ASN B 339 32.19 4.05 -48.82
CA ASN B 339 31.31 3.21 -47.99
C ASN B 339 29.98 3.01 -48.67
N PRO B 340 29.62 1.75 -48.95
CA PRO B 340 28.34 1.44 -49.61
C PRO B 340 27.14 1.94 -48.83
N ALA B 341 27.35 2.40 -47.62
CA ALA B 341 26.23 2.89 -46.84
C ALA B 341 25.82 4.25 -47.36
N SER B 342 26.78 5.02 -47.85
CA SER B 342 26.47 6.35 -48.34
C SER B 342 25.45 6.21 -49.45
N ALA B 343 25.33 5.00 -49.97
CA ALA B 343 24.37 4.76 -51.02
C ALA B 343 22.97 4.74 -50.44
N CYS B 344 22.80 4.07 -49.30
CA CYS B 344 21.49 4.00 -48.65
C CYS B 344 21.03 5.40 -48.28
N LEU B 345 21.98 6.23 -47.86
CA LEU B 345 21.64 7.58 -47.46
C LEU B 345 20.88 8.31 -48.57
N VAL B 346 21.30 8.11 -49.81
CA VAL B 346 20.67 8.76 -50.94
C VAL B 346 19.27 8.25 -51.23
N ARG B 347 19.08 6.95 -51.07
CA ARG B 347 17.81 6.31 -51.32
C ARG B 347 16.68 6.82 -50.41
N MET B 348 17.02 7.34 -49.24
CA MET B 348 16.00 7.84 -48.33
C MET B 348 14.99 8.72 -49.06
N ASN B 349 13.73 8.71 -48.62
CA ASN B 349 12.70 9.55 -49.25
C ASN B 349 11.52 9.67 -48.31
N VAL B 350 10.87 10.82 -48.34
CA VAL B 350 9.73 11.04 -47.47
C VAL B 350 8.59 10.11 -47.77
N GLN B 351 8.22 10.06 -49.05
CA GLN B 351 7.11 9.23 -49.50
C GLN B 351 7.11 7.79 -48.98
N GLY B 352 8.27 7.19 -48.78
CA GLY B 352 8.33 5.83 -48.32
C GLY B 352 7.96 5.60 -46.87
N VAL B 353 8.53 6.40 -45.98
CA VAL B 353 8.23 6.30 -44.57
C VAL B 353 6.72 6.28 -44.40
N GLN B 354 6.07 7.19 -45.09
CA GLN B 354 4.62 7.30 -45.05
C GLN B 354 4.02 5.91 -45.24
N THR B 355 4.21 5.39 -46.45
CA THR B 355 3.70 4.06 -46.82
C THR B 355 3.88 3.03 -45.72
N LEU B 356 5.13 2.89 -45.26
CA LEU B 356 5.46 1.94 -44.22
C LEU B 356 4.64 2.16 -42.96
N ALA B 357 4.48 3.42 -42.58
CA ALA B 357 3.71 3.74 -41.39
C ALA B 357 2.28 3.28 -41.57
N VAL B 358 1.69 3.63 -42.70
CA VAL B 358 0.33 3.24 -42.98
C VAL B 358 0.17 1.73 -42.83
N PHE B 359 1.14 0.99 -43.36
CA PHE B 359 1.11 -0.46 -43.25
C PHE B 359 0.97 -0.78 -41.79
N ILE B 360 1.99 -0.39 -41.02
CA ILE B 360 2.00 -0.62 -39.58
C ILE B 360 0.64 -0.27 -38.97
N ALA B 361 0.09 0.87 -39.35
CA ALA B 361 -1.19 1.32 -38.85
C ALA B 361 -2.30 0.29 -39.06
N GLN B 362 -2.54 -0.07 -40.30
CA GLN B 362 -3.60 -1.01 -40.58
C GLN B 362 -3.38 -2.38 -40.00
N SER B 363 -2.13 -2.76 -39.89
CA SER B 363 -1.80 -4.06 -39.35
C SER B 363 -2.25 -4.19 -37.94
N MET B 364 -2.77 -3.10 -37.40
CA MET B 364 -3.21 -3.09 -36.02
C MET B 364 -4.72 -3.20 -35.84
N LEU B 365 -5.49 -2.83 -36.86
CA LEU B 365 -6.94 -2.87 -36.80
C LEU B 365 -7.56 -4.26 -36.64
N ASN B 366 -7.03 -5.22 -37.37
CA ASN B 366 -7.56 -6.58 -37.35
C ASN B 366 -6.60 -7.50 -38.11
N PRO B 367 -5.98 -8.45 -37.41
CA PRO B 367 -5.02 -9.40 -37.95
C PRO B 367 -5.40 -10.30 -39.14
N ASN B 368 -6.68 -10.49 -39.41
CA ASN B 368 -7.00 -11.39 -40.49
C ASN B 368 -7.46 -10.78 -41.79
N ILE B 369 -7.27 -9.49 -41.98
CA ILE B 369 -7.73 -8.91 -43.22
C ILE B 369 -6.58 -8.57 -44.16
N SER B 370 -5.37 -8.43 -43.63
CA SER B 370 -4.26 -8.07 -44.50
C SER B 370 -2.89 -8.55 -44.06
N TYR B 371 -1.99 -8.62 -45.03
CA TYR B 371 -0.61 -9.02 -44.78
C TYR B 371 0.38 -8.26 -45.65
N GLY B 372 1.66 -8.41 -45.33
CA GLY B 372 2.67 -7.73 -46.11
C GLY B 372 3.85 -8.60 -46.49
N MET B 373 4.59 -8.15 -47.50
CA MET B 373 5.75 -8.88 -47.94
C MET B 373 7.00 -8.03 -47.78
N ILE B 374 7.95 -8.54 -46.99
CA ILE B 374 9.20 -7.85 -46.75
C ILE B 374 10.03 -7.96 -48.02
N SER B 375 10.66 -6.88 -48.42
CA SER B 375 11.46 -6.95 -49.62
C SER B 375 12.94 -6.89 -49.27
N GLY B 376 13.77 -7.54 -50.09
CA GLY B 376 15.19 -7.49 -49.81
C GLY B 376 15.72 -8.47 -48.79
N LEU B 377 15.04 -9.59 -48.62
CA LEU B 377 15.50 -10.59 -47.70
C LEU B 377 16.50 -11.50 -48.38
N THR B 378 17.56 -10.94 -48.97
CA THR B 378 18.56 -11.74 -49.66
C THR B 378 19.33 -12.61 -48.68
N LEU B 379 20.10 -13.55 -49.20
CA LEU B 379 20.84 -14.46 -48.34
C LEU B 379 21.52 -13.76 -47.19
N ASP B 380 22.73 -13.27 -47.37
CA ASP B 380 23.33 -12.61 -46.22
C ASP B 380 22.99 -11.13 -46.32
N CYS B 381 21.78 -10.83 -45.88
CA CYS B 381 21.28 -9.47 -45.89
C CYS B 381 21.52 -8.86 -44.53
N PHE B 382 21.73 -9.70 -43.53
CA PHE B 382 21.98 -9.18 -42.20
C PHE B 382 23.43 -8.76 -42.10
N SER B 383 24.15 -8.90 -43.21
CA SER B 383 25.54 -8.51 -43.25
C SER B 383 25.61 -7.05 -43.71
N ASN B 384 24.43 -6.49 -43.94
CA ASN B 384 24.28 -5.09 -44.32
C ASN B 384 23.69 -4.47 -43.05
N PHE B 385 24.55 -3.97 -42.17
CA PHE B 385 24.03 -3.44 -40.91
C PHE B 385 22.85 -2.47 -41.06
N ILE B 386 22.87 -1.60 -42.06
CA ILE B 386 21.73 -0.68 -42.21
C ILE B 386 20.43 -1.47 -42.33
N TYR B 387 20.38 -2.40 -43.28
CA TYR B 387 19.20 -3.22 -43.49
C TYR B 387 18.86 -3.96 -42.21
N GLY B 388 19.79 -4.78 -41.74
CA GLY B 388 19.57 -5.53 -40.52
C GLY B 388 18.94 -4.71 -39.42
N ALA B 389 19.64 -3.65 -39.04
CA ALA B 389 19.20 -2.73 -38.00
C ALA B 389 17.79 -2.30 -38.27
N CYS B 390 17.47 -2.06 -39.53
CA CYS B 390 16.12 -1.67 -39.83
C CYS B 390 15.14 -2.82 -39.64
N LEU B 391 15.39 -3.92 -40.33
CA LEU B 391 14.50 -5.08 -40.23
C LEU B 391 14.25 -5.38 -38.78
N MET B 392 15.31 -5.31 -38.00
CA MET B 392 15.20 -5.61 -36.59
C MET B 392 14.27 -4.62 -35.89
N LEU B 393 14.45 -3.33 -36.17
CA LEU B 393 13.60 -2.31 -35.59
C LEU B 393 12.17 -2.48 -36.12
N PHE B 394 12.07 -2.79 -37.41
CA PHE B 394 10.77 -2.99 -38.05
C PHE B 394 9.96 -4.02 -37.27
N GLN B 395 10.64 -5.06 -36.80
CA GLN B 395 10.00 -6.15 -36.05
C GLN B 395 9.29 -5.71 -34.77
N ALA B 396 9.69 -4.58 -34.22
CA ALA B 396 9.05 -4.16 -32.99
C ALA B 396 7.78 -3.37 -33.23
N LEU B 397 7.58 -2.94 -34.47
CA LEU B 397 6.42 -2.14 -34.78
C LEU B 397 5.25 -2.93 -35.31
N ILE B 398 5.49 -4.17 -35.75
CA ILE B 398 4.40 -4.98 -36.30
C ILE B 398 4.18 -6.23 -35.50
N PRO B 399 2.95 -6.76 -35.52
CA PRO B 399 2.66 -7.97 -34.77
C PRO B 399 3.00 -9.07 -35.76
N PRO B 400 3.11 -10.33 -35.32
CA PRO B 400 3.44 -11.44 -36.22
C PRO B 400 2.42 -11.60 -37.33
N SER B 401 1.17 -11.30 -37.01
CA SER B 401 0.07 -11.39 -37.95
C SER B 401 0.34 -10.60 -39.23
N ALA B 402 1.30 -9.69 -39.15
CA ALA B 402 1.64 -8.83 -40.27
C ALA B 402 2.40 -9.48 -41.42
N LEU B 403 3.19 -10.52 -41.13
CA LEU B 403 3.95 -11.14 -42.19
C LEU B 403 3.49 -12.56 -42.42
N THR B 404 3.88 -13.10 -43.57
CA THR B 404 3.52 -14.45 -43.96
C THR B 404 4.09 -15.41 -42.96
N ALA B 405 3.38 -16.49 -42.69
CA ALA B 405 3.93 -17.45 -41.74
C ALA B 405 5.29 -17.90 -42.29
N ARG B 406 5.43 -17.83 -43.60
CA ARG B 406 6.65 -18.23 -44.26
C ARG B 406 7.77 -17.25 -44.09
N GLN B 407 7.55 -16.01 -44.47
CA GLN B 407 8.59 -15.01 -44.34
C GLN B 407 9.15 -14.86 -42.93
N ARG B 408 8.30 -14.96 -41.92
CA ARG B 408 8.72 -14.83 -40.53
C ARG B 408 9.75 -15.90 -40.28
N LEU B 409 9.53 -17.02 -40.96
CA LEU B 409 10.39 -18.18 -40.88
C LEU B 409 11.67 -17.84 -41.66
N ASP B 410 11.51 -17.32 -42.87
CA ASP B 410 12.68 -16.94 -43.66
C ASP B 410 13.59 -16.04 -42.83
N ILE B 411 13.05 -14.91 -42.36
CA ILE B 411 13.80 -13.94 -41.55
C ILE B 411 14.64 -14.67 -40.52
N ASN B 412 14.03 -15.59 -39.78
CA ASN B 412 14.77 -16.35 -38.77
C ASN B 412 15.98 -17.02 -39.39
N ASN B 413 15.82 -17.59 -40.58
CA ASN B 413 16.93 -18.25 -41.23
C ASN B 413 18.02 -17.32 -41.70
N ARG B 414 17.66 -16.12 -42.12
CA ARG B 414 18.67 -15.20 -42.58
C ARG B 414 19.49 -14.78 -41.40
N PHE B 415 18.84 -14.67 -40.25
CA PHE B 415 19.51 -14.29 -39.03
C PHE B 415 20.46 -15.41 -38.66
N ALA B 416 19.96 -16.64 -38.78
CA ALA B 416 20.75 -17.82 -38.47
C ALA B 416 22.00 -17.83 -39.33
N TYR B 417 21.82 -17.66 -40.63
CA TYR B 417 22.95 -17.65 -41.53
C TYR B 417 23.94 -16.63 -41.02
N PHE B 418 23.45 -15.42 -40.74
CA PHE B 418 24.30 -14.35 -40.24
C PHE B 418 25.08 -14.79 -39.03
N LEU B 419 24.39 -15.39 -38.07
CA LEU B 419 25.06 -15.85 -36.87
C LEU B 419 26.19 -16.81 -37.23
N ILE B 420 25.89 -17.87 -37.96
CA ILE B 420 26.91 -18.85 -38.35
C ILE B 420 28.04 -18.24 -39.15
N LYS B 421 27.69 -17.37 -40.06
CA LYS B 421 28.66 -16.76 -40.93
C LYS B 421 29.46 -15.61 -40.33
N CYS B 422 29.00 -15.05 -39.21
CA CYS B 422 29.70 -13.92 -38.59
C CYS B 422 30.00 -14.03 -37.11
N HIS B 423 29.29 -14.87 -36.39
CA HIS B 423 29.50 -15.02 -34.96
C HIS B 423 29.76 -16.42 -34.46
N ALA B 424 30.16 -17.32 -35.35
CA ALA B 424 30.41 -18.67 -34.90
C ALA B 424 31.84 -19.05 -35.21
N THR B 425 32.49 -19.71 -34.25
CA THR B 425 33.87 -20.16 -34.40
C THR B 425 33.93 -21.26 -35.45
N GLN B 426 35.07 -21.41 -36.11
CA GLN B 426 35.20 -22.43 -37.15
C GLN B 426 34.82 -23.79 -36.59
N ALA B 427 34.89 -23.91 -35.26
CA ALA B 427 34.58 -25.14 -34.56
C ALA B 427 33.08 -25.38 -34.40
N THR B 428 32.39 -24.37 -33.88
CA THR B 428 30.96 -24.45 -33.68
C THR B 428 30.29 -24.78 -34.99
N THR B 429 30.75 -24.14 -36.06
CA THR B 429 30.18 -24.36 -37.38
C THR B 429 30.35 -25.82 -37.76
N ALA B 430 31.60 -26.27 -37.83
CA ALA B 430 31.92 -27.64 -38.19
C ALA B 430 31.05 -28.68 -37.48
N ARG B 431 30.88 -28.52 -36.16
CA ARG B 431 30.08 -29.45 -35.39
C ARG B 431 28.64 -29.46 -35.89
N LEU B 432 28.07 -28.27 -36.06
CA LEU B 432 26.71 -28.16 -36.53
C LEU B 432 26.55 -28.72 -37.94
N VAL B 433 27.56 -28.56 -38.78
CA VAL B 433 27.50 -29.07 -40.13
C VAL B 433 27.52 -30.59 -40.09
N ALA B 434 28.41 -31.11 -39.25
CA ALA B 434 28.56 -32.55 -39.09
C ALA B 434 27.29 -33.21 -38.63
N ASN B 435 26.66 -32.68 -37.60
CA ASN B 435 25.43 -33.27 -37.07
C ASN B 435 24.17 -32.96 -37.86
N GLN B 436 24.37 -32.45 -39.07
CA GLN B 436 23.24 -32.13 -39.94
C GLN B 436 22.17 -31.25 -39.27
N VAL B 437 22.59 -30.06 -38.85
CA VAL B 437 21.70 -29.10 -38.22
C VAL B 437 21.71 -27.90 -39.13
N ILE B 438 22.91 -27.52 -39.54
CA ILE B 438 23.12 -26.42 -40.44
C ILE B 438 23.47 -27.02 -41.79
N TYR B 439 23.06 -26.40 -42.88
CA TYR B 439 23.42 -26.94 -44.18
C TYR B 439 24.81 -26.35 -44.41
N PRO B 440 25.70 -27.07 -45.10
CA PRO B 440 27.05 -26.52 -45.32
C PRO B 440 26.99 -25.05 -45.67
N VAL B 441 27.86 -24.27 -45.04
CA VAL B 441 27.87 -22.84 -45.26
C VAL B 441 27.87 -22.40 -46.72
N ASP B 442 28.42 -23.23 -47.59
CA ASP B 442 28.50 -22.88 -49.00
C ASP B 442 27.36 -23.42 -49.86
N ALA B 443 26.28 -23.82 -49.22
CA ALA B 443 25.12 -24.36 -49.94
C ALA B 443 24.02 -23.33 -50.17
N ILE B 444 24.44 -22.14 -50.60
CA ILE B 444 23.55 -21.03 -50.89
C ILE B 444 22.08 -21.39 -51.07
N ASP B 445 21.76 -22.26 -52.02
CA ASP B 445 20.38 -22.62 -52.28
C ASP B 445 19.71 -23.25 -51.08
N GLN B 446 20.37 -24.24 -50.49
CA GLN B 446 19.80 -24.93 -49.34
C GLN B 446 19.49 -24.02 -48.16
N TRP B 447 20.23 -22.93 -48.00
CA TRP B 447 19.96 -22.01 -46.90
C TRP B 447 18.77 -21.12 -47.20
N GLN B 448 18.32 -21.14 -48.45
CA GLN B 448 17.21 -20.30 -48.81
C GLN B 448 15.91 -21.05 -49.00
N SER B 449 15.94 -22.38 -48.88
CA SER B 449 14.72 -23.16 -48.99
C SER B 449 14.00 -22.95 -47.66
N ASN B 450 12.84 -23.58 -47.47
CA ASN B 450 12.13 -23.43 -46.19
C ASN B 450 11.72 -24.76 -45.57
N GLY B 451 10.89 -24.67 -44.53
CA GLY B 451 10.44 -25.86 -43.85
C GLY B 451 11.33 -26.22 -42.68
N ARG B 452 12.31 -25.37 -42.36
CA ARG B 452 13.17 -25.65 -41.23
C ARG B 452 13.62 -24.38 -40.56
N ASP B 453 13.16 -24.18 -39.34
CA ASP B 453 13.53 -23.00 -38.59
C ASP B 453 14.97 -23.19 -38.12
N VAL B 454 15.91 -23.11 -39.06
CA VAL B 454 17.31 -23.32 -38.73
C VAL B 454 17.78 -22.57 -37.50
N LEU B 455 17.20 -21.40 -37.24
CA LEU B 455 17.61 -20.65 -36.08
C LEU B 455 17.34 -21.54 -34.87
N VAL B 456 16.10 -21.97 -34.74
CA VAL B 456 15.69 -22.85 -33.64
C VAL B 456 16.63 -24.05 -33.49
N ALA B 457 17.06 -24.61 -34.61
CA ALA B 457 17.94 -25.75 -34.58
C ALA B 457 19.24 -25.38 -33.89
N ILE B 458 19.89 -24.33 -34.38
CA ILE B 458 21.14 -23.90 -33.78
C ILE B 458 20.93 -23.70 -32.29
N TYR B 459 19.94 -22.87 -31.96
CA TYR B 459 19.62 -22.57 -30.57
C TYR B 459 19.50 -23.86 -29.75
N ASN B 460 18.77 -24.83 -30.29
CA ASN B 460 18.58 -26.11 -29.60
C ASN B 460 19.82 -27.00 -29.52
N ASN B 461 20.82 -26.74 -30.36
CA ASN B 461 22.01 -27.59 -30.34
C ASN B 461 23.30 -26.92 -29.91
N LEU B 462 23.18 -25.73 -29.31
CA LEU B 462 24.37 -25.04 -28.86
C LEU B 462 24.81 -25.72 -27.56
N LEU B 463 26.11 -25.60 -27.27
CA LEU B 463 26.65 -26.19 -26.06
C LEU B 463 26.63 -25.16 -24.97
N PRO B 464 26.58 -25.61 -23.71
CA PRO B 464 26.53 -24.68 -22.58
C PRO B 464 27.68 -23.68 -22.57
N GLY B 465 28.75 -24.03 -23.27
CA GLY B 465 29.90 -23.15 -23.33
C GLY B 465 29.83 -22.00 -24.32
N GLU B 466 29.12 -22.19 -25.42
CA GLU B 466 28.98 -21.19 -26.48
C GLU B 466 28.12 -19.97 -26.08
N LEU B 467 28.58 -19.29 -25.03
CA LEU B 467 27.88 -18.14 -24.46
C LEU B 467 27.42 -17.03 -25.38
N VAL B 468 28.29 -16.59 -26.28
CA VAL B 468 27.89 -15.50 -27.16
C VAL B 468 26.70 -15.88 -28.02
N LEU B 469 26.86 -16.93 -28.83
CA LEU B 469 25.75 -17.36 -29.68
C LEU B 469 24.47 -17.46 -28.86
N THR B 470 24.56 -18.16 -27.74
CA THR B 470 23.41 -18.32 -26.88
C THR B 470 22.77 -16.97 -26.58
N ASN B 471 23.54 -15.99 -26.13
CA ASN B 471 22.97 -14.67 -25.83
C ASN B 471 22.26 -14.10 -27.05
N LEU B 472 22.97 -13.97 -28.16
CA LEU B 472 22.38 -13.44 -29.39
C LEU B 472 21.04 -14.05 -29.66
N ILE B 473 21.00 -15.37 -29.86
CA ILE B 473 19.75 -16.05 -30.14
C ILE B 473 18.68 -15.84 -29.09
N GLN B 474 19.04 -16.04 -27.83
CA GLN B 474 18.08 -15.85 -26.74
C GLN B 474 17.48 -14.44 -26.78
N THR B 475 18.33 -13.44 -26.85
CA THR B 475 17.85 -12.07 -26.88
C THR B 475 16.90 -11.87 -28.05
N TYR B 476 17.26 -12.42 -29.21
CA TYR B 476 16.42 -12.29 -30.40
C TYR B 476 15.04 -12.83 -30.09
N PHE B 477 15.01 -14.01 -29.47
CA PHE B 477 13.79 -14.72 -29.06
C PHE B 477 13.20 -14.23 -27.74
N ARG B 478 13.61 -13.04 -27.33
CA ARG B 478 13.09 -12.42 -26.13
C ARG B 478 13.04 -13.31 -24.89
N GLY B 479 14.14 -13.98 -24.57
CA GLY B 479 14.15 -14.80 -23.37
C GLY B 479 13.66 -16.24 -23.45
N ASN B 480 12.75 -16.54 -24.37
CA ASN B 480 12.27 -17.91 -24.47
C ASN B 480 13.50 -18.81 -24.62
N THR B 481 13.46 -20.02 -24.07
CA THR B 481 14.62 -20.90 -24.16
C THR B 481 14.57 -21.68 -25.45
N ALA B 482 15.68 -22.28 -25.82
CA ALA B 482 15.71 -23.07 -27.04
C ALA B 482 14.53 -24.03 -27.07
N GLN B 483 14.12 -24.49 -25.91
CA GLN B 483 13.00 -25.41 -25.82
C GLN B 483 11.68 -24.69 -26.10
N GLN B 484 11.39 -23.66 -25.31
CA GLN B 484 10.16 -22.87 -25.45
C GLN B 484 10.03 -22.29 -26.86
N ALA B 485 11.16 -22.03 -27.50
CA ALA B 485 11.14 -21.47 -28.83
C ALA B 485 10.44 -22.40 -29.78
N ALA B 486 10.80 -23.68 -29.73
CA ALA B 486 10.23 -24.68 -30.61
C ALA B 486 8.84 -25.17 -30.26
N GLU B 487 8.25 -24.60 -29.22
CA GLU B 487 6.92 -25.03 -28.84
C GLU B 487 5.95 -24.69 -29.97
N ILE B 488 4.96 -25.55 -30.19
CA ILE B 488 4.02 -25.27 -31.26
C ILE B 488 2.80 -24.53 -30.70
N LEU B 489 2.51 -23.38 -31.27
CA LEU B 489 1.37 -22.61 -30.81
C LEU B 489 0.10 -23.06 -31.53
N ILE B 490 0.20 -23.18 -32.84
CA ILE B 490 -0.89 -23.64 -33.68
C ILE B 490 -0.24 -24.60 -34.64
N PRO B 491 -0.71 -25.84 -34.67
CA PRO B 491 -0.20 -26.91 -35.54
C PRO B 491 -0.52 -26.69 -36.99
N ALA B 492 0.40 -27.17 -37.82
CA ALA B 492 0.30 -27.11 -39.25
C ALA B 492 -1.10 -27.47 -39.72
N ASP B 493 -1.63 -28.59 -39.23
CA ASP B 493 -2.97 -29.06 -39.57
C ASP B 493 -3.99 -27.94 -39.70
N GLN B 494 -4.14 -27.16 -38.62
CA GLN B 494 -5.10 -26.08 -38.55
C GLN B 494 -4.75 -24.74 -39.16
N THR B 495 -3.97 -24.73 -40.22
CA THR B 495 -3.62 -23.47 -40.82
C THR B 495 -3.86 -23.49 -42.30
N SER B 496 -4.21 -22.33 -42.83
CA SER B 496 -4.44 -22.20 -44.25
C SER B 496 -3.12 -22.53 -44.93
N TYR B 497 -2.05 -21.88 -44.49
CA TYR B 497 -0.71 -22.11 -45.04
C TYR B 497 -0.21 -23.41 -44.43
N GLY B 498 0.88 -23.97 -44.95
CA GLY B 498 1.35 -25.22 -44.39
C GLY B 498 1.89 -25.22 -42.97
N ALA B 499 3.01 -24.55 -42.79
CA ALA B 499 3.77 -24.44 -41.54
C ALA B 499 3.15 -24.40 -40.14
N ASN B 500 3.93 -24.96 -39.21
CA ASN B 500 3.58 -24.97 -37.81
C ASN B 500 3.81 -23.53 -37.40
N GLU B 501 2.96 -23.05 -36.51
CA GLU B 501 3.04 -21.69 -36.01
C GLU B 501 3.77 -21.80 -34.66
N THR B 502 5.10 -21.81 -34.70
CA THR B 502 5.92 -21.92 -33.48
C THR B 502 6.02 -20.59 -32.75
N ARG B 503 6.53 -20.66 -31.52
CA ARG B 503 6.69 -19.48 -30.69
C ARG B 503 7.84 -18.65 -31.25
N ALA B 504 8.81 -19.33 -31.87
CA ALA B 504 9.94 -18.63 -32.45
C ALA B 504 9.47 -17.81 -33.61
N LEU B 505 8.26 -18.07 -34.10
CA LEU B 505 7.74 -17.30 -35.21
C LEU B 505 6.88 -16.16 -34.74
N SER B 506 6.90 -15.91 -33.45
CA SER B 506 6.09 -14.84 -32.89
C SER B 506 6.94 -14.01 -31.94
N ALA B 507 7.82 -14.68 -31.21
CA ALA B 507 8.66 -14.02 -30.24
C ALA B 507 9.34 -12.72 -30.67
N PRO B 508 9.96 -12.71 -31.85
CA PRO B 508 10.65 -11.51 -32.35
C PRO B 508 9.74 -10.31 -32.52
N TYR B 509 8.58 -10.56 -33.13
CA TYR B 509 7.63 -9.50 -33.42
C TYR B 509 6.85 -8.88 -32.23
N LEU B 510 6.91 -7.55 -32.16
CA LEU B 510 6.20 -6.74 -31.16
C LEU B 510 6.61 -7.04 -29.74
N PHE B 511 5.62 -7.24 -28.89
CA PHE B 511 5.83 -7.54 -27.49
C PHE B 511 6.40 -8.92 -27.28
N GLY B 512 6.33 -9.74 -28.33
CA GLY B 512 6.86 -11.10 -28.23
C GLY B 512 5.77 -12.07 -27.85
N ALA B 513 4.55 -11.56 -27.89
CA ALA B 513 3.42 -12.36 -27.53
C ALA B 513 3.16 -13.35 -28.64
N PRO B 514 2.61 -14.51 -28.29
CA PRO B 514 2.32 -15.52 -29.31
C PRO B 514 1.24 -14.96 -30.23
N ILE B 515 1.42 -15.10 -31.53
CA ILE B 515 0.45 -14.62 -32.52
C ILE B 515 -0.97 -15.00 -32.08
N ASN B 516 -1.02 -16.10 -31.33
CA ASN B 516 -2.22 -16.66 -30.75
C ASN B 516 -3.01 -15.64 -29.96
N MET B 517 -2.41 -15.23 -28.86
CA MET B 517 -3.00 -14.28 -27.95
C MET B 517 -2.25 -12.94 -28.02
N LEU B 518 -2.74 -11.98 -28.78
CA LEU B 518 -2.05 -10.70 -28.86
C LEU B 518 -2.58 -9.67 -27.90
N ALA B 519 -1.70 -8.78 -27.49
CA ALA B 519 -2.05 -7.72 -26.57
C ALA B 519 -2.94 -6.65 -27.26
N PRO B 520 -4.22 -6.52 -26.84
CA PRO B 520 -5.24 -5.58 -27.36
C PRO B 520 -5.26 -4.19 -26.75
N ASP B 521 -5.45 -3.18 -27.59
CA ASP B 521 -5.55 -1.77 -27.17
C ASP B 521 -6.90 -1.61 -26.47
N ALA B 522 -6.91 -1.62 -25.14
CA ALA B 522 -8.18 -1.53 -24.43
C ALA B 522 -8.52 -0.20 -23.83
N ARG B 523 -8.00 0.88 -24.40
CA ARG B 523 -8.28 2.20 -23.88
C ARG B 523 -9.79 2.50 -23.85
N LEU B 524 -10.46 2.18 -24.96
CA LEU B 524 -11.88 2.43 -25.05
C LEU B 524 -12.72 1.35 -24.38
N SER B 525 -12.05 0.36 -23.80
CA SER B 525 -12.76 -0.75 -23.19
C SER B 525 -13.79 -0.43 -22.12
N THR B 526 -13.44 0.37 -21.13
CA THR B 526 -14.41 0.71 -20.09
C THR B 526 -15.73 1.09 -20.78
N TYR B 527 -15.71 2.23 -21.46
CA TYR B 527 -16.88 2.75 -22.13
C TYR B 527 -17.64 1.70 -22.91
N LYS B 528 -16.92 0.80 -23.57
CA LYS B 528 -17.59 -0.22 -24.36
C LYS B 528 -18.41 -1.15 -23.51
N ARG B 529 -17.75 -1.76 -22.52
CA ARG B 529 -18.40 -2.69 -21.61
C ARG B 529 -19.71 -2.08 -21.11
N ASP B 530 -19.66 -0.83 -20.69
CA ASP B 530 -20.85 -0.17 -20.17
C ASP B 530 -21.93 0.10 -21.20
N LEU B 531 -21.68 -0.20 -22.48
CA LEU B 531 -22.69 0.01 -23.51
C LEU B 531 -23.19 -1.29 -24.12
N ALA B 532 -22.73 -2.41 -23.56
CA ALA B 532 -23.12 -3.73 -24.05
C ALA B 532 -22.45 -4.10 -25.34
N LEU B 533 -21.50 -3.29 -25.78
CA LEU B 533 -20.79 -3.56 -27.01
C LEU B 533 -19.79 -4.70 -26.79
N PRO B 534 -19.43 -5.40 -27.87
CA PRO B 534 -18.50 -6.52 -27.88
C PRO B 534 -17.12 -6.20 -27.34
N ASP B 535 -16.48 -7.22 -26.77
CA ASP B 535 -15.15 -7.10 -26.19
C ASP B 535 -14.00 -6.80 -27.14
N ARG B 536 -13.96 -7.52 -28.25
CA ARG B 536 -12.88 -7.38 -29.23
C ARG B 536 -12.48 -5.95 -29.59
N SER B 537 -11.17 -5.76 -29.65
CA SER B 537 -10.58 -4.46 -29.97
C SER B 537 -9.36 -4.65 -30.87
N PRO B 538 -8.78 -3.55 -31.35
CA PRO B 538 -7.60 -3.66 -32.20
C PRO B 538 -6.37 -3.97 -31.38
N ILE B 539 -5.27 -4.22 -32.06
CA ILE B 539 -4.04 -4.57 -31.37
C ILE B 539 -3.34 -3.38 -30.75
N LEU B 540 -2.65 -3.64 -29.65
CA LEU B 540 -1.93 -2.59 -28.97
C LEU B 540 -0.50 -2.55 -29.49
N ILE B 541 -0.19 -1.49 -30.24
CA ILE B 541 1.13 -1.31 -30.83
C ILE B 541 2.23 -1.09 -29.77
N THR B 542 1.83 -0.55 -28.62
CA THR B 542 2.77 -0.30 -27.53
C THR B 542 2.02 0.29 -26.35
N THR B 543 2.47 0.00 -25.13
CA THR B 543 1.79 0.50 -23.93
C THR B 543 1.74 2.00 -23.76
N VAL B 544 0.69 2.47 -23.10
CA VAL B 544 0.51 3.89 -22.87
C VAL B 544 0.37 4.18 -21.39
N GLU B 545 1.45 4.64 -20.78
CA GLU B 545 1.46 4.98 -19.36
C GLU B 545 1.26 6.48 -19.28
N GLY B 546 0.84 6.97 -18.13
CA GLY B 546 0.63 8.40 -17.99
C GLY B 546 -0.60 8.81 -18.77
N GLN B 547 -0.46 9.87 -19.56
CA GLN B 547 -1.58 10.39 -20.33
C GLN B 547 -1.17 10.71 -21.76
N ASN B 548 0.15 10.81 -21.92
CA ASN B 548 0.81 11.12 -23.17
C ASN B 548 2.30 10.72 -23.00
N SER B 549 2.52 9.66 -22.22
CA SER B 549 3.84 9.12 -21.96
C SER B 549 3.76 7.76 -22.67
N ILE B 550 4.33 7.70 -23.87
CA ILE B 550 4.33 6.49 -24.67
C ILE B 550 5.61 5.70 -24.48
N SER B 551 5.46 4.41 -24.16
CA SER B 551 6.60 3.54 -23.92
C SER B 551 7.21 3.03 -25.19
N ILE B 552 8.53 3.17 -25.27
CA ILE B 552 9.29 2.72 -26.41
C ILE B 552 10.06 1.47 -26.01
N GLU B 553 9.74 0.93 -24.84
CA GLU B 553 10.45 -0.26 -24.34
C GLU B 553 10.58 -1.35 -25.38
N ASN B 554 9.64 -1.36 -26.31
CA ASN B 554 9.72 -2.37 -27.34
C ASN B 554 10.93 -2.14 -28.24
N LEU B 555 11.13 -0.91 -28.68
CA LEU B 555 12.26 -0.60 -29.55
C LEU B 555 13.56 -0.78 -28.80
N ARG B 556 13.58 -0.27 -27.58
CA ARG B 556 14.77 -0.35 -26.75
C ARG B 556 15.31 -1.76 -26.68
N HIS B 557 14.41 -2.75 -26.71
CA HIS B 557 14.82 -4.14 -26.67
C HIS B 557 15.66 -4.46 -27.88
N LYS B 558 15.12 -4.15 -29.06
CA LYS B 558 15.80 -4.38 -30.31
C LYS B 558 17.10 -3.60 -30.35
N THR B 559 17.06 -2.39 -29.79
CA THR B 559 18.23 -1.53 -29.73
C THR B 559 19.39 -2.32 -29.13
N GLY B 560 19.13 -2.98 -28.02
CA GLY B 560 20.14 -3.78 -27.37
C GLY B 560 20.61 -4.89 -28.30
N LEU B 561 19.66 -5.59 -28.91
CA LEU B 561 19.99 -6.68 -29.83
C LEU B 561 20.83 -6.18 -30.99
N ILE B 562 20.49 -5.01 -31.52
CA ILE B 562 21.23 -4.47 -32.63
C ILE B 562 22.64 -4.21 -32.18
N ARG B 563 22.77 -3.71 -30.95
CA ARG B 563 24.08 -3.40 -30.39
C ARG B 563 24.89 -4.71 -30.30
N ALA B 564 24.26 -5.79 -29.86
CA ALA B 564 24.93 -7.08 -29.73
C ALA B 564 25.33 -7.64 -31.09
N MET B 565 24.48 -7.41 -32.09
CA MET B 565 24.74 -7.92 -33.42
C MET B 565 25.97 -7.33 -34.12
N TYR B 566 26.12 -6.01 -34.05
CA TYR B 566 27.23 -5.38 -34.74
C TYR B 566 28.29 -4.63 -33.94
N LEU B 567 27.88 -3.81 -32.98
CA LEU B 567 28.85 -3.05 -32.23
C LEU B 567 29.57 -3.78 -31.12
N ASN B 568 29.59 -5.11 -31.16
CA ASN B 568 30.29 -5.82 -30.11
C ASN B 568 31.38 -6.72 -30.62
N GLY B 569 31.78 -6.50 -31.86
CA GLY B 569 32.83 -7.31 -32.44
C GLY B 569 32.31 -8.63 -32.98
N PHE B 570 32.95 -9.11 -34.03
CA PHE B 570 32.53 -10.35 -34.67
C PHE B 570 33.59 -11.42 -34.50
N VAL B 571 33.37 -12.53 -35.19
CA VAL B 571 34.30 -13.66 -35.17
C VAL B 571 35.02 -13.61 -36.50
N THR B 572 34.27 -13.19 -37.52
CA THR B 572 34.75 -13.06 -38.88
C THR B 572 33.89 -11.96 -39.50
N GLN B 573 34.21 -10.72 -39.12
CA GLN B 573 33.48 -9.53 -39.58
C GLN B 573 32.95 -9.51 -40.99
N PRO B 574 31.72 -9.01 -41.17
CA PRO B 574 31.10 -8.94 -42.49
C PRO B 574 32.05 -8.11 -43.33
N PRO B 575 32.09 -8.37 -44.63
CA PRO B 575 32.97 -7.67 -45.56
C PRO B 575 32.89 -6.16 -45.47
N ALA B 576 31.69 -5.64 -45.45
CA ALA B 576 31.49 -4.20 -45.39
C ALA B 576 32.34 -3.54 -44.31
N TRP B 577 32.57 -4.27 -43.23
CA TRP B 577 33.30 -3.81 -42.06
C TRP B 577 34.81 -4.02 -42.00
N ILE B 578 35.43 -4.44 -43.09
CA ILE B 578 36.86 -4.65 -43.02
C ILE B 578 37.58 -3.33 -42.95
N ARG B 579 37.33 -2.48 -43.94
CA ARG B 579 37.99 -1.19 -43.96
C ARG B 579 37.26 -0.01 -43.33
N ASN B 580 35.95 0.09 -43.49
CA ASN B 580 35.21 1.20 -42.89
C ASN B 580 34.66 0.91 -41.49
N ALA B 581 35.27 -0.05 -40.80
CA ALA B 581 34.86 -0.44 -39.45
C ALA B 581 34.42 0.75 -38.61
N ASN B 582 35.31 1.72 -38.43
CA ASN B 582 35.02 2.90 -37.64
C ASN B 582 33.77 3.61 -38.13
N SER B 583 33.78 4.03 -39.39
CA SER B 583 32.64 4.74 -39.95
C SER B 583 31.32 4.07 -39.62
N ASN B 584 31.18 2.80 -39.97
CA ASN B 584 29.94 2.09 -39.70
C ASN B 584 29.55 2.25 -38.24
N THR B 585 30.50 1.97 -37.35
CA THR B 585 30.28 2.10 -35.91
C THR B 585 29.66 3.46 -35.57
N ALA B 586 30.24 4.51 -36.12
CA ALA B 586 29.74 5.85 -35.85
C ALA B 586 28.34 6.03 -36.42
N LEU B 587 28.14 5.69 -37.68
CA LEU B 587 26.83 5.85 -38.28
C LEU B 587 25.76 5.05 -37.55
N LEU B 588 26.02 3.76 -37.34
CA LEU B 588 25.04 2.91 -36.68
C LEU B 588 24.79 3.38 -35.28
N SER B 589 25.80 3.97 -34.67
CA SER B 589 25.64 4.45 -33.31
C SER B 589 24.67 5.62 -33.28
N ARG B 590 24.70 6.46 -34.30
CA ARG B 590 23.82 7.61 -34.36
C ARG B 590 22.42 7.06 -34.60
N PHE B 591 22.35 6.07 -35.47
CA PHE B 591 21.10 5.42 -35.81
C PHE B 591 20.38 4.98 -34.54
N LEU B 592 21.12 4.33 -33.66
CA LEU B 592 20.56 3.87 -32.41
C LEU B 592 20.17 5.02 -31.49
N ASP B 593 21.04 6.02 -31.38
CA ASP B 593 20.77 7.16 -30.52
C ASP B 593 19.54 7.93 -30.96
N ALA B 594 19.14 7.75 -32.22
CA ALA B 594 18.00 8.47 -32.76
C ALA B 594 16.70 7.67 -32.81
N THR B 595 16.77 6.41 -32.45
CA THR B 595 15.62 5.54 -32.47
C THR B 595 14.34 6.06 -31.80
N PRO B 596 14.46 6.68 -30.63
CA PRO B 596 13.26 7.20 -29.95
C PRO B 596 12.42 8.08 -30.85
N ASN B 597 13.02 8.57 -31.91
CA ASN B 597 12.30 9.40 -32.85
C ASN B 597 11.13 8.62 -33.42
N LEU B 598 11.25 7.30 -33.48
CA LEU B 598 10.19 6.49 -34.03
C LEU B 598 8.96 6.72 -33.17
N LEU B 599 9.18 7.37 -32.05
CA LEU B 599 8.08 7.68 -31.17
C LEU B 599 6.93 8.27 -31.99
N GLY B 600 7.28 9.09 -32.96
CA GLY B 600 6.27 9.72 -33.80
C GLY B 600 5.30 8.78 -34.48
N ILE B 601 5.80 7.62 -34.94
CA ILE B 601 4.94 6.66 -35.61
C ILE B 601 3.97 6.15 -34.56
N TYR B 602 4.51 5.82 -33.39
CA TYR B 602 3.69 5.34 -32.29
C TYR B 602 2.53 6.29 -32.06
N GLU B 603 2.82 7.58 -32.02
CA GLU B 603 1.77 8.57 -31.78
C GLU B 603 0.68 8.49 -32.81
N ALA B 604 1.07 8.39 -34.07
CA ALA B 604 0.08 8.32 -35.14
C ALA B 604 -0.74 7.06 -35.08
N ILE B 605 -0.10 5.91 -35.13
CA ILE B 605 -0.82 4.65 -35.08
C ILE B 605 -1.81 4.68 -33.91
N LEU B 606 -1.30 5.01 -32.73
CA LEU B 606 -2.10 5.08 -31.51
C LEU B 606 -3.32 5.98 -31.62
N ALA B 607 -3.22 7.04 -32.40
CA ALA B 607 -4.33 7.95 -32.55
C ALA B 607 -5.42 7.32 -33.38
N ASN B 608 -5.01 6.56 -34.38
CA ASN B 608 -5.96 5.92 -35.25
C ASN B 608 -6.68 4.78 -34.55
N THR B 609 -5.99 4.05 -33.67
CA THR B 609 -6.65 2.96 -32.99
C THR B 609 -7.53 3.41 -31.81
N TYR B 610 -7.70 4.72 -31.68
CA TYR B 610 -8.52 5.24 -30.59
C TYR B 610 -9.65 6.09 -31.09
N ALA B 611 -9.47 6.62 -32.28
CA ALA B 611 -10.46 7.49 -32.85
C ALA B 611 -10.75 7.16 -34.29
N ASN B 612 -9.88 7.61 -35.17
CA ASN B 612 -10.05 7.39 -36.61
C ASN B 612 -10.64 6.07 -37.05
N ALA B 613 -9.80 5.05 -37.06
CA ALA B 613 -10.16 3.74 -37.54
C ALA B 613 -10.78 2.75 -36.58
N VAL B 614 -10.84 3.09 -35.29
CA VAL B 614 -11.41 2.14 -34.35
C VAL B 614 -12.82 1.82 -34.81
N ASN B 615 -13.14 0.53 -34.82
CA ASN B 615 -14.44 0.03 -35.29
C ASN B 615 -14.81 -1.29 -34.62
N VAL B 616 -16.10 -1.58 -34.58
CA VAL B 616 -16.60 -2.80 -33.95
C VAL B 616 -16.04 -4.06 -34.55
N TYR B 617 -15.68 -4.01 -35.83
CA TYR B 617 -15.15 -5.20 -36.46
C TYR B 617 -13.64 -5.25 -36.48
N CYS B 618 -13.02 -4.63 -35.47
CA CYS B 618 -11.58 -4.69 -35.32
C CYS B 618 -11.40 -5.96 -34.51
N ASP B 619 -10.18 -6.43 -34.31
CA ASP B 619 -10.03 -7.66 -33.55
C ASP B 619 -8.55 -7.86 -33.27
N SER B 620 -8.23 -8.80 -32.39
CA SER B 620 -6.84 -9.05 -32.05
C SER B 620 -6.63 -10.56 -31.95
N VAL B 621 -7.65 -11.29 -32.31
CA VAL B 621 -7.58 -12.74 -32.24
C VAL B 621 -7.22 -13.27 -33.60
N TYR B 622 -6.02 -13.83 -33.71
CA TYR B 622 -5.56 -14.35 -34.98
C TYR B 622 -6.28 -15.61 -35.41
N ARG B 623 -6.93 -15.56 -36.57
CA ARG B 623 -7.63 -16.73 -37.10
C ARG B 623 -6.70 -17.29 -38.17
N ALA B 624 -6.12 -18.43 -37.84
CA ALA B 624 -5.14 -19.10 -38.70
C ALA B 624 -5.68 -19.84 -39.93
N ASP B 625 -7.00 -20.04 -39.98
CA ASP B 625 -7.62 -20.78 -41.07
C ASP B 625 -7.96 -19.97 -42.32
N ILE B 626 -7.75 -18.67 -42.29
CA ILE B 626 -8.08 -17.87 -43.45
C ILE B 626 -7.04 -18.02 -44.54
N PRO B 627 -7.47 -18.36 -45.76
CA PRO B 627 -6.62 -18.55 -46.93
C PRO B 627 -5.93 -17.25 -47.31
N ILE B 628 -4.66 -17.31 -47.67
CA ILE B 628 -3.92 -16.10 -48.01
C ILE B 628 -4.52 -15.32 -49.17
N GLU B 629 -5.13 -16.07 -50.06
CA GLU B 629 -5.74 -15.46 -51.23
C GLU B 629 -6.83 -14.44 -50.91
N TRP B 630 -7.46 -14.58 -49.74
CA TRP B 630 -8.54 -13.68 -49.32
C TRP B 630 -8.12 -12.34 -48.75
N LYS B 631 -6.92 -12.33 -48.16
CA LYS B 631 -6.35 -11.15 -47.52
C LYS B 631 -5.80 -10.12 -48.51
N LEU B 632 -5.83 -8.86 -48.10
CA LEU B 632 -5.31 -7.76 -48.93
C LEU B 632 -3.82 -7.79 -48.74
N HIS B 633 -3.07 -7.41 -49.76
CA HIS B 633 -1.62 -7.44 -49.64
C HIS B 633 -0.90 -6.31 -50.34
N GLN B 634 0.31 -6.05 -49.87
CA GLN B 634 1.18 -5.02 -50.43
C GLN B 634 2.59 -5.32 -49.97
N SER B 635 3.59 -4.70 -50.57
CA SER B 635 4.95 -4.97 -50.15
C SER B 635 5.53 -3.77 -49.45
N VAL B 636 6.46 -4.04 -48.53
CA VAL B 636 7.09 -2.99 -47.77
C VAL B 636 8.61 -3.16 -47.69
N ASP B 637 9.31 -2.04 -47.69
CA ASP B 637 10.76 -2.06 -47.62
C ASP B 637 11.14 -1.67 -46.21
N PRO B 638 11.76 -2.57 -45.44
CA PRO B 638 12.13 -2.21 -44.08
C PRO B 638 13.17 -1.11 -44.07
N GLN B 639 13.89 -0.99 -45.19
CA GLN B 639 14.91 0.02 -45.31
C GLN B 639 14.31 1.42 -45.24
N ASP B 640 13.05 1.59 -45.64
CA ASP B 640 12.44 2.92 -45.59
C ASP B 640 12.47 3.40 -44.14
N LEU B 641 12.49 2.47 -43.20
CA LEU B 641 12.51 2.84 -41.80
C LEU B 641 13.75 3.63 -41.43
N LEU B 642 14.76 3.64 -42.31
CA LEU B 642 16.00 4.37 -42.04
C LEU B 642 15.72 5.85 -41.85
N PHE B 643 15.19 6.48 -42.88
CA PHE B 643 14.88 7.90 -42.78
C PHE B 643 13.80 8.12 -41.74
N GLY B 644 13.04 7.08 -41.44
CA GLY B 644 12.01 7.21 -40.43
C GLY B 644 12.69 7.49 -39.13
N VAL B 645 13.73 6.70 -38.84
CA VAL B 645 14.49 6.85 -37.62
C VAL B 645 15.21 8.20 -37.56
N PHE B 646 15.92 8.58 -38.61
CA PHE B 646 16.64 9.85 -38.61
C PHE B 646 15.78 11.05 -38.90
N GLY B 647 14.64 10.84 -39.53
CA GLY B 647 13.82 11.98 -39.90
C GLY B 647 12.51 12.31 -39.20
N ILE B 648 11.84 11.31 -38.65
CA ILE B 648 10.56 11.58 -38.00
C ILE B 648 10.70 12.47 -36.78
N VAL B 649 9.81 13.45 -36.67
CA VAL B 649 9.83 14.37 -35.56
C VAL B 649 8.58 14.23 -34.71
N PRO B 650 8.72 13.65 -33.53
CA PRO B 650 7.58 13.45 -32.64
C PRO B 650 6.89 14.78 -32.36
N GLN B 651 5.63 14.71 -31.95
CA GLN B 651 4.87 15.90 -31.63
C GLN B 651 4.48 15.84 -30.15
N TYR B 652 4.96 14.81 -29.47
CA TYR B 652 4.70 14.59 -28.05
C TYR B 652 3.29 15.01 -27.67
N GLN B 653 2.30 14.30 -28.22
CA GLN B 653 0.90 14.58 -27.98
C GLN B 653 0.09 13.80 -29.03
N ILE B 654 -1.09 13.29 -28.66
CA ILE B 654 -1.92 12.54 -29.60
C ILE B 654 -3.11 13.40 -30.12
N LEU B 655 -3.18 13.57 -31.45
CA LEU B 655 -4.23 14.40 -32.10
C LEU B 655 -5.53 13.65 -32.49
N ASN B 656 -6.31 13.27 -31.49
CA ASN B 656 -7.57 12.55 -31.70
C ASN B 656 -8.63 13.53 -32.22
N GLU B 657 -8.33 14.25 -33.30
CA GLU B 657 -9.30 15.22 -33.80
C GLU B 657 -10.49 14.57 -34.48
N ALA B 658 -10.29 13.35 -34.99
CA ALA B 658 -11.33 12.62 -35.69
C ALA B 658 -12.35 11.96 -34.77
N VAL B 659 -13.32 11.28 -35.39
CA VAL B 659 -14.38 10.59 -34.65
C VAL B 659 -14.71 9.33 -35.39
N PRO B 660 -14.84 8.23 -34.67
CA PRO B 660 -15.16 6.93 -35.26
C PRO B 660 -16.53 6.74 -35.87
N ASP B 661 -16.57 5.91 -36.91
CA ASP B 661 -17.81 5.54 -37.59
C ASP B 661 -17.92 4.11 -37.12
N PHE B 662 -17.71 3.97 -35.83
CA PHE B 662 -17.71 2.70 -35.12
C PHE B 662 -18.52 1.53 -35.63
N PHE B 663 -19.70 1.78 -36.20
CA PHE B 663 -20.54 0.66 -36.63
C PHE B 663 -20.69 0.26 -38.10
N ALA B 664 -20.02 0.97 -39.00
CA ALA B 664 -20.14 0.65 -40.42
C ALA B 664 -19.51 -0.66 -40.80
N GLY B 665 -20.03 -1.29 -41.85
CA GLY B 665 -19.45 -2.53 -42.31
C GLY B 665 -20.18 -3.84 -42.10
N GLY B 666 -21.28 -3.79 -41.36
CA GLY B 666 -22.03 -5.00 -41.10
C GLY B 666 -22.88 -5.54 -42.22
N GLU B 667 -23.29 -4.66 -43.13
CA GLU B 667 -24.15 -5.05 -44.24
C GLU B 667 -24.02 -6.52 -44.64
N ASP B 668 -22.81 -6.98 -44.94
CA ASP B 668 -22.63 -8.37 -45.36
C ASP B 668 -22.92 -9.39 -44.29
N ILE B 669 -22.34 -9.17 -43.13
CA ILE B 669 -22.55 -10.10 -42.03
C ILE B 669 -24.07 -10.30 -41.85
N LEU B 670 -24.79 -9.22 -41.64
CA LEU B 670 -26.22 -9.30 -41.44
C LEU B 670 -26.87 -10.26 -42.42
N ILE B 671 -26.61 -10.04 -43.71
CA ILE B 671 -27.20 -10.90 -44.71
C ILE B 671 -26.81 -12.35 -44.54
N LEU B 672 -25.53 -12.61 -44.31
CA LEU B 672 -25.10 -13.97 -44.11
C LEU B 672 -25.83 -14.52 -42.88
N GLN B 673 -25.87 -13.73 -41.82
CA GLN B 673 -26.54 -14.17 -40.59
C GLN B 673 -27.99 -14.55 -40.84
N LEU B 674 -28.68 -13.76 -41.66
CA LEU B 674 -30.06 -14.05 -41.97
C LEU B 674 -30.13 -15.27 -42.87
N ILE B 675 -29.30 -15.30 -43.90
CA ILE B 675 -29.31 -16.44 -44.80
C ILE B 675 -29.24 -17.71 -43.99
N ARG B 676 -28.35 -17.73 -43.01
CA ARG B 676 -28.19 -18.91 -42.18
C ARG B 676 -29.43 -19.21 -41.33
N ALA B 677 -29.97 -18.17 -40.71
CA ALA B 677 -31.15 -18.33 -39.86
C ALA B 677 -32.39 -18.76 -40.63
N VAL B 678 -32.50 -18.33 -41.87
CA VAL B 678 -33.65 -18.69 -42.66
C VAL B 678 -33.54 -20.15 -43.09
N TYR B 679 -32.31 -20.58 -43.31
CA TYR B 679 -32.07 -21.96 -43.71
C TYR B 679 -32.65 -22.85 -42.65
N ASP B 680 -32.44 -22.45 -41.40
CA ASP B 680 -32.95 -23.22 -40.30
C ASP B 680 -34.45 -23.20 -40.28
N THR B 681 -35.05 -22.00 -40.19
CA THR B 681 -36.51 -21.91 -40.13
C THR B 681 -37.17 -22.72 -41.24
N LEU B 682 -36.49 -22.91 -42.36
CA LEU B 682 -37.05 -23.73 -43.44
C LEU B 682 -36.86 -25.20 -43.10
N SER B 683 -35.63 -25.57 -42.80
CA SER B 683 -35.30 -26.95 -42.46
C SER B 683 -36.10 -27.43 -41.28
N ASN B 684 -36.06 -26.71 -40.17
CA ASN B 684 -36.80 -27.16 -39.00
C ASN B 684 -38.21 -27.61 -39.36
N LYS B 685 -38.95 -26.79 -40.12
CA LYS B 685 -40.30 -27.12 -40.51
C LYS B 685 -40.40 -28.31 -41.48
N LEU B 686 -39.38 -28.46 -42.32
CA LEU B 686 -39.36 -29.54 -43.28
C LEU B 686 -39.08 -30.87 -42.58
N GLY B 687 -38.61 -30.79 -41.34
CA GLY B 687 -38.34 -32.02 -40.61
C GLY B 687 -37.10 -32.76 -41.08
N ARG B 688 -36.33 -32.16 -42.01
CA ARG B 688 -35.10 -32.78 -42.51
C ARG B 688 -34.30 -31.84 -43.40
N ASN B 689 -33.06 -32.20 -43.72
CA ASN B 689 -32.21 -31.33 -44.52
C ASN B 689 -32.82 -31.10 -45.89
N PRO B 690 -33.21 -29.85 -46.19
CA PRO B 690 -33.82 -29.55 -47.48
C PRO B 690 -33.13 -30.21 -48.67
N ALA B 691 -31.81 -30.30 -48.60
CA ALA B 691 -31.04 -30.88 -49.69
C ALA B 691 -31.25 -32.37 -49.91
N ASP B 692 -32.05 -33.02 -49.08
CA ASP B 692 -32.31 -34.44 -49.24
C ASP B 692 -33.33 -34.63 -50.36
N ILE B 693 -34.16 -33.62 -50.54
CA ILE B 693 -35.23 -33.68 -51.52
C ILE B 693 -35.34 -32.50 -52.45
N PHE B 694 -34.48 -31.51 -52.28
CA PHE B 694 -34.53 -30.32 -53.13
C PHE B 694 -33.20 -30.03 -53.80
N HIS B 695 -33.25 -29.45 -54.98
CA HIS B 695 -32.03 -29.09 -55.67
C HIS B 695 -31.65 -27.77 -55.01
N LEU B 696 -30.37 -27.50 -54.83
CA LEU B 696 -30.02 -26.25 -54.17
C LEU B 696 -30.68 -25.04 -54.78
N GLU B 697 -30.72 -24.98 -56.10
CA GLU B 697 -31.33 -23.86 -56.80
C GLU B 697 -32.72 -23.56 -56.24
N GLU B 698 -33.43 -24.60 -55.82
CA GLU B 698 -34.76 -24.43 -55.26
C GLU B 698 -34.67 -23.81 -53.89
N VAL B 699 -33.86 -24.44 -53.03
CA VAL B 699 -33.69 -23.94 -51.66
C VAL B 699 -33.19 -22.51 -51.65
N PHE B 700 -32.28 -22.18 -52.55
CA PHE B 700 -31.76 -20.83 -52.58
C PHE B 700 -32.83 -19.81 -52.95
N LYS B 701 -33.67 -20.12 -53.93
CA LYS B 701 -34.70 -19.17 -54.35
C LYS B 701 -35.61 -18.81 -53.18
N VAL B 702 -35.90 -19.78 -52.32
CA VAL B 702 -36.76 -19.52 -51.18
C VAL B 702 -35.99 -18.67 -50.18
N ILE B 703 -34.82 -19.14 -49.78
CA ILE B 703 -34.01 -18.39 -48.82
C ILE B 703 -33.86 -16.97 -49.32
N GLU B 704 -33.71 -16.81 -50.62
CA GLU B 704 -33.54 -15.47 -51.16
C GLU B 704 -34.77 -14.64 -50.90
N GLU B 705 -35.90 -15.01 -51.47
CA GLU B 705 -37.12 -14.24 -51.25
C GLU B 705 -37.34 -13.85 -49.80
N ILE B 706 -37.16 -14.79 -48.90
CA ILE B 706 -37.36 -14.52 -47.49
C ILE B 706 -36.38 -13.50 -46.94
N VAL B 707 -35.09 -13.74 -47.18
CA VAL B 707 -34.10 -12.80 -46.73
C VAL B 707 -34.42 -11.43 -47.30
N SER B 708 -34.76 -11.41 -48.59
CA SER B 708 -35.08 -10.17 -49.29
C SER B 708 -36.13 -9.36 -48.56
N VAL B 709 -37.21 -10.01 -48.14
CA VAL B 709 -38.26 -9.31 -47.45
C VAL B 709 -37.74 -8.75 -46.14
N LEU B 710 -36.87 -9.50 -45.48
CA LEU B 710 -36.32 -9.04 -44.21
C LEU B 710 -35.41 -7.82 -44.33
N VAL B 711 -34.76 -7.65 -45.48
CA VAL B 711 -33.85 -6.53 -45.65
C VAL B 711 -34.34 -5.47 -46.63
N GLN B 712 -35.36 -5.79 -47.41
CA GLN B 712 -35.88 -4.83 -48.38
C GLN B 712 -34.74 -4.45 -49.33
N GLN B 713 -34.21 -5.46 -50.00
CA GLN B 713 -33.11 -5.32 -50.93
C GLN B 713 -33.04 -6.65 -51.68
N LYS B 714 -32.67 -6.64 -52.95
CA LYS B 714 -32.58 -7.91 -53.68
C LYS B 714 -31.31 -8.59 -53.18
N ILE B 715 -31.44 -9.81 -52.69
CA ILE B 715 -30.29 -10.56 -52.18
C ILE B 715 -29.90 -11.65 -53.16
N ASP B 716 -28.61 -12.00 -53.17
CA ASP B 716 -28.14 -13.07 -54.03
C ASP B 716 -27.22 -13.98 -53.24
N VAL B 717 -27.79 -14.99 -52.61
CA VAL B 717 -27.00 -15.89 -51.79
C VAL B 717 -25.73 -16.38 -52.46
N ARG B 718 -25.85 -16.84 -53.69
CA ARG B 718 -24.71 -17.37 -54.40
C ARG B 718 -23.39 -16.60 -54.32
N LYS B 719 -23.40 -15.30 -54.56
CA LYS B 719 -22.15 -14.53 -54.56
C LYS B 719 -21.29 -14.61 -53.30
N TYR B 720 -21.89 -14.83 -52.13
CA TYR B 720 -21.09 -14.89 -50.92
C TYR B 720 -20.22 -16.12 -50.84
N PHE B 721 -20.58 -17.18 -51.56
CA PHE B 721 -19.78 -18.39 -51.47
C PHE B 721 -19.04 -18.82 -52.73
N THR B 722 -17.85 -18.29 -52.91
CA THR B 722 -16.99 -18.61 -54.06
C THR B 722 -15.68 -19.05 -53.49
N GLU B 723 -14.84 -19.67 -54.30
CA GLU B 723 -13.57 -20.10 -53.75
C GLU B 723 -12.65 -18.94 -53.45
N SER B 724 -12.87 -17.82 -54.14
CA SER B 724 -12.06 -16.64 -53.94
C SER B 724 -12.66 -15.46 -54.67
N MET B 725 -12.10 -14.28 -54.42
CA MET B 725 -12.59 -13.06 -55.03
C MET B 725 -12.42 -13.10 -56.55
N ARG B 726 -11.43 -13.88 -56.99
CA ARG B 726 -11.09 -14.04 -58.40
C ARG B 726 -12.26 -14.50 -59.26
N SER B 727 -12.64 -15.77 -59.13
CA SER B 727 -13.75 -16.34 -59.92
C SER B 727 -15.12 -15.96 -59.36
N GLY B 728 -16.11 -15.85 -60.25
CA GLY B 728 -17.44 -15.52 -59.81
C GLY B 728 -18.27 -16.80 -59.71
N SER B 729 -17.61 -17.95 -59.88
CA SER B 729 -18.31 -19.23 -59.85
C SER B 729 -18.64 -19.75 -58.45
N PHE B 730 -19.92 -20.10 -58.26
CA PHE B 730 -20.44 -20.63 -57.00
C PHE B 730 -19.68 -21.87 -56.58
N SER B 731 -19.66 -22.15 -55.28
CA SER B 731 -18.93 -23.31 -54.77
C SER B 731 -19.66 -24.05 -53.65
N LYS B 732 -20.23 -25.19 -53.95
CA LYS B 732 -20.96 -25.91 -52.92
C LYS B 732 -20.14 -26.11 -51.68
N PRO B 733 -18.89 -26.58 -51.83
CA PRO B 733 -18.07 -26.79 -50.64
C PRO B 733 -17.97 -25.62 -49.67
N ARG B 734 -18.09 -24.40 -50.17
CA ARG B 734 -18.03 -23.25 -49.27
C ARG B 734 -19.39 -23.05 -48.63
N TRP B 735 -20.44 -23.34 -49.39
CA TRP B 735 -21.81 -23.21 -48.88
C TRP B 735 -21.93 -24.26 -47.79
N ASP B 736 -21.36 -25.43 -48.05
CA ASP B 736 -21.37 -26.52 -47.10
C ASP B 736 -20.73 -26.07 -45.80
N ASN B 737 -19.49 -25.60 -45.85
CA ASN B 737 -18.83 -25.16 -44.63
C ASN B 737 -19.60 -24.09 -43.89
N PHE B 738 -20.37 -23.29 -44.63
CA PHE B 738 -21.15 -22.21 -44.04
C PHE B 738 -22.26 -22.77 -43.18
N LEU B 739 -22.78 -23.92 -43.61
CA LEU B 739 -23.86 -24.60 -42.90
C LEU B 739 -23.32 -25.46 -41.77
N ARG B 740 -22.03 -25.80 -41.82
CA ARG B 740 -21.46 -26.62 -40.76
C ARG B 740 -21.35 -25.84 -39.46
N ARG B 741 -21.59 -24.54 -39.54
CA ARG B 741 -21.49 -23.69 -38.35
C ARG B 741 -22.89 -23.19 -37.99
N PRO B 742 -23.57 -23.94 -37.12
CA PRO B 742 -24.92 -23.74 -36.61
C PRO B 742 -25.09 -22.36 -36.01
N VAL B 743 -26.32 -21.89 -36.02
CA VAL B 743 -26.65 -20.58 -35.50
C VAL B 743 -26.12 -20.45 -34.09
N ALA B 744 -25.20 -19.53 -33.91
CA ALA B 744 -24.57 -19.33 -32.60
C ALA B 744 -25.28 -18.38 -31.65
N GLN B 745 -25.54 -17.15 -32.10
CA GLN B 745 -26.21 -16.20 -31.23
C GLN B 745 -27.63 -15.97 -31.66
N ARG B 746 -28.39 -15.32 -30.79
CA ARG B 746 -29.77 -15.00 -31.09
C ARG B 746 -29.72 -13.90 -32.15
N LEU B 747 -30.66 -13.94 -33.08
CA LEU B 747 -30.71 -12.95 -34.13
C LEU B 747 -30.96 -11.58 -33.52
N PRO B 748 -30.42 -10.51 -34.11
CA PRO B 748 -30.67 -9.17 -33.55
C PRO B 748 -32.17 -8.93 -33.45
N ASN B 749 -32.58 -8.28 -32.38
CA ASN B 749 -34.00 -8.04 -32.09
C ASN B 749 -34.95 -7.68 -33.20
N LEU B 750 -34.61 -6.70 -34.03
CA LEU B 750 -35.52 -6.35 -35.11
C LEU B 750 -35.97 -7.57 -35.93
N TYR B 751 -35.02 -8.41 -36.34
CA TYR B 751 -35.36 -9.57 -37.14
C TYR B 751 -35.95 -10.70 -36.32
N SER B 752 -35.47 -10.89 -35.10
CA SER B 752 -36.01 -11.97 -34.29
C SER B 752 -37.52 -11.81 -34.14
N VAL B 753 -37.96 -10.58 -33.92
CA VAL B 753 -39.38 -10.36 -33.77
C VAL B 753 -40.10 -10.80 -35.02
N ILE B 754 -39.65 -10.32 -36.17
CA ILE B 754 -40.28 -10.69 -37.42
C ILE B 754 -40.43 -12.18 -37.51
N MET B 755 -39.32 -12.89 -37.36
CA MET B 755 -39.35 -14.35 -37.47
C MET B 755 -40.19 -15.05 -36.42
N THR B 756 -40.03 -14.69 -35.15
CA THR B 756 -40.81 -15.32 -34.10
C THR B 756 -42.30 -15.19 -34.42
N GLN B 757 -42.68 -14.02 -34.91
CA GLN B 757 -44.06 -13.76 -35.26
C GLN B 757 -44.50 -14.68 -36.40
N ALA B 758 -43.69 -14.76 -37.45
CA ALA B 758 -44.04 -15.60 -38.58
C ALA B 758 -44.27 -17.02 -38.07
N ASP B 759 -43.32 -17.50 -37.26
CA ASP B 759 -43.36 -18.83 -36.69
C ASP B 759 -44.66 -19.15 -35.94
N HIS B 760 -45.26 -18.14 -35.31
CA HIS B 760 -46.53 -18.35 -34.59
C HIS B 760 -47.64 -18.48 -35.62
N VAL B 761 -47.63 -17.60 -36.60
CA VAL B 761 -48.63 -17.65 -37.64
C VAL B 761 -48.52 -18.99 -38.34
N TYR B 762 -47.30 -19.39 -38.71
CA TYR B 762 -47.16 -20.67 -39.40
C TYR B 762 -47.72 -21.78 -38.54
N ASN B 763 -47.57 -21.66 -37.22
CA ASN B 763 -48.08 -22.68 -36.34
C ASN B 763 -49.61 -22.67 -36.38
N TYR B 764 -50.18 -21.49 -36.27
CA TYR B 764 -51.64 -21.34 -36.32
C TYR B 764 -52.13 -21.81 -37.67
N MET B 765 -51.69 -21.14 -38.72
CA MET B 765 -52.10 -21.49 -40.07
C MET B 765 -52.08 -22.98 -40.26
N THR B 766 -51.01 -23.60 -39.79
CA THR B 766 -50.88 -25.03 -39.92
C THR B 766 -52.03 -25.79 -39.29
N GLN B 767 -52.46 -25.38 -38.11
CA GLN B 767 -53.57 -26.08 -37.49
C GLN B 767 -54.86 -25.93 -38.30
N LEU B 768 -54.92 -24.94 -39.20
CA LEU B 768 -56.10 -24.74 -40.00
C LEU B 768 -56.13 -25.69 -41.17
N THR B 769 -55.15 -26.58 -41.23
CA THR B 769 -55.07 -27.55 -42.30
C THR B 769 -56.21 -28.56 -42.23
N HIS B 770 -56.59 -28.91 -41.01
CA HIS B 770 -57.64 -29.88 -40.81
C HIS B 770 -58.99 -29.26 -41.12
N ILE B 771 -58.98 -28.10 -41.76
CA ILE B 771 -60.22 -27.44 -42.11
C ILE B 771 -60.39 -27.56 -43.61
N ILE B 772 -59.37 -27.12 -44.35
CA ILE B 772 -59.45 -27.17 -45.80
C ILE B 772 -59.87 -28.55 -46.33
N PRO B 773 -60.53 -28.55 -47.50
CA PRO B 773 -61.03 -29.74 -48.19
C PRO B 773 -60.02 -30.60 -48.90
N ILE B 774 -59.21 -31.32 -48.12
CA ILE B 774 -58.22 -32.21 -48.70
C ILE B 774 -58.18 -33.51 -47.92
N THR B 775 -58.47 -34.61 -48.61
CA THR B 775 -58.46 -35.91 -47.97
C THR B 775 -57.25 -36.67 -48.51
N ASP B 776 -56.78 -37.62 -47.71
CA ASP B 776 -55.61 -38.43 -48.05
C ASP B 776 -55.84 -39.59 -48.99
N CYS B 777 -57.03 -39.67 -49.60
CA CYS B 777 -57.32 -40.75 -50.54
C CYS B 777 -58.70 -40.62 -51.17
N PHE B 778 -58.83 -41.16 -52.38
CA PHE B 778 -60.11 -41.13 -53.09
C PHE B 778 -60.36 -42.52 -53.61
N TYR B 779 -61.60 -42.84 -53.95
CA TYR B 779 -61.92 -44.17 -54.44
C TYR B 779 -62.35 -44.21 -55.91
N ILE B 780 -62.19 -45.37 -56.53
CA ILE B 780 -62.58 -45.57 -57.93
C ILE B 780 -63.57 -46.70 -57.95
N VAL B 781 -64.79 -46.42 -58.40
CA VAL B 781 -65.83 -47.44 -58.50
C VAL B 781 -66.44 -47.46 -59.88
N LYS B 782 -67.06 -48.58 -60.21
CA LYS B 782 -67.68 -48.74 -61.52
C LYS B 782 -68.85 -47.77 -61.63
N ASN B 783 -69.58 -47.60 -60.53
CA ASN B 783 -70.72 -46.70 -60.52
C ASN B 783 -71.16 -46.46 -59.08
N SER B 784 -71.68 -45.26 -58.81
CA SER B 784 -72.11 -44.94 -57.46
C SER B 784 -73.07 -43.78 -57.33
N GLY B 785 -73.62 -43.64 -56.12
CA GLY B 785 -74.56 -42.59 -55.81
C GLY B 785 -75.34 -42.85 -54.53
N PHE B 786 -76.19 -41.91 -54.15
CA PHE B 786 -76.98 -42.08 -52.95
C PHE B 786 -78.28 -41.34 -52.98
N VAL B 787 -79.37 -42.07 -52.97
CA VAL B 787 -80.68 -41.45 -52.96
C VAL B 787 -81.38 -41.95 -51.72
N ASP B 788 -81.99 -41.06 -50.96
CA ASP B 788 -82.70 -41.45 -49.74
C ASP B 788 -84.05 -40.80 -49.87
N ARG B 789 -84.78 -41.16 -50.92
CA ARG B 789 -86.09 -40.57 -51.16
C ARG B 789 -87.03 -40.72 -49.99
N GLY B 790 -87.75 -39.62 -49.71
CA GLY B 790 -88.71 -39.58 -48.63
C GLY B 790 -88.15 -39.57 -47.21
N SER B 791 -86.93 -39.11 -47.04
CA SER B 791 -86.35 -39.07 -45.71
C SER B 791 -86.65 -37.71 -45.12
N THR B 792 -86.78 -37.64 -43.81
CA THR B 792 -87.05 -36.38 -43.15
C THR B 792 -85.72 -35.72 -42.85
N GLY B 793 -84.65 -36.50 -42.97
CA GLY B 793 -83.30 -36.00 -42.72
C GLY B 793 -82.90 -34.84 -43.60
N PRO B 794 -81.78 -34.15 -43.28
CA PRO B 794 -81.32 -33.03 -44.07
C PRO B 794 -80.62 -33.44 -45.36
N VAL B 795 -80.04 -34.64 -45.37
CA VAL B 795 -79.39 -35.09 -46.59
C VAL B 795 -80.34 -36.03 -47.30
N ILE B 796 -80.73 -35.66 -48.51
CA ILE B 796 -81.67 -36.45 -49.26
C ILE B 796 -81.02 -37.19 -50.44
N ALA B 797 -79.87 -36.72 -50.91
CA ALA B 797 -79.18 -37.36 -52.02
C ALA B 797 -77.75 -36.86 -52.19
N SER B 798 -76.89 -37.68 -52.79
CA SER B 798 -75.51 -37.27 -52.99
C SER B 798 -74.85 -37.99 -54.16
N SER B 799 -73.93 -37.30 -54.83
CA SER B 799 -73.20 -37.83 -55.98
C SER B 799 -72.22 -38.89 -55.55
N SER B 800 -72.04 -38.98 -54.23
CA SER B 800 -71.13 -39.94 -53.62
C SER B 800 -71.88 -40.83 -52.64
N VAL B 801 -71.15 -41.67 -51.92
CA VAL B 801 -71.72 -42.60 -50.95
C VAL B 801 -71.02 -42.52 -49.60
N TYR B 802 -71.50 -43.30 -48.64
CA TYR B 802 -70.90 -43.33 -47.32
C TYR B 802 -69.82 -44.41 -47.22
N GLU B 803 -68.68 -44.04 -46.67
CA GLU B 803 -67.55 -44.94 -46.56
C GLU B 803 -67.85 -46.39 -46.22
N ASN B 804 -68.81 -46.62 -45.32
CA ASN B 804 -69.13 -47.98 -44.93
C ASN B 804 -69.79 -48.83 -46.00
N VAL B 805 -70.22 -48.22 -47.10
CA VAL B 805 -70.85 -49.00 -48.16
C VAL B 805 -69.83 -49.48 -49.19
N LEU B 806 -68.59 -49.01 -49.06
CA LEU B 806 -67.52 -49.39 -49.97
C LEU B 806 -66.82 -50.64 -49.52
N LYS B 807 -66.46 -51.49 -50.48
CA LYS B 807 -65.75 -52.73 -50.24
C LYS B 807 -64.44 -52.57 -50.96
N VAL B 808 -63.35 -52.41 -50.23
CA VAL B 808 -62.08 -52.23 -50.88
C VAL B 808 -61.57 -53.53 -51.46
N VAL B 809 -61.25 -53.49 -52.74
CA VAL B 809 -60.78 -54.67 -53.44
C VAL B 809 -59.30 -54.64 -53.78
N HIS B 810 -58.83 -53.47 -54.18
CA HIS B 810 -57.43 -53.27 -54.50
C HIS B 810 -57.08 -51.96 -53.86
N THR B 811 -55.82 -51.81 -53.50
CA THR B 811 -55.42 -50.57 -52.92
C THR B 811 -54.20 -50.05 -53.68
N ILE B 812 -54.31 -48.94 -54.38
CA ILE B 812 -53.15 -48.40 -55.10
C ILE B 812 -52.42 -47.49 -54.11
N ALA B 813 -51.22 -47.89 -53.71
CA ALA B 813 -50.39 -47.20 -52.71
C ALA B 813 -50.14 -45.70 -52.76
N ASP B 814 -49.71 -45.19 -53.90
CA ASP B 814 -49.44 -43.76 -54.03
C ASP B 814 -49.35 -43.40 -55.50
N PHE B 815 -49.40 -42.10 -55.77
CA PHE B 815 -49.34 -41.63 -57.15
C PHE B 815 -48.41 -42.38 -58.06
N ASP B 816 -47.14 -42.43 -57.70
CA ASP B 816 -46.15 -43.11 -58.53
C ASP B 816 -46.67 -44.44 -59.04
N ALA B 817 -47.32 -45.19 -58.15
CA ALA B 817 -47.85 -46.49 -58.50
C ALA B 817 -48.97 -46.42 -59.53
N ALA B 818 -49.95 -45.59 -59.24
CA ALA B 818 -51.08 -45.44 -60.15
C ALA B 818 -50.60 -45.00 -61.49
N ASN B 819 -49.53 -44.23 -61.50
CA ASN B 819 -48.99 -43.75 -62.77
C ASN B 819 -48.32 -44.89 -63.51
N ALA B 820 -47.69 -45.78 -62.76
CA ALA B 820 -47.01 -46.93 -63.33
C ALA B 820 -48.02 -47.91 -63.90
N LEU B 821 -49.05 -48.20 -63.11
CA LEU B 821 -50.08 -49.13 -63.53
C LEU B 821 -50.74 -48.66 -64.81
N ARG B 822 -50.78 -47.35 -65.00
CA ARG B 822 -51.40 -46.78 -66.19
C ARG B 822 -50.51 -46.98 -67.39
N LEU B 823 -49.23 -47.22 -67.16
CA LEU B 823 -48.31 -47.38 -68.29
C LEU B 823 -48.14 -48.81 -68.78
N GLN B 824 -48.24 -49.79 -67.89
CA GLN B 824 -48.08 -51.15 -68.33
C GLN B 824 -49.12 -51.65 -69.33
N ARG B 825 -48.84 -51.49 -70.62
CA ARG B 825 -49.76 -51.97 -71.66
C ARG B 825 -49.51 -53.45 -71.89
N ARG B 826 -50.51 -54.15 -72.40
CA ARG B 826 -50.35 -55.57 -72.69
C ARG B 826 -51.38 -55.95 -73.74
N ARG B 827 -50.98 -56.84 -74.65
CA ARG B 827 -51.89 -57.28 -75.70
C ARG B 827 -52.96 -58.11 -75.04
N VAL B 828 -54.19 -57.94 -75.51
CA VAL B 828 -55.30 -58.69 -74.95
C VAL B 828 -55.62 -59.78 -75.96
N ASP B 829 -55.84 -59.34 -77.19
CA ASP B 829 -56.12 -60.24 -78.28
C ASP B 829 -55.41 -59.75 -79.54
N ASN B 830 -56.07 -59.86 -80.68
CA ASN B 830 -55.43 -59.44 -81.92
C ASN B 830 -55.41 -57.95 -82.17
N THR B 831 -56.51 -57.27 -81.89
CA THR B 831 -56.55 -55.85 -82.16
C THR B 831 -56.68 -54.94 -80.94
N SER B 832 -56.54 -55.49 -79.74
CA SER B 832 -56.69 -54.66 -78.56
C SER B 832 -55.66 -54.80 -77.46
N TYR B 833 -55.53 -53.73 -76.69
CA TYR B 833 -54.61 -53.65 -75.58
C TYR B 833 -55.34 -53.05 -74.39
N THR B 834 -54.67 -53.06 -73.24
CA THR B 834 -55.25 -52.49 -72.03
C THR B 834 -54.07 -52.12 -71.15
N ASP B 835 -54.33 -51.77 -69.89
CA ASP B 835 -53.24 -51.38 -68.97
C ASP B 835 -53.57 -51.72 -67.53
N SER B 836 -52.66 -52.42 -66.87
CA SER B 836 -52.85 -52.86 -65.49
C SER B 836 -53.79 -52.05 -64.59
N LEU B 837 -53.95 -50.75 -64.84
CA LEU B 837 -54.87 -49.96 -64.03
C LEU B 837 -56.29 -50.26 -64.50
N SER B 838 -56.53 -50.10 -65.80
CA SER B 838 -57.84 -50.39 -66.38
C SER B 838 -58.21 -51.85 -66.15
N ASP B 839 -57.22 -52.72 -66.34
CA ASP B 839 -57.39 -54.14 -66.18
C ASP B 839 -57.89 -54.42 -64.76
N MET B 840 -57.53 -53.53 -63.85
CA MET B 840 -57.88 -53.65 -62.44
C MET B 840 -59.25 -53.08 -62.15
N PHE B 841 -59.54 -51.99 -62.84
CA PHE B 841 -60.81 -51.28 -62.75
C PHE B 841 -61.90 -52.21 -63.23
N ASN B 842 -61.59 -52.94 -64.28
CA ASN B 842 -62.53 -53.86 -64.88
C ASN B 842 -63.04 -54.94 -63.96
N GLY B 843 -62.13 -55.49 -63.15
CA GLY B 843 -62.48 -56.55 -62.21
C GLY B 843 -63.50 -56.13 -61.18
N LEU B 844 -63.81 -54.85 -61.18
CA LEU B 844 -64.77 -54.31 -60.24
C LEU B 844 -66.17 -54.60 -60.74
N ARG B 845 -67.00 -55.12 -59.85
CA ARG B 845 -68.37 -55.43 -60.21
C ARG B 845 -69.17 -54.12 -60.35
N SER B 846 -69.92 -54.03 -61.45
CA SER B 846 -70.70 -52.83 -61.75
C SER B 846 -72.15 -52.93 -61.28
N ILE B 847 -72.67 -51.86 -60.69
CA ILE B 847 -74.04 -51.87 -60.22
C ILE B 847 -74.92 -50.96 -61.05
N SER B 848 -76.08 -51.46 -61.45
CA SER B 848 -76.98 -50.67 -62.28
C SER B 848 -77.40 -49.36 -61.64
N SER B 849 -77.34 -48.28 -62.40
CA SER B 849 -77.76 -46.98 -61.88
C SER B 849 -79.14 -47.20 -61.29
N SER B 850 -79.96 -47.94 -62.02
CA SER B 850 -81.30 -48.23 -61.55
C SER B 850 -81.29 -48.66 -60.08
N GLU B 851 -80.55 -49.70 -59.75
CA GLU B 851 -80.49 -50.17 -58.38
C GLU B 851 -80.17 -49.11 -57.31
N PHE B 852 -79.54 -48.01 -57.71
CA PHE B 852 -79.21 -46.96 -56.76
C PHE B 852 -80.41 -46.13 -56.39
N VAL B 853 -81.32 -45.96 -57.34
CA VAL B 853 -82.51 -45.18 -57.07
C VAL B 853 -83.70 -46.05 -56.75
N ARG B 854 -83.46 -47.33 -56.49
CA ARG B 854 -84.54 -48.25 -56.17
C ARG B 854 -85.42 -47.65 -55.09
N SER B 855 -86.70 -48.00 -55.11
CA SER B 855 -87.62 -47.50 -54.10
C SER B 855 -88.73 -48.52 -53.85
N VAL B 856 -89.33 -48.47 -52.67
CA VAL B 856 -90.42 -49.38 -52.29
C VAL B 856 -91.44 -48.61 -51.48
N ASN B 857 -92.63 -48.47 -52.04
CA ASN B 857 -93.68 -47.73 -51.37
C ASN B 857 -93.20 -46.33 -51.05
N GLY B 858 -92.66 -45.66 -52.06
CA GLY B 858 -92.22 -44.28 -51.91
C GLY B 858 -90.96 -43.98 -51.11
N ARG B 859 -90.36 -45.00 -50.52
CA ARG B 859 -89.14 -44.81 -49.73
C ARG B 859 -87.97 -45.58 -50.36
N SER B 860 -86.82 -44.92 -50.50
CA SER B 860 -85.65 -45.55 -51.09
C SER B 860 -85.12 -46.73 -50.28
N VAL B 861 -84.65 -47.76 -51.00
CA VAL B 861 -84.09 -48.93 -50.35
C VAL B 861 -82.93 -49.43 -51.19
N PHE B 862 -81.89 -49.95 -50.55
CA PHE B 862 -80.74 -50.43 -51.32
C PHE B 862 -80.46 -51.91 -51.16
N THR B 863 -80.86 -52.68 -52.17
CA THR B 863 -80.68 -54.12 -52.15
C THR B 863 -79.27 -54.65 -52.42
N GLU B 864 -78.60 -54.07 -53.40
CA GLU B 864 -77.27 -54.52 -53.83
C GLU B 864 -76.11 -54.79 -52.88
N GLY B 865 -76.17 -54.34 -51.64
CA GLY B 865 -75.07 -54.62 -50.75
C GLY B 865 -73.92 -53.62 -50.83
N ARG B 866 -72.70 -54.11 -51.00
CA ARG B 866 -71.54 -53.23 -51.05
C ARG B 866 -71.00 -52.98 -52.44
N ILE B 867 -70.32 -51.86 -52.60
CA ILE B 867 -69.74 -51.45 -53.87
C ILE B 867 -68.28 -51.80 -54.05
N ASP B 868 -67.97 -52.65 -55.03
CA ASP B 868 -66.58 -53.02 -55.30
C ASP B 868 -65.85 -51.71 -55.63
N ALA B 869 -64.73 -51.46 -54.95
CA ALA B 869 -63.98 -50.22 -55.19
C ALA B 869 -62.48 -50.33 -55.05
N ILE B 870 -61.76 -49.42 -55.71
CA ILE B 870 -60.31 -49.37 -55.64
C ILE B 870 -59.95 -48.15 -54.81
N LYS B 871 -59.22 -48.37 -53.72
CA LYS B 871 -58.80 -47.27 -52.84
C LYS B 871 -57.47 -46.74 -53.34
N VAL B 872 -57.41 -45.46 -53.62
CA VAL B 872 -56.19 -44.86 -54.13
C VAL B 872 -55.64 -43.89 -53.08
N ASN B 873 -54.59 -44.31 -52.38
CA ASN B 873 -53.97 -43.49 -51.35
C ASN B 873 -53.21 -42.30 -51.87
N MET B 874 -53.82 -41.57 -52.79
CA MET B 874 -53.22 -40.40 -53.39
C MET B 874 -53.92 -39.20 -52.79
N ARG B 875 -53.22 -38.08 -52.63
CA ARG B 875 -53.90 -36.96 -52.00
C ARG B 875 -54.80 -36.24 -52.97
N ALA B 876 -55.98 -35.85 -52.50
CA ALA B 876 -56.94 -35.17 -53.33
C ALA B 876 -57.73 -34.10 -52.60
N LYS B 877 -58.14 -33.10 -53.38
CA LYS B 877 -58.92 -31.97 -52.90
C LYS B 877 -60.31 -32.17 -53.42
N PHE B 878 -61.31 -32.05 -52.56
CA PHE B 878 -62.68 -32.22 -53.00
C PHE B 878 -63.44 -30.90 -53.01
N ASP B 879 -64.09 -30.67 -54.15
CA ASP B 879 -64.89 -29.48 -54.45
C ASP B 879 -66.31 -29.77 -54.02
N LEU B 880 -66.72 -29.24 -52.88
CA LEU B 880 -68.07 -29.48 -52.38
C LEU B 880 -69.08 -28.55 -53.03
N GLN B 881 -70.30 -29.03 -53.18
CA GLN B 881 -71.35 -28.25 -53.78
C GLN B 881 -72.68 -28.73 -53.21
N PHE B 882 -73.47 -27.79 -52.70
CA PHE B 882 -74.77 -28.12 -52.14
C PHE B 882 -75.86 -27.82 -53.13
N ILE B 883 -76.87 -28.68 -53.13
CA ILE B 883 -78.00 -28.48 -54.00
C ILE B 883 -79.23 -28.64 -53.14
N THR B 884 -80.18 -27.74 -53.30
CA THR B 884 -81.39 -27.83 -52.50
C THR B 884 -82.51 -28.47 -53.31
N GLU B 885 -83.20 -29.42 -52.71
CA GLU B 885 -84.32 -30.07 -53.38
C GLU B 885 -85.60 -29.42 -52.85
N GLU B 886 -86.39 -28.86 -53.76
CA GLU B 886 -87.64 -28.19 -53.39
C GLU B 886 -88.81 -29.14 -53.56
N GLY B 887 -88.65 -30.17 -54.40
CA GLY B 887 -89.73 -31.12 -54.60
C GLY B 887 -90.37 -31.11 -55.99
N GLY B 888 -90.01 -30.12 -56.80
CA GLY B 888 -90.54 -30.05 -58.15
C GLY B 888 -89.72 -31.00 -58.98
N TYR B 889 -90.28 -32.15 -59.30
CA TYR B 889 -89.54 -33.13 -60.04
C TYR B 889 -89.39 -32.95 -61.55
N SER B 890 -89.41 -31.71 -62.01
CA SER B 890 -89.23 -31.47 -63.44
C SER B 890 -87.89 -30.75 -63.51
N LYS B 891 -87.16 -30.92 -64.61
CA LYS B 891 -85.87 -30.25 -64.78
C LYS B 891 -84.88 -30.63 -63.65
N PRO B 892 -84.36 -31.86 -63.70
CA PRO B 892 -83.42 -32.44 -62.75
C PRO B 892 -82.14 -31.64 -62.63
N PRO B 893 -81.41 -31.85 -61.54
CA PRO B 893 -80.15 -31.17 -61.24
C PRO B 893 -79.07 -31.53 -62.21
N ASN B 894 -78.05 -30.70 -62.26
CA ASN B 894 -76.92 -30.98 -63.10
C ASN B 894 -75.84 -31.26 -62.08
N VAL B 895 -75.53 -32.54 -61.91
CA VAL B 895 -74.53 -32.96 -60.95
C VAL B 895 -73.23 -33.25 -61.66
N LYS B 896 -72.17 -32.57 -61.28
CA LYS B 896 -70.88 -32.82 -61.92
C LYS B 896 -70.37 -34.13 -61.38
N LYS B 897 -70.14 -35.09 -62.28
CA LYS B 897 -69.66 -36.41 -61.88
C LYS B 897 -68.33 -36.72 -62.56
N LEU B 898 -67.36 -37.21 -61.78
CA LEU B 898 -66.03 -37.50 -62.32
C LEU B 898 -65.84 -38.96 -62.71
N MET B 899 -65.65 -39.20 -64.00
CA MET B 899 -65.50 -40.56 -64.53
C MET B 899 -64.07 -41.11 -64.59
N PHE B 900 -63.96 -42.43 -64.68
CA PHE B 900 -62.67 -43.11 -64.75
C PHE B 900 -61.94 -42.58 -65.96
N SER B 901 -62.72 -42.35 -67.01
CA SER B 901 -62.22 -41.80 -68.26
C SER B 901 -61.33 -40.61 -67.92
N ASP B 902 -61.87 -39.72 -67.08
CA ASP B 902 -61.17 -38.52 -66.66
C ASP B 902 -59.93 -38.78 -65.82
N PHE B 903 -59.98 -39.78 -64.94
CA PHE B 903 -58.82 -40.05 -64.11
C PHE B 903 -57.64 -40.45 -64.93
N LEU B 904 -57.91 -41.17 -66.02
CA LEU B 904 -56.84 -41.61 -66.88
C LEU B 904 -56.24 -40.41 -67.60
N SER B 905 -57.09 -39.52 -68.09
CA SER B 905 -56.59 -38.34 -68.78
C SER B 905 -55.78 -37.48 -67.83
N PHE B 906 -55.97 -37.70 -66.53
CA PHE B 906 -55.23 -36.96 -65.52
C PHE B 906 -53.88 -37.63 -65.44
N LEU B 907 -53.89 -38.91 -65.12
CA LEU B 907 -52.68 -39.71 -65.01
C LEU B 907 -51.84 -39.61 -66.27
N ASP B 908 -52.48 -39.38 -67.42
CA ASP B 908 -51.73 -39.28 -68.67
C ASP B 908 -51.10 -37.90 -68.82
N SER B 909 -51.82 -36.89 -68.37
CA SER B 909 -51.34 -35.52 -68.49
C SER B 909 -50.15 -35.31 -67.56
N HIS B 910 -49.97 -36.18 -66.59
CA HIS B 910 -48.88 -36.04 -65.66
C HIS B 910 -47.95 -37.25 -65.65
N LYS B 911 -47.92 -38.02 -66.73
CA LYS B 911 -47.08 -39.20 -66.71
C LYS B 911 -45.61 -38.92 -66.46
N SER B 912 -45.19 -37.70 -66.72
CA SER B 912 -43.79 -37.36 -66.55
C SER B 912 -43.51 -36.39 -65.41
N ASP B 913 -44.44 -36.30 -64.47
CA ASP B 913 -44.25 -35.41 -63.33
C ASP B 913 -43.27 -36.02 -62.34
N TYR B 914 -42.45 -35.17 -61.74
CA TYR B 914 -41.44 -35.58 -60.77
C TYR B 914 -42.09 -35.84 -59.42
N ARG B 915 -42.93 -34.89 -59.01
CA ARG B 915 -43.63 -34.95 -57.75
C ARG B 915 -45.14 -35.01 -57.96
N PRO B 916 -45.83 -35.79 -57.12
CA PRO B 916 -47.27 -36.03 -57.10
C PRO B 916 -48.15 -34.82 -57.28
N PRO B 917 -49.04 -34.83 -58.29
CA PRO B 917 -49.94 -33.71 -58.54
C PRO B 917 -51.23 -33.91 -57.73
N LEU B 918 -52.06 -32.87 -57.68
CA LEU B 918 -53.28 -32.93 -56.89
C LEU B 918 -54.55 -33.11 -57.72
N LEU B 919 -55.27 -34.19 -57.47
CA LEU B 919 -56.49 -34.46 -58.19
C LEU B 919 -57.65 -33.76 -57.52
N THR B 920 -58.46 -33.06 -58.30
CA THR B 920 -59.61 -32.39 -57.74
C THR B 920 -60.83 -33.24 -58.04
N VAL B 921 -61.46 -33.71 -56.98
CA VAL B 921 -62.62 -34.56 -57.07
C VAL B 921 -63.87 -33.84 -56.59
N PRO B 922 -64.92 -33.79 -57.43
CA PRO B 922 -66.15 -33.11 -57.02
C PRO B 922 -67.10 -34.03 -56.28
N ILE B 923 -67.94 -33.42 -55.45
CA ILE B 923 -68.92 -34.15 -54.65
C ILE B 923 -70.13 -33.23 -54.45
N THR B 924 -71.32 -33.74 -54.74
CA THR B 924 -72.53 -32.94 -54.56
C THR B 924 -73.44 -33.56 -53.51
N ILE B 925 -73.91 -32.74 -52.57
CA ILE B 925 -74.84 -33.19 -51.53
C ILE B 925 -76.17 -32.49 -51.68
N GLY B 926 -77.24 -33.27 -51.78
CA GLY B 926 -78.58 -32.74 -51.94
C GLY B 926 -79.25 -32.57 -50.59
N LEU B 927 -79.62 -31.33 -50.28
CA LEU B 927 -80.26 -31.03 -49.02
C LEU B 927 -81.77 -31.07 -49.18
N ASN B 928 -82.43 -31.62 -48.18
CA ASN B 928 -83.88 -31.70 -48.15
C ASN B 928 -84.41 -30.30 -47.86
N ASN B 929 -85.31 -29.82 -48.70
CA ASN B 929 -85.87 -28.50 -48.48
C ASN B 929 -87.29 -28.52 -48.98
N LEU B 930 -87.94 -29.66 -48.82
CA LEU B 930 -89.33 -29.83 -49.23
C LEU B 930 -90.17 -29.08 -48.24
N GLY B 931 -90.16 -27.76 -48.38
CA GLY B 931 -90.88 -26.89 -47.47
C GLY B 931 -92.20 -27.40 -46.92
N GLU B 932 -93.20 -26.55 -47.00
CA GLU B 932 -94.49 -26.96 -46.52
C GLU B 932 -95.07 -27.76 -47.70
N THR B 933 -95.90 -28.75 -47.40
CA THR B 933 -96.43 -29.58 -48.47
C THR B 933 -97.85 -29.22 -48.91
N ASN B 934 -97.98 -28.24 -49.81
CA ASN B 934 -99.29 -27.82 -50.27
C ASN B 934 -100.10 -28.89 -51.00
N SER B 935 -100.07 -28.85 -52.33
CA SER B 935 -100.84 -29.80 -53.13
C SER B 935 -100.55 -31.24 -52.71
N ASN B 936 -101.60 -32.04 -52.68
CA ASN B 936 -101.47 -33.43 -52.31
C ASN B 936 -101.95 -34.30 -53.44
N THR B 937 -102.47 -33.63 -54.46
CA THR B 937 -102.97 -34.28 -55.66
C THR B 937 -101.77 -34.94 -56.29
N LEU B 938 -101.96 -36.11 -56.89
CA LEU B 938 -100.84 -36.80 -57.49
C LEU B 938 -100.84 -36.60 -58.99
N ARG B 939 -99.68 -36.21 -59.50
CA ARG B 939 -99.53 -35.92 -60.90
C ARG B 939 -98.39 -36.65 -61.62
N MET B 940 -97.94 -37.78 -61.11
CA MET B 940 -96.86 -38.52 -61.80
C MET B 940 -96.57 -39.90 -61.23
N ARG B 941 -96.05 -40.80 -62.08
CA ARG B 941 -95.75 -42.14 -61.64
C ARG B 941 -94.55 -42.15 -60.70
N SER B 942 -94.58 -43.02 -59.68
CA SER B 942 -93.48 -43.10 -58.72
C SER B 942 -92.18 -43.31 -59.46
N GLU B 943 -92.25 -44.08 -60.54
CA GLU B 943 -91.09 -44.38 -61.33
C GLU B 943 -90.37 -43.13 -61.81
N ALA B 944 -91.11 -42.05 -62.05
CA ALA B 944 -90.52 -40.81 -62.56
C ALA B 944 -89.67 -40.09 -61.56
N ILE B 945 -90.10 -40.14 -60.30
CA ILE B 945 -89.36 -39.50 -59.24
C ILE B 945 -88.02 -40.19 -59.09
N ASP B 946 -88.02 -41.52 -59.10
CA ASP B 946 -86.76 -42.24 -58.97
C ASP B 946 -85.83 -41.84 -60.09
N GLU B 947 -86.36 -41.82 -61.31
CA GLU B 947 -85.56 -41.46 -62.47
C GLU B 947 -84.89 -40.13 -62.20
N TYR B 948 -85.67 -39.21 -61.67
CA TYR B 948 -85.17 -37.88 -61.32
C TYR B 948 -83.87 -38.03 -60.53
N PHE B 949 -83.98 -38.61 -59.36
CA PHE B 949 -82.81 -38.79 -58.52
C PHE B 949 -81.66 -39.51 -59.17
N SER B 950 -81.91 -40.27 -60.22
CA SER B 950 -80.82 -40.98 -60.88
C SER B 950 -79.80 -39.97 -61.39
N SER B 951 -80.13 -38.69 -61.29
CA SER B 951 -79.22 -37.65 -61.73
C SER B 951 -77.99 -37.68 -60.88
N TYR B 952 -78.19 -37.83 -59.59
CA TYR B 952 -77.08 -37.87 -58.66
C TYR B 952 -76.19 -39.09 -58.92
N VAL B 953 -76.75 -40.12 -59.54
CA VAL B 953 -75.98 -41.33 -59.78
C VAL B 953 -75.12 -41.35 -61.01
N GLY B 954 -73.94 -41.93 -60.89
CA GLY B 954 -73.07 -42.03 -62.05
C GLY B 954 -71.57 -41.95 -61.85
N ALA B 955 -71.14 -41.22 -60.84
CA ALA B 955 -69.71 -41.02 -60.56
C ALA B 955 -68.85 -42.29 -60.44
N GLN B 956 -67.58 -42.22 -60.86
CA GLN B 956 -66.66 -43.36 -60.77
C GLN B 956 -65.44 -43.04 -59.90
N ILE B 957 -65.16 -41.75 -59.71
CA ILE B 957 -64.08 -41.29 -58.85
C ILE B 957 -64.79 -40.50 -57.77
N LEU B 958 -64.63 -40.89 -56.50
CA LEU B 958 -65.33 -40.18 -55.44
C LEU B 958 -64.62 -40.07 -54.10
N VAL B 959 -65.25 -39.32 -53.21
CA VAL B 959 -64.75 -39.13 -51.86
C VAL B 959 -65.95 -39.32 -50.97
N PRO B 960 -65.86 -40.22 -49.98
CA PRO B 960 -66.93 -40.53 -49.04
C PRO B 960 -67.61 -39.29 -48.49
N ILE B 961 -68.94 -39.34 -48.33
CA ILE B 961 -69.66 -38.19 -47.81
C ILE B 961 -69.06 -37.84 -46.46
N ASN B 962 -68.64 -38.87 -45.74
CA ASN B 962 -68.05 -38.69 -44.43
C ASN B 962 -66.99 -37.60 -44.36
N VAL B 963 -66.23 -37.42 -45.42
CA VAL B 963 -65.18 -36.42 -45.41
C VAL B 963 -65.72 -34.99 -45.30
N VAL B 964 -66.95 -34.79 -45.77
CA VAL B 964 -67.57 -33.47 -45.71
C VAL B 964 -68.06 -33.20 -44.30
N ASP B 965 -67.33 -32.37 -43.58
CA ASP B 965 -67.69 -32.05 -42.22
C ASP B 965 -68.71 -30.92 -42.09
N THR B 966 -69.89 -31.24 -41.57
CA THR B 966 -70.95 -30.24 -41.41
C THR B 966 -71.57 -30.32 -40.03
N ARG B 967 -71.98 -29.17 -39.53
CA ARG B 967 -72.64 -29.06 -38.24
C ARG B 967 -74.09 -28.77 -38.56
N VAL B 968 -74.99 -29.59 -38.02
CA VAL B 968 -76.40 -29.41 -38.27
C VAL B 968 -77.08 -28.90 -37.02
N TYR B 969 -77.55 -27.65 -37.08
CA TYR B 969 -78.21 -27.06 -35.94
C TYR B 969 -79.72 -26.95 -36.11
N THR B 970 -80.42 -27.42 -35.09
CA THR B 970 -81.86 -27.44 -35.10
C THR B 970 -82.48 -26.38 -34.18
N GLU B 971 -81.76 -26.05 -33.11
CA GLU B 971 -82.19 -25.05 -32.13
C GLU B 971 -81.44 -23.75 -32.38
N PHE B 972 -82.15 -22.63 -32.56
CA PHE B 972 -81.39 -21.42 -32.86
C PHE B 972 -80.32 -21.15 -31.84
N SER B 973 -80.60 -21.45 -30.57
CA SER B 973 -79.64 -21.24 -29.49
C SER B 973 -78.27 -21.79 -29.84
N GLU B 974 -78.20 -23.08 -30.16
CA GLU B 974 -76.94 -23.70 -30.49
C GLU B 974 -76.22 -23.01 -31.63
N LEU B 975 -76.96 -22.58 -32.66
CA LEU B 975 -76.34 -21.90 -33.80
C LEU B 975 -75.67 -20.61 -33.37
N ARG B 976 -76.25 -19.94 -32.38
CA ARG B 976 -75.69 -18.69 -31.88
C ARG B 976 -74.46 -18.99 -31.04
N ASN B 977 -74.64 -19.85 -30.05
CA ASN B 977 -73.55 -20.19 -29.17
C ASN B 977 -72.32 -20.65 -29.94
N PHE B 978 -72.52 -21.18 -31.14
CA PHE B 978 -71.37 -21.60 -31.93
C PHE B 978 -70.73 -20.32 -32.40
N PHE B 979 -71.53 -19.46 -33.03
CA PHE B 979 -71.04 -18.18 -33.51
C PHE B 979 -71.08 -17.11 -32.44
N THR B 980 -70.27 -17.34 -31.42
CA THR B 980 -70.14 -16.45 -30.28
C THR B 980 -68.67 -16.51 -29.95
N GLY B 981 -68.06 -15.34 -29.89
CA GLY B 981 -66.65 -15.26 -29.58
C GLY B 981 -66.41 -13.81 -29.29
N ASP B 982 -65.68 -13.52 -28.23
CA ASP B 982 -65.45 -12.14 -27.90
C ASP B 982 -64.06 -11.65 -28.26
N VAL B 983 -63.96 -10.33 -28.31
CA VAL B 983 -62.74 -9.61 -28.63
C VAL B 983 -62.72 -8.38 -27.76
N VAL B 984 -61.53 -7.93 -27.38
CA VAL B 984 -61.40 -6.74 -26.55
C VAL B 984 -60.58 -5.72 -27.29
N ILE B 985 -61.13 -4.53 -27.42
CA ILE B 985 -60.43 -3.48 -28.14
C ILE B 985 -60.38 -2.19 -27.32
N ARG B 986 -59.30 -1.44 -27.48
CA ARG B 986 -59.12 -0.19 -26.75
C ARG B 986 -60.01 0.88 -27.38
N ASP B 987 -60.78 1.57 -26.55
CA ASP B 987 -61.70 2.62 -26.99
C ASP B 987 -61.06 3.70 -27.85
N ASP B 988 -59.94 4.25 -27.39
CA ASP B 988 -59.23 5.26 -28.18
C ASP B 988 -57.93 4.60 -28.59
N PRO B 989 -57.61 4.62 -29.89
CA PRO B 989 -56.40 4.00 -30.43
C PRO B 989 -55.17 4.54 -29.75
N PHE B 990 -54.11 3.74 -29.75
CA PHE B 990 -52.87 4.17 -29.15
C PHE B 990 -52.30 5.28 -30.03
N ASP B 991 -51.56 6.17 -29.40
CA ASP B 991 -50.92 7.26 -30.11
C ASP B 991 -49.51 6.74 -30.26
N VAL B 992 -49.09 6.48 -31.49
CA VAL B 992 -47.76 5.94 -31.74
C VAL B 992 -46.79 6.99 -32.26
N TRP B 993 -45.53 6.94 -31.82
CA TRP B 993 -44.51 7.90 -32.27
C TRP B 993 -43.40 7.24 -33.09
N ASP B 994 -42.44 8.04 -33.57
CA ASP B 994 -41.31 7.49 -34.33
C ASP B 994 -40.20 7.36 -33.31
N GLY B 995 -39.09 6.75 -33.72
CA GLY B 995 -37.99 6.60 -32.78
C GLY B 995 -37.39 7.95 -32.44
N VAL B 996 -36.35 7.96 -31.61
CA VAL B 996 -35.72 9.21 -31.25
C VAL B 996 -34.23 9.10 -31.40
N LYS B 997 -33.60 10.15 -31.93
CA LYS B 997 -32.16 10.15 -32.08
C LYS B 997 -31.63 10.39 -30.68
N ALA B 998 -30.98 9.38 -30.12
CA ALA B 998 -30.44 9.47 -28.77
C ALA B 998 -29.18 10.31 -28.77
N THR B 999 -29.33 11.62 -28.64
CA THR B 999 -28.17 12.50 -28.63
C THR B 999 -27.66 12.74 -27.23
N TYR B 1000 -26.36 12.57 -27.02
CA TYR B 1000 -25.85 12.83 -25.68
C TYR B 1000 -25.00 14.08 -25.70
N ILE B 1001 -25.06 14.85 -24.62
CA ILE B 1001 -24.29 16.07 -24.51
C ILE B 1001 -23.49 16.03 -23.24
N PRO B 1002 -22.43 16.84 -23.17
CA PRO B 1002 -21.57 16.87 -21.99
C PRO B 1002 -22.20 17.51 -20.77
N ILE B 1003 -21.70 17.12 -19.62
CA ILE B 1003 -22.19 17.63 -18.36
C ILE B 1003 -20.98 17.62 -17.44
N GLY B 1004 -21.13 18.29 -16.29
CA GLY B 1004 -20.06 18.34 -15.31
C GLY B 1004 -18.85 19.18 -15.66
N VAL B 1005 -18.06 19.48 -14.64
CA VAL B 1005 -16.87 20.30 -14.79
C VAL B 1005 -15.63 19.44 -14.59
N HIS B 1006 -14.58 19.70 -15.38
CA HIS B 1006 -13.33 18.94 -15.30
C HIS B 1006 -12.22 19.76 -14.70
N GLY B 1007 -11.43 19.14 -13.84
CA GLY B 1007 -10.32 19.83 -13.19
C GLY B 1007 -9.01 19.40 -13.81
N VAL B 1008 -7.90 19.85 -13.24
CA VAL B 1008 -6.59 19.48 -13.75
C VAL B 1008 -6.04 18.24 -13.07
N ARG B 1009 -5.74 17.24 -13.88
CA ARG B 1009 -5.19 15.97 -13.43
C ARG B 1009 -3.72 15.93 -13.88
N LEU B 1010 -2.80 15.79 -12.95
CA LEU B 1010 -1.37 15.76 -13.28
C LEU B 1010 -0.88 14.35 -13.57
N ASP B 1011 0.06 14.23 -14.50
CA ASP B 1011 0.61 12.94 -14.89
C ASP B 1011 1.06 12.19 -13.65
N PRO B 1012 0.70 10.90 -13.54
CA PRO B 1012 1.04 10.03 -12.42
C PRO B 1012 2.50 9.66 -12.18
N ASN B 1013 3.28 9.50 -13.25
CA ASN B 1013 4.68 9.11 -13.11
C ASN B 1013 5.68 10.24 -12.88
N GLY B 1014 5.29 11.46 -13.23
CA GLY B 1014 6.19 12.57 -13.05
C GLY B 1014 7.21 12.62 -14.18
N ASP B 1015 8.19 13.51 -14.04
CA ASP B 1015 9.22 13.69 -15.04
C ASP B 1015 9.79 12.37 -15.54
N GLN B 1016 10.00 12.32 -16.85
CA GLN B 1016 10.55 11.14 -17.47
C GLN B 1016 12.06 11.16 -17.47
N PRO B 1017 12.68 9.99 -17.43
CA PRO B 1017 14.13 9.87 -17.43
C PRO B 1017 14.66 10.35 -18.75
N PRO B 1018 15.85 10.92 -18.73
CA PRO B 1018 16.46 11.42 -19.91
C PRO B 1018 16.84 10.51 -21.01
N LEU B 1019 17.41 11.24 -21.96
CA LEU B 1019 17.87 10.69 -23.29
C LEU B 1019 16.75 10.16 -24.11
N MET C 1 95.01 -17.00 -22.65
CA MET C 1 95.67 -15.66 -22.68
C MET C 1 95.73 -15.06 -21.30
N SER C 2 95.80 -13.74 -21.28
CA SER C 2 95.85 -12.96 -20.06
C SER C 2 94.92 -13.50 -19.00
N ARG C 3 95.28 -13.26 -17.75
CA ARG C 3 94.44 -13.69 -16.63
C ARG C 3 93.12 -12.98 -16.82
N GLN C 4 93.20 -11.81 -17.48
CA GLN C 4 92.04 -10.98 -17.76
C GLN C 4 91.14 -11.65 -18.79
N MET C 5 91.69 -11.91 -19.96
CA MET C 5 90.94 -12.54 -21.05
C MET C 5 90.18 -13.80 -20.65
N TRP C 6 90.52 -14.34 -19.48
CA TRP C 6 89.81 -15.53 -19.00
C TRP C 6 88.66 -15.08 -18.12
N LEU C 7 88.84 -13.94 -17.45
CA LEU C 7 87.77 -13.42 -16.60
C LEU C 7 86.67 -12.82 -17.47
N ASP C 8 87.08 -12.08 -18.50
CA ASP C 8 86.12 -11.46 -19.42
C ASP C 8 85.26 -12.50 -20.12
N THR C 9 85.84 -13.66 -20.39
CA THR C 9 85.09 -14.70 -21.06
C THR C 9 84.36 -15.57 -20.04
N SER C 10 84.75 -15.47 -18.77
CA SER C 10 84.07 -16.23 -17.72
C SER C 10 82.81 -15.43 -17.41
N ALA C 11 82.93 -14.11 -17.52
CA ALA C 11 81.82 -13.19 -17.28
C ALA C 11 80.82 -13.28 -18.41
N LEU C 12 81.30 -13.58 -19.60
CA LEU C 12 80.44 -13.72 -20.75
C LEU C 12 79.57 -14.94 -20.55
N LEU C 13 80.19 -16.07 -20.22
CA LEU C 13 79.43 -17.30 -20.00
C LEU C 13 78.53 -17.20 -18.78
N GLU C 14 78.93 -16.38 -17.81
CA GLU C 14 78.14 -16.19 -16.60
C GLU C 14 76.96 -15.26 -16.84
N ALA C 15 76.96 -14.64 -18.02
CA ALA C 15 75.89 -13.73 -18.44
C ALA C 15 74.93 -14.57 -19.27
N ILE C 16 75.51 -15.46 -20.06
CA ILE C 16 74.71 -16.35 -20.87
C ILE C 16 73.93 -17.26 -19.95
N SER C 17 74.43 -17.49 -18.74
CA SER C 17 73.70 -18.31 -17.77
C SER C 17 72.51 -17.49 -17.30
N GLU C 18 72.80 -16.40 -16.61
CA GLU C 18 71.77 -15.51 -16.08
C GLU C 18 70.66 -15.28 -17.10
N TYR C 19 71.03 -15.02 -18.36
CA TYR C 19 70.04 -14.77 -19.40
C TYR C 19 69.31 -16.01 -19.89
N VAL C 20 69.93 -17.18 -19.78
CA VAL C 20 69.25 -18.40 -20.19
C VAL C 20 68.21 -18.66 -19.12
N VAL C 21 68.46 -18.15 -17.92
CA VAL C 21 67.49 -18.34 -16.84
C VAL C 21 66.34 -17.38 -17.04
N ARG C 22 66.69 -16.13 -17.34
CA ARG C 22 65.70 -15.08 -17.56
C ARG C 22 64.75 -15.42 -18.69
N CYS C 23 65.27 -16.08 -19.72
CA CYS C 23 64.47 -16.47 -20.88
C CYS C 23 63.68 -17.76 -20.78
N ASN C 24 63.91 -18.54 -19.73
CA ASN C 24 63.17 -19.79 -19.58
C ASN C 24 61.68 -19.51 -19.33
N GLY C 25 60.82 -20.01 -20.21
CA GLY C 25 59.39 -19.81 -20.03
C GLY C 25 58.90 -18.39 -20.28
N ASP C 26 59.69 -17.65 -21.07
CA ASP C 26 59.37 -16.27 -21.42
C ASP C 26 59.83 -16.14 -22.85
N THR C 27 59.43 -17.12 -23.65
CA THR C 27 59.77 -17.20 -25.05
C THR C 27 58.54 -17.45 -25.88
N PHE C 28 57.65 -16.46 -25.93
CA PHE C 28 56.42 -16.63 -26.67
C PHE C 28 56.55 -16.25 -28.14
N SER C 29 55.76 -16.92 -28.97
CA SER C 29 55.75 -16.78 -30.43
C SER C 29 55.60 -15.42 -31.13
N GLY C 30 54.63 -14.61 -30.72
CA GLY C 30 54.45 -13.32 -31.39
C GLY C 30 55.29 -12.15 -30.92
N LEU C 31 56.25 -12.39 -30.03
CA LEU C 31 57.12 -11.32 -29.51
C LEU C 31 58.57 -11.74 -29.32
N THR C 32 59.48 -10.82 -29.64
CA THR C 32 60.90 -11.05 -29.48
C THR C 32 61.25 -10.14 -28.33
N THR C 33 61.40 -10.74 -27.15
CA THR C 33 61.68 -10.05 -25.89
C THR C 33 63.08 -9.48 -25.77
N GLY C 34 63.21 -8.47 -24.92
CA GLY C 34 64.48 -7.81 -24.70
C GLY C 34 65.56 -8.79 -24.32
N ASP C 35 65.24 -9.62 -23.33
CA ASP C 35 66.16 -10.62 -22.85
C ASP C 35 66.66 -11.57 -23.94
N PHE C 36 65.76 -12.08 -24.76
CA PHE C 36 66.17 -13.00 -25.82
C PHE C 36 67.07 -12.39 -26.90
N ASN C 37 67.00 -11.08 -27.10
CA ASN C 37 67.85 -10.47 -28.12
C ASN C 37 69.27 -10.54 -27.59
N ALA C 38 69.41 -10.32 -26.28
CA ALA C 38 70.72 -10.37 -25.64
C ALA C 38 71.30 -11.78 -25.74
N LEU C 39 70.62 -12.75 -25.13
CA LEU C 39 71.05 -14.14 -25.13
C LEU C 39 71.35 -14.61 -26.55
N SER C 40 70.70 -14.01 -27.54
CA SER C 40 70.89 -14.40 -28.93
C SER C 40 72.08 -13.70 -29.59
N ASN C 41 72.47 -12.55 -29.04
CA ASN C 41 73.61 -11.85 -29.59
C ASN C 41 74.86 -12.25 -28.82
N MET C 42 74.66 -12.78 -27.62
CA MET C 42 75.78 -13.23 -26.81
C MET C 42 76.30 -14.54 -27.39
N PHE C 43 75.48 -15.16 -28.24
CA PHE C 43 75.85 -16.39 -28.91
C PHE C 43 76.65 -16.00 -30.15
N THR C 44 76.28 -14.86 -30.73
CA THR C 44 76.95 -14.34 -31.92
C THR C 44 78.41 -14.00 -31.63
N GLN C 45 78.68 -13.67 -30.37
CA GLN C 45 80.02 -13.29 -29.91
C GLN C 45 80.84 -14.39 -29.25
N LEU C 46 80.55 -15.63 -29.63
CA LEU C 46 81.28 -16.79 -29.14
C LEU C 46 81.91 -17.41 -30.42
N SER C 47 81.78 -16.69 -31.54
CA SER C 47 82.32 -17.06 -32.87
C SER C 47 81.71 -18.30 -33.55
N SER C 55 71.05 -20.81 -34.45
CA SER C 55 69.79 -21.54 -34.50
C SER C 55 69.58 -22.42 -33.27
N ASP C 56 70.54 -23.30 -33.00
CA ASP C 56 70.46 -24.16 -31.83
C ASP C 56 71.68 -23.81 -31.00
N PRO C 57 71.48 -23.07 -29.89
CA PRO C 57 72.57 -22.67 -29.00
C PRO C 57 73.21 -23.81 -28.22
N ARG C 58 72.56 -24.97 -28.17
CA ARG C 58 73.13 -26.11 -27.45
C ARG C 58 74.45 -26.53 -28.09
N VAL C 59 74.48 -26.47 -29.42
CA VAL C 59 75.63 -26.86 -30.23
C VAL C 59 76.91 -26.05 -29.99
N PRO C 60 76.89 -24.73 -30.24
CA PRO C 60 78.10 -23.94 -30.03
C PRO C 60 78.58 -23.94 -28.58
N LEU C 61 77.66 -24.00 -27.63
CA LEU C 61 78.02 -24.02 -26.21
C LEU C 61 78.62 -25.37 -25.82
N GLN C 62 78.09 -26.42 -26.41
CA GLN C 62 78.56 -27.78 -26.17
C GLN C 62 79.96 -27.94 -26.78
N THR C 63 80.12 -27.52 -28.04
CA THR C 63 81.41 -27.61 -28.71
C THR C 63 82.49 -26.95 -27.85
N MET C 64 82.15 -25.80 -27.30
CA MET C 64 83.09 -25.07 -26.46
C MET C 64 83.48 -25.87 -25.22
N SER C 65 82.49 -26.31 -24.46
CA SER C 65 82.76 -27.09 -23.26
C SER C 65 83.64 -28.29 -23.58
N ASN C 66 83.35 -28.97 -24.69
CA ASN C 66 84.15 -30.12 -25.07
C ASN C 66 85.61 -29.73 -25.25
N MET C 67 85.85 -28.68 -26.03
CA MET C 67 87.21 -28.23 -26.25
C MET C 67 87.89 -27.77 -24.98
N PHE C 68 87.12 -27.19 -24.04
CA PHE C 68 87.70 -26.72 -22.79
C PHE C 68 88.16 -27.88 -21.91
N VAL C 69 87.38 -28.95 -21.84
CA VAL C 69 87.78 -30.08 -21.03
C VAL C 69 89.05 -30.69 -21.65
N SER C 70 89.07 -30.77 -22.97
CA SER C 70 90.22 -31.31 -23.69
C SER C 70 91.47 -30.48 -23.37
N PHE C 71 91.28 -29.18 -23.22
CA PHE C 71 92.36 -28.25 -22.92
C PHE C 71 92.80 -28.33 -21.46
N ILE C 72 91.89 -28.08 -20.52
CA ILE C 72 92.24 -28.12 -19.11
C ILE C 72 92.68 -29.52 -18.64
N THR C 73 92.72 -30.49 -19.57
CA THR C 73 93.12 -31.86 -19.22
C THR C 73 94.59 -32.17 -19.53
N SER C 74 95.07 -31.63 -20.64
CA SER C 74 96.44 -31.83 -21.11
C SER C 74 97.42 -30.80 -20.56
N THR C 75 98.24 -31.23 -19.61
CA THR C 75 99.22 -30.35 -18.98
C THR C 75 100.09 -29.61 -20.00
N ASP C 76 100.26 -30.21 -21.18
CA ASP C 76 101.09 -29.61 -22.23
C ASP C 76 100.49 -28.30 -22.76
N ARG C 77 99.17 -28.25 -22.84
CA ARG C 77 98.47 -27.08 -23.35
C ARG C 77 98.21 -26.03 -22.28
N CYS C 78 97.41 -26.41 -21.30
CA CYS C 78 97.02 -25.51 -20.20
C CYS C 78 98.16 -25.22 -19.24
N GLY C 79 99.36 -25.66 -19.57
CA GLY C 79 100.48 -25.42 -18.69
C GLY C 79 100.70 -23.96 -18.35
N TYR C 80 100.89 -23.14 -19.37
CA TYR C 80 101.14 -21.72 -19.20
C TYR C 80 100.27 -21.09 -18.11
N MET C 81 99.10 -21.66 -17.87
CA MET C 81 98.18 -21.11 -16.86
C MET C 81 98.57 -21.48 -15.43
N LEU C 82 99.36 -22.52 -15.27
CA LEU C 82 99.75 -22.96 -13.94
C LEU C 82 101.02 -22.34 -13.39
N ARG C 83 101.56 -21.33 -14.08
CA ARG C 83 102.77 -20.66 -13.63
C ARG C 83 102.48 -19.37 -12.85
N LYS C 84 103.24 -19.12 -11.79
CA LYS C 84 103.03 -17.92 -10.98
C LYS C 84 102.93 -16.62 -11.77
N THR C 85 103.45 -16.60 -13.00
CA THR C 85 103.41 -15.38 -13.82
C THR C 85 102.00 -15.00 -14.29
N TRP C 86 101.15 -16.01 -14.48
CA TRP C 86 99.78 -15.83 -14.97
C TRP C 86 98.79 -15.26 -13.94
N PHE C 87 98.98 -15.59 -12.67
CA PHE C 87 98.10 -15.12 -11.59
C PHE C 87 98.59 -13.75 -11.08
N ASN C 88 99.88 -13.49 -11.30
CA ASN C 88 100.52 -12.25 -10.85
C ASN C 88 100.42 -11.06 -11.81
N SER C 89 100.38 -11.33 -13.11
CA SER C 89 100.35 -10.22 -14.07
C SER C 89 99.52 -10.36 -15.35
N ASP C 90 99.23 -9.21 -15.93
CA ASP C 90 98.47 -9.09 -17.17
C ASP C 90 99.42 -9.15 -18.38
N THR C 91 100.27 -10.17 -18.43
CA THR C 91 101.22 -10.31 -19.54
C THR C 91 100.67 -11.19 -20.65
N LYS C 92 100.54 -10.63 -21.86
CA LYS C 92 100.02 -11.37 -23.01
C LYS C 92 100.94 -12.55 -23.35
N PRO C 93 100.51 -13.78 -23.02
CA PRO C 93 101.30 -14.98 -23.29
C PRO C 93 101.44 -15.34 -24.75
N THR C 94 102.63 -15.79 -25.11
CA THR C 94 102.91 -16.22 -26.47
C THR C 94 102.67 -17.73 -26.52
N VAL C 95 101.40 -18.09 -26.57
CA VAL C 95 100.99 -19.50 -26.64
C VAL C 95 99.88 -19.60 -27.67
N SER C 96 100.10 -20.40 -28.70
CA SER C 96 99.08 -20.57 -29.72
C SER C 96 98.40 -21.93 -29.46
N ASP C 97 97.11 -21.88 -29.11
CA ASP C 97 96.32 -23.08 -28.81
C ASP C 97 94.91 -22.85 -29.35
N ASP C 98 94.45 -23.73 -30.25
CA ASP C 98 93.12 -23.59 -30.84
C ASP C 98 92.06 -23.02 -29.89
N PHE C 99 91.89 -23.63 -28.72
CA PHE C 99 90.92 -23.16 -27.72
C PHE C 99 91.12 -21.68 -27.40
N ILE C 100 92.27 -21.36 -26.84
CA ILE C 100 92.58 -19.99 -26.48
C ILE C 100 92.38 -18.97 -27.60
N THR C 101 92.74 -19.33 -28.83
CA THR C 101 92.58 -18.42 -29.97
C THR C 101 91.12 -18.12 -30.32
N THR C 102 90.31 -19.18 -30.30
CA THR C 102 88.90 -19.11 -30.64
C THR C 102 87.96 -18.54 -29.57
N TYR C 103 88.10 -19.00 -28.33
CA TYR C 103 87.23 -18.55 -27.25
C TYR C 103 87.77 -17.50 -26.27
N ILE C 104 89.00 -17.66 -25.79
CA ILE C 104 89.54 -16.71 -24.83
C ILE C 104 90.06 -15.44 -25.49
N ARG C 105 89.30 -14.36 -25.31
CA ARG C 105 89.63 -13.05 -25.87
C ARG C 105 89.01 -11.97 -24.98
N PRO C 106 89.47 -10.71 -25.11
CA PRO C 106 88.94 -9.60 -24.29
C PRO C 106 87.48 -9.39 -24.66
N ARG C 107 86.59 -9.46 -23.68
CA ARG C 107 85.16 -9.31 -23.95
C ARG C 107 84.49 -8.08 -23.30
N LEU C 108 84.96 -7.68 -22.13
CA LEU C 108 84.36 -6.53 -21.45
C LEU C 108 84.71 -5.18 -22.04
N GLN C 109 83.74 -4.27 -21.97
CA GLN C 109 83.86 -2.91 -22.48
C GLN C 109 84.58 -2.03 -21.46
N VAL C 110 85.74 -1.52 -21.85
CA VAL C 110 86.52 -0.68 -20.95
C VAL C 110 86.36 0.79 -21.35
N PRO C 111 86.39 1.71 -20.37
CA PRO C 111 86.54 1.57 -18.92
C PRO C 111 85.19 1.39 -18.22
N MET C 112 84.13 1.52 -19.02
CA MET C 112 82.77 1.39 -18.54
C MET C 112 82.51 0.26 -17.53
N SER C 113 82.88 -0.97 -17.88
CA SER C 113 82.66 -2.11 -17.00
C SER C 113 83.03 -1.86 -15.56
N ASP C 114 84.27 -1.38 -15.35
CA ASP C 114 84.77 -1.11 -14.02
C ASP C 114 83.94 -0.06 -13.29
N THR C 115 83.83 1.13 -13.88
CA THR C 115 83.08 2.21 -13.26
C THR C 115 81.72 1.71 -12.78
N VAL C 116 81.09 0.86 -13.59
CA VAL C 116 79.80 0.30 -13.24
C VAL C 116 79.92 -0.50 -11.94
N ARG C 117 80.88 -1.43 -11.92
CA ARG C 117 81.11 -2.27 -10.75
C ARG C 117 81.31 -1.40 -9.52
N GLN C 118 82.14 -0.38 -9.67
CA GLN C 118 82.41 0.53 -8.55
C GLN C 118 81.08 1.13 -8.10
N LEU C 119 80.38 1.76 -9.02
CA LEU C 119 79.10 2.36 -8.70
C LEU C 119 78.23 1.37 -7.95
N ASN C 120 78.39 0.09 -8.29
CA ASN C 120 77.60 -0.97 -7.67
C ASN C 120 77.82 -1.15 -6.19
N ASN C 121 79.04 -1.48 -5.78
CA ASN C 121 79.32 -1.70 -4.37
C ASN C 121 78.57 -0.69 -3.52
N LEU C 122 78.28 0.46 -4.12
CA LEU C 122 77.58 1.54 -3.44
C LEU C 122 76.06 1.52 -3.52
N SER C 123 75.48 0.62 -4.32
CA SER C 123 74.03 0.54 -4.48
C SER C 123 73.30 -0.21 -3.34
N LEU C 124 72.01 0.09 -3.19
CA LEU C 124 71.16 -0.44 -2.13
C LEU C 124 70.96 -1.93 -1.93
N GLN C 125 70.49 -2.62 -2.97
CA GLN C 125 70.27 -4.05 -2.85
C GLN C 125 71.06 -4.80 -3.91
N PRO C 126 72.25 -5.31 -3.54
CA PRO C 126 73.10 -6.04 -4.46
C PRO C 126 72.65 -7.48 -4.46
N SER C 127 73.12 -8.23 -5.45
CA SER C 127 72.75 -9.63 -5.55
C SER C 127 73.12 -10.36 -4.26
N ALA C 128 72.17 -11.10 -3.68
CA ALA C 128 72.43 -11.83 -2.44
C ALA C 128 73.25 -13.11 -2.67
N LYS C 129 73.26 -13.58 -3.92
CA LYS C 129 74.01 -14.77 -4.34
C LYS C 129 74.71 -14.28 -5.60
N PRO C 130 75.84 -13.58 -5.43
CA PRO C 130 76.64 -13.02 -6.53
C PRO C 130 77.23 -14.08 -7.46
N LYS C 131 77.59 -13.65 -8.65
CA LYS C 131 78.18 -14.54 -9.62
C LYS C 131 79.58 -14.91 -9.15
N LEU C 132 80.27 -15.78 -9.91
CA LEU C 132 81.62 -16.16 -9.55
C LEU C 132 82.52 -14.99 -9.88
N TYR C 133 82.24 -14.34 -11.01
CA TYR C 133 83.01 -13.19 -11.47
C TYR C 133 83.45 -12.28 -10.33
N GLU C 134 82.50 -11.81 -9.53
CA GLU C 134 82.83 -10.94 -8.40
C GLU C 134 83.85 -11.63 -7.50
N ARG C 135 83.60 -12.90 -7.16
CA ARG C 135 84.50 -13.66 -6.32
C ARG C 135 85.87 -13.91 -6.96
N GLN C 136 85.92 -13.98 -8.28
CA GLN C 136 87.20 -14.18 -8.95
C GLN C 136 88.00 -12.88 -8.80
N ASN C 137 87.37 -11.75 -9.06
CA ASN C 137 88.03 -10.45 -8.94
C ASN C 137 88.49 -10.14 -7.52
N ALA C 138 87.83 -10.70 -6.51
CA ALA C 138 88.22 -10.47 -5.12
C ALA C 138 89.44 -11.30 -4.79
N ILE C 139 89.34 -12.59 -5.07
CA ILE C 139 90.42 -13.51 -4.81
C ILE C 139 91.68 -13.26 -5.65
N MET C 140 91.53 -12.83 -6.90
CA MET C 140 92.69 -12.59 -7.74
C MET C 140 93.28 -11.18 -7.76
N LYS C 141 92.46 -10.17 -8.03
CA LYS C 141 92.95 -8.79 -8.07
C LYS C 141 92.75 -8.08 -6.74
N GLY C 142 92.27 -8.82 -5.74
CA GLY C 142 92.04 -8.24 -4.42
C GLY C 142 91.17 -6.99 -4.42
N LEU C 143 90.13 -7.00 -5.26
CA LEU C 143 89.21 -5.87 -5.38
C LEU C 143 88.12 -5.91 -4.32
N ASP C 144 87.38 -4.82 -4.22
CA ASP C 144 86.30 -4.71 -3.24
C ASP C 144 84.99 -5.40 -3.61
N ILE C 145 84.23 -5.74 -2.57
CA ILE C 145 82.93 -6.41 -2.70
C ILE C 145 81.86 -5.38 -2.30
N PRO C 146 80.65 -5.44 -2.88
CA PRO C 146 79.62 -4.46 -2.51
C PRO C 146 79.40 -4.33 -1.01
N TYR C 147 79.38 -3.08 -0.56
CA TYR C 147 79.22 -2.79 0.85
C TYR C 147 78.02 -3.45 1.47
N SER C 148 76.92 -3.56 0.71
CA SER C 148 75.69 -4.14 1.22
C SER C 148 75.45 -5.63 1.04
N GLU C 149 76.41 -6.34 0.43
CA GLU C 149 76.23 -7.77 0.22
C GLU C 149 76.32 -8.53 1.54
N PRO C 150 75.36 -9.44 1.80
CA PRO C 150 75.43 -10.18 3.06
C PRO C 150 76.22 -11.47 2.86
N ILE C 151 76.65 -12.04 3.98
CA ILE C 151 77.41 -13.29 3.99
C ILE C 151 77.19 -13.99 5.32
N GLU C 152 77.37 -15.30 5.31
CA GLU C 152 77.20 -16.10 6.53
C GLU C 152 78.52 -16.01 7.28
N PRO C 153 78.51 -15.44 8.49
CA PRO C 153 79.74 -15.31 9.27
C PRO C 153 80.59 -16.56 9.43
N CYS C 154 79.96 -17.72 9.68
CA CYS C 154 80.74 -18.92 9.85
C CYS C 154 81.67 -19.29 8.69
N LYS C 155 81.50 -18.65 7.53
CA LYS C 155 82.39 -18.94 6.39
C LYS C 155 83.66 -18.11 6.58
N LEU C 156 83.47 -16.88 7.06
CA LEU C 156 84.53 -15.91 7.32
C LEU C 156 85.55 -16.42 8.34
N PHE C 157 85.13 -17.45 9.09
CA PHE C 157 85.94 -18.05 10.14
C PHE C 157 87.24 -18.72 9.71
N ARG C 158 88.28 -18.43 10.48
CA ARG C 158 89.61 -19.01 10.30
C ARG C 158 90.02 -19.38 11.74
N SER C 159 91.12 -20.11 11.90
CA SER C 159 91.57 -20.50 13.24
C SER C 159 92.41 -19.41 13.89
N VAL C 160 92.25 -19.25 15.19
CA VAL C 160 93.01 -18.26 15.91
C VAL C 160 93.67 -18.89 17.14
N ALA C 161 94.67 -18.18 17.68
CA ALA C 161 95.42 -18.64 18.84
C ALA C 161 94.60 -19.39 19.90
N GLY C 162 93.63 -18.70 20.51
CA GLY C 162 92.80 -19.32 21.54
C GLY C 162 92.19 -20.64 21.11
N GLN C 163 91.10 -20.57 20.35
CA GLN C 163 90.41 -21.77 19.86
C GLN C 163 90.87 -22.15 18.45
N THR C 164 91.08 -23.45 18.27
CA THR C 164 91.52 -23.99 17.00
C THR C 164 90.43 -23.98 15.93
N GLY C 165 89.20 -24.35 16.31
CA GLY C 165 88.12 -24.39 15.35
C GLY C 165 86.75 -23.92 15.80
N ASN C 166 85.84 -23.79 14.83
CA ASN C 166 84.47 -23.33 15.07
C ASN C 166 83.52 -24.49 15.33
N ILE C 167 83.18 -25.24 14.29
CA ILE C 167 82.28 -26.38 14.44
C ILE C 167 82.77 -27.32 15.54
N PRO C 168 84.08 -27.59 15.59
CA PRO C 168 84.62 -28.48 16.61
C PRO C 168 84.20 -28.06 18.01
N MET C 169 84.38 -26.78 18.34
CA MET C 169 84.03 -26.24 19.65
C MET C 169 82.66 -26.73 20.13
N MET C 170 81.83 -27.13 19.17
CA MET C 170 80.49 -27.62 19.47
C MET C 170 80.52 -28.72 20.52
N GLY C 171 81.27 -29.77 20.23
CA GLY C 171 81.37 -30.88 21.15
C GLY C 171 81.74 -30.40 22.54
N ILE C 172 82.74 -29.54 22.60
CA ILE C 172 83.22 -28.99 23.87
C ILE C 172 82.16 -28.17 24.61
N LEU C 173 81.58 -27.18 23.93
CA LEU C 173 80.55 -26.35 24.54
C LEU C 173 79.41 -27.19 25.11
N ALA C 174 79.24 -28.38 24.56
CA ALA C 174 78.17 -29.28 24.98
C ALA C 174 78.49 -30.12 26.21
N THR C 175 79.73 -30.04 26.69
CA THR C 175 80.16 -30.82 27.86
C THR C 175 80.16 -29.96 29.12
N PRO C 176 79.46 -30.41 30.19
CA PRO C 176 79.43 -29.63 31.44
C PRO C 176 80.86 -29.23 31.80
N PRO C 177 81.09 -27.97 32.19
CA PRO C 177 82.46 -27.59 32.53
C PRO C 177 82.89 -27.92 33.97
N ALA C 178 84.21 -27.91 34.17
CA ALA C 178 84.80 -28.19 35.48
C ALA C 178 84.88 -26.88 36.27
N ALA C 179 85.50 -25.87 35.68
CA ALA C 179 85.64 -24.56 36.31
C ALA C 179 85.47 -23.50 35.23
N GLN C 180 85.42 -22.24 35.65
CA GLN C 180 85.26 -21.13 34.71
C GLN C 180 86.36 -21.14 33.64
N GLN C 181 85.98 -21.43 32.40
CA GLN C 181 86.93 -21.49 31.30
C GLN C 181 87.13 -20.13 30.63
N GLN C 182 87.90 -20.13 29.55
CA GLN C 182 88.19 -18.91 28.80
C GLN C 182 87.00 -18.59 27.88
N PRO C 183 86.94 -17.36 27.32
CA PRO C 183 85.84 -16.97 26.43
C PRO C 183 85.84 -17.70 25.07
N PHE C 184 84.67 -17.84 24.45
CA PHE C 184 84.57 -18.51 23.15
C PHE C 184 83.87 -17.61 22.13
N PHE C 185 84.28 -17.72 20.87
CA PHE C 185 83.71 -16.90 19.82
C PHE C 185 83.37 -17.69 18.57
N VAL C 186 82.18 -18.29 18.55
CA VAL C 186 81.75 -19.10 17.42
C VAL C 186 80.84 -18.37 16.44
N ALA C 187 80.59 -19.00 15.29
CA ALA C 187 79.73 -18.39 14.27
C ALA C 187 78.90 -19.42 13.49
N GLU C 188 77.60 -19.14 13.35
CA GLU C 188 76.68 -20.00 12.62
C GLU C 188 76.43 -19.43 11.22
N ARG C 189 75.32 -19.82 10.60
CA ARG C 189 75.01 -19.30 9.28
C ARG C 189 74.43 -17.90 9.38
N ARG C 190 73.44 -17.73 10.25
CA ARG C 190 72.78 -16.44 10.38
C ARG C 190 73.09 -15.65 11.67
N ARG C 191 74.01 -16.14 12.50
CA ARG C 191 74.33 -15.40 13.72
C ARG C 191 75.72 -15.67 14.31
N ILE C 192 76.10 -14.86 15.30
CA ILE C 192 77.38 -14.96 15.98
C ILE C 192 77.18 -15.15 17.50
N LEU C 193 77.95 -16.06 18.09
CA LEU C 193 77.85 -16.33 19.52
C LEU C 193 79.17 -16.08 20.25
N PHE C 194 79.06 -15.63 21.49
CA PHE C 194 80.23 -15.38 22.33
C PHE C 194 79.76 -15.36 23.78
N GLY C 195 80.63 -15.77 24.69
CA GLY C 195 80.26 -15.79 26.10
C GLY C 195 81.28 -16.49 26.97
N ILE C 196 80.86 -16.89 28.17
CA ILE C 196 81.76 -17.56 29.10
C ILE C 196 81.03 -18.68 29.85
N ARG C 197 81.57 -19.89 29.73
CA ARG C 197 80.98 -21.05 30.40
C ARG C 197 81.57 -21.23 31.81
N SER C 198 80.77 -21.75 32.75
CA SER C 198 81.23 -21.97 34.13
C SER C 198 80.30 -22.92 34.90
N ASN C 199 80.84 -23.54 35.95
CA ASN C 199 80.03 -24.45 36.76
C ASN C 199 79.50 -23.70 37.99
N ALA C 200 80.04 -22.50 38.20
CA ALA C 200 79.64 -21.66 39.32
C ALA C 200 79.47 -20.20 38.89
N ALA C 201 78.54 -19.53 39.55
CA ALA C 201 78.20 -18.14 39.28
C ALA C 201 79.36 -17.22 38.88
N ILE C 202 79.11 -16.35 37.91
CA ILE C 202 80.09 -15.37 37.46
C ILE C 202 79.50 -14.04 37.89
N PRO C 203 80.21 -13.31 38.76
CA PRO C 203 79.76 -12.01 39.29
C PRO C 203 79.37 -10.94 38.26
N ALA C 204 78.52 -10.02 38.70
CA ALA C 204 78.10 -8.92 37.84
C ALA C 204 79.32 -8.04 37.59
N GLY C 205 79.21 -7.11 36.65
CA GLY C 205 80.33 -6.23 36.35
C GLY C 205 80.77 -6.29 34.90
N ALA C 206 81.88 -5.64 34.57
CA ALA C 206 82.38 -5.63 33.19
C ALA C 206 83.31 -6.80 32.84
N TYR C 207 83.34 -7.15 31.56
CA TYR C 207 84.18 -8.22 31.03
C TYR C 207 84.48 -7.88 29.58
N GLN C 208 85.74 -7.94 29.18
CA GLN C 208 86.09 -7.66 27.79
C GLN C 208 86.22 -8.94 26.99
N PHE C 209 85.86 -8.88 25.70
CA PHE C 209 85.95 -10.05 24.83
C PHE C 209 86.74 -9.61 23.62
N VAL C 210 87.81 -10.33 23.35
CA VAL C 210 88.66 -10.01 22.21
C VAL C 210 87.99 -10.49 20.93
N VAL C 211 87.76 -9.55 20.01
CA VAL C 211 87.14 -9.87 18.73
C VAL C 211 88.15 -10.50 17.78
N PRO C 212 88.11 -11.83 17.64
CA PRO C 212 89.04 -12.54 16.76
C PRO C 212 89.22 -11.90 15.39
N ALA C 213 90.45 -11.92 14.90
CA ALA C 213 90.82 -11.33 13.62
C ALA C 213 89.90 -11.66 12.43
N TRP C 214 89.31 -12.85 12.41
CA TRP C 214 88.43 -13.22 11.30
C TRP C 214 87.11 -12.47 11.35
N ALA C 215 86.60 -12.24 12.56
CA ALA C 215 85.34 -11.54 12.74
C ALA C 215 85.47 -10.02 12.83
N SER C 216 86.70 -9.51 12.88
CA SER C 216 86.93 -8.07 13.00
C SER C 216 86.63 -7.27 11.73
N VAL C 217 85.95 -7.91 10.78
CA VAL C 217 85.58 -7.23 9.52
C VAL C 217 84.07 -7.32 9.30
N LEU C 218 83.37 -7.95 10.23
CA LEU C 218 81.92 -8.09 10.15
C LEU C 218 81.14 -6.84 10.53
N SER C 219 79.86 -6.83 10.14
CA SER C 219 78.93 -5.73 10.42
C SER C 219 77.51 -6.29 10.46
N VAL C 220 76.70 -5.82 11.41
CA VAL C 220 75.33 -6.30 11.50
C VAL C 220 74.31 -5.19 11.41
N THR C 221 73.14 -5.56 10.90
CA THR C 221 72.02 -4.65 10.74
C THR C 221 70.78 -5.47 11.06
N GLY C 222 69.73 -4.82 11.53
CA GLY C 222 68.51 -5.53 11.86
C GLY C 222 68.83 -6.75 12.70
N ALA C 223 69.69 -6.55 13.68
CA ALA C 223 70.08 -7.64 14.55
C ALA C 223 69.44 -7.62 15.94
N TYR C 224 69.13 -8.81 16.43
CA TYR C 224 68.55 -9.01 17.75
C TYR C 224 69.67 -9.61 18.61
N VAL C 225 69.90 -9.06 19.80
CA VAL C 225 70.96 -9.58 20.69
C VAL C 225 70.35 -10.14 21.97
N TYR C 226 70.55 -11.43 22.22
CA TYR C 226 69.96 -12.08 23.40
C TYR C 226 70.80 -13.21 23.98
N PHE C 227 70.39 -13.70 25.15
CA PHE C 227 71.08 -14.81 25.83
C PHE C 227 70.50 -16.13 25.34
N THR C 228 71.36 -17.01 24.82
CA THR C 228 70.91 -18.30 24.30
C THR C 228 71.75 -19.48 24.81
N ASN C 229 71.29 -20.70 24.52
CA ASN C 229 72.01 -21.89 24.94
C ASN C 229 72.02 -22.99 23.84
N SER C 230 72.28 -22.58 22.61
CA SER C 230 72.33 -23.53 21.50
C SER C 230 73.33 -23.05 20.46
N PHE C 231 74.02 -23.99 19.85
CA PHE C 231 75.00 -23.69 18.82
C PHE C 231 74.72 -24.66 17.69
N PHE C 232 74.22 -24.13 16.57
CA PHE C 232 73.88 -24.95 15.43
C PHE C 232 72.82 -25.95 15.83
N GLY C 233 71.99 -25.56 16.80
CA GLY C 233 70.93 -26.45 17.25
C GLY C 233 71.44 -27.47 18.25
N THR C 234 72.62 -27.22 18.79
CA THR C 234 73.20 -28.13 19.78
C THR C 234 73.26 -27.43 21.13
N ILE C 235 72.61 -28.02 22.12
CA ILE C 235 72.56 -27.45 23.46
C ILE C 235 73.94 -27.16 24.02
N ILE C 236 74.10 -25.94 24.54
CA ILE C 236 75.36 -25.52 25.15
C ILE C 236 75.14 -25.74 26.63
N ALA C 237 76.13 -26.33 27.30
CA ALA C 237 76.02 -26.55 28.74
C ALA C 237 76.94 -25.58 29.45
N GLY C 238 76.68 -25.36 30.74
CA GLY C 238 77.52 -24.45 31.48
C GLY C 238 77.16 -23.01 31.17
N VAL C 239 75.91 -22.79 30.83
CA VAL C 239 75.43 -21.46 30.51
C VAL C 239 73.96 -21.46 30.88
N THR C 240 73.50 -20.34 31.43
CA THR C 240 72.09 -20.21 31.81
C THR C 240 71.49 -19.09 30.96
N ALA C 241 70.38 -19.40 30.30
CA ALA C 241 69.73 -18.42 29.47
C ALA C 241 68.56 -17.83 30.24
N THR C 242 68.47 -18.16 31.52
CA THR C 242 67.36 -17.66 32.33
C THR C 242 67.55 -16.21 32.77
N ALA C 243 66.44 -15.59 33.16
CA ALA C 243 66.40 -14.20 33.62
C ALA C 243 64.98 -13.83 34.08
N THR C 244 64.82 -12.70 34.78
CA THR C 244 63.51 -12.23 35.26
C THR C 244 63.25 -10.79 34.77
N ALA C 245 61.98 -10.36 34.76
CA ALA C 245 61.63 -9.01 34.29
C ALA C 245 62.23 -7.96 35.21
N ALA C 246 62.42 -8.37 36.46
CA ALA C 246 62.98 -7.50 37.50
C ALA C 246 64.49 -7.29 37.31
N ASP C 247 65.15 -8.27 36.70
CA ASP C 247 66.60 -8.21 36.45
C ASP C 247 67.09 -6.84 35.98
N ALA C 248 68.31 -6.49 36.40
CA ALA C 248 68.90 -5.23 35.99
C ALA C 248 69.28 -5.37 34.53
N ALA C 249 69.41 -4.24 33.84
CA ALA C 249 69.73 -4.25 32.41
C ALA C 249 71.18 -4.61 32.05
N THR C 250 71.34 -5.49 31.07
CA THR C 250 72.64 -5.94 30.58
C THR C 250 72.96 -5.29 29.24
N THR C 251 73.97 -4.44 29.18
CA THR C 251 74.32 -3.78 27.91
C THR C 251 75.80 -3.94 27.56
N PHE C 252 76.13 -3.84 26.28
CA PHE C 252 77.52 -3.97 25.82
C PHE C 252 77.89 -2.78 24.93
N THR C 253 79.17 -2.52 24.71
CA THR C 253 79.57 -1.40 23.85
C THR C 253 80.62 -1.79 22.82
N VAL C 254 80.68 -1.01 21.75
CA VAL C 254 81.65 -1.25 20.70
C VAL C 254 82.39 0.06 20.56
N PRO C 255 83.69 -0.01 20.21
CA PRO C 255 84.53 1.17 20.04
C PRO C 255 84.14 2.08 18.87
N THR C 256 83.07 1.73 18.17
CA THR C 256 82.61 2.53 17.04
C THR C 256 81.38 3.35 17.42
N ASP C 257 80.69 2.90 18.47
CA ASP C 257 79.47 3.57 18.92
C ASP C 257 79.54 4.03 20.38
N ALA C 258 79.41 5.34 20.57
CA ALA C 258 79.47 5.96 21.90
C ALA C 258 78.35 5.51 22.84
N ASN C 259 77.32 4.88 22.29
CA ASN C 259 76.19 4.46 23.09
C ASN C 259 76.12 2.95 23.33
N ASN C 260 75.59 2.61 24.48
CA ASN C 260 75.44 1.22 24.87
C ASN C 260 74.42 0.55 23.97
N LEU C 261 74.64 -0.73 23.67
CA LEU C 261 73.73 -1.51 22.84
C LEU C 261 73.07 -2.53 23.76
N PRO C 262 71.76 -2.38 23.99
CA PRO C 262 71.02 -3.30 24.86
C PRO C 262 71.02 -4.77 24.44
N VAL C 263 70.75 -5.61 25.42
CA VAL C 263 70.70 -7.05 25.19
C VAL C 263 69.40 -7.57 25.81
N GLN C 264 68.76 -8.51 25.12
CA GLN C 264 67.49 -9.11 25.55
C GLN C 264 66.31 -8.15 25.32
N THR C 265 66.43 -7.30 24.29
CA THR C 265 65.38 -6.35 23.93
C THR C 265 64.89 -6.60 22.53
N ASP C 266 63.65 -6.18 22.26
CA ASP C 266 63.06 -6.37 20.95
C ASP C 266 63.52 -5.31 19.96
N SER C 267 64.51 -4.53 20.35
CA SER C 267 65.03 -3.47 19.48
C SER C 267 66.03 -4.03 18.45
N ARG C 268 65.92 -3.54 17.22
CA ARG C 268 66.79 -3.99 16.13
C ARG C 268 68.06 -3.14 16.10
N LEU C 269 69.20 -3.79 16.34
CA LEU C 269 70.46 -3.09 16.40
C LEU C 269 71.32 -3.08 15.14
N SER C 270 72.23 -2.10 15.09
CA SER C 270 73.19 -1.93 14.00
C SER C 270 74.54 -1.50 14.57
N PHE C 271 75.53 -2.38 14.52
CA PHE C 271 76.84 -2.06 15.03
C PHE C 271 77.90 -2.82 14.25
N SER C 272 79.16 -2.43 14.41
CA SER C 272 80.26 -3.08 13.70
C SER C 272 81.31 -3.69 14.63
N LEU C 273 81.71 -4.93 14.36
CA LEU C 273 82.73 -5.59 15.17
C LEU C 273 84.13 -5.17 14.71
N GLY C 274 84.24 -3.97 14.15
CA GLY C 274 85.53 -3.49 13.66
C GLY C 274 86.04 -2.27 14.39
N GLY C 275 87.08 -2.47 15.19
CA GLY C 275 87.63 -1.35 15.93
C GLY C 275 88.44 -1.84 17.11
N GLY C 276 87.95 -2.87 17.79
CA GLY C 276 88.70 -3.36 18.92
C GLY C 276 88.00 -4.52 19.56
N ASN C 277 87.66 -4.35 20.84
CA ASN C 277 86.97 -5.39 21.61
C ASN C 277 85.59 -4.90 22.04
N ILE C 278 84.71 -5.84 22.36
CA ILE C 278 83.37 -5.48 22.81
C ILE C 278 83.32 -5.55 24.35
N ASN C 279 82.71 -4.53 24.95
CA ASN C 279 82.62 -4.46 26.40
C ASN C 279 81.25 -4.83 27.01
N LEU C 280 81.01 -6.13 27.21
CA LEU C 280 79.75 -6.57 27.79
C LEU C 280 79.70 -6.14 29.27
N GLU C 281 78.50 -5.88 29.77
CA GLU C 281 78.32 -5.49 31.17
C GLU C 281 77.20 -6.31 31.80
N LEU C 282 77.51 -7.52 32.23
CA LEU C 282 76.51 -8.37 32.85
C LEU C 282 75.84 -7.64 34.00
N GLY C 283 74.54 -7.40 33.89
CA GLY C 283 73.80 -6.68 34.93
C GLY C 283 73.54 -7.53 36.15
N VAL C 284 73.34 -8.83 35.94
CA VAL C 284 73.10 -9.74 37.04
C VAL C 284 74.04 -10.92 36.92
N ALA C 285 74.35 -11.51 38.06
CA ALA C 285 75.25 -12.66 38.11
C ALA C 285 74.56 -13.88 37.49
N LYS C 286 75.24 -14.47 36.50
CA LYS C 286 74.72 -15.65 35.79
C LYS C 286 75.67 -16.85 35.81
N THR C 287 75.11 -18.04 36.05
CA THR C 287 75.87 -19.29 36.10
C THR C 287 76.35 -19.70 34.70
N GLY C 288 77.11 -18.82 34.04
CA GLY C 288 77.60 -19.09 32.70
C GLY C 288 76.67 -18.42 31.71
N PHE C 289 77.20 -17.64 30.79
CA PHE C 289 76.32 -16.97 29.85
C PHE C 289 76.80 -17.01 28.40
N CYS C 290 75.84 -16.92 27.48
CA CYS C 290 76.14 -16.90 26.05
C CYS C 290 75.31 -15.84 25.33
N VAL C 291 76.00 -14.85 24.79
CA VAL C 291 75.35 -13.77 24.06
C VAL C 291 75.24 -14.15 22.58
N ALA C 292 74.14 -13.72 21.95
CA ALA C 292 73.90 -14.02 20.55
C ALA C 292 73.58 -12.79 19.71
N ILE C 293 74.26 -12.65 18.58
CA ILE C 293 74.01 -11.54 17.69
C ILE C 293 73.42 -12.09 16.38
N GLU C 294 72.09 -12.13 16.29
CA GLU C 294 71.40 -12.64 15.09
C GLU C 294 70.82 -11.51 14.23
N GLY C 295 71.35 -11.38 13.01
CA GLY C 295 70.88 -10.34 12.11
C GLY C 295 71.44 -10.54 10.72
N GLU C 296 71.55 -9.46 9.96
CA GLU C 296 72.07 -9.54 8.61
C GLU C 296 73.57 -9.21 8.71
N PHE C 297 74.43 -10.12 8.27
CA PHE C 297 75.87 -9.85 8.35
C PHE C 297 76.51 -9.40 7.05
N THR C 298 77.30 -8.34 7.15
CA THR C 298 77.99 -7.79 5.99
C THR C 298 79.47 -7.57 6.29
N ILE C 299 80.29 -7.49 5.25
CA ILE C 299 81.72 -7.28 5.41
C ILE C 299 82.05 -5.80 5.27
N LEU C 300 82.50 -5.17 6.35
CA LEU C 300 82.85 -3.75 6.32
C LEU C 300 83.47 -3.33 4.99
N ALA C 301 83.36 -2.05 4.67
CA ALA C 301 83.90 -1.57 3.42
C ALA C 301 85.43 -1.64 3.40
N ASN C 302 85.97 -2.06 2.26
CA ASN C 302 87.41 -2.15 2.07
C ASN C 302 88.13 -3.09 3.02
N ARG C 303 87.42 -4.07 3.56
CA ARG C 303 88.05 -5.03 4.46
C ARG C 303 87.83 -6.44 3.91
N SER C 304 87.30 -6.50 2.70
CA SER C 304 87.04 -7.78 2.04
C SER C 304 88.31 -8.45 1.53
N GLN C 305 89.43 -7.72 1.61
CA GLN C 305 90.71 -8.27 1.17
C GLN C 305 91.14 -9.33 2.17
N ALA C 306 90.64 -9.21 3.40
CA ALA C 306 90.98 -10.17 4.44
C ALA C 306 90.49 -11.56 4.08
N TYR C 307 89.17 -11.71 3.99
CA TYR C 307 88.56 -12.98 3.65
C TYR C 307 89.04 -13.60 2.33
N TYR C 308 89.01 -12.82 1.25
CA TYR C 308 89.41 -13.29 -0.09
C TYR C 308 90.90 -13.39 -0.46
N THR C 309 91.77 -12.69 0.26
CA THR C 309 93.20 -12.76 -0.05
C THR C 309 93.90 -13.69 0.94
N LEU C 310 93.06 -14.40 1.70
CA LEU C 310 93.53 -15.35 2.71
C LEU C 310 94.46 -14.68 3.72
N ASN C 311 94.25 -13.39 3.93
CA ASN C 311 95.06 -12.59 4.84
C ASN C 311 94.61 -12.68 6.31
N SER C 312 93.42 -13.24 6.54
CA SER C 312 92.89 -13.38 7.89
C SER C 312 93.38 -14.68 8.50
N ILE C 313 94.38 -15.27 7.84
CA ILE C 313 94.95 -16.52 8.30
C ILE C 313 96.26 -16.30 9.08
N THR C 314 96.33 -16.83 10.30
CA THR C 314 97.50 -16.65 11.15
C THR C 314 98.14 -17.93 11.70
N GLN C 315 97.35 -18.98 11.89
CA GLN C 315 97.84 -20.25 12.43
C GLN C 315 98.05 -21.30 11.35
N THR C 316 98.41 -22.51 11.78
CA THR C 316 98.64 -23.64 10.88
C THR C 316 98.68 -24.91 11.74
N PRO C 317 97.84 -25.91 11.42
CA PRO C 317 96.90 -25.83 10.29
C PRO C 317 95.78 -24.83 10.59
N THR C 318 94.89 -24.61 9.61
CA THR C 318 93.79 -23.67 9.80
C THR C 318 92.48 -24.19 9.20
N SER C 319 91.36 -23.67 9.70
CA SER C 319 90.05 -24.05 9.18
C SER C 319 89.74 -23.06 8.06
N ILE C 320 89.39 -23.56 6.89
CA ILE C 320 89.12 -22.67 5.78
C ILE C 320 87.89 -23.15 5.01
N ASP C 321 87.10 -22.20 4.50
CA ASP C 321 85.92 -22.53 3.72
C ASP C 321 86.39 -22.71 2.27
N ASP C 322 85.52 -22.45 1.30
CA ASP C 322 85.90 -22.64 -0.10
C ASP C 322 85.45 -21.54 -1.05
N PHE C 323 85.03 -20.42 -0.49
CA PHE C 323 84.57 -19.33 -1.32
C PHE C 323 83.43 -19.79 -2.22
N ASP C 324 82.69 -20.76 -1.71
CA ASP C 324 81.50 -21.32 -2.36
C ASP C 324 81.65 -22.06 -3.71
N VAL C 325 82.86 -22.28 -4.21
CA VAL C 325 82.99 -22.99 -5.48
C VAL C 325 82.20 -24.30 -5.50
N SER C 326 82.15 -24.96 -4.36
CA SER C 326 81.43 -26.23 -4.25
C SER C 326 79.99 -26.13 -4.76
N ASP C 327 79.36 -24.97 -4.56
CA ASP C 327 77.97 -24.74 -4.98
C ASP C 327 77.77 -24.58 -6.49
N PHE C 328 78.81 -24.16 -7.20
CA PHE C 328 78.71 -23.96 -8.64
C PHE C 328 79.13 -25.16 -9.46
N LEU C 329 79.98 -25.99 -8.86
CA LEU C 329 80.49 -27.17 -9.55
C LEU C 329 79.42 -28.22 -9.84
N THR C 330 78.42 -28.29 -8.98
CA THR C 330 77.34 -29.27 -9.12
C THR C 330 76.98 -29.66 -10.56
N THR C 331 76.70 -28.67 -11.40
CA THR C 331 76.34 -28.96 -12.79
C THR C 331 77.43 -29.74 -13.50
N PHE C 332 78.61 -29.15 -13.59
CA PHE C 332 79.72 -29.81 -14.26
C PHE C 332 79.91 -31.24 -13.78
N LEU C 333 79.88 -31.43 -12.47
CA LEU C 333 80.04 -32.77 -11.91
C LEU C 333 78.96 -33.71 -12.42
N SER C 334 77.70 -33.31 -12.32
CA SER C 334 76.61 -34.17 -12.78
C SER C 334 76.79 -34.57 -14.23
N GLN C 335 77.45 -33.71 -15.00
CA GLN C 335 77.73 -33.97 -16.41
C GLN C 335 78.81 -35.02 -16.52
N LEU C 336 79.86 -34.84 -15.72
CA LEU C 336 80.98 -35.77 -15.72
C LEU C 336 80.52 -37.20 -15.41
N ARG C 337 79.66 -37.36 -14.40
CA ARG C 337 79.17 -38.69 -14.01
C ARG C 337 78.30 -39.34 -15.08
N ALA C 338 77.59 -38.52 -15.85
CA ALA C 338 76.72 -39.05 -16.88
C ALA C 338 77.48 -39.60 -18.08
N CYS C 339 78.79 -39.42 -18.12
CA CYS C 339 79.57 -39.94 -19.24
C CYS C 339 80.90 -40.60 -18.83
N GLY C 340 80.89 -41.25 -17.66
CA GLY C 340 82.05 -41.95 -17.14
C GLY C 340 83.33 -41.17 -16.89
N GLN C 341 83.45 -39.98 -17.47
CA GLN C 341 84.63 -39.14 -17.32
C GLN C 341 85.00 -38.73 -15.89
N TYR C 342 84.07 -38.87 -14.94
CA TYR C 342 84.32 -38.48 -13.55
C TYR C 342 85.67 -38.96 -13.02
N GLU C 343 85.98 -40.23 -13.28
CA GLU C 343 87.24 -40.82 -12.86
C GLU C 343 88.39 -40.11 -13.57
N ILE C 344 88.45 -40.30 -14.88
CA ILE C 344 89.48 -39.71 -15.72
C ILE C 344 89.75 -38.24 -15.42
N PHE C 345 88.70 -37.44 -15.25
CA PHE C 345 88.87 -36.02 -14.96
C PHE C 345 89.56 -35.81 -13.62
N SER C 346 89.14 -36.55 -12.59
CA SER C 346 89.76 -36.42 -11.27
C SER C 346 91.28 -36.63 -11.32
N ASP C 347 91.72 -37.73 -11.95
CA ASP C 347 93.14 -37.98 -12.06
C ASP C 347 93.86 -36.86 -12.80
N ALA C 348 93.23 -36.33 -13.84
CA ALA C 348 93.82 -35.25 -14.63
C ALA C 348 93.89 -33.95 -13.85
N MET C 349 93.08 -33.85 -12.80
CA MET C 349 93.05 -32.66 -11.95
C MET C 349 94.16 -32.79 -10.92
N ASP C 350 94.29 -33.98 -10.36
CA ASP C 350 95.33 -34.25 -9.37
C ASP C 350 96.65 -33.87 -10.04
N GLN C 351 96.71 -34.13 -11.35
CA GLN C 351 97.88 -33.82 -12.17
C GLN C 351 98.05 -32.31 -12.31
N LEU C 352 96.93 -31.65 -12.58
CA LEU C 352 96.87 -30.19 -12.74
C LEU C 352 97.35 -29.55 -11.43
N THR C 353 96.76 -30.00 -10.33
CA THR C 353 97.08 -29.51 -9.00
C THR C 353 98.57 -29.69 -8.66
N ASN C 354 99.06 -30.91 -8.79
CA ASN C 354 100.47 -31.18 -8.50
C ASN C 354 101.36 -30.26 -9.32
N SER C 355 101.19 -30.32 -10.64
CA SER C 355 101.98 -29.49 -11.54
C SER C 355 101.90 -27.99 -11.19
N LEU C 356 100.82 -27.56 -10.55
CA LEU C 356 100.68 -26.15 -10.16
C LEU C 356 101.56 -25.90 -8.95
N ILE C 357 101.32 -26.68 -7.91
CA ILE C 357 102.08 -26.54 -6.67
C ILE C 357 103.57 -26.56 -7.02
N THR C 358 103.93 -27.39 -7.99
CA THR C 358 105.32 -27.50 -8.42
C THR C 358 105.96 -26.15 -8.76
N ASN C 359 105.49 -25.51 -9.84
CA ASN C 359 106.02 -24.22 -10.27
C ASN C 359 106.02 -23.13 -9.19
N TYR C 360 105.20 -23.29 -8.15
CA TYR C 360 105.15 -22.31 -7.08
C TYR C 360 106.19 -22.63 -5.99
N MET C 361 107.14 -23.50 -6.30
CA MET C 361 108.15 -23.89 -5.32
C MET C 361 109.55 -24.04 -5.87
N ASP C 362 110.48 -23.24 -5.38
CA ASP C 362 111.85 -23.37 -5.85
C ASP C 362 112.59 -24.32 -4.83
N PRO C 363 113.22 -25.41 -5.30
CA PRO C 363 113.33 -25.92 -6.66
C PRO C 363 112.11 -26.69 -7.19
N PRO C 364 111.81 -26.55 -8.50
CA PRO C 364 110.72 -27.18 -9.24
C PRO C 364 110.42 -28.66 -8.91
N ALA C 365 109.86 -28.91 -7.71
CA ALA C 365 109.50 -30.28 -7.33
C ALA C 365 108.46 -30.40 -6.22
N ILE C 366 107.66 -31.46 -6.29
CA ILE C 366 106.61 -31.72 -5.29
C ILE C 366 107.17 -31.78 -3.87
N PRO C 367 106.61 -30.99 -2.94
CA PRO C 367 107.12 -31.04 -1.55
C PRO C 367 106.83 -32.40 -0.88
N ALA C 368 107.61 -32.71 0.14
CA ALA C 368 107.43 -33.98 0.85
C ALA C 368 106.35 -33.86 1.92
N GLY C 369 105.59 -34.95 2.09
CA GLY C 369 104.53 -34.99 3.07
C GLY C 369 103.17 -34.56 2.54
N LEU C 370 103.11 -34.35 1.23
CA LEU C 370 101.88 -33.92 0.59
C LEU C 370 101.02 -35.07 0.06
N ALA C 371 99.88 -35.27 0.69
CA ALA C 371 98.93 -36.32 0.28
C ALA C 371 97.53 -35.75 0.51
N PHE C 372 96.71 -35.71 -0.53
CA PHE C 372 95.36 -35.17 -0.40
C PHE C 372 94.38 -36.18 0.18
N THR C 373 93.50 -35.70 1.05
CA THR C 373 92.51 -36.56 1.68
C THR C 373 91.17 -36.49 0.94
N SER C 374 91.07 -35.57 -0.04
CA SER C 374 89.84 -35.36 -0.81
C SER C 374 90.10 -35.00 -2.27
N PRO C 375 89.12 -35.27 -3.16
CA PRO C 375 89.21 -35.00 -4.59
C PRO C 375 89.16 -33.49 -4.95
N TRP C 376 89.65 -33.17 -6.14
CA TRP C 376 89.74 -31.78 -6.64
C TRP C 376 88.54 -30.85 -6.39
N PHE C 377 87.35 -31.42 -6.31
CA PHE C 377 86.16 -30.62 -6.12
C PHE C 377 85.70 -30.42 -4.67
N ARG C 378 86.44 -30.96 -3.71
CA ARG C 378 86.09 -30.77 -2.31
C ARG C 378 87.03 -29.69 -1.78
N PHE C 379 87.45 -28.82 -2.68
CA PHE C 379 88.37 -27.71 -2.44
C PHE C 379 88.46 -27.18 -1.01
N SER C 380 87.36 -27.25 -0.27
CA SER C 380 87.36 -26.79 1.13
C SER C 380 88.45 -27.49 1.91
N GLU C 381 88.58 -28.79 1.67
CA GLU C 381 89.57 -29.62 2.36
C GLU C 381 90.97 -29.51 1.73
N ARG C 382 91.06 -29.60 0.40
CA ARG C 382 92.36 -29.49 -0.27
C ARG C 382 93.05 -28.17 0.06
N ALA C 383 92.28 -27.13 0.36
CA ALA C 383 92.84 -25.84 0.69
C ALA C 383 93.52 -25.89 2.04
N ARG C 384 92.95 -26.67 2.98
CA ARG C 384 93.53 -26.80 4.32
C ARG C 384 94.79 -27.65 4.24
N THR C 385 94.74 -28.66 3.36
CA THR C 385 95.87 -29.55 3.17
C THR C 385 97.04 -28.73 2.63
N ILE C 386 96.79 -27.87 1.65
CA ILE C 386 97.85 -27.02 1.10
C ILE C 386 98.28 -25.94 2.08
N LEU C 387 97.38 -25.55 2.99
CA LEU C 387 97.70 -24.54 3.99
C LEU C 387 98.16 -25.18 5.30
N ALA C 388 98.78 -26.35 5.18
CA ALA C 388 99.27 -27.08 6.34
C ALA C 388 100.67 -27.65 6.11
N LEU C 389 101.32 -27.18 5.06
CA LEU C 389 102.69 -27.62 4.73
C LEU C 389 103.68 -26.63 5.36
N GLN C 390 104.12 -26.94 6.58
CA GLN C 390 105.04 -26.08 7.32
C GLN C 390 106.46 -26.01 6.75
N ASN C 391 106.75 -26.82 5.74
CA ASN C 391 108.06 -26.82 5.10
C ASN C 391 108.10 -25.86 3.90
N VAL C 392 106.98 -25.18 3.65
CA VAL C 392 106.87 -24.21 2.57
C VAL C 392 106.45 -22.85 3.15
N ASP C 393 107.05 -21.77 2.63
CA ASP C 393 106.76 -20.42 3.09
C ASP C 393 105.24 -20.22 3.15
N LEU C 394 104.75 -19.52 4.17
CA LEU C 394 103.32 -19.28 4.32
C LEU C 394 102.71 -18.54 3.13
N ASN C 395 103.27 -17.38 2.82
CA ASN C 395 102.80 -16.55 1.70
C ASN C 395 102.69 -17.31 0.39
N ILE C 396 103.53 -18.33 0.21
CA ILE C 396 103.48 -19.12 -1.01
C ILE C 396 102.33 -20.13 -0.93
N ARG C 397 102.01 -20.55 0.29
CA ARG C 397 100.91 -21.49 0.55
C ARG C 397 99.60 -20.82 0.17
N LYS C 398 99.45 -19.56 0.58
CA LYS C 398 98.27 -18.77 0.29
C LYS C 398 98.06 -18.62 -1.22
N LEU C 399 99.09 -18.13 -1.91
CA LEU C 399 99.02 -17.95 -3.37
C LEU C 399 98.61 -19.22 -4.09
N ILE C 400 99.05 -20.37 -3.60
CA ILE C 400 98.69 -21.63 -4.24
C ILE C 400 97.17 -21.88 -4.14
N VAL C 401 96.62 -21.73 -2.94
CA VAL C 401 95.18 -21.91 -2.74
C VAL C 401 94.44 -20.93 -3.65
N ARG C 402 94.75 -19.64 -3.49
CA ARG C 402 94.12 -18.61 -4.31
C ARG C 402 94.18 -19.01 -5.79
N HIS C 403 95.37 -19.24 -6.29
CA HIS C 403 95.56 -19.61 -7.68
C HIS C 403 94.78 -20.87 -8.07
N LEU C 404 94.83 -21.90 -7.25
CA LEU C 404 94.11 -23.13 -7.59
C LEU C 404 92.60 -22.87 -7.61
N TRP C 405 92.11 -22.02 -6.71
CA TRP C 405 90.67 -21.72 -6.67
C TRP C 405 90.24 -21.19 -8.03
N VAL C 406 90.87 -20.12 -8.48
CA VAL C 406 90.54 -19.52 -9.77
C VAL C 406 90.48 -20.55 -10.89
N ILE C 407 91.38 -21.53 -10.87
CA ILE C 407 91.37 -22.55 -11.90
C ILE C 407 90.16 -23.43 -11.70
N THR C 408 89.85 -23.74 -10.44
CA THR C 408 88.69 -24.56 -10.14
C THR C 408 87.44 -23.86 -10.65
N SER C 409 87.28 -22.60 -10.27
CA SER C 409 86.12 -21.81 -10.67
C SER C 409 85.98 -21.80 -12.19
N LEU C 410 87.07 -21.50 -12.91
CA LEU C 410 87.00 -21.50 -14.35
C LEU C 410 86.42 -22.81 -14.87
N ILE C 411 86.78 -23.91 -14.20
CA ILE C 411 86.27 -25.22 -14.60
C ILE C 411 84.78 -25.30 -14.39
N ALA C 412 84.32 -24.81 -13.25
CA ALA C 412 82.90 -24.84 -12.90
C ALA C 412 82.06 -24.02 -13.87
N VAL C 413 82.69 -23.04 -14.51
CA VAL C 413 81.99 -22.18 -15.45
C VAL C 413 82.01 -22.68 -16.88
N PHE C 414 83.19 -23.05 -17.36
CA PHE C 414 83.34 -23.52 -18.72
C PHE C 414 82.91 -24.95 -19.01
N GLY C 415 83.08 -25.84 -18.04
CA GLY C 415 82.73 -27.23 -18.28
C GLY C 415 81.28 -27.60 -18.56
N ARG C 416 80.40 -27.07 -17.72
CA ARG C 416 78.96 -27.32 -17.77
C ARG C 416 78.31 -27.90 -19.04
N TYR C 417 78.63 -27.39 -20.23
CA TYR C 417 77.98 -27.92 -21.44
C TYR C 417 78.69 -29.08 -22.09
N TYR C 418 79.52 -29.75 -21.31
CA TYR C 418 80.33 -30.88 -21.78
C TYR C 418 79.52 -32.10 -22.25
N ARG C 419 79.84 -32.54 -23.46
CA ARG C 419 79.17 -33.70 -24.03
C ARG C 419 80.01 -34.07 -25.25
N PRO C 420 80.91 -35.06 -25.09
CA PRO C 420 81.81 -35.54 -26.15
C PRO C 420 81.14 -36.42 -27.20
N ASN C 421 80.64 -37.57 -26.72
CA ASN C 421 80.03 -38.67 -27.47
C ASN C 421 79.87 -38.34 -28.99
N MET D 1 60.12 19.19 -3.47
CA MET D 1 58.79 19.87 -3.29
C MET D 1 57.78 18.86 -2.73
N SER D 2 56.69 18.70 -3.47
CA SER D 2 55.63 17.80 -3.12
C SER D 2 56.19 16.50 -2.58
N ARG D 3 55.58 15.98 -1.54
CA ARG D 3 56.00 14.72 -0.95
C ARG D 3 56.03 13.66 -2.04
N GLN D 4 55.23 13.86 -3.09
CA GLN D 4 55.16 12.94 -4.23
C GLN D 4 56.41 13.10 -5.09
N MET D 5 56.68 14.33 -5.50
CA MET D 5 57.83 14.64 -6.33
C MET D 5 59.12 14.11 -5.72
N TRP D 6 59.14 13.93 -4.40
CA TRP D 6 60.33 13.40 -3.73
C TRP D 6 60.38 11.89 -3.92
N LEU D 7 59.30 11.22 -3.53
CA LEU D 7 59.22 9.79 -3.67
C LEU D 7 59.36 9.42 -5.14
N ASP D 8 58.66 10.15 -6.01
CA ASP D 8 58.69 9.93 -7.47
C ASP D 8 60.14 9.84 -7.97
N THR D 9 61.04 10.54 -7.29
CA THR D 9 62.45 10.54 -7.65
C THR D 9 63.18 9.44 -6.86
N SER D 10 62.89 9.33 -5.57
CA SER D 10 63.50 8.30 -4.72
C SER D 10 63.33 6.96 -5.40
N ALA D 11 62.27 6.85 -6.18
CA ALA D 11 61.97 5.63 -6.90
C ALA D 11 62.83 5.58 -8.16
N LEU D 12 63.22 6.75 -8.65
CA LEU D 12 64.06 6.78 -9.85
C LEU D 12 65.46 6.34 -9.49
N LEU D 13 65.98 6.91 -8.40
CA LEU D 13 67.33 6.57 -7.96
C LEU D 13 67.36 5.11 -7.55
N GLU D 14 66.32 4.69 -6.84
CA GLU D 14 66.20 3.32 -6.35
C GLU D 14 66.03 2.38 -7.54
N ALA D 15 65.78 2.97 -8.70
CA ALA D 15 65.61 2.22 -9.93
C ALA D 15 66.97 2.11 -10.61
N ILE D 16 67.77 3.16 -10.47
CA ILE D 16 69.11 3.15 -11.06
C ILE D 16 69.94 2.13 -10.28
N SER D 17 69.72 2.07 -8.96
CA SER D 17 70.43 1.11 -8.12
C SER D 17 70.14 -0.30 -8.63
N GLU D 18 68.85 -0.64 -8.72
CA GLU D 18 68.43 -1.94 -9.21
C GLU D 18 69.08 -2.24 -10.58
N TYR D 19 68.91 -1.31 -11.52
CA TYR D 19 69.43 -1.48 -12.87
C TYR D 19 70.95 -1.55 -12.99
N VAL D 20 71.65 -0.93 -12.07
CA VAL D 20 73.10 -1.00 -12.13
C VAL D 20 73.46 -2.46 -11.79
N VAL D 21 72.84 -3.00 -10.74
CA VAL D 21 73.09 -4.37 -10.33
C VAL D 21 72.86 -5.34 -11.49
N ARG D 22 72.10 -4.91 -12.48
CA ARG D 22 71.82 -5.77 -13.64
C ARG D 22 72.88 -5.70 -14.72
N CYS D 23 73.58 -4.59 -14.81
CA CYS D 23 74.61 -4.42 -15.82
C CYS D 23 75.99 -4.84 -15.33
N ASN D 24 76.12 -5.03 -14.02
CA ASN D 24 77.39 -5.42 -13.43
C ASN D 24 77.88 -6.74 -14.03
N GLY D 25 78.98 -6.67 -14.77
CA GLY D 25 79.52 -7.87 -15.38
C GLY D 25 78.78 -8.27 -16.63
N ASP D 26 77.73 -7.54 -16.95
CA ASP D 26 76.97 -7.82 -18.14
C ASP D 26 77.16 -6.69 -19.15
N THR D 27 78.18 -5.88 -18.92
CA THR D 27 78.46 -4.77 -19.82
C THR D 27 79.51 -5.28 -20.80
N PHE D 28 79.10 -5.63 -22.01
CA PHE D 28 80.06 -6.15 -22.97
C PHE D 28 80.37 -5.21 -24.13
N SER D 29 81.45 -5.48 -24.84
CA SER D 29 81.82 -4.60 -25.96
C SER D 29 81.19 -5.07 -27.27
N GLY D 30 80.47 -4.19 -27.96
CA GLY D 30 79.86 -4.56 -29.24
C GLY D 30 78.38 -4.92 -29.20
N LEU D 31 77.95 -5.20 -27.97
CA LEU D 31 76.59 -5.60 -27.60
C LEU D 31 75.80 -4.52 -26.89
N THR D 32 74.65 -4.21 -27.47
CA THR D 32 73.73 -3.23 -26.93
C THR D 32 72.66 -4.04 -26.19
N THR D 33 72.75 -3.99 -24.87
CA THR D 33 71.82 -4.69 -24.02
C THR D 33 70.64 -3.86 -23.54
N GLY D 34 69.49 -4.53 -23.51
CA GLY D 34 68.25 -3.91 -23.08
C GLY D 34 68.40 -3.27 -21.72
N ASP D 35 69.05 -3.97 -20.80
CA ASP D 35 69.27 -3.45 -19.46
C ASP D 35 70.11 -2.19 -19.44
N PHE D 36 71.28 -2.23 -20.08
CA PHE D 36 72.17 -1.07 -20.09
C PHE D 36 71.59 0.12 -20.86
N ASN D 37 71.02 -0.11 -22.03
CA ASN D 37 70.46 1.00 -22.81
C ASN D 37 69.46 1.78 -21.96
N ALA D 38 68.86 1.10 -20.98
CA ALA D 38 67.89 1.72 -20.09
C ALA D 38 68.61 2.51 -19.00
N LEU D 39 69.50 1.83 -18.29
CA LEU D 39 70.29 2.46 -17.23
C LEU D 39 70.90 3.74 -17.79
N SER D 40 71.40 3.65 -19.02
CA SER D 40 72.04 4.75 -19.72
C SER D 40 71.14 5.99 -19.83
N ASN D 41 69.84 5.78 -20.04
CA ASN D 41 68.90 6.89 -20.15
C ASN D 41 68.40 7.36 -18.79
N MET D 42 68.57 6.52 -17.77
CA MET D 42 68.14 6.88 -16.43
C MET D 42 69.12 7.85 -15.81
N PHE D 43 70.23 8.10 -16.51
CA PHE D 43 71.27 9.02 -16.05
C PHE D 43 70.94 10.37 -16.67
N THR D 44 70.55 10.32 -17.93
CA THR D 44 70.18 11.50 -18.69
C THR D 44 69.08 12.28 -17.98
N GLN D 45 68.39 11.62 -17.05
CA GLN D 45 67.28 12.25 -16.34
C GLN D 45 67.60 13.04 -15.09
N LEU D 46 68.85 13.00 -14.64
CA LEU D 46 69.20 13.78 -13.47
C LEU D 46 69.96 15.05 -13.86
N SER D 47 70.50 15.08 -15.08
CA SER D 47 71.26 16.26 -15.55
C SER D 47 70.56 17.15 -16.61
N VAL D 48 69.56 17.91 -16.18
CA VAL D 48 68.82 18.77 -17.12
C VAL D 48 69.64 19.95 -17.65
N SER D 55 78.16 10.91 -19.97
CA SER D 55 79.46 10.26 -20.17
C SER D 55 79.90 9.51 -18.92
N ASP D 56 80.02 10.23 -17.81
CA ASP D 56 80.41 9.60 -16.56
C ASP D 56 79.36 9.81 -15.48
N PRO D 57 78.57 8.76 -15.20
CA PRO D 57 77.49 8.72 -14.21
C PRO D 57 77.92 8.97 -12.75
N ARG D 58 79.18 8.69 -12.45
CA ARG D 58 79.64 8.92 -11.09
C ARG D 58 79.53 10.41 -10.79
N VAL D 59 79.92 11.23 -11.76
CA VAL D 59 79.86 12.68 -11.64
C VAL D 59 78.52 13.19 -11.14
N PRO D 60 77.48 13.17 -11.99
CA PRO D 60 76.18 13.66 -11.53
C PRO D 60 75.64 12.95 -10.29
N LEU D 61 75.80 11.63 -10.20
CA LEU D 61 75.32 10.88 -9.04
C LEU D 61 76.01 11.38 -7.77
N GLN D 62 77.33 11.52 -7.88
CA GLN D 62 78.16 12.00 -6.80
C GLN D 62 77.72 13.44 -6.53
N THR D 63 77.69 14.26 -7.58
CA THR D 63 77.28 15.65 -7.45
C THR D 63 75.95 15.76 -6.73
N MET D 64 75.02 14.90 -7.12
CA MET D 64 73.71 14.88 -6.52
C MET D 64 73.79 14.54 -5.03
N SER D 65 74.38 13.37 -4.73
CA SER D 65 74.53 12.95 -3.35
C SER D 65 75.10 14.10 -2.54
N ASN D 66 76.16 14.71 -3.07
CA ASN D 66 76.80 15.81 -2.38
C ASN D 66 75.82 16.92 -2.05
N MET D 67 75.14 17.45 -3.06
CA MET D 67 74.20 18.51 -2.77
C MET D 67 73.12 18.05 -1.80
N PHE D 68 72.71 16.79 -1.90
CA PHE D 68 71.68 16.28 -1.01
C PHE D 68 72.11 16.37 0.45
N VAL D 69 73.34 15.94 0.72
CA VAL D 69 73.85 15.98 2.08
C VAL D 69 73.87 17.44 2.52
N SER D 70 74.31 18.31 1.62
CA SER D 70 74.38 19.74 1.89
C SER D 70 72.99 20.25 2.27
N PHE D 71 71.99 19.75 1.55
CA PHE D 71 70.57 20.10 1.74
C PHE D 71 69.97 19.55 3.03
N ILE D 72 69.94 18.23 3.15
CA ILE D 72 69.36 17.56 4.31
C ILE D 72 70.09 17.94 5.60
N THR D 73 71.14 18.73 5.47
CA THR D 73 71.93 19.14 6.62
C THR D 73 71.52 20.48 7.24
N SER D 74 71.18 21.44 6.38
CA SER D 74 70.79 22.78 6.82
C SER D 74 69.29 22.99 7.11
N THR D 75 68.95 23.08 8.40
CA THR D 75 67.56 23.28 8.82
C THR D 75 66.90 24.46 8.12
N ASP D 76 67.72 25.36 7.60
CA ASP D 76 67.22 26.53 6.87
C ASP D 76 66.62 26.11 5.53
N ARG D 77 67.24 25.14 4.88
CA ARG D 77 66.81 24.66 3.56
C ARG D 77 65.74 23.58 3.55
N CYS D 78 66.08 22.42 4.10
CA CYS D 78 65.16 21.29 4.13
C CYS D 78 64.16 21.40 5.27
N GLY D 79 63.95 22.61 5.77
CA GLY D 79 63.02 22.81 6.87
C GLY D 79 61.56 22.58 6.48
N TYR D 80 61.18 23.02 5.28
CA TYR D 80 59.80 22.86 4.83
C TYR D 80 59.37 21.38 4.88
N MET D 81 60.32 20.48 4.73
CA MET D 81 60.03 19.04 4.77
C MET D 81 59.77 18.53 6.18
N LEU D 82 60.03 19.38 7.17
CA LEU D 82 59.85 18.96 8.55
C LEU D 82 58.61 19.49 9.22
N ARG D 83 57.66 19.99 8.43
CA ARG D 83 56.42 20.50 8.98
C ARG D 83 55.28 19.50 8.70
N LYS D 84 54.34 19.34 9.63
CA LYS D 84 53.27 18.37 9.43
C LYS D 84 52.59 18.44 8.06
N THR D 85 52.50 19.63 7.47
CA THR D 85 51.87 19.83 6.16
C THR D 85 52.41 19.00 5.00
N TRP D 86 53.71 18.75 4.99
CA TRP D 86 54.39 18.02 3.92
C TRP D 86 54.12 16.52 3.89
N PHE D 87 53.86 15.94 5.06
CA PHE D 87 53.58 14.52 5.15
C PHE D 87 52.08 14.26 4.95
N ASN D 88 51.27 15.25 5.35
CA ASN D 88 49.81 15.19 5.26
C ASN D 88 49.23 15.52 3.89
N SER D 89 49.93 16.29 3.07
CA SER D 89 49.36 16.69 1.79
C SER D 89 50.26 16.83 0.56
N ASP D 90 49.62 16.78 -0.62
CA ASP D 90 50.31 16.92 -1.91
C ASP D 90 50.26 18.38 -2.38
N THR D 91 50.48 19.32 -1.44
CA THR D 91 50.46 20.75 -1.74
C THR D 91 51.82 21.24 -2.26
N LYS D 92 51.84 21.79 -3.47
CA LYS D 92 53.10 22.28 -4.06
C LYS D 92 53.68 23.44 -3.25
N PRO D 93 54.80 23.20 -2.54
CA PRO D 93 55.45 24.22 -1.72
C PRO D 93 56.16 25.32 -2.50
N THR D 94 56.07 26.54 -1.96
CA THR D 94 56.73 27.69 -2.56
C THR D 94 58.09 27.84 -1.87
N VAL D 95 59.03 27.02 -2.31
CA VAL D 95 60.39 27.06 -1.78
C VAL D 95 61.34 26.90 -2.95
N SER D 96 62.23 27.86 -3.11
CA SER D 96 63.20 27.81 -4.19
C SER D 96 64.56 27.43 -3.62
N ASP D 97 64.99 26.21 -3.90
CA ASP D 97 66.28 25.71 -3.42
C ASP D 97 66.93 24.98 -4.58
N ASP D 98 68.12 25.41 -4.97
CA ASP D 98 68.84 24.80 -6.09
C ASP D 98 68.66 23.27 -6.15
N PHE D 99 68.80 22.58 -5.03
CA PHE D 99 68.65 21.12 -5.03
C PHE D 99 67.28 20.70 -5.51
N ILE D 100 66.27 21.11 -4.77
CA ILE D 100 64.90 20.80 -5.10
C ILE D 100 64.58 21.10 -6.56
N THR D 101 65.00 22.26 -7.03
CA THR D 101 64.76 22.67 -8.41
C THR D 101 65.35 21.72 -9.45
N THR D 102 66.63 21.40 -9.28
CA THR D 102 67.37 20.54 -10.20
C THR D 102 67.09 19.03 -10.15
N TYR D 103 66.79 18.50 -8.97
CA TYR D 103 66.56 17.05 -8.84
C TYR D 103 65.16 16.56 -8.45
N ILE D 104 64.49 17.25 -7.52
CA ILE D 104 63.16 16.82 -7.09
C ILE D 104 62.05 17.34 -8.02
N ARG D 105 61.58 16.45 -8.89
CA ARG D 105 60.51 16.76 -9.85
C ARG D 105 59.70 15.48 -10.14
N PRO D 106 58.50 15.62 -10.75
CA PRO D 106 57.67 14.45 -11.06
C PRO D 106 58.35 13.59 -12.13
N ARG D 107 58.52 12.31 -11.85
CA ARG D 107 59.18 11.42 -12.81
C ARG D 107 58.39 10.17 -13.20
N LEU D 108 57.47 9.74 -12.36
CA LEU D 108 56.66 8.57 -12.65
C LEU D 108 55.50 8.88 -13.60
N GLN D 109 55.24 7.96 -14.52
CA GLN D 109 54.18 8.09 -15.51
C GLN D 109 52.82 7.79 -14.88
N VAL D 110 51.94 8.78 -14.88
CA VAL D 110 50.62 8.59 -14.32
C VAL D 110 49.61 8.51 -15.45
N PRO D 111 48.53 7.74 -15.26
CA PRO D 111 48.14 6.92 -14.11
C PRO D 111 48.67 5.49 -14.21
N MET D 112 49.36 5.20 -15.31
CA MET D 112 49.91 3.88 -15.57
C MET D 112 50.62 3.25 -14.38
N SER D 113 51.49 4.01 -13.73
CA SER D 113 52.23 3.49 -12.59
C SER D 113 51.38 2.84 -11.52
N ASP D 114 50.40 3.56 -10.99
CA ASP D 114 49.56 2.99 -9.93
C ASP D 114 48.83 1.75 -10.40
N THR D 115 48.31 1.78 -11.62
CA THR D 115 47.61 0.60 -12.13
C THR D 115 48.56 -0.59 -12.14
N VAL D 116 49.80 -0.37 -12.56
CA VAL D 116 50.77 -1.45 -12.57
C VAL D 116 50.99 -1.94 -11.15
N ARG D 117 51.11 -1.02 -10.20
CA ARG D 117 51.32 -1.39 -8.80
C ARG D 117 50.16 -2.22 -8.26
N GLN D 118 48.94 -1.77 -8.51
CA GLN D 118 47.76 -2.49 -8.03
C GLN D 118 47.79 -3.88 -8.64
N LEU D 119 47.98 -3.93 -9.96
CA LEU D 119 48.04 -5.18 -10.70
C LEU D 119 49.06 -6.13 -10.09
N ASN D 120 50.05 -5.55 -9.42
CA ASN D 120 51.11 -6.34 -8.80
C ASN D 120 50.68 -7.10 -7.56
N ASN D 121 50.17 -6.36 -6.58
CA ASN D 121 49.75 -6.99 -5.33
C ASN D 121 49.03 -8.31 -5.57
N LEU D 122 48.47 -8.44 -6.77
CA LEU D 122 47.75 -9.64 -7.12
C LEU D 122 48.58 -10.68 -7.84
N SER D 123 49.83 -10.35 -8.17
CA SER D 123 50.66 -11.31 -8.89
C SER D 123 51.26 -12.40 -8.00
N LEU D 124 51.65 -13.49 -8.65
CA LEU D 124 52.20 -14.70 -8.01
C LEU D 124 53.42 -14.56 -7.13
N GLN D 125 54.54 -14.21 -7.76
CA GLN D 125 55.79 -14.08 -7.01
C GLN D 125 56.32 -12.65 -6.97
N PRO D 126 55.96 -11.91 -5.91
CA PRO D 126 56.37 -10.51 -5.70
C PRO D 126 57.85 -10.56 -5.36
N SER D 127 58.47 -9.41 -5.15
CA SER D 127 59.87 -9.46 -4.78
C SER D 127 59.88 -9.79 -3.29
N ALA D 128 60.74 -10.72 -2.88
CA ALA D 128 60.80 -11.13 -1.48
C ALA D 128 61.47 -10.04 -0.64
N LYS D 129 62.38 -9.30 -1.27
CA LYS D 129 63.09 -8.19 -0.62
C LYS D 129 62.71 -6.97 -1.44
N PRO D 130 61.61 -6.30 -1.03
CA PRO D 130 61.06 -5.11 -1.68
C PRO D 130 61.88 -3.84 -1.53
N LYS D 131 61.79 -2.98 -2.53
CA LYS D 131 62.49 -1.71 -2.51
C LYS D 131 61.99 -0.89 -1.31
N LEU D 132 62.47 0.34 -1.19
CA LEU D 132 62.04 1.20 -0.10
C LEU D 132 60.73 1.83 -0.50
N TYR D 133 60.62 2.17 -1.78
CA TYR D 133 59.43 2.81 -2.33
C TYR D 133 58.14 2.22 -1.76
N GLU D 134 57.94 0.93 -1.95
CA GLU D 134 56.77 0.24 -1.43
C GLU D 134 56.54 0.59 0.04
N ARG D 135 57.57 0.41 0.88
CA ARG D 135 57.48 0.71 2.31
C ARG D 135 57.18 2.19 2.53
N GLN D 136 57.71 3.03 1.65
CA GLN D 136 57.49 4.46 1.76
C GLN D 136 56.01 4.74 1.54
N ASN D 137 55.47 4.26 0.43
CA ASN D 137 54.06 4.48 0.12
C ASN D 137 53.14 3.91 1.18
N ALA D 138 53.56 2.84 1.82
CA ALA D 138 52.74 2.20 2.86
C ALA D 138 52.69 3.03 4.11
N ILE D 139 53.87 3.42 4.58
CA ILE D 139 53.96 4.19 5.80
C ILE D 139 53.41 5.61 5.67
N MET D 140 53.49 6.16 4.47
CA MET D 140 53.01 7.52 4.24
C MET D 140 51.56 7.63 3.75
N LYS D 141 51.26 7.00 2.62
CA LYS D 141 49.91 7.06 2.05
C LYS D 141 48.99 5.90 2.41
N GLY D 142 49.42 5.05 3.33
CA GLY D 142 48.60 3.92 3.74
C GLY D 142 48.15 2.96 2.64
N LEU D 143 49.00 2.79 1.63
CA LEU D 143 48.67 1.90 0.53
C LEU D 143 48.86 0.43 0.86
N ASP D 144 48.39 -0.42 -0.05
CA ASP D 144 48.50 -1.85 0.13
C ASP D 144 49.83 -2.42 -0.32
N ILE D 145 50.17 -3.56 0.28
CA ILE D 145 51.40 -4.27 0.00
C ILE D 145 50.96 -5.56 -0.70
N PRO D 146 51.74 -6.05 -1.69
CA PRO D 146 51.33 -7.28 -2.37
C PRO D 146 50.88 -8.38 -1.42
N TYR D 147 49.83 -9.08 -1.82
CA TYR D 147 49.26 -10.13 -1.00
C TYR D 147 50.20 -11.33 -0.79
N SER D 148 51.07 -11.59 -1.76
CA SER D 148 51.98 -12.74 -1.66
C SER D 148 53.38 -12.45 -1.16
N GLU D 149 53.62 -11.25 -0.64
CA GLU D 149 54.94 -10.91 -0.11
C GLU D 149 55.08 -11.50 1.29
N PRO D 150 56.20 -12.18 1.55
CA PRO D 150 56.43 -12.78 2.86
C PRO D 150 57.12 -11.85 3.83
N ILE D 151 56.93 -12.10 5.12
CA ILE D 151 57.59 -11.31 6.15
C ILE D 151 57.85 -12.14 7.39
N GLU D 152 58.84 -11.69 8.17
CA GLU D 152 59.20 -12.38 9.40
C GLU D 152 58.29 -11.86 10.50
N PRO D 153 57.34 -12.70 10.94
CA PRO D 153 56.39 -12.34 11.99
C PRO D 153 56.94 -11.58 13.18
N CYS D 154 58.17 -11.86 13.57
CA CYS D 154 58.72 -11.15 14.73
C CYS D 154 58.74 -9.61 14.54
N LYS D 155 58.94 -9.14 13.32
CA LYS D 155 58.96 -7.70 13.09
C LYS D 155 57.58 -7.13 13.39
N LEU D 156 56.57 -7.86 12.91
CA LEU D 156 55.16 -7.51 13.06
C LEU D 156 54.77 -7.33 14.51
N PHE D 157 55.60 -7.84 15.41
CA PHE D 157 55.32 -7.78 16.83
C PHE D 157 55.33 -6.40 17.47
N ARG D 158 54.39 -6.24 18.39
CA ARG D 158 54.23 -5.03 19.19
C ARG D 158 53.79 -5.51 20.57
N SER D 159 53.82 -4.63 21.55
CA SER D 159 53.46 -5.01 22.91
C SER D 159 51.96 -5.01 23.17
N VAL D 160 51.52 -5.95 24.00
CA VAL D 160 50.12 -6.05 24.38
C VAL D 160 50.01 -6.19 25.88
N ALA D 161 48.79 -6.13 26.42
CA ALA D 161 48.56 -6.24 27.85
C ALA D 161 49.37 -7.32 28.54
N GLY D 162 49.13 -8.58 28.18
CA GLY D 162 49.85 -9.69 28.80
C GLY D 162 51.36 -9.66 28.73
N GLN D 163 51.92 -9.66 27.53
CA GLN D 163 53.36 -9.63 27.33
C GLN D 163 53.82 -8.22 26.96
N THR D 164 54.85 -7.75 27.63
CA THR D 164 55.37 -6.42 27.32
C THR D 164 56.49 -6.56 26.28
N GLY D 165 56.75 -7.78 25.84
CA GLY D 165 57.80 -8.01 24.85
C GLY D 165 57.82 -9.42 24.25
N ASN D 166 58.60 -9.57 23.19
CA ASN D 166 58.74 -10.85 22.47
C ASN D 166 60.07 -11.50 22.84
N ILE D 167 61.17 -10.83 22.48
CA ILE D 167 62.51 -11.34 22.79
C ILE D 167 62.70 -11.50 24.30
N PRO D 168 62.34 -10.47 25.10
CA PRO D 168 62.47 -10.51 26.56
C PRO D 168 61.81 -11.72 27.21
N MET D 169 60.74 -12.21 26.62
CA MET D 169 60.05 -13.37 27.18
C MET D 169 60.92 -14.61 27.12
N MET D 170 61.93 -14.58 26.25
CA MET D 170 62.86 -15.70 26.10
C MET D 170 63.41 -16.14 27.44
N GLY D 171 63.85 -15.15 28.21
CA GLY D 171 64.39 -15.43 29.52
C GLY D 171 63.36 -16.10 30.42
N ILE D 172 62.17 -15.53 30.50
CA ILE D 172 61.13 -16.10 31.35
C ILE D 172 60.72 -17.51 30.91
N LEU D 173 60.67 -17.74 29.61
CA LEU D 173 60.29 -19.06 29.09
C LEU D 173 61.30 -20.13 29.49
N ALA D 174 62.56 -19.73 29.62
CA ALA D 174 63.62 -20.66 29.98
C ALA D 174 63.74 -20.97 31.47
N THR D 175 63.01 -20.24 32.31
CA THR D 175 63.06 -20.47 33.75
C THR D 175 61.97 -21.45 34.17
N PRO D 176 62.34 -22.58 34.80
CA PRO D 176 61.30 -23.52 35.22
C PRO D 176 60.20 -22.74 35.92
N PRO D 177 58.95 -23.21 35.81
CA PRO D 177 57.80 -22.54 36.43
C PRO D 177 57.35 -23.02 37.80
N ALA D 178 56.77 -22.09 38.57
CA ALA D 178 56.26 -22.39 39.90
C ALA D 178 54.91 -23.11 39.77
N ALA D 179 53.96 -22.45 39.13
CA ALA D 179 52.62 -23.01 38.91
C ALA D 179 52.14 -22.72 37.48
N GLN D 180 51.03 -23.34 37.06
CA GLN D 180 50.51 -23.14 35.71
C GLN D 180 50.34 -21.65 35.43
N GLN D 181 51.13 -21.15 34.48
CA GLN D 181 51.10 -19.75 34.09
C GLN D 181 50.13 -19.45 32.95
N GLN D 182 49.99 -18.16 32.63
CA GLN D 182 49.10 -17.73 31.56
C GLN D 182 49.77 -18.05 30.22
N PRO D 183 48.96 -18.18 29.15
CA PRO D 183 49.49 -18.49 27.82
C PRO D 183 50.48 -17.45 27.29
N PHE D 184 51.29 -17.86 26.32
CA PHE D 184 52.28 -16.97 25.74
C PHE D 184 52.23 -17.02 24.21
N PHE D 185 52.57 -15.90 23.58
CA PHE D 185 52.56 -15.82 22.13
C PHE D 185 53.81 -15.10 21.66
N VAL D 186 54.79 -15.87 21.18
CA VAL D 186 56.04 -15.27 20.69
C VAL D 186 56.30 -15.58 19.23
N ALA D 187 57.15 -14.78 18.61
CA ALA D 187 57.42 -14.99 17.19
C ALA D 187 58.89 -14.88 16.81
N GLU D 188 59.34 -15.84 16.01
CA GLU D 188 60.73 -15.90 15.54
C GLU D 188 60.86 -15.30 14.16
N ARG D 189 61.92 -15.67 13.45
CA ARG D 189 62.11 -15.15 12.11
C ARG D 189 61.30 -15.96 11.12
N ARG D 190 61.27 -17.28 11.30
CA ARG D 190 60.54 -18.11 10.37
C ARG D 190 59.45 -18.95 10.99
N ARG D 191 58.95 -18.54 12.17
CA ARG D 191 57.85 -19.28 12.79
C ARG D 191 57.24 -18.63 14.03
N ILE D 192 56.03 -19.05 14.36
CA ILE D 192 55.30 -18.52 15.51
C ILE D 192 55.10 -19.60 16.56
N LEU D 193 55.18 -19.20 17.83
CA LEU D 193 55.03 -20.14 18.94
C LEU D 193 54.02 -19.68 19.98
N PHE D 194 53.19 -20.60 20.43
CA PHE D 194 52.20 -20.29 21.46
C PHE D 194 52.02 -21.53 22.33
N GLY D 195 51.64 -21.33 23.59
CA GLY D 195 51.46 -22.45 24.48
C GLY D 195 51.24 -22.09 25.93
N ILE D 196 51.27 -23.09 26.80
CA ILE D 196 51.06 -22.88 28.22
C ILE D 196 52.16 -23.60 29.00
N ARG D 197 52.82 -22.88 29.91
CA ARG D 197 53.90 -23.45 30.72
C ARG D 197 53.35 -23.93 32.07
N SER D 198 53.83 -25.07 32.55
CA SER D 198 53.38 -25.60 33.84
C SER D 198 54.33 -26.64 34.48
N ASN D 199 54.39 -26.64 35.81
CA ASN D 199 55.25 -27.58 36.54
C ASN D 199 54.52 -28.91 36.75
N ALA D 200 53.21 -28.90 36.55
CA ALA D 200 52.38 -30.09 36.71
C ALA D 200 51.52 -30.29 35.45
N ALA D 201 51.17 -31.54 35.19
CA ALA D 201 50.37 -31.92 34.02
C ALA D 201 49.11 -31.08 33.79
N ILE D 202 48.83 -30.81 32.51
CA ILE D 202 47.66 -30.05 32.09
C ILE D 202 46.75 -31.10 31.45
N PRO D 203 45.54 -31.30 32.00
CA PRO D 203 44.57 -32.27 31.50
C PRO D 203 44.25 -32.18 30.01
N ALA D 204 43.64 -33.23 29.49
CA ALA D 204 43.25 -33.24 28.08
C ALA D 204 41.97 -32.40 27.93
N GLY D 205 41.72 -31.89 26.72
CA GLY D 205 40.53 -31.07 26.51
C GLY D 205 40.77 -29.83 25.66
N ALA D 206 39.82 -28.90 25.70
CA ALA D 206 39.95 -27.68 24.90
C ALA D 206 40.55 -26.49 25.65
N TYR D 207 41.31 -25.68 24.91
CA TYR D 207 41.95 -24.47 25.43
C TYR D 207 41.92 -23.37 24.38
N GLN D 208 41.50 -22.18 24.76
CA GLN D 208 41.42 -21.08 23.82
C GLN D 208 42.59 -20.11 23.96
N PHE D 209 43.09 -19.64 22.82
CA PHE D 209 44.20 -18.70 22.79
C PHE D 209 43.82 -17.44 22.04
N VAL D 210 43.84 -16.32 22.75
CA VAL D 210 43.52 -15.06 22.12
C VAL D 210 44.70 -14.66 21.27
N VAL D 211 44.50 -14.64 19.96
CA VAL D 211 45.57 -14.24 19.07
C VAL D 211 45.75 -12.74 19.27
N PRO D 212 46.96 -12.33 19.65
CA PRO D 212 47.29 -10.91 19.88
C PRO D 212 47.17 -10.01 18.67
N ALA D 213 46.70 -8.79 18.95
CA ALA D 213 46.50 -7.76 17.95
C ALA D 213 47.53 -7.67 16.83
N TRP D 214 48.81 -7.81 17.17
CA TRP D 214 49.85 -7.70 16.15
C TRP D 214 49.91 -8.88 15.20
N ALA D 215 49.51 -10.07 15.67
CA ALA D 215 49.55 -11.26 14.83
C ALA D 215 48.26 -11.56 14.09
N SER D 216 47.16 -10.91 14.49
CA SER D 216 45.86 -11.14 13.85
C SER D 216 45.83 -10.75 12.38
N VAL D 217 46.99 -10.40 11.83
CA VAL D 217 47.09 -10.01 10.43
C VAL D 217 48.05 -10.96 9.72
N LEU D 218 48.27 -12.12 10.32
CA LEU D 218 49.18 -13.09 9.75
C LEU D 218 48.49 -14.27 9.09
N SER D 219 49.11 -14.73 8.01
CA SER D 219 48.64 -15.88 7.24
C SER D 219 49.79 -16.79 6.84
N VAL D 220 49.55 -18.10 6.87
CA VAL D 220 50.60 -19.06 6.53
C VAL D 220 50.25 -20.03 5.43
N THR D 221 51.30 -20.48 4.76
CA THR D 221 51.20 -21.43 3.68
C THR D 221 52.39 -22.38 3.75
N GLY D 222 52.14 -23.65 3.41
CA GLY D 222 53.19 -24.66 3.46
C GLY D 222 53.81 -24.72 4.84
N ALA D 223 52.96 -24.57 5.84
CA ALA D 223 53.40 -24.57 7.22
C ALA D 223 53.25 -25.89 7.93
N TYR D 224 54.23 -26.21 8.76
CA TYR D 224 54.24 -27.42 9.56
C TYR D 224 53.86 -26.98 10.96
N VAL D 225 53.06 -27.78 11.65
CA VAL D 225 52.69 -27.40 13.00
C VAL D 225 53.00 -28.58 13.92
N TYR D 226 53.88 -28.33 14.90
CA TYR D 226 54.33 -29.36 15.83
C TYR D 226 54.59 -28.83 17.24
N PHE D 227 54.91 -29.75 18.15
CA PHE D 227 55.22 -29.42 19.54
C PHE D 227 56.73 -29.24 19.67
N THR D 228 57.14 -28.10 20.20
CA THR D 228 58.57 -27.84 20.36
C THR D 228 58.86 -27.25 21.73
N ASN D 229 60.14 -27.00 22.00
CA ASN D 229 60.60 -26.44 23.26
C ASN D 229 61.71 -25.41 23.05
N SER D 230 61.97 -25.00 21.82
CA SER D 230 63.02 -24.01 21.58
C SER D 230 62.46 -22.69 21.06
N PHE D 231 63.02 -21.59 21.52
CA PHE D 231 62.58 -20.27 21.09
C PHE D 231 63.76 -19.41 20.69
N PHE D 232 64.05 -19.39 19.40
CA PHE D 232 65.18 -18.65 18.87
C PHE D 232 66.43 -19.44 19.17
N GLY D 233 66.27 -20.72 19.48
CA GLY D 233 67.41 -21.57 19.79
C GLY D 233 67.69 -21.66 21.28
N THR D 234 66.78 -21.12 22.08
CA THR D 234 66.92 -21.14 23.53
C THR D 234 65.90 -22.09 24.13
N ILE D 235 66.37 -23.14 24.79
CA ILE D 235 65.46 -24.11 25.39
C ILE D 235 64.41 -23.47 26.28
N ILE D 236 63.20 -24.00 26.15
CA ILE D 236 62.06 -23.55 26.91
C ILE D 236 61.81 -24.60 27.96
N ALA D 237 61.61 -24.15 29.18
CA ALA D 237 61.37 -25.05 30.29
C ALA D 237 59.89 -25.04 30.62
N GLY D 238 59.46 -26.08 31.36
CA GLY D 238 58.06 -26.19 31.73
C GLY D 238 57.21 -26.65 30.57
N VAL D 239 57.86 -27.26 29.59
CA VAL D 239 57.16 -27.74 28.41
C VAL D 239 57.70 -29.08 27.93
N THR D 240 56.80 -30.06 27.77
CA THR D 240 57.20 -31.39 27.30
C THR D 240 56.96 -31.57 25.80
N ALA D 241 58.02 -31.83 25.06
CA ALA D 241 57.90 -32.03 23.62
C ALA D 241 57.76 -33.51 23.31
N THR D 242 57.44 -34.30 24.33
CA THR D 242 57.32 -35.73 24.17
C THR D 242 55.95 -36.24 23.72
N ALA D 243 55.95 -37.37 23.03
CA ALA D 243 54.70 -37.99 22.57
C ALA D 243 54.94 -39.41 22.03
N THR D 244 53.87 -40.22 21.95
CA THR D 244 53.96 -41.60 21.46
C THR D 244 53.08 -41.86 20.22
N ALA D 245 53.38 -42.93 19.46
CA ALA D 245 52.61 -43.27 18.26
C ALA D 245 51.19 -43.73 18.61
N ALA D 246 51.01 -44.07 19.89
CA ALA D 246 49.70 -44.54 20.37
C ALA D 246 48.83 -43.35 20.79
N ASP D 247 49.48 -42.26 21.16
CA ASP D 247 48.78 -41.04 21.60
C ASP D 247 47.56 -40.65 20.75
N ALA D 248 46.59 -39.99 21.40
CA ALA D 248 45.38 -39.51 20.72
C ALA D 248 45.76 -38.22 19.96
N ALA D 249 45.27 -38.10 18.72
CA ALA D 249 45.60 -36.93 17.90
C ALA D 249 45.29 -35.58 18.55
N THR D 250 46.12 -34.58 18.24
CA THR D 250 45.91 -33.23 18.77
C THR D 250 45.67 -32.28 17.59
N THR D 251 44.52 -31.60 17.63
CA THR D 251 44.09 -30.68 16.57
C THR D 251 43.56 -29.32 17.06
N PHE D 252 43.72 -28.28 16.23
CA PHE D 252 43.25 -26.94 16.56
C PHE D 252 42.37 -26.41 15.43
N THR D 253 41.57 -25.38 15.70
CA THR D 253 40.70 -24.80 14.69
C THR D 253 40.80 -23.28 14.64
N VAL D 254 40.57 -22.72 13.47
CA VAL D 254 40.60 -21.28 13.31
C VAL D 254 39.21 -20.91 12.81
N PRO D 255 38.67 -19.78 13.26
CA PRO D 255 37.33 -19.39 12.81
C PRO D 255 37.22 -19.15 11.29
N THR D 256 38.32 -19.28 10.58
CA THR D 256 38.34 -19.08 9.13
C THR D 256 38.09 -20.38 8.39
N ASP D 257 38.48 -21.48 9.02
CA ASP D 257 38.32 -22.80 8.41
C ASP D 257 37.41 -23.69 9.26
N ALA D 258 36.46 -24.33 8.60
CA ALA D 258 35.51 -25.21 9.28
C ALA D 258 36.10 -26.56 9.67
N ASN D 259 37.23 -26.90 9.08
CA ASN D 259 37.88 -28.18 9.34
C ASN D 259 39.04 -28.08 10.33
N ASN D 260 39.23 -29.15 11.08
CA ASN D 260 40.29 -29.22 12.08
C ASN D 260 41.65 -29.29 11.42
N LEU D 261 42.61 -28.52 11.93
CA LEU D 261 43.96 -28.53 11.41
C LEU D 261 44.77 -29.41 12.36
N PRO D 262 45.36 -30.49 11.83
CA PRO D 262 46.17 -31.44 12.60
C PRO D 262 47.51 -30.90 13.11
N VAL D 263 47.94 -31.40 14.26
CA VAL D 263 49.20 -31.00 14.84
C VAL D 263 50.09 -32.23 14.92
N GLN D 264 51.38 -32.04 14.62
CA GLN D 264 52.37 -33.12 14.65
C GLN D 264 52.15 -34.09 13.47
N THR D 265 51.93 -33.52 12.28
CA THR D 265 51.74 -34.30 11.05
C THR D 265 52.62 -33.74 9.96
N ASP D 266 52.98 -34.59 9.01
CA ASP D 266 53.84 -34.20 7.90
C ASP D 266 53.08 -33.42 6.83
N SER D 267 51.84 -33.06 7.14
CA SER D 267 51.01 -32.34 6.19
C SER D 267 51.21 -30.83 6.24
N ARG D 268 51.43 -30.22 5.08
CA ARG D 268 51.64 -28.78 4.96
C ARG D 268 50.31 -28.02 5.04
N LEU D 269 50.19 -27.16 6.03
CA LEU D 269 48.96 -26.41 6.22
C LEU D 269 48.96 -24.98 5.71
N SER D 270 47.75 -24.46 5.56
CA SER D 270 47.49 -23.10 5.11
C SER D 270 46.33 -22.59 5.96
N PHE D 271 46.56 -21.52 6.69
CA PHE D 271 45.49 -20.97 7.50
C PHE D 271 45.74 -19.54 7.89
N SER D 272 44.72 -18.91 8.44
CA SER D 272 44.85 -17.51 8.79
C SER D 272 44.47 -17.19 10.21
N LEU D 273 45.32 -16.42 10.87
CA LEU D 273 45.02 -16.04 12.24
C LEU D 273 44.11 -14.82 12.25
N GLY D 274 43.43 -14.55 11.15
CA GLY D 274 42.58 -13.39 11.13
C GLY D 274 41.40 -13.47 12.07
N GLY D 275 40.76 -14.62 12.14
CA GLY D 275 39.59 -14.77 13.01
C GLY D 275 39.89 -14.40 14.44
N GLY D 276 41.16 -14.14 14.68
CA GLY D 276 41.57 -13.77 16.02
C GLY D 276 41.36 -14.84 17.09
N ASN D 277 41.07 -16.09 16.73
CA ASN D 277 40.86 -17.02 17.82
C ASN D 277 41.29 -18.44 17.52
N ILE D 278 42.35 -18.90 18.17
CA ILE D 278 42.82 -20.27 17.98
C ILE D 278 42.18 -21.16 19.05
N ASN D 279 41.65 -22.31 18.62
CA ASN D 279 41.00 -23.24 19.55
C ASN D 279 41.72 -24.58 19.52
N LEU D 280 42.69 -24.76 20.40
CA LEU D 280 43.48 -25.99 20.47
C LEU D 280 42.82 -27.10 21.27
N GLU D 281 42.96 -28.33 20.80
CA GLU D 281 42.41 -29.49 21.47
C GLU D 281 43.49 -30.51 21.79
N LEU D 282 44.09 -30.35 22.97
CA LEU D 282 45.14 -31.26 23.43
C LEU D 282 44.55 -32.65 23.60
N GLY D 283 45.00 -33.59 22.78
CA GLY D 283 44.47 -34.95 22.86
C GLY D 283 44.90 -35.78 24.06
N VAL D 284 46.12 -35.53 24.53
CA VAL D 284 46.71 -36.23 25.68
C VAL D 284 47.28 -35.22 26.65
N ALA D 285 46.98 -35.39 27.94
CA ALA D 285 47.50 -34.48 28.95
C ALA D 285 49.02 -34.37 28.82
N LYS D 286 49.53 -33.15 28.92
CA LYS D 286 50.97 -32.87 28.82
C LYS D 286 51.39 -31.86 29.87
N THR D 287 52.58 -32.07 30.42
CA THR D 287 53.13 -31.20 31.45
C THR D 287 53.70 -29.91 30.85
N GLY D 288 52.81 -29.09 30.30
CA GLY D 288 53.22 -27.86 29.67
C GLY D 288 53.49 -28.17 28.21
N PHE D 289 52.92 -27.38 27.30
CA PHE D 289 53.11 -27.61 25.88
C PHE D 289 53.36 -26.32 25.13
N CYS D 290 53.99 -26.46 23.98
CA CYS D 290 54.28 -25.32 23.13
C CYS D 290 54.09 -25.73 21.69
N VAL D 291 53.15 -25.07 21.02
CA VAL D 291 52.84 -25.35 19.62
C VAL D 291 53.60 -24.40 18.70
N ALA D 292 54.08 -24.94 17.60
CA ALA D 292 54.83 -24.17 16.63
C ALA D 292 54.19 -24.17 15.25
N ILE D 293 54.18 -23.00 14.63
CA ILE D 293 53.62 -22.84 13.31
C ILE D 293 54.79 -22.34 12.49
N GLU D 294 55.41 -23.23 11.73
CA GLU D 294 56.54 -22.86 10.89
C GLU D 294 56.19 -23.03 9.42
N GLY D 295 56.26 -21.93 8.68
CA GLY D 295 55.95 -21.97 7.27
C GLY D 295 56.22 -20.61 6.65
N GLU D 296 55.51 -20.29 5.58
CA GLU D 296 55.70 -18.99 4.95
C GLU D 296 54.67 -18.03 5.54
N PHE D 297 55.13 -16.86 5.98
CA PHE D 297 54.21 -15.90 6.55
C PHE D 297 53.96 -14.69 5.66
N THR D 298 52.68 -14.32 5.58
CA THR D 298 52.26 -13.18 4.78
C THR D 298 51.23 -12.37 5.55
N ILE D 299 51.08 -11.11 5.16
CA ILE D 299 50.11 -10.25 5.83
C ILE D 299 48.79 -10.24 5.06
N LEU D 300 47.70 -10.59 5.74
CA LEU D 300 46.36 -10.62 5.12
C LEU D 300 46.05 -9.42 4.25
N ALA D 301 45.38 -9.65 3.13
CA ALA D 301 45.03 -8.55 2.23
C ALA D 301 44.37 -7.41 3.01
N ASN D 302 44.63 -6.18 2.57
CA ASN D 302 44.05 -4.98 3.19
C ASN D 302 44.20 -4.91 4.70
N ARG D 303 45.31 -5.40 5.23
CA ARG D 303 45.54 -5.37 6.66
C ARG D 303 46.94 -4.86 6.98
N SER D 304 47.75 -4.67 5.95
CA SER D 304 49.11 -4.19 6.12
C SER D 304 49.13 -2.77 6.65
N GLN D 305 47.96 -2.15 6.77
CA GLN D 305 47.86 -0.80 7.28
C GLN D 305 48.17 -0.79 8.77
N ALA D 306 47.85 -1.88 9.44
CA ALA D 306 48.11 -1.97 10.86
C ALA D 306 49.61 -1.78 11.12
N TYR D 307 50.42 -2.63 10.52
CA TYR D 307 51.86 -2.59 10.67
C TYR D 307 52.50 -1.23 10.30
N TYR D 308 52.44 -0.87 9.02
CA TYR D 308 53.03 0.38 8.53
C TYR D 308 52.47 1.72 8.98
N THR D 309 51.33 1.70 9.66
CA THR D 309 50.73 2.95 10.12
C THR D 309 50.82 3.07 11.62
N LEU D 310 51.50 2.09 12.22
CA LEU D 310 51.69 2.06 13.66
C LEU D 310 50.36 2.07 14.40
N ASN D 311 49.37 1.40 13.82
CA ASN D 311 48.06 1.34 14.44
C ASN D 311 47.93 0.09 15.29
N SER D 312 48.86 -0.85 15.12
CA SER D 312 48.86 -2.09 15.88
C SER D 312 49.43 -1.87 17.28
N ILE D 313 49.83 -0.63 17.53
CA ILE D 313 50.40 -0.21 18.81
C ILE D 313 49.34 0.20 19.82
N THR D 314 49.27 -0.50 20.95
CA THR D 314 48.26 -0.21 21.96
C THR D 314 48.77 0.25 23.32
N GLN D 315 49.96 -0.19 23.68
CA GLN D 315 50.56 0.15 24.99
C GLN D 315 51.70 1.18 24.90
N THR D 316 52.20 1.61 26.06
CA THR D 316 53.30 2.58 26.14
C THR D 316 54.10 2.26 27.42
N PRO D 317 55.42 2.04 27.31
CA PRO D 317 56.17 2.07 26.04
C PRO D 317 55.90 0.81 25.23
N THR D 318 56.45 0.73 24.03
CA THR D 318 56.21 -0.44 23.20
C THR D 318 57.41 -0.88 22.38
N SER D 319 57.50 -2.18 22.11
CA SER D 319 58.58 -2.74 21.30
C SER D 319 58.19 -2.41 19.89
N ILE D 320 59.17 -1.98 19.08
CA ILE D 320 58.85 -1.64 17.71
C ILE D 320 60.08 -1.90 16.86
N ASP D 321 59.87 -2.45 15.66
CA ASP D 321 60.98 -2.72 14.78
C ASP D 321 61.30 -1.43 14.02
N ASP D 322 61.91 -1.53 12.85
CA ASP D 322 62.28 -0.34 12.10
C ASP D 322 61.91 -0.35 10.63
N PHE D 323 60.99 -1.24 10.25
CA PHE D 323 60.56 -1.34 8.86
C PHE D 323 61.72 -1.62 7.92
N ASP D 324 62.83 -2.07 8.50
CA ASP D 324 64.03 -2.44 7.77
C ASP D 324 64.96 -1.33 7.24
N VAL D 325 64.79 -0.09 7.64
CA VAL D 325 65.68 0.97 7.15
C VAL D 325 67.14 0.63 7.45
N SER D 326 67.37 0.15 8.66
CA SER D 326 68.70 -0.23 9.09
C SER D 326 69.47 -0.91 7.97
N ASP D 327 68.79 -1.84 7.29
CA ASP D 327 69.36 -2.64 6.21
C ASP D 327 69.73 -1.87 4.93
N PHE D 328 69.18 -0.66 4.77
CA PHE D 328 69.48 0.12 3.58
C PHE D 328 70.48 1.23 3.84
N LEU D 329 70.59 1.63 5.11
CA LEU D 329 71.49 2.70 5.48
C LEU D 329 72.96 2.30 5.33
N THR D 330 73.25 1.04 5.57
CA THR D 330 74.62 0.54 5.49
C THR D 330 75.52 1.28 4.48
N THR D 331 75.23 1.21 3.19
CA THR D 331 76.08 1.91 2.21
C THR D 331 76.37 3.37 2.53
N PHE D 332 75.34 4.15 2.85
CA PHE D 332 75.54 5.56 3.17
C PHE D 332 76.45 5.72 4.38
N LEU D 333 76.19 4.96 5.45
CA LEU D 333 77.03 5.03 6.65
C LEU D 333 78.49 4.75 6.31
N SER D 334 78.74 3.71 5.52
CA SER D 334 80.11 3.36 5.14
C SER D 334 80.80 4.49 4.40
N GLN D 335 80.00 5.32 3.75
CA GLN D 335 80.52 6.46 3.02
C GLN D 335 80.81 7.60 3.98
N LEU D 336 79.95 7.74 4.99
CA LEU D 336 80.13 8.79 5.99
C LEU D 336 81.42 8.58 6.81
N ARG D 337 81.68 7.34 7.19
CA ARG D 337 82.87 7.02 7.98
C ARG D 337 84.15 7.23 7.20
N ALA D 338 84.10 6.92 5.90
CA ALA D 338 85.27 7.05 5.04
C ALA D 338 85.71 8.50 4.75
N CYS D 339 84.98 9.48 5.27
CA CYS D 339 85.38 10.86 5.08
C CYS D 339 85.07 11.69 6.33
N GLY D 340 85.19 11.00 7.47
CA GLY D 340 85.00 11.60 8.79
C GLY D 340 83.72 12.34 9.12
N GLN D 341 82.87 12.55 8.12
CA GLN D 341 81.61 13.27 8.34
C GLN D 341 80.69 12.59 9.35
N TYR D 342 80.87 11.29 9.55
CA TYR D 342 80.02 10.52 10.46
C TYR D 342 79.63 11.26 11.74
N GLU D 343 80.56 12.05 12.28
CA GLU D 343 80.31 12.81 13.50
C GLU D 343 79.39 13.99 13.22
N ILE D 344 79.83 14.84 12.30
CA ILE D 344 79.10 16.04 11.89
C ILE D 344 77.66 15.76 11.44
N PHE D 345 77.49 14.69 10.66
CA PHE D 345 76.17 14.31 10.16
C PHE D 345 75.24 13.90 11.30
N SER D 346 75.76 13.11 12.25
CA SER D 346 74.96 12.67 13.38
C SER D 346 74.42 13.86 14.18
N ASP D 347 75.25 14.88 14.38
CA ASP D 347 74.81 16.06 15.11
C ASP D 347 73.79 16.88 14.30
N ALA D 348 73.88 16.83 12.98
CA ALA D 348 72.95 17.56 12.11
C ALA D 348 71.61 16.83 12.01
N MET D 349 71.60 15.54 12.35
CA MET D 349 70.38 14.73 12.32
C MET D 349 69.64 14.87 13.64
N ASP D 350 70.40 15.00 14.74
CA ASP D 350 69.82 15.19 16.05
C ASP D 350 69.08 16.52 15.98
N GLN D 351 69.59 17.39 15.11
CA GLN D 351 69.05 18.72 14.87
C GLN D 351 67.78 18.58 14.03
N LEU D 352 67.88 17.75 12.99
CA LEU D 352 66.79 17.45 12.06
C LEU D 352 65.63 16.86 12.89
N THR D 353 65.94 15.80 13.63
CA THR D 353 64.98 15.11 14.47
C THR D 353 64.32 16.02 15.49
N ASN D 354 65.11 16.83 16.19
CA ASN D 354 64.55 17.74 17.18
C ASN D 354 63.60 18.74 16.53
N SER D 355 64.09 19.43 15.50
CA SER D 355 63.30 20.42 14.80
C SER D 355 62.00 19.84 14.22
N LEU D 356 61.99 18.54 13.91
CA LEU D 356 60.79 17.89 13.38
C LEU D 356 59.81 17.76 14.53
N ILE D 357 60.22 16.99 15.55
CA ILE D 357 59.39 16.77 16.72
C ILE D 357 58.80 18.10 17.19
N THR D 358 59.59 19.16 17.06
CA THR D 358 59.15 20.48 17.48
C THR D 358 57.86 20.88 16.77
N ASN D 359 57.90 20.95 15.44
CA ASN D 359 56.73 21.32 14.64
C ASN D 359 55.49 20.49 14.91
N TYR D 360 55.66 19.21 15.26
CA TYR D 360 54.49 18.36 15.52
C TYR D 360 53.85 18.57 16.90
N MET D 361 54.26 19.63 17.60
CA MET D 361 53.71 19.84 18.92
C MET D 361 53.32 21.27 19.20
N ASP D 362 52.09 21.47 19.64
CA ASP D 362 51.70 22.81 19.96
C ASP D 362 51.76 22.94 21.51
N PRO D 363 52.53 23.95 22.06
CA PRO D 363 53.28 25.05 21.46
C PRO D 363 54.70 24.63 21.02
N PRO D 364 55.10 25.09 19.81
CA PRO D 364 56.39 24.85 19.15
C PRO D 364 57.63 24.81 20.08
N ALA D 365 57.81 23.69 20.79
CA ALA D 365 58.98 23.55 21.67
C ALA D 365 59.23 22.11 22.06
N ILE D 366 60.49 21.73 22.18
CA ILE D 366 60.85 20.37 22.56
C ILE D 366 60.17 19.96 23.87
N PRO D 367 59.59 18.74 23.93
CA PRO D 367 58.92 18.28 25.15
C PRO D 367 59.92 17.93 26.25
N ALA D 368 59.47 17.94 27.49
CA ALA D 368 60.36 17.63 28.60
C ALA D 368 60.49 16.11 28.78
N GLY D 369 61.70 15.65 29.09
CA GLY D 369 61.96 14.24 29.30
C GLY D 369 62.47 13.50 28.06
N LEU D 370 62.82 14.27 27.04
CA LEU D 370 63.30 13.70 25.79
C LEU D 370 64.81 13.63 25.65
N ALA D 371 65.34 12.41 25.69
CA ALA D 371 66.77 12.18 25.55
C ALA D 371 66.94 10.86 24.81
N PHE D 372 67.60 10.91 23.65
CA PHE D 372 67.81 9.71 22.86
C PHE D 372 68.91 8.81 23.40
N THR D 373 68.66 7.50 23.37
CA THR D 373 69.62 6.53 23.86
C THR D 373 70.48 6.00 22.72
N SER D 374 70.14 6.37 21.49
CA SER D 374 70.89 5.92 20.31
C SER D 374 70.92 6.97 19.18
N PRO D 375 71.81 6.78 18.20
CA PRO D 375 71.99 7.67 17.04
C PRO D 375 70.90 7.59 15.96
N TRP D 376 70.82 8.65 15.15
CA TRP D 376 69.84 8.76 14.08
C TRP D 376 69.62 7.51 13.26
N PHE D 377 70.66 6.68 13.12
CA PHE D 377 70.51 5.49 12.31
C PHE D 377 70.09 4.21 13.03
N ARG D 378 69.83 4.28 14.32
CA ARG D 378 69.38 3.07 15.01
C ARG D 378 67.89 3.15 15.24
N PHE D 379 67.24 3.87 14.33
CA PHE D 379 65.79 4.10 14.31
C PHE D 379 64.97 3.22 15.24
N SER D 380 65.13 1.91 15.09
CA SER D 380 64.40 0.95 15.91
C SER D 380 64.20 1.43 17.33
N GLU D 381 65.25 1.99 17.90
CA GLU D 381 65.24 2.48 19.26
C GLU D 381 64.67 3.89 19.37
N ARG D 382 65.16 4.79 18.53
CA ARG D 382 64.67 6.17 18.55
C ARG D 382 63.16 6.17 18.43
N ALA D 383 62.65 5.19 17.69
CA ALA D 383 61.23 5.06 17.50
C ALA D 383 60.53 4.76 18.83
N ARG D 384 61.11 3.86 19.62
CA ARG D 384 60.51 3.49 20.89
C ARG D 384 60.62 4.66 21.87
N THR D 385 61.69 5.43 21.73
CA THR D 385 61.92 6.58 22.59
C THR D 385 60.81 7.60 22.37
N ILE D 386 60.59 7.97 21.11
CA ILE D 386 59.55 8.93 20.78
C ILE D 386 58.21 8.36 21.21
N LEU D 387 57.96 7.09 20.88
CA LEU D 387 56.70 6.44 21.24
C LEU D 387 56.64 6.09 22.74
N ALA D 388 57.27 6.91 23.57
CA ALA D 388 57.30 6.68 25.01
C ALA D 388 57.07 7.94 25.84
N LEU D 389 56.81 9.06 25.16
CA LEU D 389 56.58 10.33 25.83
C LEU D 389 55.10 10.43 26.22
N GLN D 390 54.75 10.05 27.44
CA GLN D 390 53.35 10.08 27.89
C GLN D 390 52.71 11.45 28.11
N ASN D 391 53.43 12.51 27.79
CA ASN D 391 52.94 13.88 27.93
C ASN D 391 52.51 14.45 26.58
N VAL D 392 52.63 13.63 25.55
CA VAL D 392 52.27 14.00 24.19
C VAL D 392 51.25 13.01 23.63
N ASP D 393 50.18 13.54 23.04
CA ASP D 393 49.14 12.70 22.48
C ASP D 393 49.71 11.50 21.72
N LEU D 394 49.10 10.33 21.93
CA LEU D 394 49.57 9.12 21.26
C LEU D 394 49.64 9.25 19.75
N ASN D 395 48.54 9.67 19.15
CA ASN D 395 48.47 9.82 17.70
C ASN D 395 49.57 10.67 17.12
N ILE D 396 49.94 11.74 17.82
CA ILE D 396 50.99 12.61 17.34
C ILE D 396 52.34 11.93 17.43
N ARG D 397 52.48 11.04 18.42
CA ARG D 397 53.71 10.30 18.60
C ARG D 397 53.91 9.47 17.35
N LYS D 398 52.88 8.69 17.00
CA LYS D 398 52.90 7.83 15.84
C LYS D 398 53.35 8.56 14.58
N LEU D 399 52.65 9.65 14.24
CA LEU D 399 52.98 10.43 13.05
C LEU D 399 54.43 10.86 12.99
N ILE D 400 54.97 11.28 14.13
CA ILE D 400 56.36 11.69 14.16
C ILE D 400 57.25 10.54 13.70
N VAL D 401 57.09 9.39 14.35
CA VAL D 401 57.85 8.20 13.99
C VAL D 401 57.76 7.99 12.49
N ARG D 402 56.54 7.84 12.00
CA ARG D 402 56.29 7.62 10.58
C ARG D 402 57.00 8.66 9.71
N HIS D 403 56.80 9.93 10.04
CA HIS D 403 57.39 11.02 9.28
C HIS D 403 58.92 10.92 9.26
N LEU D 404 59.52 10.81 10.44
CA LEU D 404 60.96 10.73 10.55
C LEU D 404 61.47 9.55 9.72
N TRP D 405 60.72 8.44 9.75
CA TRP D 405 61.10 7.25 9.01
C TRP D 405 61.28 7.56 7.53
N VAL D 406 60.35 8.33 6.98
CA VAL D 406 60.43 8.69 5.57
C VAL D 406 61.65 9.53 5.27
N ILE D 407 61.96 10.45 6.16
CA ILE D 407 63.13 11.29 5.97
C ILE D 407 64.35 10.40 6.08
N THR D 408 64.37 9.53 7.10
CA THR D 408 65.49 8.61 7.27
C THR D 408 65.73 7.83 5.99
N SER D 409 64.64 7.29 5.43
CA SER D 409 64.68 6.50 4.20
C SER D 409 65.19 7.26 2.98
N LEU D 410 64.74 8.51 2.83
CA LEU D 410 65.18 9.33 1.70
C LEU D 410 66.69 9.52 1.76
N ILE D 411 67.19 9.63 2.99
CA ILE D 411 68.61 9.81 3.20
C ILE D 411 69.33 8.57 2.71
N ALA D 412 68.90 7.42 3.20
CA ALA D 412 69.49 6.14 2.82
C ALA D 412 69.53 5.96 1.31
N VAL D 413 68.64 6.63 0.59
CA VAL D 413 68.59 6.50 -0.86
C VAL D 413 69.42 7.54 -1.57
N PHE D 414 69.28 8.79 -1.15
CA PHE D 414 70.00 9.90 -1.78
C PHE D 414 71.46 10.15 -1.41
N GLY D 415 71.91 9.73 -0.23
CA GLY D 415 73.29 10.00 0.14
C GLY D 415 74.37 9.05 -0.34
N ARG D 416 73.98 7.82 -0.65
CA ARG D 416 74.91 6.77 -1.08
C ARG D 416 76.06 7.17 -1.99
N TYR D 417 75.89 8.14 -2.87
CA TYR D 417 77.00 8.52 -3.75
C TYR D 417 77.84 9.69 -3.24
N TYR D 418 77.75 9.97 -1.94
CA TYR D 418 78.45 11.07 -1.29
C TYR D 418 79.99 11.08 -1.35
N ARG D 419 80.54 12.06 -2.05
CA ARG D 419 81.99 12.17 -2.14
C ARG D 419 82.33 13.65 -1.99
N PRO D 420 82.30 14.16 -0.74
CA PRO D 420 82.55 15.53 -0.26
C PRO D 420 83.61 16.41 -0.94
N ASN D 421 84.85 16.08 -0.56
CA ASN D 421 86.09 16.75 -0.96
C ASN D 421 85.85 18.18 -1.49
N MET E 1 41.71 -26.48 -24.48
CA MET E 1 41.91 -27.65 -25.38
C MET E 1 43.10 -28.45 -24.85
N SER E 2 44.01 -28.76 -25.77
CA SER E 2 45.20 -29.51 -25.47
C SER E 2 45.73 -29.13 -24.11
N ARG E 3 46.13 -30.13 -23.36
CA ARG E 3 46.71 -29.90 -22.05
C ARG E 3 47.86 -28.94 -22.28
N GLN E 4 48.60 -29.16 -23.36
CA GLN E 4 49.73 -28.32 -23.69
C GLN E 4 49.31 -26.86 -23.76
N MET E 5 48.19 -26.61 -24.44
CA MET E 5 47.71 -25.25 -24.59
C MET E 5 47.46 -24.59 -23.24
N TRP E 6 46.72 -25.26 -22.36
CA TRP E 6 46.48 -24.69 -21.04
C TRP E 6 47.79 -24.32 -20.36
N LEU E 7 48.86 -25.05 -20.67
CA LEU E 7 50.15 -24.76 -20.05
C LEU E 7 50.80 -23.55 -20.71
N ASP E 8 50.94 -23.57 -22.03
CA ASP E 8 51.54 -22.42 -22.71
C ASP E 8 50.90 -21.12 -22.22
N THR E 9 49.58 -21.12 -22.10
CA THR E 9 48.89 -19.92 -21.64
C THR E 9 49.25 -19.65 -20.18
N SER E 10 49.19 -20.68 -19.35
CA SER E 10 49.52 -20.53 -17.94
C SER E 10 50.88 -19.86 -17.84
N ALA E 11 51.83 -20.36 -18.63
CA ALA E 11 53.17 -19.82 -18.66
C ALA E 11 53.14 -18.34 -19.04
N LEU E 12 52.23 -18.00 -19.94
CA LEU E 12 52.10 -16.63 -20.39
C LEU E 12 51.55 -15.74 -19.29
N LEU E 13 50.56 -16.24 -18.56
CA LEU E 13 49.97 -15.45 -17.47
C LEU E 13 51.00 -15.30 -16.37
N GLU E 14 51.93 -16.27 -16.31
CA GLU E 14 52.99 -16.26 -15.32
C GLU E 14 54.06 -15.29 -15.81
N ALA E 15 54.16 -15.18 -17.13
CA ALA E 15 55.10 -14.26 -17.74
C ALA E 15 54.59 -12.86 -17.39
N ILE E 16 53.31 -12.64 -17.66
CA ILE E 16 52.67 -11.38 -17.36
C ILE E 16 53.01 -11.02 -15.92
N SER E 17 52.78 -11.95 -15.00
CA SER E 17 53.10 -11.69 -13.59
C SER E 17 54.54 -11.24 -13.47
N GLU E 18 55.47 -12.12 -13.82
CA GLU E 18 56.90 -11.81 -13.73
C GLU E 18 57.24 -10.38 -14.13
N TYR E 19 56.76 -9.97 -15.30
CA TYR E 19 57.05 -8.63 -15.77
C TYR E 19 56.25 -7.53 -15.09
N VAL E 20 55.09 -7.86 -14.55
CA VAL E 20 54.33 -6.85 -13.86
C VAL E 20 55.16 -6.52 -12.63
N VAL E 21 55.84 -7.52 -12.11
CA VAL E 21 56.68 -7.34 -10.94
C VAL E 21 57.90 -6.50 -11.30
N ARG E 22 58.57 -6.91 -12.37
CA ARG E 22 59.76 -6.22 -12.86
C ARG E 22 59.52 -4.76 -13.20
N CYS E 23 58.28 -4.43 -13.57
CA CYS E 23 57.95 -3.06 -13.95
C CYS E 23 57.42 -2.20 -12.83
N ASN E 24 57.11 -2.79 -11.68
CA ASN E 24 56.59 -2.01 -10.58
C ASN E 24 57.58 -0.88 -10.22
N GLY E 25 57.15 0.37 -10.36
CA GLY E 25 58.02 1.51 -10.05
C GLY E 25 59.18 1.69 -11.01
N ASP E 26 59.08 1.07 -12.18
CA ASP E 26 60.13 1.14 -13.20
C ASP E 26 59.48 1.60 -14.50
N THR E 27 58.49 2.47 -14.35
CA THR E 27 57.70 3.04 -15.44
C THR E 27 57.85 4.57 -15.44
N PHE E 28 58.80 5.08 -16.23
CA PHE E 28 59.04 6.51 -16.25
C PHE E 28 58.66 7.26 -17.52
N SER E 29 58.36 8.54 -17.31
CA SER E 29 57.90 9.47 -18.31
C SER E 29 58.54 9.65 -19.71
N GLY E 30 59.81 9.30 -19.88
CA GLY E 30 60.40 9.44 -21.21
C GLY E 30 61.42 8.33 -21.33
N LEU E 31 61.23 7.37 -20.45
CA LEU E 31 62.11 6.24 -20.30
C LEU E 31 61.60 4.93 -20.88
N THR E 32 62.22 4.50 -21.98
CA THR E 32 61.83 3.23 -22.61
C THR E 32 62.53 2.10 -21.87
N THR E 33 61.74 1.28 -21.18
CA THR E 33 62.23 0.14 -20.42
C THR E 33 61.99 -1.09 -21.29
N GLY E 34 63.03 -1.90 -21.50
CA GLY E 34 62.86 -3.08 -22.32
C GLY E 34 61.82 -3.99 -21.70
N ASP E 35 61.70 -3.89 -20.38
CA ASP E 35 60.74 -4.69 -19.61
C ASP E 35 59.30 -4.31 -19.95
N PHE E 36 58.95 -3.05 -19.70
CA PHE E 36 57.61 -2.53 -19.95
C PHE E 36 57.22 -2.69 -21.42
N ASN E 37 58.23 -2.79 -22.28
CA ASN E 37 57.98 -2.96 -23.69
C ASN E 37 57.54 -4.39 -23.96
N ALA E 38 57.89 -5.28 -23.04
CA ALA E 38 57.50 -6.67 -23.17
C ALA E 38 56.15 -6.84 -22.49
N LEU E 39 56.05 -6.40 -21.24
CA LEU E 39 54.79 -6.49 -20.50
C LEU E 39 53.72 -5.92 -21.40
N SER E 40 54.13 -4.97 -22.21
CA SER E 40 53.24 -4.33 -23.15
C SER E 40 52.78 -5.37 -24.16
N ASN E 41 53.69 -5.79 -25.03
CA ASN E 41 53.39 -6.76 -26.07
C ASN E 41 52.70 -8.05 -25.60
N MET E 42 52.98 -8.46 -24.37
CA MET E 42 52.37 -9.68 -23.86
C MET E 42 50.88 -9.47 -23.67
N PHE E 43 50.49 -8.39 -23.01
CA PHE E 43 49.07 -8.10 -22.84
C PHE E 43 48.37 -8.25 -24.18
N THR E 44 48.99 -7.65 -25.20
CA THR E 44 48.49 -7.66 -26.58
C THR E 44 48.20 -9.07 -27.07
N GLN E 45 49.04 -10.01 -26.64
CA GLN E 45 48.91 -11.41 -27.02
C GLN E 45 47.77 -12.15 -26.36
N LEU E 46 47.20 -11.61 -25.29
CA LEU E 46 46.07 -12.24 -24.60
C LEU E 46 44.90 -12.37 -25.58
N SER E 47 44.40 -11.24 -26.11
CA SER E 47 43.31 -11.27 -27.11
C SER E 47 42.70 -9.91 -27.46
N VAL E 48 43.34 -9.20 -28.39
CA VAL E 48 42.83 -7.90 -28.79
C VAL E 48 41.42 -8.07 -29.37
N SER E 49 41.21 -9.18 -30.09
CA SER E 49 39.95 -9.51 -30.71
C SER E 49 40.05 -10.96 -31.18
N VAL E 54 45.89 -1.34 -25.22
CA VAL E 54 44.91 -0.53 -24.53
C VAL E 54 45.40 -0.10 -23.14
N SER E 55 44.97 1.10 -22.78
CA SER E 55 45.30 1.82 -21.56
C SER E 55 45.20 1.16 -20.19
N ASP E 56 44.13 0.44 -19.89
CA ASP E 56 44.05 -0.16 -18.56
C ASP E 56 44.15 -1.68 -18.58
N PRO E 57 45.34 -2.23 -18.32
CA PRO E 57 45.50 -3.68 -18.33
C PRO E 57 44.68 -4.39 -17.26
N ARG E 58 44.21 -3.66 -16.25
CA ARG E 58 43.40 -4.28 -15.22
C ARG E 58 42.15 -4.92 -15.79
N VAL E 59 41.45 -4.17 -16.65
CA VAL E 59 40.21 -4.64 -17.27
C VAL E 59 40.27 -5.97 -18.00
N PRO E 60 41.11 -6.08 -19.03
CA PRO E 60 41.19 -7.33 -19.79
C PRO E 60 41.63 -8.51 -18.93
N LEU E 61 42.51 -8.26 -17.97
CA LEU E 61 42.97 -9.32 -17.09
C LEU E 61 41.82 -9.70 -16.18
N GLN E 62 41.08 -8.69 -15.73
CA GLN E 62 39.94 -8.89 -14.87
C GLN E 62 38.89 -9.70 -15.60
N THR E 63 38.56 -9.27 -16.81
CA THR E 63 37.57 -9.96 -17.61
C THR E 63 37.97 -11.44 -17.76
N MET E 64 39.24 -11.68 -18.05
CA MET E 64 39.71 -13.05 -18.21
C MET E 64 39.52 -13.90 -16.96
N SER E 65 40.00 -13.43 -15.82
CA SER E 65 39.85 -14.18 -14.58
C SER E 65 38.37 -14.50 -14.35
N ASN E 66 37.52 -13.50 -14.58
CA ASN E 66 36.10 -13.69 -14.38
C ASN E 66 35.59 -14.82 -15.21
N MET E 67 35.93 -14.83 -16.49
CA MET E 67 35.45 -15.90 -17.33
C MET E 67 36.04 -17.24 -16.91
N PHE E 68 37.26 -17.24 -16.39
CA PHE E 68 37.86 -18.49 -15.96
C PHE E 68 37.11 -19.05 -14.77
N VAL E 69 36.84 -18.21 -13.78
CA VAL E 69 36.11 -18.66 -12.60
C VAL E 69 34.79 -19.27 -13.05
N SER E 70 34.13 -18.58 -13.98
CA SER E 70 32.84 -19.03 -14.53
C SER E 70 32.97 -20.39 -15.19
N PHE E 71 34.09 -20.58 -15.88
CA PHE E 71 34.41 -21.82 -16.59
C PHE E 71 34.73 -22.98 -15.64
N ILE E 72 35.85 -22.86 -14.93
CA ILE E 72 36.28 -23.90 -14.02
C ILE E 72 35.21 -24.30 -13.01
N THR E 73 34.16 -23.49 -12.91
CA THR E 73 33.07 -23.74 -11.97
C THR E 73 31.99 -24.69 -12.46
N SER E 74 31.72 -24.66 -13.76
CA SER E 74 30.69 -25.51 -14.34
C SER E 74 31.18 -26.83 -14.92
N THR E 75 30.86 -27.92 -14.22
CA THR E 75 31.23 -29.26 -14.65
C THR E 75 30.86 -29.45 -16.12
N ASP E 76 29.75 -28.84 -16.51
CA ASP E 76 29.28 -28.93 -17.89
C ASP E 76 30.30 -28.42 -18.90
N ARG E 77 31.01 -27.34 -18.54
CA ARG E 77 31.99 -26.75 -19.45
C ARG E 77 33.40 -27.29 -19.37
N CYS E 78 34.01 -27.21 -18.18
CA CYS E 78 35.37 -27.70 -17.97
C CYS E 78 35.41 -29.20 -17.79
N GLY E 79 34.28 -29.85 -18.07
CA GLY E 79 34.21 -31.29 -17.93
C GLY E 79 35.26 -32.05 -18.70
N TYR E 80 35.50 -31.64 -19.94
CA TYR E 80 36.48 -32.31 -20.78
C TYR E 80 37.87 -32.38 -20.15
N MET E 81 38.18 -31.45 -19.26
CA MET E 81 39.48 -31.41 -18.60
C MET E 81 39.62 -32.39 -17.45
N LEU E 82 38.52 -33.00 -17.04
CA LEU E 82 38.57 -33.93 -15.94
C LEU E 82 38.57 -35.40 -16.36
N ARG E 83 38.86 -35.69 -17.61
CA ARG E 83 38.89 -37.07 -18.09
C ARG E 83 40.34 -37.51 -18.27
N LYS E 84 40.66 -38.74 -17.90
CA LYS E 84 42.03 -39.21 -18.01
C LYS E 84 42.72 -38.86 -19.34
N THR E 85 41.97 -38.86 -20.43
CA THR E 85 42.55 -38.57 -21.75
C THR E 85 43.27 -37.24 -21.84
N TRP E 86 42.75 -36.23 -21.14
CA TRP E 86 43.33 -34.89 -21.17
C TRP E 86 44.71 -34.81 -20.56
N PHE E 87 44.90 -35.55 -19.47
CA PHE E 87 46.15 -35.57 -18.76
C PHE E 87 47.19 -36.47 -19.42
N ASN E 88 46.72 -37.55 -20.03
CA ASN E 88 47.57 -38.54 -20.70
C ASN E 88 48.11 -38.19 -22.07
N SER E 89 47.32 -37.45 -22.86
CA SER E 89 47.73 -37.15 -24.23
C SER E 89 47.61 -35.70 -24.73
N ASP E 90 48.24 -35.47 -25.88
CA ASP E 90 48.23 -34.18 -26.56
C ASP E 90 47.28 -34.23 -27.75
N THR E 91 46.03 -34.62 -27.50
CA THR E 91 44.98 -34.72 -28.52
C THR E 91 44.10 -33.46 -28.54
N LYS E 92 44.00 -32.80 -29.70
CA LYS E 92 43.17 -31.60 -29.80
C LYS E 92 41.70 -31.94 -29.55
N PRO E 93 41.15 -31.51 -28.40
CA PRO E 93 39.77 -31.80 -28.06
C PRO E 93 38.76 -31.04 -28.89
N THR E 94 37.67 -31.74 -29.19
CA THR E 94 36.60 -31.16 -29.96
C THR E 94 35.65 -30.57 -28.92
N VAL E 95 35.95 -29.33 -28.54
CA VAL E 95 35.15 -28.59 -27.58
C VAL E 95 35.27 -27.12 -27.87
N SER E 96 34.14 -26.47 -27.98
CA SER E 96 34.11 -25.05 -28.22
C SER E 96 33.48 -24.50 -26.97
N ASP E 97 34.17 -23.53 -26.39
CA ASP E 97 33.70 -22.87 -25.19
C ASP E 97 34.31 -21.51 -25.29
N ASP E 98 33.48 -20.49 -25.40
CA ASP E 98 33.96 -19.12 -25.52
C ASP E 98 35.33 -18.91 -24.85
N PHE E 99 35.45 -19.30 -23.58
CA PHE E 99 36.70 -19.13 -22.84
C PHE E 99 37.89 -19.78 -23.50
N ILE E 100 37.79 -21.09 -23.70
CA ILE E 100 38.86 -21.83 -24.32
C ILE E 100 39.24 -21.21 -25.67
N THR E 101 38.22 -20.83 -26.43
CA THR E 101 38.41 -20.22 -27.75
C THR E 101 39.21 -18.94 -27.71
N THR E 102 38.82 -18.05 -26.80
CA THR E 102 39.43 -16.75 -26.64
C THR E 102 40.81 -16.73 -25.97
N TYR E 103 40.95 -17.47 -24.88
CA TYR E 103 42.21 -17.47 -24.14
C TYR E 103 43.16 -18.65 -24.23
N ILE E 104 42.65 -19.87 -24.27
CA ILE E 104 43.52 -21.04 -24.34
C ILE E 104 43.95 -21.39 -25.77
N ARG E 105 45.21 -21.10 -26.06
CA ARG E 105 45.81 -21.35 -27.38
C ARG E 105 47.30 -21.58 -27.24
N PRO E 106 47.94 -22.18 -28.26
CA PRO E 106 49.38 -22.45 -28.24
C PRO E 106 50.12 -21.12 -28.19
N ARG E 107 50.91 -20.90 -27.14
CA ARG E 107 51.60 -19.63 -27.02
C ARG E 107 53.13 -19.67 -27.00
N LEU E 108 53.69 -20.86 -26.81
CA LEU E 108 55.14 -20.96 -26.77
C LEU E 108 55.79 -21.21 -28.11
N GLN E 109 56.87 -20.48 -28.37
CA GLN E 109 57.62 -20.57 -29.62
C GLN E 109 58.39 -21.87 -29.69
N VAL E 110 57.96 -22.76 -30.57
CA VAL E 110 58.63 -24.03 -30.72
C VAL E 110 59.57 -23.94 -31.92
N PRO E 111 60.68 -24.68 -31.88
CA PRO E 111 61.14 -25.59 -30.81
C PRO E 111 61.98 -24.87 -29.73
N MET E 112 62.41 -23.66 -30.08
CA MET E 112 63.22 -22.81 -29.22
C MET E 112 62.96 -22.87 -27.71
N SER E 113 61.70 -22.81 -27.31
CA SER E 113 61.36 -22.83 -25.89
C SER E 113 61.94 -24.05 -25.18
N ASP E 114 61.81 -25.21 -25.80
CA ASP E 114 62.31 -26.44 -25.21
C ASP E 114 63.83 -26.40 -25.08
N THR E 115 64.51 -26.07 -26.16
CA THR E 115 65.97 -26.02 -26.12
C THR E 115 66.47 -25.04 -25.06
N VAL E 116 65.77 -23.93 -24.88
CA VAL E 116 66.19 -22.98 -23.87
C VAL E 116 66.05 -23.59 -22.48
N ARG E 117 64.97 -24.33 -22.26
CA ARG E 117 64.75 -24.97 -20.96
C ARG E 117 65.87 -25.97 -20.66
N GLN E 118 66.15 -26.85 -21.62
CA GLN E 118 67.21 -27.83 -21.44
C GLN E 118 68.48 -27.07 -21.05
N LEU E 119 68.90 -26.16 -21.92
CA LEU E 119 70.07 -25.33 -21.68
C LEU E 119 70.07 -24.77 -20.29
N ASN E 120 68.89 -24.62 -19.71
CA ASN E 120 68.77 -24.07 -18.37
C ASN E 120 69.20 -25.02 -17.27
N ASN E 121 68.57 -26.19 -17.17
CA ASN E 121 68.91 -27.15 -16.13
C ASN E 121 70.42 -27.19 -15.91
N LEU E 122 71.15 -26.92 -16.98
CA LEU E 122 72.60 -26.93 -16.97
C LEU E 122 73.29 -25.64 -16.58
N SER E 123 72.53 -24.58 -16.32
CA SER E 123 73.14 -23.31 -15.97
C SER E 123 73.43 -23.13 -14.48
N LEU E 124 74.35 -22.21 -14.19
CA LEU E 124 74.83 -21.90 -12.85
C LEU E 124 73.85 -21.59 -11.76
N GLN E 125 73.23 -20.42 -11.83
CA GLN E 125 72.29 -20.03 -10.80
C GLN E 125 70.83 -19.99 -11.24
N PRO E 126 70.12 -21.13 -11.11
CA PRO E 126 68.71 -21.25 -11.48
C PRO E 126 67.89 -20.43 -10.51
N SER E 127 66.60 -20.31 -10.78
CA SER E 127 65.76 -19.57 -9.87
C SER E 127 65.54 -20.42 -8.64
N ALA E 128 65.73 -19.82 -7.47
CA ALA E 128 65.57 -20.53 -6.21
C ALA E 128 64.11 -20.84 -5.94
N LYS E 129 63.22 -19.93 -6.34
CA LYS E 129 61.77 -20.08 -6.18
C LYS E 129 61.26 -20.09 -7.62
N PRO E 130 61.15 -21.29 -8.22
CA PRO E 130 60.69 -21.49 -9.59
C PRO E 130 59.19 -21.30 -9.82
N LYS E 131 58.85 -20.89 -11.04
CA LYS E 131 57.47 -20.66 -11.44
C LYS E 131 56.68 -21.97 -11.30
N LEU E 132 55.37 -21.89 -11.51
CA LEU E 132 54.56 -23.09 -11.43
C LEU E 132 54.82 -23.89 -12.70
N TYR E 133 55.08 -23.18 -13.78
CA TYR E 133 55.33 -23.81 -15.07
C TYR E 133 56.23 -25.03 -14.95
N GLU E 134 57.41 -24.84 -14.41
CA GLU E 134 58.38 -25.92 -14.20
C GLU E 134 57.71 -27.10 -13.49
N ARG E 135 57.15 -26.86 -12.30
CA ARG E 135 56.48 -27.90 -11.52
C ARG E 135 55.39 -28.58 -12.32
N GLN E 136 54.69 -27.82 -13.14
CA GLN E 136 53.64 -28.42 -13.94
C GLN E 136 54.27 -29.40 -14.91
N ASN E 137 55.24 -28.92 -15.69
CA ASN E 137 55.92 -29.77 -16.65
C ASN E 137 56.51 -31.02 -15.99
N ALA E 138 56.91 -30.91 -14.73
CA ALA E 138 57.46 -32.05 -14.04
C ALA E 138 56.34 -33.03 -13.70
N ILE E 139 55.38 -32.54 -12.93
CA ILE E 139 54.27 -33.36 -12.53
C ILE E 139 53.46 -33.95 -13.67
N MET E 140 53.40 -33.28 -14.80
CA MET E 140 52.60 -33.80 -15.90
C MET E 140 53.34 -34.61 -16.93
N LYS E 141 54.35 -34.02 -17.55
CA LYS E 141 55.12 -34.71 -18.57
C LYS E 141 56.36 -35.40 -18.00
N GLY E 142 56.55 -35.30 -16.68
CA GLY E 142 57.70 -35.93 -16.06
C GLY E 142 59.02 -35.48 -16.68
N LEU E 143 59.22 -34.17 -16.75
CA LEU E 143 60.45 -33.62 -17.32
C LEU E 143 61.45 -33.29 -16.24
N ASP E 144 62.69 -33.03 -16.64
CA ASP E 144 63.74 -32.72 -15.66
C ASP E 144 63.68 -31.31 -15.13
N ILE E 145 64.12 -31.18 -13.89
CA ILE E 145 64.18 -29.93 -13.16
C ILE E 145 65.66 -29.54 -13.32
N PRO E 146 66.01 -28.26 -13.15
CA PRO E 146 67.42 -27.86 -13.29
C PRO E 146 68.35 -28.49 -12.25
N TYR E 147 69.52 -28.92 -12.70
CA TYR E 147 70.46 -29.58 -11.82
C TYR E 147 70.84 -28.79 -10.57
N SER E 148 70.98 -27.48 -10.68
CA SER E 148 71.37 -26.66 -9.52
C SER E 148 70.26 -26.10 -8.63
N GLU E 149 69.03 -26.53 -8.84
CA GLU E 149 67.92 -26.01 -8.04
C GLU E 149 67.85 -26.61 -6.65
N PRO E 150 67.89 -25.75 -5.62
CA PRO E 150 67.82 -26.25 -4.24
C PRO E 150 66.40 -26.55 -3.81
N ILE E 151 66.25 -27.49 -2.88
CA ILE E 151 64.95 -27.84 -2.34
C ILE E 151 65.08 -28.23 -0.88
N GLU E 152 63.99 -28.08 -0.15
CA GLU E 152 63.98 -28.43 1.26
C GLU E 152 63.72 -29.92 1.31
N PRO E 153 64.70 -30.69 1.78
CA PRO E 153 64.57 -32.14 1.86
C PRO E 153 63.29 -32.64 2.52
N CYS E 154 62.91 -32.03 3.65
CA CYS E 154 61.72 -32.49 4.34
C CYS E 154 60.51 -32.63 3.41
N LYS E 155 60.49 -31.88 2.32
CA LYS E 155 59.37 -31.98 1.39
C LYS E 155 59.53 -33.33 0.70
N LEU E 156 60.72 -33.56 0.17
CA LEU E 156 61.06 -34.80 -0.52
C LEU E 156 60.58 -36.06 0.21
N PHE E 157 60.33 -35.90 1.52
CA PHE E 157 59.91 -37.01 2.38
C PHE E 157 58.63 -37.71 2.04
N ARG E 158 58.70 -39.03 2.11
CA ARG E 158 57.56 -39.91 1.89
C ARG E 158 57.71 -40.96 2.99
N SER E 159 56.74 -41.85 3.13
CA SER E 159 56.81 -42.88 4.18
C SER E 159 57.42 -44.19 3.67
N VAL E 160 58.27 -44.80 4.51
CA VAL E 160 58.92 -46.08 4.19
C VAL E 160 58.62 -47.10 5.29
N ALA E 161 58.85 -48.37 4.98
CA ALA E 161 58.61 -49.48 5.89
C ALA E 161 59.00 -49.24 7.35
N GLY E 162 60.23 -48.78 7.60
CA GLY E 162 60.68 -48.55 8.96
C GLY E 162 59.87 -47.55 9.79
N GLN E 163 60.11 -46.26 9.54
CA GLN E 163 59.38 -45.19 10.22
C GLN E 163 58.26 -44.66 9.35
N THR E 164 57.07 -44.55 9.94
CA THR E 164 55.88 -44.09 9.24
C THR E 164 55.90 -42.61 8.85
N GLY E 165 56.33 -41.76 9.77
CA GLY E 165 56.37 -40.34 9.47
C GLY E 165 57.69 -39.63 9.77
N ASN E 166 57.79 -38.37 9.36
CA ASN E 166 58.98 -37.53 9.58
C ASN E 166 58.71 -36.64 10.79
N ILE E 167 57.80 -35.68 10.66
CA ILE E 167 57.50 -34.80 11.79
C ILE E 167 56.98 -35.60 13.00
N PRO E 168 56.24 -36.70 12.77
CA PRO E 168 55.73 -37.51 13.88
C PRO E 168 56.84 -38.10 14.76
N MET E 169 57.98 -38.41 14.13
CA MET E 169 59.13 -38.98 14.85
C MET E 169 59.70 -38.05 15.90
N MET E 170 59.46 -36.75 15.72
CA MET E 170 59.95 -35.74 16.64
C MET E 170 59.49 -36.01 18.07
N GLY E 171 58.24 -36.39 18.24
CA GLY E 171 57.70 -36.68 19.56
C GLY E 171 58.38 -37.89 20.20
N ILE E 172 58.64 -38.91 19.39
CA ILE E 172 59.29 -40.13 19.85
C ILE E 172 60.75 -39.85 20.18
N LEU E 173 61.44 -39.16 19.27
CA LEU E 173 62.84 -38.81 19.45
C LEU E 173 63.12 -38.06 20.73
N ALA E 174 62.14 -37.30 21.21
CA ALA E 174 62.31 -36.52 22.43
C ALA E 174 62.06 -37.30 23.71
N THR E 175 61.60 -38.54 23.56
CA THR E 175 61.31 -39.39 24.72
C THR E 175 62.53 -40.24 25.06
N PRO E 176 62.98 -40.21 26.34
CA PRO E 176 64.13 -41.03 26.72
C PRO E 176 63.82 -42.49 26.39
N PRO E 177 64.75 -43.16 25.68
CA PRO E 177 64.56 -44.57 25.29
C PRO E 177 64.72 -45.62 26.39
N ALA E 178 64.17 -46.81 26.11
CA ALA E 178 64.24 -47.94 27.03
C ALA E 178 65.50 -48.76 26.74
N ALA E 179 65.66 -49.16 25.47
CA ALA E 179 66.82 -49.94 25.04
C ALA E 179 67.34 -49.33 23.73
N GLN E 180 68.41 -49.90 23.19
CA GLN E 180 68.94 -49.39 21.93
C GLN E 180 67.89 -49.64 20.85
N GLN E 181 67.42 -48.56 20.21
CA GLN E 181 66.40 -48.63 19.16
C GLN E 181 66.99 -48.65 17.75
N GLN E 182 66.15 -48.95 16.77
CA GLN E 182 66.58 -48.99 15.37
C GLN E 182 67.01 -47.59 14.93
N PRO E 183 67.74 -47.47 13.80
CA PRO E 183 68.19 -46.15 13.33
C PRO E 183 67.04 -45.27 12.84
N PHE E 184 67.27 -43.96 12.76
CA PHE E 184 66.24 -43.05 12.30
C PHE E 184 66.75 -42.10 11.22
N PHE E 185 65.88 -41.75 10.29
CA PHE E 185 66.24 -40.85 9.19
C PHE E 185 65.20 -39.75 9.02
N VAL E 186 65.41 -38.60 9.64
CA VAL E 186 64.46 -37.51 9.52
C VAL E 186 65.05 -36.39 8.67
N ALA E 187 64.22 -35.39 8.38
CA ALA E 187 64.67 -34.26 7.58
C ALA E 187 64.00 -32.97 8.05
N GLU E 188 64.73 -31.86 7.91
CA GLU E 188 64.25 -30.53 8.29
C GLU E 188 64.22 -29.66 7.05
N ARG E 189 64.07 -28.36 7.23
CA ARG E 189 64.06 -27.49 6.07
C ARG E 189 65.43 -27.39 5.45
N ARG E 190 66.42 -27.05 6.26
CA ARG E 190 67.76 -26.87 5.75
C ARG E 190 68.77 -27.99 6.05
N ARG E 191 68.33 -29.09 6.65
CA ARG E 191 69.29 -30.17 6.93
C ARG E 191 68.68 -31.57 7.12
N ILE E 192 69.53 -32.60 7.03
CA ILE E 192 69.12 -34.00 7.20
C ILE E 192 69.74 -34.62 8.46
N LEU E 193 68.93 -35.36 9.22
CA LEU E 193 69.42 -35.99 10.44
C LEU E 193 69.23 -37.50 10.41
N PHE E 194 70.20 -38.22 10.99
CA PHE E 194 70.18 -39.68 11.06
C PHE E 194 71.03 -40.13 12.24
N GLY E 195 70.71 -41.28 12.80
CA GLY E 195 71.48 -41.77 13.93
C GLY E 195 70.86 -42.94 14.68
N ILE E 196 71.32 -43.17 15.90
CA ILE E 196 70.80 -44.27 16.70
C ILE E 196 70.64 -43.82 18.15
N ARG E 197 69.46 -44.05 18.70
CA ARG E 197 69.17 -43.66 20.08
C ARG E 197 69.36 -44.87 21.02
N SER E 198 69.84 -44.62 22.24
CA SER E 198 70.05 -45.69 23.23
C SER E 198 70.26 -45.15 24.65
N ASN E 199 69.87 -45.93 25.66
CA ASN E 199 70.01 -45.52 27.06
C ASN E 199 71.39 -45.91 27.60
N ALA E 200 72.08 -46.77 26.85
CA ALA E 200 73.40 -47.24 27.22
C ALA E 200 74.36 -47.04 26.04
N ALA E 201 75.60 -46.67 26.34
CA ALA E 201 76.62 -46.44 25.31
C ALA E 201 76.58 -47.43 24.15
N ILE E 202 77.03 -46.96 22.99
CA ILE E 202 77.09 -47.76 21.79
C ILE E 202 78.56 -47.84 21.43
N PRO E 203 79.09 -49.08 21.29
CA PRO E 203 80.50 -49.31 20.95
C PRO E 203 81.03 -48.57 19.73
N ALA E 204 82.32 -48.26 19.74
CA ALA E 204 82.93 -47.59 18.61
C ALA E 204 82.92 -48.63 17.49
N GLY E 205 83.15 -48.19 16.25
CA GLY E 205 83.16 -49.14 15.14
C GLY E 205 82.30 -48.72 13.96
N ALA E 206 82.09 -49.67 13.04
CA ALA E 206 81.29 -49.39 11.84
C ALA E 206 79.81 -49.72 11.98
N TYR E 207 78.98 -48.89 11.36
CA TYR E 207 77.53 -49.07 11.35
C TYR E 207 76.99 -48.62 9.99
N GLN E 208 76.10 -49.41 9.40
CA GLN E 208 75.51 -49.06 8.12
C GLN E 208 74.13 -48.45 8.31
N PHE E 209 73.84 -47.41 7.54
CA PHE E 209 72.54 -46.76 7.60
C PHE E 209 71.91 -46.89 6.21
N VAL E 210 70.70 -47.46 6.15
CA VAL E 210 70.00 -47.63 4.88
C VAL E 210 69.34 -46.32 4.43
N VAL E 211 69.90 -45.67 3.40
CA VAL E 211 69.32 -44.41 2.92
C VAL E 211 67.93 -44.68 2.35
N PRO E 212 66.88 -44.23 3.05
CA PRO E 212 65.50 -44.42 2.62
C PRO E 212 65.25 -43.96 1.18
N ALA E 213 64.42 -44.72 0.47
CA ALA E 213 64.09 -44.43 -0.92
C ALA E 213 63.86 -42.95 -1.26
N TRP E 214 63.20 -42.22 -0.37
CA TRP E 214 62.90 -40.81 -0.62
C TRP E 214 64.09 -39.88 -0.71
N ALA E 215 65.06 -40.07 0.19
CA ALA E 215 66.26 -39.22 0.20
C ALA E 215 67.33 -39.70 -0.79
N SER E 216 67.19 -40.94 -1.26
CA SER E 216 68.13 -41.56 -2.19
C SER E 216 68.36 -40.79 -3.49
N VAL E 217 67.86 -39.56 -3.53
CA VAL E 217 67.98 -38.73 -4.72
C VAL E 217 68.59 -37.39 -4.37
N LEU E 218 68.85 -37.20 -3.08
CA LEU E 218 69.42 -35.96 -2.58
C LEU E 218 70.89 -35.80 -2.87
N SER E 219 71.36 -34.56 -2.70
CA SER E 219 72.75 -34.18 -2.92
C SER E 219 72.97 -32.88 -2.14
N VAL E 220 74.17 -32.68 -1.62
CA VAL E 220 74.45 -31.46 -0.89
C VAL E 220 75.75 -30.84 -1.36
N THR E 221 75.96 -29.61 -0.95
CA THR E 221 77.15 -28.84 -1.29
C THR E 221 77.30 -27.83 -0.16
N GLY E 222 78.52 -27.42 0.13
CA GLY E 222 78.76 -26.47 1.20
C GLY E 222 78.12 -26.92 2.51
N ALA E 223 78.14 -28.22 2.73
CA ALA E 223 77.53 -28.79 3.92
C ALA E 223 78.49 -29.09 5.08
N TYR E 224 78.00 -28.82 6.28
CA TYR E 224 78.73 -29.06 7.52
C TYR E 224 78.06 -30.30 8.11
N VAL E 225 78.84 -31.26 8.54
CA VAL E 225 78.26 -32.46 9.13
C VAL E 225 78.71 -32.50 10.58
N TYR E 226 77.78 -32.74 11.50
CA TYR E 226 78.15 -32.75 12.91
C TYR E 226 77.20 -33.52 13.80
N PHE E 227 77.57 -33.64 15.08
CA PHE E 227 76.73 -34.32 16.05
C PHE E 227 75.87 -33.25 16.68
N THR E 228 74.56 -33.47 16.72
CA THR E 228 73.67 -32.49 17.33
C THR E 228 72.58 -33.23 18.12
N ASN E 229 71.70 -32.48 18.79
CA ASN E 229 70.65 -33.13 19.56
C ASN E 229 69.25 -32.56 19.33
N SER E 230 69.11 -31.66 18.34
CA SER E 230 67.81 -31.04 18.08
C SER E 230 67.18 -31.39 16.72
N PHE E 231 65.86 -31.47 16.70
CA PHE E 231 65.11 -31.76 15.49
C PHE E 231 64.02 -30.71 15.38
N PHE E 232 64.23 -29.75 14.49
CA PHE E 232 63.28 -28.65 14.29
C PHE E 232 63.23 -27.81 15.55
N GLY E 233 64.37 -27.70 16.22
CA GLY E 233 64.43 -26.91 17.43
C GLY E 233 63.87 -27.65 18.62
N THR E 234 63.66 -28.95 18.46
CA THR E 234 63.13 -29.77 19.53
C THR E 234 64.23 -30.73 20.00
N ILE E 235 64.50 -30.73 21.31
CA ILE E 235 65.52 -31.58 21.90
C ILE E 235 65.31 -33.09 21.79
N ILE E 236 66.31 -33.76 21.20
CA ILE E 236 66.29 -35.21 21.04
C ILE E 236 66.93 -35.85 22.26
N ALA E 237 66.25 -36.82 22.86
CA ALA E 237 66.77 -37.51 24.04
C ALA E 237 67.36 -38.85 23.63
N GLY E 238 68.25 -39.39 24.46
CA GLY E 238 68.86 -40.66 24.15
C GLY E 238 69.99 -40.49 23.15
N VAL E 239 70.63 -39.32 23.20
CA VAL E 239 71.73 -39.02 22.30
C VAL E 239 72.68 -38.03 22.98
N THR E 240 73.98 -38.24 22.83
CA THR E 240 74.97 -37.34 23.42
C THR E 240 75.70 -36.58 22.31
N ALA E 241 75.73 -35.26 22.45
CA ALA E 241 76.39 -34.43 21.46
C ALA E 241 77.73 -33.98 22.02
N THR E 242 78.16 -34.62 23.09
CA THR E 242 79.43 -34.26 23.70
C THR E 242 80.61 -34.93 23.02
N ALA E 243 81.76 -34.26 23.07
CA ALA E 243 82.98 -34.78 22.47
C ALA E 243 84.20 -33.98 23.00
N THR E 244 85.40 -34.57 22.95
CA THR E 244 86.62 -33.89 23.42
C THR E 244 87.66 -33.69 22.29
N ALA E 245 88.52 -32.67 22.41
CA ALA E 245 89.53 -32.39 21.39
C ALA E 245 90.42 -33.61 21.19
N ALA E 246 90.53 -34.40 22.27
CA ALA E 246 91.36 -35.59 22.26
C ALA E 246 90.72 -36.78 21.52
N ASP E 247 89.38 -36.80 21.46
CA ASP E 247 88.66 -37.89 20.82
C ASP E 247 89.18 -38.33 19.43
N ALA E 248 88.99 -39.62 19.14
CA ALA E 248 89.42 -40.20 17.87
C ALA E 248 88.45 -39.73 16.78
N ALA E 249 88.99 -39.38 15.62
CA ALA E 249 88.15 -38.90 14.52
C ALA E 249 87.02 -39.85 14.10
N THR E 250 85.85 -39.29 13.82
CA THR E 250 84.69 -40.06 13.36
C THR E 250 84.44 -39.66 11.92
N THR E 251 84.40 -40.64 11.02
CA THR E 251 84.17 -40.37 9.61
C THR E 251 83.18 -41.35 8.97
N PHE E 252 82.58 -40.96 7.85
CA PHE E 252 81.62 -41.82 7.15
C PHE E 252 81.89 -41.84 5.64
N THR E 253 81.37 -42.84 4.93
CA THR E 253 81.58 -42.95 3.49
C THR E 253 80.31 -43.13 2.67
N VAL E 254 80.39 -42.73 1.40
CA VAL E 254 79.27 -42.85 0.49
C VAL E 254 79.75 -43.67 -0.70
N PRO E 255 78.90 -44.57 -1.21
CA PRO E 255 79.27 -45.40 -2.35
C PRO E 255 79.70 -44.64 -3.62
N THR E 256 79.64 -43.33 -3.56
CA THR E 256 80.01 -42.53 -4.73
C THR E 256 81.40 -41.92 -4.62
N ASP E 257 81.86 -41.71 -3.39
CA ASP E 257 83.18 -41.13 -3.18
C ASP E 257 84.11 -42.13 -2.49
N ALA E 258 85.29 -42.33 -3.07
CA ALA E 258 86.29 -43.27 -2.55
C ALA E 258 86.91 -42.81 -1.22
N ASN E 259 86.79 -41.52 -0.93
CA ASN E 259 87.37 -40.95 0.27
C ASN E 259 86.41 -40.81 1.44
N ASN E 260 86.98 -40.83 2.63
CA ASN E 260 86.21 -40.68 3.85
C ASN E 260 85.81 -39.23 4.04
N LEU E 261 84.59 -39.03 4.51
CA LEU E 261 84.07 -37.69 4.75
C LEU E 261 84.08 -37.43 6.25
N PRO E 262 84.81 -36.39 6.67
CA PRO E 262 84.95 -35.98 8.07
C PRO E 262 83.69 -35.51 8.79
N VAL E 263 83.61 -35.78 10.08
CA VAL E 263 82.48 -35.36 10.88
C VAL E 263 82.96 -34.43 12.00
N GLN E 264 82.20 -33.37 12.27
CA GLN E 264 82.53 -32.39 13.30
C GLN E 264 83.70 -31.50 12.90
N THR E 265 83.90 -31.36 11.59
CA THR E 265 84.98 -30.54 11.06
C THR E 265 84.46 -29.25 10.43
N ASP E 266 85.29 -28.21 10.43
CA ASP E 266 84.91 -26.93 9.82
C ASP E 266 85.08 -26.98 8.30
N SER E 267 85.10 -28.19 7.74
CA SER E 267 85.27 -28.35 6.30
C SER E 267 83.93 -28.46 5.58
N ARG E 268 83.81 -27.76 4.45
CA ARG E 268 82.58 -27.78 3.67
C ARG E 268 82.58 -28.94 2.68
N LEU E 269 81.69 -29.89 2.93
CA LEU E 269 81.59 -31.11 2.13
C LEU E 269 80.64 -31.10 0.94
N SER E 270 80.85 -32.07 0.06
CA SER E 270 80.04 -32.24 -1.14
C SER E 270 79.93 -33.73 -1.42
N PHE E 271 78.74 -34.30 -1.21
CA PHE E 271 78.56 -35.72 -1.47
C PHE E 271 77.12 -35.95 -1.87
N SER E 272 76.79 -37.17 -2.30
CA SER E 272 75.42 -37.46 -2.70
C SER E 272 74.95 -38.77 -2.09
N LEU E 273 73.81 -38.77 -1.40
CA LEU E 273 73.25 -39.97 -0.78
C LEU E 273 72.71 -40.87 -1.90
N GLY E 274 73.24 -40.60 -3.09
CA GLY E 274 72.88 -41.25 -4.34
C GLY E 274 73.53 -42.55 -4.71
N GLY E 275 73.27 -43.55 -3.91
CA GLY E 275 73.87 -44.79 -4.28
C GLY E 275 73.17 -45.82 -3.47
N GLY E 276 73.92 -46.32 -2.51
CA GLY E 276 73.43 -47.35 -1.63
C GLY E 276 73.14 -46.89 -0.23
N ASN E 277 74.03 -47.20 0.70
CA ASN E 277 73.86 -46.82 2.10
C ASN E 277 75.10 -46.04 2.51
N ILE E 278 75.02 -45.31 3.61
CA ILE E 278 76.18 -44.56 4.08
C ILE E 278 76.86 -45.35 5.19
N ASN E 279 78.19 -45.37 5.19
CA ASN E 279 78.94 -46.10 6.22
C ASN E 279 79.57 -45.20 7.27
N LEU E 280 78.93 -45.12 8.44
CA LEU E 280 79.45 -44.30 9.52
C LEU E 280 80.42 -45.09 10.39
N GLU E 281 81.52 -44.45 10.76
CA GLU E 281 82.54 -45.05 11.61
C GLU E 281 82.71 -44.23 12.87
N LEU E 282 81.98 -44.62 13.91
CA LEU E 282 82.04 -43.93 15.19
C LEU E 282 83.43 -44.13 15.81
N GLY E 283 84.22 -43.06 15.89
CA GLY E 283 85.56 -43.16 16.46
C GLY E 283 85.62 -43.42 17.96
N VAL E 284 84.62 -42.92 18.68
CA VAL E 284 84.53 -43.07 20.13
C VAL E 284 83.14 -43.58 20.47
N ALA E 285 83.05 -44.49 21.43
CA ALA E 285 81.75 -45.00 21.84
C ALA E 285 80.92 -43.87 22.46
N LYS E 286 79.64 -43.79 22.06
CA LYS E 286 78.75 -42.75 22.56
C LYS E 286 77.42 -43.33 23.05
N THR E 287 76.82 -42.65 24.02
CA THR E 287 75.54 -43.08 24.58
C THR E 287 74.39 -42.56 23.71
N GLY E 288 74.42 -42.90 22.42
CA GLY E 288 73.40 -42.46 21.48
C GLY E 288 73.91 -41.27 20.69
N PHE E 289 73.89 -41.38 19.37
CA PHE E 289 74.39 -40.28 18.55
C PHE E 289 73.42 -39.89 17.46
N CYS E 290 73.61 -38.67 16.94
CA CYS E 290 72.79 -38.15 15.86
C CYS E 290 73.62 -37.26 14.94
N VAL E 291 73.83 -37.73 13.72
CA VAL E 291 74.60 -36.98 12.74
C VAL E 291 73.71 -36.02 12.01
N ALA E 292 74.26 -34.87 11.67
CA ALA E 292 73.53 -33.84 10.95
C ALA E 292 74.25 -33.41 9.68
N ILE E 293 73.51 -33.36 8.58
CA ILE E 293 74.08 -32.94 7.31
C ILE E 293 73.36 -31.63 6.99
N GLU E 294 74.00 -30.50 7.22
CA GLU E 294 73.38 -29.21 6.96
C GLU E 294 74.06 -28.39 5.87
N GLY E 295 73.40 -28.27 4.73
CA GLY E 295 73.95 -27.49 3.63
C GLY E 295 72.91 -27.22 2.57
N GLU E 296 73.38 -27.05 1.34
CA GLU E 296 72.49 -26.79 0.22
C GLU E 296 72.09 -28.13 -0.37
N PHE E 297 70.80 -28.43 -0.41
CA PHE E 297 70.36 -29.70 -0.99
C PHE E 297 69.78 -29.52 -2.38
N THR E 298 70.10 -30.44 -3.28
CA THR E 298 69.61 -30.39 -4.65
C THR E 298 69.18 -31.80 -5.03
N ILE E 299 68.40 -31.93 -6.10
CA ILE E 299 67.97 -33.26 -6.52
C ILE E 299 68.88 -33.73 -7.65
N LEU E 300 69.50 -34.89 -7.46
CA LEU E 300 70.41 -35.45 -8.47
C LEU E 300 69.81 -35.35 -9.86
N ALA E 301 70.66 -35.13 -10.84
CA ALA E 301 70.20 -35.03 -12.21
C ALA E 301 69.34 -36.20 -12.65
N ASN E 302 68.26 -35.91 -13.37
CA ASN E 302 67.38 -36.93 -13.91
C ASN E 302 66.80 -37.92 -12.91
N ARG E 303 66.53 -37.46 -11.69
CA ARG E 303 65.93 -38.32 -10.68
C ARG E 303 64.70 -37.60 -10.11
N SER E 304 64.50 -36.36 -10.54
CA SER E 304 63.37 -35.54 -10.10
C SER E 304 62.05 -36.25 -10.35
N GLN E 305 62.07 -37.18 -11.29
CA GLN E 305 60.89 -37.95 -11.66
C GLN E 305 60.30 -38.67 -10.45
N ALA E 306 61.14 -38.99 -9.49
CA ALA E 306 60.69 -39.69 -8.30
C ALA E 306 59.81 -38.80 -7.43
N TYR E 307 60.29 -37.59 -7.15
CA TYR E 307 59.54 -36.66 -6.33
C TYR E 307 58.23 -36.25 -6.98
N TYR E 308 58.31 -35.70 -8.20
CA TYR E 308 57.14 -35.22 -8.94
C TYR E 308 56.16 -36.23 -9.55
N THR E 309 56.61 -37.44 -9.90
CA THR E 309 55.71 -38.43 -10.48
C THR E 309 55.06 -39.29 -9.40
N LEU E 310 55.33 -38.95 -8.14
CA LEU E 310 54.80 -39.70 -7.00
C LEU E 310 55.23 -41.16 -7.11
N ASN E 311 56.48 -41.36 -7.55
CA ASN E 311 57.04 -42.70 -7.71
C ASN E 311 57.75 -43.14 -6.43
N SER E 312 58.20 -42.16 -5.64
CA SER E 312 58.91 -42.41 -4.41
C SER E 312 57.94 -42.82 -3.31
N ILE E 313 56.77 -43.31 -3.72
CA ILE E 313 55.75 -43.74 -2.80
C ILE E 313 55.37 -45.20 -3.01
N THR E 314 55.25 -45.93 -1.90
CA THR E 314 54.90 -47.36 -1.89
C THR E 314 54.12 -47.83 -0.69
N GLN E 315 54.17 -47.06 0.40
CA GLN E 315 53.41 -47.45 1.59
C GLN E 315 52.01 -46.80 1.53
N THR E 316 51.11 -47.22 2.42
CA THR E 316 49.75 -46.67 2.42
C THR E 316 49.07 -46.85 3.80
N PRO E 317 48.65 -45.73 4.43
CA PRO E 317 48.77 -44.35 3.95
C PRO E 317 50.21 -43.90 3.84
N THR E 318 50.40 -42.66 3.41
CA THR E 318 51.73 -42.09 3.30
C THR E 318 51.65 -40.62 3.65
N SER E 319 52.81 -40.02 3.83
CA SER E 319 52.89 -38.61 4.11
C SER E 319 53.28 -38.04 2.77
N ILE E 320 52.72 -36.88 2.44
CA ILE E 320 53.02 -36.25 1.15
C ILE E 320 52.87 -34.76 1.34
N ASP E 321 53.71 -34.00 0.64
CA ASP E 321 53.64 -32.55 0.72
C ASP E 321 52.61 -32.09 -0.31
N ASP E 322 52.83 -30.94 -0.95
CA ASP E 322 51.88 -30.43 -1.93
C ASP E 322 52.53 -29.70 -3.11
N PHE E 323 53.79 -30.01 -3.36
CA PHE E 323 54.53 -29.39 -4.45
C PHE E 323 54.41 -27.89 -4.41
N ASP E 324 54.14 -27.37 -3.22
CA ASP E 324 54.04 -25.93 -2.96
C ASP E 324 52.84 -25.15 -3.50
N VAL E 325 51.82 -25.78 -4.05
CA VAL E 325 50.70 -25.00 -4.55
C VAL E 325 50.19 -24.04 -3.48
N SER E 326 49.98 -24.57 -2.28
CA SER E 326 49.47 -23.76 -1.18
C SER E 326 50.08 -22.36 -1.12
N ASP E 327 51.34 -22.22 -1.56
CA ASP E 327 52.04 -20.94 -1.54
C ASP E 327 51.59 -19.98 -2.64
N PHE E 328 51.10 -20.54 -3.74
CA PHE E 328 50.65 -19.74 -4.86
C PHE E 328 49.18 -19.35 -4.77
N LEU E 329 48.38 -20.21 -4.16
CA LEU E 329 46.96 -19.97 -4.02
C LEU E 329 46.62 -18.76 -3.18
N THR E 330 47.58 -18.28 -2.38
CA THR E 330 47.31 -17.13 -1.51
C THR E 330 46.50 -16.01 -2.18
N THR E 331 47.05 -15.40 -3.23
CA THR E 331 46.32 -14.33 -3.90
C THR E 331 44.87 -14.70 -4.20
N PHE E 332 44.67 -15.68 -5.08
CA PHE E 332 43.32 -16.10 -5.45
C PHE E 332 42.37 -16.31 -4.27
N LEU E 333 42.90 -16.84 -3.17
CA LEU E 333 42.06 -17.06 -2.01
C LEU E 333 41.67 -15.73 -1.39
N SER E 334 42.62 -14.79 -1.37
CA SER E 334 42.34 -13.47 -0.80
C SER E 334 41.24 -12.79 -1.60
N GLN E 335 41.25 -13.02 -2.90
CA GLN E 335 40.24 -12.44 -3.74
C GLN E 335 38.90 -13.12 -3.46
N LEU E 336 38.85 -14.44 -3.50
CA LEU E 336 37.60 -15.15 -3.23
C LEU E 336 36.94 -14.69 -1.95
N ARG E 337 37.74 -14.34 -0.95
CA ARG E 337 37.17 -13.88 0.32
C ARG E 337 36.76 -12.42 0.19
N ALA E 338 37.44 -11.70 -0.69
CA ALA E 338 37.15 -10.28 -0.89
C ALA E 338 35.78 -10.00 -1.48
N CYS E 339 35.23 -10.97 -2.20
CA CYS E 339 33.95 -10.76 -2.82
C CYS E 339 32.95 -11.85 -2.48
N GLY E 340 33.10 -12.46 -1.31
CA GLY E 340 32.17 -13.50 -0.89
C GLY E 340 31.81 -14.59 -1.89
N GLN E 341 32.76 -15.45 -2.18
CA GLN E 341 32.56 -16.54 -3.12
C GLN E 341 33.40 -17.70 -2.58
N TYR E 342 34.12 -17.43 -1.51
CA TYR E 342 34.97 -18.43 -0.90
C TYR E 342 34.12 -19.67 -0.63
N GLU E 343 32.90 -19.46 -0.13
CA GLU E 343 32.01 -20.58 0.16
C GLU E 343 31.64 -21.27 -1.14
N ILE E 344 30.91 -20.56 -2.01
CA ILE E 344 30.47 -21.13 -3.27
C ILE E 344 31.60 -21.81 -4.03
N PHE E 345 32.71 -21.12 -4.23
CA PHE E 345 33.82 -21.69 -4.97
C PHE E 345 34.22 -23.03 -4.38
N SER E 346 34.30 -23.08 -3.05
CA SER E 346 34.66 -24.33 -2.39
C SER E 346 33.72 -25.41 -2.90
N ASP E 347 32.46 -25.33 -2.53
CA ASP E 347 31.47 -26.32 -2.96
C ASP E 347 31.61 -26.72 -4.44
N ALA E 348 32.04 -25.79 -5.28
CA ALA E 348 32.19 -26.07 -6.71
C ALA E 348 33.42 -26.93 -6.94
N MET E 349 34.43 -26.75 -6.09
CA MET E 349 35.65 -27.50 -6.19
C MET E 349 35.43 -28.93 -5.73
N ASP E 350 34.69 -29.09 -4.63
CA ASP E 350 34.39 -30.42 -4.11
C ASP E 350 33.79 -31.18 -5.30
N GLN E 351 32.89 -30.49 -6.01
CA GLN E 351 32.22 -31.03 -7.18
C GLN E 351 33.24 -31.40 -8.27
N LEU E 352 34.16 -30.47 -8.52
CA LEU E 352 35.22 -30.62 -9.53
C LEU E 352 35.98 -31.89 -9.18
N THR E 353 36.52 -31.89 -7.96
CA THR E 353 37.29 -33.01 -7.45
C THR E 353 36.54 -34.33 -7.63
N ASN E 354 35.38 -34.47 -6.97
CA ASN E 354 34.62 -35.71 -7.08
C ASN E 354 34.44 -36.17 -8.51
N SER E 355 33.97 -35.27 -9.36
CA SER E 355 33.77 -35.63 -10.75
C SER E 355 35.09 -36.11 -11.39
N LEU E 356 36.21 -35.56 -10.94
CA LEU E 356 37.51 -35.97 -11.48
C LEU E 356 37.78 -37.41 -11.07
N ILE E 357 37.80 -37.63 -9.77
CA ILE E 357 38.03 -38.96 -9.24
C ILE E 357 37.12 -39.96 -9.94
N THR E 358 35.83 -39.64 -10.04
CA THR E 358 34.88 -40.52 -10.70
C THR E 358 35.39 -41.06 -12.04
N ASN E 359 35.79 -40.16 -12.92
CA ASN E 359 36.29 -40.55 -14.24
C ASN E 359 37.52 -41.45 -14.18
N TYR E 360 38.33 -41.31 -13.13
CA TYR E 360 39.51 -42.16 -13.04
C TYR E 360 39.21 -43.54 -12.48
N MET E 361 37.94 -43.96 -12.50
CA MET E 361 37.61 -45.25 -11.93
C MET E 361 36.51 -46.03 -12.60
N ASP E 362 36.85 -47.19 -13.12
CA ASP E 362 35.85 -48.03 -13.78
C ASP E 362 35.35 -48.99 -12.63
N PRO E 363 34.00 -49.07 -12.41
CA PRO E 363 33.00 -48.30 -13.16
C PRO E 363 32.79 -46.89 -12.63
N PRO E 364 32.52 -45.94 -13.54
CA PRO E 364 32.27 -44.53 -13.27
C PRO E 364 31.39 -44.24 -12.05
N ALA E 365 32.01 -44.20 -10.87
CA ALA E 365 31.26 -43.90 -9.63
C ALA E 365 32.20 -43.69 -8.46
N ILE E 366 31.87 -42.76 -7.58
CA ILE E 366 32.69 -42.45 -6.41
C ILE E 366 32.97 -43.69 -5.56
N PRO E 367 34.23 -43.87 -5.10
CA PRO E 367 34.61 -45.02 -4.27
C PRO E 367 34.06 -44.90 -2.84
N ALA E 368 33.66 -46.02 -2.26
CA ALA E 368 33.12 -46.00 -0.90
C ALA E 368 34.24 -45.64 0.07
N GLY E 369 33.87 -44.99 1.17
CA GLY E 369 34.84 -44.60 2.19
C GLY E 369 35.62 -43.32 1.92
N LEU E 370 35.22 -42.57 0.90
CA LEU E 370 35.92 -41.33 0.57
C LEU E 370 35.24 -40.14 1.22
N ALA E 371 35.96 -39.46 2.08
CA ALA E 371 35.45 -38.28 2.76
C ALA E 371 36.66 -37.42 3.06
N PHE E 372 36.68 -36.22 2.49
CA PHE E 372 37.81 -35.35 2.73
C PHE E 372 37.76 -34.74 4.11
N THR E 373 38.94 -34.41 4.63
CA THR E 373 39.02 -33.83 5.96
C THR E 373 39.34 -32.36 5.79
N SER E 374 39.67 -31.96 4.57
CA SER E 374 40.05 -30.57 4.28
C SER E 374 39.52 -29.98 2.99
N PRO E 375 39.48 -28.64 2.90
CA PRO E 375 39.01 -27.95 1.71
C PRO E 375 39.98 -28.02 0.53
N TRP E 376 39.43 -27.86 -0.65
CA TRP E 376 40.15 -27.91 -1.92
C TRP E 376 41.53 -27.26 -2.02
N PHE E 377 41.83 -26.32 -1.11
CA PHE E 377 43.11 -25.63 -1.18
C PHE E 377 44.14 -26.08 -0.16
N ARG E 378 43.84 -27.14 0.59
CA ARG E 378 44.82 -27.67 1.54
C ARG E 378 45.35 -28.95 0.92
N PHE E 379 45.49 -28.90 -0.42
CA PHE E 379 45.96 -30.00 -1.26
C PHE E 379 46.79 -31.03 -0.57
N SER E 380 47.77 -30.55 0.19
CA SER E 380 48.66 -31.42 0.93
C SER E 380 47.89 -32.59 1.51
N GLU E 381 46.86 -32.27 2.29
CA GLU E 381 46.04 -33.27 2.95
C GLU E 381 45.14 -34.10 2.04
N ARG E 382 44.41 -33.45 1.13
CA ARG E 382 43.54 -34.20 0.24
C ARG E 382 44.35 -35.21 -0.56
N ALA E 383 45.58 -34.86 -0.91
CA ALA E 383 46.43 -35.75 -1.67
C ALA E 383 46.62 -37.02 -0.86
N ARG E 384 46.84 -36.86 0.44
CA ARG E 384 47.02 -38.00 1.33
C ARG E 384 45.75 -38.84 1.38
N THR E 385 44.63 -38.18 1.62
CA THR E 385 43.34 -38.85 1.71
C THR E 385 43.09 -39.67 0.44
N ILE E 386 43.44 -39.12 -0.72
CA ILE E 386 43.25 -39.83 -1.97
C ILE E 386 44.24 -40.98 -2.08
N LEU E 387 45.48 -40.75 -1.66
CA LEU E 387 46.48 -41.80 -1.69
C LEU E 387 46.29 -42.74 -0.51
N ALA E 388 45.05 -42.95 -0.10
CA ALA E 388 44.77 -43.81 1.04
C ALA E 388 43.57 -44.70 0.82
N LEU E 389 43.09 -44.77 -0.42
CA LEU E 389 41.95 -45.61 -0.72
C LEU E 389 42.48 -46.99 -1.14
N GLN E 390 42.57 -47.91 -0.18
CA GLN E 390 43.10 -49.24 -0.45
C GLN E 390 42.27 -50.10 -1.40
N ASN E 391 41.05 -49.65 -1.72
CA ASN E 391 40.18 -50.40 -2.62
C ASN E 391 40.38 -49.97 -4.07
N VAL E 392 41.28 -49.02 -4.27
CA VAL E 392 41.58 -48.51 -5.61
C VAL E 392 43.02 -48.79 -5.96
N ASP E 393 43.26 -49.24 -7.18
CA ASP E 393 44.61 -49.53 -7.66
C ASP E 393 45.50 -48.35 -7.29
N LEU E 394 46.75 -48.62 -6.90
CA LEU E 394 47.69 -47.57 -6.51
C LEU E 394 48.03 -46.60 -7.64
N ASN E 395 48.48 -47.14 -8.77
CA ASN E 395 48.86 -46.31 -9.90
C ASN E 395 47.79 -45.31 -10.28
N ILE E 396 46.54 -45.69 -10.07
CA ILE E 396 45.43 -44.81 -10.38
C ILE E 396 45.37 -43.67 -9.36
N ARG E 397 45.56 -44.02 -8.09
CA ARG E 397 45.57 -43.03 -7.01
C ARG E 397 46.58 -41.95 -7.35
N LYS E 398 47.78 -42.38 -7.72
CA LYS E 398 48.85 -41.45 -8.06
C LYS E 398 48.38 -40.48 -9.15
N LEU E 399 47.90 -41.02 -10.26
CA LEU E 399 47.42 -40.19 -11.36
C LEU E 399 46.41 -39.17 -10.86
N ILE E 400 45.44 -39.61 -10.10
CA ILE E 400 44.44 -38.68 -9.58
C ILE E 400 45.07 -37.50 -8.86
N VAL E 401 45.99 -37.77 -7.94
CA VAL E 401 46.65 -36.69 -7.22
C VAL E 401 47.42 -35.80 -8.18
N ARG E 402 48.17 -36.42 -9.07
CA ARG E 402 48.94 -35.66 -10.06
C ARG E 402 48.03 -34.74 -10.86
N HIS E 403 47.00 -35.33 -11.44
CA HIS E 403 46.03 -34.62 -12.25
C HIS E 403 45.38 -33.48 -11.47
N LEU E 404 44.72 -33.82 -10.37
CA LEU E 404 44.06 -32.83 -9.55
C LEU E 404 45.00 -31.68 -9.23
N TRP E 405 46.27 -31.96 -9.05
CA TRP E 405 47.23 -30.90 -8.77
C TRP E 405 47.25 -29.88 -9.91
N VAL E 406 47.51 -30.35 -11.12
CA VAL E 406 47.56 -29.47 -12.28
C VAL E 406 46.36 -28.55 -12.37
N ILE E 407 45.18 -29.10 -12.12
CA ILE E 407 43.99 -28.27 -12.18
C ILE E 407 44.14 -27.17 -11.12
N THR E 408 44.45 -27.59 -9.90
CA THR E 408 44.62 -26.65 -8.79
C THR E 408 45.65 -25.58 -9.12
N SER E 409 46.75 -26.01 -9.74
CA SER E 409 47.79 -25.07 -10.11
C SER E 409 47.18 -24.05 -11.06
N LEU E 410 46.49 -24.54 -12.08
CA LEU E 410 45.84 -23.67 -13.05
C LEU E 410 44.92 -22.66 -12.35
N ILE E 411 44.10 -23.13 -11.41
CA ILE E 411 43.20 -22.22 -10.71
C ILE E 411 43.96 -21.10 -10.03
N ALA E 412 45.13 -21.45 -9.48
CA ALA E 412 45.95 -20.47 -8.78
C ALA E 412 46.55 -19.42 -9.70
N VAL E 413 46.75 -19.80 -10.94
CA VAL E 413 47.34 -18.88 -11.90
C VAL E 413 46.27 -18.01 -12.50
N PHE E 414 45.25 -18.63 -13.07
CA PHE E 414 44.17 -17.92 -13.75
C PHE E 414 43.20 -17.09 -12.91
N GLY E 415 42.77 -17.61 -11.77
CA GLY E 415 41.80 -16.89 -10.97
C GLY E 415 42.16 -15.58 -10.31
N ARG E 416 43.45 -15.34 -10.12
CA ARG E 416 43.95 -14.15 -9.44
C ARG E 416 43.28 -12.79 -9.68
N TYR E 417 42.98 -12.42 -10.91
CA TYR E 417 42.36 -11.11 -11.12
C TYR E 417 40.83 -11.06 -11.00
N TYR E 418 40.23 -12.10 -10.45
CA TYR E 418 38.78 -12.23 -10.27
C TYR E 418 38.06 -11.12 -9.49
N ARG E 419 37.11 -10.46 -10.15
CA ARG E 419 36.30 -9.41 -9.52
C ARG E 419 34.96 -9.32 -10.21
N PRO E 420 33.92 -9.84 -9.57
CA PRO E 420 32.57 -9.82 -10.13
C PRO E 420 31.80 -8.50 -9.94
N ASN E 421 31.06 -8.14 -10.99
CA ASN E 421 30.24 -6.93 -11.00
C ASN E 421 29.40 -6.83 -12.29
N MET F 1 29.61 25.61 -0.32
CA MET F 1 29.47 27.05 0.04
C MET F 1 28.57 27.18 1.26
N SER F 2 27.54 28.01 1.10
CA SER F 2 26.58 28.28 2.15
C SER F 2 26.30 27.00 2.90
N ARG F 3 26.11 27.12 4.20
CA ARG F 3 25.80 25.95 5.01
C ARG F 3 24.54 25.35 4.39
N GLN F 4 23.64 26.23 3.94
CA GLN F 4 22.40 25.79 3.33
C GLN F 4 22.68 24.96 2.09
N MET F 5 23.67 25.39 1.31
CA MET F 5 24.01 24.68 0.10
C MET F 5 24.46 23.27 0.39
N TRP F 6 25.15 23.07 1.52
CA TRP F 6 25.59 21.73 1.87
C TRP F 6 24.39 20.89 2.27
N LEU F 7 23.59 21.39 3.21
CA LEU F 7 22.42 20.64 3.63
C LEU F 7 21.60 20.20 2.41
N ASP F 8 21.22 21.16 1.57
CA ASP F 8 20.45 20.86 0.35
C ASP F 8 21.03 19.68 -0.42
N THR F 9 22.34 19.67 -0.66
CA THR F 9 22.92 18.57 -1.40
C THR F 9 22.89 17.27 -0.60
N SER F 10 23.14 17.34 0.70
CA SER F 10 23.09 16.15 1.54
C SER F 10 21.71 15.53 1.34
N ALA F 11 20.69 16.35 1.53
CA ALA F 11 19.32 15.91 1.37
C ALA F 11 19.10 15.21 0.04
N LEU F 12 19.82 15.66 -0.98
CA LEU F 12 19.70 15.07 -2.30
C LEU F 12 20.32 13.69 -2.28
N LEU F 13 21.56 13.61 -1.82
CA LEU F 13 22.25 12.33 -1.75
C LEU F 13 21.47 11.39 -0.85
N GLU F 14 20.91 11.96 0.21
CA GLU F 14 20.15 11.18 1.17
C GLU F 14 18.84 10.74 0.55
N ALA F 15 18.39 11.49 -0.44
CA ALA F 15 17.16 11.15 -1.14
C ALA F 15 17.51 10.06 -2.14
N ILE F 16 18.63 10.24 -2.86
CA ILE F 16 19.07 9.26 -3.84
C ILE F 16 19.12 7.91 -3.17
N SER F 17 19.62 7.88 -1.93
CA SER F 17 19.67 6.64 -1.17
C SER F 17 18.24 6.11 -1.08
N GLU F 18 17.37 6.86 -0.39
CA GLU F 18 15.97 6.44 -0.26
C GLU F 18 15.43 5.73 -1.51
N TYR F 19 15.51 6.39 -2.67
CA TYR F 19 15.01 5.81 -3.91
C TYR F 19 15.79 4.60 -4.39
N VAL F 20 17.07 4.54 -4.08
CA VAL F 20 17.83 3.37 -4.45
C VAL F 20 17.21 2.22 -3.66
N VAL F 21 16.84 2.48 -2.42
CA VAL F 21 16.23 1.44 -1.60
C VAL F 21 14.90 1.04 -2.17
N ARG F 22 14.16 2.02 -2.67
CA ARG F 22 12.86 1.76 -3.24
C ARG F 22 12.92 0.95 -4.52
N CYS F 23 13.91 1.25 -5.35
CA CYS F 23 14.05 0.56 -6.62
C CYS F 23 14.67 -0.82 -6.56
N ASN F 24 15.31 -1.15 -5.46
CA ASN F 24 15.93 -2.46 -5.34
C ASN F 24 14.93 -3.60 -5.56
N GLY F 25 15.20 -4.44 -6.54
CA GLY F 25 14.33 -5.57 -6.83
C GLY F 25 12.95 -5.20 -7.34
N ASP F 26 12.84 -3.99 -7.88
CA ASP F 26 11.61 -3.48 -8.45
C ASP F 26 11.94 -2.90 -9.81
N THR F 27 13.07 -3.31 -10.35
CA THR F 27 13.48 -2.80 -11.64
C THR F 27 13.20 -3.86 -12.69
N PHE F 28 12.01 -3.84 -13.26
CA PHE F 28 11.68 -4.85 -14.27
C PHE F 28 11.82 -4.40 -15.72
N SER F 29 11.71 -5.38 -16.61
CA SER F 29 11.91 -5.14 -18.03
C SER F 29 11.03 -4.17 -18.79
N GLY F 30 9.72 -4.38 -18.76
CA GLY F 30 8.85 -3.47 -19.50
C GLY F 30 8.19 -2.40 -18.64
N LEU F 31 8.53 -2.34 -17.36
CA LEU F 31 7.91 -1.34 -16.51
C LEU F 31 8.63 -0.04 -16.40
N THR F 32 7.85 0.98 -16.08
CA THR F 32 8.37 2.31 -15.86
C THR F 32 7.72 2.64 -14.50
N THR F 33 8.56 2.78 -13.49
CA THR F 33 8.11 3.06 -12.15
C THR F 33 8.40 4.48 -11.77
N GLY F 34 7.43 5.11 -11.15
CA GLY F 34 7.62 6.49 -10.75
C GLY F 34 8.88 6.62 -9.91
N ASP F 35 9.20 5.54 -9.20
CA ASP F 35 10.38 5.49 -8.34
C ASP F 35 11.64 5.50 -9.17
N PHE F 36 11.75 4.58 -10.12
CA PHE F 36 12.94 4.53 -10.94
C PHE F 36 13.07 5.82 -11.73
N ASN F 37 11.96 6.39 -12.13
CA ASN F 37 12.00 7.64 -12.88
C ASN F 37 12.65 8.70 -12.01
N ALA F 38 12.20 8.81 -10.78
CA ALA F 38 12.78 9.77 -9.84
C ALA F 38 14.26 9.53 -9.70
N LEU F 39 14.61 8.30 -9.36
CA LEU F 39 15.99 7.93 -9.17
C LEU F 39 16.85 8.34 -10.34
N SER F 40 16.59 7.79 -11.51
CA SER F 40 17.41 8.12 -12.67
C SER F 40 17.55 9.61 -12.92
N ASN F 41 16.56 10.41 -12.53
CA ASN F 41 16.66 11.83 -12.74
C ASN F 41 17.59 12.43 -11.71
N MET F 42 17.49 11.93 -10.48
CA MET F 42 18.33 12.41 -9.42
C MET F 42 19.77 12.06 -9.73
N PHE F 43 20.01 10.89 -10.32
CA PHE F 43 21.37 10.52 -10.66
C PHE F 43 21.94 11.61 -11.54
N THR F 44 21.09 12.23 -12.35
CA THR F 44 21.54 13.28 -13.22
C THR F 44 21.98 14.53 -12.48
N GLN F 45 21.13 15.04 -11.59
CA GLN F 45 21.44 16.26 -10.82
C GLN F 45 22.78 16.32 -10.09
N LEU F 46 23.46 15.20 -9.90
CA LEU F 46 24.74 15.26 -9.21
C LEU F 46 25.77 16.09 -9.96
N SER F 47 26.29 15.51 -11.03
CA SER F 47 27.33 16.11 -11.87
C SER F 47 26.93 17.34 -12.73
N VAL F 48 27.56 18.49 -12.46
CA VAL F 48 27.30 19.70 -13.24
C VAL F 48 27.73 19.38 -14.68
N SER F 49 28.66 18.45 -14.79
CA SER F 49 29.18 17.98 -16.08
C SER F 49 28.30 16.87 -16.65
N SER F 50 27.67 17.16 -17.78
CA SER F 50 26.79 16.22 -18.48
C SER F 50 25.40 16.10 -17.85
N ALA F 51 24.49 15.51 -18.63
CA ALA F 51 23.12 15.30 -18.21
C ALA F 51 22.53 14.12 -19.00
N GLY F 52 23.40 13.28 -19.56
CA GLY F 52 22.94 12.12 -20.32
C GLY F 52 22.49 11.00 -19.38
N TYR F 53 21.59 10.15 -19.85
CA TYR F 53 21.10 9.03 -19.03
C TYR F 53 22.29 8.27 -18.50
N VAL F 54 22.29 8.03 -17.20
CA VAL F 54 23.39 7.32 -16.58
C VAL F 54 23.24 5.80 -16.75
N SER F 55 24.08 5.22 -17.61
CA SER F 55 24.01 3.78 -17.84
C SER F 55 24.53 3.00 -16.63
N ASP F 56 25.46 3.60 -15.90
CA ASP F 56 26.03 2.96 -14.71
C ASP F 56 26.12 4.02 -13.61
N PRO F 57 25.08 4.14 -12.79
CA PRO F 57 25.08 5.13 -11.71
C PRO F 57 26.17 4.97 -10.67
N ARG F 58 26.91 3.88 -10.74
CA ARG F 58 27.99 3.66 -9.79
C ARG F 58 29.08 4.69 -10.02
N VAL F 59 29.51 4.81 -11.27
CA VAL F 59 30.57 5.74 -11.66
C VAL F 59 30.52 7.14 -11.04
N PRO F 60 29.54 7.97 -11.41
CA PRO F 60 29.47 9.32 -10.85
C PRO F 60 29.30 9.38 -9.34
N LEU F 61 28.59 8.40 -8.77
CA LEU F 61 28.40 8.37 -7.34
C LEU F 61 29.74 8.16 -6.66
N GLN F 62 30.60 7.38 -7.32
CA GLN F 62 31.93 7.09 -6.79
C GLN F 62 32.80 8.32 -6.94
N THR F 63 32.95 8.78 -8.18
CA THR F 63 33.73 9.98 -8.43
C THR F 63 33.41 11.03 -7.37
N MET F 64 32.13 11.13 -6.99
CA MET F 64 31.71 12.11 -6.00
C MET F 64 32.21 11.85 -4.59
N SER F 65 32.17 10.60 -4.15
CA SER F 65 32.66 10.28 -2.82
C SER F 65 34.16 10.56 -2.77
N ASN F 66 34.86 10.04 -3.76
CA ASN F 66 36.30 10.20 -3.88
C ASN F 66 36.67 11.68 -3.80
N MET F 67 36.06 12.48 -4.66
CA MET F 67 36.32 13.90 -4.69
C MET F 67 36.13 14.49 -3.29
N PHE F 68 35.07 14.02 -2.62
CA PHE F 68 34.72 14.48 -1.28
C PHE F 68 35.75 14.13 -0.21
N VAL F 69 36.16 12.87 -0.16
CA VAL F 69 37.15 12.45 0.82
C VAL F 69 38.42 13.28 0.59
N SER F 70 38.82 13.40 -0.67
CA SER F 70 40.01 14.17 -1.04
C SER F 70 39.86 15.65 -0.63
N PHE F 71 38.63 16.11 -0.44
CA PHE F 71 38.36 17.49 -0.04
C PHE F 71 38.30 17.60 1.46
N ILE F 72 37.45 16.77 2.07
CA ILE F 72 37.27 16.81 3.49
C ILE F 72 38.55 16.52 4.29
N THR F 73 39.56 15.92 3.66
CA THR F 73 40.82 15.64 4.37
C THR F 73 41.77 16.84 4.46
N SER F 74 42.00 17.50 3.32
CA SER F 74 42.89 18.67 3.24
C SER F 74 42.31 19.92 3.89
N THR F 75 42.89 20.31 5.02
CA THR F 75 42.45 21.47 5.75
C THR F 75 42.60 22.77 4.96
N ASP F 76 43.44 22.75 3.92
CA ASP F 76 43.63 23.95 3.11
C ASP F 76 42.36 24.23 2.33
N ARG F 77 41.68 23.14 1.94
CA ARG F 77 40.43 23.21 1.17
C ARG F 77 39.18 23.40 2.04
N CYS F 78 38.81 22.36 2.79
CA CYS F 78 37.63 22.41 3.63
C CYS F 78 37.75 23.29 4.86
N GLY F 79 38.76 24.14 4.91
CA GLY F 79 38.95 24.99 6.07
C GLY F 79 37.78 25.91 6.36
N TYR F 80 37.31 26.60 5.32
CA TYR F 80 36.23 27.55 5.45
C TYR F 80 35.01 26.99 6.18
N MET F 81 34.79 25.68 6.10
CA MET F 81 33.64 25.04 6.77
C MET F 81 33.84 24.89 8.27
N LEU F 82 35.03 25.23 8.74
CA LEU F 82 35.34 25.09 10.15
C LEU F 82 35.36 26.43 10.89
N ARG F 83 34.91 27.48 10.21
CA ARG F 83 34.87 28.81 10.79
C ARG F 83 33.63 28.97 11.65
N LYS F 84 33.68 29.91 12.58
CA LYS F 84 32.56 30.14 13.47
C LYS F 84 31.33 30.52 12.64
N THR F 85 31.52 31.41 11.67
CA THR F 85 30.44 31.88 10.82
C THR F 85 29.73 30.89 9.90
N TRP F 86 30.43 29.85 9.44
CA TRP F 86 29.82 28.86 8.54
C TRP F 86 28.64 28.13 9.17
N PHE F 87 28.69 27.93 10.48
CA PHE F 87 27.62 27.25 11.17
C PHE F 87 26.56 28.26 11.59
N ASN F 88 26.84 29.54 11.38
CA ASN F 88 25.91 30.60 11.76
C ASN F 88 25.16 31.27 10.62
N SER F 89 25.87 32.01 9.78
CA SER F 89 25.20 32.73 8.69
C SER F 89 25.12 32.10 7.30
N ASP F 90 24.09 32.51 6.56
CA ASP F 90 23.87 32.04 5.21
C ASP F 90 24.56 32.99 4.22
N THR F 91 25.81 33.36 4.50
CA THR F 91 26.55 34.27 3.63
C THR F 91 27.46 33.49 2.68
N LYS F 92 27.10 33.41 1.39
CA LYS F 92 27.92 32.67 0.42
C LYS F 92 29.37 33.10 0.48
N PRO F 93 30.26 32.19 0.93
CA PRO F 93 31.70 32.42 1.06
C PRO F 93 32.42 32.51 -0.26
N THR F 94 33.44 33.35 -0.29
CA THR F 94 34.24 33.55 -1.47
C THR F 94 35.34 32.49 -1.47
N VAL F 95 34.97 31.26 -1.84
CA VAL F 95 35.91 30.16 -1.90
C VAL F 95 35.81 29.48 -3.26
N SER F 96 36.95 29.12 -3.80
CA SER F 96 36.98 28.47 -5.10
C SER F 96 37.66 27.12 -4.94
N ASP F 97 36.88 26.06 -5.02
CA ASP F 97 37.38 24.69 -4.89
C ASP F 97 36.63 23.78 -5.86
N ASP F 98 37.36 22.93 -6.59
CA ASP F 98 36.75 22.03 -7.55
C ASP F 98 35.53 21.28 -7.02
N PHE F 99 35.62 20.76 -5.80
CA PHE F 99 34.50 20.02 -5.24
C PHE F 99 33.27 20.92 -5.12
N ILE F 100 33.35 21.88 -4.21
CA ILE F 100 32.25 22.81 -3.99
C ILE F 100 31.57 23.27 -5.28
N THR F 101 32.36 23.55 -6.32
CA THR F 101 31.80 24.00 -7.58
C THR F 101 30.98 22.95 -8.31
N THR F 102 31.58 21.77 -8.48
CA THR F 102 30.93 20.67 -9.18
C THR F 102 29.73 20.04 -8.45
N TYR F 103 29.78 19.97 -7.13
CA TYR F 103 28.71 19.31 -6.39
C TYR F 103 27.81 20.09 -5.43
N ILE F 104 28.27 21.21 -4.92
CA ILE F 104 27.44 21.95 -3.98
C ILE F 104 26.77 23.18 -4.60
N ARG F 105 25.47 23.30 -4.34
CA ARG F 105 24.64 24.40 -4.82
C ARG F 105 23.23 24.18 -4.27
N PRO F 106 22.36 25.19 -4.34
CA PRO F 106 21.00 25.03 -3.82
C PRO F 106 20.29 24.01 -4.69
N ARG F 107 19.49 23.14 -4.07
CA ARG F 107 18.78 22.12 -4.82
C ARG F 107 17.30 21.97 -4.48
N LEU F 108 16.92 22.38 -3.27
CA LEU F 108 15.55 22.26 -2.86
C LEU F 108 14.70 23.37 -3.46
N GLN F 109 13.54 22.99 -3.96
CA GLN F 109 12.61 23.93 -4.57
C GLN F 109 12.11 24.83 -3.47
N VAL F 110 12.09 26.13 -3.72
CA VAL F 110 11.60 27.06 -2.73
C VAL F 110 10.44 27.82 -3.36
N PRO F 111 9.44 28.20 -2.56
CA PRO F 111 9.35 27.95 -1.12
C PRO F 111 8.74 26.58 -0.80
N MET F 112 8.09 25.97 -1.79
CA MET F 112 7.44 24.67 -1.61
C MET F 112 8.05 23.75 -0.56
N SER F 113 9.36 23.50 -0.67
CA SER F 113 10.05 22.61 0.26
C SER F 113 9.73 22.85 1.73
N ASP F 114 9.81 24.11 2.15
CA ASP F 114 9.52 24.44 3.54
C ASP F 114 8.05 24.15 3.84
N THR F 115 7.17 24.62 2.95
CA THR F 115 5.73 24.42 3.10
C THR F 115 5.47 22.95 3.41
N VAL F 116 5.92 22.08 2.53
CA VAL F 116 5.76 20.66 2.72
C VAL F 116 6.28 20.30 4.11
N ARG F 117 7.52 20.66 4.39
CA ARG F 117 8.16 20.36 5.68
C ARG F 117 7.30 20.64 6.92
N GLN F 118 6.73 21.84 7.00
CA GLN F 118 5.90 22.23 8.14
C GLN F 118 4.61 21.43 8.11
N LEU F 119 3.98 21.37 6.94
CA LEU F 119 2.76 20.61 6.79
C LEU F 119 3.03 19.21 7.33
N ASN F 120 4.29 18.80 7.23
CA ASN F 120 4.65 17.48 7.70
C ASN F 120 4.61 17.31 9.20
N ASN F 121 5.14 18.26 9.95
CA ASN F 121 5.15 18.10 11.40
C ASN F 121 3.76 17.72 11.90
N LEU F 122 2.74 18.16 11.17
CA LEU F 122 1.37 17.86 11.56
C LEU F 122 0.88 16.51 11.01
N SER F 123 1.65 15.89 10.14
CA SER F 123 1.27 14.60 9.55
C SER F 123 1.02 13.55 10.62
N LEU F 124 0.12 12.61 10.30
CA LEU F 124 -0.27 11.53 11.22
C LEU F 124 0.79 10.48 11.54
N GLN F 125 1.47 10.01 10.52
CA GLN F 125 2.49 9.01 10.76
C GLN F 125 3.75 9.43 10.05
N PRO F 126 4.64 10.13 10.77
CA PRO F 126 5.92 10.63 10.27
C PRO F 126 6.86 9.46 10.21
N SER F 127 8.02 9.64 9.61
CA SER F 127 8.95 8.54 9.54
C SER F 127 9.35 8.20 10.96
N ALA F 128 9.37 6.91 11.28
CA ALA F 128 9.75 6.47 12.61
C ALA F 128 11.25 6.56 12.81
N LYS F 129 12.00 6.57 11.71
CA LYS F 129 13.45 6.70 11.78
C LYS F 129 13.85 7.68 10.67
N PRO F 130 13.82 8.98 11.00
CA PRO F 130 14.12 10.17 10.19
C PRO F 130 15.45 10.20 9.49
N LYS F 131 15.47 10.89 8.34
CA LYS F 131 16.70 11.04 7.59
C LYS F 131 17.59 11.93 8.45
N LEU F 132 18.85 12.08 8.06
CA LEU F 132 19.76 12.94 8.80
C LEU F 132 19.32 14.36 8.58
N TYR F 133 18.93 14.65 7.35
CA TYR F 133 18.49 15.98 6.99
C TYR F 133 17.65 16.64 8.08
N GLU F 134 16.73 15.89 8.68
CA GLU F 134 15.88 16.47 9.71
C GLU F 134 16.69 16.97 10.90
N ARG F 135 17.61 16.16 11.39
CA ARG F 135 18.44 16.54 12.54
C ARG F 135 19.34 17.69 12.15
N GLN F 136 19.95 17.57 10.98
CA GLN F 136 20.82 18.62 10.50
C GLN F 136 20.12 19.96 10.69
N ASN F 137 18.85 20.02 10.30
CA ASN F 137 18.07 21.25 10.43
C ASN F 137 17.77 21.65 11.87
N ALA F 138 17.47 20.67 12.72
CA ALA F 138 17.16 20.96 14.11
C ALA F 138 18.41 21.38 14.86
N ILE F 139 19.49 20.63 14.65
CA ILE F 139 20.75 20.92 15.30
C ILE F 139 21.38 22.22 14.83
N MET F 140 21.26 22.52 13.54
CA MET F 140 21.86 23.73 13.01
C MET F 140 20.97 24.97 13.00
N LYS F 141 19.79 24.89 12.38
CA LYS F 141 18.87 26.02 12.31
C LYS F 141 17.82 26.08 13.41
N GLY F 142 17.74 25.02 14.21
CA GLY F 142 16.78 24.98 15.29
C GLY F 142 15.34 24.81 14.86
N LEU F 143 15.13 24.06 13.79
CA LEU F 143 13.80 23.82 13.28
C LEU F 143 13.02 22.79 14.07
N ASP F 144 11.71 22.79 13.88
CA ASP F 144 10.85 21.88 14.58
C ASP F 144 10.93 20.49 13.99
N ILE F 145 10.67 19.51 14.84
CA ILE F 145 10.67 18.10 14.46
C ILE F 145 9.19 17.71 14.50
N PRO F 146 8.78 16.70 13.70
CA PRO F 146 7.39 16.25 13.65
C PRO F 146 6.76 16.02 15.01
N TYR F 147 5.59 16.62 15.20
CA TYR F 147 4.88 16.54 16.45
C TYR F 147 4.64 15.13 16.97
N SER F 148 4.49 14.15 16.07
CA SER F 148 4.24 12.79 16.54
C SER F 148 5.30 11.77 16.17
N GLU F 149 6.53 12.22 16.03
CA GLU F 149 7.63 11.32 15.74
C GLU F 149 8.00 10.69 17.07
N PRO F 150 8.24 9.37 17.09
CA PRO F 150 8.59 8.76 18.37
C PRO F 150 10.06 8.99 18.69
N ILE F 151 10.41 8.71 19.95
CA ILE F 151 11.77 8.89 20.43
C ILE F 151 11.97 8.04 21.68
N GLU F 152 13.18 7.54 21.87
CA GLU F 152 13.49 6.73 23.03
C GLU F 152 13.99 7.66 24.14
N PRO F 153 13.23 7.78 25.24
CA PRO F 153 13.55 8.63 26.39
C PRO F 153 15.00 8.71 26.77
N CYS F 154 15.61 7.56 27.03
CA CYS F 154 17.01 7.58 27.44
C CYS F 154 17.96 8.39 26.57
N LYS F 155 17.73 8.47 25.26
CA LYS F 155 18.64 9.27 24.42
C LYS F 155 18.53 10.71 24.90
N LEU F 156 17.28 11.13 25.03
CA LEU F 156 16.90 12.46 25.46
C LEU F 156 17.60 12.91 26.74
N PHE F 157 17.96 11.93 27.57
CA PHE F 157 18.60 12.18 28.85
C PHE F 157 19.84 13.03 28.85
N ARG F 158 20.00 13.71 29.98
CA ARG F 158 21.12 14.58 30.23
C ARG F 158 21.33 14.58 31.75
N SER F 159 22.49 15.08 32.17
CA SER F 159 22.83 15.09 33.59
C SER F 159 22.13 16.19 34.38
N VAL F 160 21.66 15.83 35.58
CA VAL F 160 20.96 16.75 36.47
C VAL F 160 21.64 16.87 37.83
N ALA F 161 21.36 17.97 38.53
CA ALA F 161 21.91 18.23 39.85
C ALA F 161 21.81 17.01 40.77
N GLY F 162 20.58 16.50 40.90
CA GLY F 162 20.35 15.33 41.74
C GLY F 162 21.20 14.11 41.44
N GLN F 163 20.91 13.46 40.32
CA GLN F 163 21.66 12.27 39.90
C GLN F 163 22.56 12.59 38.71
N THR F 164 23.79 12.08 38.75
CA THR F 164 24.77 12.32 37.69
C THR F 164 24.42 11.73 36.34
N GLY F 165 24.14 10.43 36.32
CA GLY F 165 23.80 9.77 35.07
C GLY F 165 22.52 8.98 35.08
N ASN F 166 22.33 8.14 34.06
CA ASN F 166 21.15 7.31 33.91
C ASN F 166 21.55 5.84 33.96
N ILE F 167 22.30 5.41 32.95
CA ILE F 167 22.74 4.03 32.90
C ILE F 167 23.49 3.62 34.17
N PRO F 168 24.42 4.47 34.64
CA PRO F 168 25.19 4.16 35.85
C PRO F 168 24.34 4.06 37.13
N MET F 169 23.30 4.87 37.21
CA MET F 169 22.40 4.87 38.36
C MET F 169 21.78 3.50 38.56
N MET F 170 22.06 2.60 37.63
CA MET F 170 21.54 1.24 37.67
C MET F 170 22.12 0.48 38.84
N GLY F 171 23.44 0.31 38.82
CA GLY F 171 24.11 -0.40 39.88
C GLY F 171 23.67 0.00 41.28
N ILE F 172 23.41 1.30 41.47
CA ILE F 172 22.97 1.79 42.77
C ILE F 172 21.56 1.30 43.05
N LEU F 173 20.72 1.30 42.02
CA LEU F 173 19.33 0.84 42.15
C LEU F 173 19.30 -0.64 42.50
N ALA F 174 20.43 -1.30 42.33
CA ALA F 174 20.52 -2.73 42.60
C ALA F 174 20.78 -3.01 44.09
N THR F 175 21.75 -2.30 44.66
CA THR F 175 22.15 -2.43 46.06
C THR F 175 20.99 -2.17 47.03
N PRO F 176 20.73 -3.11 47.96
CA PRO F 176 19.62 -2.80 48.87
C PRO F 176 19.97 -1.46 49.49
N PRO F 177 18.96 -0.72 49.95
CA PRO F 177 19.13 0.60 50.56
C PRO F 177 19.53 0.66 52.04
N ALA F 178 20.26 1.70 52.39
CA ALA F 178 20.67 1.94 53.76
C ALA F 178 19.40 2.33 54.52
N ALA F 179 18.74 3.36 54.01
CA ALA F 179 17.49 3.89 54.55
C ALA F 179 16.81 4.69 53.45
N GLN F 180 15.51 4.94 53.62
CA GLN F 180 14.73 5.70 52.64
C GLN F 180 15.53 6.79 51.91
N GLN F 181 15.94 6.48 50.68
CA GLN F 181 16.71 7.42 49.86
C GLN F 181 15.90 8.47 49.14
N GLN F 182 16.58 9.26 48.30
CA GLN F 182 15.95 10.32 47.53
C GLN F 182 15.45 9.73 46.21
N PRO F 183 14.38 10.32 45.64
CA PRO F 183 13.76 9.90 44.38
C PRO F 183 14.73 9.76 43.20
N PHE F 184 14.43 8.83 42.31
CA PHE F 184 15.27 8.59 41.14
C PHE F 184 14.41 8.70 39.89
N PHE F 185 15.04 9.07 38.78
CA PHE F 185 14.33 9.21 37.52
C PHE F 185 15.23 8.69 36.43
N VAL F 186 14.98 7.47 35.99
CA VAL F 186 15.78 6.87 34.93
C VAL F 186 14.91 6.58 33.71
N ALA F 187 15.54 6.36 32.56
CA ALA F 187 14.78 6.10 31.35
C ALA F 187 15.37 5.02 30.48
N GLU F 188 14.52 4.10 30.03
CA GLU F 188 14.94 2.99 29.16
C GLU F 188 14.69 3.35 27.71
N ARG F 189 14.65 2.33 26.87
CA ARG F 189 14.38 2.55 25.46
C ARG F 189 12.91 2.81 25.26
N ARG F 190 12.08 1.93 25.82
CA ARG F 190 10.65 2.08 25.63
C ARG F 190 9.88 2.50 26.87
N ARG F 191 10.56 2.95 27.92
CA ARG F 191 9.83 3.38 29.11
C ARG F 191 10.58 4.24 30.12
N ILE F 192 9.80 5.09 30.81
CA ILE F 192 10.30 6.01 31.81
C ILE F 192 10.06 5.39 33.20
N LEU F 193 11.03 5.59 34.11
CA LEU F 193 10.95 5.04 35.47
C LEU F 193 11.23 6.04 36.58
N PHE F 194 10.36 6.07 37.58
CA PHE F 194 10.55 6.97 38.70
C PHE F 194 10.02 6.28 39.96
N GLY F 195 10.48 6.72 41.12
CA GLY F 195 10.04 6.13 42.38
C GLY F 195 10.96 6.44 43.55
N ILE F 196 10.65 5.90 44.72
CA ILE F 196 11.47 6.11 45.91
C ILE F 196 11.81 4.78 46.57
N ARG F 197 13.10 4.50 46.71
CA ARG F 197 13.57 3.26 47.31
C ARG F 197 13.80 3.38 48.82
N SER F 198 13.41 2.34 49.56
CA SER F 198 13.59 2.32 51.02
C SER F 198 13.60 0.90 51.60
N ASN F 199 14.32 0.70 52.70
CA ASN F 199 14.41 -0.60 53.36
C ASN F 199 13.26 -0.71 54.35
N ALA F 200 12.74 0.44 54.72
CA ALA F 200 11.63 0.50 55.65
C ALA F 200 10.40 0.99 54.93
N ALA F 201 9.25 0.45 55.30
CA ALA F 201 7.98 0.83 54.69
C ALA F 201 7.75 2.33 54.75
N ILE F 202 7.25 2.91 53.66
CA ILE F 202 6.94 4.33 53.63
C ILE F 202 5.44 4.51 53.47
N PRO F 203 4.83 5.26 54.41
CA PRO F 203 3.42 5.60 54.55
C PRO F 203 2.61 5.83 53.29
N ALA F 204 1.31 5.62 53.44
CA ALA F 204 0.37 5.81 52.35
C ALA F 204 -0.06 7.28 52.36
N GLY F 205 0.04 7.95 51.22
CA GLY F 205 -0.36 9.34 51.14
C GLY F 205 0.20 10.04 49.90
N ALA F 206 0.14 11.38 49.90
CA ALA F 206 0.62 12.17 48.77
C ALA F 206 2.14 12.36 48.73
N TYR F 207 2.70 12.25 47.53
CA TYR F 207 4.14 12.41 47.33
C TYR F 207 4.43 13.20 46.06
N GLN F 208 5.21 14.25 46.21
CA GLN F 208 5.55 15.11 45.08
C GLN F 208 6.86 14.72 44.40
N PHE F 209 6.85 14.66 43.06
CA PHE F 209 8.03 14.36 42.24
C PHE F 209 8.31 15.48 41.26
N VAL F 210 9.57 15.89 41.21
CA VAL F 210 9.98 16.95 40.32
C VAL F 210 10.53 16.27 39.10
N VAL F 211 9.86 16.48 37.99
CA VAL F 211 10.31 15.90 36.77
C VAL F 211 11.53 16.70 36.31
N PRO F 212 12.58 16.00 35.87
CA PRO F 212 13.84 16.56 35.40
C PRO F 212 13.70 17.41 34.16
N ALA F 213 14.72 18.21 33.92
CA ALA F 213 14.79 19.11 32.78
C ALA F 213 14.75 18.33 31.46
N TRP F 214 15.42 17.20 31.42
CA TRP F 214 15.45 16.46 30.16
C TRP F 214 14.17 15.73 29.86
N ALA F 215 13.43 15.37 30.88
CA ALA F 215 12.19 14.60 30.71
C ALA F 215 10.92 15.44 30.71
N SER F 216 11.04 16.75 30.91
CA SER F 216 9.87 17.62 30.91
C SER F 216 9.52 17.95 29.48
N VAL F 217 10.18 17.27 28.56
CA VAL F 217 9.97 17.48 27.15
C VAL F 217 9.08 16.36 26.63
N LEU F 218 9.11 15.24 27.34
CA LEU F 218 8.34 14.07 26.97
C LEU F 218 6.83 14.20 27.07
N SER F 219 6.17 13.30 26.36
CA SER F 219 4.73 13.18 26.32
C SER F 219 4.46 11.77 25.82
N VAL F 220 3.49 11.08 26.42
CA VAL F 220 3.20 9.73 26.02
C VAL F 220 1.75 9.47 25.72
N THR F 221 1.54 8.49 24.86
CA THR F 221 0.22 8.08 24.45
C THR F 221 0.29 6.56 24.43
N GLY F 222 -0.87 5.92 24.52
CA GLY F 222 -0.92 4.47 24.52
C GLY F 222 0.03 3.94 25.58
N ALA F 223 -0.21 4.35 26.82
CA ALA F 223 0.66 3.94 27.90
C ALA F 223 0.02 3.15 29.01
N TYR F 224 0.79 2.21 29.52
CA TYR F 224 0.41 1.35 30.63
C TYR F 224 1.33 1.82 31.76
N VAL F 225 0.76 2.19 32.90
CA VAL F 225 1.61 2.63 34.02
C VAL F 225 1.47 1.63 35.14
N TYR F 226 2.58 1.12 35.63
CA TYR F 226 2.53 0.12 36.69
C TYR F 226 3.76 0.11 37.61
N PHE F 227 3.70 -0.76 38.61
CA PHE F 227 4.78 -0.93 39.60
C PHE F 227 5.68 -2.05 39.19
N THR F 228 6.95 -1.75 38.92
CA THR F 228 7.89 -2.79 38.54
C THR F 228 9.20 -2.68 39.31
N ASN F 229 10.10 -3.63 39.11
CA ASN F 229 11.36 -3.64 39.82
C ASN F 229 12.55 -3.98 38.93
N SER F 230 12.46 -3.53 37.69
CA SER F 230 13.51 -3.79 36.72
C SER F 230 13.92 -2.54 35.98
N PHE F 231 15.19 -2.44 35.66
CA PHE F 231 15.70 -1.31 34.93
C PHE F 231 16.69 -1.84 33.93
N PHE F 232 16.28 -1.84 32.66
CA PHE F 232 17.10 -2.36 31.60
C PHE F 232 17.35 -3.84 31.78
N GLY F 233 16.44 -4.51 32.48
CA GLY F 233 16.58 -5.93 32.70
C GLY F 233 17.22 -6.25 34.04
N THR F 234 17.88 -5.26 34.62
CA THR F 234 18.55 -5.43 35.91
C THR F 234 17.54 -5.29 37.04
N ILE F 235 17.71 -6.07 38.10
CA ILE F 235 16.80 -6.03 39.23
C ILE F 235 17.01 -4.85 40.16
N ILE F 236 15.92 -4.18 40.51
CA ILE F 236 15.99 -3.05 41.42
C ILE F 236 15.61 -3.59 42.79
N ALA F 237 16.46 -3.34 43.79
CA ALA F 237 16.16 -3.81 45.14
C ALA F 237 15.79 -2.59 45.99
N GLY F 238 14.94 -2.81 46.98
CA GLY F 238 14.53 -1.70 47.83
C GLY F 238 13.24 -1.16 47.29
N VAL F 239 12.49 -2.06 46.68
CA VAL F 239 11.20 -1.72 46.09
C VAL F 239 10.39 -3.00 46.05
N THR F 240 9.08 -2.87 46.24
CA THR F 240 8.20 -4.03 46.21
C THR F 240 7.15 -3.87 45.12
N ALA F 241 6.77 -4.97 44.49
CA ALA F 241 5.77 -4.93 43.44
C ALA F 241 4.53 -5.69 43.88
N THR F 242 4.49 -6.00 45.17
CA THR F 242 3.38 -6.73 45.77
C THR F 242 2.09 -5.91 45.79
N ALA F 243 0.96 -6.62 45.89
CA ALA F 243 -0.35 -5.96 45.94
C ALA F 243 -1.48 -7.00 46.04
N THR F 244 -2.69 -6.52 46.26
CA THR F 244 -3.85 -7.40 46.38
C THR F 244 -5.15 -6.72 45.94
N ALA F 245 -6.11 -7.53 45.49
CA ALA F 245 -7.39 -7.03 45.01
C ALA F 245 -8.09 -6.06 45.98
N ALA F 246 -7.66 -6.04 47.24
CA ALA F 246 -8.26 -5.16 48.23
C ALA F 246 -7.61 -3.78 48.28
N ASP F 247 -6.33 -3.71 47.96
CA ASP F 247 -5.57 -2.47 47.97
C ASP F 247 -6.36 -1.30 47.37
N ALA F 248 -6.22 -0.12 47.98
CA ALA F 248 -6.91 1.06 47.50
C ALA F 248 -6.22 1.53 46.24
N ALA F 249 -6.97 2.22 45.39
CA ALA F 249 -6.44 2.74 44.13
C ALA F 249 -5.23 3.65 44.33
N THR F 250 -4.25 3.53 43.42
CA THR F 250 -3.03 4.36 43.46
C THR F 250 -2.97 5.25 42.22
N THR F 251 -3.51 6.46 42.34
CA THR F 251 -3.56 7.43 41.24
C THR F 251 -2.49 8.51 41.29
N PHE F 252 -2.17 9.08 40.13
CA PHE F 252 -1.18 10.14 40.02
C PHE F 252 -1.75 11.19 39.07
N THR F 253 -1.44 12.47 39.30
CA THR F 253 -1.95 13.54 38.43
C THR F 253 -0.85 14.44 37.90
N VAL F 254 -1.12 15.03 36.75
CA VAL F 254 -0.18 15.93 36.13
C VAL F 254 -0.89 17.25 35.94
N PRO F 255 -0.14 18.35 36.04
CA PRO F 255 -0.66 19.70 35.89
C PRO F 255 -1.45 19.96 34.61
N THR F 256 -1.08 19.25 33.54
CA THR F 256 -1.74 19.44 32.27
C THR F 256 -3.12 18.79 32.20
N ASP F 257 -3.40 17.87 33.12
CA ASP F 257 -4.69 17.18 33.13
C ASP F 257 -5.35 17.23 34.49
N ALA F 258 -6.57 17.77 34.53
CA ALA F 258 -7.32 17.90 35.77
C ALA F 258 -7.99 16.62 36.24
N ASN F 259 -7.53 15.47 35.75
CA ASN F 259 -8.11 14.20 36.14
C ASN F 259 -7.09 13.20 36.63
N ASN F 260 -7.52 12.34 37.54
CA ASN F 260 -6.64 11.35 38.10
C ASN F 260 -6.31 10.26 37.10
N LEU F 261 -5.02 9.94 37.02
CA LEU F 261 -4.51 8.89 36.14
C LEU F 261 -4.21 7.65 36.96
N PRO F 262 -4.91 6.54 36.68
CA PRO F 262 -4.73 5.27 37.41
C PRO F 262 -3.44 4.50 37.13
N VAL F 263 -2.95 3.81 38.16
CA VAL F 263 -1.74 3.01 38.04
C VAL F 263 -2.05 1.56 38.32
N GLN F 264 -1.31 0.67 37.65
CA GLN F 264 -1.50 -0.77 37.77
C GLN F 264 -2.90 -1.14 37.26
N THR F 265 -3.27 -0.53 36.13
CA THR F 265 -4.57 -0.77 35.50
C THR F 265 -4.41 -1.04 34.00
N ASP F 266 -5.33 -1.83 33.45
CA ASP F 266 -5.30 -2.21 32.03
C ASP F 266 -5.68 -1.13 31.02
N SER F 267 -5.99 0.07 31.51
CA SER F 267 -6.36 1.15 30.61
C SER F 267 -5.12 1.82 30.03
N ARG F 268 -5.20 2.24 28.76
CA ARG F 268 -4.10 2.91 28.06
C ARG F 268 -4.25 4.41 28.21
N LEU F 269 -3.19 5.05 28.67
CA LEU F 269 -3.24 6.47 28.91
C LEU F 269 -2.37 7.30 28.00
N SER F 270 -2.59 8.60 28.12
CA SER F 270 -1.86 9.63 27.40
C SER F 270 -1.83 10.89 28.29
N PHE F 271 -0.63 11.35 28.58
CA PHE F 271 -0.45 12.52 29.40
C PHE F 271 0.86 13.20 29.06
N SER F 272 1.00 14.44 29.52
CA SER F 272 2.18 15.24 29.23
C SER F 272 3.08 15.50 30.43
N LEU F 273 4.30 15.05 30.33
CA LEU F 273 5.22 15.32 31.41
C LEU F 273 5.77 16.76 31.34
N GLY F 274 5.14 17.68 30.60
CA GLY F 274 5.70 19.05 30.45
C GLY F 274 5.16 20.05 31.44
N GLY F 275 4.36 19.48 32.32
CA GLY F 275 3.68 20.18 33.39
C GLY F 275 4.64 20.60 34.48
N GLY F 276 5.75 19.88 34.61
CA GLY F 276 6.75 20.23 35.59
C GLY F 276 6.88 19.32 36.78
N ASN F 277 5.90 18.44 36.96
CA ASN F 277 5.92 17.56 38.11
C ASN F 277 4.80 16.52 38.12
N ILE F 278 5.06 15.42 38.81
CA ILE F 278 4.10 14.35 38.96
C ILE F 278 3.68 14.29 40.42
N ASN F 279 2.38 14.12 40.63
CA ASN F 279 1.84 14.01 41.98
C ASN F 279 1.29 12.60 42.15
N LEU F 280 2.02 11.77 42.89
CA LEU F 280 1.63 10.39 43.12
C LEU F 280 0.96 10.21 44.48
N GLU F 281 -0.05 9.36 44.53
CA GLU F 281 -0.76 9.07 45.78
C GLU F 281 -0.85 7.59 46.06
N LEU F 282 0.09 7.07 46.85
CA LEU F 282 0.10 5.65 47.20
C LEU F 282 -1.12 5.31 48.05
N GLY F 283 -1.96 4.38 47.57
CA GLY F 283 -3.15 3.99 48.31
C GLY F 283 -2.86 3.12 49.52
N VAL F 284 -1.75 2.40 49.45
CA VAL F 284 -1.32 1.52 50.52
C VAL F 284 0.18 1.62 50.64
N ALA F 285 0.68 1.72 51.87
CA ALA F 285 2.11 1.84 52.10
C ALA F 285 2.90 0.69 51.50
N LYS F 286 4.05 1.01 50.92
CA LYS F 286 4.90 0.01 50.30
C LYS F 286 6.35 0.15 50.73
N THR F 287 7.00 -0.99 50.90
CA THR F 287 8.40 -1.02 51.32
C THR F 287 9.27 -0.69 50.11
N GLY F 288 9.15 0.54 49.62
CA GLY F 288 9.93 0.96 48.46
C GLY F 288 9.13 0.69 47.20
N PHE F 289 8.83 1.75 46.44
CA PHE F 289 8.05 1.60 45.23
C PHE F 289 8.70 2.23 43.99
N CYS F 290 8.38 1.68 42.83
CA CYS F 290 8.91 2.16 41.56
C CYS F 290 7.82 2.11 40.49
N VAL F 291 7.45 3.28 39.98
CA VAL F 291 6.43 3.40 38.96
C VAL F 291 7.07 3.42 37.59
N ALA F 292 6.38 2.81 36.64
CA ALA F 292 6.87 2.72 35.27
C ALA F 292 5.80 3.20 34.30
N ILE F 293 6.26 3.96 33.30
CA ILE F 293 5.38 4.47 32.28
C ILE F 293 5.91 3.85 30.99
N GLU F 294 5.15 2.93 30.42
CA GLU F 294 5.55 2.26 29.19
C GLU F 294 4.50 2.59 28.15
N GLY F 295 4.94 3.27 27.09
CA GLY F 295 4.05 3.66 26.02
C GLY F 295 4.80 4.24 24.84
N GLU F 296 4.13 5.08 24.05
CA GLU F 296 4.76 5.68 22.90
C GLU F 296 5.23 7.06 23.32
N PHE F 297 6.54 7.27 23.24
CA PHE F 297 7.09 8.55 23.64
C PHE F 297 7.35 9.51 22.51
N THR F 298 6.90 10.74 22.71
CA THR F 298 7.02 11.81 21.74
C THR F 298 7.51 13.09 22.42
N ILE F 299 8.21 13.93 21.66
CA ILE F 299 8.71 15.19 22.18
C ILE F 299 7.65 16.26 21.94
N LEU F 300 7.21 16.90 23.01
CA LEU F 300 6.19 17.94 22.92
C LEU F 300 6.47 18.93 21.81
N ALA F 301 5.42 19.63 21.37
CA ALA F 301 5.57 20.60 20.30
C ALA F 301 6.47 21.76 20.72
N ASN F 302 7.26 22.26 19.78
CA ASN F 302 8.17 23.39 20.00
C ASN F 302 9.10 23.21 21.20
N ARG F 303 9.55 21.99 21.43
CA ARG F 303 10.45 21.73 22.55
C ARG F 303 11.66 20.90 22.15
N SER F 304 11.61 20.33 20.97
CA SER F 304 12.73 19.53 20.48
C SER F 304 14.01 20.35 20.45
N GLN F 305 13.86 21.67 20.55
CA GLN F 305 14.99 22.57 20.52
C GLN F 305 15.91 22.34 21.71
N ALA F 306 15.32 21.97 22.84
CA ALA F 306 16.11 21.71 24.05
C ALA F 306 17.06 20.55 23.82
N TYR F 307 16.55 19.49 23.22
CA TYR F 307 17.36 18.31 22.95
C TYR F 307 18.44 18.56 21.91
N TYR F 308 18.05 19.05 20.74
CA TYR F 308 18.97 19.30 19.63
C TYR F 308 19.90 20.50 19.72
N THR F 309 19.69 21.36 20.70
CA THR F 309 20.53 22.53 20.86
C THR F 309 21.52 22.35 21.97
N LEU F 310 21.30 21.30 22.77
CA LEU F 310 22.15 20.99 23.90
C LEU F 310 21.86 22.00 25.01
N ASN F 311 20.62 22.45 25.05
CA ASN F 311 20.21 23.41 26.07
C ASN F 311 19.70 22.69 27.30
N SER F 312 19.47 21.39 27.18
CA SER F 312 18.97 20.61 28.30
C SER F 312 20.14 20.33 29.24
N ILE F 313 21.34 20.71 28.81
CA ILE F 313 22.54 20.51 29.60
C ILE F 313 22.77 21.61 30.63
N THR F 314 22.83 21.24 31.90
CA THR F 314 23.03 22.20 32.99
C THR F 314 24.29 21.94 33.82
N GLN F 315 24.71 20.68 33.88
CA GLN F 315 25.89 20.29 34.67
C GLN F 315 27.13 20.14 33.81
N THR F 316 28.19 19.60 34.42
CA THR F 316 29.45 19.37 33.74
C THR F 316 30.29 18.53 34.70
N PRO F 317 30.82 17.40 34.24
CA PRO F 317 30.66 16.88 32.87
C PRO F 317 29.22 16.40 32.75
N THR F 318 28.83 15.97 31.56
CA THR F 318 27.46 15.51 31.37
C THR F 318 27.39 14.29 30.46
N SER F 319 26.28 13.57 30.59
CA SER F 319 26.03 12.39 29.77
C SER F 319 25.33 12.93 28.53
N ILE F 320 25.83 12.60 27.34
CA ILE F 320 25.21 13.08 26.11
C ILE F 320 25.21 12.01 25.04
N ASP F 321 24.07 11.86 24.36
CA ASP F 321 23.97 10.86 23.30
C ASP F 321 24.66 11.40 22.04
N ASP F 322 24.30 10.89 20.86
CA ASP F 322 24.95 11.36 19.64
C ASP F 322 23.99 11.74 18.53
N PHE F 323 22.71 11.80 18.86
CA PHE F 323 21.71 12.15 17.87
C PHE F 323 21.72 11.09 16.78
N ASP F 324 22.11 9.89 17.19
CA ASP F 324 22.13 8.75 16.29
C ASP F 324 23.16 8.72 15.14
N VAL F 325 24.08 9.69 15.02
CA VAL F 325 25.06 9.68 13.92
C VAL F 325 25.74 8.31 13.77
N SER F 326 26.10 7.72 14.90
CA SER F 326 26.76 6.42 14.91
C SER F 326 26.12 5.43 13.95
N ASP F 327 24.78 5.39 13.94
CA ASP F 327 23.99 4.49 13.10
C ASP F 327 24.12 4.76 11.60
N PHE F 328 24.55 5.96 11.23
CA PHE F 328 24.68 6.27 9.81
C PHE F 328 26.09 6.09 9.31
N LEU F 329 27.04 6.14 10.22
CA LEU F 329 28.43 6.00 9.84
C LEU F 329 28.77 4.60 9.36
N THR F 330 28.14 3.60 10.00
CA THR F 330 28.37 2.20 9.67
C THR F 330 28.86 1.98 8.25
N THR F 331 28.02 2.31 7.28
CA THR F 331 28.38 2.14 5.88
C THR F 331 29.74 2.72 5.53
N PHE F 332 29.91 4.02 5.74
CA PHE F 332 31.19 4.67 5.42
C PHE F 332 32.37 3.91 6.01
N LEU F 333 32.32 3.61 7.30
CA LEU F 333 33.41 2.89 7.94
C LEU F 333 33.74 1.60 7.20
N SER F 334 32.77 0.71 7.09
CA SER F 334 32.98 -0.57 6.41
C SER F 334 33.56 -0.38 5.01
N GLN F 335 33.33 0.79 4.42
CA GLN F 335 33.86 1.08 3.10
C GLN F 335 35.29 1.60 3.24
N LEU F 336 35.61 2.23 4.36
CA LEU F 336 36.97 2.70 4.55
C LEU F 336 37.85 1.48 4.70
N ARG F 337 37.57 0.67 5.72
CA ARG F 337 38.36 -0.54 5.98
C ARG F 337 38.61 -1.33 4.72
N ALA F 338 37.62 -1.33 3.84
CA ALA F 338 37.70 -2.06 2.59
C ALA F 338 38.95 -1.71 1.80
N CYS F 339 39.30 -0.42 1.75
CA CYS F 339 40.48 -0.01 0.99
C CYS F 339 41.67 0.40 1.85
N GLY F 340 41.58 0.13 3.16
CA GLY F 340 42.68 0.48 4.05
C GLY F 340 42.95 1.97 4.17
N GLN F 341 42.00 2.68 4.74
CA GLN F 341 42.12 4.12 4.93
C GLN F 341 41.52 4.47 6.28
N TYR F 342 40.94 3.48 6.95
CA TYR F 342 40.34 3.68 8.27
C TYR F 342 41.36 4.39 9.12
N GLU F 343 42.62 3.97 8.95
CA GLU F 343 43.75 4.54 9.67
C GLU F 343 43.98 5.99 9.25
N ILE F 344 44.42 6.17 8.00
CA ILE F 344 44.72 7.50 7.47
C ILE F 344 43.60 8.52 7.62
N PHE F 345 42.36 8.04 7.73
CA PHE F 345 41.23 8.95 7.88
C PHE F 345 41.22 9.49 9.31
N SER F 346 41.26 8.58 10.28
CA SER F 346 41.24 8.99 11.69
C SER F 346 42.22 10.13 11.99
N ASP F 347 43.37 10.13 11.31
CA ASP F 347 44.37 11.18 11.52
C ASP F 347 43.95 12.51 10.89
N ALA F 348 43.26 12.47 9.76
CA ALA F 348 42.82 13.71 9.10
C ALA F 348 41.64 14.30 9.86
N MET F 349 40.89 13.43 10.52
CA MET F 349 39.73 13.83 11.30
C MET F 349 40.17 14.51 12.58
N ASP F 350 41.15 13.91 13.24
CA ASP F 350 41.66 14.48 14.48
C ASP F 350 42.18 15.88 14.19
N GLN F 351 42.71 16.09 12.99
CA GLN F 351 43.23 17.40 12.62
C GLN F 351 42.05 18.35 12.38
N LEU F 352 40.97 17.78 11.88
CA LEU F 352 39.75 18.53 11.60
C LEU F 352 39.11 18.96 12.91
N THR F 353 38.73 17.99 13.74
CA THR F 353 38.09 18.29 15.02
C THR F 353 38.96 19.23 15.87
N ASN F 354 40.28 19.14 15.71
CA ASN F 354 41.16 20.01 16.48
C ASN F 354 41.06 21.40 15.91
N SER F 355 41.49 21.52 14.66
CA SER F 355 41.49 22.80 13.96
C SER F 355 40.13 23.50 14.09
N LEU F 356 39.06 22.70 14.26
CA LEU F 356 37.74 23.28 14.42
C LEU F 356 37.68 23.99 15.77
N ILE F 357 37.85 23.23 16.85
CA ILE F 357 37.81 23.79 18.19
C ILE F 357 38.63 25.07 18.26
N THR F 358 39.80 25.05 17.63
CA THR F 358 40.70 26.20 17.62
C THR F 358 39.97 27.51 17.29
N ASN F 359 39.41 27.58 16.07
CA ASN F 359 38.67 28.74 15.60
C ASN F 359 37.58 29.15 16.63
N TYR F 360 37.10 28.20 17.46
CA TYR F 360 36.05 28.56 18.43
C TYR F 360 36.48 29.33 19.67
N MET F 361 37.77 29.33 19.98
CA MET F 361 38.19 30.09 21.14
C MET F 361 39.18 31.20 20.89
N ASP F 362 38.72 32.41 21.17
CA ASP F 362 39.53 33.62 21.05
C ASP F 362 40.17 33.86 22.42
N PRO F 363 41.51 33.97 22.50
CA PRO F 363 42.45 33.89 21.37
C PRO F 363 42.73 32.47 20.89
N PRO F 364 42.85 32.34 19.55
CA PRO F 364 43.11 31.18 18.66
C PRO F 364 44.16 30.13 19.03
N ALA F 365 43.83 29.25 19.96
CA ALA F 365 44.71 28.14 20.32
C ALA F 365 44.01 26.98 21.02
N ILE F 366 44.61 25.80 20.85
CA ILE F 366 44.10 24.57 21.44
C ILE F 366 43.97 24.72 22.93
N PRO F 367 42.91 24.14 23.48
CA PRO F 367 42.78 24.29 24.92
C PRO F 367 43.68 23.40 25.70
N ALA F 368 43.81 23.72 26.96
CA ALA F 368 44.65 22.87 27.75
C ALA F 368 43.83 21.76 28.39
N GLY F 369 44.30 20.54 28.16
CA GLY F 369 43.68 19.36 28.72
C GLY F 369 42.75 18.62 27.76
N LEU F 370 42.97 18.84 26.47
CA LEU F 370 42.17 18.22 25.42
C LEU F 370 42.61 16.77 25.27
N ALA F 371 42.03 15.91 26.13
CA ALA F 371 42.35 14.50 26.14
C ALA F 371 41.29 13.63 25.47
N PHE F 372 41.41 13.46 24.15
CA PHE F 372 40.45 12.66 23.44
C PHE F 372 40.61 11.19 23.79
N THR F 373 39.62 10.68 24.52
CA THR F 373 39.60 9.30 24.98
C THR F 373 39.07 8.31 23.93
N SER F 374 38.45 8.81 22.85
CA SER F 374 37.90 7.95 21.79
C SER F 374 38.07 8.50 20.35
N PRO F 375 37.92 7.64 19.33
CA PRO F 375 38.07 8.02 17.93
C PRO F 375 36.87 8.81 17.36
N TRP F 376 37.15 9.57 16.30
CA TRP F 376 36.17 10.44 15.62
C TRP F 376 34.74 9.97 15.40
N PHE F 377 34.55 8.67 15.31
CA PHE F 377 33.24 8.12 15.07
C PHE F 377 32.49 7.59 16.30
N ARG F 378 33.02 7.84 17.49
CA ARG F 378 32.33 7.41 18.69
C ARG F 378 31.77 8.65 19.36
N PHE F 379 31.49 9.61 18.48
CA PHE F 379 30.95 10.93 18.79
C PHE F 379 30.37 11.11 20.18
N SER F 380 29.49 10.21 20.57
CA SER F 380 28.87 10.30 21.88
C SER F 380 29.90 10.64 22.96
N GLU F 381 31.04 9.96 22.92
CA GLU F 381 32.12 10.15 23.87
C GLU F 381 32.92 11.41 23.63
N ARG F 382 33.29 11.66 22.38
CA ARG F 382 34.04 12.85 22.06
C ARG F 382 33.27 14.09 22.46
N ALA F 383 31.94 14.01 22.43
CA ALA F 383 31.11 15.15 22.80
C ALA F 383 31.28 15.41 24.29
N ARG F 384 31.18 14.34 25.08
CA ARG F 384 31.32 14.44 26.53
C ARG F 384 32.61 15.17 26.86
N THR F 385 33.67 14.81 26.15
CA THR F 385 34.97 15.42 26.33
C THR F 385 34.92 16.92 26.01
N ILE F 386 34.48 17.29 24.81
CA ILE F 386 34.41 18.71 24.45
C ILE F 386 33.64 19.46 25.53
N LEU F 387 32.49 18.91 25.92
CA LEU F 387 31.64 19.49 26.95
C LEU F 387 32.24 19.42 28.35
N ALA F 388 33.43 18.84 28.50
CA ALA F 388 34.01 18.77 29.83
C ALA F 388 35.17 19.74 30.06
N LEU F 389 35.51 20.52 29.02
CA LEU F 389 36.60 21.50 29.13
C LEU F 389 36.22 22.68 30.03
N GLN F 390 36.86 22.75 31.19
CA GLN F 390 36.59 23.84 32.15
C GLN F 390 37.12 25.19 31.66
N ASN F 391 38.08 25.15 30.74
CA ASN F 391 38.68 26.35 30.17
C ASN F 391 37.63 27.22 29.51
N VAL F 392 37.04 26.68 28.44
CA VAL F 392 36.02 27.39 27.68
C VAL F 392 34.65 27.26 28.32
N ASP F 393 33.92 28.37 28.33
CA ASP F 393 32.61 28.38 28.93
C ASP F 393 31.60 27.58 28.12
N LEU F 394 30.62 27.04 28.85
CA LEU F 394 29.56 26.22 28.32
C LEU F 394 29.12 26.48 26.89
N ASN F 395 28.70 27.71 26.60
CA ASN F 395 28.23 28.02 25.26
C ASN F 395 29.15 27.64 24.13
N ILE F 396 30.38 28.11 24.18
CA ILE F 396 31.30 27.77 23.11
C ILE F 396 31.48 26.26 23.01
N ARG F 397 31.44 25.57 24.15
CA ARG F 397 31.56 24.12 24.12
C ARG F 397 30.43 23.54 23.27
N LYS F 398 29.20 23.81 23.70
CA LYS F 398 27.99 23.33 23.02
C LYS F 398 28.08 23.60 21.52
N LEU F 399 28.41 24.83 21.16
CA LEU F 399 28.52 25.22 19.76
C LEU F 399 29.49 24.30 19.02
N ILE F 400 30.60 23.96 19.67
CA ILE F 400 31.56 23.08 19.01
C ILE F 400 30.95 21.68 18.78
N VAL F 401 30.24 21.15 19.78
CA VAL F 401 29.62 19.83 19.65
C VAL F 401 28.68 19.84 18.44
N ARG F 402 27.80 20.84 18.38
CA ARG F 402 26.88 20.94 17.27
C ARG F 402 27.60 21.04 15.94
N HIS F 403 28.53 22.00 15.83
CA HIS F 403 29.28 22.18 14.60
C HIS F 403 29.98 20.89 14.20
N LEU F 404 30.60 20.22 15.18
CA LEU F 404 31.29 18.98 14.91
C LEU F 404 30.31 17.99 14.31
N TRP F 405 29.20 17.80 15.01
CA TRP F 405 28.16 16.87 14.59
C TRP F 405 27.81 17.05 13.11
N VAL F 406 27.40 18.25 12.73
CA VAL F 406 27.03 18.55 11.35
C VAL F 406 28.09 18.08 10.35
N ILE F 407 29.35 18.31 10.68
CA ILE F 407 30.41 17.90 9.80
C ILE F 407 30.40 16.38 9.77
N THR F 408 30.35 15.79 10.96
CA THR F 408 30.35 14.35 11.07
C THR F 408 29.28 13.77 10.16
N SER F 409 28.04 14.22 10.33
CA SER F 409 26.95 13.72 9.51
C SER F 409 27.27 13.90 8.02
N LEU F 410 27.61 15.13 7.65
CA LEU F 410 27.94 15.45 6.27
C LEU F 410 28.83 14.38 5.64
N ILE F 411 29.72 13.82 6.44
CA ILE F 411 30.62 12.76 5.97
C ILE F 411 29.85 11.47 5.80
N ALA F 412 29.16 11.07 6.87
CA ALA F 412 28.37 9.85 6.87
C ALA F 412 27.52 9.72 5.62
N VAL F 413 27.14 10.85 5.05
CA VAL F 413 26.33 10.86 3.85
C VAL F 413 27.13 10.79 2.56
N PHE F 414 28.08 11.71 2.39
CA PHE F 414 28.88 11.78 1.17
C PHE F 414 29.94 10.70 0.93
N GLY F 415 30.51 10.17 2.01
CA GLY F 415 31.55 9.17 1.85
C GLY F 415 31.18 7.83 1.23
N ARG F 416 30.15 7.22 1.80
CA ARG F 416 29.69 5.90 1.37
C ARG F 416 30.14 5.30 0.03
N TYR F 417 29.97 6.00 -1.09
CA TYR F 417 30.38 5.43 -2.39
C TYR F 417 31.89 5.52 -2.71
N TYR F 418 32.70 5.71 -1.68
CA TYR F 418 34.16 5.84 -1.75
C TYR F 418 34.95 4.58 -2.11
N ARG F 419 35.70 4.66 -3.21
CA ARG F 419 36.54 3.56 -3.70
C ARG F 419 37.63 4.19 -4.55
N PRO F 420 38.75 4.54 -3.91
CA PRO F 420 39.97 5.16 -4.43
C PRO F 420 40.50 4.70 -5.79
N ASN F 421 40.87 3.41 -5.86
CA ASN F 421 41.48 2.75 -7.03
C ASN F 421 41.51 3.51 -8.36
N MET G 1 -22.11 13.31 5.39
CA MET G 1 -23.25 12.51 4.87
C MET G 1 -22.99 11.06 5.23
N SER G 2 -23.11 10.20 4.23
CA SER G 2 -22.90 8.78 4.44
C SER G 2 -21.78 8.58 5.42
N ARG G 3 -21.91 7.51 6.19
CA ARG G 3 -20.86 7.20 7.12
C ARG G 3 -19.71 6.88 6.17
N GLN G 4 -20.07 6.35 5.00
CA GLN G 4 -19.07 6.00 4.00
C GLN G 4 -18.38 7.25 3.50
N MET G 5 -19.17 8.28 3.21
CA MET G 5 -18.61 9.53 2.71
C MET G 5 -17.58 10.09 3.67
N TRP G 6 -17.83 10.00 4.97
CA TRP G 6 -16.84 10.51 5.92
C TRP G 6 -15.59 9.64 5.82
N LEU G 7 -15.75 8.33 5.96
CA LEU G 7 -14.60 7.45 5.87
C LEU G 7 -13.81 7.75 4.61
N ASP G 8 -14.49 7.76 3.45
CA ASP G 8 -13.81 8.04 2.19
C ASP G 8 -12.94 9.29 2.34
N THR G 9 -13.55 10.43 2.67
CA THR G 9 -12.78 11.65 2.82
C THR G 9 -11.62 11.47 3.81
N SER G 10 -11.90 10.89 4.97
CA SER G 10 -10.85 10.66 5.96
C SER G 10 -9.68 9.94 5.29
N ALA G 11 -10.01 8.88 4.57
CA ALA G 11 -9.01 8.11 3.86
C ALA G 11 -8.14 9.03 3.01
N LEU G 12 -8.79 10.00 2.36
CA LEU G 12 -8.10 10.93 1.50
C LEU G 12 -7.19 11.84 2.31
N LEU G 13 -7.69 12.35 3.42
CA LEU G 13 -6.87 13.23 4.24
C LEU G 13 -5.65 12.46 4.69
N GLU G 14 -5.86 11.18 5.00
CA GLU G 14 -4.78 10.31 5.47
C GLU G 14 -3.79 10.07 4.34
N ALA G 15 -4.31 9.98 3.13
CA ALA G 15 -3.45 9.78 1.97
C ALA G 15 -2.60 11.02 1.84
N ILE G 16 -3.26 12.18 1.93
CA ILE G 16 -2.55 13.45 1.84
C ILE G 16 -1.44 13.45 2.87
N SER G 17 -1.76 13.08 4.10
CA SER G 17 -0.73 13.02 5.13
C SER G 17 0.40 12.13 4.63
N GLU G 18 0.08 10.88 4.31
CA GLU G 18 1.09 9.94 3.83
C GLU G 18 2.02 10.55 2.79
N TYR G 19 1.45 11.19 1.78
CA TYR G 19 2.27 11.78 0.72
C TYR G 19 3.01 13.03 1.12
N VAL G 20 2.53 13.72 2.14
CA VAL G 20 3.26 14.88 2.59
C VAL G 20 4.54 14.31 3.17
N VAL G 21 4.44 13.21 3.89
CA VAL G 21 5.61 12.56 4.48
C VAL G 21 6.57 12.04 3.43
N ARG G 22 6.01 11.46 2.38
CA ARG G 22 6.81 10.91 1.30
C ARG G 22 7.60 11.99 0.58
N CYS G 23 6.98 13.16 0.48
CA CYS G 23 7.60 14.28 -0.21
C CYS G 23 8.58 15.09 0.60
N ASN G 24 8.50 14.98 1.92
CA ASN G 24 9.39 15.74 2.77
C ASN G 24 10.87 15.59 2.42
N GLY G 25 11.51 16.70 2.04
CA GLY G 25 12.92 16.65 1.71
C GLY G 25 13.25 15.87 0.46
N ASP G 26 12.26 15.72 -0.41
CA ASP G 26 12.42 15.03 -1.67
C ASP G 26 11.83 15.94 -2.73
N THR G 27 11.77 17.21 -2.42
CA THR G 27 11.22 18.18 -3.33
C THR G 27 12.34 18.99 -3.92
N PHE G 28 12.98 18.47 -4.95
CA PHE G 28 14.10 19.19 -5.56
C PHE G 28 13.67 19.97 -6.78
N SER G 29 14.20 21.18 -6.94
CA SER G 29 13.84 21.98 -8.10
C SER G 29 14.42 21.37 -9.36
N GLY G 30 13.58 21.42 -10.40
CA GLY G 30 13.94 20.91 -11.70
C GLY G 30 13.46 19.48 -11.83
N LEU G 31 12.84 18.98 -10.77
CA LEU G 31 12.37 17.62 -10.77
C LEU G 31 10.99 17.44 -10.18
N THR G 32 10.08 16.99 -11.03
CA THR G 32 8.71 16.75 -10.60
C THR G 32 8.59 15.24 -10.30
N THR G 33 8.60 14.92 -9.02
CA THR G 33 8.52 13.55 -8.54
C THR G 33 7.15 12.98 -8.73
N GLY G 34 7.07 11.70 -9.03
CA GLY G 34 5.76 11.10 -9.18
C GLY G 34 4.96 11.27 -7.89
N ASP G 35 5.65 11.19 -6.77
CA ASP G 35 5.06 11.33 -5.45
C ASP G 35 4.46 12.72 -5.31
N PHE G 36 5.23 13.74 -5.67
CA PHE G 36 4.76 15.12 -5.54
C PHE G 36 3.53 15.39 -6.39
N ASN G 37 3.45 14.74 -7.56
CA ASN G 37 2.29 14.93 -8.41
C ASN G 37 1.08 14.34 -7.71
N ALA G 38 1.22 13.14 -7.17
CA ALA G 38 0.13 12.50 -6.45
C ALA G 38 -0.31 13.35 -5.27
N LEU G 39 0.65 13.90 -4.53
CA LEU G 39 0.34 14.76 -3.39
C LEU G 39 -0.46 15.93 -3.89
N SER G 40 0.01 16.50 -5.00
CA SER G 40 -0.65 17.65 -5.60
C SER G 40 -2.04 17.29 -6.06
N ASN G 41 -2.16 16.18 -6.77
CA ASN G 41 -3.46 15.78 -7.25
C ASN G 41 -4.46 15.62 -6.12
N MET G 42 -4.00 15.11 -4.98
CA MET G 42 -4.91 14.93 -3.87
C MET G 42 -5.41 16.25 -3.32
N PHE G 43 -4.52 17.23 -3.22
CA PHE G 43 -4.91 18.55 -2.73
C PHE G 43 -6.07 19.02 -3.57
N THR G 44 -5.88 18.99 -4.88
CA THR G 44 -6.91 19.40 -5.82
C THR G 44 -8.25 18.80 -5.42
N GLN G 45 -8.29 17.47 -5.40
CA GLN G 45 -9.49 16.74 -5.04
C GLN G 45 -10.09 17.15 -3.70
N LEU G 46 -9.28 17.69 -2.79
CA LEU G 46 -9.81 18.10 -1.51
C LEU G 46 -10.71 19.31 -1.72
N SER G 47 -10.16 20.36 -2.32
CA SER G 47 -10.92 21.60 -2.60
C SER G 47 -11.62 21.53 -3.95
N VAL G 48 -12.05 20.33 -4.33
CA VAL G 48 -12.72 20.09 -5.61
C VAL G 48 -13.99 20.93 -5.84
N SER G 49 -14.59 21.42 -4.77
CA SER G 49 -15.82 22.20 -4.88
C SER G 49 -15.54 23.67 -5.17
N SER G 50 -14.27 24.07 -5.08
CA SER G 50 -13.91 25.45 -5.31
C SER G 50 -12.73 25.66 -6.25
N ALA G 51 -12.10 24.58 -6.69
CA ALA G 51 -10.95 24.70 -7.58
C ALA G 51 -10.76 23.50 -8.48
N GLY G 52 -9.94 23.67 -9.51
CA GLY G 52 -9.65 22.58 -10.42
C GLY G 52 -8.15 22.40 -10.49
N TYR G 53 -7.44 23.21 -9.72
CA TYR G 53 -5.97 23.19 -9.67
C TYR G 53 -5.51 23.91 -8.39
N VAL G 54 -4.45 23.43 -7.77
CA VAL G 54 -3.97 24.08 -6.54
C VAL G 54 -2.49 24.45 -6.53
N SER G 55 -2.19 25.67 -6.10
CA SER G 55 -0.81 26.16 -6.04
C SER G 55 -0.05 25.70 -4.79
N ASP G 56 -0.49 26.19 -3.61
CA ASP G 56 0.10 25.85 -2.30
C ASP G 56 -1.03 25.40 -1.36
N PRO G 57 -0.86 24.23 -0.69
CA PRO G 57 -1.82 23.64 0.25
C PRO G 57 -1.98 24.32 1.59
N ARG G 58 -0.96 25.06 1.98
CA ARG G 58 -0.97 25.74 3.26
C ARG G 58 -2.34 26.26 3.66
N VAL G 59 -3.06 26.86 2.72
CA VAL G 59 -4.35 27.46 3.01
C VAL G 59 -5.59 26.57 3.04
N PRO G 60 -5.94 25.95 1.90
CA PRO G 60 -7.13 25.10 1.91
C PRO G 60 -7.11 24.04 3.02
N LEU G 61 -5.93 23.52 3.32
CA LEU G 61 -5.80 22.52 4.37
C LEU G 61 -6.21 23.13 5.70
N GLN G 62 -5.69 24.31 5.97
CA GLN G 62 -5.99 25.04 7.18
C GLN G 62 -7.49 25.26 7.25
N THR G 63 -8.02 25.97 6.26
CA THR G 63 -9.45 26.26 6.18
C THR G 63 -10.30 25.05 6.52
N MET G 64 -10.00 23.92 5.88
CA MET G 64 -10.76 22.70 6.12
C MET G 64 -10.80 22.33 7.59
N SER G 65 -9.65 22.31 8.23
CA SER G 65 -9.59 21.96 9.64
C SER G 65 -10.39 22.96 10.49
N ASN G 66 -10.12 24.24 10.30
CA ASN G 66 -10.82 25.27 11.06
C ASN G 66 -12.32 25.06 10.99
N MET G 67 -12.82 24.88 9.78
CA MET G 67 -14.23 24.68 9.60
C MET G 67 -14.69 23.40 10.30
N PHE G 68 -13.88 22.35 10.20
CA PHE G 68 -14.20 21.10 10.84
C PHE G 68 -14.32 21.25 12.35
N VAL G 69 -13.42 22.00 12.95
CA VAL G 69 -13.46 22.19 14.40
C VAL G 69 -14.75 22.93 14.75
N SER G 70 -15.08 23.91 13.92
CA SER G 70 -16.27 24.73 14.10
C SER G 70 -17.53 23.88 13.91
N PHE G 71 -17.35 22.70 13.31
CA PHE G 71 -18.44 21.75 13.05
C PHE G 71 -18.70 20.82 14.21
N ILE G 72 -17.78 19.91 14.52
CA ILE G 72 -18.01 18.98 15.62
C ILE G 72 -18.00 19.65 16.98
N THR G 73 -18.05 20.98 16.98
CA THR G 73 -18.11 21.73 18.22
C THR G 73 -19.56 22.04 18.52
N SER G 74 -20.32 22.35 17.47
CA SER G 74 -21.74 22.68 17.59
C SER G 74 -22.67 21.47 17.37
N THR G 75 -23.30 21.04 18.44
CA THR G 75 -24.23 19.92 18.37
C THR G 75 -25.26 20.17 17.27
N ASP G 76 -25.77 21.40 17.21
CA ASP G 76 -26.77 21.79 16.20
C ASP G 76 -26.40 21.35 14.79
N ARG G 77 -25.13 21.45 14.43
CA ARG G 77 -24.68 21.07 13.09
C ARG G 77 -24.41 19.58 12.95
N CYS G 78 -23.40 19.11 13.65
CA CYS G 78 -23.01 17.70 13.60
C CYS G 78 -23.95 16.77 14.35
N GLY G 79 -25.15 17.23 14.65
CA GLY G 79 -26.07 16.37 15.37
C GLY G 79 -26.41 15.11 14.61
N TYR G 80 -26.70 15.28 13.32
CA TYR G 80 -27.06 14.16 12.48
C TYR G 80 -26.08 13.00 12.59
N MET G 81 -24.83 13.29 12.94
CA MET G 81 -23.82 12.24 13.07
C MET G 81 -23.89 11.49 14.38
N LEU G 82 -24.55 12.06 15.36
CA LEU G 82 -24.65 11.42 16.66
C LEU G 82 -25.89 10.56 16.85
N ARG G 83 -26.60 10.28 15.75
CA ARG G 83 -27.80 9.46 15.82
C ARG G 83 -27.48 7.99 15.53
N LYS G 84 -28.30 7.10 16.06
CA LYS G 84 -28.10 5.66 15.90
C LYS G 84 -28.09 5.22 14.44
N THR G 85 -28.80 5.95 13.59
CA THR G 85 -28.89 5.62 12.18
C THR G 85 -27.62 5.83 11.39
N TRP G 86 -26.93 6.93 11.65
CA TRP G 86 -25.69 7.26 10.94
C TRP G 86 -24.60 6.20 11.00
N PHE G 87 -24.62 5.38 12.04
CA PHE G 87 -23.62 4.35 12.22
C PHE G 87 -24.07 3.03 11.59
N ASN G 88 -25.37 2.87 11.40
CA ASN G 88 -25.94 1.64 10.84
C ASN G 88 -26.07 1.55 9.34
N SER G 89 -26.63 2.59 8.72
CA SER G 89 -26.87 2.58 7.27
C SER G 89 -26.08 3.52 6.38
N ASP G 90 -26.17 3.24 5.08
CA ASP G 90 -25.49 4.05 4.09
C ASP G 90 -26.50 4.94 3.36
N THR G 91 -27.53 5.40 4.08
CA THR G 91 -28.54 6.25 3.48
C THR G 91 -28.04 7.68 3.35
N LYS G 92 -27.96 8.16 2.12
CA LYS G 92 -27.49 9.50 1.85
C LYS G 92 -28.43 10.53 2.48
N PRO G 93 -28.01 11.13 3.61
CA PRO G 93 -28.83 12.12 4.29
C PRO G 93 -28.69 13.45 3.59
N THR G 94 -29.53 14.39 3.99
CA THR G 94 -29.50 15.72 3.42
C THR G 94 -29.22 16.67 4.55
N VAL G 95 -28.05 17.28 4.51
CA VAL G 95 -27.69 18.24 5.54
C VAL G 95 -27.24 19.53 4.90
N SER G 96 -27.88 20.62 5.31
CA SER G 96 -27.54 21.92 4.78
C SER G 96 -26.48 22.48 5.73
N ASP G 97 -25.21 22.23 5.41
CA ASP G 97 -24.12 22.71 6.24
C ASP G 97 -22.81 22.81 5.45
N ASP G 98 -22.40 24.04 5.15
CA ASP G 98 -21.19 24.30 4.38
C ASP G 98 -20.08 23.25 4.49
N PHE G 99 -19.68 22.89 5.70
CA PHE G 99 -18.62 21.90 5.86
C PHE G 99 -18.93 20.55 5.23
N ILE G 100 -20.08 20.00 5.55
CA ILE G 100 -20.46 18.71 5.00
C ILE G 100 -20.50 18.69 3.49
N THR G 101 -21.14 19.70 2.88
CA THR G 101 -21.27 19.77 1.43
C THR G 101 -19.97 20.02 0.69
N THR G 102 -19.11 20.83 1.32
CA THR G 102 -17.85 21.20 0.73
C THR G 102 -16.71 20.18 0.83
N TYR G 103 -16.63 19.48 1.94
CA TYR G 103 -15.55 18.52 2.10
C TYR G 103 -15.92 17.05 2.17
N ILE G 104 -17.03 16.73 2.83
CA ILE G 104 -17.43 15.34 2.93
C ILE G 104 -18.21 14.85 1.71
N ARG G 105 -17.56 14.01 0.90
CA ARG G 105 -18.16 13.47 -0.31
C ARG G 105 -17.30 12.32 -0.79
N PRO G 106 -17.87 11.38 -1.56
CA PRO G 106 -17.24 10.18 -2.14
C PRO G 106 -15.85 10.42 -2.69
N ARG G 107 -14.90 9.59 -2.27
CA ARG G 107 -13.52 9.77 -2.70
C ARG G 107 -12.90 8.52 -3.30
N LEU G 108 -13.21 7.38 -2.72
CA LEU G 108 -12.66 6.11 -3.19
C LEU G 108 -13.31 5.62 -4.45
N GLN G 109 -12.52 4.94 -5.27
CA GLN G 109 -13.03 4.39 -6.52
C GLN G 109 -13.62 3.03 -6.24
N VAL G 110 -14.86 2.83 -6.67
CA VAL G 110 -15.51 1.57 -6.48
C VAL G 110 -15.64 0.98 -7.89
N PRO G 111 -15.52 -0.35 -8.01
CA PRO G 111 -15.28 -1.24 -6.87
C PRO G 111 -13.79 -1.52 -6.74
N MET G 112 -13.01 -1.09 -7.73
CA MET G 112 -11.56 -1.33 -7.75
C MET G 112 -10.85 -1.14 -6.41
N SER G 113 -11.30 -0.17 -5.62
CA SER G 113 -10.69 0.11 -4.34
C SER G 113 -10.85 -1.06 -3.38
N ASP G 114 -12.04 -1.66 -3.37
CA ASP G 114 -12.33 -2.80 -2.50
C ASP G 114 -11.49 -4.00 -2.92
N THR G 115 -11.41 -4.23 -4.22
CA THR G 115 -10.66 -5.34 -4.75
C THR G 115 -9.25 -5.26 -4.20
N VAL G 116 -8.65 -4.09 -4.28
CA VAL G 116 -7.30 -3.95 -3.76
C VAL G 116 -7.27 -4.24 -2.26
N ARG G 117 -8.26 -3.77 -1.52
CA ARG G 117 -8.28 -4.01 -0.08
C ARG G 117 -8.20 -5.50 0.19
N GLN G 118 -9.01 -6.28 -0.51
CA GLN G 118 -8.98 -7.72 -0.31
C GLN G 118 -7.60 -8.28 -0.67
N LEU G 119 -7.15 -8.03 -1.90
CA LEU G 119 -5.84 -8.51 -2.32
C LEU G 119 -4.76 -8.22 -1.31
N ASN G 120 -5.03 -7.26 -0.42
CA ASN G 120 -4.05 -6.88 0.56
C ASN G 120 -3.97 -7.79 1.76
N ASN G 121 -5.10 -8.21 2.30
CA ASN G 121 -5.04 -9.09 3.44
C ASN G 121 -4.13 -10.23 3.09
N LEU G 122 -4.01 -10.52 1.80
CA LEU G 122 -3.15 -11.61 1.35
C LEU G 122 -1.70 -11.26 1.12
N SER G 123 -1.36 -9.98 1.19
CA SER G 123 0.01 -9.54 0.94
C SER G 123 1.01 -10.05 1.95
N LEU G 124 2.24 -10.23 1.46
CA LEU G 124 3.37 -10.73 2.24
C LEU G 124 3.77 -9.86 3.40
N GLN G 125 3.97 -8.57 3.17
CA GLN G 125 4.37 -7.70 4.27
C GLN G 125 3.50 -6.46 4.40
N PRO G 126 2.31 -6.59 4.99
CA PRO G 126 1.39 -5.47 5.18
C PRO G 126 2.01 -4.42 6.06
N SER G 127 1.35 -3.28 6.20
CA SER G 127 1.93 -2.24 7.01
C SER G 127 1.95 -2.68 8.45
N ALA G 128 3.10 -2.47 9.09
CA ALA G 128 3.28 -2.83 10.49
C ALA G 128 2.42 -1.97 11.40
N LYS G 129 2.33 -0.68 11.10
CA LYS G 129 1.52 0.25 11.86
C LYS G 129 0.60 0.85 10.81
N PRO G 130 -0.55 0.22 10.60
CA PRO G 130 -1.56 0.62 9.63
C PRO G 130 -2.22 1.96 9.88
N LYS G 131 -2.92 2.44 8.85
CA LYS G 131 -3.63 3.72 8.91
C LYS G 131 -4.88 3.58 9.76
N LEU G 132 -5.53 4.71 10.00
CA LEU G 132 -6.74 4.70 10.79
C LEU G 132 -7.86 4.10 9.95
N TYR G 133 -7.82 4.34 8.64
CA TYR G 133 -8.84 3.81 7.73
C TYR G 133 -9.15 2.35 8.10
N GLU G 134 -8.16 1.48 7.91
CA GLU G 134 -8.32 0.06 8.23
C GLU G 134 -9.11 -0.14 9.51
N ARG G 135 -8.63 0.46 10.58
CA ARG G 135 -9.31 0.35 11.86
C ARG G 135 -10.76 0.83 11.78
N GLN G 136 -10.97 1.99 11.16
CA GLN G 136 -12.31 2.52 11.02
C GLN G 136 -13.22 1.49 10.37
N ASN G 137 -12.76 0.86 9.28
CA ASN G 137 -13.58 -0.14 8.60
C ASN G 137 -13.87 -1.33 9.49
N ALA G 138 -12.84 -1.80 10.19
CA ALA G 138 -13.02 -2.93 11.08
C ALA G 138 -14.08 -2.61 12.11
N ILE G 139 -13.83 -1.57 12.89
CA ILE G 139 -14.74 -1.19 13.94
C ILE G 139 -16.15 -0.85 13.49
N MET G 140 -16.30 -0.37 12.25
CA MET G 140 -17.63 0.02 11.78
C MET G 140 -18.33 -0.97 10.88
N LYS G 141 -17.68 -1.42 9.82
CA LYS G 141 -18.30 -2.37 8.91
C LYS G 141 -17.85 -3.79 9.27
N GLY G 142 -16.94 -3.90 10.23
CA GLY G 142 -16.46 -5.20 10.65
C GLY G 142 -15.79 -5.98 9.55
N LEU G 143 -14.90 -5.33 8.81
CA LEU G 143 -14.21 -6.00 7.73
C LEU G 143 -12.93 -6.61 8.27
N ASP G 144 -12.27 -7.41 7.43
CA ASP G 144 -11.06 -8.12 7.82
C ASP G 144 -9.79 -7.29 7.80
N ILE G 145 -8.90 -7.60 8.73
CA ILE G 145 -7.61 -6.94 8.84
C ILE G 145 -6.65 -7.94 8.17
N PRO G 146 -5.54 -7.48 7.56
CA PRO G 146 -4.59 -8.38 6.90
C PRO G 146 -4.11 -9.55 7.71
N TYR G 147 -4.01 -10.69 7.05
CA TYR G 147 -3.60 -11.89 7.73
C TYR G 147 -2.20 -11.82 8.37
N SER G 148 -1.26 -11.15 7.72
CA SER G 148 0.10 -11.06 8.25
C SER G 148 0.39 -9.85 9.11
N GLU G 149 -0.61 -9.03 9.36
CA GLU G 149 -0.40 -7.84 10.17
C GLU G 149 -0.15 -8.19 11.62
N PRO G 150 1.00 -7.78 12.15
CA PRO G 150 1.36 -8.05 13.54
C PRO G 150 0.54 -7.19 14.48
N ILE G 151 0.39 -7.66 15.71
CA ILE G 151 -0.39 -6.95 16.71
C ILE G 151 0.17 -7.28 18.10
N GLU G 152 -0.01 -6.38 19.06
CA GLU G 152 0.48 -6.65 20.41
C GLU G 152 -0.66 -7.33 21.19
N PRO G 153 -0.49 -8.62 21.53
CA PRO G 153 -1.52 -9.36 22.25
C PRO G 153 -2.18 -8.67 23.44
N CYS G 154 -1.40 -7.96 24.24
CA CYS G 154 -1.98 -7.28 25.41
C CYS G 154 -3.14 -6.34 25.08
N LYS G 155 -3.15 -5.78 23.88
CA LYS G 155 -4.22 -4.89 23.46
C LYS G 155 -5.49 -5.72 23.34
N LEU G 156 -5.33 -6.88 22.74
CA LEU G 156 -6.41 -7.82 22.53
C LEU G 156 -7.08 -8.28 23.80
N PHE G 157 -6.40 -8.12 24.93
CA PHE G 157 -6.96 -8.59 26.20
C PHE G 157 -8.28 -7.99 26.61
N ARG G 158 -9.13 -8.82 27.15
CA ARG G 158 -10.42 -8.42 27.66
C ARG G 158 -10.64 -9.17 28.95
N SER G 159 -11.70 -8.83 29.67
CA SER G 159 -11.98 -9.50 30.94
C SER G 159 -12.73 -10.82 30.79
N VAL G 160 -12.29 -11.82 31.53
CA VAL G 160 -12.90 -13.14 31.54
C VAL G 160 -13.07 -13.61 33.01
N ALA G 161 -14.07 -14.46 33.24
CA ALA G 161 -14.39 -14.98 34.58
C ALA G 161 -13.19 -15.21 35.50
N GLY G 162 -12.24 -16.03 35.04
CA GLY G 162 -11.05 -16.31 35.84
C GLY G 162 -10.35 -15.07 36.37
N GLN G 163 -9.45 -14.51 35.57
CA GLN G 163 -8.70 -13.31 35.94
C GLN G 163 -9.38 -12.08 35.35
N THR G 164 -9.71 -11.15 36.23
CA THR G 164 -10.40 -9.92 35.86
C THR G 164 -9.54 -8.97 35.01
N GLY G 165 -8.24 -8.90 35.30
CA GLY G 165 -7.37 -8.00 34.54
C GLY G 165 -6.12 -8.65 33.97
N ASN G 166 -5.31 -7.85 33.29
CA ASN G 166 -4.07 -8.31 32.68
C ASN G 166 -2.93 -7.66 33.44
N ILE G 167 -2.90 -6.34 33.43
CA ILE G 167 -1.84 -5.64 34.15
C ILE G 167 -2.02 -5.79 35.64
N PRO G 168 -3.26 -5.77 36.14
CA PRO G 168 -3.53 -5.92 37.57
C PRO G 168 -2.91 -7.19 38.15
N MET G 169 -2.95 -8.26 37.36
CA MET G 169 -2.41 -9.54 37.77
C MET G 169 -0.92 -9.48 38.06
N MET G 170 -0.26 -8.42 37.62
CA MET G 170 1.17 -8.28 37.85
C MET G 170 1.45 -8.23 39.34
N GLY G 171 0.57 -7.56 40.08
CA GLY G 171 0.75 -7.46 41.52
C GLY G 171 0.67 -8.80 42.23
N ILE G 172 -0.30 -9.63 41.85
CA ILE G 172 -0.46 -10.92 42.48
C ILE G 172 0.67 -11.88 42.08
N LEU G 173 1.07 -11.85 40.82
CA LEU G 173 2.12 -12.74 40.34
C LEU G 173 3.45 -12.51 41.03
N ALA G 174 3.59 -11.37 41.70
CA ALA G 174 4.83 -11.03 42.39
C ALA G 174 4.84 -11.48 43.84
N THR G 175 3.65 -11.66 44.43
CA THR G 175 3.51 -12.08 45.83
C THR G 175 3.70 -13.59 46.01
N PRO G 176 4.73 -14.01 46.78
CA PRO G 176 4.89 -15.46 46.95
C PRO G 176 3.52 -16.08 47.26
N PRO G 177 3.33 -17.35 46.87
CA PRO G 177 2.07 -18.06 47.09
C PRO G 177 1.91 -18.94 48.32
N ALA G 178 0.66 -19.27 48.63
CA ALA G 178 0.31 -20.13 49.77
C ALA G 178 0.07 -21.57 49.28
N ALA G 179 -0.87 -21.73 48.35
CA ALA G 179 -1.22 -23.05 47.78
C ALA G 179 -0.88 -23.13 46.28
N GLN G 180 -1.37 -24.15 45.60
CA GLN G 180 -1.14 -24.30 44.17
C GLN G 180 -2.34 -23.61 43.52
N GLN G 181 -2.18 -22.32 43.25
CA GLN G 181 -3.25 -21.51 42.66
C GLN G 181 -3.66 -21.84 41.24
N GLN G 182 -4.80 -21.28 40.85
CA GLN G 182 -5.37 -21.44 39.51
C GLN G 182 -4.33 -21.00 38.47
N PRO G 183 -4.40 -21.56 37.25
CA PRO G 183 -3.45 -21.18 36.21
C PRO G 183 -3.72 -19.75 35.72
N PHE G 184 -2.65 -19.06 35.31
CA PHE G 184 -2.77 -17.69 34.83
C PHE G 184 -2.39 -17.57 33.37
N PHE G 185 -3.16 -16.79 32.63
CA PHE G 185 -2.89 -16.57 31.22
C PHE G 185 -2.84 -15.07 31.05
N VAL G 186 -1.63 -14.52 30.99
CA VAL G 186 -1.51 -13.08 30.84
C VAL G 186 -0.65 -12.74 29.63
N ALA G 187 -0.69 -11.48 29.19
CA ALA G 187 0.07 -11.07 28.02
C ALA G 187 0.77 -9.71 28.07
N GLU G 188 1.87 -9.60 27.33
CA GLU G 188 2.72 -8.41 27.24
C GLU G 188 2.64 -7.77 25.84
N ARG G 189 3.63 -6.96 25.51
CA ARG G 189 3.65 -6.33 24.21
C ARG G 189 4.14 -7.30 23.15
N ARG G 190 5.33 -7.85 23.37
CA ARG G 190 5.90 -8.76 22.38
C ARG G 190 5.85 -10.24 22.73
N ARG G 191 5.10 -10.62 23.77
CA ARG G 191 5.02 -12.04 24.10
C ARG G 191 3.85 -12.35 25.02
N ILE G 192 3.31 -13.55 24.85
CA ILE G 192 2.19 -13.99 25.65
C ILE G 192 2.74 -15.05 26.58
N LEU G 193 2.25 -15.11 27.83
CA LEU G 193 2.74 -16.14 28.75
C LEU G 193 1.71 -16.67 29.75
N PHE G 194 1.84 -17.96 30.06
CA PHE G 194 0.94 -18.66 30.96
C PHE G 194 1.73 -19.62 31.84
N GLY G 195 1.04 -20.18 32.83
CA GLY G 195 1.67 -21.12 33.74
C GLY G 195 0.87 -21.35 35.01
N ILE G 196 1.49 -22.03 35.97
CA ILE G 196 0.86 -22.30 37.25
C ILE G 196 1.91 -22.06 38.32
N ARG G 197 1.53 -21.34 39.36
CA ARG G 197 2.47 -21.06 40.42
C ARG G 197 2.06 -21.72 41.72
N SER G 198 3.04 -22.29 42.42
CA SER G 198 2.80 -22.97 43.70
C SER G 198 4.05 -22.89 44.59
N ASN G 199 3.87 -23.17 45.88
CA ASN G 199 4.97 -23.13 46.86
C ASN G 199 5.62 -24.50 46.94
N ALA G 200 4.87 -25.51 46.50
CA ALA G 200 5.33 -26.90 46.50
C ALA G 200 5.38 -27.42 45.07
N ALA G 201 6.43 -28.18 44.77
CA ALA G 201 6.64 -28.76 43.44
C ALA G 201 5.39 -29.29 42.77
N ILE G 202 5.39 -29.25 41.43
CA ILE G 202 4.27 -29.75 40.64
C ILE G 202 4.71 -31.04 39.95
N PRO G 203 3.97 -32.13 40.19
CA PRO G 203 4.23 -33.47 39.63
C PRO G 203 4.43 -33.53 38.13
N ALA G 204 5.68 -33.64 37.71
CA ALA G 204 5.99 -33.73 36.28
C ALA G 204 4.97 -34.64 35.59
N GLY G 205 4.03 -34.05 34.86
CA GLY G 205 3.02 -34.83 34.17
C GLY G 205 2.36 -34.14 32.98
N ALA G 206 1.03 -34.23 32.91
CA ALA G 206 0.26 -33.63 31.83
C ALA G 206 -0.74 -32.60 32.36
N TYR G 207 -0.61 -31.35 31.91
CA TYR G 207 -1.51 -30.27 32.34
C TYR G 207 -2.22 -29.55 31.22
N GLN G 208 -3.49 -29.27 31.44
CA GLN G 208 -4.34 -28.61 30.46
C GLN G 208 -4.67 -27.14 30.76
N PHE G 209 -4.34 -26.25 29.83
CA PHE G 209 -4.63 -24.83 29.95
C PHE G 209 -5.70 -24.43 28.97
N VAL G 210 -6.76 -23.80 29.48
CA VAL G 210 -7.82 -23.36 28.61
C VAL G 210 -7.39 -22.01 28.08
N VAL G 211 -7.47 -21.82 26.77
CA VAL G 211 -7.09 -20.55 26.19
C VAL G 211 -8.27 -19.61 26.27
N PRO G 212 -8.06 -18.45 26.89
CA PRO G 212 -9.06 -17.40 27.09
C PRO G 212 -9.65 -16.91 25.78
N ALA G 213 -10.92 -16.57 25.82
CA ALA G 213 -11.63 -16.09 24.64
C ALA G 213 -10.86 -15.02 23.86
N TRP G 214 -10.32 -14.03 24.55
CA TRP G 214 -9.60 -12.97 23.86
C TRP G 214 -8.41 -13.43 23.07
N ALA G 215 -7.64 -14.38 23.61
CA ALA G 215 -6.44 -14.88 22.94
C ALA G 215 -6.68 -15.99 21.92
N SER G 216 -7.89 -16.55 21.91
CA SER G 216 -8.24 -17.64 21.00
C SER G 216 -8.37 -17.21 19.55
N VAL G 217 -7.66 -16.16 19.18
CA VAL G 217 -7.70 -15.65 17.83
C VAL G 217 -6.30 -15.27 17.47
N LEU G 218 -5.34 -15.59 18.33
CA LEU G 218 -3.96 -15.24 18.06
C LEU G 218 -3.24 -16.32 17.26
N SER G 219 -2.12 -15.97 16.65
CA SER G 219 -1.29 -16.89 15.89
C SER G 219 0.13 -16.35 15.89
N VAL G 220 1.11 -17.24 16.08
CA VAL G 220 2.51 -16.82 16.10
C VAL G 220 3.40 -17.50 15.08
N THR G 221 4.41 -16.75 14.65
CA THR G 221 5.38 -17.23 13.69
C THR G 221 6.68 -16.76 14.33
N GLY G 222 7.79 -17.39 13.94
CA GLY G 222 9.08 -17.01 14.48
C GLY G 222 9.12 -16.82 15.99
N ALA G 223 8.53 -17.78 16.70
CA ALA G 223 8.45 -17.71 18.16
C ALA G 223 9.37 -18.67 18.90
N TYR G 224 9.93 -18.18 20.00
CA TYR G 224 10.79 -18.96 20.87
C TYR G 224 9.86 -19.20 22.04
N VAL G 225 9.88 -20.39 22.61
CA VAL G 225 9.03 -20.65 23.77
C VAL G 225 9.93 -21.13 24.88
N TYR G 226 10.07 -20.28 25.90
CA TYR G 226 10.93 -20.59 27.02
C TYR G 226 10.21 -20.49 28.36
N PHE G 227 10.95 -20.82 29.43
CA PHE G 227 10.48 -20.77 30.82
C PHE G 227 11.03 -19.47 31.41
N THR G 228 10.16 -18.70 32.06
CA THR G 228 10.62 -17.45 32.63
C THR G 228 9.93 -17.07 33.93
N ASN G 229 10.54 -16.10 34.62
CA ASN G 229 10.08 -15.59 35.90
C ASN G 229 9.65 -14.12 35.92
N SER G 230 9.73 -13.42 34.79
CA SER G 230 9.33 -12.01 34.77
C SER G 230 8.09 -11.75 33.94
N PHE G 231 7.52 -10.57 34.10
CA PHE G 231 6.31 -10.18 33.40
C PHE G 231 6.31 -8.66 33.37
N PHE G 232 6.72 -8.11 32.24
CA PHE G 232 6.81 -6.66 32.08
C PHE G 232 7.99 -6.15 32.89
N GLY G 233 8.97 -7.03 33.13
CA GLY G 233 10.13 -6.65 33.89
C GLY G 233 9.90 -6.71 35.39
N THR G 234 8.83 -7.38 35.77
CA THR G 234 8.46 -7.54 37.18
C THR G 234 8.63 -9.01 37.52
N ILE G 235 9.35 -9.32 38.60
CA ILE G 235 9.58 -10.71 38.97
C ILE G 235 8.34 -11.44 39.47
N ILE G 236 8.15 -12.67 38.98
CA ILE G 236 7.02 -13.49 39.38
C ILE G 236 7.51 -14.51 40.40
N ALA G 237 6.76 -14.65 41.50
CA ALA G 237 7.12 -15.59 42.54
C ALA G 237 6.29 -16.87 42.40
N GLY G 238 6.86 -17.98 42.84
CA GLY G 238 6.16 -19.25 42.74
C GLY G 238 6.38 -19.82 41.37
N VAL G 239 7.62 -19.69 40.89
CA VAL G 239 7.99 -20.17 39.58
C VAL G 239 9.48 -20.49 39.52
N THR G 240 9.78 -21.66 38.96
CA THR G 240 11.15 -22.11 38.81
C THR G 240 11.60 -21.94 37.39
N ALA G 241 12.80 -21.39 37.22
CA ALA G 241 13.34 -21.19 35.90
C ALA G 241 14.52 -22.12 35.77
N THR G 242 14.79 -22.82 36.86
CA THR G 242 15.88 -23.76 36.93
C THR G 242 15.61 -24.99 36.08
N ALA G 243 16.67 -25.53 35.48
CA ALA G 243 16.59 -26.72 34.64
C ALA G 243 18.01 -27.26 34.40
N THR G 244 18.12 -28.56 34.13
CA THR G 244 19.43 -29.16 33.89
C THR G 244 19.55 -29.83 32.53
N ALA G 245 20.75 -29.80 31.98
CA ALA G 245 21.02 -30.40 30.68
C ALA G 245 20.53 -31.84 30.62
N ALA G 246 20.26 -32.42 31.78
CA ALA G 246 19.80 -33.80 31.89
C ALA G 246 18.28 -33.92 31.91
N ASP G 247 17.60 -32.84 32.30
CA ASP G 247 16.15 -32.81 32.38
C ASP G 247 15.48 -33.44 31.17
N ALA G 248 14.29 -33.99 31.37
CA ALA G 248 13.53 -34.63 30.29
C ALA G 248 12.79 -33.52 29.56
N ALA G 249 12.96 -33.47 28.24
CA ALA G 249 12.32 -32.43 27.42
C ALA G 249 10.84 -32.17 27.76
N THR G 250 10.44 -30.90 27.71
CA THR G 250 9.05 -30.52 27.98
C THR G 250 8.44 -30.03 26.67
N THR G 251 7.23 -30.50 26.36
CA THR G 251 6.59 -30.12 25.12
C THR G 251 5.11 -29.86 25.30
N PHE G 252 4.54 -29.05 24.40
CA PHE G 252 3.13 -28.75 24.46
C PHE G 252 2.48 -29.04 23.13
N THR G 253 1.17 -29.22 23.13
CA THR G 253 0.47 -29.54 21.92
C THR G 253 -0.76 -28.67 21.70
N VAL G 254 -1.08 -28.43 20.43
CA VAL G 254 -2.21 -27.60 20.06
C VAL G 254 -3.15 -28.36 19.13
N PRO G 255 -4.47 -28.17 19.28
CA PRO G 255 -5.49 -28.84 18.46
C PRO G 255 -5.37 -28.65 16.95
N THR G 256 -4.38 -27.87 16.53
CA THR G 256 -4.18 -27.60 15.11
C THR G 256 -3.04 -28.43 14.55
N ASP G 257 -1.90 -28.34 15.22
CA ASP G 257 -0.70 -29.06 14.81
C ASP G 257 -0.70 -30.42 15.49
N ALA G 258 -0.71 -31.48 14.68
CA ALA G 258 -0.72 -32.82 15.23
C ALA G 258 0.61 -33.17 15.92
N ASN G 259 1.61 -32.31 15.74
CA ASN G 259 2.93 -32.56 16.33
C ASN G 259 3.20 -31.78 17.61
N ASN G 260 4.09 -32.35 18.43
CA ASN G 260 4.49 -31.75 19.69
C ASN G 260 5.39 -30.55 19.47
N LEU G 261 5.18 -29.51 20.27
CA LEU G 261 5.99 -28.29 20.17
C LEU G 261 6.95 -28.19 21.34
N PRO G 262 8.25 -28.22 21.08
CA PRO G 262 9.32 -28.13 22.08
C PRO G 262 9.38 -26.83 22.84
N VAL G 263 9.93 -26.89 24.05
CA VAL G 263 10.07 -25.73 24.92
C VAL G 263 11.53 -25.67 25.38
N GLN G 264 12.04 -24.45 25.52
CA GLN G 264 13.43 -24.22 25.95
C GLN G 264 14.39 -24.68 24.86
N THR G 265 13.91 -24.62 23.62
CA THR G 265 14.67 -25.01 22.43
C THR G 265 14.97 -23.77 21.60
N ASP G 266 15.99 -23.87 20.76
CA ASP G 266 16.37 -22.74 19.90
C ASP G 266 15.61 -22.74 18.59
N SER G 267 14.59 -23.58 18.50
CA SER G 267 13.82 -23.67 17.27
C SER G 267 12.70 -22.62 17.21
N ARG G 268 12.62 -21.89 16.09
CA ARG G 268 11.58 -20.86 15.88
C ARG G 268 10.26 -21.57 15.51
N LEU G 269 9.26 -21.45 16.37
CA LEU G 269 7.99 -22.11 16.18
C LEU G 269 6.89 -21.32 15.53
N SER G 270 5.91 -22.06 15.00
CA SER G 270 4.74 -21.50 14.33
C SER G 270 3.49 -22.31 14.74
N PHE G 271 2.56 -21.67 15.44
CA PHE G 271 1.36 -22.39 15.80
C PHE G 271 0.22 -21.44 16.02
N SER G 272 -0.95 -21.97 16.32
CA SER G 272 -2.13 -21.14 16.51
C SER G 272 -2.87 -21.47 17.78
N LEU G 273 -3.30 -20.44 18.50
CA LEU G 273 -4.02 -20.66 19.75
C LEU G 273 -5.52 -20.84 19.55
N GLY G 274 -5.95 -20.87 18.30
CA GLY G 274 -7.35 -21.09 18.03
C GLY G 274 -7.60 -22.57 18.05
N GLY G 275 -8.84 -22.97 18.31
CA GLY G 275 -9.14 -24.40 18.31
C GLY G 275 -9.45 -25.01 19.65
N GLY G 276 -9.06 -24.34 20.73
CA GLY G 276 -9.39 -24.91 22.01
C GLY G 276 -8.44 -24.81 23.18
N ASN G 277 -7.69 -25.88 23.42
CA ASN G 277 -6.79 -25.92 24.57
C ASN G 277 -5.34 -26.31 24.29
N ILE G 278 -4.44 -25.83 25.15
CA ILE G 278 -3.00 -26.10 25.05
C ILE G 278 -2.66 -27.24 26.01
N ASN G 279 -2.14 -28.34 25.47
CA ASN G 279 -1.76 -29.48 26.30
C ASN G 279 -0.27 -29.44 26.59
N LEU G 280 0.09 -29.14 27.84
CA LEU G 280 1.49 -29.06 28.22
C LEU G 280 1.96 -30.27 29.01
N GLU G 281 2.98 -30.95 28.50
CA GLU G 281 3.53 -32.12 29.19
C GLU G 281 4.86 -31.74 29.83
N LEU G 282 4.80 -31.49 31.13
CA LEU G 282 5.97 -31.11 31.92
C LEU G 282 6.85 -32.35 32.11
N GLY G 283 8.04 -32.32 31.55
CA GLY G 283 8.95 -33.46 31.65
C GLY G 283 9.64 -33.70 32.99
N VAL G 284 9.81 -32.62 33.76
CA VAL G 284 10.45 -32.68 35.07
C VAL G 284 9.61 -31.86 36.03
N ALA G 285 9.46 -32.34 37.27
CA ALA G 285 8.66 -31.59 38.24
C ALA G 285 9.33 -30.25 38.54
N LYS G 286 8.51 -29.21 38.72
CA LYS G 286 8.98 -27.87 39.01
C LYS G 286 8.08 -27.18 40.04
N THR G 287 8.68 -26.40 40.93
CA THR G 287 7.95 -25.70 41.98
C THR G 287 7.37 -24.40 41.43
N GLY G 288 6.34 -24.52 40.60
CA GLY G 288 5.72 -23.36 39.98
C GLY G 288 6.45 -23.09 38.68
N PHE G 289 5.71 -22.90 37.58
CA PHE G 289 6.34 -22.66 36.29
C PHE G 289 5.60 -21.63 35.43
N CYS G 290 6.35 -21.03 34.50
CA CYS G 290 5.77 -20.03 33.60
C CYS G 290 6.32 -20.19 32.19
N VAL G 291 5.45 -20.61 31.28
CA VAL G 291 5.82 -20.80 29.89
C VAL G 291 5.61 -19.47 29.20
N ALA G 292 6.53 -19.11 28.31
CA ALA G 292 6.43 -17.86 27.59
C ALA G 292 6.54 -18.10 26.08
N ILE G 293 5.70 -17.43 25.31
CA ILE G 293 5.72 -17.54 23.86
C ILE G 293 6.09 -16.16 23.39
N GLU G 294 7.28 -16.02 22.81
CA GLU G 294 7.73 -14.73 22.33
C GLU G 294 8.02 -14.83 20.85
N GLY G 295 7.27 -14.08 20.06
CA GLY G 295 7.44 -14.07 18.62
C GLY G 295 6.59 -13.00 17.95
N GLU G 296 6.14 -13.26 16.74
CA GLU G 296 5.31 -12.31 16.03
C GLU G 296 3.88 -12.80 16.12
N PHE G 297 3.00 -11.94 16.62
CA PHE G 297 1.59 -12.30 16.76
C PHE G 297 0.75 -11.61 15.71
N THR G 298 -0.23 -12.34 15.19
CA THR G 298 -1.13 -11.84 14.18
C THR G 298 -2.50 -12.34 14.56
N ILE G 299 -3.55 -11.68 14.13
CA ILE G 299 -4.87 -12.19 14.44
C ILE G 299 -5.17 -13.18 13.33
N LEU G 300 -5.86 -14.26 13.70
CA LEU G 300 -6.21 -15.28 12.73
C LEU G 300 -7.12 -14.76 11.64
N ALA G 301 -7.16 -15.46 10.52
CA ALA G 301 -8.00 -15.06 9.40
C ALA G 301 -9.45 -15.00 9.82
N ASN G 302 -10.16 -13.97 9.38
CA ASN G 302 -11.57 -13.79 9.67
C ASN G 302 -11.98 -13.73 11.14
N ARG G 303 -11.06 -13.44 12.05
CA ARG G 303 -11.44 -13.37 13.46
C ARG G 303 -11.27 -11.97 14.06
N SER G 304 -10.76 -11.04 13.27
CA SER G 304 -10.57 -9.67 13.74
C SER G 304 -11.89 -9.07 14.21
N GLN G 305 -12.99 -9.50 13.62
CA GLN G 305 -14.30 -9.01 13.99
C GLN G 305 -14.55 -9.13 15.48
N ALA G 306 -13.87 -10.08 16.13
CA ALA G 306 -14.05 -10.27 17.55
C ALA G 306 -13.45 -9.10 18.30
N TYR G 307 -12.22 -8.76 17.96
CA TYR G 307 -11.52 -7.67 18.60
C TYR G 307 -12.20 -6.33 18.37
N TYR G 308 -12.25 -5.94 17.10
CA TYR G 308 -12.82 -4.66 16.69
C TYR G 308 -14.32 -4.43 16.83
N THR G 309 -15.11 -5.47 17.08
CA THR G 309 -16.56 -5.27 17.23
C THR G 309 -16.96 -5.39 18.68
N LEU G 310 -15.98 -5.71 19.53
CA LEU G 310 -16.21 -5.85 20.96
C LEU G 310 -17.02 -7.13 21.27
N ASN G 311 -16.66 -8.22 20.62
CA ASN G 311 -17.31 -9.51 20.84
C ASN G 311 -16.44 -10.31 21.79
N SER G 312 -15.23 -9.82 22.02
CA SER G 312 -14.29 -10.45 22.92
C SER G 312 -14.81 -10.20 24.33
N ILE G 313 -15.57 -9.12 24.46
CA ILE G 313 -16.13 -8.72 25.74
C ILE G 313 -17.26 -9.63 26.19
N THR G 314 -17.01 -10.38 27.27
CA THR G 314 -17.99 -11.32 27.82
C THR G 314 -18.69 -10.83 29.07
N GLN G 315 -17.96 -10.20 29.97
CA GLN G 315 -18.58 -9.71 31.19
C GLN G 315 -18.28 -8.26 31.54
N THR G 316 -19.05 -7.72 32.49
CA THR G 316 -18.93 -6.34 32.95
C THR G 316 -18.64 -6.28 34.46
N PRO G 317 -17.72 -5.40 34.89
CA PRO G 317 -16.92 -4.48 34.07
C PRO G 317 -15.88 -5.26 33.31
N THR G 318 -15.16 -4.56 32.43
CA THR G 318 -14.10 -5.17 31.62
C THR G 318 -13.07 -4.12 31.32
N SER G 319 -11.83 -4.56 31.14
CA SER G 319 -10.79 -3.62 30.79
C SER G 319 -10.62 -3.75 29.30
N ILE G 320 -10.49 -2.62 28.59
CA ILE G 320 -10.29 -2.63 27.14
C ILE G 320 -9.36 -1.53 26.67
N ASP G 321 -8.67 -1.79 25.57
CA ASP G 321 -7.76 -0.82 25.00
C ASP G 321 -8.56 0.18 24.20
N ASP G 322 -7.89 1.02 23.43
CA ASP G 322 -8.54 2.05 22.63
C ASP G 322 -8.30 1.97 21.12
N PHE G 323 -7.76 0.85 20.65
CA PHE G 323 -7.49 0.69 19.23
C PHE G 323 -6.48 1.70 18.74
N ASP G 324 -5.69 2.22 19.67
CA ASP G 324 -4.63 3.17 19.36
C ASP G 324 -5.03 4.60 18.97
N VAL G 325 -6.29 5.01 19.10
CA VAL G 325 -6.63 6.38 18.71
C VAL G 325 -5.69 7.36 19.39
N SER G 326 -5.49 7.17 20.69
CA SER G 326 -4.61 8.04 21.45
C SER G 326 -3.29 8.36 20.76
N ASP G 327 -2.76 7.43 19.96
CA ASP G 327 -1.49 7.65 19.27
C ASP G 327 -1.62 8.60 18.08
N PHE G 328 -2.86 8.87 17.69
CA PHE G 328 -3.12 9.75 16.57
C PHE G 328 -3.57 11.12 17.05
N LEU G 329 -4.30 11.14 18.16
CA LEU G 329 -4.77 12.39 18.70
C LEU G 329 -3.63 13.39 18.88
N THR G 330 -2.50 12.90 19.40
CA THR G 330 -1.30 13.70 19.64
C THR G 330 -1.22 15.02 18.89
N THR G 331 -1.19 14.94 17.58
CA THR G 331 -1.09 16.15 16.78
C THR G 331 -2.22 17.13 17.04
N PHE G 332 -3.46 16.71 16.79
CA PHE G 332 -4.58 17.62 17.01
C PHE G 332 -4.60 18.21 18.39
N LEU G 333 -4.15 17.46 19.38
CA LEU G 333 -4.11 17.99 20.73
C LEU G 333 -3.06 19.09 20.78
N SER G 334 -1.86 18.77 20.32
CA SER G 334 -0.78 19.75 20.32
C SER G 334 -1.16 21.02 19.59
N GLN G 335 -2.11 20.93 18.68
CA GLN G 335 -2.52 22.11 17.95
C GLN G 335 -3.56 22.87 18.74
N LEU G 336 -4.32 22.17 19.58
CA LEU G 336 -5.33 22.83 20.41
C LEU G 336 -4.67 23.67 21.49
N ARG G 337 -3.60 23.14 22.06
CA ARG G 337 -2.86 23.84 23.11
C ARG G 337 -2.20 25.08 22.54
N ALA G 338 -1.72 24.95 21.31
CA ALA G 338 -1.05 26.05 20.65
C ALA G 338 -1.89 27.31 20.55
N CYS G 339 -3.20 27.18 20.71
CA CYS G 339 -4.06 28.35 20.64
C CYS G 339 -5.15 28.35 21.71
N GLY G 340 -4.80 27.76 22.85
CA GLY G 340 -5.72 27.69 23.98
C GLY G 340 -7.18 27.49 23.66
N GLN G 341 -7.49 26.33 23.10
CA GLN G 341 -8.86 25.99 22.77
C GLN G 341 -9.07 24.63 23.41
N TYR G 342 -7.97 24.05 23.88
CA TYR G 342 -7.96 22.75 24.53
C TYR G 342 -9.01 22.67 25.63
N GLU G 343 -9.31 23.83 26.20
CA GLU G 343 -10.30 23.94 27.26
C GLU G 343 -11.69 23.82 26.67
N ILE G 344 -12.07 24.78 25.83
CA ILE G 344 -13.38 24.79 25.21
C ILE G 344 -13.66 23.49 24.47
N PHE G 345 -12.66 22.98 23.75
CA PHE G 345 -12.87 21.75 22.98
C PHE G 345 -13.33 20.62 23.87
N SER G 346 -12.71 20.46 25.03
CA SER G 346 -13.10 19.40 25.93
C SER G 346 -14.58 19.55 26.30
N ASP G 347 -14.95 20.71 26.82
CA ASP G 347 -16.33 20.95 27.20
C ASP G 347 -17.29 20.61 26.05
N ALA G 348 -16.80 20.73 24.81
CA ALA G 348 -17.63 20.44 23.64
C ALA G 348 -17.76 18.95 23.39
N MET G 349 -16.66 18.22 23.54
CA MET G 349 -16.69 16.79 23.35
C MET G 349 -17.61 16.19 24.40
N ASP G 350 -17.45 16.65 25.64
CA ASP G 350 -18.28 16.16 26.73
C ASP G 350 -19.73 16.26 26.27
N GLN G 351 -20.10 17.44 25.78
CA GLN G 351 -21.46 17.67 25.31
C GLN G 351 -21.79 16.67 24.19
N LEU G 352 -20.83 16.45 23.30
CA LEU G 352 -21.01 15.55 22.19
C LEU G 352 -21.23 14.14 22.74
N THR G 353 -20.24 13.63 23.46
CA THR G 353 -20.33 12.31 24.05
C THR G 353 -21.70 12.09 24.68
N ASN G 354 -22.10 13.00 25.55
CA ASN G 354 -23.40 12.90 26.21
C ASN G 354 -24.53 12.87 25.21
N SER G 355 -24.56 13.86 24.34
CA SER G 355 -25.61 13.94 23.34
C SER G 355 -25.68 12.65 22.53
N LEU G 356 -24.52 12.04 22.27
CA LEU G 356 -24.46 10.79 21.50
C LEU G 356 -25.10 9.67 22.32
N ILE G 357 -24.53 9.40 23.49
CA ILE G 357 -25.04 8.37 24.37
C ILE G 357 -26.56 8.46 24.46
N THR G 358 -27.06 9.66 24.73
CA THR G 358 -28.49 9.89 24.83
C THR G 358 -29.28 9.24 23.72
N ASN G 359 -28.95 9.58 22.48
CA ASN G 359 -29.66 9.04 21.32
C ASN G 359 -29.72 7.50 21.26
N TYR G 360 -28.93 6.81 22.07
CA TYR G 360 -28.95 5.35 22.00
C TYR G 360 -29.96 4.68 22.90
N MET G 361 -30.32 5.31 23.99
CA MET G 361 -31.26 4.66 24.85
C MET G 361 -32.61 5.33 24.99
N ASP G 362 -33.61 4.48 24.81
CA ASP G 362 -35.00 4.85 24.87
C ASP G 362 -35.56 4.54 26.26
N PRO G 363 -36.18 5.54 26.92
CA PRO G 363 -36.36 6.93 26.46
C PRO G 363 -35.14 7.85 26.54
N PRO G 364 -35.05 8.80 25.58
CA PRO G 364 -33.99 9.80 25.38
C PRO G 364 -33.52 10.55 26.63
N ALA G 365 -32.70 9.90 27.46
CA ALA G 365 -32.18 10.56 28.65
C ALA G 365 -30.89 9.95 29.16
N ILE G 366 -29.95 10.81 29.51
CA ILE G 366 -28.67 10.34 30.01
C ILE G 366 -28.92 9.29 31.09
N PRO G 367 -28.30 8.09 30.97
CA PRO G 367 -28.53 7.08 32.01
C PRO G 367 -28.20 7.59 33.40
N ALA G 368 -28.61 6.84 34.42
CA ALA G 368 -28.36 7.22 35.79
C ALA G 368 -26.96 6.78 36.21
N GLY G 369 -26.28 7.63 36.97
CA GLY G 369 -24.94 7.30 37.44
C GLY G 369 -23.84 7.34 36.40
N LEU G 370 -24.02 8.13 35.35
CA LEU G 370 -22.98 8.22 34.33
C LEU G 370 -21.94 9.24 34.76
N ALA G 371 -20.80 8.75 35.22
CA ALA G 371 -19.75 9.64 35.68
C ALA G 371 -18.46 9.34 34.95
N PHE G 372 -17.95 10.33 34.21
CA PHE G 372 -16.71 10.16 33.49
C PHE G 372 -15.52 10.49 34.36
N THR G 373 -14.52 9.62 34.31
CA THR G 373 -13.32 9.84 35.09
C THR G 373 -12.29 10.52 34.24
N SER G 374 -12.36 10.29 32.92
CA SER G 374 -11.38 10.84 31.99
C SER G 374 -11.92 11.74 30.87
N PRO G 375 -11.04 12.57 30.31
CA PRO G 375 -11.36 13.50 29.23
C PRO G 375 -11.48 12.80 27.87
N TRP G 376 -12.33 13.35 27.02
CA TRP G 376 -12.63 12.84 25.69
C TRP G 376 -11.55 12.10 24.92
N PHE G 377 -10.29 12.45 25.15
CA PHE G 377 -9.19 11.85 24.42
C PHE G 377 -8.46 10.73 25.15
N ARG G 378 -8.98 10.30 26.28
CA ARG G 378 -8.36 9.20 26.99
C ARG G 378 -9.26 8.00 26.82
N PHE G 379 -9.87 7.95 25.62
CA PHE G 379 -10.82 6.93 25.19
C PHE G 379 -10.84 5.64 25.96
N SER G 380 -9.68 4.98 26.01
CA SER G 380 -9.56 3.72 26.72
C SER G 380 -10.39 3.74 27.99
N GLU G 381 -10.10 4.71 28.85
CA GLU G 381 -10.78 4.87 30.13
C GLU G 381 -12.25 5.22 30.00
N ARG G 382 -12.59 6.01 28.98
CA ARG G 382 -13.97 6.40 28.80
C ARG G 382 -14.82 5.27 28.26
N ALA G 383 -14.21 4.36 27.51
CA ALA G 383 -14.97 3.25 26.95
C ALA G 383 -15.29 2.29 28.09
N ARG G 384 -14.33 2.11 28.98
CA ARG G 384 -14.51 1.25 30.15
C ARG G 384 -15.77 1.69 30.85
N THR G 385 -15.83 3.00 31.09
CA THR G 385 -16.95 3.63 31.76
C THR G 385 -18.29 3.39 31.03
N ILE G 386 -18.32 3.58 29.72
CA ILE G 386 -19.56 3.37 28.97
C ILE G 386 -19.99 1.91 29.15
N LEU G 387 -19.01 1.03 28.98
CA LEU G 387 -19.20 -0.40 29.11
C LEU G 387 -19.55 -0.84 30.53
N ALA G 388 -19.43 0.03 31.52
CA ALA G 388 -19.76 -0.39 32.88
C ALA G 388 -21.16 -0.04 33.36
N LEU G 389 -22.03 0.47 32.48
CA LEU G 389 -23.38 0.84 32.89
C LEU G 389 -24.33 -0.37 32.95
N GLN G 390 -24.64 -0.83 34.17
CA GLN G 390 -25.52 -1.99 34.40
C GLN G 390 -26.98 -1.85 33.96
N ASN G 391 -27.46 -0.63 33.75
CA ASN G 391 -28.84 -0.41 33.34
C ASN G 391 -29.05 -0.29 31.83
N VAL G 392 -27.99 -0.50 31.06
CA VAL G 392 -28.13 -0.43 29.60
C VAL G 392 -27.64 -1.76 29.07
N ASP G 393 -28.45 -2.46 28.28
CA ASP G 393 -28.01 -3.78 27.81
C ASP G 393 -26.79 -3.75 26.92
N LEU G 394 -25.89 -4.66 27.23
CA LEU G 394 -24.61 -4.81 26.56
C LEU G 394 -24.49 -4.37 25.12
N ASN G 395 -25.21 -5.02 24.21
CA ASN G 395 -25.13 -4.67 22.79
C ASN G 395 -25.13 -3.17 22.54
N ILE G 396 -25.95 -2.44 23.29
CA ILE G 396 -26.01 -1.00 23.11
C ILE G 396 -24.76 -0.33 23.61
N ARG G 397 -24.23 -0.80 24.74
CA ARG G 397 -23.02 -0.21 25.28
C ARG G 397 -21.92 -0.33 24.24
N LYS G 398 -21.77 -1.53 23.66
CA LYS G 398 -20.73 -1.74 22.67
C LYS G 398 -20.88 -0.70 21.57
N LEU G 399 -22.07 -0.63 20.96
CA LEU G 399 -22.33 0.34 19.92
C LEU G 399 -21.90 1.73 20.33
N ILE G 400 -22.35 2.18 21.49
CA ILE G 400 -21.95 3.50 21.99
C ILE G 400 -20.45 3.63 21.81
N VAL G 401 -19.71 2.64 22.29
CA VAL G 401 -18.26 2.65 22.20
C VAL G 401 -17.77 2.66 20.76
N ARG G 402 -18.24 1.71 19.95
CA ARG G 402 -17.80 1.65 18.55
C ARG G 402 -18.08 2.97 17.83
N HIS G 403 -19.29 3.47 17.99
CA HIS G 403 -19.70 4.72 17.35
C HIS G 403 -18.82 5.88 17.86
N LEU G 404 -18.77 6.07 19.17
CA LEU G 404 -17.95 7.14 19.73
C LEU G 404 -16.51 7.07 19.20
N TRP G 405 -15.98 5.85 19.04
CA TRP G 405 -14.62 5.66 18.53
C TRP G 405 -14.44 6.29 17.16
N VAL G 406 -15.30 5.89 16.22
CA VAL G 406 -15.22 6.43 14.88
C VAL G 406 -15.15 7.94 14.91
N ILE G 407 -16.07 8.56 15.65
CA ILE G 407 -16.05 9.99 15.72
C ILE G 407 -14.73 10.47 16.28
N THR G 408 -14.25 9.86 17.35
CA THR G 408 -12.97 10.30 17.88
C THR G 408 -11.91 10.20 16.80
N SER G 409 -11.86 9.06 16.13
CA SER G 409 -10.87 8.85 15.07
C SER G 409 -10.95 10.00 14.08
N LEU G 410 -12.16 10.26 13.59
CA LEU G 410 -12.38 11.33 12.62
C LEU G 410 -11.76 12.65 13.08
N ILE G 411 -12.02 12.99 14.34
CA ILE G 411 -11.47 14.21 14.90
C ILE G 411 -9.96 14.20 14.76
N ALA G 412 -9.34 13.11 15.16
CA ALA G 412 -7.88 12.99 15.10
C ALA G 412 -7.31 13.16 13.70
N VAL G 413 -8.16 12.90 12.71
CA VAL G 413 -7.76 13.02 11.32
C VAL G 413 -8.00 14.42 10.75
N PHE G 414 -9.24 14.90 10.84
CA PHE G 414 -9.64 16.20 10.31
C PHE G 414 -9.17 17.48 11.00
N GLY G 415 -8.84 17.42 12.29
CA GLY G 415 -8.46 18.63 12.99
C GLY G 415 -7.03 19.13 12.92
N ARG G 416 -6.12 18.20 12.70
CA ARG G 416 -4.69 18.49 12.60
C ARG G 416 -4.23 19.86 12.08
N TYR G 417 -4.88 20.43 11.08
CA TYR G 417 -4.40 21.71 10.60
C TYR G 417 -5.03 22.97 11.20
N TYR G 418 -5.68 22.83 12.35
CA TYR G 418 -6.38 23.92 13.02
C TYR G 418 -5.51 25.12 13.45
N ARG G 419 -5.86 26.29 12.94
CA ARG G 419 -5.17 27.54 13.29
C ARG G 419 -6.10 28.66 12.91
N PRO G 420 -6.93 29.10 13.86
CA PRO G 420 -7.94 30.16 13.78
C PRO G 420 -7.36 31.56 13.50
N ASN G 421 -6.44 31.98 14.38
CA ASN G 421 -5.83 33.31 14.43
C ASN G 421 -6.02 34.12 13.09
N MET H 1 11.92 -22.64 -14.70
CA MET H 1 13.16 -23.22 -15.30
C MET H 1 14.36 -22.73 -14.51
N SER H 2 15.30 -22.12 -15.21
CA SER H 2 16.51 -21.60 -14.57
C SER H 2 16.17 -21.15 -13.17
N ARG H 3 17.09 -21.38 -12.25
CA ARG H 3 16.86 -20.95 -10.89
C ARG H 3 16.69 -19.43 -10.97
N GLN H 4 17.44 -18.79 -11.86
CA GLN H 4 17.35 -17.34 -11.98
C GLN H 4 15.94 -16.95 -12.31
N MET H 5 15.41 -17.56 -13.36
CA MET H 5 14.05 -17.29 -13.81
C MET H 5 13.06 -17.38 -12.65
N TRP H 6 13.15 -18.43 -11.84
CA TRP H 6 12.23 -18.55 -10.70
C TRP H 6 12.44 -17.37 -9.73
N LEU H 7 13.68 -16.96 -9.53
CA LEU H 7 13.92 -15.86 -8.63
C LEU H 7 13.31 -14.58 -9.17
N ASP H 8 13.65 -14.22 -10.40
CA ASP H 8 13.10 -13.00 -11.00
C ASP H 8 11.58 -12.93 -10.78
N THR H 9 10.88 -13.96 -11.22
CA THR H 9 9.43 -13.97 -11.06
C THR H 9 9.02 -13.85 -9.60
N SER H 10 9.71 -14.57 -8.72
CA SER H 10 9.39 -14.47 -7.31
C SER H 10 9.41 -12.99 -6.95
N ALA H 11 10.49 -12.32 -7.37
CA ALA H 11 10.68 -10.90 -7.11
C ALA H 11 9.55 -10.04 -7.64
N LEU H 12 9.08 -10.37 -8.84
CA LEU H 12 8.01 -9.64 -9.46
C LEU H 12 6.76 -9.82 -8.63
N LEU H 13 6.52 -11.06 -8.21
CA LEU H 13 5.35 -11.34 -7.40
C LEU H 13 5.44 -10.60 -6.09
N GLU H 14 6.66 -10.53 -5.55
CA GLU H 14 6.89 -9.84 -4.30
C GLU H 14 6.64 -8.36 -4.48
N ALA H 15 6.97 -7.88 -5.68
CA ALA H 15 6.80 -6.49 -6.04
C ALA H 15 5.30 -6.19 -6.16
N ILE H 16 4.57 -7.11 -6.77
CA ILE H 16 3.13 -6.94 -6.90
C ILE H 16 2.55 -6.78 -5.52
N SER H 17 3.04 -7.55 -4.56
CA SER H 17 2.54 -7.42 -3.20
C SER H 17 2.87 -6.03 -2.69
N GLU H 18 4.15 -5.70 -2.70
CA GLU H 18 4.61 -4.40 -2.21
C GLU H 18 3.68 -3.27 -2.64
N TYR H 19 3.41 -3.21 -3.94
CA TYR H 19 2.55 -2.17 -4.47
C TYR H 19 1.08 -2.30 -4.11
N VAL H 20 0.62 -3.53 -3.86
CA VAL H 20 -0.76 -3.70 -3.46
C VAL H 20 -0.89 -3.11 -2.06
N VAL H 21 0.18 -3.20 -1.29
CA VAL H 21 0.14 -2.65 0.05
C VAL H 21 0.17 -1.15 -0.04
N ARG H 22 0.90 -0.66 -1.04
CA ARG H 22 1.06 0.76 -1.28
C ARG H 22 -0.22 1.42 -1.77
N CYS H 23 -1.07 0.62 -2.41
CA CYS H 23 -2.30 1.15 -2.96
C CYS H 23 -3.51 0.99 -2.07
N ASN H 24 -3.42 0.21 -1.01
CA ASN H 24 -4.57 0.05 -0.15
C ASN H 24 -5.00 1.44 0.37
N GLY H 25 -6.27 1.79 0.16
CA GLY H 25 -6.77 3.08 0.63
C GLY H 25 -6.16 4.32 0.01
N ASP H 26 -5.48 4.14 -1.11
CA ASP H 26 -4.84 5.23 -1.84
C ASP H 26 -5.30 5.10 -3.27
N THR H 27 -6.49 4.55 -3.43
CA THR H 27 -7.08 4.35 -4.75
C THR H 27 -8.31 5.23 -4.84
N PHE H 28 -8.10 6.49 -5.18
CA PHE H 28 -9.19 7.44 -5.31
C PHE H 28 -9.72 7.54 -6.75
N SER H 29 -10.90 8.14 -6.89
CA SER H 29 -11.57 8.28 -8.18
C SER H 29 -11.02 9.31 -9.15
N GLY H 30 -10.63 10.49 -8.66
CA GLY H 30 -10.13 11.49 -9.58
C GLY H 30 -8.64 11.40 -9.96
N LEU H 31 -7.91 10.46 -9.37
CA LEU H 31 -6.48 10.31 -9.62
C LEU H 31 -6.04 8.94 -10.03
N THR H 32 -4.80 8.89 -10.50
CA THR H 32 -4.18 7.63 -10.85
C THR H 32 -2.82 7.86 -10.21
N THR H 33 -2.68 7.34 -9.00
CA THR H 33 -1.46 7.43 -8.19
C THR H 33 -0.32 6.68 -8.87
N GLY H 34 0.85 7.31 -8.97
CA GLY H 34 1.97 6.63 -9.60
C GLY H 34 2.08 5.17 -9.23
N ASP H 35 1.81 4.86 -7.97
CA ASP H 35 1.87 3.48 -7.48
C ASP H 35 0.90 2.57 -8.21
N PHE H 36 -0.38 2.96 -8.22
CA PHE H 36 -1.39 2.15 -8.88
C PHE H 36 -1.06 1.94 -10.35
N ASN H 37 -0.57 2.98 -11.01
CA ASN H 37 -0.22 2.86 -12.42
C ASN H 37 0.81 1.75 -12.57
N ALA H 38 1.75 1.67 -11.64
CA ALA H 38 2.76 0.61 -11.71
C ALA H 38 2.14 -0.75 -11.40
N LEU H 39 1.32 -0.79 -10.36
CA LEU H 39 0.66 -2.02 -9.96
C LEU H 39 -0.12 -2.56 -11.15
N SER H 40 -0.87 -1.67 -11.81
CA SER H 40 -1.67 -2.07 -12.97
C SER H 40 -0.79 -2.74 -14.01
N ASN H 41 0.34 -2.09 -14.29
CA ASN H 41 1.28 -2.59 -15.28
C ASN H 41 1.99 -3.87 -14.89
N MET H 42 2.06 -4.16 -13.60
CA MET H 42 2.72 -5.40 -13.20
C MET H 42 1.71 -6.51 -13.41
N PHE H 43 0.47 -6.30 -12.95
CA PHE H 43 -0.58 -7.28 -13.13
C PHE H 43 -0.57 -7.74 -14.57
N THR H 44 -0.52 -6.76 -15.47
CA THR H 44 -0.52 -7.01 -16.90
C THR H 44 0.72 -7.77 -17.37
N GLN H 45 1.84 -7.52 -16.71
CA GLN H 45 3.10 -8.17 -17.07
C GLN H 45 3.17 -9.64 -16.66
N LEU H 46 2.07 -10.15 -16.10
CA LEU H 46 2.03 -11.55 -15.67
C LEU H 46 1.57 -12.53 -16.79
N SER H 47 0.40 -12.27 -17.41
CA SER H 47 -0.15 -13.10 -18.52
C SER H 47 0.74 -13.19 -19.78
N VAL H 54 -8.40 -5.95 -17.61
CA VAL H 54 -8.23 -6.61 -16.30
C VAL H 54 -9.13 -5.96 -15.26
N SER H 55 -10.42 -6.27 -15.37
CA SER H 55 -11.40 -5.72 -14.47
C SER H 55 -11.23 -6.16 -13.03
N ASP H 56 -10.73 -7.38 -12.83
CA ASP H 56 -10.53 -7.90 -11.49
C ASP H 56 -9.16 -8.52 -11.41
N PRO H 57 -8.24 -7.89 -10.66
CA PRO H 57 -6.89 -8.44 -10.54
C PRO H 57 -6.89 -9.74 -9.76
N ARG H 58 -7.90 -9.95 -8.94
CA ARG H 58 -7.98 -11.17 -8.17
C ARG H 58 -7.91 -12.39 -9.08
N VAL H 59 -8.64 -12.34 -10.18
CA VAL H 59 -8.70 -13.46 -11.11
C VAL H 59 -7.39 -14.02 -11.63
N PRO H 60 -6.65 -13.24 -12.42
CA PRO H 60 -5.39 -13.76 -12.94
C PRO H 60 -4.44 -14.22 -11.83
N LEU H 61 -4.39 -13.42 -10.76
CA LEU H 61 -3.53 -13.69 -9.61
C LEU H 61 -3.89 -15.04 -9.01
N GLN H 62 -5.19 -15.29 -8.92
CA GLN H 62 -5.73 -16.54 -8.37
C GLN H 62 -5.30 -17.66 -9.28
N THR H 63 -5.70 -17.58 -10.53
CA THR H 63 -5.34 -18.59 -11.51
C THR H 63 -3.88 -18.96 -11.42
N MET H 64 -3.03 -17.96 -11.22
CA MET H 64 -1.59 -18.18 -11.14
C MET H 64 -1.25 -19.04 -9.93
N SER H 65 -1.77 -18.68 -8.76
CA SER H 65 -1.52 -19.46 -7.55
C SER H 65 -2.03 -20.88 -7.72
N ASN H 66 -3.27 -21.02 -8.21
CA ASN H 66 -3.86 -22.32 -8.41
C ASN H 66 -2.99 -23.18 -9.31
N MET H 67 -2.61 -22.65 -10.47
CA MET H 67 -1.77 -23.42 -11.36
C MET H 67 -0.45 -23.80 -10.69
N PHE H 68 -0.05 -23.01 -9.70
CA PHE H 68 1.20 -23.29 -8.98
C PHE H 68 1.09 -24.45 -8.01
N VAL H 69 0.12 -24.40 -7.11
CA VAL H 69 -0.04 -25.46 -6.14
C VAL H 69 -0.06 -26.80 -6.85
N SER H 70 -0.85 -26.91 -7.91
CA SER H 70 -0.95 -28.17 -8.64
C SER H 70 0.35 -28.59 -9.29
N PHE H 71 1.30 -27.67 -9.36
CA PHE H 71 2.60 -27.97 -9.96
C PHE H 71 3.60 -28.40 -8.89
N ILE H 72 3.79 -27.55 -7.89
CA ILE H 72 4.73 -27.84 -6.82
C ILE H 72 4.27 -29.07 -6.03
N THR H 73 3.01 -29.43 -6.22
CA THR H 73 2.41 -30.55 -5.53
C THR H 73 2.59 -31.89 -6.24
N SER H 74 3.24 -31.88 -7.40
CA SER H 74 3.44 -33.11 -8.17
C SER H 74 4.87 -33.40 -8.60
N THR H 75 5.52 -34.30 -7.89
CA THR H 75 6.89 -34.69 -8.17
C THR H 75 7.19 -34.85 -9.64
N ASP H 76 6.27 -35.48 -10.36
CA ASP H 76 6.43 -35.74 -11.79
C ASP H 76 6.70 -34.45 -12.58
N ARG H 77 6.11 -33.33 -12.14
CA ARG H 77 6.28 -32.05 -12.82
C ARG H 77 7.48 -31.26 -12.32
N CYS H 78 7.38 -30.79 -11.07
CA CYS H 78 8.44 -29.99 -10.44
C CYS H 78 9.68 -30.78 -10.04
N GLY H 79 9.77 -32.03 -10.46
CA GLY H 79 10.92 -32.84 -10.11
C GLY H 79 12.24 -32.16 -10.44
N TYR H 80 12.33 -31.66 -11.65
CA TYR H 80 13.56 -31.02 -12.10
C TYR H 80 14.09 -29.99 -11.12
N MET H 81 13.21 -29.33 -10.38
CA MET H 81 13.64 -28.31 -9.41
C MET H 81 14.29 -28.93 -8.19
N LEU H 82 13.92 -30.19 -7.91
CA LEU H 82 14.45 -30.89 -6.75
C LEU H 82 15.76 -31.59 -7.02
N ARG H 83 16.21 -31.55 -8.26
CA ARG H 83 17.46 -32.19 -8.61
C ARG H 83 18.63 -31.36 -8.09
N LYS H 84 19.79 -32.00 -7.95
CA LYS H 84 20.98 -31.36 -7.42
C LYS H 84 21.43 -30.15 -8.23
N THR H 85 21.41 -30.28 -9.55
CA THR H 85 21.85 -29.24 -10.46
C THR H 85 21.10 -27.91 -10.44
N TRP H 86 19.78 -27.97 -10.36
CA TRP H 86 18.94 -26.77 -10.35
C TRP H 86 19.44 -25.65 -9.45
N PHE H 87 19.90 -26.03 -8.26
CA PHE H 87 20.42 -25.10 -7.27
C PHE H 87 21.82 -24.61 -7.63
N ASN H 88 22.64 -25.53 -8.11
CA ASN H 88 24.03 -25.26 -8.47
C ASN H 88 24.29 -24.34 -9.65
N SER H 89 23.60 -24.55 -10.77
CA SER H 89 23.85 -23.73 -11.96
C SER H 89 22.72 -22.93 -12.57
N ASP H 90 23.11 -21.96 -13.40
CA ASP H 90 22.19 -21.11 -14.12
C ASP H 90 21.91 -21.82 -15.44
N THR H 91 22.14 -23.14 -15.46
CA THR H 91 21.95 -23.93 -16.67
C THR H 91 20.49 -24.19 -17.07
N LYS H 92 20.26 -24.10 -18.38
CA LYS H 92 18.96 -24.30 -19.02
C LYS H 92 18.29 -25.64 -18.67
N PRO H 93 17.03 -25.61 -18.24
CA PRO H 93 16.29 -26.82 -17.87
C PRO H 93 15.76 -27.49 -19.12
N THR H 94 15.66 -28.81 -19.08
CA THR H 94 15.18 -29.58 -20.22
C THR H 94 13.66 -29.72 -20.18
N VAL H 95 13.08 -29.44 -19.02
CA VAL H 95 11.65 -29.57 -18.80
C VAL H 95 10.74 -28.63 -19.57
N SER H 96 9.65 -29.21 -20.07
CA SER H 96 8.66 -28.45 -20.82
C SER H 96 7.28 -28.70 -20.21
N ASP H 97 6.93 -27.83 -19.25
CA ASP H 97 5.66 -27.87 -18.53
C ASP H 97 5.10 -26.46 -18.71
N ASP H 98 3.81 -26.35 -18.98
CA ASP H 98 3.24 -25.03 -19.24
C ASP H 98 3.14 -24.04 -18.09
N PHE H 99 3.16 -24.49 -16.84
CA PHE H 99 3.11 -23.52 -15.76
C PHE H 99 4.36 -22.69 -15.83
N ILE H 100 5.47 -23.37 -16.07
CA ILE H 100 6.77 -22.73 -16.19
C ILE H 100 6.79 -21.74 -17.35
N THR H 101 6.35 -22.21 -18.51
CA THR H 101 6.31 -21.41 -19.72
C THR H 101 5.40 -20.18 -19.55
N THR H 102 4.25 -20.39 -18.93
CA THR H 102 3.29 -19.32 -18.70
C THR H 102 3.80 -18.22 -17.77
N TYR H 103 4.20 -18.59 -16.55
CA TYR H 103 4.65 -17.62 -15.56
C TYR H 103 6.15 -17.44 -15.28
N ILE H 104 6.94 -18.50 -15.38
CA ILE H 104 8.36 -18.39 -15.08
C ILE H 104 9.26 -18.09 -16.27
N ARG H 105 9.82 -16.88 -16.25
CA ARG H 105 10.73 -16.42 -17.29
C ARG H 105 11.35 -15.11 -16.81
N PRO H 106 12.54 -14.75 -17.33
CA PRO H 106 13.24 -13.52 -16.95
C PRO H 106 12.34 -12.30 -16.85
N ARG H 107 12.54 -11.52 -15.80
CA ARG H 107 11.71 -10.35 -15.57
C ARG H 107 12.51 -9.10 -15.29
N LEU H 108 13.69 -9.29 -14.71
CA LEU H 108 14.52 -8.16 -14.34
C LEU H 108 15.37 -7.57 -15.43
N GLN H 109 15.36 -6.24 -15.48
CA GLN H 109 16.13 -5.48 -16.45
C GLN H 109 17.57 -5.80 -16.14
N VAL H 110 18.46 -5.66 -17.10
CA VAL H 110 19.85 -5.97 -16.83
C VAL H 110 20.73 -5.13 -17.75
N PRO H 111 21.93 -4.77 -17.29
CA PRO H 111 22.53 -5.09 -15.99
C PRO H 111 21.99 -4.22 -14.86
N MET H 112 21.32 -3.14 -15.23
CA MET H 112 20.77 -2.19 -14.27
C MET H 112 20.16 -2.73 -12.98
N SER H 113 19.30 -3.75 -13.07
CA SER H 113 18.66 -4.32 -11.89
C SER H 113 19.66 -4.69 -10.82
N ASP H 114 20.83 -5.15 -11.27
CA ASP H 114 21.91 -5.57 -10.40
C ASP H 114 22.72 -4.39 -9.86
N THR H 115 23.23 -3.57 -10.76
CA THR H 115 24.02 -2.42 -10.36
C THR H 115 23.25 -1.58 -9.34
N VAL H 116 21.96 -1.85 -9.18
CA VAL H 116 21.18 -1.11 -8.20
C VAL H 116 21.31 -1.80 -6.86
N ARG H 117 20.98 -3.11 -6.81
CA ARG H 117 21.05 -3.86 -5.56
C ARG H 117 22.45 -3.84 -4.99
N GLN H 118 23.41 -3.49 -5.84
CA GLN H 118 24.80 -3.40 -5.42
C GLN H 118 24.93 -2.04 -4.75
N LEU H 119 24.52 -1.03 -5.51
CA LEU H 119 24.56 0.34 -5.06
C LEU H 119 23.75 0.46 -3.81
N ASN H 120 22.92 -0.55 -3.56
CA ASN H 120 22.07 -0.53 -2.40
C ASN H 120 22.85 -0.72 -1.13
N ASN H 121 23.39 -1.92 -0.96
CA ASN H 121 24.18 -2.25 0.22
C ASN H 121 24.73 -1.03 0.98
N LEU H 122 25.16 -0.03 0.23
CA LEU H 122 25.72 1.20 0.79
C LEU H 122 24.72 2.29 1.20
N SER H 123 23.43 2.08 0.95
CA SER H 123 22.47 3.12 1.32
C SER H 123 22.25 3.25 2.84
N LEU H 124 22.00 4.49 3.28
CA LEU H 124 21.80 4.85 4.68
C LEU H 124 20.69 4.12 5.43
N GLN H 125 19.53 4.00 4.84
CA GLN H 125 18.45 3.34 5.55
C GLN H 125 17.78 2.23 4.73
N PRO H 126 18.36 1.02 4.74
CA PRO H 126 17.88 -0.17 4.02
C PRO H 126 16.60 -0.65 4.65
N SER H 127 15.89 -1.59 4.03
CA SER H 127 14.63 -2.00 4.65
C SER H 127 14.86 -2.72 5.96
N ALA H 128 14.02 -2.41 6.94
CA ALA H 128 14.09 -3.05 8.25
C ALA H 128 13.69 -4.51 8.08
N LYS H 129 12.61 -4.74 7.33
CA LYS H 129 12.10 -6.09 7.10
C LYS H 129 12.23 -6.42 5.63
N PRO H 130 13.37 -6.99 5.24
CA PRO H 130 13.70 -7.37 3.86
C PRO H 130 12.78 -8.37 3.18
N LYS H 131 12.76 -8.30 1.85
CA LYS H 131 11.94 -9.22 1.04
C LYS H 131 12.65 -10.56 1.01
N LEU H 132 11.91 -11.61 0.65
CA LEU H 132 12.49 -12.92 0.58
C LEU H 132 13.54 -12.93 -0.53
N TYR H 133 13.34 -12.10 -1.55
CA TYR H 133 14.27 -12.03 -2.68
C TYR H 133 15.70 -11.95 -2.17
N GLU H 134 15.98 -10.91 -1.39
CA GLU H 134 17.32 -10.70 -0.86
C GLU H 134 17.89 -11.95 -0.19
N ARG H 135 17.11 -12.59 0.69
CA ARG H 135 17.59 -13.81 1.37
C ARG H 135 17.84 -14.89 0.36
N GLN H 136 16.88 -15.06 -0.54
CA GLN H 136 17.00 -16.03 -1.58
C GLN H 136 18.36 -15.87 -2.24
N ASN H 137 18.68 -14.66 -2.67
CA ASN H 137 19.96 -14.44 -3.31
C ASN H 137 21.17 -14.83 -2.46
N ALA H 138 21.15 -14.48 -1.18
CA ALA H 138 22.28 -14.84 -0.33
C ALA H 138 22.39 -16.36 -0.23
N ILE H 139 21.34 -16.97 0.31
CA ILE H 139 21.29 -18.41 0.47
C ILE H 139 21.63 -19.22 -0.78
N MET H 140 21.43 -18.63 -1.95
CA MET H 140 21.69 -19.37 -3.20
C MET H 140 22.94 -18.97 -3.97
N LYS H 141 23.12 -17.69 -4.27
CA LYS H 141 24.30 -17.25 -5.00
C LYS H 141 25.36 -16.66 -4.07
N GLY H 142 25.03 -16.58 -2.79
CA GLY H 142 25.96 -16.03 -1.82
C GLY H 142 26.26 -14.58 -2.13
N LEU H 143 25.21 -13.78 -2.15
CA LEU H 143 25.36 -12.38 -2.44
C LEU H 143 25.35 -11.58 -1.18
N ASP H 144 25.96 -10.41 -1.25
CA ASP H 144 26.05 -9.51 -0.11
C ASP H 144 24.73 -8.89 0.31
N ILE H 145 24.55 -8.77 1.63
CA ILE H 145 23.36 -8.17 2.23
C ILE H 145 23.75 -6.71 2.51
N PRO H 146 22.77 -5.79 2.62
CA PRO H 146 23.10 -4.39 2.88
C PRO H 146 23.89 -4.20 4.16
N TYR H 147 25.00 -3.49 4.02
CA TYR H 147 25.89 -3.24 5.15
C TYR H 147 25.15 -2.70 6.35
N SER H 148 24.22 -1.77 6.13
CA SER H 148 23.52 -1.18 7.26
C SER H 148 22.21 -1.86 7.71
N GLU H 149 21.97 -3.08 7.25
CA GLU H 149 20.74 -3.80 7.60
C GLU H 149 20.83 -4.40 8.98
N PRO H 150 19.85 -4.09 9.85
CA PRO H 150 19.85 -4.64 11.21
C PRO H 150 19.30 -6.06 11.26
N ILE H 151 19.73 -6.81 12.27
CA ILE H 151 19.28 -8.19 12.49
C ILE H 151 19.28 -8.48 13.99
N GLU H 152 18.43 -9.43 14.41
CA GLU H 152 18.37 -9.80 15.82
C GLU H 152 19.47 -10.87 15.90
N PRO H 153 20.51 -10.66 16.72
CA PRO H 153 21.60 -11.63 16.83
C PRO H 153 21.24 -13.07 17.20
N CYS H 154 20.30 -13.25 18.10
CA CYS H 154 19.93 -14.60 18.49
C CYS H 154 19.58 -15.52 17.32
N LYS H 155 19.33 -14.95 16.15
CA LYS H 155 19.02 -15.77 14.98
C LYS H 155 20.34 -16.31 14.50
N LEU H 156 21.33 -15.42 14.42
CA LEU H 156 22.65 -15.76 13.97
C LEU H 156 23.27 -16.93 14.71
N PHE H 157 22.70 -17.25 15.87
CA PHE H 157 23.24 -18.32 16.71
C PHE H 157 23.30 -19.72 16.16
N ARG H 158 24.44 -20.35 16.37
CA ARG H 158 24.66 -21.73 15.97
C ARG H 158 25.29 -22.38 17.18
N SER H 159 25.42 -23.71 17.13
CA SER H 159 25.99 -24.44 18.24
C SER H 159 27.50 -24.50 18.09
N VAL H 160 28.20 -24.44 19.22
CA VAL H 160 29.67 -24.49 19.24
C VAL H 160 30.25 -25.40 20.32
N ALA H 161 31.58 -25.47 20.36
CA ALA H 161 32.31 -26.29 21.31
C ALA H 161 31.64 -26.39 22.68
N GLY H 162 31.83 -25.35 23.49
CA GLY H 162 31.29 -25.32 24.84
C GLY H 162 29.78 -25.29 25.01
N GLN H 163 29.10 -24.42 24.28
CA GLN H 163 27.65 -24.31 24.38
C GLN H 163 26.87 -25.13 23.37
N THR H 164 25.89 -25.88 23.88
CA THR H 164 25.03 -26.70 23.05
C THR H 164 24.07 -25.79 22.30
N GLY H 165 23.41 -24.90 23.04
CA GLY H 165 22.48 -23.98 22.44
C GLY H 165 22.46 -22.59 23.08
N ASN H 166 21.44 -21.81 22.77
CA ASN H 166 21.31 -20.46 23.31
C ASN H 166 20.18 -20.42 24.34
N ILE H 167 18.94 -20.50 23.89
CA ILE H 167 17.82 -20.45 24.83
C ILE H 167 17.89 -21.50 25.94
N PRO H 168 18.48 -22.69 25.65
CA PRO H 168 18.55 -23.70 26.71
C PRO H 168 19.42 -23.29 27.92
N MET H 169 20.50 -22.56 27.65
CA MET H 169 21.41 -22.10 28.70
C MET H 169 20.67 -21.30 29.75
N MET H 170 19.46 -20.87 29.42
CA MET H 170 18.65 -20.07 30.33
C MET H 170 18.37 -20.81 31.64
N GLY H 171 17.88 -22.04 31.54
CA GLY H 171 17.60 -22.81 32.75
C GLY H 171 18.84 -22.97 33.62
N ILE H 172 20.00 -23.00 32.98
CA ILE H 172 21.27 -23.15 33.66
C ILE H 172 21.73 -21.85 34.32
N LEU H 173 21.70 -20.76 33.56
CA LEU H 173 22.11 -19.46 34.09
C LEU H 173 21.18 -19.06 35.26
N ALA H 174 20.10 -19.81 35.47
CA ALA H 174 19.15 -19.51 36.53
C ALA H 174 19.41 -20.31 37.78
N THR H 175 20.26 -21.32 37.64
CA THR H 175 20.61 -22.20 38.75
C THR H 175 21.86 -21.69 39.47
N PRO H 176 21.77 -21.46 40.79
CA PRO H 176 22.94 -20.98 41.52
C PRO H 176 24.12 -21.88 41.17
N PRO H 177 25.32 -21.30 41.06
CA PRO H 177 26.54 -22.04 40.74
C PRO H 177 27.14 -22.85 41.88
N ALA H 178 27.97 -23.84 41.53
CA ALA H 178 28.64 -24.69 42.51
C ALA H 178 30.03 -24.13 42.83
N ALA H 179 30.68 -23.58 41.80
CA ALA H 179 32.01 -22.99 41.91
C ALA H 179 32.15 -22.13 40.65
N GLN H 180 33.24 -21.36 40.54
CA GLN H 180 33.41 -20.51 39.36
C GLN H 180 33.34 -21.34 38.09
N GLN H 181 32.34 -21.06 37.26
CA GLN H 181 32.12 -21.80 36.02
C GLN H 181 32.87 -21.24 34.81
N GLN H 182 32.42 -21.65 33.62
CA GLN H 182 33.08 -21.18 32.41
C GLN H 182 32.33 -20.06 31.72
N PRO H 183 33.02 -19.32 30.85
CA PRO H 183 32.45 -18.18 30.11
C PRO H 183 31.19 -18.55 29.33
N PHE H 184 30.15 -17.73 29.44
CA PHE H 184 28.92 -17.98 28.69
C PHE H 184 28.75 -16.85 27.69
N PHE H 185 28.13 -17.15 26.56
CA PHE H 185 27.93 -16.16 25.51
C PHE H 185 26.57 -16.37 24.85
N VAL H 186 25.53 -15.73 25.39
CA VAL H 186 24.19 -15.86 24.84
C VAL H 186 23.76 -14.62 24.07
N ALA H 187 22.62 -14.72 23.40
CA ALA H 187 22.10 -13.61 22.62
C ALA H 187 20.59 -13.55 22.70
N GLU H 188 20.06 -12.32 22.68
CA GLU H 188 18.64 -12.04 22.75
C GLU H 188 18.19 -11.46 21.43
N ARG H 189 17.03 -10.83 21.43
CA ARG H 189 16.53 -10.19 20.22
C ARG H 189 17.26 -8.87 20.02
N ARG H 190 17.35 -8.08 21.09
CA ARG H 190 17.99 -6.79 20.96
C ARG H 190 19.32 -6.61 21.69
N ARG H 191 19.93 -7.71 22.16
CA ARG H 191 21.23 -7.56 22.83
C ARG H 191 22.08 -8.84 23.00
N ILE H 192 23.39 -8.64 23.08
CA ILE H 192 24.41 -9.68 23.23
C ILE H 192 24.84 -9.76 24.69
N LEU H 193 24.84 -10.96 25.26
CA LEU H 193 25.25 -11.15 26.66
C LEU H 193 26.46 -12.07 26.82
N PHE H 194 27.41 -11.65 27.65
CA PHE H 194 28.57 -12.48 27.92
C PHE H 194 29.02 -12.23 29.35
N GLY H 195 29.58 -13.25 30.00
CA GLY H 195 30.03 -13.11 31.36
C GLY H 195 30.57 -14.37 32.02
N ILE H 196 30.76 -14.30 33.34
CA ILE H 196 31.26 -15.44 34.11
C ILE H 196 30.56 -15.47 35.46
N ARG H 197 29.84 -16.56 35.72
CA ARG H 197 29.13 -16.69 36.98
C ARG H 197 30.02 -17.39 37.99
N SER H 198 29.68 -17.27 39.28
CA SER H 198 30.44 -17.90 40.38
C SER H 198 29.75 -17.65 41.75
N ASN H 199 29.92 -18.59 42.68
CA ASN H 199 29.33 -18.47 44.02
C ASN H 199 30.31 -17.74 44.92
N ALA H 200 31.52 -17.55 44.40
CA ALA H 200 32.60 -16.87 45.10
C ALA H 200 33.21 -15.78 44.22
N ALA H 201 33.32 -14.59 44.79
CA ALA H 201 33.87 -13.42 44.11
C ALA H 201 35.03 -13.68 43.15
N ILE H 202 35.04 -12.91 42.06
CA ILE H 202 36.10 -13.02 41.06
C ILE H 202 36.96 -11.78 41.24
N PRO H 203 38.27 -11.98 41.36
CA PRO H 203 39.24 -10.88 41.54
C PRO H 203 39.16 -9.81 40.46
N ALA H 204 39.70 -8.63 40.77
CA ALA H 204 39.72 -7.56 39.80
C ALA H 204 40.98 -7.77 38.96
N GLY H 205 40.87 -7.57 37.66
CA GLY H 205 42.01 -7.75 36.76
C GLY H 205 41.59 -7.85 35.30
N ALA H 206 42.36 -8.56 34.50
CA ALA H 206 42.04 -8.71 33.08
C ALA H 206 41.58 -10.10 32.71
N TYR H 207 40.46 -10.18 32.00
CA TYR H 207 39.92 -11.46 31.57
C TYR H 207 39.73 -11.49 30.08
N GLN H 208 40.05 -12.61 29.47
CA GLN H 208 39.91 -12.69 28.03
C GLN H 208 38.73 -13.51 27.61
N PHE H 209 37.89 -12.92 26.77
CA PHE H 209 36.75 -13.65 26.24
C PHE H 209 36.99 -13.89 24.75
N VAL H 210 36.47 -15.01 24.27
CA VAL H 210 36.60 -15.37 22.86
C VAL H 210 35.21 -15.24 22.22
N VAL H 211 35.12 -14.55 21.08
CA VAL H 211 33.83 -14.38 20.42
C VAL H 211 33.50 -15.63 19.59
N PRO H 212 32.37 -16.28 19.93
CA PRO H 212 31.92 -17.49 19.24
C PRO H 212 31.93 -17.27 17.74
N ALA H 213 32.15 -18.32 16.98
CA ALA H 213 32.20 -18.20 15.52
C ALA H 213 30.97 -17.51 14.91
N TRP H 214 29.81 -17.62 15.54
CA TRP H 214 28.62 -17.02 14.98
C TRP H 214 28.52 -15.54 15.24
N ALA H 215 28.80 -15.13 16.47
CA ALA H 215 28.72 -13.73 16.82
C ALA H 215 29.87 -12.92 16.25
N SER H 216 30.91 -13.61 15.78
CA SER H 216 32.08 -12.93 15.23
C SER H 216 31.82 -12.17 13.94
N VAL H 217 30.54 -11.99 13.62
CA VAL H 217 30.14 -11.29 12.41
C VAL H 217 29.42 -10.01 12.77
N LEU H 218 28.77 -10.02 13.93
CA LEU H 218 28.05 -8.84 14.39
C LEU H 218 28.89 -7.55 14.38
N SER H 219 28.20 -6.42 14.55
CA SER H 219 28.76 -5.07 14.62
C SER H 219 27.69 -4.27 15.34
N VAL H 220 28.07 -3.37 16.23
CA VAL H 220 27.06 -2.59 16.92
C VAL H 220 27.32 -1.10 16.87
N THR H 221 26.21 -0.36 16.86
CA THR H 221 26.21 1.09 16.82
C THR H 221 25.12 1.51 17.81
N GLY H 222 25.28 2.68 18.43
CA GLY H 222 24.30 3.15 19.39
C GLY H 222 24.09 2.13 20.50
N ALA H 223 25.19 1.64 21.05
CA ALA H 223 25.11 0.64 22.09
C ALA H 223 25.40 1.10 23.50
N TYR H 224 24.61 0.58 24.43
CA TYR H 224 24.75 0.87 25.85
C TYR H 224 25.30 -0.43 26.44
N VAL H 225 26.58 -0.47 26.79
CA VAL H 225 27.18 -1.67 27.37
C VAL H 225 27.19 -1.54 28.89
N TYR H 226 26.41 -2.40 29.57
CA TYR H 226 26.31 -2.36 31.04
C TYR H 226 26.24 -3.75 31.67
N PHE H 227 26.12 -3.79 33.01
CA PHE H 227 26.04 -5.04 33.77
C PHE H 227 24.60 -5.40 34.07
N THR H 228 24.24 -6.68 33.94
CA THR H 228 22.87 -7.08 34.22
C THR H 228 22.72 -8.51 34.72
N ASN H 229 21.52 -8.83 35.20
CA ASN H 229 21.21 -10.14 35.73
C ASN H 229 19.97 -10.76 35.06
N SER H 230 19.67 -10.28 33.86
CA SER H 230 18.50 -10.76 33.13
C SER H 230 18.85 -11.33 31.76
N PHE H 231 18.10 -12.33 31.33
CA PHE H 231 18.31 -12.96 30.04
C PHE H 231 16.94 -13.39 29.54
N PHE H 232 16.44 -12.67 28.55
CA PHE H 232 15.13 -12.94 27.99
C PHE H 232 14.04 -12.76 29.03
N GLY H 233 14.32 -11.94 30.04
CA GLY H 233 13.34 -11.69 31.08
C GLY H 233 13.45 -12.73 32.18
N THR H 234 14.52 -13.50 32.13
CA THR H 234 14.75 -14.54 33.12
C THR H 234 15.97 -14.20 33.95
N ILE H 235 15.87 -14.39 35.26
CA ILE H 235 16.96 -14.08 36.17
C ILE H 235 18.21 -14.91 36.04
N ILE H 236 19.34 -14.23 35.95
CA ILE H 236 20.64 -14.88 35.84
C ILE H 236 21.22 -14.93 37.26
N ALA H 237 21.17 -16.09 37.90
CA ALA H 237 21.71 -16.21 39.25
C ALA H 237 23.21 -16.50 39.20
N GLY H 238 23.91 -16.30 40.33
CA GLY H 238 25.33 -16.55 40.36
C GLY H 238 26.10 -15.39 39.76
N VAL H 239 25.43 -14.26 39.72
CA VAL H 239 25.99 -13.04 39.19
C VAL H 239 25.27 -11.89 39.88
N THR H 240 26.01 -10.85 40.22
CA THR H 240 25.43 -9.69 40.88
C THR H 240 25.97 -8.41 40.29
N ALA H 241 25.07 -7.61 39.75
CA ALA H 241 25.44 -6.35 39.18
C ALA H 241 25.14 -5.35 40.28
N THR H 242 26.18 -4.86 40.92
CA THR H 242 26.03 -3.90 41.98
C THR H 242 27.25 -3.02 41.93
N ALA H 243 27.10 -1.75 42.32
CA ALA H 243 28.23 -0.85 42.30
C ALA H 243 28.14 0.30 43.31
N THR H 244 29.07 1.23 43.17
CA THR H 244 29.15 2.39 44.04
C THR H 244 29.82 3.49 43.25
N ALA H 245 29.33 4.71 43.43
CA ALA H 245 29.89 5.85 42.73
C ALA H 245 31.42 5.87 42.86
N ALA H 246 31.95 5.03 43.74
CA ALA H 246 33.39 4.94 43.99
C ALA H 246 34.14 3.95 43.09
N ASP H 247 33.55 2.76 42.89
CA ASP H 247 34.14 1.71 42.06
C ASP H 247 35.08 2.21 40.96
N ALA H 248 36.14 1.46 40.71
CA ALA H 248 37.10 1.83 39.68
C ALA H 248 36.45 1.55 38.33
N ALA H 249 36.91 2.25 37.30
CA ALA H 249 36.36 2.10 35.96
C ALA H 249 36.55 0.72 35.31
N THR H 250 35.45 0.13 34.85
CA THR H 250 35.47 -1.18 34.19
C THR H 250 35.37 -0.98 32.68
N THR H 251 36.39 -1.39 31.93
CA THR H 251 36.36 -1.20 30.49
C THR H 251 36.67 -2.49 29.73
N PHE H 252 36.66 -2.41 28.40
CA PHE H 252 36.95 -3.55 27.54
C PHE H 252 37.55 -3.06 26.23
N THR H 253 38.19 -3.95 25.49
CA THR H 253 38.81 -3.59 24.22
C THR H 253 38.68 -4.69 23.16
N VAL H 254 38.72 -4.29 21.89
CA VAL H 254 38.63 -5.24 20.80
C VAL H 254 39.70 -4.88 19.78
N PRO H 255 40.29 -5.89 19.11
CA PRO H 255 41.34 -5.74 18.10
C PRO H 255 41.04 -4.62 17.11
N THR H 256 39.75 -4.47 16.85
CA THR H 256 39.23 -3.48 15.93
C THR H 256 39.59 -2.04 16.29
N ASP H 257 39.16 -1.61 17.46
CA ASP H 257 39.39 -0.25 17.95
C ASP H 257 40.49 -0.19 18.99
N ALA H 258 41.46 0.69 18.73
CA ALA H 258 42.60 0.88 19.61
C ALA H 258 42.32 1.59 20.94
N ASN H 259 41.06 1.92 21.22
CA ASN H 259 40.76 2.61 22.48
C ASN H 259 39.86 1.83 23.42
N ASN H 260 39.91 2.21 24.68
CA ASN H 260 39.12 1.55 25.71
C ASN H 260 37.64 1.92 25.66
N LEU H 261 36.77 0.92 25.67
CA LEU H 261 35.33 1.16 25.64
C LEU H 261 34.69 0.91 27.00
N PRO H 262 34.18 1.98 27.62
CA PRO H 262 33.53 1.98 28.93
C PRO H 262 32.30 1.10 29.10
N VAL H 263 32.08 0.67 30.34
CA VAL H 263 30.95 -0.15 30.68
C VAL H 263 30.24 0.60 31.81
N GLN H 264 28.90 0.55 31.80
CA GLN H 264 28.10 1.24 32.81
C GLN H 264 28.12 2.77 32.57
N THR H 265 28.19 3.15 31.30
CA THR H 265 28.24 4.56 30.89
C THR H 265 27.07 4.97 30.03
N ASP H 266 26.66 6.22 30.16
CA ASP H 266 25.57 6.74 29.35
C ASP H 266 26.16 7.15 28.01
N SER H 267 26.95 6.27 27.39
CA SER H 267 27.56 6.60 26.11
C SER H 267 27.15 5.63 25.01
N ARG H 268 26.92 6.17 23.82
CA ARG H 268 26.53 5.38 22.65
C ARG H 268 27.82 4.86 22.01
N LEU H 269 28.02 3.56 22.09
CA LEU H 269 29.23 2.93 21.57
C LEU H 269 29.10 2.26 20.23
N SER H 270 30.20 2.29 19.47
CA SER H 270 30.30 1.68 18.14
C SER H 270 31.57 0.81 18.08
N PHE H 271 31.37 -0.50 17.96
CA PHE H 271 32.51 -1.42 17.91
C PHE H 271 32.09 -2.71 17.23
N SER H 272 33.05 -3.47 16.71
CA SER H 272 32.65 -4.70 16.08
C SER H 272 33.21 -5.94 16.74
N LEU H 273 32.41 -6.98 16.75
CA LEU H 273 32.94 -8.18 17.33
C LEU H 273 33.72 -8.92 16.25
N GLY H 274 34.10 -8.29 15.14
CA GLY H 274 34.82 -9.05 14.12
C GLY H 274 36.24 -9.45 14.51
N GLY H 275 36.66 -8.97 15.67
CA GLY H 275 38.00 -9.24 16.17
C GLY H 275 38.26 -10.68 16.58
N GLY H 276 37.22 -11.33 17.09
CA GLY H 276 37.34 -12.71 17.53
C GLY H 276 37.51 -12.87 19.02
N ASN H 277 37.71 -11.76 19.72
CA ASN H 277 37.93 -11.78 21.16
C ASN H 277 37.56 -10.43 21.76
N ILE H 278 37.18 -10.44 23.03
CA ILE H 278 36.80 -9.20 23.71
C ILE H 278 37.58 -9.17 25.03
N ASN H 279 38.51 -8.23 25.15
CA ASN H 279 39.31 -8.10 26.37
C ASN H 279 38.69 -7.23 27.45
N LEU H 280 38.21 -7.86 28.51
CA LEU H 280 37.57 -7.11 29.58
C LEU H 280 38.50 -6.77 30.74
N GLU H 281 38.32 -5.59 31.34
CA GLU H 281 39.13 -5.21 32.49
C GLU H 281 38.20 -4.92 33.64
N LEU H 282 38.05 -5.88 34.54
CA LEU H 282 37.17 -5.68 35.67
C LEU H 282 37.88 -4.81 36.71
N GLY H 283 37.31 -3.65 37.02
CA GLY H 283 37.92 -2.73 37.97
C GLY H 283 37.62 -2.97 39.44
N VAL H 284 36.70 -3.89 39.70
CA VAL H 284 36.28 -4.23 41.03
C VAL H 284 35.88 -5.67 41.04
N ALA H 285 36.17 -6.37 42.12
CA ALA H 285 35.80 -7.77 42.21
C ALA H 285 34.29 -7.83 42.29
N LYS H 286 33.71 -8.88 41.69
CA LYS H 286 32.26 -9.07 41.69
C LYS H 286 31.90 -10.54 41.86
N THR H 287 30.92 -10.80 42.72
CA THR H 287 30.47 -12.16 43.01
C THR H 287 29.61 -12.70 41.87
N GLY H 288 30.14 -12.61 40.65
CA GLY H 288 29.42 -13.08 39.47
C GLY H 288 29.06 -11.88 38.60
N PHE H 289 29.60 -11.82 37.39
CA PHE H 289 29.32 -10.67 36.53
C PHE H 289 28.90 -11.03 35.11
N CYS H 290 27.89 -10.31 34.62
CA CYS H 290 27.35 -10.49 33.26
C CYS H 290 27.24 -9.17 32.52
N VAL H 291 28.02 -9.05 31.44
CA VAL H 291 28.03 -7.85 30.62
C VAL H 291 27.01 -7.97 29.51
N ALA H 292 26.34 -6.85 29.21
CA ALA H 292 25.32 -6.80 28.18
C ALA H 292 25.65 -5.73 27.14
N ILE H 293 25.49 -6.07 25.87
CA ILE H 293 25.73 -5.14 24.78
C ILE H 293 24.36 -4.92 24.14
N GLU H 294 23.74 -3.76 24.37
CA GLU H 294 22.44 -3.45 23.79
C GLU H 294 22.53 -2.28 22.83
N GLY H 295 22.26 -2.56 21.56
CA GLY H 295 22.31 -1.54 20.53
C GLY H 295 21.71 -1.99 19.23
N GLU H 296 22.29 -1.55 18.12
CA GLU H 296 21.80 -1.92 16.80
C GLU H 296 22.80 -2.89 16.20
N PHE H 297 22.35 -4.10 15.90
CA PHE H 297 23.26 -5.07 15.34
C PHE H 297 23.13 -5.26 13.86
N THR H 298 24.23 -5.11 13.16
CA THR H 298 24.26 -5.29 11.72
C THR H 298 25.17 -6.48 11.47
N ILE H 299 25.24 -6.95 10.24
CA ILE H 299 26.13 -8.07 9.92
C ILE H 299 27.31 -7.39 9.24
N LEU H 300 28.52 -7.68 9.71
CA LEU H 300 29.69 -7.06 9.13
C LEU H 300 29.82 -7.22 7.61
N ALA H 301 30.19 -6.14 6.94
CA ALA H 301 30.36 -6.15 5.49
C ALA H 301 31.10 -7.38 5.01
N ASN H 302 30.73 -7.88 3.84
CA ASN H 302 31.40 -9.04 3.25
C ASN H 302 31.37 -10.32 4.07
N ARG H 303 30.68 -10.35 5.18
CA ARG H 303 30.67 -11.56 5.98
C ARG H 303 29.32 -12.16 6.29
N SER H 304 28.29 -11.71 5.59
CA SER H 304 26.95 -12.25 5.79
C SER H 304 26.92 -13.68 5.27
N GLN H 305 27.81 -13.97 4.32
CA GLN H 305 27.92 -15.29 3.73
C GLN H 305 27.78 -16.38 4.76
N ALA H 306 28.69 -16.39 5.71
CA ALA H 306 28.70 -17.39 6.78
C ALA H 306 27.30 -17.76 7.27
N TYR H 307 26.51 -16.76 7.62
CA TYR H 307 25.18 -17.01 8.12
C TYR H 307 24.28 -17.77 7.15
N TYR H 308 24.14 -17.23 5.93
CA TYR H 308 23.29 -17.81 4.89
C TYR H 308 23.78 -19.07 4.19
N THR H 309 25.08 -19.31 4.19
CA THR H 309 25.63 -20.50 3.55
C THR H 309 25.57 -21.67 4.51
N LEU H 310 25.13 -21.38 5.74
CA LEU H 310 25.06 -22.39 6.76
C LEU H 310 26.47 -22.88 7.08
N ASN H 311 27.47 -22.12 6.64
CA ASN H 311 28.86 -22.46 6.89
C ASN H 311 29.22 -21.98 8.30
N SER H 312 28.21 -21.43 8.96
CA SER H 312 28.27 -20.91 10.32
C SER H 312 28.25 -22.11 11.27
N ILE H 313 27.89 -23.28 10.73
CA ILE H 313 27.77 -24.49 11.54
C ILE H 313 29.03 -25.37 11.60
N THR H 314 29.32 -25.87 12.81
CA THR H 314 30.47 -26.73 13.07
C THR H 314 30.14 -27.99 13.87
N GLN H 315 29.10 -27.92 14.70
CA GLN H 315 28.70 -29.06 15.53
C GLN H 315 27.53 -29.86 14.97
N THR H 316 27.32 -31.05 15.53
CA THR H 316 26.23 -31.91 15.10
C THR H 316 25.73 -32.72 16.29
N PRO H 317 24.44 -32.59 16.65
CA PRO H 317 23.44 -31.74 16.01
C PRO H 317 23.79 -30.27 16.24
N THR H 318 22.88 -29.39 15.85
CA THR H 318 23.07 -27.95 16.03
C THR H 318 21.74 -27.25 16.17
N SER H 319 21.78 -26.00 16.61
CA SER H 319 20.59 -25.20 16.76
C SER H 319 20.56 -24.32 15.51
N ILE H 320 19.38 -24.09 14.94
CA ILE H 320 19.27 -23.28 13.74
C ILE H 320 17.90 -22.61 13.59
N ASP H 321 17.90 -21.42 12.99
CA ASP H 321 16.67 -20.66 12.76
C ASP H 321 16.21 -20.89 11.33
N ASP H 322 15.19 -20.17 10.86
CA ASP H 322 14.69 -20.38 9.50
C ASP H 322 14.87 -19.23 8.51
N PHE H 323 15.79 -18.33 8.81
CA PHE H 323 16.01 -17.19 7.93
C PHE H 323 14.74 -16.40 7.83
N ASP H 324 13.91 -16.49 8.88
CA ASP H 324 12.65 -15.77 8.95
C ASP H 324 11.53 -16.32 8.03
N VAL H 325 11.83 -17.35 7.24
CA VAL H 325 10.83 -17.92 6.31
C VAL H 325 9.46 -18.14 6.98
N SER H 326 9.46 -18.66 8.19
CA SER H 326 8.20 -18.92 8.89
C SER H 326 7.26 -17.72 8.96
N ASP H 327 7.83 -16.52 8.89
CA ASP H 327 7.07 -15.27 8.95
C ASP H 327 6.33 -14.97 7.66
N PHE H 328 6.72 -15.61 6.56
CA PHE H 328 6.08 -15.36 5.28
C PHE H 328 5.02 -16.40 4.93
N LEU H 329 5.10 -17.57 5.55
CA LEU H 329 4.15 -18.62 5.27
C LEU H 329 2.76 -18.30 5.80
N THR H 330 2.69 -17.53 6.89
CA THR H 330 1.42 -17.20 7.54
C THR H 330 0.20 -17.12 6.61
N THR H 331 0.29 -16.34 5.54
CA THR H 331 -0.82 -16.22 4.61
C THR H 331 -1.15 -17.51 3.88
N PHE H 332 -0.17 -18.06 3.16
CA PHE H 332 -0.39 -19.30 2.41
C PHE H 332 -1.04 -20.35 3.29
N LEU H 333 -0.60 -20.42 4.53
CA LEU H 333 -1.19 -21.39 5.43
C LEU H 333 -2.65 -21.06 5.60
N SER H 334 -2.95 -19.83 5.97
CA SER H 334 -4.33 -19.45 6.16
C SER H 334 -5.24 -19.85 5.03
N GLN H 335 -4.73 -19.78 3.81
CA GLN H 335 -5.54 -20.16 2.67
C GLN H 335 -5.70 -21.68 2.64
N LEU H 336 -4.65 -22.42 2.99
CA LEU H 336 -4.73 -23.88 3.01
C LEU H 336 -5.78 -24.34 4.02
N ARG H 337 -5.83 -23.67 5.17
CA ARG H 337 -6.81 -24.02 6.19
C ARG H 337 -8.23 -23.70 5.74
N ALA H 338 -8.36 -22.68 4.91
CA ALA H 338 -9.66 -22.24 4.41
C ALA H 338 -10.37 -23.19 3.46
N CYS H 339 -9.59 -24.00 2.73
CA CYS H 339 -10.14 -24.96 1.79
C CYS H 339 -9.70 -26.42 2.02
N GLY H 340 -9.53 -26.77 3.29
CA GLY H 340 -9.16 -28.12 3.69
C GLY H 340 -7.93 -28.80 3.11
N GLN H 341 -7.18 -28.06 2.31
CA GLN H 341 -5.98 -28.60 1.69
C GLN H 341 -4.80 -28.75 2.67
N TYR H 342 -4.90 -28.14 3.84
CA TYR H 342 -3.79 -28.20 4.81
C TYR H 342 -3.16 -29.57 4.99
N GLU H 343 -4.00 -30.59 5.12
CA GLU H 343 -3.51 -31.96 5.29
C GLU H 343 -2.86 -32.41 3.98
N ILE H 344 -3.65 -32.39 2.91
CA ILE H 344 -3.20 -32.81 1.60
C ILE H 344 -1.87 -32.20 1.20
N PHE H 345 -1.76 -30.88 1.35
CA PHE H 345 -0.54 -30.19 0.97
C PHE H 345 0.62 -30.73 1.76
N SER H 346 0.44 -30.87 3.08
CA SER H 346 1.53 -31.37 3.90
C SER H 346 2.02 -32.74 3.44
N ASP H 347 1.12 -33.69 3.21
CA ASP H 347 1.56 -35.02 2.76
C ASP H 347 2.37 -34.87 1.49
N ALA H 348 1.90 -34.02 0.59
CA ALA H 348 2.57 -33.77 -0.69
C ALA H 348 3.94 -33.13 -0.47
N MET H 349 4.02 -32.25 0.50
CA MET H 349 5.29 -31.59 0.79
C MET H 349 6.27 -32.61 1.33
N ASP H 350 5.78 -33.52 2.17
CA ASP H 350 6.64 -34.54 2.74
C ASP H 350 7.37 -35.30 1.64
N GLN H 351 6.69 -35.58 0.52
CA GLN H 351 7.33 -36.28 -0.58
C GLN H 351 8.30 -35.33 -1.25
N LEU H 352 7.86 -34.08 -1.41
CA LEU H 352 8.71 -33.05 -2.03
C LEU H 352 10.04 -33.09 -1.29
N THR H 353 9.97 -33.02 0.03
CA THR H 353 11.17 -33.02 0.88
C THR H 353 11.89 -34.35 0.78
N ASN H 354 11.16 -35.45 0.96
CA ASN H 354 11.73 -36.79 0.88
C ASN H 354 12.46 -36.95 -0.44
N SER H 355 11.73 -36.77 -1.53
CA SER H 355 12.29 -36.90 -2.86
C SER H 355 13.48 -35.95 -3.03
N LEU H 356 13.38 -34.73 -2.50
CA LEU H 356 14.50 -33.79 -2.62
C LEU H 356 15.77 -34.30 -1.96
N ILE H 357 15.66 -34.85 -0.77
CA ILE H 357 16.84 -35.35 -0.08
C ILE H 357 17.47 -36.44 -0.93
N THR H 358 16.63 -37.36 -1.39
CA THR H 358 17.06 -38.48 -2.20
C THR H 358 18.12 -38.14 -3.26
N ASN H 359 17.80 -37.20 -4.15
CA ASN H 359 18.72 -36.83 -5.24
C ASN H 359 20.07 -36.29 -4.77
N TYR H 360 20.20 -36.02 -3.47
CA TYR H 360 21.44 -35.48 -2.95
C TYR H 360 22.46 -36.54 -2.53
N MET H 361 21.98 -37.75 -2.25
CA MET H 361 22.87 -38.85 -1.84
C MET H 361 22.87 -40.06 -2.73
N ASP H 362 24.08 -40.42 -3.14
CA ASP H 362 24.34 -41.57 -3.97
C ASP H 362 24.80 -42.71 -3.08
N PRO H 363 24.16 -43.89 -3.16
CA PRO H 363 23.03 -44.23 -4.04
C PRO H 363 21.66 -43.67 -3.62
N PRO H 364 20.84 -43.28 -4.62
CA PRO H 364 19.48 -42.71 -4.55
C PRO H 364 18.48 -43.42 -3.62
N ALA H 365 18.66 -43.28 -2.31
CA ALA H 365 17.74 -43.88 -1.35
C ALA H 365 17.62 -43.07 -0.08
N ILE H 366 16.39 -42.95 0.40
CA ILE H 366 16.16 -42.19 1.62
C ILE H 366 17.13 -42.73 2.64
N PRO H 367 17.95 -41.86 3.26
CA PRO H 367 18.88 -42.40 4.25
C PRO H 367 18.21 -42.98 5.50
N ALA H 368 18.81 -44.04 6.03
CA ALA H 368 18.27 -44.69 7.21
C ALA H 368 18.25 -43.76 8.42
N GLY H 369 17.20 -43.89 9.23
CA GLY H 369 17.07 -43.08 10.43
C GLY H 369 16.58 -41.66 10.19
N LEU H 370 15.69 -41.49 9.22
CA LEU H 370 15.15 -40.17 8.90
C LEU H 370 13.65 -40.08 9.17
N ALA H 371 13.31 -39.38 10.23
CA ALA H 371 11.91 -39.23 10.58
C ALA H 371 11.73 -37.80 11.06
N PHE H 372 10.85 -37.05 10.40
CA PHE H 372 10.62 -35.68 10.80
C PHE H 372 9.73 -35.63 12.02
N THR H 373 10.09 -34.73 12.93
CA THR H 373 9.33 -34.57 14.16
C THR H 373 8.36 -33.40 14.04
N SER H 374 8.46 -32.65 12.94
CA SER H 374 7.62 -31.48 12.68
C SER H 374 7.10 -31.35 11.24
N PRO H 375 6.08 -30.51 11.00
CA PRO H 375 5.52 -30.30 9.67
C PRO H 375 6.46 -29.54 8.75
N TRP H 376 6.09 -29.49 7.47
CA TRP H 376 6.90 -28.82 6.45
C TRP H 376 7.17 -27.35 6.67
N PHE H 377 6.31 -26.68 7.44
CA PHE H 377 6.43 -25.25 7.67
C PHE H 377 7.01 -24.83 9.01
N ARG H 378 7.69 -25.75 9.68
CA ARG H 378 8.33 -25.42 10.94
C ARG H 378 9.79 -25.61 10.60
N PHE H 379 10.14 -25.16 9.40
CA PHE H 379 11.47 -25.26 8.84
C PHE H 379 12.62 -25.27 9.83
N SER H 380 12.57 -24.36 10.81
CA SER H 380 13.63 -24.28 11.82
C SER H 380 13.94 -25.65 12.41
N GLU H 381 12.90 -26.45 12.58
CA GLU H 381 13.03 -27.78 13.13
C GLU H 381 13.49 -28.77 12.07
N ARG H 382 12.80 -28.80 10.94
CA ARG H 382 13.19 -29.72 9.88
C ARG H 382 14.61 -29.47 9.46
N ALA H 383 15.05 -28.22 9.56
CA ALA H 383 16.42 -27.89 9.16
C ALA H 383 17.37 -28.62 10.08
N ARG H 384 17.01 -28.71 11.34
CA ARG H 384 17.82 -29.39 12.34
C ARG H 384 17.88 -30.86 12.02
N THR H 385 16.72 -31.49 11.98
CA THR H 385 16.61 -32.90 11.71
C THR H 385 17.51 -33.29 10.54
N ILE H 386 17.47 -32.52 9.47
CA ILE H 386 18.30 -32.82 8.31
C ILE H 386 19.78 -32.62 8.61
N LEU H 387 20.11 -31.61 9.40
CA LEU H 387 21.49 -31.33 9.77
C LEU H 387 21.96 -32.27 10.86
N ALA H 388 21.07 -33.18 11.25
CA ALA H 388 21.38 -34.13 12.32
C ALA H 388 21.73 -35.54 11.83
N LEU H 389 21.60 -35.79 10.53
CA LEU H 389 21.90 -37.11 10.00
C LEU H 389 23.39 -37.36 10.06
N GLN H 390 23.78 -38.35 10.88
CA GLN H 390 25.18 -38.71 11.07
C GLN H 390 25.79 -39.43 9.86
N ASN H 391 25.06 -40.39 9.31
CA ASN H 391 25.53 -41.18 8.17
C ASN H 391 25.66 -40.41 6.86
N VAL H 392 25.16 -39.18 6.84
CA VAL H 392 25.23 -38.36 5.64
C VAL H 392 26.39 -37.39 5.75
N ASP H 393 27.13 -37.20 4.65
CA ASP H 393 28.23 -36.27 4.67
C ASP H 393 27.68 -34.95 5.25
N LEU H 394 28.54 -34.08 5.75
CA LEU H 394 28.04 -32.81 6.30
C LEU H 394 27.69 -31.77 5.27
N ASN H 395 28.60 -31.54 4.32
CA ASN H 395 28.35 -30.54 3.31
C ASN H 395 27.06 -30.74 2.56
N ILE H 396 26.87 -31.91 1.97
CA ILE H 396 25.64 -32.16 1.24
C ILE H 396 24.44 -32.00 2.17
N ARG H 397 24.68 -32.09 3.47
CA ARG H 397 23.61 -31.95 4.46
C ARG H 397 23.17 -30.49 4.49
N LYS H 398 24.15 -29.59 4.47
CA LYS H 398 23.90 -28.15 4.50
C LYS H 398 23.12 -27.71 3.26
N LEU H 399 23.56 -28.19 2.09
CA LEU H 399 22.88 -27.84 0.85
C LEU H 399 21.43 -28.26 0.91
N ILE H 400 21.16 -29.48 1.36
CA ILE H 400 19.79 -29.93 1.45
C ILE H 400 18.91 -28.91 2.19
N VAL H 401 19.47 -28.25 3.19
CA VAL H 401 18.69 -27.26 3.92
C VAL H 401 18.59 -26.01 3.07
N ARG H 402 19.73 -25.52 2.60
CA ARG H 402 19.75 -24.33 1.76
C ARG H 402 18.72 -24.46 0.63
N HIS H 403 18.82 -25.57 -0.08
CA HIS H 403 17.95 -25.86 -1.20
C HIS H 403 16.49 -25.97 -0.77
N LEU H 404 16.24 -26.77 0.24
CA LEU H 404 14.88 -26.96 0.74
C LEU H 404 14.30 -25.62 1.15
N TRP H 405 15.15 -24.70 1.58
CA TRP H 405 14.69 -23.38 2.01
C TRP H 405 14.10 -22.63 0.81
N VAL H 406 14.90 -22.48 -0.23
CA VAL H 406 14.45 -21.78 -1.43
C VAL H 406 13.09 -22.30 -1.90
N ILE H 407 12.97 -23.61 -2.06
CA ILE H 407 11.70 -24.18 -2.49
C ILE H 407 10.60 -23.68 -1.55
N THR H 408 10.86 -23.73 -0.24
CA THR H 408 9.85 -23.27 0.70
C THR H 408 9.52 -21.80 0.48
N SER H 409 10.56 -20.96 0.42
CA SER H 409 10.35 -19.52 0.20
C SER H 409 9.47 -19.33 -1.02
N LEU H 410 9.81 -20.02 -2.11
CA LEU H 410 9.03 -19.93 -3.33
C LEU H 410 7.56 -20.20 -3.06
N ILE H 411 7.27 -21.25 -2.30
CA ILE H 411 5.88 -21.54 -2.00
C ILE H 411 5.24 -20.36 -1.28
N ALA H 412 5.91 -19.87 -0.24
CA ALA H 412 5.42 -18.75 0.54
C ALA H 412 4.99 -17.55 -0.29
N VAL H 413 5.69 -17.36 -1.41
CA VAL H 413 5.44 -16.25 -2.35
C VAL H 413 4.33 -16.51 -3.36
N PHE H 414 4.45 -17.62 -4.10
CA PHE H 414 3.52 -18.03 -5.15
C PHE H 414 2.14 -18.57 -4.74
N GLY H 415 2.04 -19.19 -3.58
CA GLY H 415 0.77 -19.79 -3.21
C GLY H 415 -0.31 -18.92 -2.64
N ARG H 416 0.10 -17.81 -2.05
CA ARG H 416 -0.81 -16.88 -1.40
C ARG H 416 -2.24 -16.74 -1.95
N TYR H 417 -2.40 -16.61 -3.27
CA TYR H 417 -3.74 -16.44 -3.79
C TYR H 417 -4.54 -17.72 -4.11
N TYR H 418 -4.08 -18.85 -3.58
CA TYR H 418 -4.75 -20.14 -3.80
C TYR H 418 -6.22 -20.22 -3.37
N ARG H 419 -7.10 -20.63 -4.28
CA ARG H 419 -8.53 -20.79 -4.00
C ARG H 419 -9.09 -21.56 -5.19
N PRO H 420 -9.24 -22.90 -5.05
CA PRO H 420 -9.72 -23.88 -6.03
C PRO H 420 -11.21 -23.96 -6.31
N ASN H 421 -11.96 -24.26 -5.28
CA ASN H 421 -13.40 -24.40 -5.37
C ASN H 421 -14.01 -24.16 -6.78
N MET I 1 -6.87 -35.59 -27.56
CA MET I 1 -5.62 -34.87 -27.20
C MET I 1 -5.71 -34.48 -25.73
N SER I 2 -5.47 -33.20 -25.47
CA SER I 2 -5.52 -32.66 -24.13
C SER I 2 -6.57 -33.42 -23.33
N ARG I 3 -6.30 -33.63 -22.06
CA ARG I 3 -7.27 -34.31 -21.22
C ARG I 3 -8.52 -33.45 -21.23
N GLN I 4 -8.32 -32.14 -21.22
CA GLN I 4 -9.43 -31.20 -21.21
C GLN I 4 -10.30 -31.43 -22.41
N MET I 5 -9.68 -31.49 -23.57
CA MET I 5 -10.41 -31.71 -24.80
C MET I 5 -11.30 -32.95 -24.71
N TRP I 6 -10.81 -34.02 -24.10
CA TRP I 6 -11.63 -35.21 -23.98
C TRP I 6 -12.81 -34.91 -23.06
N LEU I 7 -12.53 -34.27 -21.93
CA LEU I 7 -13.62 -33.93 -21.00
C LEU I 7 -14.66 -33.03 -21.67
N ASP I 8 -14.22 -32.02 -22.40
CA ASP I 8 -15.14 -31.11 -23.08
C ASP I 8 -16.06 -31.92 -23.98
N THR I 9 -15.48 -32.74 -24.85
CA THR I 9 -16.30 -33.55 -25.74
C THR I 9 -17.20 -34.49 -24.97
N SER I 10 -16.69 -35.11 -23.91
CA SER I 10 -17.52 -36.00 -23.12
C SER I 10 -18.75 -35.19 -22.70
N ALA I 11 -18.50 -34.01 -22.16
CA ALA I 11 -19.55 -33.12 -21.69
C ALA I 11 -20.60 -32.82 -22.75
N LEU I 12 -20.14 -32.64 -23.98
CA LEU I 12 -21.04 -32.36 -25.08
C LEU I 12 -21.89 -33.58 -25.32
N LEU I 13 -21.25 -34.73 -25.51
CA LEU I 13 -21.98 -35.97 -25.73
C LEU I 13 -22.97 -36.19 -24.60
N GLU I 14 -22.52 -35.85 -23.38
CA GLU I 14 -23.34 -36.03 -22.20
C GLU I 14 -24.55 -35.13 -22.25
N ALA I 15 -24.36 -33.96 -22.84
CA ALA I 15 -25.45 -33.02 -22.95
C ALA I 15 -26.31 -33.36 -24.17
N ILE I 16 -25.71 -33.94 -25.20
CA ILE I 16 -26.49 -34.30 -26.37
C ILE I 16 -27.50 -35.28 -25.83
N SER I 17 -27.03 -36.20 -25.00
CA SER I 17 -27.91 -37.17 -24.39
C SER I 17 -29.01 -36.45 -23.60
N GLU I 18 -28.61 -35.55 -22.71
CA GLU I 18 -29.56 -34.80 -21.90
C GLU I 18 -30.70 -34.22 -22.74
N TYR I 19 -30.33 -33.47 -23.79
CA TYR I 19 -31.34 -32.88 -24.64
C TYR I 19 -32.14 -33.89 -25.42
N VAL I 20 -31.60 -35.08 -25.63
CA VAL I 20 -32.38 -36.08 -26.33
C VAL I 20 -33.50 -36.53 -25.39
N VAL I 21 -33.20 -36.58 -24.10
CA VAL I 21 -34.22 -36.99 -23.15
C VAL I 21 -35.28 -35.92 -23.06
N ARG I 22 -34.82 -34.68 -23.11
CA ARG I 22 -35.71 -33.54 -23.03
C ARG I 22 -36.66 -33.46 -24.19
N CYS I 23 -36.24 -33.95 -25.34
CA CYS I 23 -37.05 -33.87 -26.54
C CYS I 23 -37.95 -35.07 -26.80
N ASN I 24 -37.65 -36.18 -26.16
CA ASN I 24 -38.46 -37.36 -26.37
C ASN I 24 -39.95 -37.05 -26.20
N GLY I 25 -40.72 -37.22 -27.28
CA GLY I 25 -42.15 -36.99 -27.23
C GLY I 25 -42.57 -35.57 -26.91
N ASP I 26 -41.73 -34.63 -27.34
CA ASP I 26 -41.95 -33.21 -27.15
C ASP I 26 -41.55 -32.58 -28.47
N THR I 27 -41.72 -33.31 -29.55
CA THR I 27 -41.35 -32.83 -30.86
C THR I 27 -42.54 -32.85 -31.79
N PHE I 28 -43.38 -31.83 -31.67
CA PHE I 28 -44.57 -31.76 -32.49
C PHE I 28 -44.33 -31.06 -33.80
N SER I 29 -45.22 -31.30 -34.76
CA SER I 29 -45.10 -30.75 -36.10
C SER I 29 -45.07 -29.22 -36.30
N GLY I 30 -45.82 -28.47 -35.53
CA GLY I 30 -45.83 -27.03 -35.73
C GLY I 30 -44.75 -26.14 -35.13
N LEU I 31 -44.21 -26.57 -34.00
CA LEU I 31 -43.19 -25.81 -33.30
C LEU I 31 -41.87 -26.51 -33.22
N THR I 32 -40.85 -25.71 -32.96
CA THR I 32 -39.51 -26.22 -32.81
C THR I 32 -39.21 -25.61 -31.44
N THR I 33 -39.26 -26.46 -30.42
CA THR I 33 -39.05 -26.06 -29.04
C THR I 33 -37.61 -25.66 -28.81
N GLY I 34 -37.38 -24.73 -27.90
CA GLY I 34 -36.02 -24.31 -27.64
C GLY I 34 -35.11 -25.51 -27.47
N ASP I 35 -35.61 -26.51 -26.75
CA ASP I 35 -34.86 -27.71 -26.50
C ASP I 35 -34.34 -28.35 -27.78
N PHE I 36 -35.24 -28.59 -28.73
CA PHE I 36 -34.83 -29.21 -29.99
C PHE I 36 -33.86 -28.33 -30.75
N ASN I 37 -34.05 -27.02 -30.67
CA ASN I 37 -33.14 -26.12 -31.37
C ASN I 37 -31.73 -26.40 -30.88
N ALA I 38 -31.56 -26.45 -29.57
CA ALA I 38 -30.27 -26.71 -28.99
C ALA I 38 -29.75 -28.10 -29.36
N LEU I 39 -30.63 -29.10 -29.34
CA LEU I 39 -30.22 -30.45 -29.70
C LEU I 39 -29.66 -30.43 -31.10
N SER I 40 -30.40 -29.80 -32.01
CA SER I 40 -29.98 -29.71 -33.38
C SER I 40 -28.60 -29.09 -33.49
N ASN I 41 -28.36 -28.07 -32.66
CA ASN I 41 -27.09 -27.39 -32.69
C ASN I 41 -25.98 -28.36 -32.44
N MET I 42 -26.06 -29.07 -31.33
CA MET I 42 -25.02 -30.02 -30.98
C MET I 42 -24.90 -31.09 -32.07
N PHE I 43 -26.03 -31.63 -32.49
CA PHE I 43 -26.02 -32.65 -33.54
C PHE I 43 -25.16 -32.14 -34.68
N THR I 44 -25.35 -30.90 -35.07
CA THR I 44 -24.58 -30.35 -36.18
C THR I 44 -23.11 -30.14 -35.86
N GLN I 45 -22.80 -29.70 -34.65
CA GLN I 45 -21.42 -29.47 -34.26
C GLN I 45 -20.61 -30.78 -34.14
N LEU I 46 -21.32 -31.89 -34.08
CA LEU I 46 -20.66 -33.17 -33.94
C LEU I 46 -20.54 -33.90 -35.27
N SER I 47 -21.38 -33.56 -36.23
CA SER I 47 -21.36 -34.24 -37.54
C SER I 47 -20.30 -33.79 -38.58
N VAL I 48 -19.63 -34.79 -39.15
CA VAL I 48 -18.58 -34.64 -40.17
C VAL I 48 -19.22 -34.40 -41.53
N SER I 49 -19.72 -35.50 -42.07
CA SER I 49 -20.35 -35.55 -43.39
C SER I 49 -21.60 -34.71 -43.56
N SER I 50 -22.30 -34.40 -42.47
CA SER I 50 -23.52 -33.62 -42.62
C SER I 50 -23.34 -32.11 -42.75
N ALA I 51 -24.10 -31.57 -43.70
CA ALA I 51 -24.09 -30.16 -43.98
C ALA I 51 -24.84 -29.41 -42.89
N GLY I 52 -26.13 -29.16 -43.08
CA GLY I 52 -26.85 -28.44 -42.06
C GLY I 52 -27.60 -29.29 -41.06
N TYR I 53 -28.92 -29.27 -41.20
CA TYR I 53 -29.82 -30.04 -40.36
C TYR I 53 -29.43 -31.50 -40.49
N VAL I 54 -29.30 -32.17 -39.36
CA VAL I 54 -28.95 -33.58 -39.43
C VAL I 54 -30.22 -34.39 -39.55
N SER I 55 -30.53 -34.84 -40.76
CA SER I 55 -31.75 -35.61 -41.01
C SER I 55 -31.89 -36.81 -40.08
N ASP I 56 -30.87 -37.67 -40.02
CA ASP I 56 -30.96 -38.83 -39.16
C ASP I 56 -29.81 -38.82 -38.18
N PRO I 57 -30.00 -38.19 -37.01
CA PRO I 57 -28.92 -38.13 -36.04
C PRO I 57 -28.38 -39.48 -35.57
N ARG I 58 -29.09 -40.55 -35.85
CA ARG I 58 -28.58 -41.84 -35.42
C ARG I 58 -27.27 -42.09 -36.14
N VAL I 59 -27.27 -41.83 -37.43
CA VAL I 59 -26.10 -42.05 -38.28
C VAL I 59 -24.78 -41.47 -37.80
N PRO I 60 -24.70 -40.14 -37.69
CA PRO I 60 -23.45 -39.54 -37.24
C PRO I 60 -23.02 -39.99 -35.86
N LEU I 61 -23.99 -40.20 -34.97
CA LEU I 61 -23.72 -40.62 -33.60
C LEU I 61 -23.15 -42.01 -33.59
N GLN I 62 -23.73 -42.86 -34.42
CA GLN I 62 -23.31 -44.25 -34.55
C GLN I 62 -21.90 -44.27 -35.08
N THR I 63 -21.69 -43.60 -36.21
CA THR I 63 -20.37 -43.52 -36.82
C THR I 63 -19.32 -43.17 -35.77
N MET I 64 -19.65 -42.21 -34.90
CA MET I 64 -18.72 -41.78 -33.88
C MET I 64 -18.40 -42.87 -32.88
N SER I 65 -19.42 -43.51 -32.33
CA SER I 65 -19.20 -44.58 -31.37
C SER I 65 -18.34 -45.65 -31.99
N ASN I 66 -18.65 -46.03 -33.22
CA ASN I 66 -17.88 -47.06 -33.89
C ASN I 66 -16.42 -46.75 -33.93
N MET I 67 -16.07 -45.54 -34.37
CA MET I 67 -14.66 -45.20 -34.41
C MET I 67 -14.05 -45.19 -33.00
N PHE I 68 -14.80 -44.70 -32.02
CA PHE I 68 -14.29 -44.66 -30.67
C PHE I 68 -13.88 -46.05 -30.18
N VAL I 69 -14.75 -47.03 -30.39
CA VAL I 69 -14.45 -48.40 -29.98
C VAL I 69 -13.18 -48.84 -30.70
N SER I 70 -13.12 -48.52 -31.99
CA SER I 70 -11.96 -48.87 -32.80
C SER I 70 -10.70 -48.25 -32.21
N PHE I 71 -10.82 -47.01 -31.72
CA PHE I 71 -9.71 -46.27 -31.12
C PHE I 71 -9.30 -46.81 -29.76
N ILE I 72 -10.21 -46.72 -28.79
CA ILE I 72 -9.94 -47.16 -27.44
C ILE I 72 -9.54 -48.63 -27.38
N THR I 73 -9.61 -49.33 -28.51
CA THR I 73 -9.26 -50.75 -28.58
C THR I 73 -7.80 -51.04 -28.92
N SER I 74 -7.22 -50.22 -29.79
CA SER I 74 -5.84 -50.39 -30.21
C SER I 74 -4.86 -49.63 -29.32
N THR I 75 -4.06 -50.35 -28.55
CA THR I 75 -3.08 -49.72 -27.68
C THR I 75 -2.18 -48.84 -28.51
N ASP I 76 -2.00 -49.19 -29.77
CA ASP I 76 -1.16 -48.39 -30.65
C ASP I 76 -1.70 -46.97 -30.75
N ARG I 77 -3.02 -46.85 -30.85
CA ARG I 77 -3.66 -45.55 -31.01
C ARG I 77 -3.89 -44.77 -29.72
N CYS I 78 -4.76 -45.28 -28.86
CA CYS I 78 -5.08 -44.63 -27.59
C CYS I 78 -3.94 -44.73 -26.58
N GLY I 79 -2.77 -45.13 -27.06
CA GLY I 79 -1.65 -45.27 -26.16
C GLY I 79 -1.35 -44.02 -25.39
N TYR I 80 -1.23 -42.91 -26.12
CA TYR I 80 -0.90 -41.63 -25.52
C TYR I 80 -1.73 -41.27 -24.30
N MET I 81 -2.95 -41.79 -24.20
CA MET I 81 -3.85 -41.50 -23.07
C MET I 81 -3.51 -42.25 -21.79
N LEU I 82 -2.75 -43.32 -21.92
CA LEU I 82 -2.41 -44.13 -20.77
C LEU I 82 -1.10 -43.76 -20.11
N ARG I 83 -0.55 -42.59 -20.40
CA ARG I 83 0.72 -42.18 -19.80
C ARG I 83 0.43 -41.21 -18.67
N LYS I 84 1.24 -41.24 -17.62
CA LYS I 84 1.02 -40.37 -16.48
C LYS I 84 0.93 -38.88 -16.82
N THR I 85 1.50 -38.50 -17.97
CA THR I 85 1.49 -37.10 -18.42
C THR I 85 0.13 -36.61 -18.88
N TRP I 86 -0.70 -37.52 -19.34
CA TRP I 86 -2.03 -37.17 -19.85
C TRP I 86 -3.02 -36.89 -18.74
N PHE I 87 -2.84 -37.56 -17.61
CA PHE I 87 -3.75 -37.38 -16.51
C PHE I 87 -3.34 -36.23 -15.61
N ASN I 88 -2.04 -35.94 -15.57
CA ASN I 88 -1.55 -34.86 -14.71
C ASN I 88 -1.46 -33.47 -15.34
N SER I 89 -1.44 -33.37 -16.67
CA SER I 89 -1.31 -32.05 -17.28
C SER I 89 -2.05 -31.74 -18.56
N ASP I 90 -2.29 -30.45 -18.79
CA ASP I 90 -2.97 -29.95 -19.99
C ASP I 90 -1.97 -29.65 -21.11
N THR I 91 -1.18 -30.64 -21.47
CA THR I 91 -0.19 -30.51 -22.53
C THR I 91 -0.76 -31.04 -23.84
N LYS I 92 -0.81 -30.19 -24.86
CA LYS I 92 -1.34 -30.59 -26.16
C LYS I 92 -0.41 -31.66 -26.73
N PRO I 93 -0.92 -32.89 -26.91
CA PRO I 93 -0.14 -34.01 -27.43
C PRO I 93 0.01 -34.00 -28.92
N THR I 94 1.21 -34.36 -29.37
CA THR I 94 1.50 -34.44 -30.79
C THR I 94 1.16 -35.84 -31.26
N VAL I 95 -0.12 -36.07 -31.54
CA VAL I 95 -0.58 -37.36 -31.99
C VAL I 95 -1.63 -37.15 -33.06
N SER I 96 -1.40 -37.73 -34.22
CA SER I 96 -2.37 -37.58 -35.30
C SER I 96 -3.11 -38.90 -35.45
N ASP I 97 -4.41 -38.87 -35.17
CA ASP I 97 -5.26 -40.05 -35.27
C ASP I 97 -6.64 -39.58 -35.71
N ASP I 98 -7.10 -40.09 -36.84
CA ASP I 98 -8.40 -39.72 -37.39
C ASP I 98 -9.46 -39.40 -36.34
N PHE I 99 -9.60 -40.28 -35.35
CA PHE I 99 -10.60 -40.07 -34.32
C PHE I 99 -10.35 -38.74 -33.61
N ILE I 100 -9.32 -38.70 -32.79
CA ILE I 100 -8.98 -37.50 -32.06
C ILE I 100 -9.16 -36.21 -32.86
N THR I 101 -8.65 -36.22 -34.10
CA THR I 101 -8.75 -35.06 -34.99
C THR I 101 -10.17 -34.64 -35.26
N THR I 102 -10.98 -35.61 -35.66
CA THR I 102 -12.37 -35.38 -35.99
C THR I 102 -13.29 -35.07 -34.80
N TYR I 103 -13.23 -35.86 -33.72
CA TYR I 103 -14.13 -35.65 -32.59
C TYR I 103 -13.63 -34.98 -31.31
N ILE I 104 -12.38 -35.22 -30.92
CA ILE I 104 -11.89 -34.62 -29.69
C ILE I 104 -11.32 -33.22 -29.92
N ARG I 105 -12.09 -32.21 -29.54
CA ARG I 105 -11.74 -30.80 -29.71
C ARG I 105 -12.36 -29.97 -28.59
N PRO I 106 -11.76 -28.81 -28.25
CA PRO I 106 -12.30 -27.96 -27.20
C PRO I 106 -13.73 -27.55 -27.53
N ARG I 107 -14.66 -27.80 -26.62
CA ARG I 107 -16.05 -27.48 -26.88
C ARG I 107 -16.75 -26.60 -25.85
N LEU I 108 -16.08 -26.30 -24.74
CA LEU I 108 -16.70 -25.47 -23.72
C LEU I 108 -16.28 -24.02 -23.77
N GLN I 109 -17.26 -23.14 -23.60
CA GLN I 109 -17.08 -21.69 -23.64
C GLN I 109 -16.35 -21.23 -22.39
N VAL I 110 -15.11 -20.81 -22.54
CA VAL I 110 -14.35 -20.34 -21.41
C VAL I 110 -14.42 -18.81 -21.45
N PRO I 111 -14.39 -18.15 -20.29
CA PRO I 111 -14.31 -18.67 -18.92
C PRO I 111 -15.69 -18.89 -18.32
N MET I 112 -16.71 -18.55 -19.09
CA MET I 112 -18.10 -18.67 -18.68
C MET I 112 -18.46 -20.03 -18.08
N SER I 113 -18.08 -21.12 -18.73
CA SER I 113 -18.40 -22.44 -18.20
C SER I 113 -18.06 -22.54 -16.74
N ASP I 114 -16.80 -22.29 -16.41
CA ASP I 114 -16.36 -22.39 -15.03
C ASP I 114 -17.16 -21.53 -14.07
N THR I 115 -17.33 -20.25 -14.39
CA THR I 115 -18.07 -19.37 -13.49
C THR I 115 -19.49 -19.91 -13.23
N VAL I 116 -20.11 -20.48 -14.26
CA VAL I 116 -21.44 -21.02 -14.05
C VAL I 116 -21.31 -22.19 -13.08
N ARG I 117 -20.29 -23.02 -13.28
CA ARG I 117 -20.08 -24.16 -12.39
C ARG I 117 -19.93 -23.74 -10.95
N GLN I 118 -19.08 -22.75 -10.70
CA GLN I 118 -18.85 -22.27 -9.34
C GLN I 118 -20.18 -21.76 -8.79
N LEU I 119 -20.80 -20.87 -9.55
CA LEU I 119 -22.07 -20.30 -9.17
C LEU I 119 -23.05 -21.37 -8.78
N ASN I 120 -22.83 -22.58 -9.28
CA ASN I 120 -23.75 -23.66 -9.02
C ASN I 120 -23.61 -24.31 -7.67
N ASN I 121 -22.41 -24.72 -7.30
CA ASN I 121 -22.24 -25.37 -6.02
C ASN I 121 -23.04 -24.62 -4.96
N LEU I 122 -23.13 -23.32 -5.15
CA LEU I 122 -23.86 -22.47 -4.22
C LEU I 122 -25.37 -22.44 -4.37
N SER I 123 -25.90 -23.03 -5.44
CA SER I 123 -27.35 -23.02 -5.66
C SER I 123 -28.16 -24.05 -4.85
N LEU I 124 -29.42 -23.68 -4.64
CA LEU I 124 -30.41 -24.42 -3.86
C LEU I 124 -30.68 -25.88 -4.09
N GLN I 125 -31.12 -26.24 -5.29
CA GLN I 125 -31.42 -27.63 -5.57
C GLN I 125 -30.63 -28.12 -6.77
N PRO I 126 -29.42 -28.62 -6.54
CA PRO I 126 -28.53 -29.12 -7.59
C PRO I 126 -29.08 -30.44 -8.07
N SER I 127 -28.48 -30.99 -9.11
CA SER I 127 -29.00 -32.24 -9.61
C SER I 127 -28.69 -33.32 -8.60
N ALA I 128 -29.68 -34.13 -8.27
CA ALA I 128 -29.51 -35.21 -7.31
C ALA I 128 -28.72 -36.37 -7.92
N LYS I 129 -28.89 -36.58 -9.22
CA LYS I 129 -28.15 -37.62 -9.95
C LYS I 129 -27.36 -36.82 -10.96
N PRO I 130 -26.17 -36.35 -10.58
CA PRO I 130 -25.32 -35.55 -11.47
C PRO I 130 -24.72 -36.28 -12.64
N LYS I 131 -24.24 -35.51 -13.62
CA LYS I 131 -23.60 -36.04 -14.82
C LYS I 131 -22.22 -36.61 -14.49
N LEU I 132 -21.67 -37.42 -15.39
CA LEU I 132 -20.34 -37.96 -15.15
C LEU I 132 -19.38 -36.80 -15.14
N TYR I 133 -19.62 -35.83 -16.01
CA TYR I 133 -18.76 -34.66 -16.09
C TYR I 133 -18.32 -34.19 -14.71
N GLU I 134 -19.28 -33.84 -13.85
CA GLU I 134 -18.97 -33.39 -12.50
C GLU I 134 -17.97 -34.33 -11.83
N ARG I 135 -18.30 -35.62 -11.80
CA ARG I 135 -17.42 -36.60 -11.19
C ARG I 135 -16.05 -36.58 -11.84
N GLN I 136 -16.03 -36.52 -13.17
CA GLN I 136 -14.77 -36.49 -13.86
C GLN I 136 -13.94 -35.33 -13.30
N ASN I 137 -14.47 -34.12 -13.35
CA ASN I 137 -13.73 -32.98 -12.85
C ASN I 137 -13.29 -33.17 -11.40
N ALA I 138 -14.07 -33.89 -10.61
CA ALA I 138 -13.71 -34.13 -9.22
C ALA I 138 -12.50 -35.05 -9.17
N ILE I 139 -12.70 -36.28 -9.61
CA ILE I 139 -11.63 -37.25 -9.62
C ILE I 139 -10.37 -36.79 -10.32
N MET I 140 -10.49 -36.06 -11.42
CA MET I 140 -9.30 -35.65 -12.14
C MET I 140 -8.64 -34.37 -11.70
N LYS I 141 -9.39 -33.28 -11.68
CA LYS I 141 -8.83 -31.99 -11.29
C LYS I 141 -8.97 -31.70 -9.82
N GLY I 142 -9.72 -32.54 -9.11
CA GLY I 142 -9.91 -32.33 -7.68
C GLY I 142 -10.69 -31.07 -7.39
N LEU I 143 -11.71 -30.84 -8.20
CA LEU I 143 -12.57 -29.67 -8.05
C LEU I 143 -13.69 -29.95 -7.07
N ASP I 144 -14.35 -28.88 -6.66
CA ASP I 144 -15.45 -29.01 -5.71
C ASP I 144 -16.73 -29.54 -6.34
N ILE I 145 -17.60 -30.07 -5.48
CA ILE I 145 -18.89 -30.61 -5.86
C ILE I 145 -19.89 -29.65 -5.20
N PRO I 146 -21.14 -29.55 -5.70
CA PRO I 146 -22.11 -28.64 -5.08
C PRO I 146 -22.41 -28.90 -3.62
N TYR I 147 -22.40 -27.83 -2.83
CA TYR I 147 -22.63 -27.95 -1.42
C TYR I 147 -23.91 -28.68 -1.04
N SER I 148 -24.96 -28.56 -1.84
CA SER I 148 -26.21 -29.23 -1.48
C SER I 148 -26.49 -30.56 -2.15
N GLU I 149 -25.50 -31.10 -2.84
CA GLU I 149 -25.71 -32.37 -3.52
C GLU I 149 -25.75 -33.49 -2.49
N PRO I 150 -26.80 -34.31 -2.53
CA PRO I 150 -26.82 -35.37 -1.54
C PRO I 150 -26.08 -36.61 -2.04
N ILE I 151 -25.67 -37.49 -1.11
CA ILE I 151 -25.03 -38.76 -1.45
C ILE I 151 -25.37 -39.81 -0.41
N GLU I 152 -25.19 -41.07 -0.76
CA GLU I 152 -25.49 -42.13 0.19
C GLU I 152 -24.17 -42.29 0.94
N PRO I 153 -24.17 -42.03 2.25
CA PRO I 153 -22.91 -42.18 2.98
C PRO I 153 -22.19 -43.52 2.82
N CYS I 154 -22.91 -44.63 2.65
CA CYS I 154 -22.20 -45.90 2.53
C CYS I 154 -21.17 -45.99 1.40
N LYS I 155 -21.26 -45.09 0.42
CA LYS I 155 -20.31 -45.08 -0.69
C LYS I 155 -19.04 -44.39 -0.19
N LEU I 156 -19.25 -43.37 0.64
CA LEU I 156 -18.18 -42.57 1.22
C LEU I 156 -17.23 -43.43 2.05
N PHE I 157 -17.73 -44.59 2.46
CA PHE I 157 -16.98 -45.51 3.30
C PHE I 157 -15.69 -46.03 2.78
N ARG I 158 -14.71 -46.06 3.67
CA ARG I 158 -13.39 -46.58 3.39
C ARG I 158 -13.02 -47.32 4.66
N SER I 159 -11.94 -48.09 4.62
CA SER I 159 -11.53 -48.85 5.80
C SER I 159 -10.60 -48.10 6.73
N VAL I 160 -10.81 -48.28 8.03
CA VAL I 160 -10.01 -47.67 9.08
C VAL I 160 -9.58 -48.72 10.10
N ALA I 161 -8.53 -48.40 10.86
CA ALA I 161 -7.97 -49.28 11.89
C ALA I 161 -8.96 -50.28 12.50
N GLY I 162 -9.92 -49.77 13.27
CA GLY I 162 -10.91 -50.62 13.93
C GLY I 162 -11.69 -51.58 13.05
N GLN I 163 -12.40 -51.06 12.06
CA GLN I 163 -13.20 -51.86 11.13
C GLN I 163 -12.54 -51.92 9.76
N THR I 164 -12.42 -53.12 9.23
CA THR I 164 -11.81 -53.29 7.92
C THR I 164 -12.93 -53.28 6.89
N GLY I 165 -14.15 -53.01 7.33
CA GLY I 165 -15.26 -53.00 6.40
C GLY I 165 -16.60 -52.56 6.97
N ASN I 166 -17.52 -52.21 6.07
CA ASN I 166 -18.85 -51.75 6.44
C ASN I 166 -19.87 -52.88 6.32
N ILE I 167 -20.13 -53.35 5.11
CA ILE I 167 -21.08 -54.43 4.92
C ILE I 167 -20.71 -55.66 5.74
N PRO I 168 -19.42 -56.03 5.77
CA PRO I 168 -18.93 -57.20 6.51
C PRO I 168 -19.32 -57.21 7.99
N MET I 169 -19.28 -56.04 8.61
CA MET I 169 -19.64 -55.91 10.02
C MET I 169 -21.04 -56.41 10.30
N MET I 170 -21.86 -56.47 9.25
CA MET I 170 -23.24 -56.91 9.39
C MET I 170 -23.30 -58.28 10.03
N GLY I 171 -22.52 -59.20 9.47
CA GLY I 171 -22.49 -60.55 10.00
C GLY I 171 -22.16 -60.55 11.49
N ILE I 172 -21.11 -59.82 11.86
CA ILE I 172 -20.68 -59.72 13.25
C ILE I 172 -21.78 -59.10 14.10
N LEU I 173 -22.31 -57.96 13.65
CA LEU I 173 -23.35 -57.25 14.37
C LEU I 173 -24.58 -58.09 14.73
N ALA I 174 -24.76 -59.19 13.99
CA ALA I 174 -25.91 -60.06 14.19
C ALA I 174 -25.65 -61.23 15.14
N THR I 175 -24.42 -61.34 15.61
CA THR I 175 -24.04 -62.41 16.50
C THR I 175 -24.06 -61.91 17.94
N PRO I 176 -24.87 -62.55 18.81
CA PRO I 176 -24.91 -62.11 20.20
C PRO I 176 -23.45 -62.00 20.65
N PRO I 177 -23.14 -61.01 21.48
CA PRO I 177 -21.76 -60.82 21.94
C PRO I 177 -21.40 -61.52 23.24
N ALA I 178 -20.10 -61.66 23.48
CA ALA I 178 -19.58 -62.31 24.69
C ALA I 178 -19.44 -61.29 25.82
N ALA I 179 -18.82 -60.17 25.52
CA ALA I 179 -18.61 -59.10 26.50
C ALA I 179 -18.78 -57.76 25.80
N GLN I 180 -18.68 -56.67 26.55
CA GLN I 180 -18.82 -55.34 25.95
C GLN I 180 -17.71 -55.16 24.93
N GLN I 181 -18.10 -54.97 23.68
CA GLN I 181 -17.16 -54.78 22.57
C GLN I 181 -16.85 -53.31 22.30
N GLN I 182 -15.91 -53.08 21.38
CA GLN I 182 -15.55 -51.72 21.03
C GLN I 182 -16.67 -51.13 20.18
N PRO I 183 -16.69 -49.81 20.01
CA PRO I 183 -17.73 -49.12 19.22
C PRO I 183 -17.71 -49.43 17.73
N PHE I 184 -18.85 -49.30 17.07
CA PHE I 184 -18.94 -49.55 15.64
C PHE I 184 -19.55 -48.36 14.90
N PHE I 185 -19.10 -48.15 13.67
CA PHE I 185 -19.59 -47.05 12.86
C PHE I 185 -19.87 -47.58 11.47
N VAL I 186 -21.13 -47.88 11.17
CA VAL I 186 -21.48 -48.38 9.85
C VAL I 186 -22.34 -47.39 9.08
N ALA I 187 -22.56 -47.66 7.80
CA ALA I 187 -23.37 -46.75 7.03
C ALA I 187 -24.21 -47.47 5.99
N GLU I 188 -25.46 -47.03 5.86
CA GLU I 188 -26.39 -47.61 4.90
C GLU I 188 -26.52 -46.67 3.74
N ARG I 189 -27.64 -46.76 3.03
CA ARG I 189 -27.89 -45.89 1.90
C ARG I 189 -28.43 -44.56 2.39
N ARG I 190 -29.42 -44.63 3.27
CA ARG I 190 -30.05 -43.41 3.74
C ARG I 190 -29.80 -43.05 5.20
N ARG I 191 -28.87 -43.73 5.86
CA ARG I 191 -28.59 -43.39 7.25
C ARG I 191 -27.25 -43.92 7.79
N ILE I 192 -26.84 -43.37 8.93
CA ILE I 192 -25.60 -43.73 9.57
C ILE I 192 -25.88 -44.30 10.95
N LEU I 193 -25.21 -45.41 11.28
CA LEU I 193 -25.38 -46.08 12.57
C LEU I 193 -24.10 -46.17 13.38
N PHE I 194 -24.22 -45.97 14.69
CA PHE I 194 -23.08 -46.07 15.58
C PHE I 194 -23.60 -46.51 16.95
N GLY I 195 -22.78 -47.25 17.69
CA GLY I 195 -23.21 -47.71 19.01
C GLY I 195 -22.22 -48.62 19.70
N ILE I 196 -22.66 -49.25 20.78
CA ILE I 196 -21.82 -50.18 21.52
C ILE I 196 -22.64 -51.39 21.85
N ARG I 197 -22.13 -52.57 21.49
CA ARG I 197 -22.84 -53.81 21.75
C ARG I 197 -22.33 -54.48 23.03
N SER I 198 -23.22 -55.13 23.78
CA SER I 198 -22.83 -55.80 25.03
C SER I 198 -23.86 -56.82 25.51
N ASN I 199 -23.39 -57.77 26.32
CA ASN I 199 -24.24 -58.84 26.85
C ASN I 199 -24.79 -58.46 28.24
N ALA I 200 -24.26 -57.37 28.78
CA ALA I 200 -24.69 -56.88 30.09
C ALA I 200 -24.76 -55.36 30.05
N ALA I 201 -25.76 -54.82 30.74
CA ALA I 201 -26.01 -53.38 30.81
C ALA I 201 -24.78 -52.47 30.75
N ILE I 202 -24.96 -51.32 30.11
CA ILE I 202 -23.92 -50.31 29.99
C ILE I 202 -24.44 -49.14 30.78
N PRO I 203 -23.70 -48.73 31.81
CA PRO I 203 -24.08 -47.62 32.68
C PRO I 203 -24.47 -46.32 31.99
N ALA I 204 -25.31 -45.55 32.65
CA ALA I 204 -25.72 -44.27 32.12
C ALA I 204 -24.45 -43.41 32.17
N GLY I 205 -24.43 -42.29 31.47
CA GLY I 205 -23.25 -41.44 31.49
C GLY I 205 -22.71 -41.08 30.12
N ALA I 206 -21.54 -40.46 30.10
CA ALA I 206 -20.93 -40.04 28.83
C ALA I 206 -20.04 -41.08 28.14
N TYR I 207 -20.02 -41.04 26.80
CA TYR I 207 -19.22 -41.93 25.97
C TYR I 207 -18.84 -41.22 24.68
N GLN I 208 -17.55 -41.15 24.38
CA GLN I 208 -17.11 -40.50 23.15
C GLN I 208 -17.02 -41.54 22.03
N PHE I 209 -17.30 -41.12 20.80
CA PHE I 209 -17.20 -42.00 19.64
C PHE I 209 -16.34 -41.29 18.63
N VAL I 210 -15.27 -41.94 18.18
CA VAL I 210 -14.38 -41.33 17.19
C VAL I 210 -14.99 -41.40 15.80
N VAL I 211 -15.32 -40.25 15.25
CA VAL I 211 -15.89 -40.22 13.91
C VAL I 211 -14.78 -40.60 12.95
N PRO I 212 -14.92 -41.76 12.29
CA PRO I 212 -13.94 -42.28 11.34
C PRO I 212 -13.63 -41.34 10.19
N ALA I 213 -12.37 -41.30 9.80
CA ALA I 213 -11.91 -40.43 8.73
C ALA I 213 -12.85 -40.30 7.52
N TRP I 214 -13.42 -41.41 7.08
CA TRP I 214 -14.30 -41.38 5.92
C TRP I 214 -15.59 -40.61 6.12
N ALA I 215 -16.15 -40.67 7.32
CA ALA I 215 -17.41 -39.98 7.59
C ALA I 215 -17.22 -38.56 8.12
N SER I 216 -15.99 -38.18 8.41
CA SER I 216 -15.71 -36.84 8.96
C SER I 216 -15.94 -35.70 7.98
N VAL I 217 -16.59 -36.00 6.86
CA VAL I 217 -16.87 -35.00 5.85
C VAL I 217 -18.36 -34.92 5.59
N LEU I 218 -19.12 -35.78 6.28
CA LEU I 218 -20.55 -35.79 6.11
C LEU I 218 -21.28 -34.66 6.81
N SER I 219 -22.55 -34.51 6.45
CA SER I 219 -23.43 -33.51 7.02
C SER I 219 -24.87 -33.96 6.80
N VAL I 220 -25.73 -33.66 7.76
CA VAL I 220 -27.12 -34.06 7.63
C VAL I 220 -28.08 -32.92 7.86
N THR I 221 -29.26 -33.08 7.28
CA THR I 221 -30.35 -32.12 7.38
C THR I 221 -31.63 -32.93 7.39
N GLY I 222 -32.68 -32.37 7.98
CA GLY I 222 -33.96 -33.06 8.06
C GLY I 222 -33.74 -34.47 8.55
N ALA I 223 -32.85 -34.61 9.53
CA ALA I 223 -32.51 -35.90 10.07
C ALA I 223 -33.21 -36.24 11.37
N TYR I 224 -33.61 -37.49 11.48
CA TYR I 224 -34.25 -38.02 12.68
C TYR I 224 -33.12 -38.85 13.30
N VAL I 225 -33.00 -38.85 14.62
CA VAL I 225 -31.96 -39.65 15.28
C VAL I 225 -32.63 -40.48 16.34
N TYR I 226 -32.49 -41.80 16.24
CA TYR I 226 -33.14 -42.69 17.20
C TYR I 226 -32.37 -43.97 17.53
N PHE I 227 -32.93 -44.76 18.44
CA PHE I 227 -32.34 -46.02 18.85
C PHE I 227 -32.94 -47.10 17.99
N THR I 228 -32.08 -47.87 17.32
CA THR I 228 -32.55 -48.94 16.44
C THR I 228 -31.76 -50.23 16.62
N ASN I 229 -32.22 -51.27 15.93
CA ASN I 229 -31.60 -52.58 16.02
C ASN I 229 -31.47 -53.35 14.70
N SER I 230 -31.49 -52.65 13.57
CA SER I 230 -31.33 -53.31 12.28
C SER I 230 -30.35 -52.50 11.44
N PHE I 231 -29.57 -53.24 10.64
CA PHE I 231 -28.54 -52.71 9.76
C PHE I 231 -28.71 -53.32 8.39
N PHE I 232 -29.27 -52.53 7.48
CA PHE I 232 -29.54 -52.97 6.12
C PHE I 232 -30.68 -53.95 6.13
N GLY I 233 -31.50 -53.85 7.17
CA GLY I 233 -32.64 -54.74 7.29
C GLY I 233 -32.29 -56.05 7.95
N THR I 234 -31.11 -56.08 8.56
CA THR I 234 -30.60 -57.26 9.24
C THR I 234 -30.51 -56.98 10.74
N ILE I 235 -31.26 -57.74 11.54
CA ILE I 235 -31.26 -57.54 12.98
C ILE I 235 -29.90 -57.55 13.63
N ILE I 236 -29.66 -56.51 14.42
CA ILE I 236 -28.42 -56.36 15.18
C ILE I 236 -28.73 -56.94 16.56
N ALA I 237 -27.75 -57.66 17.12
CA ALA I 237 -27.93 -58.25 18.43
C ALA I 237 -27.00 -57.57 19.41
N GLY I 238 -27.31 -57.72 20.69
CA GLY I 238 -26.48 -57.11 21.70
C GLY I 238 -26.77 -55.64 21.79
N VAL I 239 -28.03 -55.30 21.59
CA VAL I 239 -28.49 -53.93 21.64
C VAL I 239 -29.98 -53.98 21.94
N THR I 240 -30.42 -53.08 22.82
CA THR I 240 -31.83 -52.99 23.20
C THR I 240 -32.39 -51.71 22.62
N ALA I 241 -33.54 -51.79 21.99
CA ALA I 241 -34.14 -50.61 21.40
C ALA I 241 -35.32 -50.19 22.21
N THR I 242 -35.43 -50.72 23.41
CA THR I 242 -36.56 -50.37 24.25
C THR I 242 -36.29 -49.12 25.04
N ALA I 243 -37.35 -48.57 25.62
CA ALA I 243 -37.31 -47.37 26.45
C ALA I 243 -38.73 -47.05 26.93
N THR I 244 -38.86 -46.18 27.93
CA THR I 244 -40.19 -45.79 28.47
C THR I 244 -40.39 -44.28 28.41
N ALA I 245 -41.64 -43.84 28.43
CA ALA I 245 -41.93 -42.41 28.37
C ALA I 245 -41.32 -41.71 29.58
N ALA I 246 -41.12 -42.49 30.63
CA ALA I 246 -40.55 -41.98 31.87
C ALA I 246 -39.02 -41.81 31.81
N ASP I 247 -38.37 -42.56 30.93
CA ASP I 247 -36.91 -42.50 30.79
C ASP I 247 -36.32 -41.11 30.76
N ALA I 248 -35.12 -40.98 31.33
CA ALA I 248 -34.42 -39.70 31.33
C ALA I 248 -34.00 -39.49 29.87
N ALA I 249 -33.88 -38.25 29.45
CA ALA I 249 -33.52 -37.95 28.06
C ALA I 249 -32.07 -38.25 27.66
N THR I 250 -31.88 -38.80 26.46
CA THR I 250 -30.54 -39.10 25.94
C THR I 250 -30.20 -38.10 24.86
N THR I 251 -29.05 -37.45 24.98
CA THR I 251 -28.60 -36.44 23.99
C THR I 251 -27.13 -36.56 23.62
N PHE I 252 -26.74 -36.00 22.49
CA PHE I 252 -25.35 -36.05 22.05
C PHE I 252 -24.92 -34.68 21.57
N THR I 253 -23.62 -34.46 21.39
CA THR I 253 -23.15 -33.15 20.94
C THR I 253 -22.06 -33.27 19.88
N VAL I 254 -21.93 -32.23 19.09
CA VAL I 254 -20.93 -32.20 18.05
C VAL I 254 -20.09 -30.99 18.34
N PRO I 255 -18.79 -31.06 18.06
CA PRO I 255 -17.89 -29.95 18.31
C PRO I 255 -18.22 -28.69 17.51
N THR I 256 -19.26 -28.78 16.67
CA THR I 256 -19.67 -27.65 15.85
C THR I 256 -20.88 -26.91 16.39
N ASP I 257 -21.72 -27.59 17.15
CA ASP I 257 -22.91 -26.98 17.70
C ASP I 257 -22.83 -26.90 19.20
N ALA I 258 -23.00 -25.71 19.74
CA ALA I 258 -22.93 -25.49 21.17
C ALA I 258 -24.07 -26.17 21.94
N ASN I 259 -25.15 -26.50 21.25
CA ASN I 259 -26.29 -27.12 21.91
C ASN I 259 -26.39 -28.62 21.72
N ASN I 260 -26.99 -29.27 22.71
CA ASN I 260 -27.16 -30.71 22.69
C ASN I 260 -28.21 -31.08 21.66
N LEU I 261 -27.97 -32.18 20.96
CA LEU I 261 -28.90 -32.67 19.97
C LEU I 261 -29.64 -33.84 20.58
N PRO I 262 -30.95 -33.70 20.76
CA PRO I 262 -31.79 -34.73 21.35
C PRO I 262 -31.85 -36.00 20.53
N VAL I 263 -32.15 -37.10 21.20
CA VAL I 263 -32.25 -38.39 20.55
C VAL I 263 -33.61 -39.01 20.86
N GLN I 264 -34.20 -39.70 19.89
CA GLN I 264 -35.50 -40.34 20.05
C GLN I 264 -36.63 -39.30 20.08
N THR I 265 -36.43 -38.19 19.36
CA THR I 265 -37.42 -37.12 19.27
C THR I 265 -37.93 -36.94 17.87
N ASP I 266 -39.14 -36.41 17.76
CA ASP I 266 -39.74 -36.18 16.45
C ASP I 266 -39.16 -34.94 15.77
N SER I 267 -38.17 -34.30 16.38
CA SER I 267 -37.57 -33.09 15.81
C SER I 267 -36.55 -33.41 14.70
N ARG I 268 -36.59 -32.64 13.61
CA ARG I 268 -35.66 -32.84 12.49
C ARG I 268 -34.36 -32.09 12.75
N LEU I 269 -33.26 -32.81 12.78
CA LEU I 269 -31.99 -32.19 13.08
C LEU I 269 -31.08 -31.88 11.93
N SER I 270 -30.10 -31.03 12.22
CA SER I 270 -29.07 -30.57 11.27
C SER I 270 -27.74 -30.42 12.01
N PHE I 271 -26.75 -31.20 11.62
CA PHE I 271 -25.46 -31.11 12.27
C PHE I 271 -24.43 -31.71 11.35
N SER I 272 -23.15 -31.53 11.67
CA SER I 272 -22.09 -32.08 10.81
C SER I 272 -21.09 -32.92 11.56
N LEU I 273 -20.75 -34.07 10.99
CA LEU I 273 -19.80 -34.98 11.62
C LEU I 273 -18.36 -34.54 11.42
N GLY I 274 -18.16 -33.28 11.13
CA GLY I 274 -16.82 -32.82 10.92
C GLY I 274 -16.36 -31.91 12.03
N GLY I 275 -15.23 -32.24 12.65
CA GLY I 275 -14.76 -31.35 13.69
C GLY I 275 -14.14 -32.13 14.82
N GLY I 276 -14.48 -33.41 14.90
CA GLY I 276 -13.91 -34.18 15.97
C GLY I 276 -14.72 -35.40 16.23
N ASN I 277 -15.07 -35.61 17.49
CA ASN I 277 -15.85 -36.77 17.90
C ASN I 277 -17.20 -36.34 18.41
N ILE I 278 -18.17 -37.25 18.35
CA ILE I 278 -19.49 -36.92 18.86
C ILE I 278 -19.52 -37.42 20.29
N ASN I 279 -20.16 -36.65 21.17
CA ASN I 279 -20.24 -36.97 22.59
C ASN I 279 -21.63 -37.42 23.03
N LEU I 280 -21.90 -38.73 22.99
CA LEU I 280 -23.21 -39.25 23.39
C LEU I 280 -23.38 -39.32 24.90
N GLU I 281 -24.57 -39.02 25.37
CA GLU I 281 -24.88 -39.06 26.79
C GLU I 281 -26.06 -39.96 27.05
N LEU I 282 -25.77 -41.24 27.30
CA LEU I 282 -26.82 -42.21 27.55
C LEU I 282 -27.54 -41.82 28.83
N GLY I 283 -28.79 -41.40 28.70
CA GLY I 283 -29.56 -40.99 29.86
C GLY I 283 -29.93 -42.11 30.81
N VAL I 284 -30.15 -43.30 30.25
CA VAL I 284 -30.50 -44.47 31.04
C VAL I 284 -29.60 -45.61 30.63
N ALA I 285 -29.19 -46.43 31.59
CA ALA I 285 -28.34 -47.56 31.30
C ALA I 285 -29.12 -48.52 30.38
N LYS I 286 -28.45 -48.96 29.33
CA LYS I 286 -29.04 -49.87 28.35
C LYS I 286 -28.12 -51.06 28.06
N THR I 287 -28.72 -52.21 27.81
CA THR I 287 -27.98 -53.43 27.52
C THR I 287 -27.51 -53.42 26.06
N GLY I 288 -26.62 -52.48 25.74
CA GLY I 288 -26.13 -52.37 24.37
C GLY I 288 -27.05 -51.46 23.58
N PHE I 289 -26.50 -50.39 23.01
CA PHE I 289 -27.35 -49.46 22.25
C PHE I 289 -26.80 -49.14 20.88
N CYS I 290 -27.70 -48.71 19.99
CA CYS I 290 -27.32 -48.32 18.62
C CYS I 290 -28.07 -47.07 18.19
N VAL I 291 -27.32 -45.99 17.95
CA VAL I 291 -27.90 -44.73 17.52
C VAL I 291 -27.98 -44.66 16.01
N ALA I 292 -29.08 -44.11 15.51
CA ALA I 292 -29.29 -43.98 14.08
C ALA I 292 -29.45 -42.51 13.68
N ILE I 293 -28.72 -42.11 12.64
CA ILE I 293 -28.84 -40.76 12.13
C ILE I 293 -29.41 -40.96 10.73
N GLU I 294 -30.70 -40.69 10.55
CA GLU I 294 -31.37 -40.86 9.25
C GLU I 294 -31.92 -39.54 8.75
N GLY I 295 -31.36 -39.10 7.62
CA GLY I 295 -31.79 -37.84 7.02
C GLY I 295 -31.13 -37.67 5.67
N GLU I 296 -30.96 -36.42 5.24
CA GLU I 296 -30.32 -36.16 3.96
C GLU I 296 -28.86 -35.94 4.24
N PHE I 297 -27.99 -36.66 3.53
CA PHE I 297 -26.58 -36.51 3.75
C PHE I 297 -25.90 -35.74 2.64
N THR I 298 -24.94 -34.91 3.01
CA THR I 298 -24.23 -34.10 2.04
C THR I 298 -22.76 -34.05 2.43
N ILE I 299 -21.89 -33.75 1.47
CA ILE I 299 -20.47 -33.66 1.77
C ILE I 299 -20.09 -32.22 2.07
N LEU I 300 -19.58 -31.99 3.29
CA LEU I 300 -19.18 -30.65 3.71
C LEU I 300 -18.47 -29.90 2.62
N ALA I 301 -18.64 -28.59 2.59
CA ALA I 301 -18.00 -27.79 1.56
C ALA I 301 -16.49 -27.98 1.56
N ASN I 302 -15.90 -27.96 0.37
CA ASN I 302 -14.45 -28.08 0.20
C ASN I 302 -13.83 -29.31 0.83
N ARG I 303 -14.61 -30.38 0.96
CA ARG I 303 -14.10 -31.60 1.55
C ARG I 303 -14.31 -32.77 0.61
N SER I 304 -14.93 -32.53 -0.54
CA SER I 304 -15.19 -33.58 -1.50
C SER I 304 -13.91 -34.13 -2.10
N GLN I 305 -12.79 -33.45 -1.84
CA GLN I 305 -11.51 -33.88 -2.36
C GLN I 305 -11.07 -35.19 -1.75
N ALA I 306 -11.55 -35.46 -0.55
CA ALA I 306 -11.20 -36.69 0.12
C ALA I 306 -11.81 -37.85 -0.64
N TYR I 307 -13.13 -37.84 -0.74
CA TYR I 307 -13.84 -38.91 -1.43
C TYR I 307 -13.32 -39.19 -2.85
N TYR I 308 -13.31 -38.16 -3.67
CA TYR I 308 -12.90 -38.28 -5.07
C TYR I 308 -11.40 -38.36 -5.41
N THR I 309 -10.52 -37.96 -4.50
CA THR I 309 -9.09 -38.01 -4.77
C THR I 309 -8.48 -39.24 -4.11
N LEU I 310 -9.35 -40.09 -3.56
CA LEU I 310 -8.93 -41.30 -2.87
C LEU I 310 -7.97 -40.94 -1.76
N ASN I 311 -8.27 -39.85 -1.06
CA ASN I 311 -7.41 -39.41 0.02
C ASN I 311 -7.93 -39.87 1.38
N SER I 312 -9.17 -40.34 1.43
CA SER I 312 -9.74 -40.80 2.67
C SER I 312 -9.30 -42.25 2.86
N ILE I 313 -8.29 -42.65 2.10
CA ILE I 313 -7.78 -44.01 2.18
C ILE I 313 -6.51 -44.09 3.03
N THR I 314 -6.56 -44.90 4.09
CA THR I 314 -5.40 -45.04 4.99
C THR I 314 -4.84 -46.44 5.16
N GLN I 315 -5.66 -47.47 5.01
CA GLN I 315 -5.20 -48.86 5.17
C GLN I 315 -5.04 -49.64 3.86
N THR I 316 -4.62 -50.90 3.96
CA THR I 316 -4.44 -51.76 2.77
C THR I 316 -4.53 -53.23 3.16
N PRO I 317 -5.44 -53.99 2.53
CA PRO I 317 -6.33 -53.46 1.48
C PRO I 317 -7.35 -52.51 2.08
N THR I 318 -8.33 -52.13 1.26
CA THR I 318 -9.38 -51.22 1.72
C THR I 318 -10.63 -51.43 0.90
N SER I 319 -11.77 -51.11 1.48
CA SER I 319 -13.02 -51.21 0.75
C SER I 319 -13.04 -49.94 -0.07
N ILE I 320 -13.64 -50.00 -1.24
CA ILE I 320 -13.74 -48.82 -2.07
C ILE I 320 -14.91 -49.02 -3.01
N ASP I 321 -15.67 -47.96 -3.23
CA ASP I 321 -16.83 -48.02 -4.11
C ASP I 321 -16.33 -47.77 -5.52
N ASP I 322 -17.17 -47.23 -6.41
CA ASP I 322 -16.78 -46.98 -7.79
C ASP I 322 -17.19 -45.65 -8.39
N PHE I 323 -17.60 -44.71 -7.54
CA PHE I 323 -17.98 -43.41 -8.04
C PHE I 323 -19.08 -43.54 -9.07
N ASP I 324 -19.88 -44.59 -8.94
CA ASP I 324 -21.02 -44.82 -9.81
C ASP I 324 -20.84 -45.21 -11.28
N VAL I 325 -19.62 -45.36 -11.79
CA VAL I 325 -19.50 -45.70 -13.21
C VAL I 325 -20.37 -46.87 -13.60
N SER I 326 -20.39 -47.88 -12.75
CA SER I 326 -21.19 -49.06 -13.00
C SER I 326 -22.59 -48.73 -13.50
N ASP I 327 -23.16 -47.66 -12.95
CA ASP I 327 -24.51 -47.21 -13.28
C ASP I 327 -24.64 -46.65 -14.70
N PHE I 328 -23.55 -46.10 -15.22
CA PHE I 328 -23.59 -45.53 -16.55
C PHE I 328 -23.22 -46.52 -17.64
N LEU I 329 -22.37 -47.46 -17.31
CA LEU I 329 -21.94 -48.44 -18.29
C LEU I 329 -23.06 -49.28 -18.87
N THR I 330 -24.14 -49.45 -18.12
CA THR I 330 -25.26 -50.26 -18.57
C THR I 330 -25.52 -50.24 -20.08
N THR I 331 -25.91 -49.10 -20.62
CA THR I 331 -26.17 -49.01 -22.06
C THR I 331 -25.09 -49.65 -22.92
N PHE I 332 -23.86 -49.13 -22.81
CA PHE I 332 -22.75 -49.64 -23.59
C PHE I 332 -22.63 -51.15 -23.51
N LEU I 333 -22.64 -51.68 -22.31
CA LEU I 333 -22.56 -53.12 -22.14
C LEU I 333 -23.68 -53.73 -22.95
N SER I 334 -24.90 -53.28 -22.70
CA SER I 334 -26.04 -53.79 -23.44
C SER I 334 -25.78 -53.85 -24.92
N GLN I 335 -25.08 -52.85 -25.43
CA GLN I 335 -24.76 -52.84 -26.85
C GLN I 335 -23.71 -53.90 -27.16
N LEU I 336 -22.65 -53.95 -26.35
CA LEU I 336 -21.59 -54.93 -26.58
C LEU I 336 -22.09 -56.37 -26.66
N ARG I 337 -23.11 -56.73 -25.89
CA ARG I 337 -23.62 -58.11 -25.90
C ARG I 337 -24.41 -58.35 -27.15
N ALA I 338 -25.17 -57.34 -27.55
CA ALA I 338 -26.01 -57.46 -28.71
C ALA I 338 -25.26 -57.71 -30.01
N CYS I 339 -23.93 -57.64 -29.97
CA CYS I 339 -23.15 -57.86 -31.18
C CYS I 339 -21.89 -58.68 -30.94
N GLY I 340 -21.95 -59.52 -29.91
CA GLY I 340 -20.84 -60.41 -29.59
C GLY I 340 -19.54 -59.79 -29.14
N GLN I 341 -19.33 -58.52 -29.42
CA GLN I 341 -18.09 -57.89 -29.03
C GLN I 341 -17.80 -57.98 -27.53
N TYR I 342 -18.81 -58.27 -26.73
CA TYR I 342 -18.60 -58.34 -25.29
C TYR I 342 -17.29 -58.99 -24.88
N GLU I 343 -17.00 -60.15 -25.47
CA GLU I 343 -15.77 -60.86 -25.15
C GLU I 343 -14.56 -60.07 -25.59
N ILE I 344 -14.42 -59.87 -26.91
CA ILE I 344 -13.28 -59.15 -27.47
C ILE I 344 -13.00 -57.83 -26.74
N PHE I 345 -14.03 -57.02 -26.54
CA PHE I 345 -13.85 -55.75 -25.88
C PHE I 345 -13.19 -55.95 -24.52
N SER I 346 -13.70 -56.93 -23.77
CA SER I 346 -13.12 -57.20 -22.46
C SER I 346 -11.61 -57.44 -22.60
N ASP I 347 -11.25 -58.43 -23.39
CA ASP I 347 -9.84 -58.74 -23.58
C ASP I 347 -9.03 -57.50 -23.96
N ALA I 348 -9.62 -56.59 -24.71
CA ALA I 348 -8.90 -55.39 -25.12
C ALA I 348 -8.73 -54.45 -23.94
N MET I 349 -9.66 -54.51 -23.00
CA MET I 349 -9.62 -53.65 -21.83
C MET I 349 -8.57 -54.09 -20.82
N ASP I 350 -8.48 -55.40 -20.60
CA ASP I 350 -7.50 -55.93 -19.67
C ASP I 350 -6.16 -55.44 -20.20
N GLN I 351 -6.05 -55.41 -21.52
CA GLN I 351 -4.86 -54.95 -22.21
C GLN I 351 -4.64 -53.47 -21.89
N LEU I 352 -5.69 -52.69 -22.10
CA LEU I 352 -5.68 -51.25 -21.84
C LEU I 352 -5.18 -51.09 -20.41
N THR I 353 -5.90 -51.69 -19.48
CA THR I 353 -5.57 -51.62 -18.06
C THR I 353 -4.13 -52.02 -17.78
N ASN I 354 -3.71 -53.20 -18.23
CA ASN I 354 -2.34 -53.65 -17.97
C ASN I 354 -1.37 -52.59 -18.44
N SER I 355 -1.47 -52.24 -19.72
CA SER I 355 -0.59 -51.24 -20.30
C SER I 355 -0.57 -49.94 -19.47
N LEU I 356 -1.71 -49.59 -18.87
CA LEU I 356 -1.78 -48.37 -18.06
C LEU I 356 -0.96 -48.52 -16.79
N ILE I 357 -1.25 -49.57 -16.01
CA ILE I 357 -0.52 -49.80 -14.78
C ILE I 357 0.96 -49.80 -15.10
N THR I 358 1.30 -50.40 -16.25
CA THR I 358 2.70 -50.48 -16.69
C THR I 358 3.36 -49.11 -16.61
N ASN I 359 2.95 -48.19 -17.48
CA ASN I 359 3.54 -46.84 -17.51
C ASN I 359 3.60 -46.15 -16.14
N TYR I 360 2.74 -46.52 -15.21
CA TYR I 360 2.76 -45.86 -13.91
C TYR I 360 3.81 -46.43 -12.95
N MET I 361 4.63 -47.34 -13.44
CA MET I 361 5.61 -47.94 -12.57
C MET I 361 7.05 -47.98 -13.08
N ASP I 362 7.99 -47.44 -12.33
CA ASP I 362 9.36 -47.52 -12.81
C ASP I 362 10.05 -48.76 -12.12
N PRO I 363 10.64 -49.69 -12.89
CA PRO I 363 10.82 -49.81 -14.34
C PRO I 363 9.59 -50.39 -15.05
N PRO I 364 9.28 -49.87 -16.25
CA PRO I 364 8.19 -50.22 -17.17
C PRO I 364 7.87 -51.72 -17.26
N ALA I 365 7.19 -52.26 -16.25
CA ALA I 365 6.81 -53.66 -16.27
C ALA I 365 5.69 -54.01 -15.28
N ILE I 366 4.79 -54.91 -15.68
CA ILE I 366 3.68 -55.32 -14.83
C ILE I 366 4.19 -55.78 -13.46
N PRO I 367 3.56 -55.35 -12.36
CA PRO I 367 4.02 -55.76 -11.02
C PRO I 367 3.62 -57.21 -10.73
N ALA I 368 4.41 -57.90 -9.91
CA ALA I 368 4.11 -59.29 -9.60
C ALA I 368 2.98 -59.42 -8.59
N GLY I 369 2.20 -60.49 -8.74
CA GLY I 369 1.08 -60.72 -7.84
C GLY I 369 -0.18 -60.01 -8.26
N LEU I 370 -0.19 -59.50 -9.48
CA LEU I 370 -1.35 -58.79 -9.98
C LEU I 370 -2.25 -59.66 -10.82
N ALA I 371 -3.43 -59.96 -10.30
CA ALA I 371 -4.39 -60.77 -11.02
C ALA I 371 -5.76 -60.23 -10.67
N PHE I 372 -6.56 -59.92 -11.69
CA PHE I 372 -7.88 -59.37 -11.45
C PHE I 372 -8.90 -60.47 -11.18
N THR I 373 -9.84 -60.18 -10.29
CA THR I 373 -10.88 -61.13 -9.93
C THR I 373 -12.16 -60.82 -10.65
N SER I 374 -12.19 -59.68 -11.35
CA SER I 374 -13.39 -59.25 -12.08
C SER I 374 -13.12 -58.51 -13.38
N PRO I 375 -14.13 -58.40 -14.25
CA PRO I 375 -14.00 -57.72 -15.53
C PRO I 375 -13.89 -56.20 -15.45
N TRP I 376 -13.33 -55.60 -16.49
CA TRP I 376 -13.11 -54.16 -16.61
C TRP I 376 -14.24 -53.27 -16.14
N PHE I 377 -15.45 -53.77 -16.24
CA PHE I 377 -16.61 -52.99 -15.87
C PHE I 377 -17.12 -53.18 -14.45
N ARG I 378 -16.42 -53.96 -13.63
CA ARG I 378 -16.87 -54.13 -12.26
C ARG I 378 -15.93 -53.32 -11.41
N PHE I 379 -15.44 -52.26 -12.03
CA PHE I 379 -14.50 -51.32 -11.46
C PHE I 379 -14.34 -51.34 -9.96
N SER I 380 -15.47 -51.24 -9.24
CA SER I 380 -15.43 -51.26 -7.79
C SER I 380 -14.37 -52.22 -7.27
N GLU I 381 -14.42 -53.44 -7.79
CA GLU I 381 -13.50 -54.49 -7.40
C GLU I 381 -12.08 -54.25 -7.94
N ARG I 382 -11.95 -54.04 -9.25
CA ARG I 382 -10.62 -53.82 -9.81
C ARG I 382 -9.87 -52.72 -9.08
N ALA I 383 -10.61 -51.75 -8.54
CA ALA I 383 -10.00 -50.66 -7.83
C ALA I 383 -9.41 -51.19 -6.54
N ARG I 384 -10.12 -52.12 -5.90
CA ARG I 384 -9.64 -52.70 -4.66
C ARG I 384 -8.36 -53.47 -4.96
N THR I 385 -8.46 -54.35 -5.95
CA THR I 385 -7.35 -55.16 -6.39
C THR I 385 -6.11 -54.27 -6.59
N ILE I 386 -6.26 -53.19 -7.35
CA ILE I 386 -5.12 -52.30 -7.58
C ILE I 386 -4.67 -51.63 -6.30
N LEU I 387 -5.63 -51.21 -5.48
CA LEU I 387 -5.29 -50.55 -4.22
C LEU I 387 -4.85 -51.57 -3.19
N ALA I 388 -4.26 -52.67 -3.64
CA ALA I 388 -3.82 -53.71 -2.71
C ALA I 388 -2.43 -54.24 -3.01
N LEU I 389 -1.75 -53.62 -3.97
CA LEU I 389 -0.40 -54.05 -4.32
C LEU I 389 0.58 -53.38 -3.35
N GLN I 390 0.91 -54.05 -2.25
CA GLN I 390 1.81 -53.47 -1.26
C GLN I 390 3.26 -53.32 -1.70
N ASN I 391 3.57 -53.78 -2.91
CA ASN I 391 4.91 -53.67 -3.45
C ASN I 391 5.05 -52.40 -4.29
N VAL I 392 3.94 -51.68 -4.45
CA VAL I 392 3.91 -50.44 -5.21
C VAL I 392 3.53 -49.29 -4.29
N ASP I 393 4.29 -48.20 -4.36
CA ASP I 393 4.03 -47.03 -3.53
C ASP I 393 2.52 -46.75 -3.45
N LEU I 394 2.04 -46.30 -2.30
CA LEU I 394 0.61 -46.03 -2.14
C LEU I 394 0.07 -44.99 -3.11
N ASN I 395 0.69 -43.83 -3.12
CA ASN I 395 0.25 -42.76 -3.99
C ASN I 395 0.13 -43.12 -5.44
N ILE I 396 1.02 -43.98 -5.92
CA ILE I 396 0.95 -44.38 -7.31
C ILE I 396 -0.26 -45.27 -7.53
N ARG I 397 -0.59 -46.04 -6.50
CA ARG I 397 -1.75 -46.93 -6.57
C ARG I 397 -2.99 -46.07 -6.79
N LYS I 398 -3.14 -45.05 -5.95
CA LYS I 398 -4.27 -44.13 -6.03
C LYS I 398 -4.40 -43.57 -7.43
N LEU I 399 -3.35 -42.91 -7.90
CA LEU I 399 -3.36 -42.33 -9.24
C LEU I 399 -3.84 -43.34 -10.28
N ILE I 400 -3.32 -44.55 -10.23
CA ILE I 400 -3.75 -45.55 -11.18
C ILE I 400 -5.27 -45.71 -11.15
N VAL I 401 -5.85 -45.87 -9.96
CA VAL I 401 -7.30 -46.01 -9.86
C VAL I 401 -7.98 -44.82 -10.51
N ARG I 402 -7.66 -43.62 -10.02
CA ARG I 402 -8.23 -42.39 -10.54
C ARG I 402 -8.22 -42.38 -12.07
N HIS I 403 -7.01 -42.47 -12.61
CA HIS I 403 -6.78 -42.47 -14.05
C HIS I 403 -7.64 -43.53 -14.77
N LEU I 404 -7.57 -44.78 -14.31
CA LEU I 404 -8.34 -45.84 -14.95
C LEU I 404 -9.82 -45.51 -14.92
N TRP I 405 -10.27 -44.84 -13.85
CA TRP I 405 -11.67 -44.48 -13.74
C TRP I 405 -12.08 -43.56 -14.88
N VAL I 406 -11.32 -42.50 -15.07
CA VAL I 406 -11.61 -41.56 -16.15
C VAL I 406 -11.70 -42.25 -17.50
N ILE I 407 -10.76 -43.16 -17.79
CA ILE I 407 -10.80 -43.88 -19.04
C ILE I 407 -12.08 -44.70 -19.11
N THR I 408 -12.48 -45.32 -17.99
CA THR I 408 -13.69 -46.11 -17.99
C THR I 408 -14.88 -45.21 -18.26
N SER I 409 -14.99 -44.12 -17.51
CA SER I 409 -16.10 -43.18 -17.67
C SER I 409 -16.23 -42.76 -19.12
N LEU I 410 -15.12 -42.36 -19.73
CA LEU I 410 -15.13 -41.94 -21.12
C LEU I 410 -15.77 -43.03 -21.98
N ILE I 411 -15.37 -44.27 -21.74
CA ILE I 411 -15.91 -45.38 -22.49
C ILE I 411 -17.43 -45.46 -22.33
N ALA I 412 -17.89 -45.25 -21.11
CA ALA I 412 -19.30 -45.30 -20.80
C ALA I 412 -20.07 -44.25 -21.57
N VAL I 413 -19.43 -43.11 -21.80
CA VAL I 413 -20.05 -42.02 -22.51
C VAL I 413 -19.99 -42.16 -24.02
N PHE I 414 -18.79 -42.41 -24.56
CA PHE I 414 -18.61 -42.52 -26.00
C PHE I 414 -19.06 -43.80 -26.69
N GLY I 415 -19.09 -44.91 -25.98
CA GLY I 415 -19.45 -46.14 -26.65
C GLY I 415 -20.90 -46.40 -26.98
N ARG I 416 -21.78 -45.89 -26.13
CA ARG I 416 -23.21 -46.09 -26.26
C ARG I 416 -23.86 -46.26 -27.63
N TYR I 417 -23.47 -45.49 -28.63
CA TYR I 417 -24.13 -45.66 -29.93
C TYR I 417 -23.55 -46.73 -30.85
N TYR I 418 -22.57 -47.47 -30.33
CA TYR I 418 -21.88 -48.55 -31.04
C TYR I 418 -22.74 -49.61 -31.71
N ARG I 419 -22.76 -49.61 -33.03
CA ARG I 419 -23.50 -50.62 -33.77
C ARG I 419 -22.54 -51.06 -34.86
N PRO I 420 -21.51 -51.82 -34.45
CA PRO I 420 -20.52 -52.30 -35.40
C PRO I 420 -21.12 -53.20 -36.44
N ASN I 421 -20.93 -52.81 -37.70
CA ASN I 421 -21.42 -53.55 -38.85
C ASN I 421 -20.66 -53.09 -40.10
N MET J 1 -40.30 -4.51 0.61
CA MET J 1 -41.56 -3.80 0.97
C MET J 1 -42.65 -4.84 1.23
N SER J 2 -43.73 -4.75 0.46
CA SER J 2 -44.85 -5.65 0.59
C SER J 2 -44.38 -7.05 0.86
N ARG J 3 -45.21 -7.83 1.54
CA ARG J 3 -44.85 -9.21 1.84
C ARG J 3 -44.73 -9.90 0.48
N GLN J 4 -45.63 -9.56 -0.43
CA GLN J 4 -45.65 -10.13 -1.77
C GLN J 4 -44.38 -9.85 -2.52
N MET J 5 -43.90 -8.61 -2.40
CA MET J 5 -42.68 -8.23 -3.08
C MET J 5 -41.52 -9.13 -2.69
N TRP J 6 -41.37 -9.39 -1.41
CA TRP J 6 -40.30 -10.28 -0.98
C TRP J 6 -40.47 -11.63 -1.68
N LEU J 7 -41.64 -12.23 -1.57
CA LEU J 7 -41.89 -13.50 -2.22
C LEU J 7 -41.51 -13.45 -3.70
N ASP J 8 -42.09 -12.52 -4.45
CA ASP J 8 -41.77 -12.40 -5.87
C ASP J 8 -40.25 -12.42 -6.10
N THR J 9 -39.53 -11.57 -5.38
CA THR J 9 -38.10 -11.52 -5.56
C THR J 9 -37.45 -12.84 -5.19
N SER J 10 -37.82 -13.41 -4.04
CA SER J 10 -37.27 -14.70 -3.64
C SER J 10 -37.46 -15.65 -4.82
N ALA J 11 -38.71 -15.74 -5.26
CA ALA J 11 -39.06 -16.58 -6.38
C ALA J 11 -38.10 -16.39 -7.55
N LEU J 12 -37.69 -15.15 -7.78
CA LEU J 12 -36.78 -14.85 -8.88
C LEU J 12 -35.42 -15.45 -8.62
N LEU J 13 -34.97 -15.33 -7.39
CA LEU J 13 -33.68 -15.86 -7.02
C LEU J 13 -33.65 -17.37 -7.17
N GLU J 14 -34.79 -18.00 -6.85
CA GLU J 14 -34.93 -19.45 -6.96
C GLU J 14 -34.92 -19.82 -8.44
N ALA J 15 -35.34 -18.87 -9.26
CA ALA J 15 -35.36 -19.07 -10.71
C ALA J 15 -33.91 -19.04 -11.16
N ILE J 16 -33.18 -18.02 -10.68
CA ILE J 16 -31.78 -17.87 -11.03
C ILE J 16 -31.14 -19.22 -10.76
N SER J 17 -31.20 -19.67 -9.51
CA SER J 17 -30.63 -20.97 -9.16
C SER J 17 -31.06 -22.06 -10.15
N GLU J 18 -32.35 -22.32 -10.24
CA GLU J 18 -32.85 -23.35 -11.14
C GLU J 18 -32.12 -23.32 -12.48
N TYR J 19 -32.13 -22.15 -13.14
CA TYR J 19 -31.50 -22.03 -14.45
C TYR J 19 -29.98 -22.11 -14.41
N VAL J 20 -29.39 -21.81 -13.26
CA VAL J 20 -27.95 -21.92 -13.14
C VAL J 20 -27.66 -23.42 -13.17
N VAL J 21 -28.53 -24.21 -12.57
CA VAL J 21 -28.34 -25.64 -12.56
C VAL J 21 -28.55 -26.17 -13.96
N ARG J 22 -29.58 -25.68 -14.62
CA ARG J 22 -29.88 -26.11 -15.96
C ARG J 22 -28.74 -25.85 -16.92
N CYS J 23 -27.97 -24.80 -16.66
CA CYS J 23 -26.86 -24.41 -17.53
C CYS J 23 -25.53 -25.05 -17.25
N ASN J 24 -25.36 -25.58 -16.05
CA ASN J 24 -24.11 -26.22 -15.67
C ASN J 24 -23.65 -27.25 -16.72
N GLY J 25 -22.46 -27.03 -17.28
CA GLY J 25 -21.91 -27.97 -18.25
C GLY J 25 -22.69 -28.13 -19.53
N ASP J 26 -23.49 -27.12 -19.85
CA ASP J 26 -24.28 -27.11 -21.06
C ASP J 26 -24.03 -25.76 -21.66
N THR J 27 -22.86 -25.22 -21.36
CA THR J 27 -22.50 -23.92 -21.86
C THR J 27 -21.45 -24.05 -22.95
N PHE J 28 -21.82 -24.62 -24.09
CA PHE J 28 -20.87 -24.81 -25.17
C PHE J 28 -20.65 -23.55 -26.01
N SER J 29 -19.55 -23.53 -26.77
CA SER J 29 -19.17 -22.36 -27.56
C SER J 29 -19.92 -22.05 -28.84
N GLY J 30 -20.21 -23.04 -29.66
CA GLY J 30 -20.92 -22.67 -30.86
C GLY J 30 -22.42 -22.51 -30.60
N LEU J 31 -22.84 -22.54 -29.35
CA LEU J 31 -24.28 -22.49 -29.06
C LEU J 31 -24.79 -21.64 -27.91
N THR J 32 -25.89 -20.93 -28.15
CA THR J 32 -26.52 -20.14 -27.11
C THR J 32 -27.82 -20.86 -26.85
N THR J 33 -27.84 -21.63 -25.75
CA THR J 33 -29.01 -22.42 -25.38
C THR J 33 -30.13 -21.55 -24.87
N GLY J 34 -31.34 -22.09 -24.87
CA GLY J 34 -32.46 -21.32 -24.39
C GLY J 34 -32.32 -21.01 -22.92
N ASP J 35 -31.89 -22.02 -22.16
CA ASP J 35 -31.70 -21.87 -20.72
C ASP J 35 -30.79 -20.68 -20.42
N PHE J 36 -29.65 -20.61 -21.11
CA PHE J 36 -28.70 -19.54 -20.84
C PHE J 36 -29.22 -18.15 -21.22
N ASN J 37 -30.03 -18.07 -22.27
CA ASN J 37 -30.59 -16.80 -22.68
C ASN J 37 -31.45 -16.32 -21.52
N ALA J 38 -32.28 -17.21 -21.01
CA ALA J 38 -33.15 -16.89 -19.90
C ALA J 38 -32.35 -16.51 -18.65
N LEU J 39 -31.38 -17.35 -18.30
CA LEU J 39 -30.56 -17.08 -17.11
C LEU J 39 -29.91 -15.73 -17.24
N SER J 40 -29.53 -15.35 -18.45
CA SER J 40 -28.90 -14.05 -18.68
C SER J 40 -29.88 -12.94 -18.43
N ASN J 41 -31.02 -13.01 -19.11
CA ASN J 41 -32.03 -11.99 -18.94
C ASN J 41 -32.47 -11.89 -17.49
N MET J 42 -32.20 -12.94 -16.72
CA MET J 42 -32.57 -12.93 -15.31
C MET J 42 -31.59 -12.14 -14.46
N PHE J 43 -30.29 -12.32 -14.67
CA PHE J 43 -29.32 -11.57 -13.89
C PHE J 43 -29.64 -10.09 -14.15
N THR J 44 -30.04 -9.81 -15.38
CA THR J 44 -30.39 -8.47 -15.82
C THR J 44 -31.48 -7.84 -14.95
N GLN J 45 -32.44 -8.64 -14.52
CA GLN J 45 -33.54 -8.16 -13.70
C GLN J 45 -33.20 -7.88 -12.25
N LEU J 46 -32.09 -8.42 -11.75
CA LEU J 46 -31.71 -8.21 -10.37
C LEU J 46 -31.36 -6.76 -10.07
N SER J 47 -30.14 -6.37 -10.44
CA SER J 47 -29.63 -5.00 -10.22
C SER J 47 -30.10 -3.93 -11.24
N VAL J 48 -30.58 -2.80 -10.72
CA VAL J 48 -31.05 -1.71 -11.58
C VAL J 48 -29.89 -1.12 -12.39
N TYR J 53 -20.95 -5.85 -15.36
CA TYR J 53 -21.30 -6.93 -14.45
C TYR J 53 -21.84 -8.12 -15.28
N VAL J 54 -22.45 -7.82 -16.42
CA VAL J 54 -23.01 -8.84 -17.31
C VAL J 54 -21.95 -9.91 -17.60
N SER J 55 -20.70 -9.58 -17.30
CA SER J 55 -19.53 -10.46 -17.50
C SER J 55 -19.48 -11.60 -16.51
N ASP J 56 -19.20 -11.27 -15.24
CA ASP J 56 -19.10 -12.26 -14.18
C ASP J 56 -20.35 -12.17 -13.30
N PRO J 57 -21.37 -12.99 -13.58
CA PRO J 57 -22.62 -12.97 -12.81
C PRO J 57 -22.44 -13.22 -11.32
N ARG J 58 -21.22 -13.53 -10.90
CA ARG J 58 -20.99 -13.77 -9.49
C ARG J 58 -20.97 -12.49 -8.65
N VAL J 59 -20.51 -11.38 -9.22
CA VAL J 59 -20.40 -10.12 -8.51
C VAL J 59 -21.70 -9.42 -8.16
N PRO J 60 -22.67 -9.36 -9.09
CA PRO J 60 -23.89 -8.68 -8.68
C PRO J 60 -24.61 -9.51 -7.61
N LEU J 61 -24.47 -10.84 -7.68
CA LEU J 61 -25.11 -11.74 -6.72
C LEU J 61 -24.50 -11.62 -5.34
N GLN J 62 -23.18 -11.54 -5.29
CA GLN J 62 -22.42 -11.41 -4.06
C GLN J 62 -22.87 -10.13 -3.40
N THR J 63 -22.80 -9.06 -4.17
CA THR J 63 -23.20 -7.77 -3.67
C THR J 63 -24.56 -7.91 -3.01
N MET J 64 -25.51 -8.48 -3.73
CA MET J 64 -26.86 -8.67 -3.22
C MET J 64 -26.91 -9.47 -1.91
N SER J 65 -26.28 -10.64 -1.87
CA SER J 65 -26.28 -11.43 -0.64
C SER J 65 -25.70 -10.59 0.50
N ASN J 66 -24.55 -9.96 0.25
CA ASN J 66 -23.89 -9.15 1.25
C ASN J 66 -24.79 -8.09 1.84
N MET J 67 -25.45 -7.32 0.99
CA MET J 67 -26.34 -6.30 1.48
C MET J 67 -27.49 -6.95 2.22
N PHE J 68 -27.84 -8.17 1.83
CA PHE J 68 -28.93 -8.84 2.50
C PHE J 68 -28.63 -9.21 3.93
N VAL J 69 -27.52 -9.91 4.20
CA VAL J 69 -27.25 -10.26 5.60
C VAL J 69 -27.12 -8.94 6.38
N SER J 70 -26.51 -7.95 5.75
CA SER J 70 -26.31 -6.65 6.35
C SER J 70 -27.64 -6.14 6.87
N PHE J 71 -28.68 -6.29 6.04
CA PHE J 71 -30.04 -5.86 6.35
C PHE J 71 -30.75 -6.76 7.35
N ILE J 72 -30.85 -8.05 7.03
CA ILE J 72 -31.54 -8.98 7.91
C ILE J 72 -30.90 -9.11 9.29
N THR J 73 -29.76 -8.45 9.48
CA THR J 73 -29.03 -8.47 10.73
C THR J 73 -29.42 -7.37 11.72
N SER J 74 -29.69 -6.18 11.21
CA SER J 74 -30.08 -5.06 12.07
C SER J 74 -31.58 -4.89 12.28
N THR J 75 -32.00 -5.10 13.52
CA THR J 75 -33.39 -4.96 13.91
C THR J 75 -33.96 -3.62 13.48
N ASP J 76 -33.12 -2.61 13.44
CA ASP J 76 -33.55 -1.28 13.05
C ASP J 76 -34.00 -1.24 11.60
N ARG J 77 -33.32 -1.98 10.73
CA ARG J 77 -33.68 -1.99 9.31
C ARG J 77 -34.82 -2.95 8.96
N CYS J 78 -34.58 -4.25 9.13
CA CYS J 78 -35.60 -5.26 8.81
C CYS J 78 -36.72 -5.33 9.83
N GLY J 79 -36.76 -4.37 10.74
CA GLY J 79 -37.80 -4.38 11.76
C GLY J 79 -39.20 -4.34 11.18
N TYR J 80 -39.37 -3.60 10.10
CA TYR J 80 -40.68 -3.47 9.49
C TYR J 80 -41.28 -4.81 9.12
N MET J 81 -40.42 -5.79 8.80
CA MET J 81 -40.83 -7.14 8.41
C MET J 81 -41.23 -8.01 9.60
N LEU J 82 -40.86 -7.57 10.79
CA LEU J 82 -41.16 -8.32 11.99
C LEU J 82 -42.43 -7.95 12.71
N ARG J 83 -43.27 -7.14 12.09
CA ARG J 83 -44.52 -6.74 12.74
C ARG J 83 -45.66 -7.63 12.30
N LYS J 84 -46.63 -7.79 13.19
CA LYS J 84 -47.78 -8.64 12.91
C LYS J 84 -48.40 -8.32 11.55
N THR J 85 -48.38 -7.04 11.17
CA THR J 85 -48.98 -6.54 9.93
C THR J 85 -48.34 -7.01 8.63
N TRP J 86 -47.03 -7.15 8.61
CA TRP J 86 -46.32 -7.55 7.40
C TRP J 86 -46.73 -8.89 6.83
N PHE J 87 -46.88 -9.88 7.71
CA PHE J 87 -47.25 -11.25 7.36
C PHE J 87 -48.75 -11.35 7.05
N ASN J 88 -49.50 -10.42 7.65
CA ASN J 88 -50.96 -10.32 7.55
C ASN J 88 -51.54 -9.74 6.26
N SER J 89 -51.03 -8.58 5.85
CA SER J 89 -51.57 -7.89 4.68
C SER J 89 -50.64 -7.56 3.52
N ASP J 90 -51.25 -7.03 2.46
CA ASP J 90 -50.54 -6.63 1.25
C ASP J 90 -50.49 -5.10 1.19
N THR J 91 -50.34 -4.45 2.34
CA THR J 91 -50.27 -2.99 2.44
C THR J 91 -48.87 -2.44 2.12
N LYS J 92 -48.76 -1.55 1.15
CA LYS J 92 -47.45 -0.97 0.79
C LYS J 92 -46.81 -0.31 2.01
N PRO J 93 -45.62 -0.78 2.40
CA PRO J 93 -44.89 -0.25 3.54
C PRO J 93 -44.10 1.00 3.25
N THR J 94 -44.04 1.87 4.26
CA THR J 94 -43.31 3.12 4.16
C THR J 94 -41.91 2.86 4.75
N VAL J 95 -40.97 2.49 3.89
CA VAL J 95 -39.62 2.23 4.35
C VAL J 95 -38.58 2.69 3.36
N SER J 96 -37.59 3.38 3.87
CA SER J 96 -36.52 3.90 3.03
C SER J 96 -35.22 3.23 3.39
N ASP J 97 -35.04 2.03 2.89
CA ASP J 97 -33.81 1.28 3.13
C ASP J 97 -33.38 0.89 1.74
N ASP J 98 -32.22 1.38 1.31
CA ASP J 98 -31.78 1.08 -0.05
C ASP J 98 -31.61 -0.39 -0.42
N PHE J 99 -31.73 -1.32 0.52
CA PHE J 99 -31.63 -2.71 0.08
C PHE J 99 -32.99 -3.01 -0.51
N ILE J 100 -34.03 -2.58 0.19
CA ILE J 100 -35.38 -2.80 -0.26
C ILE J 100 -35.61 -2.17 -1.63
N THR J 101 -35.31 -0.89 -1.76
CA THR J 101 -35.53 -0.18 -3.02
C THR J 101 -34.73 -0.71 -4.21
N THR J 102 -33.52 -1.21 -3.95
CA THR J 102 -32.68 -1.74 -5.01
C THR J 102 -33.09 -3.15 -5.48
N TYR J 103 -33.34 -4.07 -4.54
CA TYR J 103 -33.68 -5.44 -4.89
C TYR J 103 -35.11 -5.97 -4.72
N ILE J 104 -35.83 -5.54 -3.69
CA ILE J 104 -37.20 -6.03 -3.51
C ILE J 104 -38.24 -5.17 -4.22
N ARG J 105 -38.82 -5.74 -5.28
CA ARG J 105 -39.84 -5.07 -6.07
C ARG J 105 -40.71 -6.16 -6.64
N PRO J 106 -41.85 -5.83 -7.23
CA PRO J 106 -42.70 -6.90 -7.80
C PRO J 106 -41.97 -7.50 -9.00
N ARG J 107 -41.96 -8.82 -9.10
CA ARG J 107 -41.25 -9.48 -10.20
C ARG J 107 -42.11 -10.35 -11.09
N LEU J 108 -43.12 -10.98 -10.51
CA LEU J 108 -43.99 -11.85 -11.28
C LEU J 108 -45.03 -11.12 -12.08
N GLN J 109 -45.23 -11.60 -13.30
CA GLN J 109 -46.21 -11.04 -14.20
C GLN J 109 -47.56 -11.57 -13.80
N VAL J 110 -48.51 -10.68 -13.59
CA VAL J 110 -49.86 -11.07 -13.22
C VAL J 110 -50.72 -10.76 -14.44
N PRO J 111 -51.83 -11.48 -14.61
CA PRO J 111 -52.35 -12.57 -13.78
C PRO J 111 -51.83 -13.90 -14.25
N MET J 112 -51.13 -13.88 -15.38
CA MET J 112 -50.57 -15.09 -15.98
C MET J 112 -49.93 -16.04 -14.96
N SER J 113 -49.19 -15.49 -14.02
CA SER J 113 -48.52 -16.33 -13.03
C SER J 113 -49.50 -17.22 -12.30
N ASP J 114 -50.47 -16.62 -11.60
CA ASP J 114 -51.43 -17.42 -10.85
C ASP J 114 -52.08 -18.48 -11.75
N THR J 115 -52.50 -18.08 -12.94
CA THR J 115 -53.14 -19.00 -13.86
C THR J 115 -52.30 -20.25 -14.08
N VAL J 116 -51.02 -20.05 -14.37
CA VAL J 116 -50.13 -21.19 -14.57
C VAL J 116 -50.10 -22.02 -13.29
N ARG J 117 -49.98 -21.35 -12.15
CA ARG J 117 -49.92 -22.05 -10.87
C ARG J 117 -51.06 -23.03 -10.68
N GLN J 118 -52.30 -22.58 -10.80
CA GLN J 118 -53.43 -23.48 -10.62
C GLN J 118 -53.34 -24.57 -11.67
N LEU J 119 -53.12 -24.16 -12.92
CA LEU J 119 -53.01 -25.13 -13.99
C LEU J 119 -52.01 -26.20 -13.63
N ASN J 120 -51.11 -25.84 -12.73
CA ASN J 120 -50.08 -26.78 -12.32
C ASN J 120 -50.55 -27.80 -11.33
N ASN J 121 -51.28 -27.37 -10.32
CA ASN J 121 -51.79 -28.30 -9.33
C ASN J 121 -52.41 -29.48 -10.05
N LEU J 122 -52.91 -29.24 -11.24
CA LEU J 122 -53.55 -30.30 -12.01
C LEU J 122 -52.64 -31.07 -12.93
N SER J 123 -51.34 -30.79 -12.89
CA SER J 123 -50.39 -31.46 -13.77
C SER J 123 -50.12 -32.87 -13.31
N LEU J 124 -49.85 -33.74 -14.28
CA LEU J 124 -49.58 -35.15 -14.04
C LEU J 124 -48.36 -35.44 -13.20
N GLN J 125 -47.23 -34.84 -13.56
CA GLN J 125 -46.00 -35.08 -12.81
C GLN J 125 -45.38 -33.78 -12.34
N PRO J 126 -45.80 -33.30 -11.16
CA PRO J 126 -45.32 -32.05 -10.56
C PRO J 126 -43.93 -32.27 -10.06
N SER J 127 -43.30 -31.23 -9.54
CA SER J 127 -41.95 -31.40 -9.05
C SER J 127 -41.99 -32.19 -7.76
N ALA J 128 -41.22 -33.27 -7.74
CA ALA J 128 -41.14 -34.14 -6.59
C ALA J 128 -40.56 -33.39 -5.40
N LYS J 129 -39.53 -32.60 -5.65
CA LYS J 129 -38.96 -31.81 -4.58
C LYS J 129 -39.11 -30.35 -5.02
N PRO J 130 -40.19 -29.70 -4.62
CA PRO J 130 -40.56 -28.30 -4.92
C PRO J 130 -39.71 -27.21 -4.33
N LYS J 131 -39.85 -26.00 -4.90
CA LYS J 131 -39.09 -24.85 -4.45
C LYS J 131 -39.67 -24.34 -3.15
N LEU J 132 -38.99 -23.37 -2.54
CA LEU J 132 -39.47 -22.82 -1.30
C LEU J 132 -40.70 -21.98 -1.58
N TYR J 133 -40.70 -21.33 -2.73
CA TYR J 133 -41.82 -20.49 -3.13
C TYR J 133 -43.16 -21.15 -2.84
N GLU J 134 -43.36 -22.36 -3.36
CA GLU J 134 -44.63 -23.06 -3.13
C GLU J 134 -44.97 -23.13 -1.67
N ARG J 135 -43.98 -23.50 -0.86
CA ARG J 135 -44.16 -23.60 0.58
C ARG J 135 -44.46 -22.25 1.18
N GLN J 136 -43.68 -21.26 0.80
CA GLN J 136 -43.88 -19.90 1.30
C GLN J 136 -45.35 -19.52 1.12
N ASN J 137 -45.85 -19.64 -0.10
CA ASN J 137 -47.26 -19.30 -0.39
C ASN J 137 -48.22 -20.09 0.47
N ALA J 138 -47.94 -21.37 0.62
CA ALA J 138 -48.81 -22.21 1.43
C ALA J 138 -48.88 -21.77 2.87
N ILE J 139 -47.73 -21.50 3.47
CA ILE J 139 -47.66 -21.10 4.86
C ILE J 139 -48.11 -19.66 5.13
N MET J 140 -48.06 -18.81 4.11
CA MET J 140 -48.43 -17.42 4.30
C MET J 140 -49.79 -17.00 3.75
N LYS J 141 -50.07 -17.37 2.50
CA LYS J 141 -51.34 -17.02 1.86
C LYS J 141 -52.28 -18.21 1.89
N GLY J 142 -51.79 -19.36 2.35
CA GLY J 142 -52.62 -20.54 2.42
C GLY J 142 -53.16 -20.95 1.06
N LEU J 143 -52.27 -21.00 0.09
CA LEU J 143 -52.67 -21.41 -1.25
C LEU J 143 -52.53 -22.92 -1.34
N ASP J 144 -53.09 -23.50 -2.40
CA ASP J 144 -53.02 -24.94 -2.62
C ASP J 144 -51.65 -25.43 -3.04
N ILE J 145 -51.44 -26.73 -2.90
CA ILE J 145 -50.21 -27.40 -3.27
C ILE J 145 -50.72 -28.38 -4.33
N PRO J 146 -49.89 -28.80 -5.30
CA PRO J 146 -50.27 -29.73 -6.37
C PRO J 146 -50.89 -31.02 -5.87
N TYR J 147 -51.89 -31.50 -6.58
CA TYR J 147 -52.59 -32.69 -6.16
C TYR J 147 -51.75 -33.96 -6.23
N SER J 148 -50.82 -34.03 -7.17
CA SER J 148 -49.99 -35.23 -7.28
C SER J 148 -48.62 -35.13 -6.64
N GLU J 149 -48.39 -34.10 -5.83
CA GLU J 149 -47.09 -33.93 -5.18
C GLU J 149 -46.97 -34.88 -4.02
N PRO J 150 -45.89 -35.67 -3.99
CA PRO J 150 -45.64 -36.64 -2.93
C PRO J 150 -45.19 -35.98 -1.62
N ILE J 151 -45.42 -36.69 -0.51
CA ILE J 151 -45.08 -36.20 0.82
C ILE J 151 -44.76 -37.36 1.76
N GLU J 152 -43.72 -37.23 2.58
CA GLU J 152 -43.38 -38.30 3.53
C GLU J 152 -44.32 -38.15 4.72
N PRO J 153 -45.23 -39.11 4.94
CA PRO J 153 -46.18 -39.07 6.04
C PRO J 153 -45.64 -38.55 7.35
N CYS J 154 -44.54 -39.12 7.82
CA CYS J 154 -43.98 -38.70 9.09
C CYS J 154 -43.82 -37.20 9.32
N LYS J 155 -43.61 -36.42 8.26
CA LYS J 155 -43.46 -34.99 8.45
C LYS J 155 -44.78 -34.41 8.90
N LEU J 156 -45.83 -34.91 8.26
CA LEU J 156 -47.20 -34.50 8.53
C LEU J 156 -47.66 -34.75 9.95
N PHE J 157 -46.93 -35.60 10.65
CA PHE J 157 -47.31 -35.95 12.01
C PHE J 157 -47.40 -34.76 12.93
N ARG J 158 -48.28 -34.90 13.90
CA ARG J 158 -48.50 -33.88 14.89
C ARG J 158 -48.97 -34.62 16.14
N SER J 159 -48.69 -34.06 17.31
CA SER J 159 -49.09 -34.72 18.56
C SER J 159 -50.60 -34.72 18.67
N VAL J 160 -51.14 -35.83 19.18
CA VAL J 160 -52.58 -35.98 19.33
C VAL J 160 -52.97 -36.55 20.71
N ALA J 161 -54.27 -36.69 20.96
CA ALA J 161 -54.82 -37.19 22.23
C ALA J 161 -54.03 -38.31 22.89
N GLY J 162 -54.21 -39.53 22.37
CA GLY J 162 -53.52 -40.69 22.91
C GLY J 162 -52.01 -40.69 22.77
N GLN J 163 -51.54 -40.69 21.51
CA GLN J 163 -50.11 -40.68 21.22
C GLN J 163 -49.53 -39.28 21.38
N THR J 164 -48.44 -39.18 22.12
CA THR J 164 -47.81 -37.90 22.33
C THR J 164 -46.85 -37.63 21.17
N GLY J 165 -46.20 -38.69 20.68
CA GLY J 165 -45.26 -38.57 19.58
C GLY J 165 -45.28 -39.71 18.57
N ASN J 166 -44.39 -39.64 17.58
CA ASN J 166 -44.29 -40.65 16.54
C ASN J 166 -43.03 -41.46 16.76
N ILE J 167 -41.88 -40.82 16.58
CA ILE J 167 -40.63 -41.51 16.78
C ILE J 167 -40.46 -42.04 18.19
N PRO J 168 -40.92 -41.29 19.20
CA PRO J 168 -40.78 -41.76 20.58
C PRO J 168 -41.54 -43.06 20.83
N MET J 169 -42.68 -43.16 20.17
CA MET J 169 -43.53 -44.33 20.28
C MET J 169 -42.78 -45.60 19.90
N MET J 170 -41.67 -45.44 19.20
CA MET J 170 -40.85 -46.57 18.75
C MET J 170 -40.39 -47.42 19.92
N GLY J 171 -39.54 -46.83 20.75
CA GLY J 171 -39.03 -47.54 21.91
C GLY J 171 -40.09 -48.26 22.71
N ILE J 172 -41.33 -47.79 22.66
CA ILE J 172 -42.41 -48.42 23.40
C ILE J 172 -42.95 -49.62 22.63
N LEU J 173 -43.06 -49.47 21.32
CA LEU J 173 -43.57 -50.58 20.51
C LEU J 173 -42.60 -51.75 20.61
N ALA J 174 -41.37 -51.46 21.03
CA ALA J 174 -40.33 -52.48 21.13
C ALA J 174 -40.31 -53.25 22.46
N THR J 175 -41.13 -52.85 23.42
CA THR J 175 -41.16 -53.51 24.73
C THR J 175 -42.34 -54.48 24.80
N PRO J 176 -42.06 -55.79 25.00
CA PRO J 176 -43.13 -56.77 25.07
C PRO J 176 -44.20 -56.27 26.03
N PRO J 177 -45.43 -56.16 25.53
CA PRO J 177 -46.62 -55.69 26.25
C PRO J 177 -47.02 -56.46 27.51
N ALA J 178 -47.62 -55.73 28.46
CA ALA J 178 -48.08 -56.27 29.72
C ALA J 178 -49.35 -57.07 29.45
N ALA J 179 -50.30 -56.40 28.82
CA ALA J 179 -51.58 -56.97 28.44
C ALA J 179 -52.00 -56.19 27.20
N GLN J 180 -53.08 -56.62 26.54
CA GLN J 180 -53.55 -55.94 25.33
C GLN J 180 -53.60 -54.44 25.51
N GLN J 181 -52.88 -53.72 24.66
CA GLN J 181 -52.82 -52.26 24.73
C GLN J 181 -53.72 -51.52 23.76
N GLN J 182 -53.70 -50.19 23.89
CA GLN J 182 -54.49 -49.30 23.06
C GLN J 182 -53.85 -49.27 21.67
N PRO J 183 -54.66 -49.07 20.62
CA PRO J 183 -54.14 -49.02 19.25
C PRO J 183 -53.19 -47.86 18.98
N PHE J 184 -52.23 -48.08 18.09
CA PHE J 184 -51.25 -47.05 17.76
C PHE J 184 -51.34 -46.69 16.28
N PHE J 185 -50.69 -45.59 15.92
CA PHE J 185 -50.72 -45.11 14.55
C PHE J 185 -49.48 -44.30 14.28
N VAL J 186 -48.43 -44.93 13.77
CA VAL J 186 -47.19 -44.21 13.47
C VAL J 186 -46.97 -44.02 11.98
N ALA J 187 -45.96 -43.22 11.64
CA ALA J 187 -45.64 -42.96 10.25
C ALA J 187 -44.14 -42.91 10.02
N GLU J 188 -43.71 -43.50 8.91
CA GLU J 188 -42.30 -43.54 8.52
C GLU J 188 -42.10 -42.58 7.38
N ARG J 189 -41.03 -42.78 6.63
CA ARG J 189 -40.79 -41.92 5.51
C ARG J 189 -41.65 -42.41 4.35
N ARG J 190 -41.61 -43.71 4.10
CA ARG J 190 -42.37 -44.24 2.97
C ARG J 190 -43.61 -45.05 3.30
N ARG J 191 -44.04 -45.08 4.55
CA ARG J 191 -45.26 -45.82 4.86
C ARG J 191 -45.95 -45.46 6.19
N ILE J 192 -47.17 -45.96 6.38
CA ILE J 192 -47.95 -45.69 7.57
C ILE J 192 -48.24 -47.01 8.25
N LEU J 193 -48.18 -47.02 9.59
CA LEU J 193 -48.42 -48.23 10.38
C LEU J 193 -49.49 -48.00 11.45
N PHE J 194 -50.38 -48.98 11.60
CA PHE J 194 -51.42 -48.88 12.61
C PHE J 194 -51.68 -50.29 13.06
N GLY J 195 -52.17 -50.45 14.29
CA GLY J 195 -52.43 -51.78 14.80
C GLY J 195 -52.68 -51.83 16.29
N ILE J 196 -52.77 -53.05 16.81
CA ILE J 196 -53.02 -53.31 18.22
C ILE J 196 -52.06 -54.37 18.70
N ARG J 197 -51.21 -54.04 19.67
CA ARG J 197 -50.28 -55.03 20.18
C ARG J 197 -50.81 -55.63 21.49
N SER J 198 -50.57 -56.94 21.67
CA SER J 198 -51.03 -57.65 22.87
C SER J 198 -50.11 -58.81 23.22
N ASN J 199 -50.18 -59.29 24.46
CA ASN J 199 -49.34 -60.40 24.90
C ASN J 199 -50.10 -61.70 24.73
N ALA J 200 -51.37 -61.57 24.34
CA ALA J 200 -52.22 -62.73 24.13
C ALA J 200 -53.12 -62.50 22.93
N ALA J 201 -53.41 -63.57 22.21
CA ALA J 201 -54.25 -63.53 21.02
C ALA J 201 -55.42 -62.54 21.04
N ILE J 202 -55.74 -62.03 19.85
CA ILE J 202 -56.85 -61.09 19.66
C ILE J 202 -57.83 -61.80 18.75
N PRO J 203 -59.10 -61.90 19.19
CA PRO J 203 -60.15 -62.57 18.42
C PRO J 203 -60.21 -62.10 16.98
N ALA J 204 -60.93 -62.86 16.16
CA ALA J 204 -61.11 -62.48 14.77
C ALA J 204 -62.44 -61.71 14.76
N GLY J 205 -62.60 -60.80 13.81
CA GLY J 205 -63.83 -60.03 13.72
C GLY J 205 -63.55 -58.60 13.29
N ALA J 206 -64.46 -57.68 13.61
CA ALA J 206 -64.27 -56.28 13.23
C ALA J 206 -63.55 -55.47 14.31
N TYR J 207 -62.68 -54.57 13.87
CA TYR J 207 -61.91 -53.68 14.73
C TYR J 207 -61.79 -52.33 14.04
N GLN J 208 -62.24 -51.29 14.73
CA GLN J 208 -62.18 -49.94 14.17
C GLN J 208 -60.97 -49.19 14.70
N PHE J 209 -60.28 -48.48 13.83
CA PHE J 209 -59.14 -47.65 14.22
C PHE J 209 -59.56 -46.30 13.72
N VAL J 210 -59.34 -45.26 14.49
CA VAL J 210 -59.73 -43.94 14.02
C VAL J 210 -58.48 -43.19 13.61
N VAL J 211 -58.45 -42.70 12.37
CA VAL J 211 -57.28 -41.97 11.88
C VAL J 211 -57.13 -40.63 12.56
N PRO J 212 -55.96 -40.41 13.16
CA PRO J 212 -55.67 -39.16 13.85
C PRO J 212 -55.76 -38.02 12.85
N ALA J 213 -56.11 -36.85 13.34
CA ALA J 213 -56.26 -35.68 12.49
C ALA J 213 -55.10 -35.46 11.51
N TRP J 214 -53.87 -35.51 12.00
CA TRP J 214 -52.74 -35.27 11.12
C TRP J 214 -52.69 -36.16 9.91
N ALA J 215 -53.23 -37.38 10.04
CA ALA J 215 -53.20 -38.33 8.93
C ALA J 215 -54.45 -38.40 8.08
N SER J 216 -55.48 -37.65 8.46
CA SER J 216 -56.73 -37.66 7.72
C SER J 216 -56.67 -36.86 6.42
N VAL J 217 -55.49 -36.40 6.05
CA VAL J 217 -55.34 -35.65 4.82
C VAL J 217 -54.47 -36.45 3.89
N LEU J 218 -54.13 -37.66 4.29
CA LEU J 218 -53.28 -38.52 3.48
C LEU J 218 -54.01 -39.36 2.46
N SER J 219 -53.33 -39.60 1.35
CA SER J 219 -53.86 -40.43 0.26
C SER J 219 -52.75 -41.24 -0.40
N VAL J 220 -53.05 -42.48 -0.75
CA VAL J 220 -52.06 -43.34 -1.39
C VAL J 220 -52.49 -43.95 -2.68
N THR J 221 -51.46 -44.24 -3.48
CA THR J 221 -51.59 -44.84 -4.78
C THR J 221 -50.42 -45.79 -4.90
N GLY J 222 -50.59 -46.83 -5.71
CA GLY J 222 -49.53 -47.82 -5.89
C GLY J 222 -49.11 -48.30 -4.52
N ALA J 223 -50.08 -48.70 -3.72
CA ALA J 223 -49.81 -49.14 -2.36
C ALA J 223 -50.02 -50.60 -2.08
N TYR J 224 -49.12 -51.15 -1.28
CA TYR J 224 -49.16 -52.54 -0.83
C TYR J 224 -49.51 -52.46 0.66
N VAL J 225 -50.51 -53.22 1.10
CA VAL J 225 -50.87 -53.22 2.51
C VAL J 225 -50.61 -54.63 3.02
N TYR J 226 -49.77 -54.75 4.05
CA TYR J 226 -49.41 -56.05 4.60
C TYR J 226 -49.13 -56.01 6.09
N PHE J 227 -48.70 -57.13 6.66
CA PHE J 227 -48.39 -57.22 8.09
C PHE J 227 -46.90 -57.24 8.32
N THR J 228 -46.40 -56.37 9.21
CA THR J 228 -44.97 -56.34 9.55
C THR J 228 -44.80 -56.26 11.04
N ASN J 229 -43.53 -56.25 11.43
CA ASN J 229 -43.12 -56.16 12.82
C ASN J 229 -41.91 -55.24 12.90
N SER J 230 -41.91 -54.20 12.07
CA SER J 230 -40.81 -53.24 12.05
C SER J 230 -41.28 -51.79 11.90
N PHE J 231 -40.67 -50.90 12.68
CA PHE J 231 -41.01 -49.49 12.62
C PHE J 231 -39.69 -48.75 12.52
N PHE J 232 -39.50 -48.06 11.42
CA PHE J 232 -38.26 -47.33 11.18
C PHE J 232 -37.07 -48.25 11.26
N GLY J 233 -37.30 -49.54 11.03
CA GLY J 233 -36.22 -50.49 11.08
C GLY J 233 -35.86 -50.89 12.49
N THR J 234 -36.88 -50.98 13.33
CA THR J 234 -36.74 -51.36 14.72
C THR J 234 -37.83 -52.39 14.98
N ILE J 235 -37.47 -53.46 15.68
CA ILE J 235 -38.43 -54.52 15.95
C ILE J 235 -39.60 -54.09 16.78
N ILE J 236 -40.79 -54.48 16.37
CA ILE J 236 -41.99 -54.17 17.10
C ILE J 236 -42.39 -55.44 17.83
N ALA J 237 -42.42 -55.38 19.15
CA ALA J 237 -42.78 -56.54 19.93
C ALA J 237 -44.27 -56.56 20.19
N GLY J 238 -44.78 -57.74 20.51
CA GLY J 238 -46.19 -57.87 20.82
C GLY J 238 -47.01 -57.88 19.55
N VAL J 239 -46.42 -58.38 18.49
CA VAL J 239 -47.10 -58.46 17.22
C VAL J 239 -46.54 -59.66 16.48
N THR J 240 -47.39 -60.32 15.70
CA THR J 240 -46.96 -61.48 14.92
C THR J 240 -47.23 -61.30 13.45
N ALA J 241 -46.24 -61.67 12.65
CA ALA J 241 -46.38 -61.55 11.21
C ALA J 241 -46.68 -62.92 10.62
N THR J 242 -46.92 -63.90 11.48
CA THR J 242 -47.21 -65.26 11.06
C THR J 242 -48.52 -65.35 10.26
N ALA J 243 -48.56 -66.27 9.30
CA ALA J 243 -49.74 -66.53 8.46
C ALA J 243 -49.61 -67.87 7.72
N THR J 244 -50.72 -68.33 7.16
CA THR J 244 -50.75 -69.59 6.42
C THR J 244 -51.60 -69.45 5.19
N ALA J 245 -51.13 -70.04 4.10
CA ALA J 245 -51.85 -69.98 2.86
C ALA J 245 -53.35 -70.27 3.06
N ALA J 246 -53.66 -70.98 4.14
CA ALA J 246 -55.03 -71.36 4.47
C ALA J 246 -55.83 -70.28 5.18
N ASP J 247 -55.13 -69.38 5.87
CA ASP J 247 -55.77 -68.29 6.61
C ASP J 247 -56.90 -67.63 5.83
N ALA J 248 -57.94 -67.20 6.54
CA ALA J 248 -59.06 -66.53 5.92
C ALA J 248 -58.59 -65.13 5.57
N ALA J 249 -59.23 -64.55 4.57
CA ALA J 249 -58.87 -63.21 4.11
C ALA J 249 -58.99 -62.13 5.18
N THR J 250 -58.15 -61.12 5.07
CA THR J 250 -58.20 -59.98 6.00
C THR J 250 -58.40 -58.74 5.12
N THR J 251 -59.53 -58.06 5.29
CA THR J 251 -59.80 -56.87 4.49
C THR J 251 -60.09 -55.67 5.37
N PHE J 252 -59.97 -54.47 4.80
CA PHE J 252 -60.26 -53.26 5.55
C PHE J 252 -61.15 -52.35 4.71
N THR J 253 -61.78 -51.37 5.34
CA THR J 253 -62.68 -50.48 4.63
C THR J 253 -62.48 -49.03 4.96
N VAL J 254 -62.60 -48.20 3.94
CA VAL J 254 -62.46 -46.77 4.12
C VAL J 254 -63.76 -46.14 3.70
N PRO J 255 -64.17 -45.10 4.41
CA PRO J 255 -65.41 -44.35 4.17
C PRO J 255 -65.64 -43.92 2.72
N THR J 256 -64.56 -43.53 2.06
CA THR J 256 -64.61 -43.05 0.69
C THR J 256 -64.81 -44.11 -0.40
N ASP J 257 -64.40 -45.34 -0.12
CA ASP J 257 -64.50 -46.45 -1.08
C ASP J 257 -65.41 -47.58 -0.59
N ALA J 258 -66.52 -47.79 -1.29
CA ALA J 258 -67.49 -48.81 -0.90
C ALA J 258 -67.01 -50.26 -0.94
N ASN J 259 -65.91 -50.53 -1.64
CA ASN J 259 -65.44 -51.91 -1.72
C ASN J 259 -64.30 -52.21 -0.76
N ASN J 260 -64.13 -53.50 -0.46
CA ASN J 260 -63.10 -53.98 0.46
C ASN J 260 -61.70 -53.85 -0.06
N LEU J 261 -60.76 -53.59 0.84
CA LEU J 261 -59.36 -53.46 0.46
C LEU J 261 -58.55 -54.57 1.09
N PRO J 262 -58.05 -55.49 0.26
CA PRO J 262 -57.26 -56.66 0.64
C PRO J 262 -55.91 -56.39 1.30
N VAL J 263 -55.56 -57.24 2.26
CA VAL J 263 -54.31 -57.13 2.97
C VAL J 263 -53.49 -58.39 2.75
N GLN J 264 -52.16 -58.24 2.79
CA GLN J 264 -51.21 -59.34 2.58
C GLN J 264 -51.38 -59.89 1.17
N THR J 265 -51.83 -59.00 0.28
CA THR J 265 -52.08 -59.31 -1.13
C THR J 265 -51.11 -58.56 -2.03
N ASP J 266 -50.82 -59.12 -3.20
CA ASP J 266 -49.91 -58.48 -4.16
C ASP J 266 -50.51 -57.38 -5.03
N SER J 267 -51.74 -56.98 -4.78
CA SER J 267 -52.37 -55.94 -5.58
C SER J 267 -51.99 -54.53 -5.11
N ARG J 268 -51.90 -53.60 -6.05
CA ARG J 268 -51.55 -52.21 -5.75
C ARG J 268 -52.81 -51.37 -5.51
N LEU J 269 -52.92 -50.81 -4.31
CA LEU J 269 -54.10 -50.06 -3.95
C LEU J 269 -54.06 -48.56 -4.00
N SER J 270 -55.26 -47.98 -4.03
CA SER J 270 -55.50 -46.54 -4.05
C SER J 270 -56.69 -46.28 -3.14
N PHE J 271 -56.49 -45.41 -2.16
CA PHE J 271 -57.55 -45.09 -1.23
C PHE J 271 -57.11 -43.89 -0.40
N SER J 272 -58.08 -43.18 0.18
CA SER J 272 -57.76 -42.00 0.98
C SER J 272 -58.39 -42.08 2.35
N LEU J 273 -57.54 -42.07 3.36
CA LEU J 273 -57.98 -42.10 4.74
C LEU J 273 -58.50 -40.69 5.05
N GLY J 274 -59.71 -40.33 4.63
CA GLY J 274 -60.14 -38.98 4.92
C GLY J 274 -61.60 -38.91 5.15
N GLY J 275 -62.16 -40.08 5.42
CA GLY J 275 -63.57 -40.15 5.65
C GLY J 275 -63.88 -40.29 7.11
N GLY J 276 -62.86 -40.67 7.88
CA GLY J 276 -63.12 -40.83 9.28
C GLY J 276 -62.24 -41.91 9.82
N ASN J 277 -62.52 -43.16 9.51
CA ASN J 277 -61.69 -44.22 10.06
C ASN J 277 -61.67 -45.54 9.34
N ILE J 278 -60.52 -46.20 9.44
CA ILE J 278 -60.30 -47.51 8.83
C ILE J 278 -61.17 -48.48 9.60
N ASN J 279 -61.65 -49.50 8.90
CA ASN J 279 -62.49 -50.50 9.53
C ASN J 279 -61.91 -51.86 9.15
N LEU J 280 -60.85 -52.26 9.86
CA LEU J 280 -60.16 -53.53 9.60
C LEU J 280 -61.00 -54.74 10.01
N GLU J 281 -60.94 -55.79 9.19
CA GLU J 281 -61.68 -57.00 9.50
C GLU J 281 -60.71 -58.16 9.57
N LEU J 282 -60.23 -58.46 10.77
CA LEU J 282 -59.28 -59.55 10.98
C LEU J 282 -59.91 -60.89 10.61
N GLY J 283 -59.14 -61.74 9.93
CA GLY J 283 -59.67 -63.03 9.52
C GLY J 283 -59.36 -64.18 10.45
N VAL J 284 -58.15 -64.16 10.99
CA VAL J 284 -57.73 -65.20 11.90
C VAL J 284 -57.11 -64.54 13.09
N ALA J 285 -57.57 -64.95 14.27
CA ALA J 285 -57.05 -64.38 15.48
C ALA J 285 -55.52 -64.32 15.44
N LYS J 286 -54.97 -63.15 15.74
CA LYS J 286 -53.53 -62.93 15.74
C LYS J 286 -53.05 -62.38 17.07
N THR J 287 -51.90 -62.89 17.52
CA THR J 287 -51.32 -62.48 18.80
C THR J 287 -50.64 -61.12 18.69
N GLY J 288 -51.43 -60.09 18.41
CA GLY J 288 -50.89 -58.74 18.26
C GLY J 288 -50.55 -58.52 16.81
N PHE J 289 -51.22 -57.57 16.14
CA PHE J 289 -50.96 -57.33 14.73
C PHE J 289 -50.66 -55.89 14.38
N CYS J 290 -49.92 -55.69 13.29
CA CYS J 290 -49.57 -54.35 12.83
C CYS J 290 -49.71 -54.31 11.31
N VAL J 291 -50.66 -53.51 10.85
CA VAL J 291 -50.90 -53.37 9.41
C VAL J 291 -50.04 -52.26 8.85
N ALA J 292 -49.56 -52.45 7.63
CA ALA J 292 -48.70 -51.46 6.98
C ALA J 292 -49.25 -51.03 5.62
N ILE J 293 -49.14 -49.74 5.35
CA ILE J 293 -49.56 -49.16 4.09
C ILE J 293 -48.33 -48.50 3.49
N GLU J 294 -47.69 -49.19 2.55
CA GLU J 294 -46.50 -48.66 1.88
C GLU J 294 -46.85 -48.35 0.44
N GLY J 295 -46.70 -47.10 0.06
CA GLY J 295 -47.00 -46.67 -1.30
C GLY J 295 -46.59 -45.23 -1.54
N GLU J 296 -47.31 -44.53 -2.42
CA GLU J 296 -46.99 -43.13 -2.69
C GLU J 296 -48.05 -42.29 -2.00
N PHE J 297 -47.62 -41.45 -1.07
CA PHE J 297 -48.55 -40.61 -0.34
C PHE J 297 -48.61 -39.18 -0.83
N THR J 298 -49.81 -38.62 -0.88
CA THR J 298 -50.00 -37.24 -1.31
C THR J 298 -51.00 -36.65 -0.33
N ILE J 299 -51.21 -35.34 -0.42
CA ILE J 299 -52.17 -34.73 0.46
C ILE J 299 -53.42 -34.49 -0.35
N LEU J 300 -54.58 -34.89 0.19
CA LEU J 300 -55.85 -34.72 -0.51
C LEU J 300 -56.05 -33.30 -1.00
N ALA J 301 -56.68 -33.16 -2.15
CA ALA J 301 -56.92 -31.83 -2.70
C ALA J 301 -57.58 -30.92 -1.69
N ASN J 302 -57.15 -29.66 -1.68
CA ASN J 302 -57.69 -28.64 -0.79
C ASN J 302 -57.75 -29.02 0.68
N ARG J 303 -56.69 -29.64 1.18
CA ARG J 303 -56.63 -30.04 2.57
C ARG J 303 -55.22 -29.83 3.12
N SER J 304 -54.32 -29.39 2.26
CA SER J 304 -52.95 -29.16 2.69
C SER J 304 -52.93 -27.98 3.63
N GLN J 305 -53.99 -27.19 3.60
CA GLN J 305 -54.09 -26.02 4.46
C GLN J 305 -53.76 -26.42 5.89
N ALA J 306 -54.38 -27.50 6.33
CA ALA J 306 -54.21 -28.01 7.67
C ALA J 306 -52.74 -28.07 8.05
N TYR J 307 -51.99 -28.88 7.33
CA TYR J 307 -50.56 -29.05 7.59
C TYR J 307 -49.78 -27.73 7.62
N TYR J 308 -49.79 -26.98 6.52
CA TYR J 308 -49.06 -25.71 6.39
C TYR J 308 -49.52 -24.53 7.23
N THR J 309 -50.69 -24.66 7.85
CA THR J 309 -51.24 -23.58 8.68
C THR J 309 -50.96 -23.87 10.15
N LEU J 310 -50.39 -25.03 10.43
CA LEU J 310 -50.11 -25.43 11.80
C LEU J 310 -51.46 -25.62 12.48
N ASN J 311 -52.48 -25.94 11.69
CA ASN J 311 -53.81 -26.12 12.23
C ASN J 311 -54.16 -27.56 12.55
N SER J 312 -53.26 -28.47 12.22
CA SER J 312 -53.50 -29.86 12.53
C SER J 312 -52.97 -30.01 13.95
N ILE J 313 -52.49 -28.90 14.52
CA ILE J 313 -51.95 -28.92 15.88
C ILE J 313 -53.06 -28.74 16.90
N THR J 314 -53.29 -29.76 17.73
CA THR J 314 -54.36 -29.67 18.72
C THR J 314 -53.85 -29.65 20.15
N GLN J 315 -52.97 -30.60 20.44
CA GLN J 315 -52.39 -30.73 21.76
C GLN J 315 -51.24 -29.75 21.92
N THR J 316 -50.57 -29.79 23.06
CA THR J 316 -49.45 -28.92 23.29
C THR J 316 -48.82 -29.36 24.60
N PRO J 317 -47.51 -29.56 24.60
CA PRO J 317 -46.58 -29.41 23.48
C PRO J 317 -46.90 -30.35 22.34
N THR J 318 -46.58 -29.94 21.12
CA THR J 318 -46.77 -30.77 19.93
C THR J 318 -45.42 -30.90 19.32
N SER J 319 -45.19 -32.00 18.61
CA SER J 319 -43.92 -32.19 17.96
C SER J 319 -44.17 -31.82 16.50
N ILE J 320 -43.30 -31.01 15.90
CA ILE J 320 -43.49 -30.66 14.51
C ILE J 320 -42.21 -30.60 13.73
N ASP J 321 -42.36 -30.69 12.41
CA ASP J 321 -41.24 -30.65 11.50
C ASP J 321 -40.94 -29.20 11.15
N ASP J 322 -40.17 -28.97 10.08
CA ASP J 322 -39.81 -27.62 9.69
C ASP J 322 -40.14 -27.30 8.24
N PHE J 323 -41.04 -28.08 7.67
CA PHE J 323 -41.42 -27.86 6.29
C PHE J 323 -40.18 -27.90 5.40
N ASP J 324 -39.23 -28.76 5.76
CA ASP J 324 -38.00 -28.92 5.00
C ASP J 324 -37.07 -27.70 4.94
N VAL J 325 -37.42 -26.60 5.59
CA VAL J 325 -36.58 -25.42 5.51
C VAL J 325 -35.11 -25.74 5.79
N SER J 326 -34.88 -26.66 6.72
CA SER J 326 -33.52 -27.06 7.09
C SER J 326 -32.70 -27.48 5.88
N ASP J 327 -33.33 -28.19 4.96
CA ASP J 327 -32.66 -28.68 3.78
C ASP J 327 -32.20 -27.57 2.86
N PHE J 328 -32.81 -26.40 2.96
CA PHE J 328 -32.40 -25.32 2.09
C PHE J 328 -31.32 -24.46 2.70
N LEU J 329 -31.24 -24.50 4.02
CA LEU J 329 -30.25 -23.71 4.72
C LEU J 329 -28.82 -24.15 4.46
N THR J 330 -28.60 -25.44 4.27
CA THR J 330 -27.27 -25.99 4.03
C THR J 330 -26.26 -25.05 3.38
N THR J 331 -26.56 -24.55 2.18
CA THR J 331 -25.64 -23.67 1.48
C THR J 331 -25.27 -22.44 2.29
N PHE J 332 -26.24 -21.59 2.57
CA PHE J 332 -25.99 -20.37 3.33
C PHE J 332 -25.19 -20.68 4.59
N LEU J 333 -25.62 -21.71 5.30
CA LEU J 333 -24.94 -22.12 6.51
C LEU J 333 -23.46 -22.36 6.21
N SER J 334 -23.17 -23.02 5.09
CA SER J 334 -21.78 -23.29 4.73
C SER J 334 -20.99 -22.02 4.52
N GLN J 335 -21.58 -21.06 3.84
CA GLN J 335 -20.88 -19.81 3.60
C GLN J 335 -20.66 -19.07 4.90
N LEU J 336 -21.59 -19.22 5.85
CA LEU J 336 -21.44 -18.54 7.13
C LEU J 336 -20.20 -19.00 7.87
N ARG J 337 -19.97 -20.31 7.91
CA ARG J 337 -18.81 -20.83 8.61
C ARG J 337 -17.54 -20.52 7.84
N ALA J 338 -17.64 -20.55 6.53
CA ALA J 338 -16.50 -20.29 5.68
C ALA J 338 -15.82 -18.96 5.97
N CYS J 339 -16.59 -17.96 6.38
CA CYS J 339 -16.01 -16.64 6.66
C CYS J 339 -16.10 -16.23 8.12
N GLY J 340 -16.25 -17.23 9.00
CA GLY J 340 -16.33 -16.98 10.44
C GLY J 340 -17.33 -15.94 10.89
N GLN J 341 -18.62 -16.28 10.81
CA GLN J 341 -19.67 -15.38 11.19
C GLN J 341 -20.79 -16.21 11.76
N TYR J 342 -20.62 -17.53 11.65
CA TYR J 342 -21.61 -18.49 12.12
C TYR J 342 -22.09 -18.11 13.50
N GLU J 343 -21.18 -17.56 14.30
CA GLU J 343 -21.51 -17.14 15.65
C GLU J 343 -22.28 -15.81 15.62
N ILE J 344 -21.67 -14.78 15.04
CA ILE J 344 -22.31 -13.46 14.97
C ILE J 344 -23.73 -13.53 14.43
N PHE J 345 -23.89 -14.18 13.27
CA PHE J 345 -25.20 -14.30 12.65
C PHE J 345 -26.17 -14.95 13.65
N SER J 346 -25.78 -16.07 14.23
CA SER J 346 -26.63 -16.78 15.19
C SER J 346 -27.10 -15.88 16.32
N ASP J 347 -26.32 -14.85 16.66
CA ASP J 347 -26.71 -13.96 17.73
C ASP J 347 -27.70 -12.94 17.20
N ALA J 348 -27.35 -12.32 16.09
CA ALA J 348 -28.24 -11.33 15.49
C ALA J 348 -29.54 -12.03 15.18
N MET J 349 -29.42 -13.31 14.85
CA MET J 349 -30.58 -14.09 14.49
C MET J 349 -31.48 -14.28 15.69
N ASP J 350 -30.85 -14.42 16.85
CA ASP J 350 -31.58 -14.60 18.10
C ASP J 350 -32.41 -13.35 18.37
N GLN J 351 -31.83 -12.17 18.19
CA GLN J 351 -32.57 -10.94 18.44
C GLN J 351 -33.72 -10.78 17.46
N LEU J 352 -33.52 -11.28 16.26
CA LEU J 352 -34.56 -11.21 15.26
C LEU J 352 -35.75 -11.99 15.76
N THR J 353 -35.57 -13.29 15.98
CA THR J 353 -36.65 -14.16 16.47
C THR J 353 -37.17 -13.63 17.79
N ASN J 354 -36.30 -13.00 18.56
CA ASN J 354 -36.71 -12.49 19.85
C ASN J 354 -37.62 -11.30 19.66
N SER J 355 -37.13 -10.31 18.91
CA SER J 355 -37.90 -9.10 18.65
C SER J 355 -39.22 -9.44 17.95
N LEU J 356 -39.23 -10.50 17.14
CA LEU J 356 -40.44 -10.91 16.42
C LEU J 356 -41.52 -11.37 17.39
N ILE J 357 -41.18 -12.28 18.28
CA ILE J 357 -42.15 -12.78 19.25
C ILE J 357 -42.75 -11.63 20.02
N THR J 358 -41.93 -10.64 20.33
CA THR J 358 -42.38 -9.47 21.07
C THR J 358 -43.64 -8.84 20.45
N ASN J 359 -43.49 -8.34 19.23
CA ASN J 359 -44.56 -7.68 18.53
C ASN J 359 -45.84 -8.50 18.43
N TYR J 360 -45.79 -9.77 18.78
CA TYR J 360 -47.00 -10.58 18.69
C TYR J 360 -47.83 -10.59 19.96
N MET J 361 -47.24 -10.18 21.08
CA MET J 361 -48.00 -10.15 22.34
C MET J 361 -48.04 -8.79 22.98
N ASP J 362 -49.23 -8.33 23.30
CA ASP J 362 -49.36 -7.06 23.96
C ASP J 362 -49.74 -7.34 25.44
N PRO J 363 -49.07 -6.65 26.36
CA PRO J 363 -48.03 -5.66 26.07
C PRO J 363 -46.63 -6.15 25.67
N PRO J 364 -45.99 -5.44 24.71
CA PRO J 364 -44.66 -5.67 24.13
C PRO J 364 -43.52 -6.13 25.05
N ALA J 365 -43.54 -7.38 25.50
CA ALA J 365 -42.44 -7.88 26.33
C ALA J 365 -42.24 -9.35 26.16
N ILE J 366 -40.98 -9.75 26.06
CA ILE J 366 -40.63 -11.16 25.88
C ILE J 366 -41.36 -12.02 26.93
N PRO J 367 -42.05 -13.10 26.51
CA PRO J 367 -42.76 -13.95 27.48
C PRO J 367 -41.90 -14.50 28.61
N ALA J 368 -42.55 -14.93 29.69
CA ALA J 368 -41.84 -15.48 30.82
C ALA J 368 -41.54 -16.96 30.54
N GLY J 369 -40.28 -17.36 30.68
CA GLY J 369 -39.93 -18.75 30.43
C GLY J 369 -39.58 -19.12 29.01
N LEU J 370 -39.12 -18.14 28.23
CA LEU J 370 -38.74 -18.41 26.85
C LEU J 370 -37.28 -18.84 26.83
N ALA J 371 -37.05 -20.14 26.67
CA ALA J 371 -35.71 -20.65 26.65
C ALA J 371 -35.47 -21.48 25.41
N PHE J 372 -34.62 -20.98 24.53
CA PHE J 372 -34.29 -21.69 23.31
C PHE J 372 -33.21 -22.72 23.58
N THR J 373 -33.51 -23.97 23.26
CA THR J 373 -32.59 -25.06 23.49
C THR J 373 -31.75 -25.37 22.25
N SER J 374 -32.04 -24.68 21.15
CA SER J 374 -31.31 -24.87 19.89
C SER J 374 -31.16 -23.59 19.08
N PRO J 375 -30.21 -23.56 18.13
CA PRO J 375 -29.93 -22.39 17.29
C PRO J 375 -30.96 -22.13 16.18
N TRP J 376 -30.96 -20.88 15.72
CA TRP J 376 -31.90 -20.41 14.70
C TRP J 376 -32.24 -21.30 13.53
N PHE J 377 -31.30 -22.14 13.12
CA PHE J 377 -31.52 -22.99 11.96
C PHE J 377 -31.96 -24.41 12.25
N ARG J 378 -32.25 -24.71 13.50
CA ARG J 378 -32.74 -26.05 13.81
C ARG J 378 -34.21 -25.84 14.08
N PHE J 379 -34.81 -25.06 13.20
CA PHE J 379 -36.20 -24.69 13.26
C PHE J 379 -37.15 -25.64 13.95
N SER J 380 -37.30 -26.84 13.43
CA SER J 380 -38.20 -27.83 14.01
C SER J 380 -38.26 -27.79 15.53
N GLU J 381 -37.12 -27.46 16.15
CA GLU J 381 -37.02 -27.38 17.60
C GLU J 381 -37.57 -26.05 18.11
N ARG J 382 -36.99 -24.94 17.65
CA ARG J 382 -37.48 -23.65 18.09
C ARG J 382 -38.98 -23.59 17.84
N ALA J 383 -39.42 -24.22 16.77
CA ALA J 383 -40.82 -24.21 16.43
C ALA J 383 -41.64 -24.73 17.60
N ARG J 384 -41.26 -25.89 18.12
CA ARG J 384 -42.00 -26.46 19.24
C ARG J 384 -41.83 -25.61 20.49
N THR J 385 -40.64 -25.06 20.67
CA THR J 385 -40.39 -24.23 21.84
C THR J 385 -41.39 -23.08 21.81
N ILE J 386 -41.55 -22.45 20.66
CA ILE J 386 -42.50 -21.35 20.54
C ILE J 386 -43.91 -21.89 20.82
N LEU J 387 -44.21 -23.05 20.24
CA LEU J 387 -45.52 -23.68 20.41
C LEU J 387 -45.72 -24.26 21.80
N ALA J 388 -44.80 -23.97 22.72
CA ALA J 388 -44.88 -24.51 24.07
C ALA J 388 -45.28 -23.53 25.15
N LEU J 389 -45.15 -22.24 24.85
CA LEU J 389 -45.48 -21.20 25.80
C LEU J 389 -46.94 -21.26 26.23
N GLN J 390 -47.17 -21.65 27.48
CA GLN J 390 -48.53 -21.74 28.03
C GLN J 390 -48.99 -20.32 28.31
N ASN J 391 -48.03 -19.41 28.37
CA ASN J 391 -48.27 -17.99 28.58
C ASN J 391 -49.19 -17.46 27.50
N VAL J 392 -48.62 -17.40 26.29
CA VAL J 392 -49.28 -16.90 25.10
C VAL J 392 -50.44 -17.72 24.55
N ASP J 393 -51.47 -17.03 24.10
CA ASP J 393 -52.63 -17.70 23.53
C ASP J 393 -52.10 -18.62 22.43
N LEU J 394 -52.80 -19.71 22.14
CA LEU J 394 -52.34 -20.67 21.12
C LEU J 394 -52.15 -20.13 19.72
N ASN J 395 -53.22 -19.68 19.08
CA ASN J 395 -53.15 -19.17 17.73
C ASN J 395 -52.03 -18.17 17.53
N ILE J 396 -51.83 -17.28 18.47
CA ILE J 396 -50.75 -16.34 18.34
C ILE J 396 -49.46 -17.13 18.12
N ARG J 397 -49.27 -18.16 18.93
CA ARG J 397 -48.08 -19.01 18.83
C ARG J 397 -47.90 -19.48 17.39
N LYS J 398 -48.95 -20.12 16.87
CA LYS J 398 -48.92 -20.63 15.51
C LYS J 398 -48.46 -19.56 14.52
N LEU J 399 -49.01 -18.36 14.64
CA LEU J 399 -48.60 -17.32 13.72
C LEU J 399 -47.12 -17.08 13.87
N ILE J 400 -46.67 -16.91 15.11
CA ILE J 400 -45.25 -16.69 15.34
C ILE J 400 -44.39 -17.72 14.61
N VAL J 401 -44.77 -18.98 14.70
CA VAL J 401 -44.02 -20.04 14.02
C VAL J 401 -44.06 -19.80 12.51
N ARG J 402 -45.26 -19.68 11.97
CA ARG J 402 -45.42 -19.46 10.54
C ARG J 402 -44.65 -18.25 10.04
N HIS J 403 -44.80 -17.15 10.75
CA HIS J 403 -44.13 -15.90 10.39
C HIS J 403 -42.62 -16.10 10.45
N LEU J 404 -42.11 -16.66 11.54
CA LEU J 404 -40.68 -16.89 11.66
C LEU J 404 -40.20 -17.77 10.49
N TRP J 405 -40.95 -18.83 10.19
CA TRP J 405 -40.57 -19.72 9.10
C TRP J 405 -40.26 -18.93 7.84
N VAL J 406 -41.26 -18.18 7.37
CA VAL J 406 -41.10 -17.36 6.17
C VAL J 406 -39.81 -16.56 6.17
N ILE J 407 -39.52 -15.90 7.27
CA ILE J 407 -38.29 -15.13 7.33
C ILE J 407 -37.08 -16.04 7.25
N THR J 408 -37.19 -17.21 7.86
CA THR J 408 -36.06 -18.14 7.82
C THR J 408 -35.80 -18.55 6.38
N SER J 409 -36.87 -18.91 5.66
CA SER J 409 -36.72 -19.35 4.28
C SER J 409 -36.09 -18.24 3.46
N LEU J 410 -36.56 -17.02 3.67
CA LEU J 410 -36.03 -15.87 2.96
C LEU J 410 -34.50 -15.86 3.10
N ILE J 411 -34.03 -16.04 4.34
CA ILE J 411 -32.60 -16.06 4.61
C ILE J 411 -31.96 -17.15 3.76
N ALA J 412 -32.56 -18.33 3.82
CA ALA J 412 -32.07 -19.50 3.09
C ALA J 412 -31.92 -19.28 1.59
N VAL J 413 -32.70 -18.35 1.06
CA VAL J 413 -32.66 -18.04 -0.36
C VAL J 413 -31.67 -16.94 -0.69
N PHE J 414 -31.86 -15.79 -0.05
CA PHE J 414 -31.02 -14.61 -0.29
C PHE J 414 -29.56 -14.59 0.16
N GLY J 415 -29.20 -15.38 1.15
CA GLY J 415 -27.83 -15.32 1.63
C GLY J 415 -26.76 -16.14 0.98
N ARG J 416 -27.18 -17.19 0.31
CA ARG J 416 -26.27 -18.11 -0.35
C ARG J 416 -24.98 -17.52 -0.95
N TYR J 417 -25.06 -16.37 -1.60
CA TYR J 417 -23.83 -15.82 -2.20
C TYR J 417 -22.93 -14.97 -1.31
N TYR J 418 -23.22 -14.95 -0.02
CA TYR J 418 -22.48 -14.15 0.97
C TYR J 418 -20.97 -14.33 1.04
N ARG J 419 -20.25 -13.21 0.97
CA ARG J 419 -18.78 -13.18 1.02
C ARG J 419 -18.25 -11.76 1.25
N PRO J 420 -18.17 -11.32 2.54
CA PRO J 420 -17.73 -10.03 3.07
C PRO J 420 -16.23 -9.73 2.85
N ASN J 421 -15.40 -10.75 3.09
CA ASN J 421 -13.92 -10.71 3.09
C ASN J 421 -13.30 -9.37 2.59
N MET K 1 -59.52 -40.88 -33.33
CA MET K 1 -59.37 -41.65 -34.60
C MET K 1 -58.42 -42.83 -34.39
N SER K 2 -57.63 -43.17 -35.38
CA SER K 2 -56.69 -44.28 -35.25
C SER K 2 -56.09 -44.23 -33.86
N ARG K 3 -55.70 -45.39 -33.35
CA ARG K 3 -55.09 -45.42 -32.03
C ARG K 3 -53.93 -44.42 -31.98
N GLN K 4 -53.18 -44.35 -33.08
CA GLN K 4 -52.02 -43.46 -33.12
C GLN K 4 -52.41 -42.03 -32.84
N MET K 5 -53.49 -41.57 -33.45
CA MET K 5 -53.93 -40.21 -33.24
C MET K 5 -54.19 -39.94 -31.78
N TRP K 6 -54.81 -40.90 -31.10
CA TRP K 6 -55.07 -40.71 -29.68
C TRP K 6 -53.74 -40.57 -28.93
N LEU K 7 -52.83 -41.52 -29.13
CA LEU K 7 -51.53 -41.47 -28.45
C LEU K 7 -50.82 -40.16 -28.73
N ASP K 8 -50.74 -39.79 -30.00
CA ASP K 8 -50.09 -38.54 -30.39
C ASP K 8 -50.68 -37.42 -29.54
N THR K 9 -51.98 -37.19 -29.66
CA THR K 9 -52.63 -36.13 -28.90
C THR K 9 -52.42 -36.24 -27.39
N SER K 10 -52.42 -37.45 -26.85
CA SER K 10 -52.19 -37.61 -25.41
C SER K 10 -50.80 -37.02 -25.12
N ALA K 11 -49.82 -37.49 -25.88
CA ALA K 11 -48.44 -37.03 -25.76
C ALA K 11 -48.35 -35.51 -25.73
N LEU K 12 -49.26 -34.86 -26.44
CA LEU K 12 -49.28 -33.40 -26.49
C LEU K 12 -49.72 -32.86 -25.15
N LEU K 13 -50.81 -33.43 -24.62
CA LEU K 13 -51.33 -32.99 -23.34
C LEU K 13 -50.29 -33.23 -22.27
N GLU K 14 -49.61 -34.36 -22.37
CA GLU K 14 -48.58 -34.70 -21.39
C GLU K 14 -47.47 -33.70 -21.48
N ALA K 15 -47.20 -33.25 -22.69
CA ALA K 15 -46.16 -32.27 -22.92
C ALA K 15 -46.66 -30.92 -22.39
N ILE K 16 -47.95 -30.64 -22.57
CA ILE K 16 -48.45 -29.39 -22.07
C ILE K 16 -48.25 -29.37 -20.58
N SER K 17 -48.54 -30.49 -19.93
CA SER K 17 -48.34 -30.57 -18.48
C SER K 17 -46.89 -30.22 -18.20
N GLU K 18 -46.00 -31.01 -18.79
CA GLU K 18 -44.56 -30.84 -18.61
C GLU K 18 -44.16 -29.37 -18.63
N TYR K 19 -44.53 -28.67 -19.69
CA TYR K 19 -44.15 -27.28 -19.80
C TYR K 19 -44.89 -26.37 -18.81
N VAL K 20 -46.05 -26.81 -18.33
CA VAL K 20 -46.74 -26.00 -17.35
C VAL K 20 -45.91 -26.08 -16.08
N VAL K 21 -45.46 -27.28 -15.73
CA VAL K 21 -44.63 -27.43 -14.54
C VAL K 21 -43.34 -26.65 -14.68
N ARG K 22 -42.79 -26.63 -15.88
CA ARG K 22 -41.55 -25.91 -16.11
C ARG K 22 -41.71 -24.43 -15.92
N CYS K 23 -42.92 -23.94 -16.19
CA CYS K 23 -43.19 -22.52 -16.09
C CYS K 23 -43.66 -22.04 -14.75
N ASN K 24 -44.17 -22.95 -13.94
CA ASN K 24 -44.65 -22.56 -12.63
C ASN K 24 -43.61 -21.72 -11.86
N GLY K 25 -43.97 -20.50 -11.49
CA GLY K 25 -43.06 -19.65 -10.75
C GLY K 25 -41.79 -19.22 -11.48
N ASP K 26 -41.86 -19.26 -12.81
CA ASP K 26 -40.76 -18.87 -13.66
C ASP K 26 -41.38 -17.96 -14.72
N THR K 27 -42.38 -17.21 -14.32
CA THR K 27 -43.04 -16.32 -15.26
C THR K 27 -42.92 -14.89 -14.80
N PHE K 28 -41.76 -14.29 -15.02
CA PHE K 28 -41.56 -12.91 -14.62
C PHE K 28 -41.92 -11.94 -15.72
N SER K 29 -42.31 -10.73 -15.30
CA SER K 29 -42.75 -9.64 -16.17
C SER K 29 -41.97 -9.29 -17.43
N GLY K 30 -40.67 -9.04 -17.31
CA GLY K 30 -39.89 -8.70 -18.49
C GLY K 30 -39.27 -9.85 -19.27
N LEU K 31 -39.66 -11.08 -18.95
CA LEU K 31 -39.07 -12.23 -19.63
C LEU K 31 -40.01 -13.17 -20.30
N THR K 32 -39.69 -13.54 -21.52
CA THR K 32 -40.52 -14.53 -22.16
C THR K 32 -39.51 -15.65 -22.27
N THR K 33 -39.65 -16.66 -21.42
CA THR K 33 -38.72 -17.76 -21.41
C THR K 33 -39.07 -18.74 -22.50
N GLY K 34 -38.08 -19.43 -23.00
CA GLY K 34 -38.33 -20.38 -24.06
C GLY K 34 -39.42 -21.35 -23.64
N ASP K 35 -39.40 -21.74 -22.38
CA ASP K 35 -40.38 -22.67 -21.86
C ASP K 35 -41.79 -22.13 -22.05
N PHE K 36 -42.01 -20.88 -21.69
CA PHE K 36 -43.33 -20.30 -21.81
C PHE K 36 -43.75 -20.16 -23.25
N ASN K 37 -42.79 -19.90 -24.12
CA ASN K 37 -43.09 -19.74 -25.52
C ASN K 37 -43.62 -21.07 -26.04
N ALA K 38 -42.85 -22.12 -25.83
CA ALA K 38 -43.27 -23.44 -26.24
C ALA K 38 -44.64 -23.77 -25.69
N LEU K 39 -44.80 -23.63 -24.37
CA LEU K 39 -46.08 -23.92 -23.73
C LEU K 39 -47.18 -23.20 -24.46
N SER K 40 -46.94 -21.92 -24.75
CA SER K 40 -47.91 -21.09 -25.44
C SER K 40 -48.27 -21.66 -26.79
N ASN K 41 -47.27 -22.04 -27.56
CA ASN K 41 -47.52 -22.60 -28.87
C ASN K 41 -48.22 -23.94 -28.80
N MET K 42 -48.02 -24.66 -27.71
CA MET K 42 -48.66 -25.95 -27.60
C MET K 42 -50.12 -25.73 -27.33
N PHE K 43 -50.45 -24.75 -26.49
CA PHE K 43 -51.84 -24.47 -26.21
C PHE K 43 -52.52 -24.28 -27.54
N THR K 44 -51.90 -23.45 -28.38
CA THR K 44 -52.44 -23.16 -29.71
C THR K 44 -52.70 -24.45 -30.47
N GLN K 45 -51.68 -25.31 -30.50
CA GLN K 45 -51.78 -26.59 -31.19
C GLN K 45 -52.99 -27.42 -30.73
N LEU K 46 -53.32 -27.35 -29.44
CA LEU K 46 -54.44 -28.09 -28.90
C LEU K 46 -55.76 -27.54 -29.41
N SER K 47 -56.10 -26.36 -28.92
CA SER K 47 -57.33 -25.67 -29.31
C SER K 47 -56.94 -24.39 -30.03
N VAL K 48 -57.09 -24.38 -31.36
CA VAL K 48 -56.72 -23.22 -32.16
C VAL K 48 -57.32 -21.92 -31.65
N SER K 49 -58.42 -22.06 -30.91
CA SER K 49 -59.13 -20.92 -30.37
C SER K 49 -58.24 -19.90 -29.61
N SER K 50 -57.35 -20.37 -28.73
CA SER K 50 -56.47 -19.50 -27.93
C SER K 50 -55.12 -19.24 -28.55
N ALA K 51 -55.08 -18.19 -29.34
CA ALA K 51 -53.85 -17.83 -29.96
C ALA K 51 -53.38 -16.61 -29.20
N GLY K 52 -52.06 -16.52 -29.03
CA GLY K 52 -51.50 -15.39 -28.32
C GLY K 52 -51.32 -15.64 -26.83
N TYR K 53 -50.44 -14.85 -26.23
CA TYR K 53 -50.13 -14.94 -24.81
C TYR K 53 -51.33 -14.46 -23.97
N VAL K 54 -52.14 -13.59 -24.56
CA VAL K 54 -53.35 -13.00 -23.94
C VAL K 54 -54.27 -14.01 -23.24
N SER K 55 -54.85 -14.89 -24.05
CA SER K 55 -55.79 -15.92 -23.61
C SER K 55 -55.51 -16.60 -22.28
N ASP K 56 -56.59 -16.88 -21.56
CA ASP K 56 -56.57 -17.55 -20.27
C ASP K 56 -56.57 -19.04 -20.65
N PRO K 57 -55.38 -19.67 -20.67
CA PRO K 57 -55.21 -21.08 -21.02
C PRO K 57 -56.11 -22.03 -20.27
N ARG K 58 -56.77 -21.55 -19.24
CA ARG K 58 -57.65 -22.39 -18.45
C ARG K 58 -58.89 -22.83 -19.19
N VAL K 59 -59.67 -21.86 -19.67
CA VAL K 59 -60.92 -22.17 -20.35
C VAL K 59 -60.84 -23.11 -21.55
N PRO K 60 -59.83 -22.97 -22.41
CA PRO K 60 -59.78 -23.88 -23.56
C PRO K 60 -59.44 -25.32 -23.18
N LEU K 61 -58.66 -25.48 -22.10
CA LEU K 61 -58.25 -26.79 -21.59
C LEU K 61 -59.43 -27.40 -20.87
N GLN K 62 -60.20 -26.54 -20.25
CA GLN K 62 -61.37 -26.94 -19.49
C GLN K 62 -62.37 -27.49 -20.49
N THR K 63 -62.69 -26.68 -21.49
CA THR K 63 -63.63 -27.08 -22.52
C THR K 63 -63.22 -28.44 -23.09
N MET K 64 -61.92 -28.60 -23.35
CA MET K 64 -61.42 -29.86 -23.88
C MET K 64 -61.78 -30.98 -22.94
N SER K 65 -61.28 -30.94 -21.72
CA SER K 65 -61.59 -31.97 -20.74
C SER K 65 -63.08 -32.29 -20.72
N ASN K 66 -63.90 -31.26 -20.50
CA ASN K 66 -65.34 -31.43 -20.43
C ASN K 66 -65.90 -32.33 -21.51
N MET K 67 -65.59 -32.01 -22.75
CA MET K 67 -66.09 -32.83 -23.83
C MET K 67 -65.54 -34.24 -23.73
N PHE K 68 -64.29 -34.38 -23.31
CA PHE K 68 -63.71 -35.71 -23.19
C PHE K 68 -64.52 -36.58 -22.25
N VAL K 69 -64.97 -36.03 -21.14
CA VAL K 69 -65.75 -36.82 -20.19
C VAL K 69 -67.07 -37.24 -20.79
N SER K 70 -67.77 -36.30 -21.42
CA SER K 70 -69.06 -36.63 -22.02
C SER K 70 -68.85 -37.57 -23.22
N PHE K 71 -67.61 -37.67 -23.70
CA PHE K 71 -67.32 -38.56 -24.81
C PHE K 71 -67.05 -39.95 -24.28
N ILE K 72 -66.02 -40.07 -23.45
CA ILE K 72 -65.64 -41.35 -22.89
C ILE K 72 -66.75 -41.92 -22.00
N THR K 73 -67.78 -41.10 -21.77
CA THR K 73 -68.92 -41.49 -20.94
C THR K 73 -70.06 -42.16 -21.69
N SER K 74 -70.39 -41.63 -22.86
CA SER K 74 -71.46 -42.17 -23.71
C SER K 74 -70.96 -43.26 -24.66
N THR K 75 -71.19 -44.51 -24.26
CA THR K 75 -70.77 -45.66 -25.03
C THR K 75 -71.13 -45.55 -26.52
N ASP K 76 -72.22 -44.86 -26.84
CA ASP K 76 -72.62 -44.72 -28.24
C ASP K 76 -71.50 -44.08 -29.03
N ARG K 77 -70.96 -42.98 -28.49
CA ARG K 77 -69.89 -42.23 -29.14
C ARG K 77 -68.53 -42.94 -29.14
N CYS K 78 -67.95 -43.09 -27.97
CA CYS K 78 -66.64 -43.73 -27.82
C CYS K 78 -66.67 -45.23 -28.04
N GLY K 79 -67.81 -45.73 -28.49
CA GLY K 79 -67.90 -47.17 -28.73
C GLY K 79 -66.82 -47.66 -29.66
N TYR K 80 -66.70 -46.99 -30.78
CA TYR K 80 -65.73 -47.34 -31.79
C TYR K 80 -64.37 -47.78 -31.26
N MET K 81 -63.81 -47.08 -30.27
CA MET K 81 -62.48 -47.45 -29.77
C MET K 81 -62.47 -48.55 -28.72
N LEU K 82 -63.63 -49.15 -28.50
CA LEU K 82 -63.71 -50.24 -27.55
C LEU K 82 -63.73 -51.56 -28.28
N ARG K 83 -63.69 -51.48 -29.61
CA ARG K 83 -63.72 -52.66 -30.47
C ARG K 83 -62.34 -53.32 -30.58
N LYS K 84 -62.33 -54.59 -30.98
CA LYS K 84 -61.09 -55.36 -31.10
C LYS K 84 -60.07 -54.68 -32.02
N THR K 85 -60.55 -54.15 -33.13
CA THR K 85 -59.75 -53.47 -34.16
C THR K 85 -58.87 -52.37 -33.64
N TRP K 86 -59.49 -51.29 -33.19
CA TRP K 86 -58.81 -50.11 -32.68
C TRP K 86 -57.50 -50.31 -31.93
N PHE K 87 -57.38 -51.43 -31.21
CA PHE K 87 -56.19 -51.70 -30.43
C PHE K 87 -55.01 -52.31 -31.18
N ASN K 88 -55.28 -53.07 -32.24
CA ASN K 88 -54.19 -53.71 -32.98
C ASN K 88 -53.98 -53.33 -34.43
N SER K 89 -54.60 -52.24 -34.87
CA SER K 89 -54.43 -51.79 -36.25
C SER K 89 -54.36 -50.28 -36.32
N ASP K 90 -53.89 -49.74 -37.43
CA ASP K 90 -53.80 -48.30 -37.56
C ASP K 90 -54.79 -47.82 -38.60
N THR K 91 -55.82 -48.60 -38.82
CA THR K 91 -56.86 -48.28 -39.78
C THR K 91 -57.70 -47.10 -39.35
N LYS K 92 -57.64 -46.00 -40.08
CA LYS K 92 -58.43 -44.83 -39.72
C LYS K 92 -59.90 -45.23 -39.69
N PRO K 93 -60.56 -45.04 -38.55
CA PRO K 93 -61.96 -45.37 -38.32
C PRO K 93 -62.94 -44.46 -39.04
N THR K 94 -64.16 -44.95 -39.14
CA THR K 94 -65.23 -44.23 -39.78
C THR K 94 -66.12 -43.61 -38.69
N VAL K 95 -65.52 -42.78 -37.85
CA VAL K 95 -66.26 -42.14 -36.76
C VAL K 95 -66.58 -40.70 -37.08
N SER K 96 -67.84 -40.34 -36.91
CA SER K 96 -68.26 -38.98 -37.18
C SER K 96 -68.66 -38.35 -35.86
N ASP K 97 -67.68 -38.13 -34.99
CA ASP K 97 -67.96 -37.52 -33.69
C ASP K 97 -67.23 -36.22 -33.50
N ASP K 98 -67.92 -35.29 -32.84
CA ASP K 98 -67.42 -33.96 -32.57
C ASP K 98 -66.06 -33.92 -31.86
N PHE K 99 -65.96 -34.53 -30.69
CA PHE K 99 -64.71 -34.52 -29.95
C PHE K 99 -63.55 -35.00 -30.80
N ILE K 100 -63.70 -36.20 -31.36
CA ILE K 100 -62.66 -36.79 -32.18
C ILE K 100 -62.04 -35.82 -33.18
N THR K 101 -62.86 -35.29 -34.08
CA THR K 101 -62.37 -34.37 -35.12
C THR K 101 -61.79 -33.03 -34.64
N THR K 102 -62.22 -32.58 -33.46
CA THR K 102 -61.76 -31.31 -32.90
C THR K 102 -60.45 -31.42 -32.12
N TYR K 103 -60.22 -32.57 -31.49
CA TYR K 103 -59.03 -32.75 -30.68
C TYR K 103 -58.10 -33.91 -31.04
N ILE K 104 -58.65 -35.00 -31.55
CA ILE K 104 -57.81 -36.14 -31.87
C ILE K 104 -57.33 -36.13 -33.33
N ARG K 105 -56.02 -36.00 -33.51
CA ARG K 105 -55.40 -35.98 -34.84
C ARG K 105 -53.87 -35.98 -34.76
N PRO K 106 -53.19 -36.48 -35.81
CA PRO K 106 -51.74 -36.55 -35.87
C PRO K 106 -51.11 -35.30 -35.32
N ARG K 107 -50.27 -35.48 -34.30
CA ARG K 107 -49.65 -34.36 -33.64
C ARG K 107 -48.12 -34.40 -33.63
N LEU K 108 -47.54 -35.59 -33.72
CA LEU K 108 -46.09 -35.70 -33.70
C LEU K 108 -45.45 -35.55 -35.05
N GLN K 109 -44.23 -35.03 -35.05
CA GLN K 109 -43.48 -34.83 -36.27
C GLN K 109 -42.78 -36.10 -36.66
N VAL K 110 -43.07 -36.59 -37.85
CA VAL K 110 -42.46 -37.80 -38.33
C VAL K 110 -41.48 -37.43 -39.45
N PRO K 111 -40.38 -38.16 -39.58
CA PRO K 111 -40.02 -39.30 -38.74
C PRO K 111 -39.09 -38.91 -37.61
N MET K 112 -38.75 -37.63 -37.53
CA MET K 112 -37.84 -37.20 -36.49
C MET K 112 -38.19 -37.69 -35.09
N SER K 113 -39.47 -37.63 -34.71
CA SER K 113 -39.88 -38.09 -33.38
C SER K 113 -39.38 -39.48 -33.13
N ASP K 114 -39.77 -40.39 -34.01
CA ASP K 114 -39.37 -41.77 -33.91
C ASP K 114 -37.87 -41.96 -33.82
N THR K 115 -37.10 -41.14 -34.53
CA THR K 115 -35.66 -41.27 -34.48
C THR K 115 -35.18 -40.84 -33.10
N VAL K 116 -35.65 -39.70 -32.65
CA VAL K 116 -35.26 -39.22 -31.35
C VAL K 116 -35.59 -40.25 -30.30
N ARG K 117 -36.76 -40.88 -30.41
CA ARG K 117 -37.17 -41.89 -29.43
C ARG K 117 -36.18 -43.02 -29.28
N GLN K 118 -35.74 -43.58 -30.40
CA GLN K 118 -34.79 -44.68 -30.32
C GLN K 118 -33.49 -44.18 -29.74
N LEU K 119 -33.08 -42.99 -30.17
CA LEU K 119 -31.85 -42.44 -29.67
C LEU K 119 -31.90 -42.34 -28.17
N ASN K 120 -33.11 -42.19 -27.65
CA ASN K 120 -33.29 -42.05 -26.22
C ASN K 120 -32.94 -43.30 -25.47
N ASN K 121 -33.47 -44.42 -25.92
CA ASN K 121 -33.19 -45.69 -25.24
C ASN K 121 -31.72 -45.81 -24.85
N LEU K 122 -30.85 -45.21 -25.66
CA LEU K 122 -29.43 -45.26 -25.40
C LEU K 122 -28.89 -44.09 -24.58
N SER K 123 -29.78 -43.22 -24.12
CA SER K 123 -29.35 -42.08 -23.32
C SER K 123 -28.82 -42.51 -21.98
N LEU K 124 -27.87 -41.73 -21.46
CA LEU K 124 -27.24 -42.00 -20.18
C LEU K 124 -28.19 -41.93 -19.00
N GLN K 125 -28.95 -40.86 -18.89
CA GLN K 125 -29.85 -40.73 -17.76
C GLN K 125 -31.27 -40.43 -18.20
N PRO K 126 -32.03 -41.48 -18.58
CA PRO K 126 -33.42 -41.39 -19.02
C PRO K 126 -34.28 -40.87 -17.90
N SER K 127 -35.54 -40.57 -18.21
CA SER K 127 -36.40 -40.05 -17.16
C SER K 127 -36.58 -41.13 -16.13
N ALA K 128 -36.31 -40.77 -14.88
CA ALA K 128 -36.43 -41.70 -13.76
C ALA K 128 -37.87 -42.17 -13.59
N LYS K 129 -38.82 -41.25 -13.74
CA LYS K 129 -40.23 -41.60 -13.65
C LYS K 129 -40.86 -41.06 -14.93
N PRO K 130 -40.90 -41.89 -15.97
CA PRO K 130 -41.44 -41.61 -17.31
C PRO K 130 -42.92 -41.37 -17.47
N LYS K 131 -43.23 -40.66 -18.55
CA LYS K 131 -44.59 -40.27 -18.92
C LYS K 131 -45.44 -41.46 -19.28
N LEU K 132 -46.76 -41.26 -19.31
CA LEU K 132 -47.66 -42.33 -19.66
C LEU K 132 -47.42 -42.71 -21.11
N TYR K 133 -46.96 -41.74 -21.89
CA TYR K 133 -46.70 -41.99 -23.30
C TYR K 133 -45.90 -43.28 -23.43
N GLU K 134 -44.69 -43.27 -22.89
CA GLU K 134 -43.83 -44.44 -22.99
C GLU K 134 -44.55 -45.74 -22.70
N ARG K 135 -45.25 -45.84 -21.57
CA ARG K 135 -45.95 -47.07 -21.21
C ARG K 135 -46.99 -47.43 -22.25
N GLN K 136 -47.70 -46.41 -22.73
CA GLN K 136 -48.71 -46.60 -23.75
C GLN K 136 -48.11 -47.32 -24.96
N ASN K 137 -47.00 -46.78 -25.48
CA ASN K 137 -46.35 -47.39 -26.63
C ASN K 137 -45.94 -48.83 -26.30
N ALA K 138 -45.36 -48.99 -25.12
CA ALA K 138 -44.93 -50.32 -24.67
C ALA K 138 -46.08 -51.31 -24.65
N ILE K 139 -47.12 -51.00 -23.89
CA ILE K 139 -48.26 -51.89 -23.77
C ILE K 139 -49.07 -52.12 -25.04
N MET K 140 -49.13 -51.14 -25.92
CA MET K 140 -49.94 -51.30 -27.12
C MET K 140 -49.22 -51.74 -28.38
N LYS K 141 -48.12 -51.07 -28.69
CA LYS K 141 -47.34 -51.38 -29.87
C LYS K 141 -46.16 -52.28 -29.55
N GLY K 142 -45.99 -52.56 -28.27
CA GLY K 142 -44.88 -53.42 -27.87
C GLY K 142 -43.54 -52.84 -28.23
N LEU K 143 -43.41 -51.54 -28.08
CA LEU K 143 -42.17 -50.86 -28.38
C LEU K 143 -41.17 -51.07 -27.28
N ASP K 144 -39.95 -50.62 -27.52
CA ASP K 144 -38.88 -50.74 -26.55
C ASP K 144 -38.84 -49.56 -25.58
N ILE K 145 -38.27 -49.82 -24.41
CA ILE K 145 -38.13 -48.84 -23.34
C ILE K 145 -36.62 -48.61 -23.16
N PRO K 146 -36.19 -47.49 -22.54
CA PRO K 146 -34.76 -47.22 -22.35
C PRO K 146 -33.95 -48.26 -21.60
N TYR K 147 -32.69 -48.39 -21.97
CA TYR K 147 -31.87 -49.38 -21.33
C TYR K 147 -31.52 -49.00 -19.92
N SER K 148 -31.30 -47.72 -19.67
CA SER K 148 -30.93 -47.33 -18.31
C SER K 148 -32.08 -46.92 -17.41
N GLU K 149 -33.32 -47.15 -17.82
CA GLU K 149 -34.47 -46.76 -16.99
C GLU K 149 -34.60 -47.68 -15.80
N PRO K 150 -34.67 -47.12 -14.59
CA PRO K 150 -34.79 -47.93 -13.38
C PRO K 150 -36.20 -48.50 -13.23
N ILE K 151 -36.29 -49.60 -12.51
CA ILE K 151 -37.56 -50.29 -12.29
C ILE K 151 -37.56 -50.89 -10.88
N GLU K 152 -38.74 -51.02 -10.28
CA GLU K 152 -38.86 -51.61 -8.94
C GLU K 152 -39.24 -53.10 -9.10
N PRO K 153 -38.27 -54.01 -8.93
CA PRO K 153 -38.49 -55.45 -9.06
C PRO K 153 -39.87 -56.00 -8.76
N CYS K 154 -40.37 -55.76 -7.56
CA CYS K 154 -41.67 -56.29 -7.18
C CYS K 154 -42.79 -55.97 -8.16
N LYS K 155 -42.67 -54.87 -8.88
CA LYS K 155 -43.71 -54.52 -9.84
C LYS K 155 -43.67 -55.53 -10.97
N LEU K 156 -42.47 -56.03 -11.24
CA LEU K 156 -42.24 -56.99 -12.32
C LEU K 156 -42.75 -58.39 -11.99
N PHE K 157 -42.97 -58.63 -10.70
CA PHE K 157 -43.42 -59.93 -10.24
C PHE K 157 -44.74 -60.40 -10.81
N ARG K 158 -44.80 -61.70 -11.05
CA ARG K 158 -46.00 -62.34 -11.56
C ARG K 158 -45.94 -63.75 -10.99
N SER K 159 -47.08 -64.43 -10.90
CA SER K 159 -47.13 -65.77 -10.34
C SER K 159 -46.48 -66.85 -11.21
N VAL K 160 -45.84 -67.80 -10.53
CA VAL K 160 -45.18 -68.94 -11.18
C VAL K 160 -45.63 -70.28 -10.55
N ALA K 161 -45.07 -71.38 -11.02
CA ALA K 161 -45.41 -72.71 -10.51
C ALA K 161 -45.30 -72.80 -8.98
N GLY K 162 -44.09 -72.58 -8.47
CA GLY K 162 -43.85 -72.63 -7.05
C GLY K 162 -44.65 -71.62 -6.22
N GLN K 163 -44.19 -70.37 -6.21
CA GLN K 163 -44.86 -69.29 -5.46
C GLN K 163 -46.08 -68.73 -6.19
N THR K 164 -47.20 -68.61 -5.48
CA THR K 164 -48.41 -68.07 -6.07
C THR K 164 -48.44 -66.58 -5.87
N GLY K 165 -47.48 -66.07 -5.10
CA GLY K 165 -47.42 -64.65 -4.85
C GLY K 165 -46.09 -64.19 -4.27
N ASN K 166 -45.89 -62.87 -4.24
CA ASN K 166 -44.67 -62.30 -3.70
C ASN K 166 -44.92 -61.78 -2.30
N ILE K 167 -45.89 -60.90 -2.14
CA ILE K 167 -46.18 -60.40 -0.82
C ILE K 167 -46.62 -61.54 0.12
N PRO K 168 -47.66 -62.31 -0.26
CA PRO K 168 -48.14 -63.41 0.58
C PRO K 168 -47.06 -64.29 1.19
N MET K 169 -45.95 -64.45 0.48
CA MET K 169 -44.85 -65.28 0.97
C MET K 169 -44.26 -64.74 2.26
N MET K 170 -44.60 -63.50 2.58
CA MET K 170 -44.09 -62.86 3.78
C MET K 170 -44.58 -63.60 5.02
N GLY K 171 -45.90 -63.81 5.07
CA GLY K 171 -46.48 -64.51 6.20
C GLY K 171 -45.88 -65.89 6.43
N ILE K 172 -45.41 -66.49 5.34
CA ILE K 172 -44.82 -67.82 5.42
C ILE K 172 -43.39 -67.69 5.91
N LEU K 173 -42.64 -66.77 5.32
CA LEU K 173 -41.24 -66.57 5.72
C LEU K 173 -41.12 -66.19 7.19
N ALA K 174 -42.23 -65.82 7.80
CA ALA K 174 -42.24 -65.44 9.20
C ALA K 174 -42.30 -66.67 10.10
N THR K 175 -43.18 -67.60 9.74
CA THR K 175 -43.39 -68.83 10.50
C THR K 175 -42.15 -69.74 10.55
N PRO K 176 -41.64 -70.06 11.75
CA PRO K 176 -40.46 -70.93 11.79
C PRO K 176 -40.75 -72.20 11.00
N PRO K 177 -39.71 -72.76 10.36
CA PRO K 177 -39.78 -73.96 9.54
C PRO K 177 -39.87 -75.31 10.27
N ALA K 178 -40.52 -76.26 9.62
CA ALA K 178 -40.67 -77.61 10.15
C ALA K 178 -39.38 -78.38 9.81
N ALA K 179 -38.92 -78.21 8.57
CA ALA K 179 -37.70 -78.83 8.05
C ALA K 179 -37.25 -78.03 6.84
N GLN K 180 -36.10 -78.37 6.27
CA GLN K 180 -35.60 -77.65 5.11
C GLN K 180 -36.71 -77.59 4.04
N GLN K 181 -36.95 -76.40 3.49
CA GLN K 181 -37.97 -76.20 2.46
C GLN K 181 -37.40 -75.79 1.11
N GLN K 182 -38.25 -75.81 0.09
CA GLN K 182 -37.85 -75.43 -1.26
C GLN K 182 -37.50 -73.95 -1.23
N PRO K 183 -36.61 -73.51 -2.14
CA PRO K 183 -36.19 -72.11 -2.22
C PRO K 183 -37.31 -71.10 -2.42
N PHE K 184 -36.98 -69.85 -2.09
CA PHE K 184 -37.93 -68.76 -2.24
C PHE K 184 -37.25 -67.63 -3.01
N PHE K 185 -38.04 -66.95 -3.84
CA PHE K 185 -37.54 -65.84 -4.62
C PHE K 185 -38.55 -64.72 -4.50
N VAL K 186 -38.20 -63.68 -3.75
CA VAL K 186 -39.09 -62.56 -3.56
C VAL K 186 -38.44 -61.24 -3.93
N ALA K 187 -39.26 -60.22 -4.13
CA ALA K 187 -38.76 -58.90 -4.51
C ALA K 187 -39.40 -57.77 -3.73
N GLU K 188 -38.58 -56.78 -3.39
CA GLU K 188 -39.01 -55.60 -2.64
C GLU K 188 -39.02 -54.43 -3.62
N ARG K 189 -39.01 -53.23 -3.08
CA ARG K 189 -38.98 -52.05 -3.93
C ARG K 189 -37.58 -51.86 -4.45
N ARG K 190 -36.61 -51.91 -3.55
CA ARG K 190 -35.24 -51.69 -3.96
C ARG K 190 -34.32 -52.90 -3.97
N ARG K 191 -34.85 -54.10 -3.70
CA ARG K 191 -33.96 -55.27 -3.74
C ARG K 191 -34.64 -56.63 -3.97
N ILE K 192 -33.85 -57.61 -4.39
CA ILE K 192 -34.30 -58.96 -4.70
C ILE K 192 -33.82 -59.92 -3.61
N LEU K 193 -34.63 -60.91 -3.25
CA LEU K 193 -34.26 -61.84 -2.19
C LEU K 193 -34.47 -63.30 -2.55
N PHE K 194 -33.47 -64.13 -2.27
CA PHE K 194 -33.58 -65.56 -2.54
C PHE K 194 -32.79 -66.32 -1.49
N GLY K 195 -33.18 -67.57 -1.27
CA GLY K 195 -32.50 -68.40 -0.30
C GLY K 195 -33.29 -69.64 0.08
N ILE K 196 -32.75 -70.39 1.03
CA ILE K 196 -33.39 -71.60 1.53
C ILE K 196 -33.41 -71.48 3.04
N ARG K 197 -34.53 -71.87 3.65
CA ARG K 197 -34.65 -71.79 5.10
C ARG K 197 -34.89 -73.15 5.73
N SER K 198 -34.25 -73.42 6.87
CA SER K 198 -34.40 -74.70 7.56
C SER K 198 -34.22 -74.57 9.08
N ASN K 199 -34.67 -75.59 9.81
CA ASN K 199 -34.57 -75.60 11.27
C ASN K 199 -33.25 -76.23 11.69
N ALA K 200 -32.57 -76.85 10.73
CA ALA K 200 -31.28 -77.48 10.99
C ALA K 200 -30.31 -76.99 9.95
N ALA K 201 -29.03 -77.05 10.28
CA ALA K 201 -27.97 -76.59 9.38
C ALA K 201 -28.04 -77.10 7.93
N ILE K 202 -27.49 -76.29 7.02
CA ILE K 202 -27.39 -76.60 5.60
C ILE K 202 -25.89 -76.63 5.35
N PRO K 203 -25.38 -77.78 4.93
CA PRO K 203 -23.94 -77.97 4.67
C PRO K 203 -23.32 -77.03 3.65
N ALA K 204 -22.04 -76.74 3.85
CA ALA K 204 -21.33 -75.89 2.91
C ALA K 204 -21.37 -76.62 1.56
N GLY K 205 -21.24 -75.88 0.45
CA GLY K 205 -21.27 -76.53 -0.84
C GLY K 205 -21.95 -75.74 -1.94
N ALA K 206 -22.35 -76.43 -3.02
CA ALA K 206 -22.99 -75.77 -4.14
C ALA K 206 -24.50 -75.97 -4.18
N TYR K 207 -25.22 -74.85 -4.30
CA TYR K 207 -26.67 -74.85 -4.37
C TYR K 207 -27.10 -74.04 -5.59
N GLN K 208 -28.16 -74.50 -6.25
CA GLN K 208 -28.63 -73.85 -7.47
C GLN K 208 -30.06 -73.32 -7.36
N PHE K 209 -30.27 -72.07 -7.79
CA PHE K 209 -31.58 -71.45 -7.75
C PHE K 209 -32.05 -71.07 -9.14
N VAL K 210 -33.26 -71.48 -9.51
CA VAL K 210 -33.78 -71.16 -10.82
C VAL K 210 -34.46 -69.79 -10.80
N VAL K 211 -33.89 -68.80 -11.50
CA VAL K 211 -34.52 -67.48 -11.51
C VAL K 211 -35.86 -67.61 -12.17
N PRO K 212 -36.92 -67.23 -11.46
CA PRO K 212 -38.27 -67.31 -11.98
C PRO K 212 -38.45 -66.39 -13.18
N ALA K 213 -39.28 -66.82 -14.11
CA ALA K 213 -39.57 -66.08 -15.32
C ALA K 213 -39.57 -64.56 -15.15
N TRP K 214 -40.42 -64.06 -14.26
CA TRP K 214 -40.54 -62.62 -14.06
C TRP K 214 -39.23 -61.89 -13.77
N ALA K 215 -38.35 -62.51 -13.00
CA ALA K 215 -37.10 -61.86 -12.66
C ALA K 215 -35.96 -62.17 -13.61
N SER K 216 -36.23 -62.98 -14.63
CA SER K 216 -35.19 -63.36 -15.58
C SER K 216 -34.80 -62.25 -16.55
N VAL K 217 -35.34 -61.06 -16.33
CA VAL K 217 -35.04 -59.94 -17.19
C VAL K 217 -34.48 -58.80 -16.38
N LEU K 218 -34.17 -59.07 -15.13
CA LEU K 218 -33.62 -58.04 -14.25
C LEU K 218 -32.12 -57.90 -14.41
N SER K 219 -31.62 -56.71 -14.06
CA SER K 219 -30.22 -56.39 -14.12
C SER K 219 -29.90 -55.35 -13.07
N VAL K 220 -28.79 -55.51 -12.35
CA VAL K 220 -28.43 -54.54 -11.33
C VAL K 220 -27.06 -53.95 -11.56
N THR K 221 -26.92 -52.72 -11.09
CA THR K 221 -25.69 -51.97 -11.19
C THR K 221 -25.57 -51.32 -9.83
N GLY K 222 -24.34 -51.12 -9.36
CA GLY K 222 -24.13 -50.51 -8.05
C GLY K 222 -24.88 -51.29 -6.98
N ALA K 223 -24.67 -52.59 -6.94
CA ALA K 223 -25.37 -53.42 -5.99
C ALA K 223 -24.49 -54.06 -4.94
N TYR K 224 -25.07 -54.21 -3.75
CA TYR K 224 -24.42 -54.84 -2.62
C TYR K 224 -25.19 -56.14 -2.48
N VAL K 225 -24.49 -57.24 -2.23
CA VAL K 225 -25.17 -58.52 -2.02
C VAL K 225 -24.75 -59.01 -0.66
N TYR K 226 -25.71 -59.23 0.24
CA TYR K 226 -25.40 -59.66 1.58
C TYR K 226 -26.44 -60.64 2.13
N PHE K 227 -26.25 -61.08 3.37
CA PHE K 227 -27.20 -62.01 4.00
C PHE K 227 -28.13 -61.22 4.92
N THR K 228 -29.44 -61.37 4.74
CA THR K 228 -30.41 -60.65 5.58
C THR K 228 -31.41 -61.58 6.20
N ASN K 229 -32.26 -61.02 7.05
CA ASN K 229 -33.32 -61.77 7.71
C ASN K 229 -34.61 -60.97 7.77
N SER K 230 -34.81 -60.05 6.82
CA SER K 230 -36.04 -59.25 6.80
C SER K 230 -36.53 -59.11 5.36
N PHE K 231 -37.85 -59.04 5.18
CA PHE K 231 -38.46 -58.93 3.87
C PHE K 231 -39.52 -57.84 4.01
N PHE K 232 -39.37 -56.77 3.24
CA PHE K 232 -40.30 -55.64 3.31
C PHE K 232 -40.38 -55.06 4.70
N GLY K 233 -39.38 -55.37 5.51
CA GLY K 233 -39.37 -54.87 6.88
C GLY K 233 -40.05 -55.85 7.82
N THR K 234 -40.05 -57.13 7.47
CA THR K 234 -40.63 -58.16 8.33
C THR K 234 -39.56 -59.21 8.61
N ILE K 235 -39.55 -59.77 9.82
CA ILE K 235 -38.53 -60.76 10.20
C ILE K 235 -38.74 -62.10 9.55
N ILE K 236 -37.71 -62.60 8.86
CA ILE K 236 -37.79 -63.89 8.21
C ILE K 236 -37.18 -64.89 9.19
N ALA K 237 -37.83 -66.04 9.33
CA ALA K 237 -37.37 -67.07 10.25
C ALA K 237 -36.69 -68.23 9.53
N GLY K 238 -35.81 -68.93 10.23
CA GLY K 238 -35.13 -70.06 9.64
C GLY K 238 -33.98 -69.60 8.79
N VAL K 239 -33.39 -68.49 9.19
CA VAL K 239 -32.26 -67.96 8.45
C VAL K 239 -31.27 -67.35 9.42
N THR K 240 -30.02 -67.75 9.30
CA THR K 240 -28.97 -67.23 10.16
C THR K 240 -28.31 -66.09 9.42
N ALA K 241 -28.01 -65.03 10.14
CA ALA K 241 -27.36 -63.90 9.52
C ALA K 241 -25.99 -63.77 10.15
N THR K 242 -25.65 -64.77 10.96
CA THR K 242 -24.38 -64.79 11.67
C THR K 242 -23.21 -65.05 10.72
N ALA K 243 -22.02 -64.61 11.13
CA ALA K 243 -20.81 -64.79 10.35
C ALA K 243 -19.59 -64.34 11.14
N THR K 244 -18.43 -64.93 10.85
CA THR K 244 -17.21 -64.57 11.55
C THR K 244 -16.22 -64.00 10.58
N ALA K 245 -15.29 -63.21 11.07
CA ALA K 245 -14.27 -62.63 10.20
C ALA K 245 -13.41 -63.78 9.68
N ALA K 246 -13.56 -64.92 10.32
CA ALA K 246 -12.82 -66.14 9.97
C ALA K 246 -13.48 -66.92 8.83
N ASP K 247 -14.82 -66.98 8.84
CA ASP K 247 -15.58 -67.71 7.82
C ASP K 247 -14.95 -67.77 6.42
N ALA K 248 -15.29 -68.84 5.71
CA ALA K 248 -14.82 -69.04 4.36
C ALA K 248 -15.75 -68.25 3.44
N ALA K 249 -15.17 -67.38 2.63
CA ALA K 249 -15.95 -66.53 1.71
C ALA K 249 -17.00 -67.24 0.84
N THR K 250 -18.20 -66.67 0.80
CA THR K 250 -19.29 -67.20 -0.02
C THR K 250 -19.24 -66.51 -1.38
N THR K 251 -19.74 -67.18 -2.41
CA THR K 251 -19.70 -66.62 -3.76
C THR K 251 -20.76 -67.22 -4.66
N PHE K 252 -21.18 -66.46 -5.67
CA PHE K 252 -22.18 -66.96 -6.62
C PHE K 252 -21.79 -66.60 -8.05
N THR K 253 -22.37 -67.30 -9.02
CA THR K 253 -22.06 -67.03 -10.42
C THR K 253 -23.32 -66.94 -11.28
N VAL K 254 -23.23 -66.10 -12.29
CA VAL K 254 -24.33 -65.89 -13.20
C VAL K 254 -23.85 -66.36 -14.56
N PRO K 255 -24.72 -67.01 -15.35
CA PRO K 255 -24.34 -67.51 -16.67
C PRO K 255 -23.76 -66.44 -17.60
N THR K 256 -23.94 -65.19 -17.22
CA THR K 256 -23.48 -64.05 -18.01
C THR K 256 -22.04 -63.61 -17.71
N ASP K 257 -21.57 -63.88 -16.51
CA ASP K 257 -20.23 -63.47 -16.11
C ASP K 257 -19.31 -64.64 -15.81
N ALA K 258 -18.16 -64.65 -16.47
CA ALA K 258 -17.17 -65.71 -16.28
C ALA K 258 -16.60 -65.70 -14.87
N ASN K 259 -16.59 -64.53 -14.24
CA ASN K 259 -16.03 -64.40 -12.91
C ASN K 259 -17.03 -64.52 -11.76
N ASN K 260 -16.49 -64.84 -10.59
CA ASN K 260 -17.28 -65.05 -9.37
C ASN K 260 -17.70 -63.76 -8.70
N LEU K 261 -18.98 -63.71 -8.31
CA LEU K 261 -19.56 -62.56 -7.63
C LEU K 261 -19.54 -62.77 -6.12
N PRO K 262 -18.77 -61.94 -5.39
CA PRO K 262 -18.65 -62.01 -3.94
C PRO K 262 -19.85 -61.55 -3.13
N VAL K 263 -20.08 -62.25 -2.01
CA VAL K 263 -21.19 -61.92 -1.13
C VAL K 263 -20.62 -61.36 0.18
N GLN K 264 -21.37 -60.47 0.82
CA GLN K 264 -20.98 -59.83 2.08
C GLN K 264 -19.77 -58.93 1.93
N THR K 265 -19.61 -58.30 0.77
CA THR K 265 -18.48 -57.39 0.51
C THR K 265 -18.91 -55.97 0.22
N ASP K 266 -18.03 -55.03 0.53
CA ASP K 266 -18.32 -53.62 0.28
C ASP K 266 -18.11 -53.26 -1.20
N SER K 267 -18.21 -54.26 -2.06
CA SER K 267 -18.01 -54.05 -3.47
C SER K 267 -19.34 -53.83 -4.19
N ARG K 268 -19.38 -52.83 -5.06
CA ARG K 268 -20.58 -52.54 -5.83
C ARG K 268 -20.53 -53.42 -7.07
N LEU K 269 -21.55 -54.26 -7.22
CA LEU K 269 -21.59 -55.21 -8.31
C LEU K 269 -22.51 -54.89 -9.47
N SER K 270 -22.28 -55.57 -10.59
CA SER K 270 -23.07 -55.42 -11.80
C SER K 270 -23.22 -56.80 -12.43
N PHE K 271 -24.44 -57.25 -12.59
CA PHE K 271 -24.67 -58.55 -13.20
C PHE K 271 -26.12 -58.63 -13.60
N SER K 272 -26.48 -59.70 -14.31
CA SER K 272 -27.88 -59.81 -14.71
C SER K 272 -28.46 -61.18 -14.45
N LEU K 273 -29.66 -61.20 -13.91
CA LEU K 273 -30.30 -62.47 -13.61
C LEU K 273 -30.83 -63.12 -14.90
N GLY K 274 -30.18 -62.81 -16.01
CA GLY K 274 -30.62 -63.38 -17.27
C GLY K 274 -29.85 -64.58 -17.79
N GLY K 275 -30.55 -65.34 -18.63
CA GLY K 275 -29.97 -66.50 -19.29
C GLY K 275 -29.63 -67.74 -18.51
N GLY K 276 -30.22 -67.92 -17.32
CA GLY K 276 -29.87 -69.11 -16.59
C GLY K 276 -30.23 -69.16 -15.15
N ASN K 277 -29.43 -69.91 -14.39
CA ASN K 277 -29.67 -70.07 -12.96
C ASN K 277 -28.55 -69.43 -12.16
N ILE K 278 -28.81 -69.19 -10.90
CA ILE K 278 -27.77 -68.60 -10.07
C ILE K 278 -27.04 -69.72 -9.31
N ASN K 279 -25.70 -69.73 -9.34
CA ASN K 279 -24.94 -70.77 -8.63
C ASN K 279 -24.31 -70.22 -7.36
N LEU K 280 -25.01 -70.42 -6.24
CA LEU K 280 -24.54 -69.94 -4.95
C LEU K 280 -23.64 -70.99 -4.32
N GLU K 281 -22.51 -70.56 -3.77
CA GLU K 281 -21.61 -71.49 -3.13
C GLU K 281 -21.37 -71.12 -1.68
N LEU K 282 -22.16 -71.70 -0.78
CA LEU K 282 -22.04 -71.41 0.65
C LEU K 282 -20.66 -71.80 1.18
N GLY K 283 -19.90 -70.82 1.64
CA GLY K 283 -18.56 -71.11 2.17
C GLY K 283 -18.55 -71.79 3.53
N VAL K 284 -19.62 -71.59 4.29
CA VAL K 284 -19.74 -72.18 5.61
C VAL K 284 -21.19 -72.61 5.77
N ALA K 285 -21.40 -73.74 6.43
CA ALA K 285 -22.75 -74.22 6.62
C ALA K 285 -23.49 -73.20 7.47
N LYS K 286 -24.73 -72.92 7.11
CA LYS K 286 -25.54 -71.97 7.85
C LYS K 286 -26.90 -72.60 8.11
N THR K 287 -27.44 -72.34 9.30
CA THR K 287 -28.72 -72.90 9.70
C THR K 287 -29.87 -72.16 9.02
N GLY K 288 -29.83 -72.12 7.69
CA GLY K 288 -30.84 -71.42 6.90
C GLY K 288 -30.22 -70.12 6.41
N PHE K 289 -30.42 -69.75 5.14
CA PHE K 289 -29.81 -68.51 4.65
C PHE K 289 -30.65 -67.74 3.64
N CYS K 290 -30.41 -66.43 3.59
CA CYS K 290 -31.13 -65.56 2.68
C CYS K 290 -30.23 -64.50 2.07
N VAL K 291 -30.02 -64.60 0.77
CA VAL K 291 -29.17 -63.65 0.05
C VAL K 291 -29.99 -62.48 -0.44
N ALA K 292 -29.39 -61.30 -0.38
CA ALA K 292 -30.04 -60.06 -0.80
C ALA K 292 -29.23 -59.31 -1.85
N ILE K 293 -29.85 -58.99 -2.98
CA ILE K 293 -29.20 -58.20 -4.02
C ILE K 293 -29.86 -56.84 -3.93
N GLU K 294 -29.10 -55.82 -3.55
CA GLU K 294 -29.66 -54.48 -3.42
C GLU K 294 -28.85 -53.48 -4.22
N GLY K 295 -29.51 -52.88 -5.20
CA GLY K 295 -28.86 -51.89 -6.04
C GLY K 295 -29.85 -51.19 -6.97
N GLU K 296 -29.37 -50.80 -8.15
CA GLU K 296 -30.26 -50.13 -9.08
C GLU K 296 -30.71 -51.17 -10.06
N PHE K 297 -32.00 -51.46 -10.05
CA PHE K 297 -32.53 -52.46 -10.96
C PHE K 297 -33.06 -51.89 -12.25
N THR K 298 -32.84 -52.64 -13.33
CA THR K 298 -33.26 -52.23 -14.66
C THR K 298 -33.62 -53.44 -15.52
N ILE K 299 -34.60 -53.29 -16.39
CA ILE K 299 -35.00 -54.39 -17.26
C ILE K 299 -33.99 -54.47 -18.40
N LEU K 300 -33.48 -55.68 -18.65
CA LEU K 300 -32.48 -55.91 -19.70
C LEU K 300 -32.87 -55.29 -21.03
N ALA K 301 -31.88 -54.86 -21.79
CA ALA K 301 -32.15 -54.24 -23.07
C ALA K 301 -33.04 -55.10 -23.95
N ASN K 302 -34.11 -54.51 -24.48
CA ASN K 302 -35.03 -55.20 -25.38
C ASN K 302 -35.88 -56.35 -24.82
N ARG K 303 -35.79 -56.61 -23.53
CA ARG K 303 -36.58 -57.71 -22.99
C ARG K 303 -37.86 -57.21 -22.31
N SER K 304 -37.95 -55.90 -22.12
CA SER K 304 -39.10 -55.27 -21.46
C SER K 304 -40.45 -55.70 -22.01
N GLN K 305 -40.47 -56.23 -23.22
CA GLN K 305 -41.72 -56.65 -23.84
C GLN K 305 -42.48 -57.53 -22.86
N ALA K 306 -41.76 -58.50 -22.31
CA ALA K 306 -42.33 -59.46 -21.37
C ALA K 306 -43.25 -58.81 -20.35
N TYR K 307 -42.73 -57.85 -19.63
CA TYR K 307 -43.48 -57.15 -18.60
C TYR K 307 -44.73 -56.44 -19.14
N TYR K 308 -44.49 -55.42 -19.96
CA TYR K 308 -45.55 -54.60 -20.53
C TYR K 308 -46.52 -55.28 -21.49
N THR K 309 -46.13 -56.42 -22.04
CA THR K 309 -46.99 -57.08 -23.00
C THR K 309 -47.78 -58.23 -22.37
N LEU K 310 -47.55 -58.45 -21.08
CA LEU K 310 -48.22 -59.50 -20.32
C LEU K 310 -47.83 -60.90 -20.76
N ASN K 311 -46.57 -61.10 -21.12
CA ASN K 311 -46.15 -62.42 -21.54
C ASN K 311 -45.67 -63.20 -20.33
N SER K 312 -45.09 -62.47 -19.37
CA SER K 312 -44.58 -63.06 -18.14
C SER K 312 -45.67 -63.75 -17.33
N ILE K 313 -46.91 -63.59 -17.74
CA ILE K 313 -48.04 -64.21 -17.04
C ILE K 313 -48.22 -65.65 -17.52
N THR K 314 -47.96 -66.62 -16.63
CA THR K 314 -48.10 -68.03 -16.96
C THR K 314 -49.32 -68.70 -16.32
N GLN K 315 -49.53 -68.42 -15.04
CA GLN K 315 -50.64 -69.04 -14.30
C GLN K 315 -52.00 -68.36 -14.30
N THR K 316 -52.94 -68.99 -13.62
CA THR K 316 -54.30 -68.48 -13.51
C THR K 316 -54.81 -68.88 -12.14
N PRO K 317 -55.04 -67.91 -11.25
CA PRO K 317 -54.82 -66.48 -11.49
C PRO K 317 -53.41 -66.08 -11.06
N THR K 318 -52.99 -64.87 -11.45
CA THR K 318 -51.67 -64.36 -11.08
C THR K 318 -51.77 -63.06 -10.34
N SER K 319 -50.60 -62.57 -9.94
CA SER K 319 -50.50 -61.32 -9.24
C SER K 319 -50.16 -60.38 -10.40
N ILE K 320 -50.57 -59.12 -10.32
CA ILE K 320 -50.26 -58.17 -11.39
C ILE K 320 -50.38 -56.72 -10.90
N ASP K 321 -49.43 -55.89 -11.32
CA ASP K 321 -49.44 -54.49 -10.93
C ASP K 321 -50.27 -53.72 -11.96
N ASP K 322 -50.25 -52.39 -11.93
CA ASP K 322 -51.03 -51.61 -12.87
C ASP K 322 -50.18 -50.71 -13.77
N PHE K 323 -48.92 -51.08 -13.93
CA PHE K 323 -48.04 -50.28 -14.76
C PHE K 323 -48.11 -48.84 -14.29
N ASP K 324 -48.18 -48.69 -12.97
CA ASP K 324 -48.22 -47.39 -12.32
C ASP K 324 -49.40 -46.48 -12.68
N VAL K 325 -50.45 -47.00 -13.30
CA VAL K 325 -51.56 -46.12 -13.65
C VAL K 325 -52.10 -45.39 -12.46
N SER K 326 -52.35 -46.14 -11.39
CA SER K 326 -52.88 -45.60 -10.14
C SER K 326 -52.31 -44.23 -9.79
N ASP K 327 -50.99 -44.10 -9.96
CA ASP K 327 -50.26 -42.88 -9.67
C ASP K 327 -50.71 -41.68 -10.51
N PHE K 328 -51.07 -41.92 -11.76
CA PHE K 328 -51.48 -40.84 -12.64
C PHE K 328 -52.94 -40.42 -12.49
N LEU K 329 -53.77 -41.36 -12.06
CA LEU K 329 -55.18 -41.06 -11.91
C LEU K 329 -55.50 -39.98 -10.89
N THR K 330 -54.79 -40.01 -9.75
CA THR K 330 -54.98 -39.05 -8.67
C THR K 330 -55.69 -37.73 -9.03
N THR K 331 -55.01 -36.89 -9.80
CA THR K 331 -55.55 -35.59 -10.23
C THR K 331 -56.99 -35.69 -10.74
N PHE K 332 -57.23 -36.46 -11.80
CA PHE K 332 -58.58 -36.61 -12.34
C PHE K 332 -59.58 -37.04 -11.28
N LEU K 333 -59.22 -38.06 -10.51
CA LEU K 333 -60.10 -38.52 -9.45
C LEU K 333 -60.41 -37.35 -8.55
N SER K 334 -59.38 -36.69 -8.03
CA SER K 334 -59.58 -35.55 -7.16
C SER K 334 -60.55 -34.54 -7.78
N GLN K 335 -60.49 -34.41 -9.09
CA GLN K 335 -61.35 -33.49 -9.78
C GLN K 335 -62.79 -34.01 -9.85
N LEU K 336 -62.96 -35.33 -9.94
CA LEU K 336 -64.30 -35.91 -9.99
C LEU K 336 -64.98 -35.63 -8.66
N ARG K 337 -64.31 -36.00 -7.57
CA ARG K 337 -64.85 -35.81 -6.23
C ARG K 337 -65.25 -34.35 -6.02
N ALA K 338 -64.41 -33.46 -6.51
CA ALA K 338 -64.64 -32.03 -6.37
C ALA K 338 -65.95 -31.53 -6.93
N CYS K 339 -66.37 -32.10 -8.06
CA CYS K 339 -67.61 -31.67 -8.67
C CYS K 339 -68.75 -32.68 -8.58
N GLY K 340 -68.57 -33.67 -7.71
CA GLY K 340 -69.60 -34.67 -7.50
C GLY K 340 -70.00 -35.60 -8.64
N GLN K 341 -69.07 -35.92 -9.52
CA GLN K 341 -69.42 -36.86 -10.58
C GLN K 341 -68.71 -38.18 -10.30
N TYR K 342 -68.00 -38.27 -9.20
CA TYR K 342 -67.27 -39.49 -8.88
C TYR K 342 -68.08 -40.77 -9.02
N GLU K 343 -69.36 -40.70 -8.68
CA GLU K 343 -70.25 -41.85 -8.76
C GLU K 343 -70.79 -42.03 -10.16
N ILE K 344 -71.34 -40.98 -10.74
CA ILE K 344 -71.89 -41.08 -12.09
C ILE K 344 -70.85 -41.66 -13.03
N PHE K 345 -69.60 -41.19 -12.89
CA PHE K 345 -68.51 -41.65 -13.73
C PHE K 345 -68.27 -43.13 -13.48
N SER K 346 -68.00 -43.48 -12.23
CA SER K 346 -67.76 -44.86 -11.90
C SER K 346 -68.80 -45.78 -12.54
N ASP K 347 -70.04 -45.31 -12.70
CA ASP K 347 -71.06 -46.14 -13.31
C ASP K 347 -70.78 -46.27 -14.80
N ALA K 348 -70.56 -45.15 -15.46
CA ALA K 348 -70.29 -45.18 -16.88
C ALA K 348 -69.04 -46.01 -17.18
N MET K 349 -68.02 -45.86 -16.34
CA MET K 349 -66.80 -46.60 -16.55
C MET K 349 -67.07 -48.09 -16.50
N ASP K 350 -68.02 -48.48 -15.67
CA ASP K 350 -68.33 -49.89 -15.56
C ASP K 350 -68.88 -50.43 -16.87
N GLN K 351 -69.73 -49.67 -17.56
CA GLN K 351 -70.24 -50.15 -18.83
C GLN K 351 -69.15 -50.12 -19.89
N LEU K 352 -68.35 -49.05 -19.88
CA LEU K 352 -67.24 -48.92 -20.79
C LEU K 352 -66.51 -50.25 -20.65
N THR K 353 -66.05 -50.53 -19.43
CA THR K 353 -65.32 -51.75 -19.13
C THR K 353 -66.08 -53.00 -19.56
N ASN K 354 -67.38 -53.04 -19.32
CA ASN K 354 -68.14 -54.21 -19.71
C ASN K 354 -68.24 -54.40 -21.21
N SER K 355 -68.60 -53.35 -21.94
CA SER K 355 -68.70 -53.46 -23.40
C SER K 355 -67.35 -53.82 -24.00
N LEU K 356 -66.29 -53.33 -23.39
CA LEU K 356 -64.95 -53.62 -23.88
C LEU K 356 -64.76 -55.12 -23.86
N ILE K 357 -65.06 -55.76 -22.73
CA ILE K 357 -64.91 -57.20 -22.61
C ILE K 357 -65.82 -57.93 -23.58
N THR K 358 -67.03 -57.42 -23.74
CA THR K 358 -68.00 -58.03 -24.64
C THR K 358 -67.44 -58.19 -26.05
N ASN K 359 -66.88 -57.11 -26.60
CA ASN K 359 -66.36 -57.16 -27.95
C ASN K 359 -65.16 -58.06 -28.16
N TYR K 360 -64.60 -58.61 -27.08
CA TYR K 360 -63.45 -59.49 -27.25
C TYR K 360 -63.86 -60.93 -27.31
N MET K 361 -65.10 -61.23 -26.93
CA MET K 361 -65.55 -62.61 -26.99
C MET K 361 -66.74 -62.90 -27.87
N ASP K 362 -66.47 -63.87 -28.74
CA ASP K 362 -67.44 -64.36 -29.67
C ASP K 362 -68.04 -65.65 -29.08
N PRO K 363 -69.39 -65.71 -28.94
CA PRO K 363 -70.34 -64.66 -29.30
C PRO K 363 -70.53 -63.56 -28.25
N PRO K 364 -70.86 -62.35 -28.72
CA PRO K 364 -71.11 -61.08 -28.00
C PRO K 364 -71.90 -61.09 -26.68
N ALA K 365 -71.30 -61.59 -25.60
CA ALA K 365 -72.02 -61.58 -24.32
C ALA K 365 -71.10 -61.68 -23.13
N ILE K 366 -71.36 -60.85 -22.14
CA ILE K 366 -70.54 -60.89 -20.95
C ILE K 366 -70.32 -62.33 -20.48
N PRO K 367 -69.05 -62.78 -20.32
CA PRO K 367 -68.91 -64.17 -19.86
C PRO K 367 -69.55 -64.27 -18.48
N ALA K 368 -70.00 -65.46 -18.08
CA ALA K 368 -70.61 -65.56 -16.76
C ALA K 368 -69.53 -65.73 -15.69
N GLY K 369 -69.86 -65.29 -14.48
CA GLY K 369 -68.92 -65.38 -13.38
C GLY K 369 -68.06 -64.14 -13.27
N LEU K 370 -68.38 -63.12 -14.07
CA LEU K 370 -67.63 -61.88 -14.06
C LEU K 370 -68.16 -60.93 -13.01
N ALA K 371 -67.50 -60.91 -11.86
CA ALA K 371 -67.93 -60.03 -10.80
C ALA K 371 -66.74 -59.20 -10.40
N PHE K 372 -66.92 -57.89 -10.40
CA PHE K 372 -65.83 -57.01 -10.04
C PHE K 372 -65.74 -56.69 -8.54
N THR K 373 -64.55 -56.89 -7.98
CA THR K 373 -64.33 -56.64 -6.57
C THR K 373 -64.05 -55.18 -6.26
N SER K 374 -63.36 -54.50 -7.16
CA SER K 374 -63.00 -53.10 -6.96
C SER K 374 -63.54 -52.19 -8.06
N PRO K 375 -63.42 -50.86 -7.87
CA PRO K 375 -63.90 -49.89 -8.87
C PRO K 375 -62.93 -49.71 -10.04
N TRP K 376 -63.37 -48.96 -11.05
CA TRP K 376 -62.59 -48.73 -12.27
C TRP K 376 -61.17 -48.19 -12.14
N PHE K 377 -60.85 -47.55 -11.03
CA PHE K 377 -59.52 -46.98 -10.88
C PHE K 377 -58.57 -47.77 -10.01
N ARG K 378 -58.89 -49.03 -9.76
CA ARG K 378 -58.00 -49.86 -8.96
C ARG K 378 -57.48 -50.93 -9.87
N PHE K 379 -57.14 -50.53 -11.08
CA PHE K 379 -56.67 -51.44 -12.10
C PHE K 379 -56.07 -52.77 -11.64
N SER K 380 -54.88 -52.70 -11.04
CA SER K 380 -54.19 -53.89 -10.55
C SER K 380 -55.15 -54.98 -10.10
N GLU K 381 -56.27 -54.58 -9.51
CA GLU K 381 -57.25 -55.53 -9.05
C GLU K 381 -58.14 -56.02 -10.18
N ARG K 382 -58.78 -55.10 -10.89
CA ARG K 382 -59.63 -55.49 -12.00
C ARG K 382 -58.85 -56.30 -13.02
N ALA K 383 -57.55 -56.06 -13.11
CA ALA K 383 -56.73 -56.80 -14.06
C ALA K 383 -56.71 -58.23 -13.60
N ARG K 384 -56.50 -58.44 -12.30
CA ARG K 384 -56.44 -59.77 -11.72
C ARG K 384 -57.73 -60.52 -12.03
N THR K 385 -58.86 -59.82 -11.88
CA THR K 385 -60.14 -60.43 -12.14
C THR K 385 -60.26 -60.80 -13.62
N ILE K 386 -59.98 -59.87 -14.52
CA ILE K 386 -60.08 -60.18 -15.94
C ILE K 386 -59.21 -61.42 -16.23
N LEU K 387 -57.96 -61.38 -15.77
CA LEU K 387 -57.01 -62.47 -15.95
C LEU K 387 -57.38 -63.73 -15.18
N ALA K 388 -58.54 -63.74 -14.54
CA ALA K 388 -58.92 -64.92 -13.79
C ALA K 388 -60.10 -65.69 -14.38
N LEU K 389 -60.70 -65.13 -15.43
CA LEU K 389 -61.83 -65.78 -16.08
C LEU K 389 -61.41 -67.08 -16.79
N GLN K 390 -61.91 -68.21 -16.31
CA GLN K 390 -61.59 -69.53 -16.87
C GLN K 390 -62.27 -69.77 -18.22
N ASN K 391 -63.35 -69.03 -18.45
CA ASN K 391 -64.10 -69.12 -19.69
C ASN K 391 -63.21 -68.82 -20.88
N VAL K 392 -62.82 -67.56 -21.02
CA VAL K 392 -61.99 -67.10 -22.12
C VAL K 392 -60.54 -67.50 -21.95
N ASP K 393 -59.89 -67.87 -23.06
CA ASP K 393 -58.50 -68.28 -22.95
C ASP K 393 -57.53 -67.13 -22.74
N LEU K 394 -56.44 -67.46 -22.07
CA LEU K 394 -55.41 -66.52 -21.72
C LEU K 394 -55.24 -65.29 -22.58
N ASN K 395 -54.88 -65.47 -23.84
CA ASN K 395 -54.66 -64.34 -24.73
C ASN K 395 -55.76 -63.30 -24.76
N ILE K 396 -56.98 -63.72 -24.98
CA ILE K 396 -58.07 -62.76 -25.01
C ILE K 396 -58.08 -61.98 -23.70
N ARG K 397 -57.88 -62.67 -22.58
CA ARG K 397 -57.87 -62.00 -21.29
C ARG K 397 -56.78 -60.94 -21.30
N LYS K 398 -55.55 -61.37 -21.59
CA LYS K 398 -54.39 -60.50 -21.66
C LYS K 398 -54.66 -59.27 -22.50
N LEU K 399 -55.15 -59.47 -23.71
CA LEU K 399 -55.45 -58.32 -24.57
C LEU K 399 -56.41 -57.39 -23.87
N ILE K 400 -57.49 -57.95 -23.35
CA ILE K 400 -58.45 -57.15 -22.64
C ILE K 400 -57.77 -56.29 -21.59
N VAL K 401 -56.90 -56.89 -20.77
CA VAL K 401 -56.20 -56.10 -19.76
C VAL K 401 -55.49 -54.95 -20.44
N ARG K 402 -54.65 -55.27 -21.41
CA ARG K 402 -53.89 -54.27 -22.14
C ARG K 402 -54.79 -53.18 -22.73
N HIS K 403 -55.73 -53.58 -23.56
CA HIS K 403 -56.64 -52.63 -24.19
C HIS K 403 -57.35 -51.78 -23.12
N LEU K 404 -57.78 -52.39 -22.03
CA LEU K 404 -58.46 -51.62 -20.99
C LEU K 404 -57.51 -50.60 -20.37
N TRP K 405 -56.27 -51.02 -20.17
CA TRP K 405 -55.26 -50.15 -19.58
C TRP K 405 -55.13 -48.86 -20.36
N VAL K 406 -54.99 -48.98 -21.68
CA VAL K 406 -54.85 -47.82 -22.53
C VAL K 406 -56.01 -46.84 -22.37
N ILE K 407 -57.23 -47.35 -22.36
CA ILE K 407 -58.39 -46.49 -22.21
C ILE K 407 -58.29 -45.80 -20.85
N THR K 408 -57.85 -46.54 -19.83
CA THR K 408 -57.73 -45.97 -18.49
C THR K 408 -56.66 -44.88 -18.48
N SER K 409 -55.53 -45.14 -19.13
CA SER K 409 -54.45 -44.16 -19.18
C SER K 409 -54.97 -42.91 -19.87
N LEU K 410 -55.60 -43.11 -21.02
CA LEU K 410 -56.14 -41.98 -21.76
C LEU K 410 -57.00 -41.11 -20.86
N ILE K 411 -57.78 -41.75 -20.00
CA ILE K 411 -58.62 -40.99 -19.10
C ILE K 411 -57.76 -40.15 -18.19
N ALA K 412 -56.79 -40.78 -17.55
CA ALA K 412 -55.88 -40.09 -16.64
C ALA K 412 -55.28 -38.83 -17.19
N VAL K 413 -55.03 -38.83 -18.50
CA VAL K 413 -54.43 -37.69 -19.17
C VAL K 413 -55.43 -36.64 -19.59
N PHE K 414 -56.48 -37.06 -20.29
CA PHE K 414 -57.49 -36.16 -20.81
C PHE K 414 -58.50 -35.50 -19.89
N GLY K 415 -58.82 -36.10 -18.75
CA GLY K 415 -59.84 -35.50 -17.92
C GLY K 415 -59.47 -34.54 -16.82
N ARG K 416 -58.19 -34.46 -16.54
CA ARG K 416 -57.73 -33.60 -15.45
C ARG K 416 -58.29 -32.19 -15.33
N TYR K 417 -58.58 -31.51 -16.43
CA TYR K 417 -59.09 -30.16 -16.27
C TYR K 417 -60.61 -30.07 -16.19
N TYR K 418 -61.23 -31.20 -15.88
CA TYR K 418 -62.69 -31.33 -15.81
C TYR K 418 -63.45 -30.53 -14.76
N ARG K 419 -64.29 -29.61 -15.23
CA ARG K 419 -65.12 -28.74 -14.39
C ARG K 419 -66.33 -28.20 -15.16
N PRO K 420 -67.47 -28.89 -15.07
CA PRO K 420 -68.75 -28.59 -15.73
C PRO K 420 -69.80 -27.77 -14.87
N ASN K 421 -69.39 -27.54 -13.57
CA ASN K 421 -70.12 -26.98 -12.38
C ASN K 421 -70.83 -25.69 -12.87
N MET L 1 19.96 52.91 8.73
CA MET L 1 21.12 53.85 8.62
C MET L 1 21.29 54.59 9.94
N SER L 2 21.28 55.92 9.87
CA SER L 2 21.45 56.77 11.03
C SER L 2 20.87 56.13 12.26
N ARG L 3 21.48 56.42 13.39
CA ARG L 3 20.96 55.90 14.62
C ARG L 3 19.58 56.55 14.65
N GLN L 4 19.52 57.78 14.14
CA GLN L 4 18.28 58.55 14.11
C GLN L 4 17.20 57.87 13.31
N MET L 5 17.59 57.31 12.16
CA MET L 5 16.64 56.63 11.30
C MET L 5 15.98 55.49 12.05
N TRP L 6 16.78 54.71 12.77
CA TRP L 6 16.20 53.61 13.51
C TRP L 6 15.18 54.10 14.55
N LEU L 7 15.50 55.17 15.27
CA LEU L 7 14.55 55.68 16.26
C LEU L 7 13.25 56.11 15.59
N ASP L 8 13.35 56.98 14.59
CA ASP L 8 12.17 57.44 13.87
C ASP L 8 11.26 56.27 13.47
N THR L 9 11.85 55.17 13.07
CA THR L 9 11.06 54.01 12.67
C THR L 9 10.50 53.30 13.91
N SER L 10 11.35 53.12 14.93
CA SER L 10 10.93 52.48 16.16
C SER L 10 9.72 53.25 16.69
N ALA L 11 9.81 54.57 16.66
CA ALA L 11 8.72 55.41 17.11
C ALA L 11 7.45 55.10 16.35
N LEU L 12 7.58 54.94 15.03
CA LEU L 12 6.43 54.66 14.21
C LEU L 12 5.81 53.35 14.63
N LEU L 13 6.64 52.34 14.86
CA LEU L 13 6.12 51.05 15.27
C LEU L 13 5.40 51.15 16.62
N GLU L 14 5.98 51.92 17.53
CA GLU L 14 5.39 52.11 18.85
C GLU L 14 4.07 52.83 18.70
N ALA L 15 3.97 53.67 17.67
CA ALA L 15 2.75 54.41 17.41
C ALA L 15 1.70 53.45 16.87
N ILE L 16 2.13 52.55 15.99
CA ILE L 16 1.21 51.58 15.45
C ILE L 16 0.62 50.79 16.60
N SER L 17 1.49 50.30 17.48
CA SER L 17 1.00 49.55 18.64
C SER L 17 -0.01 50.39 19.40
N GLU L 18 0.36 51.62 19.74
CA GLU L 18 -0.55 52.50 20.47
C GLU L 18 -1.94 52.49 19.85
N TYR L 19 -2.00 52.82 18.57
CA TYR L 19 -3.28 52.89 17.88
C TYR L 19 -3.97 51.54 17.69
N VAL L 20 -3.23 50.46 17.90
CA VAL L 20 -3.87 49.16 17.80
C VAL L 20 -4.67 49.06 19.09
N VAL L 21 -4.02 49.30 20.22
CA VAL L 21 -4.69 49.24 21.51
C VAL L 21 -5.81 50.23 21.58
N ARG L 22 -5.69 51.31 20.83
CA ARG L 22 -6.71 52.33 20.84
C ARG L 22 -7.95 51.82 20.12
N CYS L 23 -7.72 51.04 19.07
CA CYS L 23 -8.81 50.51 18.25
C CYS L 23 -9.40 49.18 18.69
N ASN L 24 -8.77 48.49 19.61
CA ASN L 24 -9.30 47.21 20.06
C ASN L 24 -10.74 47.33 20.53
N GLY L 25 -11.66 46.69 19.81
CA GLY L 25 -13.07 46.72 20.17
C GLY L 25 -13.75 48.06 19.96
N ASP L 26 -13.18 48.87 19.08
CA ASP L 26 -13.73 50.18 18.75
C ASP L 26 -13.84 50.27 17.24
N THR L 27 -13.76 49.12 16.60
CA THR L 27 -13.85 49.05 15.16
C THR L 27 -15.26 48.67 14.76
N PHE L 28 -16.16 49.63 14.74
CA PHE L 28 -17.54 49.32 14.39
C PHE L 28 -17.87 49.45 12.92
N SER L 29 -18.89 48.70 12.53
CA SER L 29 -19.38 48.61 11.16
C SER L 29 -19.59 49.87 10.33
N GLY L 30 -20.47 50.76 10.80
CA GLY L 30 -20.75 51.93 9.99
C GLY L 30 -19.92 53.18 10.15
N LEU L 31 -18.74 53.10 10.75
CA LEU L 31 -17.93 54.31 10.93
C LEU L 31 -16.42 54.14 10.92
N THR L 32 -15.76 55.19 10.44
CA THR L 32 -14.32 55.21 10.36
C THR L 32 -13.79 56.18 11.40
N THR L 33 -13.63 55.69 12.62
CA THR L 33 -13.16 56.51 13.73
C THR L 33 -11.80 57.09 13.37
N GLY L 34 -11.49 58.27 13.88
CA GLY L 34 -10.21 58.88 13.57
C GLY L 34 -9.02 58.00 13.89
N ASP L 35 -9.07 57.35 15.07
CA ASP L 35 -8.03 56.44 15.55
C ASP L 35 -7.78 55.36 14.48
N PHE L 36 -8.84 54.70 14.04
CA PHE L 36 -8.68 53.67 13.03
C PHE L 36 -8.06 54.23 11.75
N ASN L 37 -8.56 55.37 11.31
CA ASN L 37 -8.04 56.00 10.10
C ASN L 37 -6.54 56.15 10.26
N ALA L 38 -6.13 56.76 11.38
CA ALA L 38 -4.71 56.93 11.65
C ALA L 38 -3.95 55.59 11.63
N LEU L 39 -4.52 54.57 12.26
CA LEU L 39 -3.89 53.26 12.30
C LEU L 39 -3.71 52.78 10.87
N SER L 40 -4.76 52.94 10.06
CA SER L 40 -4.72 52.52 8.67
C SER L 40 -3.59 53.20 7.93
N ASN L 41 -3.53 54.52 8.08
CA ASN L 41 -2.50 55.27 7.41
C ASN L 41 -1.11 54.93 7.89
N MET L 42 -0.98 54.57 9.17
CA MET L 42 0.34 54.23 9.65
C MET L 42 0.80 52.94 9.00
N PHE L 43 -0.10 51.97 8.85
CA PHE L 43 0.24 50.71 8.21
C PHE L 43 0.78 51.03 6.81
N THR L 44 0.08 51.91 6.13
CA THR L 44 0.44 52.34 4.80
C THR L 44 1.88 52.84 4.68
N GLN L 45 2.35 53.57 5.67
CA GLN L 45 3.71 54.12 5.64
C GLN L 45 4.78 53.16 6.07
N LEU L 46 4.37 52.10 6.76
CA LEU L 46 5.31 51.10 7.26
C LEU L 46 5.99 50.40 6.11
N SER L 47 5.18 49.78 5.25
CA SER L 47 5.71 49.07 4.09
C SER L 47 6.43 50.03 3.13
N VAL L 48 6.86 49.53 1.97
CA VAL L 48 7.58 50.36 0.99
C VAL L 48 6.63 51.30 0.27
N SER L 49 5.68 50.68 -0.42
CA SER L 49 4.64 51.31 -1.22
C SER L 49 4.39 50.21 -2.23
N SER L 50 5.50 49.72 -2.79
CA SER L 50 5.51 48.63 -3.76
C SER L 50 5.10 47.36 -3.02
N ALA L 51 4.51 47.57 -1.84
CA ALA L 51 4.02 46.50 -0.97
C ALA L 51 2.48 46.43 -1.16
N GLY L 52 1.99 47.28 -2.06
CA GLY L 52 0.58 47.30 -2.40
C GLY L 52 -0.45 47.52 -1.30
N TYR L 53 -1.69 47.16 -1.61
CA TYR L 53 -2.79 47.32 -0.70
C TYR L 53 -2.68 46.44 0.54
N VAL L 54 -3.18 46.95 1.65
CA VAL L 54 -3.14 46.22 2.91
C VAL L 54 -4.50 45.64 3.23
N SER L 55 -4.71 44.37 2.90
CA SER L 55 -5.98 43.73 3.16
C SER L 55 -6.04 43.14 4.57
N ASP L 56 -4.89 42.73 5.07
CA ASP L 56 -4.81 42.14 6.40
C ASP L 56 -3.53 42.62 7.06
N PRO L 57 -3.65 43.67 7.89
CA PRO L 57 -2.50 44.25 8.59
C PRO L 57 -1.54 43.27 9.25
N ARG L 58 -2.02 42.07 9.56
CA ARG L 58 -1.14 41.09 10.19
C ARG L 58 0.06 40.74 9.32
N VAL L 59 -0.15 40.66 8.01
CA VAL L 59 0.90 40.26 7.09
C VAL L 59 2.12 41.15 6.96
N PRO L 60 1.92 42.44 6.63
CA PRO L 60 3.09 43.32 6.48
C PRO L 60 3.87 43.42 7.79
N LEU L 61 3.14 43.45 8.91
CA LEU L 61 3.76 43.52 10.23
C LEU L 61 4.53 42.24 10.47
N GLN L 62 3.91 41.11 10.12
CA GLN L 62 4.54 39.81 10.28
C GLN L 62 5.80 39.74 9.42
N THR L 63 5.65 40.07 8.15
CA THR L 63 6.79 40.06 7.24
C THR L 63 7.94 40.90 7.77
N MET L 64 7.63 42.13 8.17
CA MET L 64 8.64 43.03 8.69
C MET L 64 9.42 42.43 9.85
N SER L 65 8.73 41.88 10.85
CA SER L 65 9.43 41.27 11.98
C SER L 65 10.34 40.12 11.53
N ASN L 66 9.83 39.25 10.66
CA ASN L 66 10.61 38.12 10.18
C ASN L 66 11.91 38.61 9.58
N MET L 67 11.82 39.57 8.67
CA MET L 67 13.03 40.10 8.07
C MET L 67 13.93 40.72 9.14
N PHE L 68 13.34 41.30 10.17
CA PHE L 68 14.14 41.92 11.23
C PHE L 68 14.95 40.91 12.02
N VAL L 69 14.36 39.78 12.34
CA VAL L 69 15.09 38.78 13.10
C VAL L 69 16.21 38.15 12.28
N SER L 70 15.95 37.88 10.99
CA SER L 70 16.98 37.27 10.16
C SER L 70 18.09 38.29 9.90
N PHE L 71 17.84 39.53 10.29
CA PHE L 71 18.80 40.62 10.15
C PHE L 71 19.54 40.78 11.46
N ILE L 72 18.81 41.08 12.52
CA ILE L 72 19.43 41.29 13.80
C ILE L 72 20.22 40.11 14.33
N THR L 73 20.11 38.96 13.66
CA THR L 73 20.85 37.78 14.12
C THR L 73 22.10 37.48 13.29
N SER L 74 22.25 38.18 12.16
CA SER L 74 23.41 37.96 11.31
C SER L 74 24.44 39.10 11.41
N THR L 75 25.53 38.82 12.12
CA THR L 75 26.61 39.77 12.31
C THR L 75 26.99 40.47 11.03
N ASP L 76 27.13 39.68 9.97
CA ASP L 76 27.51 40.19 8.65
C ASP L 76 26.61 41.30 8.15
N ARG L 77 25.34 41.27 8.53
CA ARG L 77 24.40 42.29 8.08
C ARG L 77 24.30 43.48 9.01
N CYS L 78 23.87 43.22 10.25
CA CYS L 78 23.68 44.26 11.25
C CYS L 78 24.96 44.69 11.96
N GLY L 79 26.10 44.33 11.38
CA GLY L 79 27.37 44.70 11.97
C GLY L 79 27.54 46.20 12.05
N TYR L 80 27.33 46.86 10.92
CA TYR L 80 27.45 48.31 10.82
C TYR L 80 26.95 49.06 12.05
N MET L 81 25.78 48.71 12.56
CA MET L 81 25.23 49.41 13.71
C MET L 81 25.83 49.00 15.06
N LEU L 82 26.89 48.21 15.02
CA LEU L 82 27.53 47.80 16.26
C LEU L 82 28.83 48.52 16.55
N ARG L 83 29.35 49.24 15.57
CA ARG L 83 30.60 49.98 15.74
C ARG L 83 30.37 51.26 16.52
N LYS L 84 31.40 51.70 17.25
CA LYS L 84 31.28 52.89 18.06
C LYS L 84 30.57 54.06 17.39
N THR L 85 31.04 54.47 16.22
CA THR L 85 30.44 55.61 15.50
C THR L 85 28.94 55.61 15.21
N TRP L 86 28.28 54.44 15.22
CA TRP L 86 26.85 54.40 14.94
C TRP L 86 26.04 55.04 16.05
N PHE L 87 26.56 54.93 17.27
CA PHE L 87 25.90 55.46 18.46
C PHE L 87 26.07 56.96 18.66
N ASN L 88 27.25 57.46 18.32
CA ASN L 88 27.60 58.87 18.49
C ASN L 88 27.51 59.82 17.31
N SER L 89 26.93 59.40 16.20
CA SER L 89 26.81 60.27 15.04
C SER L 89 25.59 60.03 14.18
N ASP L 90 25.26 61.05 13.38
CA ASP L 90 24.13 61.00 12.48
C ASP L 90 24.69 60.89 11.05
N THR L 91 25.69 60.02 10.88
CA THR L 91 26.36 59.78 9.60
C THR L 91 25.68 58.66 8.86
N LYS L 92 25.16 58.98 7.67
CA LYS L 92 24.51 58.01 6.82
C LYS L 92 25.58 57.05 6.34
N PRO L 93 25.57 55.82 6.87
CA PRO L 93 26.54 54.78 6.50
C PRO L 93 26.32 54.26 5.11
N THR L 94 27.41 53.84 4.49
CA THR L 94 27.36 53.30 3.14
C THR L 94 27.17 51.79 3.25
N VAL L 95 25.97 51.38 3.60
CA VAL L 95 25.68 49.96 3.72
C VAL L 95 24.43 49.56 2.94
N SER L 96 24.56 48.49 2.16
CA SER L 96 23.47 48.00 1.34
C SER L 96 22.95 46.69 1.91
N ASP L 97 21.68 46.73 2.32
CA ASP L 97 20.97 45.58 2.90
C ASP L 97 19.49 45.89 2.68
N ASP L 98 18.78 45.05 1.92
CA ASP L 98 17.38 45.33 1.65
C ASP L 98 16.43 45.37 2.83
N PHE L 99 16.91 45.19 4.06
CA PHE L 99 15.99 45.30 5.18
C PHE L 99 15.89 46.79 5.48
N ILE L 100 17.05 47.43 5.52
CA ILE L 100 17.11 48.84 5.80
C ILE L 100 16.51 49.70 4.71
N THR L 101 16.81 49.39 3.46
CA THR L 101 16.27 50.20 2.36
C THR L 101 14.74 50.14 2.38
N THR L 102 14.22 49.02 2.87
CA THR L 102 12.78 48.81 2.93
C THR L 102 12.10 49.44 4.15
N TYR L 103 12.58 49.11 5.34
CA TYR L 103 11.97 49.60 6.58
C TYR L 103 12.56 50.81 7.32
N ILE L 104 13.87 50.82 7.54
CA ILE L 104 14.50 51.91 8.25
C ILE L 104 14.71 53.14 7.37
N ARG L 105 14.21 54.28 7.83
CA ARG L 105 14.33 55.53 7.10
C ARG L 105 13.64 56.64 7.89
N PRO L 106 14.11 57.89 7.75
CA PRO L 106 13.52 59.03 8.46
C PRO L 106 12.00 59.12 8.34
N ARG L 107 11.33 58.95 9.46
CA ARG L 107 9.86 58.95 9.50
C ARG L 107 9.20 60.14 10.19
N LEU L 108 9.86 60.68 11.20
CA LEU L 108 9.32 61.80 11.96
C LEU L 108 9.36 63.14 11.24
N GLN L 109 8.42 64.01 11.62
CA GLN L 109 8.33 65.33 11.01
C GLN L 109 9.25 66.30 11.74
N VAL L 110 9.95 67.12 10.97
CA VAL L 110 10.85 68.10 11.54
C VAL L 110 10.47 69.45 10.95
N PRO L 111 10.60 70.52 11.73
CA PRO L 111 11.08 70.46 13.10
C PRO L 111 9.90 70.37 14.05
N MET L 112 8.69 70.35 13.49
CA MET L 112 7.47 70.29 14.29
C MET L 112 7.47 69.24 15.39
N SER L 113 8.00 68.06 15.10
CA SER L 113 8.02 67.00 16.10
C SER L 113 8.84 67.43 17.30
N ASP L 114 10.12 67.69 17.08
CA ASP L 114 11.03 68.13 18.12
C ASP L 114 10.37 69.16 19.03
N THR L 115 9.62 70.07 18.41
CA THR L 115 8.93 71.14 19.13
C THR L 115 7.83 70.60 20.02
N VAL L 116 6.98 69.75 19.47
CA VAL L 116 5.90 69.17 20.26
C VAL L 116 6.52 68.47 21.46
N ARG L 117 7.68 67.85 21.26
CA ARG L 117 8.37 67.15 22.34
C ARG L 117 8.66 68.12 23.46
N GLN L 118 9.43 69.15 23.17
CA GLN L 118 9.77 70.14 24.18
C GLN L 118 8.54 70.63 24.94
N LEU L 119 7.47 70.92 24.21
CA LEU L 119 6.25 71.40 24.86
C LEU L 119 5.68 70.40 25.86
N ASN L 120 5.93 69.12 25.61
CA ASN L 120 5.41 68.09 26.50
C ASN L 120 6.11 68.10 27.83
N ASN L 121 7.41 68.32 27.84
CA ASN L 121 8.09 68.30 29.11
C ASN L 121 7.47 69.30 30.07
N LEU L 122 6.78 70.29 29.53
CA LEU L 122 6.12 71.29 30.35
C LEU L 122 4.65 70.97 30.55
N SER L 123 4.21 69.81 30.08
CA SER L 123 2.81 69.43 30.18
C SER L 123 2.39 68.94 31.56
N LEU L 124 1.13 69.23 31.90
CA LEU L 124 0.52 68.88 33.18
C LEU L 124 0.49 67.42 33.59
N GLN L 125 -0.03 66.57 32.72
CA GLN L 125 -0.12 65.15 33.06
C GLN L 125 0.48 64.27 31.99
N PRO L 126 1.79 64.02 32.06
CA PRO L 126 2.53 63.18 31.12
C PRO L 126 2.11 61.74 31.23
N SER L 127 2.54 60.92 30.28
CA SER L 127 2.16 59.53 30.35
C SER L 127 2.88 58.94 31.55
N ALA L 128 2.13 58.27 32.41
CA ALA L 128 2.69 57.65 33.60
C ALA L 128 3.73 56.60 33.26
N LYS L 129 3.43 55.77 32.28
CA LYS L 129 4.35 54.73 31.82
C LYS L 129 4.60 55.05 30.35
N PRO L 130 5.69 55.76 30.07
CA PRO L 130 6.12 56.20 28.74
C PRO L 130 6.68 55.14 27.82
N LYS L 131 6.72 55.49 26.53
CA LYS L 131 7.21 54.64 25.45
C LYS L 131 8.73 54.49 25.43
N LEU L 132 9.19 53.38 24.87
CA LEU L 132 10.62 53.16 24.79
C LEU L 132 11.26 54.33 24.11
N TYR L 133 10.55 54.94 23.15
CA TYR L 133 11.07 56.08 22.42
C TYR L 133 11.77 57.05 23.36
N GLU L 134 11.01 57.68 24.25
CA GLU L 134 11.54 58.64 25.20
C GLU L 134 12.84 58.16 25.83
N ARG L 135 12.84 56.94 26.36
CA ARG L 135 14.02 56.35 26.99
C ARG L 135 15.16 56.27 26.00
N GLN L 136 14.84 55.84 24.79
CA GLN L 136 15.83 55.74 23.74
C GLN L 136 16.49 57.11 23.57
N ASN L 137 15.69 58.15 23.40
CA ASN L 137 16.22 59.50 23.24
C ASN L 137 17.13 59.90 24.39
N ALA L 138 16.69 59.60 25.61
CA ALA L 138 17.47 59.93 26.78
C ALA L 138 18.79 59.18 26.79
N ILE L 139 18.71 57.85 26.84
CA ILE L 139 19.91 57.05 26.89
C ILE L 139 20.91 57.29 25.77
N MET L 140 20.42 57.65 24.59
CA MET L 140 21.32 57.85 23.45
C MET L 140 21.72 59.29 23.17
N LYS L 141 20.75 60.18 23.02
CA LYS L 141 21.07 61.58 22.73
C LYS L 141 21.10 62.43 24.00
N GLY L 142 20.73 61.81 25.12
CA GLY L 142 20.72 62.51 26.38
C GLY L 142 19.81 63.70 26.40
N LEU L 143 18.62 63.52 25.86
CA LEU L 143 17.64 64.60 25.83
C LEU L 143 16.90 64.62 27.14
N ASP L 144 16.08 65.64 27.33
CA ASP L 144 15.34 65.76 28.57
C ASP L 144 14.06 64.93 28.61
N ILE L 145 13.59 64.70 29.83
CA ILE L 145 12.39 63.91 30.11
C ILE L 145 11.39 64.85 30.78
N PRO L 146 10.08 64.63 30.58
CA PRO L 146 9.02 65.46 31.15
C PRO L 146 9.19 65.79 32.63
N TYR L 147 8.91 67.02 32.97
CA TYR L 147 9.09 67.45 34.34
C TYR L 147 8.16 66.76 35.33
N SER L 148 6.95 66.42 34.90
CA SER L 148 6.02 65.77 35.83
C SER L 148 5.95 64.25 35.78
N GLU L 149 6.72 63.64 34.89
CA GLU L 149 6.70 62.19 34.79
C GLU L 149 7.20 61.57 36.07
N PRO L 150 6.37 60.72 36.70
CA PRO L 150 6.75 60.07 37.94
C PRO L 150 7.66 58.87 37.70
N ILE L 151 8.44 58.50 38.73
CA ILE L 151 9.32 57.34 38.65
C ILE L 151 9.52 56.73 40.04
N GLU L 152 9.84 55.45 40.08
CA GLU L 152 10.04 54.73 41.33
C GLU L 152 11.50 54.88 41.75
N PRO L 153 11.75 55.72 42.76
CA PRO L 153 13.10 55.98 43.26
C PRO L 153 14.08 54.82 43.32
N CYS L 154 13.61 53.65 43.74
CA CYS L 154 14.48 52.49 43.86
C CYS L 154 15.21 52.12 42.58
N LYS L 155 14.70 52.57 41.44
CA LYS L 155 15.33 52.26 40.17
C LYS L 155 16.58 53.13 40.09
N LEU L 156 16.38 54.41 40.37
CA LEU L 156 17.44 55.39 40.34
C LEU L 156 18.65 55.00 41.19
N PHE L 157 18.41 54.21 42.24
CA PHE L 157 19.50 53.83 43.12
C PHE L 157 20.74 53.26 42.45
N ARG L 158 21.89 53.74 42.91
CA ARG L 158 23.18 53.29 42.42
C ARG L 158 24.07 53.12 43.65
N SER L 159 25.17 52.40 43.47
CA SER L 159 26.08 52.16 44.58
C SER L 159 26.88 53.41 44.96
N VAL L 160 27.00 53.62 46.28
CA VAL L 160 27.74 54.75 46.84
C VAL L 160 28.86 54.28 47.78
N ALA L 161 29.73 55.22 48.18
CA ALA L 161 30.86 54.92 49.06
C ALA L 161 30.44 54.09 50.27
N GLY L 162 29.48 54.61 51.03
CA GLY L 162 28.98 53.93 52.23
C GLY L 162 28.27 52.61 51.95
N GLN L 163 26.94 52.64 51.82
CA GLN L 163 26.15 51.44 51.52
C GLN L 163 26.28 51.15 50.03
N THR L 164 26.54 49.89 49.70
CA THR L 164 26.72 49.48 48.31
C THR L 164 25.50 48.76 47.74
N GLY L 165 24.36 48.91 48.41
CA GLY L 165 23.15 48.27 47.94
C GLY L 165 21.87 48.80 48.55
N ASN L 166 20.77 48.79 47.80
CA ASN L 166 19.50 49.28 48.31
C ASN L 166 18.77 48.09 48.90
N ILE L 167 18.71 47.00 48.13
CA ILE L 167 18.03 45.81 48.59
C ILE L 167 18.85 45.08 49.67
N PRO L 168 20.15 44.82 49.40
CA PRO L 168 20.99 44.14 50.39
C PRO L 168 20.89 44.74 51.79
N MET L 169 20.85 46.08 51.87
CA MET L 169 20.76 46.76 53.16
C MET L 169 19.61 46.22 54.00
N MET L 170 18.64 45.59 53.34
CA MET L 170 17.48 45.04 54.04
C MET L 170 17.84 43.99 55.10
N GLY L 171 18.59 42.98 54.69
CA GLY L 171 18.99 41.94 55.60
C GLY L 171 19.73 42.46 56.82
N ILE L 172 20.28 43.66 56.69
CA ILE L 172 21.04 44.27 57.77
C ILE L 172 20.19 45.20 58.62
N LEU L 173 19.22 45.86 58.02
CA LEU L 173 18.35 46.76 58.76
C LEU L 173 17.40 45.97 59.64
N ALA L 174 17.35 44.66 59.38
CA ALA L 174 16.49 43.77 60.13
C ALA L 174 17.24 43.00 61.23
N THR L 175 18.56 43.21 61.31
CA THR L 175 19.40 42.58 62.33
C THR L 175 19.53 43.59 63.47
N PRO L 176 19.21 43.18 64.71
CA PRO L 176 19.34 44.17 65.79
C PRO L 176 20.77 44.73 65.80
N PRO L 177 20.92 45.98 66.22
CA PRO L 177 22.19 46.72 66.30
C PRO L 177 23.14 46.42 67.47
N ALA L 178 24.43 46.57 67.20
CA ALA L 178 25.48 46.35 68.19
C ALA L 178 25.73 47.62 68.99
N ALA L 179 25.65 48.76 68.31
CA ALA L 179 25.85 50.08 68.89
C ALA L 179 25.30 51.06 67.84
N GLN L 180 25.32 52.36 68.15
CA GLN L 180 24.81 53.34 67.18
C GLN L 180 25.59 53.22 65.88
N GLN L 181 24.88 52.92 64.80
CA GLN L 181 25.49 52.76 63.49
C GLN L 181 25.39 53.99 62.59
N GLN L 182 25.99 53.88 61.40
CA GLN L 182 25.98 54.96 60.43
C GLN L 182 24.61 55.11 59.83
N PRO L 183 24.28 56.32 59.36
CA PRO L 183 22.97 56.54 58.76
C PRO L 183 22.80 55.67 57.52
N PHE L 184 21.55 55.50 57.10
CA PHE L 184 21.25 54.70 55.93
C PHE L 184 20.22 55.46 55.09
N PHE L 185 20.33 55.30 53.78
CA PHE L 185 19.42 55.93 52.84
C PHE L 185 18.98 54.90 51.82
N VAL L 186 17.72 54.46 51.93
CA VAL L 186 17.21 53.47 51.00
C VAL L 186 15.92 53.92 50.32
N ALA L 187 15.54 53.20 49.28
CA ALA L 187 14.33 53.54 48.53
C ALA L 187 13.48 52.34 48.13
N GLU L 188 12.18 52.55 48.15
CA GLU L 188 11.20 51.52 47.81
C GLU L 188 10.59 51.88 46.45
N ARG L 189 9.41 51.34 46.18
CA ARG L 189 8.75 51.64 44.91
C ARG L 189 8.04 52.97 45.03
N ARG L 190 7.39 53.18 46.17
CA ARG L 190 6.65 54.40 46.34
C ARG L 190 7.15 55.32 47.46
N ARG L 191 8.33 55.05 48.01
CA ARG L 191 8.84 55.93 49.06
C ARG L 191 10.34 55.83 49.35
N ILE L 192 10.87 56.92 49.93
CA ILE L 192 12.28 57.08 50.26
C ILE L 192 12.43 56.91 51.77
N LEU L 193 13.50 56.24 52.20
CA LEU L 193 13.76 56.00 53.61
C LEU L 193 15.16 56.36 54.06
N PHE L 194 15.26 57.03 55.21
CA PHE L 194 16.56 57.42 55.77
C PHE L 194 16.42 57.53 57.27
N GLY L 195 17.53 57.27 57.97
CA GLY L 195 17.51 57.35 59.42
C GLY L 195 18.74 56.75 60.08
N ILE L 196 18.69 56.62 61.40
CA ILE L 196 19.80 56.04 62.15
C ILE L 196 19.23 55.08 63.17
N ARG L 197 19.80 53.88 63.24
CA ARG L 197 19.34 52.88 64.19
C ARG L 197 20.44 52.52 65.20
N SER L 198 20.06 52.47 66.48
CA SER L 198 20.99 52.16 67.57
C SER L 198 20.31 51.32 68.68
N ASN L 199 21.13 50.55 69.42
CA ASN L 199 20.65 49.70 70.53
C ASN L 199 20.42 50.57 71.76
N ALA L 200 21.07 51.72 71.75
CA ALA L 200 20.98 52.71 72.82
C ALA L 200 20.11 53.85 72.28
N ALA L 201 19.79 54.80 73.14
CA ALA L 201 18.98 55.94 72.73
C ALA L 201 19.82 56.92 71.93
N ILE L 202 19.14 57.91 71.34
CA ILE L 202 19.79 58.97 70.56
C ILE L 202 19.16 60.28 71.00
N PRO L 203 19.96 61.16 71.61
CA PRO L 203 19.50 62.47 72.11
C PRO L 203 18.74 63.34 71.13
N ALA L 204 17.98 64.27 71.68
CA ALA L 204 17.21 65.19 70.85
C ALA L 204 18.21 66.20 70.32
N GLY L 205 17.98 66.68 69.11
CA GLY L 205 18.90 67.66 68.53
C GLY L 205 18.98 67.65 67.02
N ALA L 206 20.00 68.29 66.47
CA ALA L 206 20.16 68.36 65.03
C ALA L 206 21.10 67.28 64.47
N TYR L 207 20.60 66.54 63.47
CA TYR L 207 21.37 65.49 62.81
C TYR L 207 21.36 65.70 61.30
N GLN L 208 22.55 65.65 60.72
CA GLN L 208 22.76 65.87 59.29
C GLN L 208 22.80 64.56 58.49
N PHE L 209 22.08 64.52 57.37
CA PHE L 209 22.08 63.35 56.49
C PHE L 209 22.56 63.77 55.12
N VAL L 210 23.60 63.13 54.62
CA VAL L 210 24.13 63.47 53.31
C VAL L 210 23.33 62.77 52.22
N VAL L 211 22.48 63.51 51.53
CA VAL L 211 21.68 62.93 50.47
C VAL L 211 22.62 62.34 49.41
N PRO L 212 22.49 61.04 49.15
CA PRO L 212 23.29 60.28 48.18
C PRO L 212 23.23 60.86 46.79
N ALA L 213 24.28 60.62 46.02
CA ALA L 213 24.36 61.10 44.66
C ALA L 213 23.09 60.76 43.88
N TRP L 214 22.80 59.48 43.75
CA TRP L 214 21.63 59.04 43.00
C TRP L 214 20.32 59.69 43.39
N ALA L 215 20.14 59.98 44.67
CA ALA L 215 18.89 60.57 45.13
C ALA L 215 18.83 62.09 45.10
N SER L 216 19.95 62.73 44.81
CA SER L 216 20.00 64.19 44.79
C SER L 216 19.28 64.83 43.61
N VAL L 217 18.40 64.08 42.97
CA VAL L 217 17.68 64.60 41.84
C VAL L 217 16.23 64.24 42.00
N LEU L 218 15.86 63.81 43.19
CA LEU L 218 14.48 63.42 43.42
C LEU L 218 13.66 64.59 43.93
N SER L 219 12.39 64.59 43.54
CA SER L 219 11.42 65.61 43.97
C SER L 219 10.14 64.85 44.30
N VAL L 220 9.40 65.33 45.30
CA VAL L 220 8.15 64.70 45.70
C VAL L 220 7.04 65.68 46.00
N THR L 221 5.83 65.31 45.59
CA THR L 221 4.65 66.13 45.83
C THR L 221 3.64 65.21 46.47
N GLY L 222 2.61 65.78 47.09
CA GLY L 222 1.59 64.99 47.76
C GLY L 222 2.22 63.94 48.65
N ALA L 223 3.27 64.33 49.37
CA ALA L 223 3.97 63.40 50.25
C ALA L 223 3.61 63.52 51.72
N TYR L 224 3.71 62.37 52.39
CA TYR L 224 3.47 62.21 53.81
C TYR L 224 4.81 61.76 54.37
N VAL L 225 5.34 62.48 55.36
CA VAL L 225 6.61 62.07 55.95
C VAL L 225 6.28 61.64 57.36
N TYR L 226 6.70 60.42 57.71
CA TYR L 226 6.43 59.85 59.02
C TYR L 226 7.54 58.91 59.49
N PHE L 227 7.39 58.37 60.70
CA PHE L 227 8.36 57.43 61.26
C PHE L 227 7.78 56.04 61.01
N THR L 228 8.63 55.11 60.58
CA THR L 228 8.14 53.76 60.31
C THR L 228 9.22 52.71 60.58
N ASN L 229 8.81 51.45 60.62
CA ASN L 229 9.73 50.35 60.90
C ASN L 229 9.77 49.22 59.89
N SER L 230 9.33 49.49 58.66
CA SER L 230 9.34 48.46 57.63
C SER L 230 10.03 48.99 56.38
N PHE L 231 10.64 48.07 55.64
CA PHE L 231 11.34 48.43 54.43
C PHE L 231 11.05 47.34 53.40
N PHE L 232 10.10 47.61 52.53
CA PHE L 232 9.69 46.65 51.50
C PHE L 232 8.89 45.55 52.18
N GLY L 233 8.30 45.88 53.33
CA GLY L 233 7.52 44.90 54.05
C GLY L 233 8.35 44.17 55.10
N THR L 234 9.66 44.13 54.92
CA THR L 234 10.55 43.48 55.88
C THR L 234 10.67 44.40 57.10
N ILE L 235 10.58 43.86 58.32
CA ILE L 235 10.67 44.70 59.51
C ILE L 235 12.08 45.21 59.78
N ILE L 236 12.16 46.48 60.17
CA ILE L 236 13.44 47.11 60.48
C ILE L 236 13.61 47.04 62.00
N ALA L 237 14.77 46.53 62.40
CA ALA L 237 15.07 46.38 63.82
C ALA L 237 16.03 47.46 64.29
N GLY L 238 15.81 47.95 65.51
CA GLY L 238 16.67 48.98 66.06
C GLY L 238 16.14 50.37 65.81
N VAL L 239 14.83 50.51 65.86
CA VAL L 239 14.19 51.80 65.64
C VAL L 239 12.89 51.87 66.41
N THR L 240 12.49 53.09 66.76
CA THR L 240 11.25 53.26 67.50
C THR L 240 10.22 53.99 66.69
N ALA L 241 8.99 53.53 66.79
CA ALA L 241 7.89 54.16 66.08
C ALA L 241 6.94 54.72 67.11
N THR L 242 7.45 54.95 68.32
CA THR L 242 6.65 55.45 69.41
C THR L 242 6.64 56.97 69.53
N ALA L 243 5.54 57.51 70.05
CA ALA L 243 5.40 58.95 70.23
C ALA L 243 4.26 59.27 71.19
N THR L 244 4.43 60.38 71.92
CA THR L 244 3.43 60.82 72.88
C THR L 244 2.54 61.86 72.22
N ALA L 245 1.30 61.90 72.66
CA ALA L 245 0.33 62.86 72.12
C ALA L 245 0.92 64.28 72.17
N ALA L 246 1.71 64.54 73.21
CA ALA L 246 2.33 65.85 73.39
C ALA L 246 3.86 65.75 73.36
N ASP L 247 4.39 65.27 72.25
CA ASP L 247 5.83 65.15 72.07
C ASP L 247 6.29 66.45 71.43
N ALA L 248 7.60 66.65 71.37
CA ALA L 248 8.15 67.85 70.76
C ALA L 248 8.20 67.70 69.25
N ALA L 249 7.45 68.55 68.55
CA ALA L 249 7.39 68.52 67.10
C ALA L 249 8.74 68.22 66.43
N THR L 250 8.79 67.18 65.60
CA THR L 250 10.03 66.82 64.89
C THR L 250 9.97 67.36 63.47
N THR L 251 10.93 68.20 63.09
CA THR L 251 10.97 68.79 61.75
C THR L 251 12.31 68.67 61.07
N PHE L 252 12.31 68.78 59.75
CA PHE L 252 13.54 68.72 58.97
C PHE L 252 13.52 69.85 57.97
N THR L 253 14.66 70.09 57.34
CA THR L 253 14.76 71.17 56.38
C THR L 253 15.73 70.90 55.23
N VAL L 254 15.32 71.27 54.02
CA VAL L 254 16.14 71.08 52.83
C VAL L 254 16.57 72.44 52.29
N PRO L 255 17.78 72.52 51.72
CA PRO L 255 18.38 73.74 51.15
C PRO L 255 17.57 74.50 50.10
N THR L 256 16.41 73.99 49.73
CA THR L 256 15.58 74.65 48.72
C THR L 256 14.37 75.33 49.30
N ASP L 257 14.14 75.17 50.60
CA ASP L 257 12.99 75.76 51.23
C ASP L 257 13.41 76.32 52.57
N ALA L 258 13.16 77.62 52.78
CA ALA L 258 13.53 78.28 54.02
C ALA L 258 12.63 77.95 55.21
N ASN L 259 11.53 77.25 54.96
CA ASN L 259 10.60 76.89 56.02
C ASN L 259 10.77 75.44 56.41
N ASN L 260 10.56 75.16 57.69
CA ASN L 260 10.69 73.80 58.20
C ASN L 260 9.62 72.87 57.68
N LEU L 261 10.00 71.62 57.41
CA LEU L 261 9.06 70.61 56.94
C LEU L 261 8.74 69.69 58.10
N PRO L 262 7.46 69.61 58.49
CA PRO L 262 6.98 68.78 59.59
C PRO L 262 7.03 67.28 59.34
N VAL L 263 7.06 66.52 60.41
CA VAL L 263 7.10 65.07 60.34
C VAL L 263 5.95 64.54 61.18
N GLN L 264 5.30 63.50 60.68
CA GLN L 264 4.17 62.87 61.38
C GLN L 264 2.94 63.78 61.35
N THR L 265 2.66 64.40 60.21
CA THR L 265 1.50 65.27 60.08
C THR L 265 0.68 64.95 58.85
N ASP L 266 -0.62 65.21 58.95
CA ASP L 266 -1.57 64.96 57.87
C ASP L 266 -1.44 66.00 56.77
N SER L 267 -0.32 66.70 56.74
CA SER L 267 -0.11 67.71 55.73
C SER L 267 0.69 67.11 54.59
N ARG L 268 0.25 67.38 53.36
CA ARG L 268 0.93 66.86 52.18
C ARG L 268 2.10 67.77 51.77
N LEU L 269 3.30 67.21 51.86
CA LEU L 269 4.49 67.98 51.54
C LEU L 269 4.94 67.97 50.11
N SER L 270 5.76 68.98 49.79
CA SER L 270 6.34 69.19 48.48
C SER L 270 7.73 69.74 48.74
N PHE L 271 8.75 69.03 48.30
CA PHE L 271 10.10 69.50 48.48
C PHE L 271 11.00 68.70 47.55
N SER L 272 12.28 69.06 47.49
CA SER L 272 13.19 68.34 46.61
C SER L 272 14.49 68.05 47.32
N LEU L 273 14.98 66.83 47.12
CA LEU L 273 16.21 66.42 47.75
C LEU L 273 17.45 66.97 47.04
N GLY L 274 17.27 68.03 46.25
CA GLY L 274 18.42 68.57 45.57
C GLY L 274 19.03 69.71 46.34
N GLY L 275 20.29 70.06 46.05
CA GLY L 275 20.89 71.20 46.72
C GLY L 275 21.83 71.03 47.90
N GLY L 276 21.74 69.89 48.58
CA GLY L 276 22.62 69.71 49.72
C GLY L 276 22.28 68.54 50.59
N ASN L 277 22.20 68.78 51.91
CA ASN L 277 21.89 67.72 52.87
C ASN L 277 20.64 68.04 53.66
N ILE L 278 19.92 67.01 54.08
CA ILE L 278 18.70 67.19 54.86
C ILE L 278 19.11 67.42 56.29
N ASN L 279 18.74 68.58 56.82
CA ASN L 279 19.05 68.90 58.22
C ASN L 279 17.79 68.53 59.01
N LEU L 280 17.87 67.45 59.78
CA LEU L 280 16.74 66.97 60.57
C LEU L 280 16.85 67.29 62.05
N GLU L 281 15.83 67.94 62.59
CA GLU L 281 15.80 68.29 64.00
C GLU L 281 14.83 67.40 64.75
N LEU L 282 15.39 66.43 65.44
CA LEU L 282 14.64 65.44 66.22
C LEU L 282 14.09 66.03 67.52
N GLY L 283 12.77 66.20 67.59
CA GLY L 283 12.13 66.76 68.78
C GLY L 283 12.38 66.08 70.12
N VAL L 284 12.20 64.76 70.18
CA VAL L 284 12.40 64.03 71.43
C VAL L 284 13.25 62.79 71.22
N ALA L 285 14.28 62.63 72.04
CA ALA L 285 15.18 61.48 71.94
C ALA L 285 14.44 60.20 71.57
N LYS L 286 15.10 59.35 70.79
CA LYS L 286 14.51 58.07 70.35
C LYS L 286 15.60 57.02 70.26
N THR L 287 15.23 55.77 70.51
CA THR L 287 16.18 54.66 70.44
C THR L 287 16.18 54.15 69.00
N GLY L 288 16.85 54.89 68.13
CA GLY L 288 16.89 54.52 66.73
C GLY L 288 15.61 54.98 66.05
N PHE L 289 15.74 55.71 64.95
CA PHE L 289 14.57 56.23 64.23
C PHE L 289 14.70 56.08 62.71
N CYS L 290 13.54 56.01 62.05
CA CYS L 290 13.52 55.90 60.61
C CYS L 290 12.43 56.78 60.02
N VAL L 291 12.84 57.73 59.17
CA VAL L 291 11.91 58.65 58.54
C VAL L 291 11.53 58.13 57.17
N ALA L 292 10.28 58.35 56.81
CA ALA L 292 9.77 57.91 55.54
C ALA L 292 9.13 59.04 54.77
N ILE L 293 9.48 59.14 53.49
CA ILE L 293 8.93 60.14 52.62
C ILE L 293 8.17 59.30 51.62
N GLU L 294 6.84 59.37 51.68
CA GLU L 294 6.00 58.60 50.77
C GLU L 294 5.10 59.56 50.01
N GLY L 295 5.24 59.56 48.69
CA GLY L 295 4.44 60.42 47.85
C GLY L 295 4.67 60.14 46.38
N GLU L 296 4.55 61.18 45.56
CA GLU L 296 4.76 61.05 44.13
C GLU L 296 6.16 61.52 43.83
N PHE L 297 7.01 60.62 43.35
CA PHE L 297 8.38 60.97 43.05
C PHE L 297 8.62 61.26 41.58
N THR L 298 9.30 62.37 41.32
CA THR L 298 9.64 62.80 39.97
C THR L 298 11.12 63.17 39.94
N ILE L 299 11.72 63.13 38.76
CA ILE L 299 13.13 63.50 38.65
C ILE L 299 13.18 65.00 38.39
N LEU L 300 13.98 65.69 39.19
CA LEU L 300 14.11 67.13 39.09
C LEU L 300 14.32 67.62 37.69
N ALA L 301 13.51 68.60 37.30
CA ALA L 301 13.59 69.15 35.96
C ALA L 301 15.00 69.31 35.43
N ASN L 302 15.24 68.78 34.22
CA ASN L 302 16.53 68.87 33.56
C ASN L 302 17.72 68.13 34.14
N ARG L 303 17.48 67.14 35.00
CA ARG L 303 18.62 66.42 35.57
C ARG L 303 18.52 64.90 35.36
N SER L 304 17.59 64.50 34.50
CA SER L 304 17.37 63.09 34.19
C SER L 304 18.61 62.51 33.57
N GLN L 305 19.44 63.36 32.97
CA GLN L 305 20.67 62.91 32.33
C GLN L 305 21.49 62.03 33.26
N ALA L 306 21.61 62.47 34.51
CA ALA L 306 22.38 61.74 35.50
C ALA L 306 22.03 60.26 35.50
N TYR L 307 20.73 59.99 35.48
CA TYR L 307 20.20 58.64 35.51
C TYR L 307 20.48 57.85 34.23
N TYR L 308 19.94 58.32 33.12
CA TYR L 308 20.07 57.69 31.80
C TYR L 308 21.43 57.75 31.11
N THR L 309 22.24 58.76 31.42
CA THR L 309 23.56 58.87 30.80
C THR L 309 24.48 57.94 31.55
N LEU L 310 23.95 57.37 32.63
CA LEU L 310 24.72 56.47 33.44
C LEU L 310 25.88 57.25 34.03
N ASN L 311 25.57 58.44 34.55
CA ASN L 311 26.57 59.29 35.16
C ASN L 311 26.53 59.15 36.68
N SER L 312 25.36 58.83 37.22
CA SER L 312 25.23 58.67 38.66
C SER L 312 26.07 57.50 39.18
N ILE L 313 26.77 56.83 38.27
CA ILE L 313 27.62 55.69 38.60
C ILE L 313 29.00 56.12 39.09
N THR L 314 29.25 55.97 40.39
CA THR L 314 30.54 56.37 40.98
C THR L 314 31.53 55.23 41.14
N GLN L 315 31.10 54.17 41.82
CA GLN L 315 31.94 53.01 42.10
C GLN L 315 31.71 51.76 41.26
N THR L 316 32.60 50.78 41.41
CA THR L 316 32.55 49.52 40.67
C THR L 316 32.96 48.39 41.62
N PRO L 317 32.17 47.30 41.70
CA PRO L 317 30.94 47.04 40.94
C PRO L 317 29.82 47.93 41.42
N THR L 318 28.70 47.94 40.70
CA THR L 318 27.57 48.78 41.07
C THR L 318 26.21 48.18 40.79
N SER L 319 25.20 48.67 41.50
CA SER L 319 23.82 48.22 41.31
C SER L 319 23.28 49.05 40.15
N ILE L 320 22.40 48.47 39.34
CA ILE L 320 21.85 49.20 38.20
C ILE L 320 20.59 48.52 37.70
N ASP L 321 19.59 49.32 37.35
CA ASP L 321 18.34 48.78 36.85
C ASP L 321 18.46 48.59 35.34
N ASP L 322 17.35 48.32 34.66
CA ASP L 322 17.35 48.08 33.22
C ASP L 322 16.60 49.11 32.41
N PHE L 323 16.17 50.18 33.06
CA PHE L 323 15.43 51.22 32.38
C PHE L 323 14.16 50.61 31.84
N ASP L 324 13.75 49.52 32.47
CA ASP L 324 12.53 48.81 32.13
C ASP L 324 12.47 47.94 30.87
N VAL L 325 13.56 47.77 30.14
CA VAL L 325 13.47 46.96 28.93
C VAL L 325 12.74 45.63 29.14
N SER L 326 13.01 44.97 30.24
CA SER L 326 12.36 43.69 30.54
C SER L 326 10.85 43.77 30.36
N ASP L 327 10.25 44.86 30.83
CA ASP L 327 8.80 45.07 30.73
C ASP L 327 8.31 45.11 29.29
N PHE L 328 9.20 45.40 28.35
CA PHE L 328 8.82 45.47 26.95
C PHE L 328 9.15 44.22 26.14
N LEU L 329 10.16 43.49 26.60
CA LEU L 329 10.57 42.29 25.91
C LEU L 329 9.52 41.18 26.01
N THR L 330 8.80 41.12 27.14
CA THR L 330 7.76 40.12 27.37
C THR L 330 7.19 39.47 26.10
N THR L 331 6.48 40.26 25.29
CA THR L 331 5.88 39.76 24.05
C THR L 331 6.87 39.05 23.13
N PHE L 332 7.92 39.76 22.69
CA PHE L 332 8.91 39.16 21.79
C PHE L 332 9.42 37.83 22.32
N LEU L 333 9.59 37.74 23.63
CA LEU L 333 10.04 36.48 24.23
C LEU L 333 8.96 35.43 24.00
N SER L 334 7.72 35.74 24.36
CA SER L 334 6.63 34.80 24.16
C SER L 334 6.62 34.32 22.71
N GLN L 335 6.73 35.26 21.77
CA GLN L 335 6.72 34.88 20.36
C GLN L 335 7.89 33.97 20.02
N LEU L 336 9.05 34.21 20.63
CA LEU L 336 10.23 33.39 20.36
C LEU L 336 10.00 31.96 20.82
N ARG L 337 9.57 31.82 22.07
CA ARG L 337 9.31 30.51 22.66
C ARG L 337 8.26 29.77 21.87
N ALA L 338 7.25 30.51 21.42
CA ALA L 338 6.14 29.92 20.68
C ALA L 338 6.46 29.34 19.32
N CYS L 339 7.68 29.55 18.83
CA CYS L 339 8.01 28.98 17.54
C CYS L 339 9.38 28.33 17.59
N GLY L 340 9.92 28.18 18.79
CA GLY L 340 11.21 27.55 18.97
C GLY L 340 12.37 28.27 18.30
N GLN L 341 12.84 29.33 18.94
CA GLN L 341 13.96 30.10 18.42
C GLN L 341 14.57 30.80 19.60
N TYR L 342 13.85 30.73 20.72
CA TYR L 342 14.32 31.34 21.96
C TYR L 342 15.76 30.94 22.22
N GLU L 343 16.14 29.76 21.76
CA GLU L 343 17.49 29.28 21.94
C GLU L 343 18.39 29.78 20.82
N ILE L 344 18.03 29.48 19.56
CA ILE L 344 18.85 29.93 18.45
C ILE L 344 19.05 31.43 18.49
N PHE L 345 18.09 32.15 19.06
CA PHE L 345 18.19 33.60 19.16
C PHE L 345 19.17 33.94 20.28
N SER L 346 18.92 33.38 21.45
CA SER L 346 19.79 33.62 22.59
C SER L 346 21.28 33.44 22.27
N ASP L 347 21.60 32.54 21.34
CA ASP L 347 22.98 32.30 20.92
C ASP L 347 23.43 33.53 20.12
N ALA L 348 22.73 33.82 19.02
CA ALA L 348 23.04 34.97 18.16
C ALA L 348 23.19 36.28 18.91
N MET L 349 22.52 36.40 20.06
CA MET L 349 22.63 37.63 20.83
C MET L 349 23.97 37.69 21.54
N ASP L 350 24.38 36.59 22.17
CA ASP L 350 25.67 36.57 22.84
C ASP L 350 26.67 37.04 21.78
N GLN L 351 26.51 36.53 20.57
CA GLN L 351 27.38 36.90 19.47
C GLN L 351 27.37 38.41 19.21
N LEU L 352 26.18 38.99 19.24
CA LEU L 352 26.01 40.42 19.03
C LEU L 352 26.64 41.19 20.18
N THR L 353 26.30 40.79 21.40
CA THR L 353 26.86 41.44 22.59
C THR L 353 28.38 41.40 22.52
N ASN L 354 28.94 40.23 22.28
CA ASN L 354 30.39 40.09 22.22
C ASN L 354 31.05 40.96 21.19
N SER L 355 30.49 41.00 20.00
CA SER L 355 31.07 41.83 18.95
C SER L 355 30.96 43.31 19.31
N LEU L 356 29.88 43.68 19.98
CA LEU L 356 29.71 45.08 20.37
C LEU L 356 30.84 45.37 21.36
N ILE L 357 30.84 44.67 22.49
CA ILE L 357 31.87 44.86 23.50
C ILE L 357 33.19 45.10 22.80
N THR L 358 33.52 44.19 21.88
CA THR L 358 34.75 44.24 21.11
C THR L 358 35.11 45.58 20.48
N ASN L 359 34.26 46.07 19.58
CA ASN L 359 34.54 47.32 18.90
C ASN L 359 34.71 48.54 19.81
N TYR L 360 34.65 48.32 21.12
CA TYR L 360 34.81 49.44 22.03
C TYR L 360 36.18 49.51 22.67
N MET L 361 36.93 48.42 22.61
CA MET L 361 38.28 48.41 23.18
C MET L 361 39.38 48.08 22.20
N ASP L 362 40.30 49.02 22.12
CA ASP L 362 41.47 48.91 21.27
C ASP L 362 42.61 48.34 22.13
N PRO L 363 43.26 47.24 21.69
CA PRO L 363 42.99 46.53 20.43
C PRO L 363 41.80 45.55 20.48
N PRO L 364 41.11 45.38 19.33
CA PRO L 364 39.94 44.53 19.06
C PRO L 364 39.91 43.10 19.60
N ALA L 365 39.74 42.93 20.91
CA ALA L 365 39.67 41.57 21.44
C ALA L 365 38.80 41.51 22.66
N ILE L 366 37.96 40.50 22.70
CA ILE L 366 37.09 40.34 23.85
C ILE L 366 37.93 40.45 25.15
N PRO L 367 37.66 41.44 26.02
CA PRO L 367 38.45 41.56 27.25
C PRO L 367 38.40 40.29 28.10
N ALA L 368 39.52 39.94 28.73
CA ALA L 368 39.54 38.74 29.56
C ALA L 368 38.76 38.96 30.86
N GLY L 369 38.23 37.87 31.40
CA GLY L 369 37.46 37.95 32.64
C GLY L 369 35.98 38.09 32.41
N LEU L 370 35.61 38.40 31.17
CA LEU L 370 34.22 38.58 30.79
C LEU L 370 33.46 37.27 30.70
N ALA L 371 32.50 37.11 31.59
CA ALA L 371 31.68 35.90 31.60
C ALA L 371 30.32 36.31 32.14
N PHE L 372 29.29 36.19 31.30
CA PHE L 372 27.96 36.57 31.72
C PHE L 372 27.29 35.54 32.60
N THR L 373 26.52 36.02 33.56
CA THR L 373 25.82 35.15 34.49
C THR L 373 24.34 35.18 34.18
N SER L 374 23.97 35.71 33.01
CA SER L 374 22.58 35.79 32.61
C SER L 374 22.41 35.94 31.10
N PRO L 375 21.19 35.66 30.61
CA PRO L 375 20.86 35.76 29.18
C PRO L 375 20.54 37.18 28.72
N TRP L 376 20.76 37.41 27.43
CA TRP L 376 20.54 38.71 26.82
C TRP L 376 19.34 39.50 27.29
N PHE L 377 18.27 38.83 27.67
CA PHE L 377 17.07 39.55 28.07
C PHE L 377 16.95 39.86 29.55
N ARG L 378 18.05 39.72 30.28
CA ARG L 378 18.04 40.04 31.69
C ARG L 378 18.98 41.19 31.93
N PHE L 379 18.98 42.09 30.96
CA PHE L 379 19.81 43.30 30.93
C PHE L 379 20.34 43.80 32.26
N SER L 380 19.43 44.04 33.20
CA SER L 380 19.83 44.52 34.50
C SER L 380 21.15 43.89 34.94
N GLU L 381 21.22 42.56 34.89
CA GLU L 381 22.40 41.83 35.29
C GLU L 381 23.59 41.98 34.35
N ARG L 382 23.37 41.76 33.07
CA ARG L 382 24.45 41.88 32.11
C ARG L 382 25.09 43.25 32.21
N ALA L 383 24.29 44.27 32.49
CA ALA L 383 24.81 45.60 32.61
C ALA L 383 25.80 45.59 33.77
N ARG L 384 25.35 45.10 34.92
CA ARG L 384 26.20 45.04 36.11
C ARG L 384 27.57 44.48 35.74
N THR L 385 27.54 43.32 35.09
CA THR L 385 28.75 42.63 34.68
C THR L 385 29.59 43.46 33.71
N ILE L 386 28.99 44.12 32.73
CA ILE L 386 29.76 44.93 31.79
C ILE L 386 30.48 46.00 32.60
N LEU L 387 29.72 46.67 33.46
CA LEU L 387 30.24 47.72 34.32
C LEU L 387 31.26 47.20 35.31
N ALA L 388 31.30 45.89 35.57
CA ALA L 388 32.29 45.40 36.52
C ALA L 388 33.67 45.07 35.96
N LEU L 389 33.88 45.24 34.66
CA LEU L 389 35.18 44.95 34.06
C LEU L 389 36.29 45.91 34.47
N GLN L 390 37.22 45.44 35.30
CA GLN L 390 38.36 46.24 35.78
C GLN L 390 39.32 46.67 34.66
N ASN L 391 39.41 45.83 33.64
CA ASN L 391 40.29 46.06 32.49
C ASN L 391 39.98 47.37 31.80
N VAL L 392 38.76 47.50 31.31
CA VAL L 392 38.34 48.70 30.56
C VAL L 392 38.01 49.95 31.34
N ASP L 393 38.37 51.09 30.75
CA ASP L 393 38.12 52.39 31.35
C ASP L 393 36.64 52.50 31.66
N LEU L 394 36.31 53.05 32.83
CA LEU L 394 34.91 53.20 33.24
C LEU L 394 34.00 53.83 32.19
N ASN L 395 34.37 55.00 31.67
CA ASN L 395 33.55 55.67 30.68
C ASN L 395 33.23 54.84 29.45
N ILE L 396 34.06 53.86 29.15
CA ILE L 396 33.80 53.03 27.99
C ILE L 396 32.78 51.97 28.34
N ARG L 397 32.84 51.47 29.57
CA ARG L 397 31.87 50.48 29.99
C ARG L 397 30.53 51.17 29.91
N LYS L 398 30.45 52.35 30.53
CA LYS L 398 29.23 53.13 30.55
C LYS L 398 28.63 53.22 29.14
N LEU L 399 29.47 53.51 28.15
CA LEU L 399 28.97 53.59 26.79
C LEU L 399 28.41 52.25 26.35
N ILE L 400 29.23 51.22 26.45
CA ILE L 400 28.78 49.88 26.08
C ILE L 400 27.37 49.60 26.63
N VAL L 401 27.17 49.78 27.93
CA VAL L 401 25.87 49.54 28.52
C VAL L 401 24.79 50.30 27.76
N ARG L 402 24.95 51.61 27.66
CA ARG L 402 23.98 52.45 26.95
C ARG L 402 23.69 51.90 25.55
N HIS L 403 24.75 51.57 24.82
CA HIS L 403 24.63 51.05 23.46
C HIS L 403 23.82 49.75 23.41
N LEU L 404 24.22 48.78 24.23
CA LEU L 404 23.55 47.49 24.30
C LEU L 404 22.05 47.73 24.53
N TRP L 405 21.74 48.64 25.45
CA TRP L 405 20.35 48.96 25.76
C TRP L 405 19.56 49.37 24.53
N VAL L 406 20.08 50.33 23.77
CA VAL L 406 19.40 50.79 22.59
C VAL L 406 19.12 49.65 21.62
N ILE L 407 20.11 48.80 21.39
CA ILE L 407 19.92 47.67 20.49
C ILE L 407 18.85 46.78 21.10
N THR L 408 19.00 46.46 22.39
CA THR L 408 18.02 45.60 23.05
C THR L 408 16.61 46.15 22.91
N SER L 409 16.46 47.46 23.16
CA SER L 409 15.15 48.09 23.06
C SER L 409 14.62 47.91 21.65
N LEU L 410 15.46 48.24 20.67
CA LEU L 410 15.08 48.10 19.27
C LEU L 410 14.48 46.72 19.02
N ILE L 411 15.07 45.68 19.60
CA ILE L 411 14.57 44.31 19.45
C ILE L 411 13.12 44.30 19.92
N ALA L 412 12.94 44.60 21.20
CA ALA L 412 11.62 44.61 21.85
C ALA L 412 10.54 45.28 21.03
N VAL L 413 10.94 46.21 20.18
CA VAL L 413 9.99 46.89 19.35
C VAL L 413 9.71 46.14 18.07
N PHE L 414 10.74 45.95 17.24
CA PHE L 414 10.60 45.28 15.95
C PHE L 414 10.26 43.78 15.90
N GLY L 415 10.70 43.01 16.90
CA GLY L 415 10.46 41.58 16.84
C GLY L 415 9.08 41.05 17.15
N ARG L 416 8.32 41.82 17.92
CA ARG L 416 6.99 41.42 18.33
C ARG L 416 6.12 40.60 17.37
N TYR L 417 6.21 40.85 16.07
CA TYR L 417 5.37 40.10 15.16
C TYR L 417 5.99 38.88 14.47
N TYR L 418 7.14 38.44 14.97
CA TYR L 418 7.85 37.29 14.42
C TYR L 418 7.08 35.96 14.37
N ARG L 419 7.00 35.37 13.18
CA ARG L 419 6.32 34.09 12.95
C ARG L 419 6.85 33.58 11.60
N PRO L 420 7.95 32.81 11.63
CA PRO L 420 8.64 32.23 10.48
C PRO L 420 7.89 31.18 9.70
N ASN L 421 7.28 30.23 10.40
CA ASN L 421 6.63 29.08 9.80
C ASN L 421 5.86 29.37 8.53
N MET M 1 -12.07 87.75 33.49
CA MET M 1 -13.55 87.97 33.49
C MET M 1 -14.23 87.02 34.48
N SER M 2 -15.52 86.77 34.26
CA SER M 2 -16.26 85.91 35.16
C SER M 2 -15.46 84.69 35.57
N ARG M 3 -15.90 84.11 36.67
CA ARG M 3 -15.24 82.93 37.17
C ARG M 3 -15.33 81.82 36.12
N GLN M 4 -16.48 81.68 35.47
CA GLN M 4 -16.65 80.66 34.45
C GLN M 4 -15.65 80.87 33.32
N MET M 5 -15.47 82.13 32.92
CA MET M 5 -14.54 82.44 31.85
C MET M 5 -13.11 82.02 32.12
N TRP M 6 -12.71 81.99 33.38
CA TRP M 6 -11.36 81.55 33.69
C TRP M 6 -11.36 80.03 33.60
N LEU M 7 -12.34 79.40 34.23
CA LEU M 7 -12.43 77.96 34.20
C LEU M 7 -12.42 77.44 32.76
N ASP M 8 -13.20 78.07 31.88
CA ASP M 8 -13.26 77.67 30.47
C ASP M 8 -11.85 77.67 29.86
N THR M 9 -11.20 78.83 29.88
CA THR M 9 -9.85 78.93 29.32
C THR M 9 -8.91 77.96 30.00
N SER M 10 -9.08 77.75 31.30
CA SER M 10 -8.23 76.80 32.01
C SER M 10 -8.40 75.44 31.32
N ALA M 11 -9.63 74.98 31.28
CA ALA M 11 -9.96 73.71 30.64
C ALA M 11 -9.33 73.58 29.25
N LEU M 12 -9.31 74.69 28.51
CA LEU M 12 -8.74 74.71 27.16
C LEU M 12 -7.25 74.49 27.26
N LEU M 13 -6.60 75.33 28.06
CA LEU M 13 -5.17 75.20 28.24
C LEU M 13 -4.85 73.80 28.72
N GLU M 14 -5.75 73.27 29.54
CA GLU M 14 -5.60 71.95 30.11
C GLU M 14 -5.79 70.89 29.04
N ALA M 15 -6.64 71.21 28.07
CA ALA M 15 -6.89 70.31 26.96
C ALA M 15 -5.66 70.33 26.05
N ILE M 16 -5.21 71.54 25.70
CA ILE M 16 -4.02 71.69 24.87
C ILE M 16 -2.93 70.79 25.40
N SER M 17 -2.78 70.79 26.72
CA SER M 17 -1.77 69.92 27.33
C SER M 17 -2.06 68.48 26.94
N GLU M 18 -3.26 68.01 27.29
CA GLU M 18 -3.66 66.64 26.98
C GLU M 18 -3.25 66.22 25.59
N TYR M 19 -3.63 67.02 24.60
CA TYR M 19 -3.33 66.70 23.22
C TYR M 19 -1.86 66.77 22.89
N VAL M 20 -1.14 67.63 23.57
CA VAL M 20 0.28 67.70 23.32
C VAL M 20 0.84 66.37 23.79
N VAL M 21 0.35 65.86 24.90
CA VAL M 21 0.83 64.58 25.40
C VAL M 21 0.52 63.53 24.36
N ARG M 22 -0.71 63.59 23.87
CA ARG M 22 -1.21 62.66 22.87
C ARG M 22 -0.38 62.62 21.59
N CYS M 23 0.15 63.78 21.21
CA CYS M 23 0.93 63.89 19.99
C CYS M 23 2.41 63.60 20.08
N ASN M 24 2.97 63.54 21.30
CA ASN M 24 4.40 63.29 21.44
C ASN M 24 4.84 62.00 20.73
N GLY M 25 5.82 62.12 19.83
CA GLY M 25 6.33 60.98 19.08
C GLY M 25 5.32 60.26 18.18
N ASP M 26 4.27 60.98 17.79
CA ASP M 26 3.20 60.47 16.94
C ASP M 26 2.99 61.49 15.84
N THR M 27 4.02 62.25 15.55
CA THR M 27 3.90 63.26 14.50
C THR M 27 4.85 62.88 13.40
N PHE M 28 4.35 62.12 12.43
CA PHE M 28 5.18 61.68 11.33
C PHE M 28 4.97 62.54 10.11
N SER M 29 5.93 62.47 9.18
CA SER M 29 5.92 63.31 7.98
C SER M 29 4.91 63.07 6.88
N GLY M 30 4.79 61.83 6.43
CA GLY M 30 3.82 61.56 5.38
C GLY M 30 2.52 61.16 6.02
N LEU M 31 2.23 61.73 7.19
CA LEU M 31 1.03 61.33 7.89
C LEU M 31 0.43 62.32 8.86
N THR M 32 -0.78 62.78 8.59
CA THR M 32 -1.40 63.70 9.52
C THR M 32 -2.41 62.93 10.36
N THR M 33 -2.22 62.97 11.67
CA THR M 33 -3.08 62.26 12.58
C THR M 33 -4.21 63.14 13.12
N GLY M 34 -5.39 62.55 13.27
CA GLY M 34 -6.52 63.33 13.76
C GLY M 34 -6.25 64.11 15.04
N ASP M 35 -5.36 63.57 15.86
CA ASP M 35 -4.96 64.19 17.12
C ASP M 35 -4.27 65.50 16.84
N PHE M 36 -3.24 65.46 15.99
CA PHE M 36 -2.50 66.66 15.66
C PHE M 36 -3.41 67.74 15.11
N ASN M 37 -4.46 67.33 14.41
CA ASN M 37 -5.40 68.28 13.86
C ASN M 37 -6.07 69.04 14.98
N ALA M 38 -6.63 68.31 15.93
CA ALA M 38 -7.27 68.94 17.06
C ALA M 38 -6.31 69.88 17.79
N LEU M 39 -5.10 69.40 18.07
CA LEU M 39 -4.12 70.23 18.77
C LEU M 39 -3.97 71.51 18.00
N SER M 40 -3.71 71.39 16.70
CA SER M 40 -3.54 72.55 15.84
C SER M 40 -4.70 73.53 15.95
N ASN M 41 -5.92 73.01 15.94
CA ASN M 41 -7.06 73.89 16.04
C ASN M 41 -7.21 74.48 17.43
N MET M 42 -6.63 73.82 18.42
CA MET M 42 -6.73 74.35 19.77
C MET M 42 -5.74 75.49 19.91
N PHE M 43 -4.56 75.35 19.31
CA PHE M 43 -3.57 76.42 19.36
C PHE M 43 -4.18 77.68 18.73
N THR M 44 -5.21 77.50 17.92
CA THR M 44 -5.87 78.61 17.25
C THR M 44 -6.86 79.36 18.14
N GLN M 45 -7.21 78.79 19.28
CA GLN M 45 -8.15 79.48 20.13
C GLN M 45 -7.39 80.43 21.03
N LEU M 46 -6.10 80.16 21.21
CA LEU M 46 -5.32 81.06 22.02
C LEU M 46 -4.73 82.15 21.20
N SER M 47 -4.41 81.86 19.93
CA SER M 47 -3.85 82.96 19.14
C SER M 47 -4.86 84.12 19.12
N VAL M 48 -4.38 85.32 18.87
CA VAL M 48 -5.36 86.38 18.85
C VAL M 48 -6.33 86.10 17.63
N SER M 49 -7.47 85.40 17.91
CA SER M 49 -8.52 84.91 16.97
C SER M 49 -8.15 83.84 15.90
N SER M 50 -7.03 83.98 15.17
CA SER M 50 -6.70 82.97 14.15
C SER M 50 -5.48 83.34 13.27
N TYR M 53 -3.39 79.82 11.30
CA TYR M 53 -2.36 78.79 11.50
C TYR M 53 -1.12 79.37 12.20
N VAL M 54 -0.41 78.51 12.92
CA VAL M 54 0.73 78.97 13.69
C VAL M 54 2.15 78.85 13.17
N SER M 55 2.63 77.61 13.15
CA SER M 55 3.97 77.29 12.73
C SER M 55 4.83 76.91 13.95
N ASP M 56 4.86 77.73 15.00
CA ASP M 56 5.62 77.36 16.20
C ASP M 56 4.72 77.67 17.40
N PRO M 57 4.16 76.64 18.02
CA PRO M 57 3.27 76.80 19.17
C PRO M 57 3.99 77.27 20.43
N ARG M 58 5.31 77.12 20.45
CA ARG M 58 6.03 77.55 21.64
C ARG M 58 5.88 79.05 21.86
N VAL M 59 6.01 79.82 20.80
CA VAL M 59 5.91 81.28 20.89
C VAL M 59 4.64 81.83 21.51
N PRO M 60 3.48 81.48 20.95
CA PRO M 60 2.24 82.00 21.52
C PRO M 60 2.00 81.57 22.95
N LEU M 61 2.24 80.29 23.24
CA LEU M 61 2.05 79.75 24.59
C LEU M 61 2.97 80.46 25.55
N GLN M 62 4.21 80.67 25.14
CA GLN M 62 5.20 81.36 25.97
C GLN M 62 4.68 82.75 26.27
N THR M 63 4.33 83.48 25.22
CA THR M 63 3.80 84.82 25.42
C THR M 63 2.63 84.79 26.40
N MET M 64 1.76 83.80 26.26
CA MET M 64 0.60 83.71 27.14
C MET M 64 0.96 83.53 28.60
N SER M 65 1.85 82.60 28.90
CA SER M 65 2.27 82.39 30.28
C SER M 65 2.86 83.69 30.82
N ASN M 66 3.85 84.20 30.10
CA ASN M 66 4.54 85.43 30.46
C ASN M 66 3.59 86.52 30.88
N MET M 67 2.59 86.79 30.04
CA MET M 67 1.62 87.81 30.37
C MET M 67 0.87 87.44 31.63
N PHE M 68 0.60 86.14 31.81
CA PHE M 68 -0.13 85.70 32.99
C PHE M 68 0.60 85.95 34.29
N VAL M 69 1.89 85.61 34.33
CA VAL M 69 2.69 85.82 35.52
C VAL M 69 2.65 87.32 35.86
N SER M 70 2.85 88.15 34.84
CA SER M 70 2.83 89.60 34.99
C SER M 70 1.48 90.06 35.55
N PHE M 71 0.43 89.30 35.28
CA PHE M 71 -0.90 89.65 35.76
C PHE M 71 -1.13 89.21 37.20
N ILE M 72 -1.05 87.91 37.44
CA ILE M 72 -1.30 87.39 38.78
C ILE M 72 -0.34 87.91 39.85
N THR M 73 0.72 88.57 39.40
CA THR M 73 1.72 89.13 40.28
C THR M 73 1.35 90.48 40.88
N SER M 74 0.85 91.39 40.05
CA SER M 74 0.47 92.72 40.51
C SER M 74 -0.99 92.78 40.97
N THR M 75 -1.17 93.06 42.26
CA THR M 75 -2.48 93.16 42.87
C THR M 75 -3.42 94.16 42.20
N ASP M 76 -2.87 95.26 41.70
CA ASP M 76 -3.67 96.29 41.03
C ASP M 76 -4.48 95.72 39.87
N ARG M 77 -3.85 94.84 39.09
CA ARG M 77 -4.49 94.22 37.94
C ARG M 77 -5.48 93.15 38.36
N CYS M 78 -4.97 92.03 38.88
CA CYS M 78 -5.80 90.90 39.31
C CYS M 78 -6.60 91.14 40.57
N GLY M 79 -6.73 92.39 40.98
CA GLY M 79 -7.48 92.68 42.18
C GLY M 79 -8.85 92.02 42.18
N TYR M 80 -9.68 92.44 41.24
CA TYR M 80 -11.04 91.94 41.13
C TYR M 80 -11.21 90.43 41.33
N MET M 81 -10.21 89.64 40.97
CA MET M 81 -10.28 88.18 41.12
C MET M 81 -10.17 87.77 42.58
N LEU M 82 -9.86 88.74 43.43
CA LEU M 82 -9.70 88.46 44.84
C LEU M 82 -10.90 88.78 45.68
N ARG M 83 -11.79 89.64 45.16
CA ARG M 83 -12.99 90.01 45.90
C ARG M 83 -13.99 88.87 46.12
N LYS M 84 -14.56 88.86 47.32
CA LYS M 84 -15.54 87.87 47.75
C LYS M 84 -16.59 87.52 46.70
N THR M 85 -16.93 88.49 45.84
CA THR M 85 -17.95 88.30 44.81
C THR M 85 -17.55 87.42 43.62
N TRP M 86 -16.32 87.56 43.14
CA TRP M 86 -15.84 86.79 41.99
C TRP M 86 -15.95 85.29 42.13
N PHE M 87 -16.03 84.81 43.37
CA PHE M 87 -16.14 83.38 43.63
C PHE M 87 -17.59 82.88 43.56
N ASN M 88 -18.54 83.81 43.54
CA ASN M 88 -19.99 83.49 43.47
C ASN M 88 -20.61 83.94 42.15
N SER M 89 -20.75 85.25 42.03
CA SER M 89 -21.33 85.92 40.86
C SER M 89 -20.72 85.59 39.50
N ASP M 90 -21.59 85.49 38.49
CA ASP M 90 -21.17 85.24 37.13
C ASP M 90 -21.37 86.57 36.39
N THR M 91 -21.18 87.67 37.12
CA THR M 91 -21.35 89.00 36.56
C THR M 91 -20.13 89.52 35.82
N LYS M 92 -20.29 89.83 34.54
CA LYS M 92 -19.19 90.34 33.72
C LYS M 92 -18.55 91.47 34.51
N PRO M 93 -17.29 91.28 34.93
CA PRO M 93 -16.56 92.29 35.71
C PRO M 93 -16.17 93.57 34.99
N THR M 94 -16.23 94.66 35.74
CA THR M 94 -15.88 95.98 35.25
C THR M 94 -14.36 96.02 35.22
N VAL M 95 -13.76 95.29 34.28
CA VAL M 95 -12.31 95.25 34.20
C VAL M 95 -11.74 95.43 32.81
N SER M 96 -10.73 96.28 32.74
CA SER M 96 -10.07 96.54 31.48
C SER M 96 -8.61 96.20 31.67
N ASP M 97 -8.20 95.03 31.18
CA ASP M 97 -6.82 94.58 31.30
C ASP M 97 -6.47 93.70 30.10
N ASP M 98 -5.34 93.99 29.45
CA ASP M 98 -4.92 93.23 28.28
C ASP M 98 -5.03 91.72 28.43
N PHE M 99 -4.35 91.15 29.42
CA PHE M 99 -4.40 89.72 29.62
C PHE M 99 -5.81 89.17 29.67
N ILE M 100 -6.68 89.81 30.45
CA ILE M 100 -8.04 89.32 30.55
C ILE M 100 -8.77 89.29 29.21
N THR M 101 -8.69 90.38 28.46
CA THR M 101 -9.40 90.45 27.17
C THR M 101 -8.73 89.64 26.07
N THR M 102 -7.41 89.47 26.16
CA THR M 102 -6.69 88.72 25.14
C THR M 102 -6.77 87.21 25.33
N TYR M 103 -6.92 86.76 26.58
CA TYR M 103 -6.98 85.32 26.79
C TYR M 103 -8.23 84.75 27.45
N ILE M 104 -8.67 85.35 28.54
CA ILE M 104 -9.86 84.84 29.19
C ILE M 104 -11.10 85.30 28.44
N ARG M 105 -11.96 84.34 28.11
CA ARG M 105 -13.21 84.58 27.39
C ARG M 105 -13.92 83.23 27.44
N PRO M 106 -15.23 83.18 27.13
CA PRO M 106 -15.86 81.86 27.20
C PRO M 106 -15.33 80.95 26.08
N ARG M 107 -15.01 79.71 26.42
CA ARG M 107 -14.47 78.74 25.46
C ARG M 107 -15.33 77.48 25.26
N LEU M 108 -15.91 76.95 26.34
CA LEU M 108 -16.72 75.73 26.26
C LEU M 108 -18.02 75.88 25.48
N GLN M 109 -18.54 74.76 24.97
CA GLN M 109 -19.79 74.80 24.22
C GLN M 109 -20.96 74.50 25.14
N VAL M 110 -21.98 75.34 25.08
CA VAL M 110 -23.17 75.20 25.90
C VAL M 110 -24.35 74.93 24.95
N PRO M 111 -25.32 74.11 25.40
CA PRO M 111 -25.37 73.44 26.70
C PRO M 111 -24.63 72.11 26.68
N MET M 112 -24.27 71.67 25.48
CA MET M 112 -23.58 70.39 25.27
C MET M 112 -22.58 69.92 26.32
N SER M 113 -21.52 70.70 26.53
CA SER M 113 -20.49 70.35 27.50
C SER M 113 -21.10 69.93 28.84
N ASP M 114 -22.04 70.71 29.33
CA ASP M 114 -22.69 70.40 30.59
C ASP M 114 -23.30 69.00 30.51
N THR M 115 -23.94 68.71 29.38
CA THR M 115 -24.59 67.41 29.17
C THR M 115 -23.57 66.29 29.21
N VAL M 116 -22.54 66.42 28.36
CA VAL M 116 -21.51 65.40 28.30
C VAL M 116 -20.99 65.07 29.68
N ARG M 117 -20.63 66.12 30.43
CA ARG M 117 -20.08 65.97 31.77
C ARG M 117 -20.90 65.03 32.62
N GLN M 118 -22.22 65.19 32.56
CA GLN M 118 -23.10 64.33 33.33
C GLN M 118 -23.06 62.91 32.82
N LEU M 119 -23.22 62.75 31.51
CA LEU M 119 -23.18 61.42 30.93
C LEU M 119 -21.90 60.75 31.40
N ASN M 120 -20.92 61.56 31.78
CA ASN M 120 -19.65 61.01 32.22
C ASN M 120 -19.73 60.36 33.57
N ASN M 121 -20.37 61.02 34.52
CA ASN M 121 -20.48 60.46 35.86
C ASN M 121 -20.91 59.00 35.79
N LEU M 122 -21.77 58.70 34.83
CA LEU M 122 -22.26 57.35 34.67
C LEU M 122 -21.41 56.52 33.70
N SER M 123 -20.10 56.74 33.69
CA SER M 123 -19.23 56.00 32.79
C SER M 123 -18.58 54.87 33.50
N LEU M 124 -18.31 53.80 32.75
CA LEU M 124 -17.71 52.61 33.31
C LEU M 124 -16.31 52.79 33.86
N GLN M 125 -15.42 53.34 33.06
CA GLN M 125 -14.06 53.54 33.50
C GLN M 125 -13.66 54.99 33.29
N PRO M 126 -13.98 55.87 34.26
CA PRO M 126 -13.65 57.29 34.19
C PRO M 126 -12.17 57.46 34.41
N SER M 127 -11.67 58.69 34.29
CA SER M 127 -10.25 58.87 34.45
C SER M 127 -9.79 58.63 35.86
N ALA M 128 -8.71 57.85 36.01
CA ALA M 128 -8.18 57.54 37.32
C ALA M 128 -7.48 58.76 37.92
N LYS M 129 -6.92 59.59 37.07
CA LYS M 129 -6.21 60.81 37.47
C LYS M 129 -6.83 61.96 36.71
N PRO M 130 -7.96 62.46 37.22
CA PRO M 130 -8.70 63.57 36.59
C PRO M 130 -7.95 64.89 36.51
N LYS M 131 -8.39 65.71 35.57
CA LYS M 131 -7.82 67.03 35.34
C LYS M 131 -8.16 67.94 36.51
N LEU M 132 -7.58 69.14 36.52
CA LEU M 132 -7.87 70.09 37.57
C LEU M 132 -9.24 70.64 37.31
N TYR M 133 -9.65 70.66 36.05
CA TYR M 133 -10.97 71.18 35.71
C TYR M 133 -12.07 70.59 36.59
N GLU M 134 -12.11 69.27 36.67
CA GLU M 134 -13.13 68.60 37.46
C GLU M 134 -13.15 69.13 38.89
N ARG M 135 -11.98 69.19 39.52
CA ARG M 135 -11.87 69.68 40.90
C ARG M 135 -12.30 71.13 41.02
N GLN M 136 -11.90 71.97 40.06
CA GLN M 136 -12.29 73.37 40.09
C GLN M 136 -13.80 73.48 40.21
N ASN M 137 -14.52 72.74 39.37
CA ASN M 137 -15.98 72.76 39.40
C ASN M 137 -16.52 72.27 40.73
N ALA M 138 -15.94 71.19 41.24
CA ALA M 138 -16.41 70.67 42.52
C ALA M 138 -16.22 71.74 43.57
N ILE M 139 -14.96 72.08 43.82
CA ILE M 139 -14.62 73.06 44.81
C ILE M 139 -15.32 74.42 44.70
N MET M 140 -15.57 74.89 43.49
CA MET M 140 -16.21 76.18 43.33
C MET M 140 -17.73 76.20 43.20
N LYS M 141 -18.27 75.40 42.29
CA LYS M 141 -19.72 75.35 42.07
C LYS M 141 -20.35 74.16 42.76
N GLY M 142 -19.52 73.35 43.41
CA GLY M 142 -20.02 72.19 44.12
C GLY M 142 -20.66 71.16 43.22
N LEU M 143 -20.19 71.08 41.98
CA LEU M 143 -20.72 70.12 41.04
C LEU M 143 -20.30 68.71 41.42
N ASP M 144 -20.92 67.74 40.76
CA ASP M 144 -20.64 66.34 41.05
C ASP M 144 -19.41 65.74 40.41
N ILE M 145 -18.93 64.68 41.05
CA ILE M 145 -17.77 63.94 40.63
C ILE M 145 -18.31 62.60 40.10
N PRO M 146 -17.61 61.97 39.14
CA PRO M 146 -18.08 60.69 38.61
C PRO M 146 -18.27 59.62 39.68
N TYR M 147 -19.35 58.87 39.51
CA TYR M 147 -19.71 57.83 40.46
C TYR M 147 -18.66 56.74 40.61
N SER M 148 -17.84 56.52 39.59
CA SER M 148 -16.86 55.45 39.68
C SER M 148 -15.40 55.87 39.89
N GLU M 149 -15.15 57.17 39.99
CA GLU M 149 -13.79 57.66 40.18
C GLU M 149 -13.21 57.23 41.52
N PRO M 150 -12.06 56.55 41.52
CA PRO M 150 -11.46 56.12 42.78
C PRO M 150 -10.63 57.22 43.42
N ILE M 151 -10.49 57.16 44.75
CA ILE M 151 -9.67 58.11 45.50
C ILE M 151 -9.09 57.41 46.71
N GLU M 152 -7.97 57.93 47.20
CA GLU M 152 -7.29 57.37 48.36
C GLU M 152 -8.04 57.96 49.54
N PRO M 153 -8.48 57.12 50.47
CA PRO M 153 -9.22 57.56 51.66
C PRO M 153 -8.51 58.60 52.52
N CYS M 154 -7.26 58.34 52.84
CA CYS M 154 -6.50 59.24 53.69
C CYS M 154 -6.60 60.70 53.28
N LYS M 155 -6.78 60.94 51.99
CA LYS M 155 -6.90 62.32 51.52
C LYS M 155 -8.25 62.84 52.00
N LEU M 156 -9.22 61.94 52.00
CA LEU M 156 -10.58 62.26 52.41
C LEU M 156 -10.66 62.66 53.88
N PHE M 157 -9.71 62.14 54.66
CA PHE M 157 -9.65 62.39 56.10
C PHE M 157 -9.74 63.85 56.52
N ARG M 158 -10.33 64.04 57.69
CA ARG M 158 -10.52 65.33 58.32
C ARG M 158 -10.47 65.03 59.81
N SER M 159 -10.33 66.06 60.64
CA SER M 159 -10.25 65.86 62.07
C SER M 159 -11.63 65.69 62.69
N VAL M 160 -11.73 64.75 63.64
CA VAL M 160 -13.00 64.49 64.31
C VAL M 160 -12.86 64.44 65.84
N ALA M 161 -14.00 64.58 66.52
CA ALA M 161 -14.10 64.58 67.98
C ALA M 161 -13.13 63.61 68.65
N GLY M 162 -13.40 62.32 68.50
CA GLY M 162 -12.56 61.30 69.09
C GLY M 162 -11.08 61.50 68.83
N GLN M 163 -10.63 61.09 67.65
CA GLN M 163 -9.22 61.24 67.26
C GLN M 163 -8.96 62.52 66.47
N THR M 164 -7.90 63.22 66.86
CA THR M 164 -7.51 64.48 66.24
C THR M 164 -6.89 64.35 64.84
N GLY M 165 -5.93 63.44 64.70
CA GLY M 165 -5.28 63.25 63.41
C GLY M 165 -5.34 61.82 62.87
N ASN M 166 -4.82 61.63 61.66
CA ASN M 166 -4.79 60.33 61.00
C ASN M 166 -3.38 59.76 61.01
N ILE M 167 -2.42 60.52 60.52
CA ILE M 167 -1.06 60.03 60.54
C ILE M 167 -0.50 60.05 61.96
N PRO M 168 -0.90 61.06 62.78
CA PRO M 168 -0.42 61.17 64.15
C PRO M 168 -0.62 59.88 64.95
N MET M 169 -1.81 59.30 64.85
CA MET M 169 -2.12 58.06 65.55
C MET M 169 -1.09 56.97 65.33
N MET M 170 -0.26 57.12 64.30
CA MET M 170 0.74 56.11 64.01
C MET M 170 1.65 55.83 65.18
N GLY M 171 2.10 56.89 65.84
CA GLY M 171 2.97 56.73 66.99
C GLY M 171 2.23 56.07 68.14
N ILE M 172 1.00 56.52 68.36
CA ILE M 172 0.18 55.98 69.43
C ILE M 172 -0.11 54.49 69.20
N LEU M 173 -0.54 54.16 67.98
CA LEU M 173 -0.86 52.77 67.62
C LEU M 173 0.30 51.80 67.74
N ALA M 174 1.52 52.32 67.75
CA ALA M 174 2.70 51.46 67.86
C ALA M 174 3.22 51.34 69.29
N THR M 175 2.52 51.99 70.23
CA THR M 175 2.88 51.98 71.65
C THR M 175 2.03 50.94 72.39
N PRO M 176 2.66 49.97 73.09
CA PRO M 176 1.85 48.99 73.80
C PRO M 176 0.80 49.75 74.63
N PRO M 177 -0.41 49.18 74.76
CA PRO M 177 -1.48 49.81 75.52
C PRO M 177 -1.45 49.60 77.04
N ALA M 178 -2.10 50.52 77.76
CA ALA M 178 -2.17 50.46 79.22
C ALA M 178 -3.33 49.53 79.61
N ALA M 179 -4.47 49.74 78.96
CA ALA M 179 -5.69 48.95 79.17
C ALA M 179 -6.48 49.04 77.86
N GLN M 180 -7.62 48.37 77.77
CA GLN M 180 -8.45 48.41 76.55
C GLN M 180 -8.77 49.88 76.23
N GLN M 181 -8.29 50.34 75.08
CA GLN M 181 -8.50 51.71 74.65
C GLN M 181 -9.74 51.89 73.77
N GLN M 182 -9.99 53.13 73.36
CA GLN M 182 -11.14 53.43 72.51
C GLN M 182 -10.91 53.01 71.04
N PRO M 183 -11.98 53.02 70.20
CA PRO M 183 -11.90 52.65 68.78
C PRO M 183 -11.20 53.70 67.91
N PHE M 184 -10.47 53.24 66.89
CA PHE M 184 -9.74 54.14 66.00
C PHE M 184 -10.12 53.92 64.54
N PHE M 185 -10.16 54.99 63.76
CA PHE M 185 -10.53 54.90 62.36
C PHE M 185 -9.44 55.56 61.54
N VAL M 186 -8.43 54.80 61.15
CA VAL M 186 -7.32 55.36 60.36
C VAL M 186 -7.52 55.08 58.88
N ALA M 187 -6.80 55.82 58.04
CA ALA M 187 -6.90 55.62 56.60
C ALA M 187 -5.53 55.68 55.92
N GLU M 188 -5.34 54.83 54.92
CA GLU M 188 -4.08 54.78 54.18
C GLU M 188 -4.37 55.19 52.74
N ARG M 189 -3.45 54.86 51.84
CA ARG M 189 -3.65 55.20 50.45
C ARG M 189 -4.63 54.23 49.83
N ARG M 190 -4.33 52.94 49.95
CA ARG M 190 -5.17 51.91 49.33
C ARG M 190 -6.14 51.14 50.24
N ARG M 191 -6.16 51.43 51.54
CA ARG M 191 -7.10 50.74 52.42
C ARG M 191 -7.56 51.63 53.59
N ILE M 192 -8.55 51.16 54.33
CA ILE M 192 -9.09 51.91 55.46
C ILE M 192 -9.13 50.94 56.65
N LEU M 193 -8.56 51.37 57.79
CA LEU M 193 -8.49 50.53 59.00
C LEU M 193 -9.31 50.99 60.22
N PHE M 194 -9.74 50.01 61.02
CA PHE M 194 -10.48 50.25 62.24
C PHE M 194 -10.35 49.03 63.14
N GLY M 195 -10.61 49.23 64.43
CA GLY M 195 -10.51 48.16 65.40
C GLY M 195 -10.30 48.67 66.82
N ILE M 196 -10.01 47.76 67.74
CA ILE M 196 -9.77 48.14 69.13
C ILE M 196 -8.58 47.36 69.66
N ARG M 197 -7.73 48.06 70.38
CA ARG M 197 -6.52 47.49 70.95
C ARG M 197 -6.56 47.48 72.47
N SER M 198 -6.07 46.39 73.07
CA SER M 198 -6.05 46.21 74.52
C SER M 198 -4.86 45.33 74.94
N ASN M 199 -4.48 45.40 76.22
CA ASN M 199 -3.37 44.60 76.75
C ASN M 199 -3.96 43.29 77.24
N ALA M 200 -5.27 43.34 77.47
CA ALA M 200 -6.06 42.21 77.93
C ALA M 200 -6.88 41.69 76.76
N ALA M 201 -7.49 40.53 76.92
CA ALA M 201 -8.30 39.96 75.85
C ALA M 201 -9.62 40.71 75.72
N ILE M 202 -10.23 40.60 74.55
CA ILE M 202 -11.52 41.21 74.28
C ILE M 202 -12.46 40.06 73.99
N PRO M 203 -13.56 39.98 74.72
CA PRO M 203 -14.55 38.92 74.57
C PRO M 203 -15.18 38.80 73.18
N ALA M 204 -15.54 37.58 72.82
CA ALA M 204 -16.19 37.35 71.54
C ALA M 204 -17.58 37.97 71.68
N GLY M 205 -18.03 38.71 70.67
CA GLY M 205 -19.34 39.33 70.77
C GLY M 205 -19.59 40.42 69.74
N ALA M 206 -20.62 41.24 69.98
CA ALA M 206 -20.98 42.31 69.06
C ALA M 206 -20.48 43.69 69.45
N TYR M 207 -19.68 44.30 68.57
CA TYR M 207 -19.13 45.62 68.83
C TYR M 207 -19.61 46.65 67.84
N GLN M 208 -19.85 47.86 68.33
CA GLN M 208 -20.34 48.93 67.47
C GLN M 208 -19.25 49.98 67.20
N PHE M 209 -19.03 50.37 65.94
CA PHE M 209 -18.05 51.42 65.61
C PHE M 209 -18.80 52.50 64.86
N VAL M 210 -18.63 53.75 65.25
CA VAL M 210 -19.33 54.80 64.51
C VAL M 210 -18.38 55.23 63.39
N VAL M 211 -18.88 55.31 62.16
CA VAL M 211 -18.01 55.74 61.09
C VAL M 211 -17.91 57.25 61.12
N PRO M 212 -16.68 57.77 61.11
CA PRO M 212 -16.40 59.21 61.14
C PRO M 212 -17.14 59.96 60.05
N ALA M 213 -17.47 61.21 60.31
CA ALA M 213 -18.19 62.02 59.33
C ALA M 213 -17.54 62.06 57.93
N TRP M 214 -16.26 61.71 57.86
CA TRP M 214 -15.56 61.74 56.58
C TRP M 214 -15.65 60.42 55.81
N ALA M 215 -15.62 59.29 56.53
CA ALA M 215 -15.70 57.99 55.88
C ALA M 215 -17.14 57.54 55.59
N SER M 216 -18.11 58.38 55.97
CA SER M 216 -19.52 58.10 55.76
C SER M 216 -19.90 58.45 54.32
N VAL M 217 -18.88 58.52 53.47
CA VAL M 217 -19.07 58.85 52.07
C VAL M 217 -18.32 57.83 51.21
N LEU M 218 -17.42 57.09 51.84
CA LEU M 218 -16.67 56.09 51.12
C LEU M 218 -17.55 54.93 50.65
N SER M 219 -17.01 54.14 49.72
CA SER M 219 -17.65 52.98 49.11
C SER M 219 -16.57 52.12 48.47
N VAL M 220 -16.55 50.82 48.75
CA VAL M 220 -15.54 49.96 48.15
C VAL M 220 -16.11 48.85 47.30
N THR M 221 -15.23 48.32 46.45
CA THR M 221 -15.54 47.23 45.55
C THR M 221 -14.24 46.46 45.41
N GLY M 222 -14.33 45.20 45.02
CA GLY M 222 -13.13 44.40 44.88
C GLY M 222 -12.23 44.53 46.10
N ALA M 223 -12.82 44.47 47.29
CA ALA M 223 -12.06 44.60 48.53
C ALA M 223 -11.86 43.29 49.30
N TYR M 224 -10.74 43.20 49.99
CA TYR M 224 -10.42 42.04 50.82
C TYR M 224 -10.46 42.62 52.22
N VAL M 225 -11.31 42.10 53.11
CA VAL M 225 -11.36 42.62 54.49
C VAL M 225 -10.70 41.58 55.38
N TYR M 226 -9.69 41.95 56.15
CA TYR M 226 -8.99 40.99 57.00
C TYR M 226 -8.34 41.58 58.24
N PHE M 227 -7.82 40.70 59.09
CA PHE M 227 -7.16 41.10 60.34
C PHE M 227 -5.69 41.39 60.10
N THR M 228 -5.24 42.59 60.46
CA THR M 228 -3.84 42.93 60.23
C THR M 228 -3.23 43.71 61.39
N ASN M 229 -1.91 43.86 61.37
CA ASN M 229 -1.22 44.58 62.43
C ASN M 229 -0.33 45.74 61.97
N SER M 230 -0.43 46.15 60.70
CA SER M 230 0.39 47.23 60.18
C SER M 230 -0.38 48.47 59.69
N PHE M 231 0.20 49.65 59.90
CA PHE M 231 -0.43 50.90 59.45
C PHE M 231 0.59 51.78 58.78
N PHE M 232 0.60 51.74 57.45
CA PHE M 232 1.54 52.50 56.64
C PHE M 232 2.90 51.87 56.73
N GLY M 233 2.93 50.55 56.90
CA GLY M 233 4.19 49.85 57.00
C GLY M 233 4.69 49.88 58.44
N THR M 234 4.08 50.71 59.26
CA THR M 234 4.45 50.81 60.67
C THR M 234 3.63 49.78 61.46
N ILE M 235 4.30 49.04 62.35
CA ILE M 235 3.69 48.00 63.17
C ILE M 235 2.77 48.49 64.28
N ILE M 236 1.56 47.96 64.33
CA ILE M 236 0.59 48.33 65.35
C ILE M 236 0.80 47.34 66.48
N ALA M 237 0.71 47.84 67.72
CA ALA M 237 0.86 46.99 68.88
C ALA M 237 -0.43 47.03 69.68
N GLY M 238 -0.69 45.94 70.40
CA GLY M 238 -1.90 45.84 71.20
C GLY M 238 -3.02 45.27 70.34
N VAL M 239 -2.59 44.43 69.41
CA VAL M 239 -3.50 43.78 68.47
C VAL M 239 -2.81 42.51 68.02
N THR M 240 -3.58 41.44 67.91
CA THR M 240 -3.05 40.16 67.44
C THR M 240 -3.70 39.84 66.12
N ALA M 241 -2.95 39.24 65.21
CA ALA M 241 -3.47 38.88 63.90
C ALA M 241 -3.69 37.39 63.87
N THR M 242 -3.03 36.72 64.80
CA THR M 242 -3.12 35.27 64.92
C THR M 242 -4.57 34.73 64.94
N ALA M 243 -4.73 33.53 64.37
CA ALA M 243 -6.02 32.84 64.29
C ALA M 243 -5.81 31.36 63.88
N THR M 244 -6.74 30.48 64.28
CA THR M 244 -6.66 29.05 63.95
C THR M 244 -7.73 28.64 62.95
N ALA M 245 -7.39 27.66 62.10
CA ALA M 245 -8.32 27.17 61.10
C ALA M 245 -9.68 26.83 61.71
N ALA M 246 -9.70 26.51 63.00
CA ALA M 246 -10.94 26.14 63.70
C ALA M 246 -11.78 27.33 64.20
N ASP M 247 -11.19 28.53 64.20
CA ASP M 247 -11.87 29.73 64.67
C ASP M 247 -13.27 29.93 64.09
N ALA M 248 -14.16 30.45 64.92
CA ALA M 248 -15.53 30.73 64.51
C ALA M 248 -15.50 31.96 63.62
N ALA M 249 -16.23 31.91 62.52
CA ALA M 249 -16.27 33.03 61.58
C ALA M 249 -16.64 34.38 62.19
N THR M 250 -15.94 35.41 61.75
CA THR M 250 -16.17 36.78 62.20
C THR M 250 -16.78 37.50 61.02
N THR M 251 -17.82 38.29 61.25
CA THR M 251 -18.47 39.03 60.16
C THR M 251 -18.89 40.42 60.64
N PHE M 252 -19.52 41.20 59.77
CA PHE M 252 -19.93 42.54 60.13
C PHE M 252 -21.07 43.01 59.21
N THR M 253 -21.87 43.97 59.64
CA THR M 253 -22.95 44.37 58.76
C THR M 253 -23.02 45.86 58.61
N VAL M 254 -23.47 46.27 57.43
CA VAL M 254 -23.59 47.67 57.14
C VAL M 254 -25.07 47.97 57.01
N PRO M 255 -25.48 49.19 57.41
CA PRO M 255 -26.86 49.68 57.36
C PRO M 255 -27.53 49.54 55.99
N THR M 256 -26.73 49.37 54.95
CA THR M 256 -27.28 49.27 53.61
C THR M 256 -27.24 47.89 52.93
N ASP M 257 -26.86 46.85 53.68
CA ASP M 257 -26.83 45.50 53.12
C ASP M 257 -27.19 44.51 54.24
N ALA M 258 -28.42 44.01 54.17
CA ALA M 258 -28.99 43.08 55.16
C ALA M 258 -28.18 41.79 55.33
N ASN M 259 -27.32 41.45 54.38
CA ASN M 259 -26.55 40.22 54.53
C ASN M 259 -25.19 40.45 55.19
N ASN M 260 -24.64 39.41 55.80
CA ASN M 260 -23.36 39.55 56.47
C ASN M 260 -22.15 39.57 55.56
N LEU M 261 -21.15 40.38 55.95
CA LEU M 261 -19.91 40.53 55.19
C LEU M 261 -18.73 39.83 55.88
N PRO M 262 -18.31 38.68 55.35
CA PRO M 262 -17.22 37.86 55.85
C PRO M 262 -15.87 38.54 55.99
N VAL M 263 -15.11 38.11 56.98
CA VAL M 263 -13.80 38.66 57.24
C VAL M 263 -12.78 37.52 57.24
N GLN M 264 -11.60 37.79 56.68
CA GLN M 264 -10.51 36.82 56.55
C GLN M 264 -10.82 35.79 55.46
N THR M 265 -11.65 36.20 54.51
CA THR M 265 -12.07 35.35 53.39
C THR M 265 -11.52 35.81 52.06
N ASP M 266 -11.23 34.85 51.18
CA ASP M 266 -10.71 35.18 49.85
C ASP M 266 -11.75 35.82 48.93
N SER M 267 -12.93 36.14 49.46
CA SER M 267 -13.96 36.75 48.64
C SER M 267 -13.76 38.26 48.54
N ARG M 268 -14.20 38.84 47.44
CA ARG M 268 -14.07 40.27 47.22
C ARG M 268 -15.39 40.99 47.55
N LEU M 269 -15.35 41.83 48.56
CA LEU M 269 -16.54 42.53 49.01
C LEU M 269 -16.87 43.84 48.34
N SER M 270 -18.13 44.22 48.44
CA SER M 270 -18.65 45.48 47.90
C SER M 270 -19.66 46.04 48.90
N PHE M 271 -19.46 47.25 49.37
CA PHE M 271 -20.38 47.82 50.34
C PHE M 271 -20.05 49.28 50.61
N SER M 272 -21.02 50.05 51.08
CA SER M 272 -20.77 51.45 51.36
C SER M 272 -20.66 51.63 52.87
N LEU M 273 -20.13 52.75 53.33
CA LEU M 273 -19.99 52.98 54.76
C LEU M 273 -20.99 54.06 55.17
N GLY M 274 -21.62 54.61 54.15
CA GLY M 274 -22.62 55.63 54.37
C GLY M 274 -23.81 54.90 54.94
N GLY M 275 -24.57 55.59 55.77
CA GLY M 275 -25.73 54.96 56.35
C GLY M 275 -25.72 54.97 57.85
N GLY M 276 -24.68 54.42 58.47
CA GLY M 276 -24.68 54.41 59.92
C GLY M 276 -23.41 53.90 60.54
N ASN M 277 -23.52 52.83 61.32
CA ASN M 277 -22.36 52.26 62.00
C ASN M 277 -22.06 50.85 61.51
N ILE M 278 -20.80 50.43 61.66
CA ILE M 278 -20.38 49.09 61.27
C ILE M 278 -20.70 48.20 62.47
N ASN M 279 -21.32 47.05 62.24
CA ASN M 279 -21.65 46.12 63.33
C ASN M 279 -20.78 44.87 63.26
N LEU M 280 -19.62 44.91 63.91
CA LEU M 280 -18.72 43.78 63.87
C LEU M 280 -19.10 42.67 64.84
N GLU M 281 -19.24 41.46 64.29
CA GLU M 281 -19.57 40.27 65.08
C GLU M 281 -18.26 39.49 65.21
N LEU M 282 -17.54 39.68 66.30
CA LEU M 282 -16.27 38.98 66.47
C LEU M 282 -16.53 37.55 66.89
N GLY M 283 -15.94 36.62 66.16
CA GLY M 283 -16.12 35.20 66.46
C GLY M 283 -15.33 34.75 67.68
N VAL M 284 -14.04 34.52 67.50
CA VAL M 284 -13.19 34.10 68.62
C VAL M 284 -12.75 35.32 69.44
N ALA M 285 -12.65 35.18 70.76
CA ALA M 285 -12.21 36.30 71.59
C ALA M 285 -10.69 36.43 71.37
N LYS M 286 -10.21 37.68 71.24
CA LYS M 286 -8.79 37.91 71.02
C LYS M 286 -8.23 39.20 71.67
N THR M 287 -6.94 39.16 72.01
CA THR M 287 -6.24 40.28 72.65
C THR M 287 -5.85 41.40 71.67
N GLY M 288 -6.84 42.25 71.33
CA GLY M 288 -6.59 43.35 70.41
C GLY M 288 -6.78 42.97 68.95
N PHE M 289 -7.68 43.66 68.25
CA PHE M 289 -7.94 43.35 66.85
C PHE M 289 -7.99 44.56 65.90
N CYS M 290 -7.53 44.34 64.66
CA CYS M 290 -7.53 45.38 63.65
C CYS M 290 -8.12 44.91 62.31
N VAL M 291 -9.31 45.42 62.01
CA VAL M 291 -10.04 45.10 60.79
C VAL M 291 -9.50 45.98 59.67
N ALA M 292 -9.19 45.38 58.53
CA ALA M 292 -8.65 46.12 57.38
C ALA M 292 -9.51 45.95 56.13
N ILE M 293 -9.84 47.06 55.47
CA ILE M 293 -10.62 46.97 54.25
C ILE M 293 -9.73 47.47 53.11
N GLU M 294 -9.18 46.55 52.32
CA GLU M 294 -8.30 46.92 51.20
C GLU M 294 -8.94 46.63 49.85
N GLY M 295 -9.42 47.68 49.18
CA GLY M 295 -10.06 47.52 47.89
C GLY M 295 -9.97 48.78 47.04
N GLU M 296 -11.00 49.03 46.26
CA GLU M 296 -11.02 50.22 45.41
C GLU M 296 -12.03 51.15 46.06
N PHE M 297 -11.59 52.34 46.43
CA PHE M 297 -12.50 53.25 47.09
C PHE M 297 -13.13 54.29 46.19
N THR M 298 -14.40 54.56 46.44
CA THR M 298 -15.17 55.53 45.66
C THR M 298 -15.91 56.48 46.58
N ILE M 299 -16.41 57.57 46.02
CA ILE M 299 -17.17 58.50 46.80
C ILE M 299 -18.61 58.32 46.34
N LEU M 300 -19.50 57.99 47.28
CA LEU M 300 -20.91 57.77 46.97
C LEU M 300 -21.49 58.85 46.09
N ALA M 301 -22.46 58.47 45.27
CA ALA M 301 -23.11 59.41 44.37
C ALA M 301 -23.70 60.62 45.09
N ASN M 302 -23.48 61.80 44.51
CA ASN M 302 -24.01 63.05 45.08
C ASN M 302 -23.64 63.28 46.54
N ARG M 303 -22.46 62.84 46.93
CA ARG M 303 -22.01 63.00 48.30
C ARG M 303 -20.59 63.59 48.31
N SER M 304 -20.07 63.88 47.13
CA SER M 304 -18.74 64.43 47.02
C SER M 304 -18.72 65.87 47.52
N GLN M 305 -19.91 66.40 47.80
CA GLN M 305 -20.05 67.78 48.28
C GLN M 305 -19.26 68.02 49.56
N ALA M 306 -19.16 66.99 50.38
CA ALA M 306 -18.43 67.10 51.64
C ALA M 306 -17.00 67.45 51.35
N TYR M 307 -16.26 66.48 50.83
CA TYR M 307 -14.86 66.64 50.50
C TYR M 307 -14.48 68.00 49.86
N TYR M 308 -15.01 68.26 48.67
CA TYR M 308 -14.69 69.50 47.94
C TYR M 308 -15.25 70.84 48.41
N THR M 309 -16.26 70.85 49.28
CA THR M 309 -16.82 72.11 49.75
C THR M 309 -16.39 72.40 51.19
N LEU M 310 -15.76 71.39 51.81
CA LEU M 310 -15.27 71.48 53.17
C LEU M 310 -16.37 71.37 54.25
N ASN M 311 -17.36 70.50 54.03
CA ASN M 311 -18.42 70.32 55.00
C ASN M 311 -18.13 69.13 55.90
N SER M 312 -17.09 68.39 55.53
CA SER M 312 -16.67 67.25 56.30
C SER M 312 -15.80 67.78 57.44
N ILE M 313 -15.63 69.10 57.45
CA ILE M 313 -14.83 69.78 58.47
C ILE M 313 -15.73 70.30 59.59
N THR M 314 -15.56 69.73 60.78
CA THR M 314 -16.37 70.10 61.94
C THR M 314 -15.58 70.73 63.09
N GLN M 315 -14.38 70.25 63.35
CA GLN M 315 -13.56 70.79 64.43
C GLN M 315 -12.41 71.69 64.00
N THR M 316 -11.99 72.58 64.89
CA THR M 316 -10.89 73.50 64.63
C THR M 316 -9.84 73.31 65.72
N PRO M 317 -8.57 73.08 65.36
CA PRO M 317 -8.03 72.99 64.01
C PRO M 317 -8.29 71.61 63.40
N THR M 318 -8.17 71.52 62.08
CA THR M 318 -8.38 70.29 61.33
C THR M 318 -7.17 69.98 60.48
N SER M 319 -7.08 68.74 60.03
CA SER M 319 -5.97 68.31 59.19
C SER M 319 -6.50 68.13 57.78
N ILE M 320 -5.98 68.84 56.78
CA ILE M 320 -6.48 68.64 55.43
C ILE M 320 -5.45 68.51 54.34
N ASP M 321 -5.92 68.02 53.20
CA ASP M 321 -5.10 67.81 52.01
C ASP M 321 -5.23 69.04 51.12
N ASP M 322 -4.70 68.97 49.90
CA ASP M 322 -4.74 70.10 48.96
C ASP M 322 -5.52 69.80 47.70
N PHE M 323 -6.29 68.72 47.72
CA PHE M 323 -7.05 68.34 46.54
C PHE M 323 -6.05 68.12 45.42
N ASP M 324 -4.85 67.76 45.82
CA ASP M 324 -3.76 67.45 44.89
C ASP M 324 -3.03 68.57 44.12
N VAL M 325 -3.46 69.84 44.22
CA VAL M 325 -2.77 70.93 43.49
C VAL M 325 -1.26 70.74 43.49
N SER M 326 -0.72 70.36 44.64
CA SER M 326 0.71 70.13 44.77
C SER M 326 1.28 69.38 43.56
N ASP M 327 0.56 68.34 43.12
CA ASP M 327 0.97 67.51 42.00
C ASP M 327 0.90 68.20 40.65
N PHE M 328 0.29 69.38 40.60
CA PHE M 328 0.20 70.08 39.34
C PHE M 328 1.15 71.26 39.30
N LEU M 329 1.48 71.80 40.46
CA LEU M 329 2.37 72.94 40.49
C LEU M 329 3.79 72.56 40.04
N THR M 330 4.14 71.29 40.17
CA THR M 330 5.47 70.81 39.79
C THR M 330 6.14 71.51 38.62
N THR M 331 5.55 71.39 37.43
CA THR M 331 6.17 72.06 36.27
C THR M 331 6.38 73.56 36.49
N PHE M 332 5.30 74.29 36.77
CA PHE M 332 5.41 75.75 36.98
C PHE M 332 6.53 76.10 37.92
N LEU M 333 6.64 75.38 39.02
CA LEU M 333 7.69 75.65 39.99
C LEU M 333 9.03 75.47 39.28
N SER M 334 9.23 74.28 38.70
CA SER M 334 10.45 73.98 38.01
C SER M 334 10.88 75.11 37.07
N GLN M 335 9.91 75.74 36.41
CA GLN M 335 10.23 76.83 35.50
C GLN M 335 10.66 78.04 36.32
N LEU M 336 9.90 78.33 37.38
CA LEU M 336 10.21 79.47 38.24
C LEU M 336 11.66 79.44 38.71
N ARG M 337 12.13 78.27 39.16
CA ARG M 337 13.51 78.16 39.64
C ARG M 337 14.48 78.30 38.49
N ALA M 338 14.04 77.93 37.30
CA ALA M 338 14.90 78.01 36.13
C ALA M 338 15.37 79.41 35.83
N CYS M 339 14.47 80.38 36.00
CA CYS M 339 14.80 81.77 35.72
C CYS M 339 14.85 82.66 36.96
N GLY M 340 15.20 82.06 38.10
CA GLY M 340 15.32 82.80 39.36
C GLY M 340 14.20 83.74 39.77
N GLN M 341 12.97 83.32 39.51
CA GLN M 341 11.80 84.12 39.87
C GLN M 341 11.14 83.51 41.09
N TYR M 342 11.54 82.28 41.42
CA TYR M 342 10.98 81.55 42.55
C TYR M 342 10.76 82.43 43.77
N GLU M 343 11.80 83.19 44.16
CA GLU M 343 11.71 84.07 45.30
C GLU M 343 10.69 85.18 45.07
N ILE M 344 10.90 85.95 44.00
CA ILE M 344 9.99 87.05 43.69
C ILE M 344 8.55 86.58 43.63
N PHE M 345 8.31 85.42 43.03
CA PHE M 345 6.95 84.91 42.92
C PHE M 345 6.38 84.66 44.29
N SER M 346 7.13 83.94 45.13
CA SER M 346 6.65 83.65 46.47
C SER M 346 6.17 84.94 47.14
N ASP M 347 7.04 85.94 47.22
CA ASP M 347 6.68 87.23 47.82
C ASP M 347 5.34 87.70 47.24
N ALA M 348 5.27 87.78 45.92
CA ALA M 348 4.04 88.24 45.26
C ALA M 348 2.83 87.42 45.66
N MET M 349 3.05 86.14 45.98
CA MET M 349 1.94 85.28 46.36
C MET M 349 1.49 85.58 47.77
N ASP M 350 2.45 85.57 48.69
CA ASP M 350 2.13 85.85 50.09
C ASP M 350 1.23 87.08 50.08
N GLN M 351 1.60 88.04 49.22
CA GLN M 351 0.88 89.31 49.00
C GLN M 351 -0.57 89.02 48.61
N LEU M 352 -0.71 88.24 47.51
CA LEU M 352 -1.99 87.81 46.91
C LEU M 352 -2.80 87.22 47.98
N THR M 353 -2.25 86.19 48.59
CA THR M 353 -2.92 85.51 49.69
C THR M 353 -3.43 86.48 50.77
N ASN M 354 -2.57 87.40 51.20
CA ASN M 354 -2.98 88.36 52.24
C ASN M 354 -4.16 89.22 51.80
N SER M 355 -4.03 89.85 50.64
CA SER M 355 -5.09 90.71 50.10
C SER M 355 -6.39 89.92 49.99
N LEU M 356 -6.26 88.63 49.66
CA LEU M 356 -7.42 87.77 49.53
C LEU M 356 -8.07 87.64 50.90
N ILE M 357 -7.34 87.07 51.86
CA ILE M 357 -7.81 86.90 53.23
C ILE M 357 -8.54 88.17 53.66
N THR M 358 -7.92 89.30 53.37
CA THR M 358 -8.47 90.60 53.72
C THR M 358 -9.92 90.79 53.30
N ASN M 359 -10.17 90.86 52.00
CA ASN M 359 -11.52 91.08 51.50
C ASN M 359 -12.60 90.15 52.05
N TYR M 360 -12.22 89.19 52.87
CA TYR M 360 -13.20 88.28 53.41
C TYR M 360 -13.66 88.63 54.82
N MET M 361 -12.93 89.52 55.48
CA MET M 361 -13.33 89.92 56.83
C MET M 361 -13.52 91.39 57.03
N ASP M 362 -14.72 91.73 57.44
CA ASP M 362 -15.11 93.09 57.74
C ASP M 362 -14.93 93.31 59.25
N PRO M 363 -14.20 94.36 59.66
CA PRO M 363 -13.55 95.33 58.77
C PRO M 363 -12.24 94.90 58.09
N PRO M 364 -12.00 95.42 56.87
CA PRO M 364 -10.85 95.21 55.98
C PRO M 364 -9.43 95.22 56.58
N ALA M 365 -9.08 94.25 57.40
CA ALA M 365 -7.73 94.21 57.95
C ALA M 365 -7.30 92.79 58.21
N ILE M 366 -6.03 92.51 57.93
CA ILE M 366 -5.48 91.19 58.16
C ILE M 366 -5.75 90.76 59.61
N PRO M 367 -6.37 89.59 59.85
CA PRO M 367 -6.62 89.19 61.25
C PRO M 367 -5.32 89.05 62.05
N ALA M 368 -5.41 89.19 63.36
CA ALA M 368 -4.22 89.07 64.18
C ALA M 368 -3.88 87.61 64.41
N GLY M 369 -2.61 87.32 64.68
CA GLY M 369 -2.16 85.95 64.94
C GLY M 369 -1.90 85.10 63.70
N LEU M 370 -2.15 85.69 62.55
CA LEU M 370 -1.96 85.02 61.27
C LEU M 370 -0.51 85.05 60.81
N ALA M 371 0.07 83.87 60.72
CA ALA M 371 1.46 83.73 60.29
C ALA M 371 1.57 82.36 59.66
N PHE M 372 1.95 82.33 58.38
CA PHE M 372 2.08 81.07 57.67
C PHE M 372 3.39 80.39 57.99
N THR M 373 3.36 79.07 58.04
CA THR M 373 4.56 78.30 58.34
C THR M 373 5.18 77.76 57.07
N SER M 374 4.47 77.90 55.95
CA SER M 374 4.92 77.42 54.66
C SER M 374 4.61 78.34 53.47
N PRO M 375 5.36 78.19 52.37
CA PRO M 375 5.16 79.01 51.17
C PRO M 375 3.86 78.72 50.44
N TRP M 376 3.53 79.54 49.46
CA TRP M 376 2.29 79.44 48.69
C TRP M 376 1.98 78.10 48.05
N PHE M 377 2.99 77.27 47.86
CA PHE M 377 2.77 76.01 47.20
C PHE M 377 2.69 74.76 48.06
N ARG M 378 2.52 74.93 49.37
CA ARG M 378 2.37 73.78 50.24
C ARG M 378 0.99 73.96 50.82
N PHE M 379 0.04 74.12 49.92
CA PHE M 379 -1.36 74.37 50.23
C PHE M 379 -1.95 73.61 51.40
N SER M 380 -1.57 72.36 51.56
CA SER M 380 -2.09 71.56 52.68
C SER M 380 -1.88 72.31 53.98
N GLU M 381 -0.66 72.80 54.19
CA GLU M 381 -0.31 73.54 55.38
C GLU M 381 -0.99 74.90 55.47
N ARG M 382 -0.88 75.69 54.42
CA ARG M 382 -1.52 77.00 54.44
C ARG M 382 -3.01 76.93 54.70
N ALA M 383 -3.65 75.88 54.19
CA ALA M 383 -5.08 75.72 54.38
C ALA M 383 -5.30 75.41 55.84
N ARG M 384 -4.38 74.66 56.42
CA ARG M 384 -4.46 74.30 57.83
C ARG M 384 -4.52 75.57 58.66
N THR M 385 -3.51 76.41 58.46
CA THR M 385 -3.39 77.67 59.16
C THR M 385 -4.61 78.55 58.95
N ILE M 386 -5.08 78.68 57.71
CA ILE M 386 -6.25 79.52 57.47
C ILE M 386 -7.48 78.97 58.18
N LEU M 387 -7.61 77.66 58.26
CA LEU M 387 -8.76 77.06 58.91
C LEU M 387 -8.61 77.04 60.42
N ALA M 388 -7.44 77.46 60.92
CA ALA M 388 -7.20 77.46 62.36
C ALA M 388 -7.18 78.85 63.00
N LEU M 389 -8.02 79.75 62.49
CA LEU M 389 -8.09 81.11 63.02
C LEU M 389 -9.33 81.31 63.90
N GLN M 390 -9.11 81.29 65.21
CA GLN M 390 -10.19 81.47 66.18
C GLN M 390 -11.01 82.74 65.94
N ASN M 391 -10.38 83.72 65.30
CA ASN M 391 -11.01 85.00 65.02
C ASN M 391 -12.26 84.94 64.15
N VAL M 392 -12.10 84.44 62.93
CA VAL M 392 -13.19 84.37 61.96
C VAL M 392 -14.10 83.16 62.04
N ASP M 393 -15.36 83.34 61.62
CA ASP M 393 -16.35 82.27 61.62
C ASP M 393 -15.81 81.14 60.77
N LEU M 394 -16.28 79.93 61.04
CA LEU M 394 -15.81 78.79 60.28
C LEU M 394 -16.08 78.95 58.80
N ASN M 395 -17.26 79.47 58.48
CA ASN M 395 -17.66 79.66 57.09
C ASN M 395 -16.68 80.48 56.27
N ILE M 396 -16.41 81.69 56.73
CA ILE M 396 -15.50 82.58 56.02
C ILE M 396 -14.10 81.99 55.92
N ARG M 397 -13.79 81.04 56.79
CA ARG M 397 -12.48 80.39 56.73
C ARG M 397 -12.47 79.47 55.52
N LYS M 398 -13.48 78.61 55.45
CA LYS M 398 -13.65 77.65 54.37
C LYS M 398 -13.60 78.36 53.03
N LEU M 399 -14.53 79.29 52.82
CA LEU M 399 -14.58 80.04 51.58
C LEU M 399 -13.20 80.55 51.18
N ILE M 400 -12.43 81.02 52.15
CA ILE M 400 -11.09 81.49 51.82
C ILE M 400 -10.25 80.33 51.30
N VAL M 401 -10.19 79.22 52.04
CA VAL M 401 -9.41 78.09 51.55
C VAL M 401 -9.78 77.72 50.13
N ARG M 402 -11.07 77.58 49.87
CA ARG M 402 -11.55 77.23 48.54
C ARG M 402 -11.07 78.25 47.52
N HIS M 403 -11.40 79.51 47.76
CA HIS M 403 -11.03 80.59 46.87
C HIS M 403 -9.52 80.61 46.62
N LEU M 404 -8.74 80.45 47.70
CA LEU M 404 -7.28 80.44 47.59
C LEU M 404 -6.89 79.30 46.67
N TRP M 405 -7.59 78.18 46.81
CA TRP M 405 -7.31 77.00 46.00
C TRP M 405 -7.48 77.30 44.51
N VAL M 406 -8.67 77.72 44.12
CA VAL M 406 -8.94 78.03 42.72
C VAL M 406 -7.89 78.90 42.07
N ILE M 407 -7.40 79.91 42.79
CA ILE M 407 -6.37 80.77 42.26
C ILE M 407 -5.11 79.95 42.10
N THR M 408 -4.75 79.21 43.15
CA THR M 408 -3.56 78.38 43.09
C THR M 408 -3.63 77.48 41.86
N SER M 409 -4.74 76.73 41.75
CA SER M 409 -4.92 75.82 40.62
C SER M 409 -4.70 76.57 39.30
N LEU M 410 -5.37 77.70 39.14
CA LEU M 410 -5.23 78.49 37.93
C LEU M 410 -3.74 78.72 37.61
N ILE M 411 -2.99 79.19 38.59
CA ILE M 411 -1.58 79.43 38.38
C ILE M 411 -0.89 78.18 37.85
N ALA M 412 -1.13 77.05 38.52
CA ALA M 412 -0.54 75.77 38.15
C ALA M 412 -0.78 75.41 36.69
N VAL M 413 -1.88 75.94 36.16
CA VAL M 413 -2.27 75.68 34.79
C VAL M 413 -1.70 76.65 33.78
N PHE M 414 -1.82 77.96 34.07
CA PHE M 414 -1.36 79.01 33.17
C PHE M 414 0.14 79.31 33.15
N GLY M 415 0.81 79.25 34.29
CA GLY M 415 2.22 79.59 34.30
C GLY M 415 3.19 78.67 33.58
N ARG M 416 2.83 77.40 33.48
CA ARG M 416 3.69 76.40 32.86
C ARG M 416 4.68 76.80 31.77
N TYR M 417 4.28 77.68 30.85
CA TYR M 417 5.20 78.06 29.78
C TYR M 417 6.04 79.31 30.01
N TYR M 418 6.06 79.79 31.24
CA TYR M 418 6.80 80.99 31.63
C TYR M 418 8.31 80.97 31.30
N ARG M 419 8.79 82.03 30.64
CA ARG M 419 10.22 82.14 30.25
C ARG M 419 10.36 83.57 29.74
N PRO M 420 10.70 84.51 30.65
CA PRO M 420 10.90 85.94 30.48
C PRO M 420 12.03 86.44 29.61
N ASN M 421 13.21 85.86 29.92
CA ASN M 421 14.53 86.26 29.43
C ASN M 421 14.58 87.44 28.35
N MET N 1 -30.27 38.59 20.59
CA MET N 1 -30.22 37.33 19.79
C MET N 1 -28.92 36.60 20.13
N SER N 2 -28.16 36.29 19.10
CA SER N 2 -26.90 35.58 19.26
C SER N 2 -26.15 36.09 20.48
N ARG N 3 -25.30 35.24 21.05
CA ARG N 3 -24.51 35.68 22.18
C ARG N 3 -23.59 36.74 21.59
N GLN N 4 -23.03 36.46 20.43
CA GLN N 4 -22.13 37.40 19.77
C GLN N 4 -22.83 38.71 19.54
N MET N 5 -24.12 38.60 19.22
CA MET N 5 -24.95 39.76 18.96
C MET N 5 -25.07 40.66 20.19
N TRP N 6 -24.97 40.07 21.39
CA TRP N 6 -25.05 40.86 22.61
C TRP N 6 -23.68 41.47 22.85
N LEU N 7 -22.66 40.63 22.92
CA LEU N 7 -21.29 41.12 23.14
C LEU N 7 -21.00 42.26 22.18
N ASP N 8 -21.35 42.10 20.92
CA ASP N 8 -21.13 43.15 19.94
C ASP N 8 -21.70 44.46 20.45
N THR N 9 -22.94 44.46 20.92
CA THR N 9 -23.55 45.69 21.42
C THR N 9 -22.92 46.15 22.72
N SER N 10 -22.61 45.20 23.61
CA SER N 10 -21.98 45.56 24.87
C SER N 10 -20.77 46.42 24.50
N ALA N 11 -19.93 45.88 23.63
CA ALA N 11 -18.72 46.57 23.18
C ALA N 11 -19.02 47.99 22.67
N LEU N 12 -20.13 48.12 21.97
CA LEU N 12 -20.52 49.42 21.44
C LEU N 12 -20.93 50.36 22.55
N LEU N 13 -21.42 49.84 23.66
CA LEU N 13 -21.80 50.70 24.77
C LEU N 13 -20.58 51.10 25.59
N GLU N 14 -19.63 50.17 25.71
CA GLU N 14 -18.38 50.43 26.44
C GLU N 14 -17.59 51.43 25.62
N ALA N 15 -17.88 51.46 24.32
CA ALA N 15 -17.22 52.39 23.42
C ALA N 15 -17.86 53.76 23.62
N ILE N 16 -19.18 53.78 23.76
CA ILE N 16 -19.88 55.04 23.99
C ILE N 16 -19.26 55.66 25.22
N SER N 17 -19.11 54.86 26.27
CA SER N 17 -18.50 55.33 27.51
C SER N 17 -17.10 55.88 27.27
N GLU N 18 -16.19 55.01 26.81
CA GLU N 18 -14.82 55.43 26.54
C GLU N 18 -14.76 56.80 25.89
N TYR N 19 -15.45 56.97 24.77
CA TYR N 19 -15.41 58.25 24.07
C TYR N 19 -16.11 59.38 24.85
N VAL N 20 -17.02 59.03 25.74
CA VAL N 20 -17.66 60.06 26.54
C VAL N 20 -16.63 60.58 27.51
N VAL N 21 -15.95 59.68 28.20
CA VAL N 21 -14.93 60.12 29.13
C VAL N 21 -13.82 60.88 28.40
N ARG N 22 -13.66 60.60 27.11
CA ARG N 22 -12.62 61.26 26.32
C ARG N 22 -13.02 62.68 26.00
N CYS N 23 -14.30 62.86 25.72
CA CYS N 23 -14.84 64.15 25.36
C CYS N 23 -15.11 65.05 26.55
N ASN N 24 -14.99 64.54 27.77
CA ASN N 24 -15.25 65.39 28.93
C ASN N 24 -14.29 66.58 29.02
N GLY N 25 -14.83 67.80 29.07
CA GLY N 25 -13.98 68.97 29.19
C GLY N 25 -13.12 69.28 27.98
N ASP N 26 -13.33 68.52 26.91
CA ASP N 26 -12.59 68.71 25.67
C ASP N 26 -13.65 68.97 24.60
N THR N 27 -14.63 69.78 24.95
CA THR N 27 -15.72 70.10 24.02
C THR N 27 -15.75 71.60 23.86
N PHE N 28 -15.03 72.13 22.87
CA PHE N 28 -15.02 73.56 22.74
C PHE N 28 -15.91 74.18 21.65
N SER N 29 -16.00 75.51 21.68
CA SER N 29 -16.87 76.28 20.80
C SER N 29 -16.67 76.18 19.28
N GLY N 30 -15.68 76.85 18.71
CA GLY N 30 -15.54 76.68 17.27
C GLY N 30 -14.57 75.56 16.98
N LEU N 31 -14.80 74.38 17.54
CA LEU N 31 -13.86 73.29 17.36
C LEU N 31 -14.55 71.96 17.48
N THR N 32 -14.43 71.11 16.46
CA THR N 32 -15.07 69.80 16.54
C THR N 32 -13.99 68.75 16.61
N THR N 33 -13.72 68.28 17.83
CA THR N 33 -12.72 67.26 18.08
C THR N 33 -13.08 65.96 17.37
N GLY N 34 -12.07 65.17 17.01
CA GLY N 34 -12.34 63.91 16.35
C GLY N 34 -13.06 62.94 17.28
N ASP N 35 -12.79 63.04 18.58
CA ASP N 35 -13.41 62.15 19.55
C ASP N 35 -14.91 62.39 19.62
N PHE N 36 -15.30 63.65 19.75
CA PHE N 36 -16.71 63.99 19.83
C PHE N 36 -17.42 63.51 18.59
N ASN N 37 -16.80 63.71 17.44
CA ASN N 37 -17.37 63.30 16.18
C ASN N 37 -17.64 61.79 16.20
N ALA N 38 -16.69 61.02 16.71
CA ALA N 38 -16.88 59.58 16.79
C ALA N 38 -18.04 59.31 17.73
N LEU N 39 -17.92 59.82 18.94
CA LEU N 39 -18.95 59.63 19.96
C LEU N 39 -20.32 59.87 19.35
N SER N 40 -20.46 60.99 18.65
CA SER N 40 -21.72 61.34 18.02
C SER N 40 -22.22 60.23 17.12
N ASN N 41 -21.37 59.79 16.20
CA ASN N 41 -21.76 58.73 15.30
C ASN N 41 -22.05 57.45 16.01
N MET N 42 -21.50 57.27 17.19
CA MET N 42 -21.79 56.06 17.91
C MET N 42 -23.17 56.18 18.51
N PHE N 43 -23.53 57.39 18.94
CA PHE N 43 -24.85 57.63 19.50
C PHE N 43 -25.89 57.27 18.45
N THR N 44 -25.67 57.75 17.24
CA THR N 44 -26.58 57.48 16.13
C THR N 44 -26.68 55.98 15.88
N GLN N 45 -25.52 55.34 15.72
CA GLN N 45 -25.47 53.90 15.48
C GLN N 45 -26.21 53.08 16.54
N LEU N 46 -26.58 53.71 17.65
CA LEU N 46 -27.28 53.02 18.73
C LEU N 46 -28.79 53.11 18.55
N SER N 47 -29.29 54.34 18.49
CA SER N 47 -30.73 54.61 18.34
C SER N 47 -31.09 55.09 16.93
N ASP N 56 -30.07 66.77 22.09
CA ASP N 56 -29.67 66.11 23.34
C ASP N 56 -29.43 64.63 23.05
N PRO N 57 -28.57 63.96 23.84
CA PRO N 57 -28.25 62.54 23.68
C PRO N 57 -28.45 61.75 24.96
N ARG N 58 -28.85 62.46 26.01
CA ARG N 58 -29.06 61.85 27.31
C ARG N 58 -30.39 61.11 27.37
N VAL N 59 -31.39 61.64 26.67
CA VAL N 59 -32.73 61.05 26.64
C VAL N 59 -32.73 59.61 26.12
N PRO N 60 -32.12 59.38 24.95
CA PRO N 60 -32.04 58.06 24.33
C PRO N 60 -31.31 57.04 25.18
N LEU N 61 -30.12 57.40 25.65
CA LEU N 61 -29.36 56.50 26.48
C LEU N 61 -30.26 56.00 27.59
N GLN N 62 -31.07 56.91 28.11
CA GLN N 62 -32.01 56.61 29.19
C GLN N 62 -33.06 55.60 28.74
N THR N 63 -33.79 55.94 27.69
CA THR N 63 -34.82 55.05 27.16
C THR N 63 -34.26 53.63 27.07
N MET N 64 -33.05 53.52 26.56
CA MET N 64 -32.39 52.23 26.38
C MET N 64 -32.13 51.47 27.67
N SER N 65 -31.63 52.15 28.70
CA SER N 65 -31.38 51.48 29.96
C SER N 65 -32.72 50.99 30.50
N ASN N 66 -33.72 51.86 30.48
CA ASN N 66 -35.05 51.52 30.94
C ASN N 66 -35.50 50.22 30.32
N MET N 67 -35.72 50.24 29.00
CA MET N 67 -36.15 49.04 28.33
C MET N 67 -35.26 47.85 28.66
N PHE N 68 -33.99 48.08 29.00
CA PHE N 68 -33.13 46.94 29.35
C PHE N 68 -33.52 46.35 30.70
N VAL N 69 -33.65 47.21 31.69
CA VAL N 69 -34.01 46.75 33.02
C VAL N 69 -35.33 45.99 32.89
N SER N 70 -36.27 46.62 32.18
CA SER N 70 -37.58 46.05 31.93
C SER N 70 -37.45 44.62 31.37
N PHE N 71 -36.48 44.41 30.48
CA PHE N 71 -36.21 43.13 29.85
C PHE N 71 -35.57 42.10 30.77
N ILE N 72 -34.35 42.38 31.22
CA ILE N 72 -33.64 41.46 32.10
C ILE N 72 -34.41 41.23 33.40
N THR N 73 -35.49 41.97 33.60
CA THR N 73 -36.33 41.85 34.80
C THR N 73 -37.28 40.65 34.75
N SER N 74 -38.08 40.56 33.68
CA SER N 74 -39.06 39.49 33.48
C SER N 74 -38.48 38.20 32.84
N THR N 75 -38.52 37.10 33.59
CA THR N 75 -38.00 35.81 33.13
C THR N 75 -38.65 35.33 31.83
N ASP N 76 -39.84 35.83 31.55
CA ASP N 76 -40.58 35.45 30.34
C ASP N 76 -39.91 36.05 29.11
N ARG N 77 -39.38 37.27 29.24
CA ARG N 77 -38.72 37.94 28.12
C ARG N 77 -37.34 37.33 27.80
N CYS N 78 -36.39 37.51 28.72
CA CYS N 78 -35.02 37.02 28.56
C CYS N 78 -34.81 35.55 28.86
N GLY N 79 -35.88 34.77 28.88
CA GLY N 79 -35.71 33.36 29.19
C GLY N 79 -34.65 32.66 28.37
N TYR N 80 -34.67 32.91 27.08
CA TYR N 80 -33.73 32.27 26.17
C TYR N 80 -32.26 32.48 26.53
N MET N 81 -31.90 33.66 27.05
CA MET N 81 -30.51 33.94 27.41
C MET N 81 -30.03 33.10 28.58
N LEU N 82 -30.98 32.49 29.26
CA LEU N 82 -30.69 31.70 30.43
C LEU N 82 -30.53 30.23 30.14
N ARG N 83 -30.78 29.82 28.90
CA ARG N 83 -30.66 28.41 28.55
C ARG N 83 -29.20 27.99 28.31
N LYS N 84 -28.88 26.78 28.75
CA LYS N 84 -27.55 26.21 28.60
C LYS N 84 -27.03 26.39 27.17
N THR N 85 -27.95 26.53 26.23
CA THR N 85 -27.61 26.66 24.82
C THR N 85 -27.14 28.03 24.34
N TRP N 86 -27.65 29.11 24.94
CA TRP N 86 -27.28 30.47 24.54
C TRP N 86 -25.81 30.79 24.75
N PHE N 87 -25.23 30.18 25.77
CA PHE N 87 -23.85 30.40 26.12
C PHE N 87 -22.93 29.45 25.35
N ASN N 88 -23.47 28.30 24.93
CA ASN N 88 -22.71 27.28 24.20
C ASN N 88 -22.47 27.46 22.71
N SER N 89 -23.40 28.12 22.02
CA SER N 89 -23.24 28.30 20.57
C SER N 89 -23.65 29.63 19.97
N ASP N 90 -23.10 29.89 18.79
CA ASP N 90 -23.37 31.11 18.03
C ASP N 90 -24.60 30.90 17.13
N THR N 91 -25.58 30.12 17.57
CA THR N 91 -26.78 29.90 16.76
C THR N 91 -27.86 30.94 17.00
N LYS N 92 -28.19 31.65 15.94
CA LYS N 92 -29.21 32.69 15.98
C LYS N 92 -30.51 32.07 16.50
N PRO N 93 -31.08 32.65 17.55
CA PRO N 93 -32.33 32.14 18.13
C PRO N 93 -33.60 32.78 17.61
N THR N 94 -34.72 32.07 17.81
CA THR N 94 -36.03 32.52 17.39
C THR N 94 -36.68 33.25 18.55
N VAL N 95 -36.65 34.58 18.51
CA VAL N 95 -37.24 35.39 19.56
C VAL N 95 -37.65 36.75 19.06
N SER N 96 -38.83 37.18 19.49
CA SER N 96 -39.34 38.47 19.09
C SER N 96 -39.71 39.31 20.31
N ASP N 97 -38.73 40.07 20.77
CA ASP N 97 -38.91 40.96 21.91
C ASP N 97 -38.40 42.30 21.38
N ASP N 98 -39.31 43.28 21.29
CA ASP N 98 -38.97 44.60 20.76
C ASP N 98 -37.82 45.32 21.48
N PHE N 99 -37.05 44.58 22.29
CA PHE N 99 -35.89 45.21 22.88
C PHE N 99 -34.77 44.71 21.99
N ILE N 100 -34.60 43.39 21.97
CA ILE N 100 -33.58 42.75 21.15
C ILE N 100 -33.72 43.26 19.72
N THR N 101 -34.96 43.37 19.26
CA THR N 101 -35.22 43.85 17.90
C THR N 101 -34.67 45.26 17.68
N THR N 102 -34.73 46.09 18.72
CA THR N 102 -34.28 47.47 18.59
C THR N 102 -32.83 47.75 18.95
N TYR N 103 -32.29 47.03 19.92
CA TYR N 103 -30.92 47.28 20.35
C TYR N 103 -29.86 46.22 20.07
N ILE N 104 -30.19 44.95 20.16
CA ILE N 104 -29.17 43.94 19.91
C ILE N 104 -29.08 43.50 18.46
N ARG N 105 -27.90 43.71 17.87
CA ARG N 105 -27.61 43.34 16.50
C ARG N 105 -26.10 43.47 16.33
N PRO N 106 -25.53 42.91 15.25
CA PRO N 106 -24.08 43.01 15.07
C PRO N 106 -23.64 44.45 14.84
N ARG N 107 -22.58 44.86 15.50
CA ARG N 107 -22.10 46.22 15.35
C ARG N 107 -20.60 46.28 15.08
N LEU N 108 -19.90 45.18 15.31
CA LEU N 108 -18.47 45.15 15.04
C LEU N 108 -18.23 44.78 13.59
N GLN N 109 -17.11 45.20 13.06
CA GLN N 109 -16.80 44.92 11.67
C GLN N 109 -15.94 43.67 11.55
N VAL N 110 -16.43 42.70 10.81
CA VAL N 110 -15.70 41.48 10.59
C VAL N 110 -15.15 41.54 9.17
N PRO N 111 -13.98 40.97 8.94
CA PRO N 111 -13.12 40.25 9.89
C PRO N 111 -12.16 41.19 10.61
N MET N 112 -11.96 42.36 10.02
CA MET N 112 -11.06 43.40 10.56
C MET N 112 -10.98 43.48 12.07
N SER N 113 -12.14 43.68 12.70
CA SER N 113 -12.25 43.81 14.13
C SER N 113 -11.51 42.74 14.91
N ASP N 114 -11.59 41.52 14.42
CA ASP N 114 -10.93 40.39 15.05
C ASP N 114 -9.43 40.49 14.82
N THR N 115 -9.05 40.73 13.57
CA THR N 115 -7.66 40.86 13.20
C THR N 115 -6.97 41.84 14.16
N VAL N 116 -7.62 42.97 14.40
CA VAL N 116 -7.04 43.96 15.31
C VAL N 116 -6.86 43.34 16.69
N ARG N 117 -7.92 42.73 17.20
CA ARG N 117 -7.91 42.11 18.53
C ARG N 117 -6.69 41.25 18.82
N GLN N 118 -6.19 40.55 17.80
CA GLN N 118 -5.03 39.69 17.97
C GLN N 118 -3.77 40.53 17.86
N LEU N 119 -3.74 41.45 16.90
CA LEU N 119 -2.58 42.31 16.76
C LEU N 119 -2.34 42.95 18.11
N ASN N 120 -3.43 43.13 18.84
CA ASN N 120 -3.36 43.77 20.15
C ASN N 120 -2.67 42.95 21.21
N ASN N 121 -2.79 41.63 21.14
CA ASN N 121 -2.15 40.83 22.17
C ASN N 121 -0.65 40.97 22.11
N LEU N 122 -0.14 41.36 20.95
CA LEU N 122 1.29 41.53 20.81
C LEU N 122 1.73 42.97 21.06
N SER N 123 0.77 43.84 21.35
CA SER N 123 1.08 45.25 21.60
C SER N 123 1.94 45.50 22.82
N LEU N 124 2.86 46.45 22.70
CA LEU N 124 3.80 46.81 23.76
C LEU N 124 3.15 47.23 25.07
N GLN N 125 2.27 48.21 25.00
CA GLN N 125 1.61 48.69 26.20
C GLN N 125 0.10 48.63 26.11
N PRO N 126 -0.49 47.44 26.35
CA PRO N 126 -1.94 47.24 26.30
C PRO N 126 -2.60 48.01 27.42
N SER N 127 -3.92 47.99 27.49
CA SER N 127 -4.57 48.73 28.56
C SER N 127 -4.27 48.10 29.90
N ALA N 128 -3.97 48.93 30.88
CA ALA N 128 -3.67 48.45 32.22
C ALA N 128 -4.90 47.87 32.89
N LYS N 129 -6.06 48.45 32.58
CA LYS N 129 -7.34 48.02 33.14
C LYS N 129 -8.35 47.94 32.00
N PRO N 130 -8.39 46.80 31.29
CA PRO N 130 -9.26 46.48 30.15
C PRO N 130 -10.75 46.57 30.37
N LYS N 131 -11.49 46.62 29.25
CA LYS N 131 -12.95 46.72 29.26
C LYS N 131 -13.54 45.35 29.59
N LEU N 132 -14.82 45.34 29.93
CA LEU N 132 -15.49 44.08 30.25
C LEU N 132 -15.41 43.17 29.06
N TYR N 133 -15.61 43.76 27.88
CA TYR N 133 -15.58 43.04 26.62
C TYR N 133 -14.47 41.97 26.61
N GLU N 134 -13.22 42.40 26.72
CA GLU N 134 -12.10 41.47 26.72
C GLU N 134 -12.31 40.31 27.68
N ARG N 135 -12.89 40.58 28.84
CA ARG N 135 -13.12 39.54 29.83
C ARG N 135 -14.21 38.61 29.34
N GLN N 136 -15.32 39.20 28.89
CA GLN N 136 -16.45 38.44 28.37
C GLN N 136 -15.93 37.42 27.37
N ASN N 137 -15.16 37.86 26.38
CA ASN N 137 -14.60 36.96 25.36
C ASN N 137 -13.80 35.82 25.97
N ALA N 138 -12.86 36.14 26.84
CA ALA N 138 -12.03 35.10 27.46
C ALA N 138 -12.90 34.07 28.15
N ILE N 139 -13.82 34.55 28.99
CA ILE N 139 -14.73 33.70 29.73
C ILE N 139 -15.70 32.91 28.85
N MET N 140 -16.29 33.56 27.88
CA MET N 140 -17.26 32.89 27.03
C MET N 140 -16.71 32.07 25.88
N LYS N 141 -16.01 32.71 24.94
CA LYS N 141 -15.47 32.00 23.78
C LYS N 141 -14.09 31.42 24.02
N GLY N 142 -13.49 31.77 25.16
CA GLY N 142 -12.17 31.25 25.47
C GLY N 142 -11.07 31.85 24.62
N LEU N 143 -11.10 33.17 24.47
CA LEU N 143 -10.12 33.88 23.68
C LEU N 143 -8.89 34.18 24.51
N ASP N 144 -7.88 34.73 23.84
CA ASP N 144 -6.63 35.10 24.49
C ASP N 144 -6.70 36.54 25.02
N ILE N 145 -5.89 36.81 26.04
CA ILE N 145 -5.80 38.11 26.68
C ILE N 145 -4.39 38.58 26.28
N PRO N 146 -4.18 39.89 26.14
CA PRO N 146 -2.86 40.42 25.76
C PRO N 146 -1.71 39.86 26.56
N TYR N 147 -0.64 39.50 25.86
CA TYR N 147 0.52 38.93 26.50
C TYR N 147 1.17 39.85 27.52
N SER N 148 1.10 41.15 27.27
CA SER N 148 1.75 42.10 28.18
C SER N 148 0.85 42.78 29.24
N GLU N 149 -0.41 42.38 29.32
CA GLU N 149 -1.36 42.95 30.29
C GLU N 149 -1.02 42.43 31.67
N PRO N 150 -1.09 43.27 32.70
CA PRO N 150 -0.78 42.80 34.05
C PRO N 150 -1.99 42.46 34.92
N ILE N 151 -1.81 41.50 35.84
CA ILE N 151 -2.86 41.11 36.78
C ILE N 151 -2.26 40.99 38.17
N GLU N 152 -3.12 41.06 39.18
CA GLU N 152 -2.67 40.95 40.55
C GLU N 152 -2.76 39.45 40.91
N PRO N 153 -1.61 38.79 41.15
CA PRO N 153 -1.56 37.35 41.49
C PRO N 153 -2.67 36.83 42.39
N CYS N 154 -2.98 37.57 43.45
CA CYS N 154 -4.02 37.11 44.37
C CYS N 154 -5.40 36.87 43.75
N LYS N 155 -5.64 37.41 42.57
CA LYS N 155 -6.94 37.21 41.91
C LYS N 155 -6.87 35.86 41.22
N LEU N 156 -5.69 35.58 40.66
CA LEU N 156 -5.43 34.34 39.95
C LEU N 156 -5.54 33.12 40.85
N PHE N 157 -5.64 33.36 42.17
CA PHE N 157 -5.71 32.29 43.14
C PHE N 157 -6.97 31.44 43.25
N ARG N 158 -6.76 30.13 43.25
CA ARG N 158 -7.81 29.12 43.40
C ARG N 158 -7.26 28.14 44.45
N SER N 159 -8.14 27.43 45.14
CA SER N 159 -7.73 26.48 46.18
C SER N 159 -6.98 25.29 45.60
N VAL N 160 -5.97 24.81 46.32
CA VAL N 160 -5.19 23.66 45.87
C VAL N 160 -5.08 22.61 46.98
N ALA N 161 -4.38 21.51 46.70
CA ALA N 161 -4.20 20.42 47.65
C ALA N 161 -3.73 20.90 49.02
N GLY N 162 -2.48 21.35 49.07
CA GLY N 162 -1.88 21.83 50.31
C GLY N 162 -2.65 22.79 51.20
N GLN N 163 -3.16 23.89 50.64
CA GLN N 163 -3.88 24.86 51.45
C GLN N 163 -5.27 25.23 50.93
N THR N 164 -6.17 25.50 51.87
CA THR N 164 -7.54 25.88 51.52
C THR N 164 -7.58 27.22 50.82
N GLY N 165 -7.09 28.25 51.51
CA GLY N 165 -7.12 29.58 50.94
C GLY N 165 -5.80 30.36 50.87
N ASN N 166 -5.95 31.64 50.57
CA ASN N 166 -4.85 32.56 50.44
C ASN N 166 -4.89 33.52 51.62
N ILE N 167 -5.94 34.34 51.67
CA ILE N 167 -6.08 35.28 52.75
C ILE N 167 -6.14 34.56 54.09
N PRO N 168 -7.06 33.62 54.25
CA PRO N 168 -7.17 32.90 55.53
C PRO N 168 -5.81 32.38 56.02
N MET N 169 -4.95 31.99 55.08
CA MET N 169 -3.63 31.50 55.42
C MET N 169 -2.80 32.54 56.15
N MET N 170 -3.36 33.73 56.32
CA MET N 170 -2.67 34.82 57.01
C MET N 170 -2.60 34.55 58.50
N GLY N 171 -3.77 34.35 59.11
CA GLY N 171 -3.84 34.08 60.53
C GLY N 171 -2.94 32.93 60.99
N ILE N 172 -2.62 32.02 60.07
CA ILE N 172 -1.76 30.89 60.39
C ILE N 172 -0.29 31.29 60.26
N LEU N 173 -0.04 32.29 59.42
CA LEU N 173 1.31 32.77 59.21
C LEU N 173 1.70 33.69 60.37
N ALA N 174 0.68 34.12 61.13
CA ALA N 174 0.89 35.01 62.28
C ALA N 174 1.14 34.26 63.58
N THR N 175 0.89 32.96 63.55
CA THR N 175 1.07 32.12 64.74
C THR N 175 2.44 31.45 64.74
N PRO N 176 3.25 31.67 65.80
CA PRO N 176 4.57 31.05 65.88
C PRO N 176 4.46 29.59 65.51
N PRO N 177 5.52 29.03 64.92
CA PRO N 177 5.55 27.63 64.51
C PRO N 177 5.74 26.65 65.67
N ALA N 178 5.31 25.41 65.45
CA ALA N 178 5.44 24.35 66.45
C ALA N 178 6.70 23.53 66.10
N ALA N 179 6.87 23.30 64.80
CA ALA N 179 8.00 22.55 64.26
C ALA N 179 8.06 22.85 62.77
N GLN N 180 9.20 22.57 62.12
CA GLN N 180 9.36 22.84 60.69
C GLN N 180 8.17 22.37 59.85
N GLN N 181 7.29 23.31 59.49
CA GLN N 181 6.10 23.01 58.71
C GLN N 181 6.27 22.75 57.22
N GLN N 182 5.13 22.75 56.52
CA GLN N 182 5.07 22.50 55.09
C GLN N 182 5.22 23.80 54.28
N PRO N 183 5.77 23.69 53.05
CA PRO N 183 5.96 24.86 52.18
C PRO N 183 4.67 25.63 51.99
N PHE N 184 4.77 26.93 51.76
CA PHE N 184 3.59 27.76 51.54
C PHE N 184 3.78 28.70 50.36
N PHE N 185 2.71 28.88 49.59
CA PHE N 185 2.72 29.73 48.43
C PHE N 185 1.54 30.65 48.58
N VAL N 186 1.78 31.94 48.71
CA VAL N 186 0.68 32.86 48.87
C VAL N 186 0.94 34.08 47.98
N ALA N 187 -0.10 34.86 47.69
CA ALA N 187 0.06 36.03 46.81
C ALA N 187 -0.68 37.28 47.25
N GLU N 188 -0.06 38.43 47.00
CA GLU N 188 -0.62 39.73 47.34
C GLU N 188 -1.07 40.40 46.07
N ARG N 189 -1.27 41.72 46.14
CA ARG N 189 -1.69 42.48 44.99
C ARG N 189 -0.51 42.66 44.04
N ARG N 190 0.64 43.01 44.60
CA ARG N 190 1.81 43.25 43.76
C ARG N 190 2.96 42.27 43.93
N ARG N 191 2.75 41.17 44.67
CA ARG N 191 3.84 40.20 44.81
C ARG N 191 3.47 38.76 45.24
N ILE N 192 4.39 37.84 44.98
CA ILE N 192 4.27 36.41 45.26
C ILE N 192 5.19 36.05 46.42
N LEU N 193 4.68 35.23 47.34
CA LEU N 193 5.44 34.80 48.52
C LEU N 193 5.54 33.27 48.63
N PHE N 194 6.72 32.77 48.95
CA PHE N 194 6.88 31.34 49.10
C PHE N 194 8.05 31.03 49.99
N GLY N 195 7.91 29.99 50.82
CA GLY N 195 8.97 29.61 51.73
C GLY N 195 8.59 28.50 52.68
N ILE N 196 9.34 28.37 53.78
CA ILE N 196 9.10 27.36 54.80
C ILE N 196 9.32 27.93 56.19
N ARG N 197 8.25 28.17 56.94
CA ARG N 197 8.41 28.70 58.29
C ARG N 197 8.78 27.53 59.22
N SER N 198 9.56 27.80 60.28
CA SER N 198 10.03 26.79 61.25
C SER N 198 10.54 27.46 62.55
N ASN N 199 10.48 26.76 63.69
CA ASN N 199 10.96 27.34 64.95
C ASN N 199 12.39 26.86 65.24
N ALA N 200 12.92 26.05 64.33
CA ALA N 200 14.26 25.52 64.44
C ALA N 200 14.98 25.77 63.14
N ALA N 201 16.25 26.14 63.23
CA ALA N 201 17.06 26.41 62.05
C ALA N 201 16.93 25.36 60.96
N ILE N 202 17.11 25.78 59.70
CA ILE N 202 17.02 24.89 58.55
C ILE N 202 18.33 24.96 57.75
N PRO N 203 19.02 23.81 57.62
CA PRO N 203 20.29 23.73 56.89
C PRO N 203 20.29 24.41 55.54
N ALA N 204 21.48 24.58 54.97
CA ALA N 204 21.60 25.19 53.66
C ALA N 204 21.95 24.14 52.61
N GLY N 205 21.27 24.19 51.47
CA GLY N 205 21.54 23.23 50.41
C GLY N 205 20.76 23.41 49.12
N ALA N 206 19.66 22.66 48.98
CA ALA N 206 18.79 22.67 47.80
C ALA N 206 17.36 22.33 48.25
N TYR N 207 16.39 23.14 47.83
CA TYR N 207 15.00 22.91 48.23
C TYR N 207 13.99 23.01 47.09
N GLN N 208 13.36 21.88 46.80
CA GLN N 208 12.37 21.80 45.73
C GLN N 208 11.04 22.39 46.16
N PHE N 209 10.52 23.30 45.35
CA PHE N 209 9.22 23.90 45.58
C PHE N 209 8.38 23.60 44.36
N VAL N 210 7.15 23.19 44.58
CA VAL N 210 6.29 22.91 43.45
C VAL N 210 5.30 24.04 43.33
N VAL N 211 5.36 24.71 42.19
CA VAL N 211 4.50 25.83 41.92
C VAL N 211 3.05 25.39 41.80
N PRO N 212 2.17 25.95 42.65
CA PRO N 212 0.76 25.62 42.64
C PRO N 212 0.16 25.69 41.24
N ALA N 213 -1.10 25.28 41.12
CA ALA N 213 -1.77 25.31 39.84
C ALA N 213 -1.92 26.76 39.39
N TRP N 214 -2.85 27.45 40.05
CA TRP N 214 -3.16 28.84 39.75
C TRP N 214 -1.93 29.70 39.46
N ALA N 215 -0.87 29.51 40.22
CA ALA N 215 0.33 30.32 40.05
C ALA N 215 1.30 29.88 38.96
N SER N 216 1.00 28.78 38.29
CA SER N 216 1.90 28.27 37.26
C SER N 216 1.74 28.93 35.90
N VAL N 217 0.87 29.93 35.82
CA VAL N 217 0.63 30.65 34.58
C VAL N 217 1.24 32.05 34.62
N LEU N 218 1.70 32.45 35.80
CA LEU N 218 2.30 33.76 35.98
C LEU N 218 3.68 33.92 35.38
N SER N 219 4.03 35.17 35.12
CA SER N 219 5.33 35.54 34.57
C SER N 219 5.65 36.93 35.07
N VAL N 220 6.87 37.12 35.55
CA VAL N 220 7.26 38.42 36.06
C VAL N 220 8.42 39.03 35.34
N THR N 221 8.34 40.35 35.20
CA THR N 221 9.34 41.17 34.58
C THR N 221 9.59 42.32 35.55
N GLY N 222 10.82 42.83 35.56
CA GLY N 222 11.18 43.93 36.44
C GLY N 222 10.88 43.61 37.89
N ALA N 223 11.44 42.51 38.36
CA ALA N 223 11.17 42.11 39.73
C ALA N 223 12.38 42.00 40.61
N TYR N 224 12.12 42.31 41.88
CA TYR N 224 13.10 42.26 42.93
C TYR N 224 12.68 41.03 43.73
N VAL N 225 13.62 40.12 43.96
CA VAL N 225 13.31 38.93 44.75
C VAL N 225 14.16 39.02 46.01
N TYR N 226 13.50 39.18 47.14
CA TYR N 226 14.18 39.34 48.42
C TYR N 226 13.51 38.56 49.55
N PHE N 227 14.22 38.42 50.68
CA PHE N 227 13.69 37.73 51.86
C PHE N 227 12.89 38.73 52.68
N THR N 228 11.64 38.38 53.00
CA THR N 228 10.82 39.26 53.82
C THR N 228 10.10 38.49 54.91
N ASN N 229 9.27 39.20 55.66
CA ASN N 229 8.49 38.64 56.75
C ASN N 229 7.11 39.28 56.86
N SER N 230 6.63 39.85 55.77
CA SER N 230 5.30 40.46 55.81
C SER N 230 4.38 39.85 54.75
N PHE N 231 3.09 39.98 54.97
CA PHE N 231 2.11 39.45 54.03
C PHE N 231 0.86 40.29 54.14
N PHE N 232 0.60 41.07 53.10
CA PHE N 232 -0.55 41.95 53.08
C PHE N 232 -0.51 42.94 54.24
N GLY N 233 0.70 43.29 54.67
CA GLY N 233 0.87 44.23 55.76
C GLY N 233 0.74 43.60 57.14
N THR N 234 1.05 42.30 57.20
CA THR N 234 0.96 41.56 58.45
C THR N 234 2.24 40.77 58.68
N ILE N 235 2.65 40.73 59.94
CA ILE N 235 3.87 40.04 60.32
C ILE N 235 3.81 38.54 60.19
N ILE N 236 4.83 37.98 59.55
CA ILE N 236 4.92 36.54 59.39
C ILE N 236 5.86 36.09 60.49
N ALA N 237 5.41 35.15 61.30
CA ALA N 237 6.20 34.62 62.39
C ALA N 237 6.90 33.35 61.93
N GLY N 238 7.97 32.99 62.63
CA GLY N 238 8.69 31.79 62.26
C GLY N 238 9.48 31.97 60.99
N VAL N 239 9.93 33.20 60.77
CA VAL N 239 10.70 33.49 59.60
C VAL N 239 11.67 34.60 59.96
N THR N 240 12.90 34.47 59.49
CA THR N 240 13.92 35.46 59.79
C THR N 240 14.45 36.14 58.52
N ALA N 241 14.41 37.46 58.49
CA ALA N 241 14.93 38.18 57.35
C ALA N 241 16.27 38.76 57.79
N THR N 242 17.21 37.90 58.16
CA THR N 242 18.50 38.36 58.63
C THR N 242 19.63 37.85 57.75
N ALA N 243 20.75 38.58 57.71
CA ALA N 243 21.90 38.19 56.91
C ALA N 243 23.09 39.14 57.12
N THR N 244 24.21 38.83 56.46
CA THR N 244 25.41 39.65 56.59
C THR N 244 26.25 39.63 55.31
N ALA N 245 26.99 40.70 55.08
CA ALA N 245 27.84 40.84 53.90
C ALA N 245 28.72 39.62 53.61
N ALA N 246 28.83 38.74 54.60
CA ALA N 246 29.64 37.53 54.47
C ALA N 246 28.85 36.34 53.92
N ASP N 247 27.59 36.23 54.33
CA ASP N 247 26.70 35.14 53.89
C ASP N 247 26.97 34.80 52.44
N ALA N 248 26.83 33.52 52.10
CA ALA N 248 27.05 33.07 50.73
C ALA N 248 25.78 33.33 49.92
N ALA N 249 25.94 33.49 48.61
CA ALA N 249 24.83 33.77 47.71
C ALA N 249 23.65 32.79 47.82
N THR N 250 22.44 33.32 47.71
CA THR N 250 21.22 32.49 47.75
C THR N 250 20.57 32.64 46.38
N THR N 251 20.80 31.66 45.50
CA THR N 251 20.26 31.68 44.14
C THR N 251 19.03 30.78 44.03
N PHE N 252 18.40 30.77 42.86
CA PHE N 252 17.25 29.93 42.61
C PHE N 252 17.14 29.77 41.10
N THR N 253 16.48 28.71 40.65
CA THR N 253 16.32 28.46 39.22
C THR N 253 14.93 27.97 38.85
N VAL N 254 14.61 28.14 37.57
CA VAL N 254 13.34 27.71 37.03
C VAL N 254 13.72 27.00 35.74
N PRO N 255 12.92 26.01 35.32
CA PRO N 255 13.17 25.24 34.10
C PRO N 255 13.29 26.11 32.85
N THR N 256 12.45 27.14 32.77
CA THR N 256 12.43 28.04 31.62
C THR N 256 13.75 28.76 31.39
N ASP N 257 14.53 28.94 32.45
CA ASP N 257 15.83 29.63 32.37
C ASP N 257 17.01 28.77 32.83
N ALA N 258 18.00 28.67 31.96
CA ALA N 258 19.21 27.88 32.22
C ALA N 258 20.15 28.45 33.28
N ASN N 259 20.02 29.73 33.60
CA ASN N 259 20.91 30.35 34.58
C ASN N 259 20.29 30.57 35.94
N ASN N 260 21.13 30.96 36.89
CA ASN N 260 20.71 31.19 38.25
C ASN N 260 20.10 32.57 38.46
N LEU N 261 19.01 32.60 39.21
CA LEU N 261 18.31 33.84 39.53
C LEU N 261 18.64 34.20 40.96
N PRO N 262 19.47 35.22 41.17
CA PRO N 262 19.89 35.68 42.50
C PRO N 262 18.81 36.32 43.37
N VAL N 263 18.94 36.15 44.68
CA VAL N 263 17.99 36.74 45.61
C VAL N 263 18.71 37.74 46.50
N GLN N 264 17.98 38.75 46.95
CA GLN N 264 18.50 39.81 47.81
C GLN N 264 19.49 40.67 47.01
N THR N 265 19.20 40.86 45.73
CA THR N 265 20.05 41.67 44.85
C THR N 265 19.26 42.84 44.32
N ASP N 266 19.96 43.93 44.03
CA ASP N 266 19.32 45.13 43.49
C ASP N 266 19.02 44.94 42.01
N SER N 267 19.38 43.77 41.48
CA SER N 267 19.14 43.45 40.07
C SER N 267 17.66 43.13 39.81
N ARG N 268 17.18 43.62 38.65
CA ARG N 268 15.81 43.42 38.19
C ARG N 268 15.75 42.15 37.40
N LEU N 269 14.87 41.30 37.88
CA LEU N 269 14.74 40.01 37.30
C LEU N 269 13.45 39.79 36.56
N SER N 270 13.51 38.91 35.59
CA SER N 270 12.37 38.52 34.78
C SER N 270 12.51 37.03 34.44
N PHE N 271 11.66 36.24 35.10
CA PHE N 271 11.65 34.80 34.93
C PHE N 271 10.22 34.37 34.78
N SER N 272 9.98 33.07 34.60
CA SER N 272 8.62 32.57 34.42
C SER N 272 8.31 31.33 35.24
N LEU N 273 7.15 31.34 35.89
CA LEU N 273 6.76 30.19 36.69
C LEU N 273 6.03 29.15 35.86
N GLY N 274 6.37 29.00 34.59
CA GLY N 274 5.65 28.03 33.79
C GLY N 274 6.33 26.68 33.74
N GLY N 275 7.49 26.62 34.38
CA GLY N 275 8.26 25.39 34.39
C GLY N 275 7.59 24.40 35.31
N GLY N 276 6.88 24.94 36.28
CA GLY N 276 6.19 24.11 37.24
C GLY N 276 6.91 23.99 38.56
N ASN N 277 8.18 24.35 38.64
CA ASN N 277 8.84 24.18 39.91
C ASN N 277 10.00 25.14 40.09
N ILE N 278 10.13 25.68 41.30
CA ILE N 278 11.20 26.60 41.60
C ILE N 278 12.27 25.83 42.36
N ASN N 279 13.52 25.88 41.91
CA ASN N 279 14.55 25.16 42.65
C ASN N 279 15.34 26.22 43.44
N LEU N 280 15.14 26.29 44.76
CA LEU N 280 15.82 27.30 45.59
C LEU N 280 16.99 26.78 46.40
N GLU N 281 18.08 27.51 46.48
CA GLU N 281 19.13 26.97 47.32
C GLU N 281 19.76 28.02 48.24
N LEU N 282 19.48 27.84 49.53
CA LEU N 282 19.96 28.74 50.57
C LEU N 282 21.45 28.55 50.79
N GLY N 283 22.14 29.67 51.01
CA GLY N 283 23.57 29.62 51.24
C GLY N 283 23.93 29.61 52.71
N VAL N 284 22.97 29.97 53.54
CA VAL N 284 23.16 30.00 54.98
C VAL N 284 21.86 29.65 55.64
N ALA N 285 21.94 28.72 56.59
CA ALA N 285 20.76 28.28 57.31
C ALA N 285 20.00 29.43 57.94
N LYS N 286 18.66 29.30 58.00
CA LYS N 286 17.80 30.33 58.58
C LYS N 286 16.68 29.74 59.42
N THR N 287 16.35 30.43 60.50
CA THR N 287 15.27 30.01 61.41
C THR N 287 13.91 30.29 60.77
N GLY N 288 13.73 29.80 59.54
CA GLY N 288 12.48 30.03 58.83
C GLY N 288 12.71 31.13 57.82
N PHE N 289 12.42 30.84 56.55
CA PHE N 289 12.65 31.82 55.49
C PHE N 289 11.48 31.99 54.56
N CYS N 290 11.26 33.23 54.12
CA CYS N 290 10.18 33.54 53.21
C CYS N 290 10.72 34.39 52.06
N VAL N 291 10.70 33.83 50.85
CA VAL N 291 11.16 34.54 49.68
C VAL N 291 9.96 35.23 49.05
N ALA N 292 10.21 36.43 48.52
CA ALA N 292 9.18 37.24 47.88
C ALA N 292 9.65 37.67 46.48
N ILE N 293 8.68 37.72 45.55
CA ILE N 293 8.91 38.13 44.18
C ILE N 293 7.96 39.31 44.03
N GLU N 294 8.52 40.49 43.80
CA GLU N 294 7.75 41.72 43.62
C GLU N 294 8.16 42.33 42.30
N GLY N 295 7.20 42.41 41.38
CA GLY N 295 7.45 42.96 40.08
C GLY N 295 6.17 43.12 39.30
N GLU N 296 6.27 42.99 37.99
CA GLU N 296 5.11 43.13 37.14
C GLU N 296 4.65 41.73 36.75
N PHE N 297 3.40 41.43 37.03
CA PHE N 297 2.86 40.12 36.73
C PHE N 297 1.92 40.08 35.56
N THR N 298 2.26 39.23 34.60
CA THR N 298 1.46 39.04 33.40
C THR N 298 1.11 37.56 33.35
N ILE N 299 0.12 37.21 32.54
CA ILE N 299 -0.26 35.81 32.39
C ILE N 299 0.35 35.26 31.12
N LEU N 300 1.08 34.17 31.26
CA LEU N 300 1.75 33.53 30.13
C LEU N 300 0.86 33.32 28.92
N ALA N 301 1.46 33.31 27.74
CA ALA N 301 0.71 33.12 26.52
C ALA N 301 -0.07 31.82 26.51
N ASN N 302 -1.29 31.87 25.95
CA ASN N 302 -2.13 30.68 25.82
C ASN N 302 -2.56 29.98 27.10
N ARG N 303 -2.18 30.53 28.25
CA ARG N 303 -2.57 29.90 29.51
C ARG N 303 -3.56 30.73 30.29
N SER N 304 -4.03 31.83 29.71
CA SER N 304 -4.99 32.68 30.38
C SER N 304 -6.36 32.03 30.39
N GLN N 305 -6.44 30.90 29.70
CA GLN N 305 -7.67 30.14 29.60
C GLN N 305 -8.00 29.61 30.98
N ALA N 306 -7.01 28.97 31.58
CA ALA N 306 -7.15 28.39 32.91
C ALA N 306 -7.98 29.29 33.82
N TYR N 307 -7.48 30.51 34.03
CA TYR N 307 -8.14 31.47 34.89
C TYR N 307 -9.61 31.75 34.56
N TYR N 308 -9.87 32.23 33.34
CA TYR N 308 -11.23 32.59 32.89
C TYR N 308 -12.20 31.46 32.54
N THR N 309 -11.72 30.22 32.57
CA THR N 309 -12.57 29.08 32.26
C THR N 309 -12.95 28.38 33.54
N LEU N 310 -12.28 28.77 34.62
CA LEU N 310 -12.49 28.18 35.93
C LEU N 310 -11.93 26.77 35.89
N ASN N 311 -11.10 26.49 34.89
CA ASN N 311 -10.49 25.18 34.76
C ASN N 311 -9.29 25.03 35.70
N SER N 312 -8.92 26.13 36.36
CA SER N 312 -7.81 26.11 37.29
C SER N 312 -8.32 25.64 38.65
N ILE N 313 -9.63 25.41 38.74
CA ILE N 313 -10.26 24.95 39.98
C ILE N 313 -10.17 23.43 40.13
N THR N 314 -9.65 22.99 41.27
CA THR N 314 -9.49 21.56 41.53
C THR N 314 -10.29 21.06 42.73
N GLN N 315 -10.20 21.77 43.86
CA GLN N 315 -10.90 21.35 45.08
C GLN N 315 -12.29 21.93 45.21
N THR N 316 -13.01 21.47 46.25
CA THR N 316 -14.36 21.94 46.53
C THR N 316 -14.55 21.92 48.04
N PRO N 317 -15.00 23.04 48.62
CA PRO N 317 -15.33 24.28 47.93
C PRO N 317 -14.01 24.93 47.54
N THR N 318 -14.07 26.12 46.95
CA THR N 318 -12.83 26.78 46.57
C THR N 318 -12.89 28.29 46.70
N SER N 319 -11.73 28.91 46.48
CA SER N 319 -11.60 30.37 46.54
C SER N 319 -11.81 30.89 45.13
N ILE N 320 -12.51 32.01 45.01
CA ILE N 320 -12.76 32.56 43.68
C ILE N 320 -13.02 34.07 43.69
N ASP N 321 -12.34 34.76 42.79
CA ASP N 321 -12.49 36.20 42.65
C ASP N 321 -13.69 36.45 41.75
N ASP N 322 -14.02 37.72 41.48
CA ASP N 322 -15.18 38.04 40.66
C ASP N 322 -14.84 38.53 39.27
N PHE N 323 -13.61 38.28 38.85
CA PHE N 323 -13.21 38.72 37.53
C PHE N 323 -13.44 40.20 37.40
N ASP N 324 -13.27 40.89 38.53
CA ASP N 324 -13.40 42.35 38.61
C ASP N 324 -14.79 42.94 38.36
N VAL N 325 -15.82 42.13 38.26
CA VAL N 325 -17.15 42.67 38.00
C VAL N 325 -17.56 43.75 38.99
N SER N 326 -17.43 43.45 40.27
CA SER N 326 -17.79 44.38 41.33
C SER N 326 -17.47 45.82 40.96
N ASP N 327 -16.29 46.01 40.41
CA ASP N 327 -15.79 47.33 40.02
C ASP N 327 -16.60 48.04 38.93
N PHE N 328 -17.36 47.29 38.15
CA PHE N 328 -18.15 47.91 37.08
C PHE N 328 -19.60 48.18 37.45
N LEU N 329 -20.09 47.42 38.43
CA LEU N 329 -21.47 47.55 38.86
C LEU N 329 -21.71 48.84 39.64
N THR N 330 -20.66 49.35 40.27
CA THR N 330 -20.76 50.56 41.06
C THR N 330 -21.71 51.61 40.49
N THR N 331 -21.53 51.95 39.22
CA THR N 331 -22.38 52.96 38.59
C THR N 331 -23.86 52.59 38.62
N PHE N 332 -24.18 51.41 38.09
CA PHE N 332 -25.55 50.93 38.05
C PHE N 332 -26.22 50.97 39.43
N LEU N 333 -25.59 50.31 40.41
CA LEU N 333 -26.12 50.29 41.76
C LEU N 333 -26.52 51.68 42.22
N SER N 334 -25.56 52.60 42.20
CA SER N 334 -25.81 53.97 42.63
C SER N 334 -27.01 54.61 41.94
N GLN N 335 -27.31 54.15 40.73
CA GLN N 335 -28.45 54.67 40.00
C GLN N 335 -29.71 53.93 40.41
N LEU N 336 -29.54 52.75 41.01
CA LEU N 336 -30.67 51.96 41.48
C LEU N 336 -31.18 52.57 42.79
N ARG N 337 -30.27 52.78 43.73
CA ARG N 337 -30.59 53.33 45.04
C ARG N 337 -31.29 54.68 44.95
N ALA N 338 -31.03 55.43 43.89
CA ALA N 338 -31.65 56.73 43.72
C ALA N 338 -33.08 56.63 43.19
N CYS N 339 -33.53 55.40 42.96
CA CYS N 339 -34.88 55.15 42.44
C CYS N 339 -35.73 54.32 43.38
N GLY N 340 -35.09 53.68 44.35
CA GLY N 340 -35.81 52.85 45.29
C GLY N 340 -35.94 51.46 44.70
N GLN N 341 -35.72 51.37 43.39
CA GLN N 341 -35.80 50.11 42.68
C GLN N 341 -34.67 49.15 43.07
N TYR N 342 -33.87 49.50 44.08
CA TYR N 342 -32.78 48.64 44.49
C TYR N 342 -33.27 47.29 45.00
N GLU N 343 -34.32 47.32 45.81
CA GLU N 343 -34.88 46.09 46.34
C GLU N 343 -35.51 45.25 45.24
N ILE N 344 -36.45 45.85 44.51
CA ILE N 344 -37.15 45.15 43.43
C ILE N 344 -36.15 44.36 42.59
N PHE N 345 -35.14 45.05 42.06
CA PHE N 345 -34.12 44.42 41.22
C PHE N 345 -33.42 43.32 42.00
N SER N 346 -32.95 43.66 43.21
CA SER N 346 -32.26 42.69 44.05
C SER N 346 -33.02 41.36 44.05
N ASP N 347 -34.35 41.43 43.99
CA ASP N 347 -35.15 40.22 43.99
C ASP N 347 -35.27 39.59 42.60
N ALA N 348 -35.71 40.40 41.63
CA ALA N 348 -35.86 39.93 40.26
C ALA N 348 -34.61 39.18 39.83
N MET N 349 -33.47 39.65 40.33
CA MET N 349 -32.19 39.02 40.01
C MET N 349 -32.08 37.68 40.72
N ASP N 350 -32.60 37.62 41.94
CA ASP N 350 -32.54 36.37 42.68
C ASP N 350 -33.28 35.28 41.90
N GLN N 351 -34.27 35.66 41.11
CA GLN N 351 -35.02 34.69 40.30
C GLN N 351 -34.21 34.36 39.05
N LEU N 352 -33.77 35.41 38.36
CA LEU N 352 -32.96 35.28 37.15
C LEU N 352 -31.87 34.25 37.42
N THR N 353 -31.23 34.38 38.59
CA THR N 353 -30.15 33.46 38.95
C THR N 353 -30.66 32.04 39.20
N ASN N 354 -31.80 31.89 39.85
CA ASN N 354 -32.32 30.54 40.10
C ASN N 354 -32.56 29.84 38.77
N SER N 355 -33.48 30.40 38.01
CA SER N 355 -33.84 29.87 36.71
C SER N 355 -32.63 29.39 35.92
N LEU N 356 -31.58 30.20 35.86
CA LEU N 356 -30.38 29.81 35.12
C LEU N 356 -29.75 28.55 35.68
N ILE N 357 -29.64 28.48 37.00
CA ILE N 357 -29.05 27.31 37.62
C ILE N 357 -29.92 26.12 37.22
N THR N 358 -31.23 26.35 37.27
CA THR N 358 -32.22 25.33 36.92
C THR N 358 -31.87 24.66 35.59
N ASN N 359 -32.07 25.41 34.52
CA ASN N 359 -31.82 24.95 33.16
C ASN N 359 -30.48 24.25 32.92
N TYR N 360 -29.66 24.11 33.96
CA TYR N 360 -28.38 23.45 33.79
C TYR N 360 -28.39 22.03 34.33
N MET N 361 -29.41 21.72 35.11
CA MET N 361 -29.52 20.37 35.68
C MET N 361 -30.83 19.66 35.40
N ASP N 362 -30.68 18.47 34.82
CA ASP N 362 -31.78 17.61 34.48
C ASP N 362 -31.88 16.52 35.55
N PRO N 363 -33.06 16.37 36.17
CA PRO N 363 -34.28 17.15 35.93
C PRO N 363 -34.35 18.56 36.50
N PRO N 364 -35.02 19.48 35.76
CA PRO N 364 -35.27 20.91 36.00
C PRO N 364 -35.75 21.33 37.41
N ALA N 365 -34.89 21.30 38.41
CA ALA N 365 -35.31 21.70 39.76
C ALA N 365 -34.23 22.38 40.58
N ILE N 366 -34.62 23.43 41.30
CA ILE N 366 -33.66 24.12 42.16
C ILE N 366 -33.00 23.06 43.08
N PRO N 367 -31.74 22.64 42.80
CA PRO N 367 -31.02 21.62 43.58
C PRO N 367 -31.07 21.71 45.10
N ALA N 368 -30.66 20.62 45.74
CA ALA N 368 -30.65 20.49 47.20
C ALA N 368 -29.58 21.30 47.95
N GLY N 369 -30.04 22.24 48.78
CA GLY N 369 -29.13 23.05 49.56
C GLY N 369 -28.65 24.34 48.91
N LEU N 370 -29.58 25.11 48.37
CA LEU N 370 -29.20 26.36 47.72
C LEU N 370 -29.70 27.62 48.41
N ALA N 371 -28.95 28.06 49.41
CA ALA N 371 -29.28 29.27 50.12
C ALA N 371 -28.16 30.25 49.81
N PHE N 372 -28.52 31.43 49.32
CA PHE N 372 -27.52 32.43 48.98
C PHE N 372 -27.16 33.29 50.20
N THR N 373 -25.87 33.36 50.50
CA THR N 373 -25.34 34.12 51.62
C THR N 373 -25.27 35.62 51.34
N SER N 374 -25.12 35.97 50.07
CA SER N 374 -25.00 37.36 49.62
C SER N 374 -25.88 37.70 48.42
N PRO N 375 -26.18 38.98 48.20
CA PRO N 375 -27.02 39.39 47.06
C PRO N 375 -26.30 39.23 45.71
N TRP N 376 -27.00 39.58 44.63
CA TRP N 376 -26.47 39.41 43.27
C TRP N 376 -25.21 40.14 42.86
N PHE N 377 -24.91 41.27 43.50
CA PHE N 377 -23.71 42.01 43.12
C PHE N 377 -22.47 41.68 43.92
N ARG N 378 -22.45 40.52 44.57
CA ARG N 378 -21.27 40.14 45.32
C ARG N 378 -20.77 38.86 44.72
N PHE N 379 -20.91 38.78 43.40
CA PHE N 379 -20.52 37.63 42.62
C PHE N 379 -19.40 36.76 43.20
N SER N 380 -18.28 37.37 43.57
CA SER N 380 -17.14 36.63 44.13
C SER N 380 -17.58 35.60 45.16
N GLU N 381 -18.70 35.92 45.82
CA GLU N 381 -19.28 35.07 46.85
C GLU N 381 -20.26 34.07 46.27
N ARG N 382 -21.36 34.58 45.72
CA ARG N 382 -22.35 33.70 45.12
C ARG N 382 -21.67 32.64 44.26
N ALA N 383 -20.51 32.97 43.70
CA ALA N 383 -19.76 32.04 42.87
C ALA N 383 -19.26 30.92 43.75
N ARG N 384 -18.71 31.29 44.91
CA ARG N 384 -18.20 30.31 45.87
C ARG N 384 -19.33 29.34 46.19
N THR N 385 -20.52 29.90 46.43
CA THR N 385 -21.72 29.13 46.77
C THR N 385 -22.04 28.08 45.71
N ILE N 386 -22.15 28.50 44.46
CA ILE N 386 -22.46 27.57 43.38
C ILE N 386 -21.35 26.54 43.16
N LEU N 387 -20.10 26.94 43.38
CA LEU N 387 -18.99 26.02 43.22
C LEU N 387 -18.95 25.09 44.42
N ALA N 388 -19.90 25.24 45.33
CA ALA N 388 -19.96 24.44 46.55
C ALA N 388 -20.93 23.25 46.57
N LEU N 389 -21.82 23.17 45.59
CA LEU N 389 -22.80 22.09 45.53
C LEU N 389 -22.15 20.80 45.01
N GLN N 390 -21.99 19.81 45.89
CA GLN N 390 -21.36 18.54 45.52
C GLN N 390 -22.37 17.52 44.97
N ASN N 391 -23.65 17.85 45.09
CA ASN N 391 -24.70 16.97 44.59
C ASN N 391 -24.88 17.15 43.09
N VAL N 392 -24.27 18.21 42.53
CA VAL N 392 -24.34 18.49 41.09
C VAL N 392 -22.96 18.32 40.49
N ASP N 393 -22.89 17.64 39.35
CA ASP N 393 -21.60 17.41 38.70
C ASP N 393 -20.78 18.69 38.66
N LEU N 394 -19.47 18.56 38.82
CA LEU N 394 -18.53 19.69 38.83
C LEU N 394 -18.62 20.65 37.64
N ASN N 395 -18.22 20.18 36.47
CA ASN N 395 -18.22 20.98 35.26
C ASN N 395 -19.45 21.85 35.11
N ILE N 396 -20.62 21.31 35.41
CA ILE N 396 -21.86 22.09 35.28
C ILE N 396 -21.90 23.30 36.22
N ARG N 397 -21.19 23.21 37.34
CA ARG N 397 -21.16 24.32 38.28
C ARG N 397 -20.38 25.44 37.58
N LYS N 398 -19.14 25.13 37.22
CA LYS N 398 -18.26 26.06 36.55
C LYS N 398 -19.03 26.84 35.49
N LEU N 399 -19.69 26.12 34.57
CA LEU N 399 -20.45 26.79 33.53
C LEU N 399 -21.47 27.77 34.09
N ILE N 400 -22.23 27.37 35.09
CA ILE N 400 -23.22 28.28 35.66
C ILE N 400 -22.55 29.58 36.13
N VAL N 401 -21.32 29.45 36.63
CA VAL N 401 -20.58 30.63 37.09
C VAL N 401 -20.32 31.49 35.89
N ARG N 402 -19.54 30.95 34.96
CA ARG N 402 -19.19 31.66 33.74
C ARG N 402 -20.43 32.32 33.15
N HIS N 403 -21.47 31.52 32.93
CA HIS N 403 -22.71 32.00 32.36
C HIS N 403 -23.33 33.12 33.20
N LEU N 404 -23.51 32.87 34.50
CA LEU N 404 -24.09 33.88 35.37
C LEU N 404 -23.30 35.18 35.25
N TRP N 405 -21.98 35.04 35.19
CA TRP N 405 -21.08 36.18 35.07
C TRP N 405 -21.47 37.09 33.89
N VAL N 406 -21.47 36.50 32.70
CA VAL N 406 -21.80 37.22 31.49
C VAL N 406 -23.07 38.05 31.59
N ILE N 407 -24.12 37.50 32.19
CA ILE N 407 -25.36 38.28 32.31
C ILE N 407 -25.11 39.43 33.27
N THR N 408 -24.39 39.15 34.35
CA THR N 408 -24.11 40.18 35.33
C THR N 408 -23.47 41.37 34.65
N SER N 409 -22.35 41.12 33.98
CA SER N 409 -21.63 42.17 33.28
C SER N 409 -22.56 42.93 32.34
N LEU N 410 -23.29 42.20 31.52
CA LEU N 410 -24.21 42.84 30.58
C LEU N 410 -25.10 43.84 31.29
N ILE N 411 -25.46 43.52 32.53
CA ILE N 411 -26.30 44.40 33.33
C ILE N 411 -25.46 45.63 33.65
N ALA N 412 -24.27 45.37 34.19
CA ALA N 412 -23.32 46.41 34.56
C ALA N 412 -23.13 47.41 33.45
N VAL N 413 -23.24 46.92 32.22
CA VAL N 413 -23.07 47.76 31.06
C VAL N 413 -24.33 48.46 30.56
N PHE N 414 -25.45 47.76 30.46
CA PHE N 414 -26.67 48.39 29.92
C PHE N 414 -27.58 49.20 30.84
N GLY N 415 -27.47 48.99 32.15
CA GLY N 415 -28.34 49.69 33.09
C GLY N 415 -27.95 51.10 33.47
N ARG N 416 -26.65 51.30 33.58
CA ARG N 416 -26.07 52.59 33.96
C ARG N 416 -26.96 53.85 33.77
N TYR N 417 -27.52 54.07 32.59
CA TYR N 417 -28.33 55.27 32.34
C TYR N 417 -29.78 55.13 32.79
N TYR N 418 -30.04 54.13 33.61
CA TYR N 418 -31.38 53.83 34.15
C TYR N 418 -31.96 54.93 35.02
N ARG N 419 -33.14 55.41 34.64
CA ARG N 419 -33.84 56.44 35.38
C ARG N 419 -35.34 56.25 35.14
N PRO N 420 -35.92 55.19 35.73
CA PRO N 420 -37.33 54.78 35.64
C PRO N 420 -38.37 55.79 36.09
N ASN N 421 -38.95 56.48 35.12
CA ASN N 421 -39.98 57.47 35.35
C ASN N 421 -41.01 57.29 34.23
N MET O 1 -88.43 -37.29 -26.44
CA MET O 1 -87.13 -37.64 -27.06
C MET O 1 -86.04 -37.62 -25.99
N SER O 2 -84.97 -36.90 -26.28
CA SER O 2 -83.85 -36.79 -25.38
C SER O 2 -84.40 -36.73 -23.98
N ARG O 3 -83.68 -37.32 -23.03
CA ARG O 3 -84.11 -37.27 -21.66
C ARG O 3 -84.11 -35.79 -21.30
N GLN O 4 -83.15 -35.05 -21.84
CA GLN O 4 -83.07 -33.61 -21.56
C GLN O 4 -84.34 -32.93 -21.97
N MET O 5 -84.89 -33.35 -23.10
CA MET O 5 -86.11 -32.78 -23.61
C MET O 5 -87.29 -33.05 -22.70
N TRP O 6 -87.37 -34.25 -22.15
CA TRP O 6 -88.48 -34.54 -21.26
C TRP O 6 -88.33 -33.62 -20.05
N LEU O 7 -87.13 -33.58 -19.48
CA LEU O 7 -86.92 -32.72 -18.33
C LEU O 7 -87.23 -31.26 -18.68
N ASP O 8 -86.64 -30.75 -19.76
CA ASP O 8 -86.90 -29.38 -20.15
C ASP O 8 -88.41 -29.05 -20.14
N THR O 9 -89.23 -29.79 -20.88
CA THR O 9 -90.65 -29.44 -20.87
C THR O 9 -91.31 -29.75 -19.53
N SER O 10 -90.78 -30.71 -18.77
CA SER O 10 -91.38 -30.99 -17.46
C SER O 10 -91.22 -29.72 -16.63
N ALA O 11 -90.02 -29.15 -16.72
CA ALA O 11 -89.72 -27.93 -15.99
C ALA O 11 -90.64 -26.80 -16.40
N LEU O 12 -91.12 -26.87 -17.64
CA LEU O 12 -92.01 -25.84 -18.16
C LEU O 12 -93.40 -26.05 -17.60
N LEU O 13 -93.89 -27.27 -17.66
CA LEU O 13 -95.21 -27.56 -17.14
C LEU O 13 -95.24 -27.22 -15.67
N GLU O 14 -94.08 -27.42 -15.04
CA GLU O 14 -93.92 -27.18 -13.61
C GLU O 14 -93.91 -25.70 -13.31
N ALA O 15 -93.40 -24.93 -14.26
CA ALA O 15 -93.37 -23.50 -14.11
C ALA O 15 -94.78 -22.99 -14.39
N ILE O 16 -95.43 -23.53 -15.42
CA ILE O 16 -96.79 -23.11 -15.72
C ILE O 16 -97.62 -23.20 -14.46
N SER O 17 -97.45 -24.28 -13.70
CA SER O 17 -98.17 -24.42 -12.46
C SER O 17 -97.78 -23.25 -11.56
N GLU O 18 -96.49 -23.13 -11.26
CA GLU O 18 -95.98 -22.06 -10.40
C GLU O 18 -96.71 -20.75 -10.62
N TYR O 19 -96.90 -20.38 -11.88
CA TYR O 19 -97.56 -19.13 -12.19
C TYR O 19 -99.07 -19.20 -12.08
N VAL O 20 -99.64 -20.38 -12.31
CA VAL O 20 -101.07 -20.51 -12.15
C VAL O 20 -101.31 -20.23 -10.69
N VAL O 21 -100.38 -20.64 -9.85
CA VAL O 21 -100.52 -20.37 -8.42
C VAL O 21 -100.42 -18.89 -8.16
N ARG O 22 -99.33 -18.28 -8.63
CA ARG O 22 -99.09 -16.86 -8.47
C ARG O 22 -100.25 -15.97 -8.89
N CYS O 23 -100.94 -16.38 -9.95
CA CYS O 23 -102.03 -15.59 -10.52
C CYS O 23 -103.37 -15.74 -9.83
N ASN O 24 -103.54 -16.82 -9.11
CA ASN O 24 -104.79 -17.07 -8.41
C ASN O 24 -105.25 -15.91 -7.53
N GLY O 25 -106.46 -15.40 -7.78
CA GLY O 25 -106.97 -14.32 -6.94
C GLY O 25 -106.23 -13.00 -7.12
N ASP O 26 -105.55 -12.90 -8.26
CA ASP O 26 -104.81 -11.71 -8.61
C ASP O 26 -105.13 -11.42 -10.05
N THR O 27 -106.22 -12.00 -10.53
CA THR O 27 -106.60 -11.78 -11.90
C THR O 27 -107.64 -10.69 -11.97
N PHE O 28 -107.20 -9.45 -11.74
CA PHE O 28 -108.11 -8.30 -11.79
C PHE O 28 -108.13 -7.71 -13.19
N SER O 29 -109.17 -6.93 -13.47
CA SER O 29 -109.40 -6.25 -14.75
C SER O 29 -108.12 -5.90 -15.47
N GLY O 30 -108.08 -6.08 -16.78
CA GLY O 30 -106.84 -5.76 -17.47
C GLY O 30 -105.86 -6.92 -17.51
N LEU O 31 -105.82 -7.77 -16.49
CA LEU O 31 -104.86 -8.89 -16.55
C LEU O 31 -103.53 -8.28 -17.02
N THR O 32 -103.06 -7.30 -16.26
CA THR O 32 -101.83 -6.56 -16.54
C THR O 32 -100.69 -6.93 -15.58
N THR O 33 -100.90 -8.00 -14.82
CA THR O 33 -99.92 -8.49 -13.86
C THR O 33 -98.72 -9.01 -14.62
N GLY O 34 -97.53 -8.76 -14.11
CA GLY O 34 -96.37 -9.26 -14.79
C GLY O 34 -96.43 -10.78 -14.79
N ASP O 35 -97.00 -11.32 -13.70
CA ASP O 35 -97.17 -12.75 -13.53
C ASP O 35 -98.08 -13.29 -14.62
N PHE O 36 -99.26 -12.69 -14.77
CA PHE O 36 -100.18 -13.18 -15.80
C PHE O 36 -99.54 -13.16 -17.16
N ASN O 37 -98.72 -12.14 -17.41
CA ASN O 37 -98.05 -12.05 -18.69
C ASN O 37 -97.16 -13.27 -18.90
N ALA O 38 -96.45 -13.67 -17.86
CA ALA O 38 -95.58 -14.84 -17.97
C ALA O 38 -96.37 -16.14 -18.08
N LEU O 39 -97.45 -16.24 -17.32
CA LEU O 39 -98.26 -17.44 -17.39
C LEU O 39 -98.67 -17.56 -18.84
N SER O 40 -98.89 -16.42 -19.51
CA SER O 40 -99.29 -16.47 -20.89
C SER O 40 -98.18 -17.00 -21.77
N ASN O 41 -97.06 -16.30 -21.78
CA ASN O 41 -95.92 -16.70 -22.61
C ASN O 41 -95.62 -18.18 -22.40
N MET O 42 -95.47 -18.57 -21.14
CA MET O 42 -95.18 -19.96 -20.81
C MET O 42 -96.18 -20.91 -21.45
N PHE O 43 -97.43 -20.77 -21.06
CA PHE O 43 -98.47 -21.60 -21.58
C PHE O 43 -98.61 -21.61 -23.11
N THR O 44 -98.39 -20.47 -23.74
CA THR O 44 -98.52 -20.38 -25.18
C THR O 44 -97.46 -21.16 -25.93
N GLN O 45 -96.35 -21.47 -25.26
CA GLN O 45 -95.28 -22.22 -25.92
C GLN O 45 -95.44 -23.71 -25.70
N LEU O 46 -96.35 -24.09 -24.81
CA LEU O 46 -96.54 -25.49 -24.54
C LEU O 46 -96.58 -26.27 -25.83
N SER O 47 -97.25 -25.71 -26.83
CA SER O 47 -97.39 -26.36 -28.15
C SER O 47 -98.14 -25.46 -29.15
N VAL O 48 -98.11 -25.83 -30.42
CA VAL O 48 -98.80 -25.04 -31.42
C VAL O 48 -100.28 -25.15 -31.12
N SER O 49 -100.66 -26.37 -30.81
CA SER O 49 -102.03 -26.68 -30.48
C SER O 49 -102.64 -25.66 -29.52
N SER O 50 -101.86 -25.15 -28.59
CA SER O 50 -102.40 -24.21 -27.61
C SER O 50 -102.28 -22.73 -27.89
N ALA O 51 -102.12 -22.37 -29.16
CA ALA O 51 -101.99 -20.95 -29.50
C ALA O 51 -103.28 -20.13 -29.38
N GLY O 52 -103.17 -18.98 -28.73
CA GLY O 52 -104.33 -18.10 -28.60
C GLY O 52 -105.35 -18.48 -27.56
N TYR O 53 -105.10 -19.59 -26.86
CA TYR O 53 -105.99 -20.06 -25.81
C TYR O 53 -105.70 -19.44 -24.45
N VAL O 54 -104.89 -18.39 -24.46
CA VAL O 54 -104.52 -17.68 -23.25
C VAL O 54 -105.78 -17.27 -22.48
N SER O 55 -106.91 -17.22 -23.16
CA SER O 55 -108.17 -16.85 -22.50
C SER O 55 -108.72 -18.03 -21.70
N ASP O 56 -108.41 -19.26 -22.08
CA ASP O 56 -108.94 -20.35 -21.29
C ASP O 56 -107.98 -21.52 -21.44
N PRO O 57 -106.77 -21.35 -20.90
CA PRO O 57 -105.72 -22.37 -20.96
C PRO O 57 -106.21 -23.69 -20.47
N ARG O 58 -107.45 -23.69 -20.02
CA ARG O 58 -108.09 -24.85 -19.45
C ARG O 58 -108.16 -26.05 -20.40
N VAL O 59 -108.78 -25.89 -21.56
CA VAL O 59 -108.93 -27.02 -22.47
C VAL O 59 -107.66 -27.60 -23.09
N PRO O 60 -106.76 -26.75 -23.60
CA PRO O 60 -105.55 -27.28 -24.20
C PRO O 60 -104.66 -28.03 -23.22
N LEU O 61 -104.60 -27.55 -21.97
CA LEU O 61 -103.78 -28.20 -20.94
C LEU O 61 -104.36 -29.57 -20.72
N GLN O 62 -105.68 -29.60 -20.67
CA GLN O 62 -106.44 -30.82 -20.46
C GLN O 62 -106.10 -31.84 -21.54
N THR O 63 -106.06 -31.39 -22.79
CA THR O 63 -105.75 -32.27 -23.90
C THR O 63 -104.34 -32.84 -23.74
N MET O 64 -103.39 -31.98 -23.42
CA MET O 64 -102.01 -32.43 -23.26
C MET O 64 -101.89 -33.55 -22.25
N SER O 65 -102.60 -33.43 -21.13
CA SER O 65 -102.57 -34.49 -20.14
C SER O 65 -103.15 -35.75 -20.76
N ASN O 66 -104.35 -35.62 -21.33
CA ASN O 66 -105.02 -36.73 -21.97
C ASN O 66 -104.07 -37.53 -22.81
N MET O 67 -103.47 -36.88 -23.79
CA MET O 67 -102.55 -37.58 -24.64
C MET O 67 -101.39 -38.18 -23.86
N PHE O 68 -100.94 -37.50 -22.82
CA PHE O 68 -99.83 -38.04 -22.04
C PHE O 68 -100.18 -39.35 -21.35
N VAL O 69 -101.39 -39.47 -20.84
CA VAL O 69 -101.79 -40.70 -20.17
C VAL O 69 -101.87 -41.78 -21.23
N SER O 70 -102.50 -41.42 -22.33
CA SER O 70 -102.65 -42.32 -23.46
C SER O 70 -101.28 -42.87 -23.89
N PHE O 71 -100.24 -42.07 -23.67
CA PHE O 71 -98.88 -42.42 -24.04
C PHE O 71 -98.15 -43.24 -23.00
N ILE O 72 -98.00 -42.70 -21.80
CA ILE O 72 -97.28 -43.41 -20.76
C ILE O 72 -97.93 -44.76 -20.46
N THR O 73 -99.14 -44.95 -21.00
CA THR O 73 -99.90 -46.17 -20.79
C THR O 73 -99.60 -47.33 -21.73
N SER O 74 -99.19 -47.04 -22.96
CA SER O 74 -98.87 -48.08 -23.93
C SER O 74 -97.37 -48.34 -24.12
N THR O 75 -96.94 -49.56 -23.78
CA THR O 75 -95.54 -49.93 -23.92
C THR O 75 -95.06 -49.68 -25.34
N ASP O 76 -95.92 -49.98 -26.30
CA ASP O 76 -95.56 -49.81 -27.70
C ASP O 76 -95.14 -48.37 -28.02
N ARG O 77 -95.73 -47.41 -27.32
CA ARG O 77 -95.42 -46.00 -27.55
C ARG O 77 -94.18 -45.54 -26.79
N CYS O 78 -94.32 -45.46 -25.47
CA CYS O 78 -93.27 -45.00 -24.57
C CYS O 78 -92.18 -46.02 -24.24
N GLY O 79 -92.20 -47.16 -24.91
CA GLY O 79 -91.20 -48.15 -24.62
C GLY O 79 -89.79 -47.59 -24.74
N TYR O 80 -89.60 -46.82 -25.80
CA TYR O 80 -88.30 -46.22 -26.09
C TYR O 80 -87.63 -45.61 -24.88
N MET O 81 -88.41 -44.96 -24.01
CA MET O 81 -87.83 -44.31 -22.84
C MET O 81 -87.73 -45.20 -21.63
N LEU O 82 -87.95 -46.49 -21.81
CA LEU O 82 -87.82 -47.42 -20.71
C LEU O 82 -86.53 -48.19 -20.83
N ARG O 83 -85.91 -48.14 -22.01
CA ARG O 83 -84.66 -48.86 -22.24
C ARG O 83 -83.50 -48.19 -21.52
N LYS O 84 -82.51 -48.97 -21.15
CA LYS O 84 -81.38 -48.46 -20.38
C LYS O 84 -80.69 -47.20 -20.88
N THR O 85 -80.55 -47.05 -22.19
CA THR O 85 -79.88 -45.89 -22.78
C THR O 85 -80.58 -44.54 -22.71
N TRP O 86 -81.91 -44.56 -22.56
CA TRP O 86 -82.69 -43.32 -22.49
C TRP O 86 -82.34 -42.53 -21.26
N PHE O 87 -82.05 -43.29 -20.21
CA PHE O 87 -81.72 -42.71 -18.92
C PHE O 87 -80.28 -42.24 -18.84
N ASN O 88 -79.36 -42.92 -19.51
CA ASN O 88 -77.94 -42.56 -19.41
C ASN O 88 -77.27 -41.67 -20.47
N SER O 89 -77.93 -41.41 -21.59
CA SER O 89 -77.31 -40.57 -22.61
C SER O 89 -78.21 -39.44 -23.07
N ASP O 90 -77.64 -38.59 -23.92
CA ASP O 90 -78.34 -37.43 -24.46
C ASP O 90 -78.43 -37.57 -25.98
N THR O 91 -78.56 -38.81 -26.45
CA THR O 91 -78.63 -39.11 -27.87
C THR O 91 -80.05 -38.91 -28.39
N LYS O 92 -80.23 -37.99 -29.34
CA LYS O 92 -81.55 -37.75 -29.91
C LYS O 92 -82.07 -39.06 -30.50
N PRO O 93 -83.16 -39.60 -29.92
CA PRO O 93 -83.77 -40.86 -30.35
C PRO O 93 -84.49 -40.79 -31.67
N THR O 94 -84.62 -41.96 -32.28
CA THR O 94 -85.26 -42.12 -33.56
C THR O 94 -86.78 -41.85 -33.57
N VAL O 95 -87.52 -42.54 -32.69
CA VAL O 95 -88.99 -42.46 -32.55
C VAL O 95 -89.77 -41.26 -33.11
N SER O 96 -90.93 -41.55 -33.69
CA SER O 96 -91.85 -40.57 -34.25
C SER O 96 -93.20 -40.90 -33.59
N ASP O 97 -93.64 -40.11 -32.61
CA ASP O 97 -94.93 -40.35 -31.91
C ASP O 97 -95.69 -39.03 -31.79
N ASP O 98 -97.00 -39.06 -32.03
CA ASP O 98 -97.80 -37.85 -31.95
C ASP O 98 -97.51 -37.00 -30.71
N PHE O 99 -97.39 -37.64 -29.55
CA PHE O 99 -97.12 -36.89 -28.34
C PHE O 99 -95.73 -36.25 -28.36
N ILE O 100 -94.71 -37.09 -28.30
CA ILE O 100 -93.32 -36.63 -28.31
C ILE O 100 -93.15 -35.46 -29.26
N THR O 101 -93.59 -35.67 -30.49
CA THR O 101 -93.51 -34.65 -31.54
C THR O 101 -94.05 -33.30 -31.17
N THR O 102 -95.29 -33.26 -30.72
CA THR O 102 -95.93 -31.99 -30.40
C THR O 102 -95.73 -31.35 -29.02
N TYR O 103 -95.27 -32.12 -28.03
CA TYR O 103 -95.09 -31.58 -26.68
C TYR O 103 -93.67 -31.68 -26.10
N ILE O 104 -92.85 -32.56 -26.64
CA ILE O 104 -91.51 -32.69 -26.12
C ILE O 104 -90.43 -32.14 -27.03
N ARG O 105 -89.84 -31.04 -26.58
CA ARG O 105 -88.80 -30.36 -27.32
C ARG O 105 -88.11 -29.48 -26.30
N PRO O 106 -86.87 -29.07 -26.57
CA PRO O 106 -86.09 -28.21 -25.69
C PRO O 106 -86.82 -26.95 -25.29
N ARG O 107 -86.74 -26.58 -24.02
CA ARG O 107 -87.43 -25.38 -23.54
C ARG O 107 -86.57 -24.35 -22.79
N LEU O 108 -85.64 -24.83 -21.97
CA LEU O 108 -84.79 -23.93 -21.21
C LEU O 108 -83.70 -23.37 -22.09
N GLN O 109 -83.44 -22.07 -21.92
CA GLN O 109 -82.42 -21.37 -22.69
C GLN O 109 -81.04 -21.79 -22.23
N VAL O 110 -80.20 -22.17 -23.17
CA VAL O 110 -78.86 -22.56 -22.82
C VAL O 110 -78.01 -21.45 -23.41
N PRO O 111 -76.99 -21.02 -22.68
CA PRO O 111 -76.58 -21.48 -21.36
C PRO O 111 -77.19 -20.75 -20.18
N MET O 112 -77.85 -19.63 -20.44
CA MET O 112 -78.40 -18.86 -19.33
C MET O 112 -78.97 -19.70 -18.20
N SER O 113 -79.67 -20.78 -18.54
CA SER O 113 -80.28 -21.61 -17.53
C SER O 113 -79.32 -22.21 -16.52
N ASP O 114 -78.31 -22.92 -16.98
CA ASP O 114 -77.34 -23.50 -16.04
C ASP O 114 -76.68 -22.39 -15.25
N THR O 115 -76.31 -21.31 -15.94
CA THR O 115 -75.67 -20.19 -15.28
C THR O 115 -76.46 -19.74 -14.07
N VAL O 116 -77.76 -19.59 -14.25
CA VAL O 116 -78.60 -19.18 -13.15
C VAL O 116 -78.64 -20.29 -12.11
N ARG O 117 -78.86 -21.53 -12.55
CA ARG O 117 -78.92 -22.68 -11.64
C ARG O 117 -77.72 -22.73 -10.71
N GLN O 118 -76.52 -22.43 -11.22
CA GLN O 118 -75.34 -22.45 -10.38
C GLN O 118 -75.40 -21.28 -9.42
N LEU O 119 -75.59 -20.09 -9.96
CA LEU O 119 -75.68 -18.90 -9.12
C LEU O 119 -76.66 -19.13 -8.00
N ASN O 120 -77.60 -20.04 -8.23
CA ASN O 120 -78.59 -20.28 -7.20
C ASN O 120 -78.05 -21.05 -6.04
N ASN O 121 -77.19 -22.01 -6.30
CA ASN O 121 -76.65 -22.79 -5.21
C ASN O 121 -76.04 -21.95 -4.11
N LEU O 122 -75.63 -20.73 -4.44
CA LEU O 122 -75.06 -19.87 -3.42
C LEU O 122 -76.02 -18.81 -2.91
N SER O 123 -77.25 -18.76 -3.42
CA SER O 123 -78.20 -17.76 -2.93
C SER O 123 -78.55 -18.05 -1.49
N LEU O 124 -78.72 -16.97 -0.73
CA LEU O 124 -79.03 -17.01 0.69
C LEU O 124 -80.28 -17.77 1.11
N GLN O 125 -81.41 -17.48 0.50
CA GLN O 125 -82.62 -18.16 0.89
C GLN O 125 -83.26 -18.84 -0.31
N PRO O 126 -82.79 -20.05 -0.62
CA PRO O 126 -83.29 -20.86 -1.74
C PRO O 126 -84.67 -21.38 -1.39
N SER O 127 -85.27 -22.14 -2.27
CA SER O 127 -86.61 -22.62 -1.95
C SER O 127 -86.58 -23.72 -0.91
N ALA O 128 -87.40 -23.56 0.11
CA ALA O 128 -87.49 -24.55 1.18
C ALA O 128 -88.12 -25.82 0.67
N LYS O 129 -89.04 -25.68 -0.27
CA LYS O 129 -89.74 -26.81 -0.86
C LYS O 129 -89.52 -26.75 -2.36
N PRO O 130 -88.34 -27.20 -2.82
CA PRO O 130 -87.95 -27.21 -4.22
C PRO O 130 -88.90 -27.95 -5.13
N LYS O 131 -88.74 -27.70 -6.44
CA LYS O 131 -89.56 -28.32 -7.47
C LYS O 131 -89.06 -29.72 -7.76
N LEU O 132 -89.84 -30.49 -8.51
CA LEU O 132 -89.43 -31.83 -8.85
C LEU O 132 -88.23 -31.72 -9.77
N TYR O 133 -88.20 -30.66 -10.56
CA TYR O 133 -87.09 -30.46 -11.49
C TYR O 133 -85.71 -30.68 -10.85
N GLU O 134 -85.42 -29.89 -9.82
CA GLU O 134 -84.13 -29.99 -9.13
C GLU O 134 -83.82 -31.44 -8.81
N ARG O 135 -84.82 -32.14 -8.28
CA ARG O 135 -84.66 -33.54 -7.93
C ARG O 135 -84.38 -34.40 -9.14
N GLN O 136 -85.14 -34.17 -10.21
CA GLN O 136 -84.96 -34.91 -11.43
C GLN O 136 -83.51 -34.82 -11.86
N ASN O 137 -82.96 -33.61 -11.85
CA ASN O 137 -81.57 -33.40 -12.25
C ASN O 137 -80.57 -34.10 -11.35
N ALA O 138 -80.77 -34.02 -10.05
CA ALA O 138 -79.85 -34.69 -9.14
C ALA O 138 -79.92 -36.18 -9.41
N ILE O 139 -81.08 -36.77 -9.16
CA ILE O 139 -81.25 -38.19 -9.36
C ILE O 139 -80.79 -38.73 -10.70
N MET O 140 -80.94 -37.94 -11.76
CA MET O 140 -80.56 -38.40 -13.07
C MET O 140 -79.18 -38.02 -13.57
N LYS O 141 -78.83 -36.75 -13.45
CA LYS O 141 -77.52 -36.29 -13.93
C LYS O 141 -76.49 -36.12 -12.81
N GLY O 142 -76.93 -36.25 -11.57
CA GLY O 142 -76.01 -36.11 -10.46
C GLY O 142 -75.59 -34.68 -10.26
N LEU O 143 -76.52 -33.78 -10.56
CA LEU O 143 -76.24 -32.36 -10.41
C LEU O 143 -76.35 -31.96 -8.96
N ASP O 144 -75.77 -30.80 -8.66
CA ASP O 144 -75.78 -30.27 -7.31
C ASP O 144 -77.10 -29.66 -6.87
N ILE O 145 -77.25 -29.52 -5.56
CA ILE O 145 -78.43 -28.95 -4.95
C ILE O 145 -77.91 -27.78 -4.12
N PRO O 146 -78.64 -26.65 -4.11
CA PRO O 146 -78.27 -25.44 -3.36
C PRO O 146 -77.75 -25.68 -1.95
N TYR O 147 -76.56 -25.15 -1.72
CA TYR O 147 -75.87 -25.32 -0.45
C TYR O 147 -76.70 -24.99 0.77
N SER O 148 -77.68 -24.10 0.65
CA SER O 148 -78.45 -23.75 1.83
C SER O 148 -79.88 -24.29 1.93
N GLU O 149 -80.20 -25.30 1.14
CA GLU O 149 -81.54 -25.89 1.16
C GLU O 149 -81.72 -26.80 2.37
N PRO O 150 -82.88 -26.70 3.03
CA PRO O 150 -83.17 -27.53 4.19
C PRO O 150 -83.50 -28.95 3.80
N ILE O 151 -83.25 -29.88 4.74
CA ILE O 151 -83.50 -31.30 4.53
C ILE O 151 -83.97 -31.92 5.83
N GLU O 152 -84.86 -32.90 5.76
CA GLU O 152 -85.33 -33.58 6.96
C GLU O 152 -84.40 -34.80 7.05
N PRO O 153 -83.41 -34.77 7.94
CA PRO O 153 -82.45 -35.86 8.10
C PRO O 153 -82.99 -37.29 8.01
N CYS O 154 -84.15 -37.54 8.60
CA CYS O 154 -84.68 -38.90 8.55
C CYS O 154 -84.91 -39.45 7.15
N LYS O 155 -84.99 -38.58 6.15
CA LYS O 155 -85.21 -39.04 4.79
C LYS O 155 -83.91 -39.59 4.25
N LEU O 156 -82.82 -38.97 4.70
CA LEU O 156 -81.48 -39.37 4.28
C LEU O 156 -81.11 -40.74 4.79
N PHE O 157 -81.74 -41.16 5.89
CA PHE O 157 -81.42 -42.44 6.47
C PHE O 157 -81.39 -43.59 5.49
N ARG O 158 -80.50 -44.52 5.78
CA ARG O 158 -80.32 -45.70 4.98
C ARG O 158 -79.73 -46.76 5.88
N SER O 159 -80.21 -47.99 5.75
CA SER O 159 -79.72 -49.09 6.57
C SER O 159 -78.21 -49.19 6.54
N VAL O 160 -77.63 -49.45 7.70
CA VAL O 160 -76.20 -49.57 7.84
C VAL O 160 -75.85 -50.83 8.66
N ALA O 161 -74.61 -51.29 8.55
CA ALA O 161 -74.12 -52.49 9.25
C ALA O 161 -74.67 -52.69 10.66
N GLY O 162 -74.40 -51.70 11.52
CA GLY O 162 -74.86 -51.77 12.90
C GLY O 162 -76.34 -51.97 13.07
N GLN O 163 -77.11 -50.88 12.98
CA GLN O 163 -78.57 -50.92 13.08
C GLN O 163 -79.20 -50.97 11.70
N THR O 164 -80.14 -51.89 11.54
CA THR O 164 -80.82 -52.10 10.28
C THR O 164 -81.80 -51.00 9.90
N GLY O 165 -82.49 -50.44 10.89
CA GLY O 165 -83.46 -49.40 10.57
C GLY O 165 -83.43 -48.19 11.49
N ASN O 166 -84.30 -47.22 11.19
CA ASN O 166 -84.41 -45.97 11.96
C ASN O 166 -85.70 -45.99 12.78
N ILE O 167 -86.84 -45.95 12.12
CA ILE O 167 -88.10 -45.98 12.84
C ILE O 167 -88.22 -47.26 13.68
N PRO O 168 -87.80 -48.41 13.13
CA PRO O 168 -87.88 -49.69 13.85
C PRO O 168 -87.20 -49.68 15.22
N MET O 169 -86.08 -48.99 15.30
CA MET O 169 -85.33 -48.88 16.54
C MET O 169 -86.13 -48.22 17.64
N MET O 170 -87.25 -47.63 17.27
CA MET O 170 -88.09 -46.94 18.24
C MET O 170 -88.58 -47.89 19.29
N GLY O 171 -89.06 -49.05 18.85
CA GLY O 171 -89.54 -50.04 19.79
C GLY O 171 -88.41 -50.54 20.68
N ILE O 172 -87.27 -50.82 20.06
CA ILE O 172 -86.12 -51.29 20.79
C ILE O 172 -85.63 -50.27 21.79
N LEU O 173 -85.68 -49.00 21.42
CA LEU O 173 -85.21 -47.95 22.32
C LEU O 173 -86.14 -47.76 23.51
N ALA O 174 -87.38 -48.25 23.39
CA ALA O 174 -88.36 -48.11 24.46
C ALA O 174 -88.34 -49.26 25.44
N THR O 175 -87.65 -50.34 25.09
CA THR O 175 -87.57 -51.50 25.96
C THR O 175 -86.40 -51.30 26.92
N PRO O 176 -86.65 -51.39 28.23
CA PRO O 176 -85.53 -51.20 29.16
C PRO O 176 -84.39 -52.13 28.75
N PRO O 177 -83.16 -51.72 29.02
CA PRO O 177 -81.96 -52.48 28.68
C PRO O 177 -81.57 -53.60 29.65
N ALA O 178 -80.89 -54.60 29.10
CA ALA O 178 -80.43 -55.74 29.87
C ALA O 178 -79.08 -55.40 30.51
N ALA O 179 -78.21 -54.78 29.72
CA ALA O 179 -76.88 -54.35 30.14
C ALA O 179 -76.50 -53.22 29.18
N GLN O 180 -75.35 -52.56 29.41
CA GLN O 180 -74.93 -51.46 28.54
C GLN O 180 -74.89 -51.94 27.10
N GLN O 181 -75.69 -51.31 26.25
CA GLN O 181 -75.74 -51.69 24.83
C GLN O 181 -74.84 -50.89 23.91
N GLN O 182 -74.96 -51.17 22.62
CA GLN O 182 -74.15 -50.52 21.60
C GLN O 182 -74.76 -49.15 21.25
N PRO O 183 -73.93 -48.23 20.74
CA PRO O 183 -74.38 -46.89 20.36
C PRO O 183 -75.48 -46.92 19.30
N PHE O 184 -76.29 -45.86 19.23
CA PHE O 184 -77.37 -45.80 18.25
C PHE O 184 -77.47 -44.42 17.63
N PHE O 185 -77.88 -44.38 16.38
CA PHE O 185 -78.02 -43.12 15.67
C PHE O 185 -79.36 -43.11 14.98
N VAL O 186 -80.24 -42.18 15.35
CA VAL O 186 -81.53 -42.11 14.70
C VAL O 186 -81.81 -40.70 14.24
N ALA O 187 -82.83 -40.56 13.40
CA ALA O 187 -83.17 -39.24 12.92
C ALA O 187 -84.66 -39.03 12.94
N GLU O 188 -85.07 -37.80 13.19
CA GLU O 188 -86.48 -37.43 13.24
C GLU O 188 -86.65 -36.46 12.08
N ARG O 189 -87.76 -35.74 12.09
CA ARG O 189 -87.97 -34.78 11.03
C ARG O 189 -87.08 -33.57 11.26
N ARG O 190 -87.11 -33.04 12.47
CA ARG O 190 -86.33 -31.84 12.76
C ARG O 190 -85.08 -32.02 13.60
N ARG O 191 -84.73 -33.24 13.99
CA ARG O 191 -83.51 -33.40 14.76
C ARG O 191 -82.85 -34.77 14.67
N ILE O 192 -81.60 -34.83 15.12
CA ILE O 192 -80.81 -36.04 15.08
C ILE O 192 -80.48 -36.51 16.51
N LEU O 193 -80.51 -37.82 16.74
CA LEU O 193 -80.25 -38.38 18.07
C LEU O 193 -79.18 -39.45 18.06
N PHE O 194 -78.31 -39.43 19.07
CA PHE O 194 -77.26 -40.44 19.18
C PHE O 194 -76.96 -40.60 20.65
N GLY O 195 -76.53 -41.81 21.04
CA GLY O 195 -76.22 -42.04 22.44
C GLY O 195 -75.97 -43.50 22.81
N ILE O 196 -75.92 -43.76 24.12
CA ILE O 196 -75.71 -45.10 24.61
C ILE O 196 -76.66 -45.32 25.77
N ARG O 197 -77.40 -46.42 25.73
CA ARG O 197 -78.32 -46.71 26.81
C ARG O 197 -77.81 -47.89 27.63
N SER O 198 -78.07 -47.89 28.93
CA SER O 198 -77.61 -48.95 29.83
C SER O 198 -78.46 -49.03 31.10
N ASN O 199 -78.48 -50.20 31.74
CA ASN O 199 -79.25 -50.41 32.97
C ASN O 199 -78.37 -50.02 34.13
N ALA O 200 -77.07 -49.94 33.86
CA ALA O 200 -76.08 -49.56 34.86
C ALA O 200 -75.61 -48.15 34.55
N ALA O 201 -74.68 -47.64 35.34
CA ALA O 201 -74.16 -46.31 35.12
C ALA O 201 -73.03 -46.33 34.10
N ILE O 202 -72.88 -45.21 33.39
CA ILE O 202 -71.80 -45.09 32.41
C ILE O 202 -70.88 -44.02 32.97
N PRO O 203 -69.64 -44.40 33.24
CA PRO O 203 -68.60 -43.53 33.80
C PRO O 203 -68.36 -42.26 33.01
N ALA O 204 -67.84 -41.26 33.70
CA ALA O 204 -67.55 -40.01 33.04
C ALA O 204 -66.26 -40.17 32.28
N GLY O 205 -66.28 -39.80 31.00
CA GLY O 205 -65.10 -39.93 30.19
C GLY O 205 -65.30 -39.46 28.77
N ALA O 206 -64.47 -39.98 27.87
CA ALA O 206 -64.57 -39.61 26.47
C ALA O 206 -64.99 -40.76 25.57
N TYR O 207 -66.20 -40.67 25.04
CA TYR O 207 -66.71 -41.70 24.16
C TYR O 207 -66.66 -41.32 22.69
N GLN O 208 -66.37 -42.30 21.86
CA GLN O 208 -66.27 -42.10 20.42
C GLN O 208 -67.54 -42.59 19.72
N PHE O 209 -68.11 -41.75 18.86
CA PHE O 209 -69.31 -42.13 18.10
C PHE O 209 -68.99 -42.02 16.63
N VAL O 210 -69.34 -43.04 15.86
CA VAL O 210 -69.06 -42.99 14.43
C VAL O 210 -70.29 -42.53 13.71
N VAL O 211 -70.18 -41.45 12.97
CA VAL O 211 -71.31 -40.94 12.23
C VAL O 211 -71.58 -41.94 11.14
N PRO O 212 -72.82 -42.41 11.00
CA PRO O 212 -73.14 -43.39 9.97
C PRO O 212 -73.03 -42.77 8.60
N ALA O 213 -72.71 -43.59 7.61
CA ALA O 213 -72.55 -43.09 6.26
C ALA O 213 -73.71 -42.19 5.78
N TRP O 214 -74.94 -42.57 6.11
CA TRP O 214 -76.09 -41.80 5.67
C TRP O 214 -76.10 -40.36 6.19
N ALA O 215 -75.65 -40.18 7.44
CA ALA O 215 -75.62 -38.87 8.08
C ALA O 215 -74.34 -38.07 7.96
N SER O 216 -73.31 -38.65 7.35
CA SER O 216 -72.05 -37.95 7.22
C SER O 216 -72.08 -36.82 6.19
N VAL O 217 -73.26 -36.46 5.73
CA VAL O 217 -73.38 -35.39 4.75
C VAL O 217 -74.12 -34.24 5.40
N LEU O 218 -74.66 -34.51 6.56
CA LEU O 218 -75.41 -33.50 7.28
C LEU O 218 -74.58 -32.36 7.82
N SER O 219 -75.26 -31.21 7.94
CA SER O 219 -74.70 -29.97 8.48
C SER O 219 -75.84 -29.19 9.13
N VAL O 220 -75.63 -28.72 10.36
CA VAL O 220 -76.67 -27.96 11.04
C VAL O 220 -76.24 -26.57 11.36
N THR O 221 -77.24 -25.74 11.69
CA THR O 221 -77.03 -24.35 12.05
C THR O 221 -78.21 -24.00 12.93
N GLY O 222 -78.06 -22.95 13.71
CA GLY O 222 -79.14 -22.54 14.62
C GLY O 222 -79.62 -23.77 15.37
N ALA O 223 -78.67 -24.55 15.87
CA ALA O 223 -79.02 -25.77 16.57
C ALA O 223 -78.74 -25.74 18.04
N TYR O 224 -79.64 -26.38 18.77
CA TYR O 224 -79.55 -26.54 20.21
C TYR O 224 -79.14 -28.01 20.39
N VAL O 225 -78.22 -28.30 21.29
CA VAL O 225 -77.84 -29.69 21.50
C VAL O 225 -78.06 -29.95 22.97
N TYR O 226 -78.82 -30.99 23.29
CA TYR O 226 -79.14 -31.27 24.68
C TYR O 226 -79.45 -32.75 24.95
N PHE O 227 -79.56 -33.09 26.23
CA PHE O 227 -79.87 -34.47 26.62
C PHE O 227 -81.37 -34.62 26.64
N THR O 228 -81.87 -35.62 25.92
CA THR O 228 -83.32 -35.84 25.92
C THR O 228 -83.63 -37.31 26.11
N ASN O 229 -84.91 -37.66 26.05
CA ASN O 229 -85.29 -39.05 26.22
C ASN O 229 -86.47 -39.50 25.37
N SER O 230 -86.75 -38.83 24.27
CA SER O 230 -87.85 -39.27 23.44
C SER O 230 -87.41 -39.38 21.98
N PHE O 231 -88.12 -40.18 21.20
CA PHE O 231 -87.78 -40.37 19.80
C PHE O 231 -89.07 -40.41 19.03
N PHE O 232 -89.34 -39.35 18.29
CA PHE O 232 -90.58 -39.26 17.55
C PHE O 232 -91.70 -39.22 18.56
N GLY O 233 -91.42 -38.66 19.73
CA GLY O 233 -92.43 -38.57 20.76
C GLY O 233 -92.70 -39.87 21.49
N THR O 234 -91.78 -40.81 21.36
CA THR O 234 -91.90 -42.10 22.02
C THR O 234 -90.80 -42.18 23.09
N ILE O 235 -91.19 -42.49 24.32
CA ILE O 235 -90.22 -42.55 25.41
C ILE O 235 -89.10 -43.54 25.24
N ILE O 236 -87.87 -43.05 25.36
CA ILE O 236 -86.68 -43.88 25.27
C ILE O 236 -86.36 -44.28 26.68
N ALA O 237 -86.14 -45.58 26.89
CA ALA O 237 -85.82 -46.05 28.22
C ALA O 237 -84.32 -46.39 28.28
N GLY O 238 -83.80 -46.45 29.49
CA GLY O 238 -82.39 -46.78 29.66
C GLY O 238 -81.54 -45.57 29.36
N VAL O 239 -82.09 -44.41 29.69
CA VAL O 239 -81.41 -43.16 29.47
C VAL O 239 -81.94 -42.18 30.49
N THR O 240 -81.06 -41.38 31.07
CA THR O 240 -81.48 -40.39 32.06
C THR O 240 -81.27 -38.98 31.52
N ALA O 241 -82.24 -38.12 31.74
CA ALA O 241 -82.14 -36.76 31.27
C ALA O 241 -81.73 -35.88 32.44
N THR O 242 -82.04 -36.36 33.63
CA THR O 242 -81.72 -35.66 34.86
C THR O 242 -80.30 -35.05 34.86
N ALA O 243 -80.13 -33.95 35.58
CA ALA O 243 -78.83 -33.28 35.71
C ALA O 243 -78.93 -32.18 36.77
N THR O 244 -77.80 -31.87 37.42
CA THR O 244 -77.78 -30.83 38.45
C THR O 244 -77.05 -29.58 37.96
N ALA O 245 -77.49 -28.42 38.45
CA ALA O 245 -76.88 -27.17 38.04
C ALA O 245 -75.36 -27.22 38.23
N ALA O 246 -74.92 -28.00 39.21
CA ALA O 246 -73.50 -28.15 39.54
C ALA O 246 -72.71 -29.14 38.67
N ASP O 247 -73.42 -29.95 37.89
CA ASP O 247 -72.77 -30.93 37.02
C ASP O 247 -71.64 -30.29 36.21
N ALA O 248 -70.61 -31.06 35.94
CA ALA O 248 -69.49 -30.55 35.16
C ALA O 248 -69.91 -30.58 33.70
N ALA O 249 -69.66 -29.48 32.99
CA ALA O 249 -70.04 -29.37 31.58
C ALA O 249 -69.69 -30.54 30.67
N THR O 250 -70.65 -30.94 29.83
CA THR O 250 -70.44 -32.03 28.87
C THR O 250 -70.29 -31.42 27.48
N THR O 251 -69.24 -31.80 26.77
CA THR O 251 -69.02 -31.26 25.41
C THR O 251 -68.60 -32.31 24.39
N PHE O 252 -68.55 -31.89 23.14
CA PHE O 252 -68.16 -32.77 22.06
C PHE O 252 -67.44 -31.99 20.98
N THR O 253 -66.69 -32.70 20.15
CA THR O 253 -65.95 -32.06 19.07
C THR O 253 -66.26 -32.73 17.74
N VAL O 254 -65.91 -32.03 16.67
CA VAL O 254 -66.12 -32.57 15.36
C VAL O 254 -64.81 -32.35 14.65
N PRO O 255 -64.49 -33.19 13.67
CA PRO O 255 -63.23 -33.03 12.96
C PRO O 255 -63.10 -31.65 12.31
N THR O 256 -64.19 -31.17 11.72
CA THR O 256 -64.18 -29.90 11.03
C THR O 256 -64.02 -28.66 11.91
N ASP O 257 -64.15 -28.81 13.22
CA ASP O 257 -64.05 -27.65 14.12
C ASP O 257 -63.17 -27.90 15.33
N ALA O 258 -62.13 -27.08 15.46
CA ALA O 258 -61.15 -27.19 16.54
C ALA O 258 -61.70 -26.98 17.95
N ASN O 259 -62.66 -26.08 18.09
CA ASN O 259 -63.23 -25.75 19.39
C ASN O 259 -64.39 -26.61 19.84
N ASN O 260 -64.39 -26.92 21.13
CA ASN O 260 -65.42 -27.76 21.73
C ASN O 260 -66.80 -27.20 21.58
N LEU O 261 -67.77 -28.09 21.41
CA LEU O 261 -69.17 -27.72 21.27
C LEU O 261 -69.95 -28.09 22.53
N PRO O 262 -70.44 -27.09 23.25
CA PRO O 262 -71.20 -27.27 24.49
C PRO O 262 -72.57 -27.92 24.36
N VAL O 263 -72.91 -28.74 25.34
CA VAL O 263 -74.19 -29.42 25.35
C VAL O 263 -75.00 -28.95 26.55
N GLN O 264 -76.31 -28.84 26.34
CA GLN O 264 -77.26 -28.41 27.36
C GLN O 264 -77.15 -26.91 27.64
N THR O 265 -76.75 -26.15 26.62
CA THR O 265 -76.62 -24.69 26.74
C THR O 265 -77.58 -23.99 25.81
N ASP O 266 -77.97 -22.78 26.18
CA ASP O 266 -78.89 -22.01 25.36
C ASP O 266 -78.20 -21.37 24.15
N SER O 267 -76.98 -21.81 23.87
CA SER O 267 -76.22 -21.29 22.74
C SER O 267 -76.58 -22.04 21.46
N ARG O 268 -76.69 -21.29 20.36
CA ARG O 268 -77.02 -21.83 19.04
C ARG O 268 -75.76 -22.22 18.29
N LEU O 269 -75.66 -23.50 18.00
CA LEU O 269 -74.48 -24.00 17.33
C LEU O 269 -74.72 -24.28 15.88
N SER O 270 -73.61 -24.48 15.19
CA SER O 270 -73.57 -24.81 13.78
C SER O 270 -72.26 -25.56 13.59
N PHE O 271 -72.37 -26.78 13.13
CA PHE O 271 -71.20 -27.60 12.91
C PHE O 271 -71.57 -28.59 11.83
N SER O 272 -70.60 -29.41 11.46
CA SER O 272 -70.84 -30.37 10.40
C SER O 272 -70.40 -31.79 10.72
N LEU O 273 -71.30 -32.74 10.54
CA LEU O 273 -70.96 -34.13 10.80
C LEU O 273 -70.10 -34.69 9.68
N GLY O 274 -69.32 -33.83 9.04
CA GLY O 274 -68.51 -34.27 7.93
C GLY O 274 -67.24 -35.06 8.18
N GLY O 275 -66.48 -34.68 9.21
CA GLY O 275 -65.21 -35.37 9.50
C GLY O 275 -65.32 -36.84 9.82
N GLY O 276 -66.57 -37.28 9.91
CA GLY O 276 -66.87 -38.67 10.19
C GLY O 276 -66.75 -39.07 11.66
N ASN O 277 -66.42 -38.20 12.59
CA ASN O 277 -66.31 -38.73 13.94
C ASN O 277 -66.64 -37.83 15.11
N ILE O 278 -67.80 -38.06 15.73
CA ILE O 278 -68.21 -37.24 16.87
C ILE O 278 -67.47 -37.67 18.12
N ASN O 279 -66.84 -36.73 18.81
CA ASN O 279 -66.11 -37.09 20.01
C ASN O 279 -66.75 -36.45 21.25
N LEU O 280 -67.60 -37.21 21.96
CA LEU O 280 -68.31 -36.70 23.14
C LEU O 280 -67.57 -36.86 24.44
N GLU O 281 -67.76 -35.92 25.36
CA GLU O 281 -67.09 -36.04 26.65
C GLU O 281 -68.05 -35.84 27.82
N LEU O 282 -68.56 -36.95 28.36
CA LEU O 282 -69.49 -36.89 29.49
C LEU O 282 -68.84 -36.34 30.74
N GLY O 283 -69.30 -35.17 31.20
CA GLY O 283 -68.69 -34.57 32.38
C GLY O 283 -69.02 -35.25 33.69
N VAL O 284 -70.22 -35.84 33.73
CA VAL O 284 -70.73 -36.53 34.90
C VAL O 284 -71.39 -37.84 34.48
N ALA O 285 -70.93 -38.93 35.10
CA ALA O 285 -71.44 -40.26 34.83
C ALA O 285 -72.95 -40.22 34.80
N LYS O 286 -73.49 -40.84 33.77
CA LYS O 286 -74.92 -40.87 33.57
C LYS O 286 -75.40 -42.28 33.32
N THR O 287 -76.55 -42.62 33.88
CA THR O 287 -77.13 -43.94 33.74
C THR O 287 -77.79 -44.11 32.38
N GLY O 288 -77.00 -44.01 31.31
CA GLY O 288 -77.52 -44.14 29.96
C GLY O 288 -77.91 -42.75 29.47
N PHE O 289 -77.28 -42.28 28.40
CA PHE O 289 -77.58 -40.94 27.90
C PHE O 289 -77.94 -40.88 26.43
N CYS O 290 -78.64 -39.80 26.04
CA CYS O 290 -79.04 -39.58 24.66
C CYS O 290 -78.93 -38.11 24.29
N VAL O 291 -77.98 -37.80 23.39
CA VAL O 291 -77.74 -36.44 22.91
C VAL O 291 -78.62 -36.13 21.71
N ALA O 292 -79.15 -34.91 21.67
CA ALA O 292 -80.01 -34.45 20.58
C ALA O 292 -79.48 -33.18 19.92
N ILE O 293 -79.41 -33.19 18.60
CA ILE O 293 -78.98 -32.04 17.85
C ILE O 293 -80.25 -31.59 17.16
N GLU O 294 -80.78 -30.42 17.53
CA GLU O 294 -82.00 -29.91 16.92
C GLU O 294 -81.77 -28.54 16.31
N GLY O 295 -81.79 -28.47 14.99
CA GLY O 295 -81.58 -27.21 14.30
C GLY O 295 -82.04 -27.27 12.86
N GLU O 296 -81.38 -26.54 11.98
CA GLU O 296 -81.75 -26.56 10.57
C GLU O 296 -80.72 -27.43 9.88
N PHE O 297 -81.16 -28.51 9.29
CA PHE O 297 -80.23 -29.40 8.62
C PHE O 297 -80.11 -29.12 7.16
N THR O 298 -78.91 -29.33 6.63
CA THR O 298 -78.62 -29.08 5.23
C THR O 298 -77.57 -30.10 4.77
N ILE O 299 -77.58 -30.42 3.49
CA ILE O 299 -76.61 -31.37 2.96
C ILE O 299 -75.40 -30.59 2.45
N LEU O 300 -74.22 -30.92 2.97
CA LEU O 300 -72.95 -30.28 2.62
C LEU O 300 -72.71 -30.01 1.14
N ALA O 301 -71.86 -29.04 0.85
CA ALA O 301 -71.54 -28.72 -0.54
C ALA O 301 -71.02 -29.93 -1.28
N ASN O 302 -71.46 -30.11 -2.53
CA ASN O 302 -71.01 -31.21 -3.37
C ASN O 302 -70.99 -32.58 -2.67
N ARG O 303 -72.08 -32.93 -2.00
CA ARG O 303 -72.15 -34.21 -1.31
C ARG O 303 -73.55 -34.79 -1.38
N SER O 304 -74.47 -34.05 -1.98
CA SER O 304 -75.84 -34.51 -2.12
C SER O 304 -75.93 -35.76 -2.98
N GLN O 305 -75.00 -35.92 -3.91
CA GLN O 305 -75.00 -37.07 -4.80
C GLN O 305 -75.21 -38.38 -4.04
N ALA O 306 -74.52 -38.53 -2.91
CA ALA O 306 -74.64 -39.76 -2.13
C ALA O 306 -76.10 -40.14 -1.98
N TYR O 307 -76.90 -39.19 -1.54
CA TYR O 307 -78.32 -39.43 -1.33
C TYR O 307 -79.10 -39.71 -2.60
N TYR O 308 -79.11 -38.74 -3.52
CA TYR O 308 -79.85 -38.85 -4.78
C TYR O 308 -79.35 -39.90 -5.77
N THR O 309 -78.18 -40.46 -5.54
CA THR O 309 -77.62 -41.47 -6.42
C THR O 309 -77.91 -42.88 -5.93
N LEU O 310 -78.24 -42.96 -4.64
CA LEU O 310 -78.50 -44.23 -3.98
C LEU O 310 -77.12 -44.81 -3.69
N ASN O 311 -76.21 -43.93 -3.32
CA ASN O 311 -74.85 -44.35 -3.00
C ASN O 311 -74.74 -44.44 -1.47
N SER O 312 -75.78 -43.94 -0.79
CA SER O 312 -75.91 -43.98 0.66
C SER O 312 -76.09 -45.49 1.01
N ILE O 313 -76.64 -46.23 0.04
CA ILE O 313 -76.96 -47.65 0.19
C ILE O 313 -75.80 -48.61 0.12
N THR O 314 -75.70 -49.43 1.16
CA THR O 314 -74.66 -50.44 1.32
C THR O 314 -75.24 -51.80 1.67
N GLN O 315 -76.30 -51.82 2.47
CA GLN O 315 -76.89 -53.10 2.85
C GLN O 315 -78.05 -53.56 1.96
N THR O 316 -78.51 -54.78 2.20
CA THR O 316 -79.62 -55.36 1.45
C THR O 316 -80.36 -56.34 2.37
N PRO O 317 -81.65 -56.12 2.61
CA PRO O 317 -82.46 -55.04 2.07
C PRO O 317 -82.05 -53.75 2.78
N THR O 318 -82.65 -52.65 2.39
CA THR O 318 -82.33 -51.38 3.02
C THR O 318 -83.58 -50.54 3.13
N SER O 319 -83.53 -49.56 4.02
CA SER O 319 -84.64 -48.65 4.21
C SER O 319 -84.39 -47.58 3.18
N ILE O 320 -85.43 -47.14 2.50
CA ILE O 320 -85.22 -46.09 1.52
C ILE O 320 -86.46 -45.24 1.50
N ASP O 321 -86.28 -43.95 1.30
CA ASP O 321 -87.41 -43.04 1.26
C ASP O 321 -87.93 -42.98 -0.18
N ASP O 322 -88.44 -41.83 -0.62
CA ASP O 322 -88.95 -41.74 -1.99
C ASP O 322 -88.70 -40.40 -2.68
N PHE O 323 -87.71 -39.67 -2.19
CA PHE O 323 -87.38 -38.39 -2.78
C PHE O 323 -88.60 -37.54 -2.96
N ASP O 324 -89.56 -37.72 -2.04
CA ASP O 324 -90.79 -36.95 -2.03
C ASP O 324 -91.83 -37.10 -3.14
N VAL O 325 -91.65 -37.99 -4.10
CA VAL O 325 -92.68 -38.11 -5.15
C VAL O 325 -94.07 -38.23 -4.57
N SER O 326 -94.21 -39.08 -3.56
CA SER O 326 -95.50 -39.30 -2.93
C SER O 326 -96.27 -38.00 -2.69
N ASP O 327 -95.53 -36.92 -2.42
CA ASP O 327 -96.13 -35.61 -2.15
C ASP O 327 -96.62 -34.86 -3.38
N PHE O 328 -96.19 -35.29 -4.56
CA PHE O 328 -96.61 -34.65 -5.80
C PHE O 328 -97.67 -35.47 -6.52
N LEU O 329 -97.59 -36.78 -6.34
CA LEU O 329 -98.57 -37.63 -7.00
C LEU O 329 -100.00 -37.23 -6.60
N THR O 330 -100.18 -36.67 -5.40
CA THR O 330 -101.50 -36.29 -4.90
C THR O 330 -102.54 -35.84 -5.91
N THR O 331 -102.29 -34.73 -6.61
CA THR O 331 -103.27 -34.24 -7.57
C THR O 331 -103.57 -35.23 -8.70
N PHE O 332 -102.56 -35.83 -9.32
CA PHE O 332 -102.81 -36.78 -10.40
C PHE O 332 -103.72 -37.90 -9.93
N LEU O 333 -103.37 -38.49 -8.79
CA LEU O 333 -104.16 -39.56 -8.22
C LEU O 333 -105.62 -39.12 -8.07
N SER O 334 -105.83 -37.98 -7.44
CA SER O 334 -107.17 -37.49 -7.25
C SER O 334 -107.93 -37.53 -8.56
N GLN O 335 -107.30 -37.00 -9.60
CA GLN O 335 -107.92 -36.97 -10.92
C GLN O 335 -108.17 -38.37 -11.46
N LEU O 336 -107.30 -39.33 -11.15
CA LEU O 336 -107.52 -40.69 -11.64
C LEU O 336 -108.79 -41.25 -11.00
N ARG O 337 -108.90 -41.13 -9.68
CA ARG O 337 -110.06 -41.63 -8.97
C ARG O 337 -111.35 -40.94 -9.44
N ALA O 338 -111.20 -39.67 -9.81
CA ALA O 338 -112.32 -38.86 -10.25
C ALA O 338 -113.00 -39.31 -11.52
N CYS O 339 -112.30 -40.03 -12.38
CA CYS O 339 -112.91 -40.46 -13.61
C CYS O 339 -112.79 -41.95 -13.80
N GLY O 340 -112.57 -42.66 -12.70
CA GLY O 340 -112.47 -44.10 -12.75
C GLY O 340 -111.46 -44.62 -13.76
N GLN O 341 -110.21 -44.58 -13.35
CA GLN O 341 -109.11 -45.05 -14.18
C GLN O 341 -108.02 -45.44 -13.20
N TYR O 342 -108.26 -45.17 -11.92
CA TYR O 342 -107.28 -45.50 -10.92
C TYR O 342 -106.90 -46.96 -11.06
N GLU O 343 -107.86 -47.79 -11.44
CA GLU O 343 -107.63 -49.22 -11.63
C GLU O 343 -106.82 -49.44 -12.88
N ILE O 344 -107.43 -49.12 -14.01
CA ILE O 344 -106.78 -49.29 -15.29
C ILE O 344 -105.36 -48.77 -15.36
N PHE O 345 -105.10 -47.63 -14.73
CA PHE O 345 -103.76 -47.05 -14.73
C PHE O 345 -102.83 -47.92 -13.90
N SER O 346 -103.24 -48.19 -12.67
CA SER O 346 -102.44 -49.00 -11.78
C SER O 346 -102.04 -50.34 -12.41
N ASP O 347 -102.77 -50.79 -13.41
CA ASP O 347 -102.40 -52.05 -14.05
C ASP O 347 -101.36 -51.79 -15.12
N ALA O 348 -101.53 -50.68 -15.83
CA ALA O 348 -100.62 -50.32 -16.89
C ALA O 348 -99.28 -49.89 -16.32
N MET O 349 -99.35 -49.29 -15.14
CA MET O 349 -98.15 -48.84 -14.46
C MET O 349 -97.32 -50.05 -14.07
N ASP O 350 -98.00 -51.11 -13.64
CA ASP O 350 -97.35 -52.35 -13.24
C ASP O 350 -96.63 -52.91 -14.46
N GLN O 351 -97.30 -52.86 -15.60
CA GLN O 351 -96.76 -53.33 -16.87
C GLN O 351 -95.49 -52.52 -17.18
N LEU O 352 -95.64 -51.20 -17.11
CA LEU O 352 -94.54 -50.26 -17.36
C LEU O 352 -93.37 -50.67 -16.47
N THR O 353 -93.61 -50.71 -15.17
CA THR O 353 -92.56 -51.07 -14.23
C THR O 353 -91.87 -52.38 -14.59
N ASN O 354 -92.66 -53.42 -14.86
CA ASN O 354 -92.06 -54.71 -15.20
C ASN O 354 -91.16 -54.64 -16.42
N SER O 355 -91.61 -53.94 -17.45
CA SER O 355 -90.80 -53.81 -18.65
C SER O 355 -89.50 -53.10 -18.32
N LEU O 356 -89.59 -52.03 -17.56
CA LEU O 356 -88.42 -51.28 -17.16
C LEU O 356 -87.44 -52.30 -16.57
N ILE O 357 -87.83 -52.90 -15.44
CA ILE O 357 -87.01 -53.89 -14.76
C ILE O 357 -86.31 -54.78 -15.78
N THR O 358 -87.09 -55.35 -16.67
CA THR O 358 -86.57 -56.24 -17.70
C THR O 358 -85.36 -55.73 -18.45
N ASN O 359 -85.53 -54.64 -19.19
CA ASN O 359 -84.45 -54.11 -20.01
C ASN O 359 -83.16 -53.81 -19.27
N TYR O 360 -83.12 -54.05 -17.96
CA TYR O 360 -81.91 -53.79 -17.20
C TYR O 360 -81.09 -55.04 -16.96
N MET O 361 -81.71 -56.19 -17.17
CA MET O 361 -81.02 -57.46 -16.99
C MET O 361 -80.97 -58.33 -18.22
N ASP O 362 -79.76 -58.83 -18.46
CA ASP O 362 -79.48 -59.71 -19.56
C ASP O 362 -79.25 -61.11 -19.01
N PRO O 363 -79.98 -62.12 -19.51
CA PRO O 363 -81.01 -62.04 -20.55
C PRO O 363 -82.37 -61.48 -20.11
N PRO O 364 -83.00 -60.72 -21.02
CA PRO O 364 -84.30 -60.03 -20.91
C PRO O 364 -85.46 -60.82 -20.32
N ALA O 365 -85.52 -60.94 -19.01
CA ALA O 365 -86.65 -61.65 -18.39
C ALA O 365 -86.80 -61.21 -16.96
N ILE O 366 -88.04 -60.97 -16.57
CA ILE O 366 -88.32 -60.56 -15.21
C ILE O 366 -87.59 -61.50 -14.27
N PRO O 367 -86.79 -60.96 -13.33
CA PRO O 367 -86.07 -61.85 -12.40
C PRO O 367 -87.06 -62.65 -11.57
N ALA O 368 -86.60 -63.75 -10.98
CA ALA O 368 -87.51 -64.56 -10.18
C ALA O 368 -87.60 -64.01 -8.78
N GLY O 369 -88.80 -64.08 -8.21
CA GLY O 369 -89.01 -63.60 -6.86
C GLY O 369 -89.51 -62.16 -6.78
N LEU O 370 -89.54 -61.47 -7.92
CA LEU O 370 -90.00 -60.10 -7.91
C LEU O 370 -91.51 -60.11 -7.77
N ALA O 371 -91.98 -59.64 -6.64
CA ALA O 371 -93.40 -59.56 -6.36
C ALA O 371 -93.60 -58.33 -5.51
N PHE O 372 -94.39 -57.39 -6.01
CA PHE O 372 -94.60 -56.14 -5.29
C PHE O 372 -95.63 -56.24 -4.17
N THR O 373 -95.36 -55.54 -3.08
CA THR O 373 -96.25 -55.55 -1.95
C THR O 373 -97.14 -54.32 -1.96
N SER O 374 -96.80 -53.36 -2.82
CA SER O 374 -97.55 -52.11 -2.90
C SER O 374 -97.83 -51.65 -4.33
N PRO O 375 -98.81 -50.76 -4.51
CA PRO O 375 -99.15 -50.25 -5.84
C PRO O 375 -98.11 -49.26 -6.38
N TRP O 376 -98.17 -49.00 -7.68
CA TRP O 376 -97.23 -48.11 -8.37
C TRP O 376 -96.84 -46.78 -7.73
N PHE O 377 -97.74 -46.21 -6.93
CA PHE O 377 -97.49 -44.93 -6.33
C PHE O 377 -97.01 -44.92 -4.90
N ARG O 378 -96.73 -46.08 -4.33
CA ARG O 378 -96.21 -46.08 -2.97
C ARG O 378 -94.74 -46.34 -3.13
N PHE O 379 -94.17 -45.60 -4.08
CA PHE O 379 -92.78 -45.69 -4.47
C PHE O 379 -91.81 -46.14 -3.41
N SER O 380 -91.83 -45.46 -2.27
CA SER O 380 -90.92 -45.83 -1.19
C SER O 380 -90.81 -47.35 -1.08
N GLU O 381 -91.97 -47.98 -0.89
CA GLU O 381 -92.05 -49.42 -0.76
C GLU O 381 -91.57 -50.20 -1.96
N ARG O 382 -91.91 -49.76 -3.16
CA ARG O 382 -91.46 -50.50 -4.35
C ARG O 382 -89.96 -50.45 -4.53
N ALA O 383 -89.36 -49.32 -4.16
CA ALA O 383 -87.92 -49.17 -4.27
C ALA O 383 -87.27 -50.21 -3.38
N ARG O 384 -87.76 -50.34 -2.16
CA ARG O 384 -87.22 -51.31 -1.20
C ARG O 384 -87.22 -52.68 -1.83
N THR O 385 -88.32 -52.99 -2.52
CA THR O 385 -88.47 -54.26 -3.16
C THR O 385 -87.45 -54.43 -4.29
N ILE O 386 -87.36 -53.47 -5.20
CA ILE O 386 -86.40 -53.59 -6.30
C ILE O 386 -85.01 -53.79 -5.69
N LEU O 387 -84.67 -52.93 -4.74
CA LEU O 387 -83.40 -52.97 -4.04
C LEU O 387 -83.20 -54.24 -3.22
N ALA O 388 -84.18 -55.13 -3.21
CA ALA O 388 -84.00 -56.34 -2.41
C ALA O 388 -83.75 -57.58 -3.24
N LEU O 389 -83.77 -57.45 -4.56
CA LEU O 389 -83.53 -58.58 -5.46
C LEU O 389 -82.12 -59.12 -5.36
N GLN O 390 -81.96 -60.31 -4.81
CA GLN O 390 -80.64 -60.94 -4.66
C GLN O 390 -80.04 -61.34 -6.00
N ASN O 391 -80.92 -61.56 -6.98
CA ASN O 391 -80.52 -61.95 -8.33
C ASN O 391 -79.59 -60.94 -8.98
N VAL O 392 -80.11 -59.76 -9.25
CA VAL O 392 -79.35 -58.69 -9.89
C VAL O 392 -78.46 -57.96 -8.93
N ASP O 393 -77.25 -57.64 -9.35
CA ASP O 393 -76.34 -56.94 -8.46
C ASP O 393 -76.74 -55.52 -8.19
N LEU O 394 -76.35 -55.07 -7.02
CA LEU O 394 -76.65 -53.74 -6.53
C LEU O 394 -76.79 -52.65 -7.56
N ASN O 395 -75.75 -52.40 -8.33
CA ASN O 395 -75.80 -51.35 -9.34
C ASN O 395 -77.04 -51.36 -10.18
N ILE O 396 -77.25 -52.44 -10.91
CA ILE O 396 -78.44 -52.51 -11.75
C ILE O 396 -79.69 -52.18 -10.94
N ARG O 397 -79.74 -52.68 -9.71
CA ARG O 397 -80.88 -52.39 -8.87
C ARG O 397 -81.05 -50.88 -8.73
N LYS O 398 -80.03 -50.22 -8.18
CA LYS O 398 -80.05 -48.77 -7.97
C LYS O 398 -80.47 -48.01 -9.22
N LEU O 399 -79.96 -48.44 -10.37
CA LEU O 399 -80.30 -47.79 -11.62
C LEU O 399 -81.80 -47.91 -11.84
N ILE O 400 -82.34 -49.11 -11.66
CA ILE O 400 -83.76 -49.29 -11.85
C ILE O 400 -84.54 -48.33 -10.96
N VAL O 401 -84.17 -48.24 -9.69
CA VAL O 401 -84.88 -47.32 -8.80
C VAL O 401 -84.80 -45.91 -9.34
N ARG O 402 -83.58 -45.44 -9.63
CA ARG O 402 -83.41 -44.08 -10.15
C ARG O 402 -84.26 -43.85 -11.40
N HIS O 403 -84.17 -44.79 -12.33
CA HIS O 403 -84.91 -44.68 -13.58
C HIS O 403 -86.41 -44.67 -13.31
N LEU O 404 -86.88 -45.65 -12.55
CA LEU O 404 -88.30 -45.73 -12.24
C LEU O 404 -88.79 -44.42 -11.63
N TRP O 405 -87.99 -43.84 -10.74
CA TRP O 405 -88.36 -42.59 -10.09
C TRP O 405 -88.60 -41.48 -11.11
N VAL O 406 -87.64 -41.26 -11.99
CA VAL O 406 -87.82 -40.22 -12.99
C VAL O 406 -89.14 -40.42 -13.73
N ILE O 407 -89.37 -41.64 -14.22
CA ILE O 407 -90.62 -41.92 -14.93
C ILE O 407 -91.81 -41.56 -14.04
N THR O 408 -91.74 -41.92 -12.76
CA THR O 408 -92.84 -41.61 -11.86
C THR O 408 -93.02 -40.10 -11.76
N SER O 409 -91.93 -39.39 -11.48
CA SER O 409 -91.98 -37.94 -11.33
C SER O 409 -92.65 -37.33 -12.55
N LEU O 410 -92.24 -37.79 -13.72
CA LEU O 410 -92.83 -37.27 -14.93
C LEU O 410 -94.34 -37.39 -14.88
N ILE O 411 -94.85 -38.56 -14.51
CA ILE O 411 -96.29 -38.75 -14.44
C ILE O 411 -96.93 -37.71 -13.54
N ALA O 412 -96.32 -37.46 -12.39
CA ALA O 412 -96.87 -36.52 -11.43
C ALA O 412 -96.98 -35.12 -11.95
N VAL O 413 -96.13 -34.81 -12.91
CA VAL O 413 -96.12 -33.49 -13.51
C VAL O 413 -97.09 -33.37 -14.67
N PHE O 414 -96.99 -34.29 -15.63
CA PHE O 414 -97.81 -34.30 -16.83
C PHE O 414 -99.29 -34.73 -16.73
N GLY O 415 -99.64 -35.58 -15.78
CA GLY O 415 -101.02 -36.06 -15.74
C GLY O 415 -102.09 -35.20 -15.12
N ARG O 416 -101.67 -34.41 -14.15
CA ARG O 416 -102.54 -33.53 -13.40
C ARG O 416 -103.81 -33.06 -14.08
N TYR O 417 -103.75 -32.69 -15.35
CA TYR O 417 -104.97 -32.19 -15.98
C TYR O 417 -105.85 -33.22 -16.68
N TYR O 418 -105.61 -34.50 -16.41
CA TYR O 418 -106.35 -35.59 -17.02
C TYR O 418 -107.87 -35.63 -16.85
N ARG O 419 -108.58 -35.65 -17.96
CA ARG O 419 -110.04 -35.72 -17.92
C ARG O 419 -110.47 -36.11 -19.31
N PRO O 420 -110.63 -37.43 -19.54
CA PRO O 420 -111.03 -38.09 -20.78
C PRO O 420 -112.43 -37.71 -21.21
N ASN O 421 -113.42 -38.09 -20.39
CA ASN O 421 -114.85 -37.94 -20.64
C ASN O 421 -115.10 -37.09 -21.95
N SER P 289 61.03 46.92 -54.87
CA SER P 289 60.22 46.17 -55.88
C SER P 289 60.27 44.63 -55.66
N GLU P 290 61.17 44.20 -54.74
CA GLU P 290 61.37 42.76 -54.35
C GLU P 290 60.21 42.24 -53.52
N PRO P 291 59.78 43.05 -52.53
CA PRO P 291 58.67 42.47 -51.79
C PRO P 291 57.29 42.99 -52.16
N PHE P 292 56.40 42.09 -52.57
CA PHE P 292 55.06 42.57 -52.79
C PHE P 292 54.27 42.09 -51.54
N SER P 293 53.64 43.00 -50.80
CA SER P 293 52.89 42.62 -49.57
C SER P 293 51.43 42.15 -49.79
N ASP P 294 51.00 41.16 -49.01
CA ASP P 294 49.62 40.66 -49.13
C ASP P 294 48.77 40.70 -47.84
N LYS P 295 47.55 41.23 -47.98
CA LYS P 295 46.58 41.30 -46.87
C LYS P 295 45.81 39.98 -47.08
N GLU P 296 45.84 39.09 -46.11
CA GLU P 296 45.15 37.83 -46.34
C GLU P 296 43.73 37.58 -45.84
N ARG P 297 43.01 36.97 -46.77
CA ARG P 297 41.61 36.62 -46.69
C ARG P 297 41.10 37.53 -47.81
N SER P 298 41.91 37.61 -48.88
CA SER P 298 41.62 38.46 -50.04
C SER P 298 40.97 37.71 -51.22
N GLU P 299 39.90 38.29 -51.78
CA GLU P 299 39.26 37.68 -52.94
C GLU P 299 39.94 38.30 -54.21
N LEU P 300 41.28 38.12 -54.30
CA LEU P 300 42.15 38.63 -55.38
C LEU P 300 41.46 39.07 -56.68
#